data_7E1X
#
_entry.id   7E1X
#
_cell.length_a   1.00
_cell.length_b   1.00
_cell.length_c   1.00
_cell.angle_alpha   90.00
_cell.angle_beta   90.00
_cell.angle_gamma   90.00
#
_symmetry.space_group_name_H-M   'P 1'
#
loop_
_entity.id
_entity.type
_entity.pdbx_description
1 polymer 'Cytochrome c oxidase subunit 2'
2 polymer 'Cytochrome c oxidase subunit 1'
3 polymer 'Cytochrome c oxidase subunit 3'
4 polymer 'Cytochrome c oxidase polypeptide 4'
5 polymer 'Cytochrome c oxidase subunit CtaJ'
6 polymer 'Uncharacterized protein MSMEG_4692/MSMEI_4575'
7 polymer 'Prokaryotic respiratory supercomplex associate factor 1 PRSAF1'
8 polymer 'Cytochrome bc1 complex cytochrome b subunit'
9 polymer 'Cytochrome bc1 complex Rieske iron-sulfur subunit'
10 polymer 'Cytochrome bc1 complex cytochrome c subunit'
11 non-polymer 'COPPER (II) ION'
12 non-polymer CARDIOLIPIN
13 non-polymer 'PALMITIC ACID'
14 non-polymer HEME-A
15 non-polymer '(2R)-3-(((2-aminoethoxy)(hydroxy)phosphoryl)oxy)-2-(palmitoyloxy)propyl (E)-octadec-9-enoate'
16 non-polymer 'PROTOPORPHYRIN IX CONTAINING FE'
17 non-polymer MENAQUINONE-9
18 non-polymer 5-methoxy-2-methyl-~{N}-[[4-[4-[4-(trifluoromethyloxy)phenyl]piperidin-1-yl]phenyl]methyl]pyrazolo[1,5-a]pyridine-3-carboxamide
19 non-polymer 'FE2/S2 (INORGANIC) CLUSTER'
20 non-polymer '(2R)-2-(hexadecanoyloxy)-3-{[(S)-hydroxy{[(1R,2R,3R,4R,5R,6S)-2,3,4,5,6-pentahydroxycyclohexyl]oxy}phosphoryl]oxy}propyl (9S)-9-methyloctadecanoate'
21 non-polymer 'HEME C'
#
loop_
_entity_poly.entity_id
_entity_poly.type
_entity_poly.pdbx_seq_one_letter_code
_entity_poly.pdbx_strand_id
1 'polypeptide(L)'
;MTPRGFRVVALSIVLGGSALLLSGCSWSDALALGWPTGITPEAKLNRELWIGSVIASFAVGAIVWGLIFWTSAFHRKKAT
DTELPRQFGYNMPLELTLTVIPFLIISVLFYFTVVVQERMMHKDPNPEVVIDVTAFQWNWKFGYQKIAFADGSFDYDGAD
PERKEAMTSRPEGKDEHGIEKVGPIRGMTPEDRTYLNFDKIETLGTSSEIPVLVLPAGKRIEFVLNSADVIHGFWVPEFL
FKRDVLPEPKANNSDNVFQVSEIQQTGAFVGRCTEMCGTFHAMMNFEVRVVEPNDFKAYIDQRNAGKTNAEALAAINQPP
LAITTEPFESRRGELVPQASK
;
E,Q
2 'polypeptide(L)'
;MVAEAPPIGELEARRPFPERMGPKGNLIYKLITTTDHKLIGIMYCVVCFAFFLVGGLMALFMRTELAMPGLQFLSNEQFN
QLFTMHGTVMLLFYATPIVFGFANLVLPLQIGAPDVAFPRLNALSFWLFLFGALIAIAGFITPGGAADFGWTAYSPLTDA
IHSPGAGGDLWIMGLAVGGLGTILGGVNMITTVVCMRAPGMTMFRMPIFTWNILVTSILVLIAFPILTAALFGLAADRHL
GAHIYDPANGGVLLWQHLFWFFGHPEVYIIALPFFGIVSEIFPVFSRKPIFGYTTLIYATLAIAALSVAVWAHHMYATGA
VLLPFFSFMTFLIAVPTGIKFFNWIGTMWKGQLTFETPMLFSVGFLITFLLGGLSGVLLASPPLDFHVTDSYFVIAHFHY
VLFGTIVFATYAGIYFWFPKMTGRLLDERLGKLHFWLTFIGFHTTFLVQHWLGDEGMPRRYADYLPTDGFTTLNVISTVG
AFILGVSMLPFVWNVFKSWRYGEPVTVDDPWGYGNSLEWATSCPPPRHNFTELPRIRSERPAFELHYPHMVERMRAEAHV
GRAHHPELETADKSS
;
F,R
3 'polypeptide(L)'
;MTSAVGTSGTAITSRVHSLNRPNMVSVGTIVWLSSELMFFAGLFAMYFTARAQAGGAWPPEPTELNLALAVPVTLVLIAS
SFTCQMGVFAAERGDVFGLRRWYVITFLMGLFFVLGQGYEYIHLVEHGTTIPGSAYGSVFYLATGFHGLHVIGGLVAFVL
LLARTKMSKFTPAQATAAIVVSYYWHFVDIVWIALFATIYFVR
;
G,S
4 'polypeptide(L)'
;MHIEARLFEILTAFFALAAVVYAVLTAMFATGGVEWAGTTALVLTTGLTLITGTFFRFVARRLDTRPEDYEDAEISDGAG
ELGFFAPHSWWPILISLSFSTAAVGAALWLPWLIAAGVAFVITSVCGLVFEYYWGPEKH
;
H,T
5 'polypeptide(L)' MSTALTHGLIGGVPLVLFAVLALIFLTRKGPHPDTYKMSDPWTHAPILWAAEEPREHGHGGHGHDSHGVVIGGGASGKW I,U
6 'polypeptide(L)'
;MASGDIATVANAELDLPYGSALTSSGRISAVTEPGELSVHYPFPTMDLVVLDDALKYGSRAAKARFAVYIGPLGADTAAT
AREILANVPTPENAVLLAVSPDQRAIEVVYGADVKGRGIESAAPLGVSAAAASFKEGNLIDGLISAVRVMSAGVSPA
;
J,V
7 'polypeptide(L)'
;MSSTQDRSQLDPEEQPVANTEVERHTGVDVEDVPSAEWGWSHMPIGVMHIGGLLSAAFLLVMMRGNHVGHVEDWFLIGFA
AVIVALVGRNWWLRRRGWIR
;
D,P
8 'polypeptide(L)'
;MSPKLSPPNIGEVLARQAEDIDTRYHPSAALRRQLNKVFPTHWSFLLGEIALYSFVVLLITGVYLTLFFDPSMVDVTYNG
VYQPLRGVEMSRAYQSALDISFEVRGGLFVRQIHHWAALMFAAAIMVHLARIFFTGAFRRPRETNWVIGSLLLILAMFEG
YFGYSLPDDLLSGLGLRAALSSITLGMPVIGTWLHWALFGGDFPGTILIPRLYALHILLLPGIILALIGLHLALVWFQKH
TQFPGPGRTEHNVVGVRVMPVFAFKSGAFFAAIVGVLGLMGGLLQINPIWNLGPYKPSQVSAGSQPDFYMMWTEGLARIW
PPWEFYFWHHTIPAPVWVAVIMGLVFVLLPAYPFLEKRFTGDYAHHNLLQRPRDVPVRTAIGAMAIAFYMVLTLAAMNDI
IALKFHISLNATTWIGRIGMVILPPFVYFITYRWCIGLQRSDRSVLEHGVETGIIKRLPHGAYIELHQPLGPVDEHGHPI
PLQYQGAPLPKRMNKLGSAGSPGSGSFLFADSAAEDAALREAGHAAEQRALAALREHQDSIMGSPDGEH
;
N,B
9 'polypeptide(L)'
;MSRADDDAVGVPPTCGGRSDEEERRIVPGPNPQDGAKDGAKATAVPREPDEAALAAMSNQELLALGGKLDGVRIAYKEPR
WPVEGTKAEKRAERSVAVWLLLGGVFGLALLLIFLFWPWEFKAADGESDFIYSLTTPLYGLTFGLSILSIAIGAVLYQKR
FIPEEISIQERHDGASREIDRKTVVANLTDAFEGSTIRRRKLIGLSFGVGMGAFGLGTLVAFAGGLIKNPWKPVVPTAEG
KKAVLWTSGWTPRYQGETIYLARATGTEDGPPFIKMRPEDMDAGGMETVFPWRESDGDGTTVESHHKLQEIAMGIRNPVM
LIRIKPSDLGRVVKRKGQESFNFGEFFAFTKVCSHLGCPSSLYEQQSYRILCPCHQSQFDALHFAKPIFGPAARALAQLP
ITIDTDGYLVANGDFVEPVGPAFWERTTT
;
M,A
10 'polypeptide(L)'
;LTKLGFTRSGGSKSGRTRRRLRRRLSGGVLLLIALTIAGGLAAVLTPTPQVAVADESSSALLRTGKQLFDTSCVSCHGAN
LQGVPDHGPSLIGVGEAAVYFQVSTGRMPAMRGEAQAPRKDPIFDEAQIDAIGAYVQANGGGPTVVRNPDGSIATQSLRG
NDLGRGGDLFRLNCASCHNFTGKGGALSSGKYAPDLAPANEQQILTAMLTGPQNMPKFSNRQLSFEAKKDIIAYVKVATE
ARQPGGYLLGGFGPAPEGMAMWIIGMVAAIGLALWIGARS
;
O,C
#
loop_
_chem_comp.id
_chem_comp.type
_chem_comp.name
_chem_comp.formula
9Y0 non-polymer '(2R)-3-(((2-aminoethoxy)(hydroxy)phosphoryl)oxy)-2-(palmitoyloxy)propyl (E)-octadec-9-enoate' 'C39 H76 N O8 P'
9YF non-polymer '(2R)-2-(hexadecanoyloxy)-3-{[(S)-hydroxy{[(1R,2R,3R,4R,5R,6S)-2,3,4,5,6-pentahydroxycyclohexyl]oxy}phosphoryl]oxy}propyl (9S)-9-methyloctadecanoate' 'C44 H85 O13 P'
CDL non-polymer CARDIOLIPIN 'C81 H156 O17 P2 -2'
CU non-polymer 'COPPER (II) ION' 'Cu 2'
FES non-polymer 'FE2/S2 (INORGANIC) CLUSTER' 'Fe2 S2'
HEA non-polymer HEME-A 'C49 H56 Fe N4 O6'
HEC non-polymer 'HEME C' 'C34 H34 Fe N4 O4'
HEM non-polymer 'PROTOPORPHYRIN IX CONTAINING FE' 'C34 H32 Fe N4 O4'
HV0 non-polymer 5-methoxy-2-methyl-~{N}-[[4-[4-[4-(trifluoromethyloxy)phenyl]piperidin-1-yl]phenyl]methyl]pyrazolo[1,5-a]pyridine-3-carboxamide 'C29 H29 F3 N4 O3'
MQ9 non-polymer MENAQUINONE-9 'C56 H80 O2'
PLM non-polymer 'PALMITIC ACID' 'C16 H32 O2'
#
# COMPACT_ATOMS: atom_id res chain seq x y z
N TRP A 27 -5.31 -89.88 57.16
CA TRP A 27 -6.00 -90.15 55.92
C TRP A 27 -6.90 -88.99 55.52
N SER A 28 -7.44 -88.31 56.53
CA SER A 28 -8.41 -87.24 56.29
C SER A 28 -7.76 -85.90 55.95
N ASP A 29 -6.45 -85.74 56.16
CA ASP A 29 -5.79 -84.51 55.76
C ASP A 29 -5.73 -84.39 54.24
N ALA A 30 -5.81 -85.53 53.55
CA ALA A 30 -5.84 -85.52 52.09
C ALA A 30 -7.22 -85.21 51.54
N LEU A 31 -8.25 -85.88 52.07
CA LEU A 31 -9.61 -85.66 51.59
C LEU A 31 -10.18 -84.32 52.01
N ALA A 32 -9.51 -83.58 52.88
CA ALA A 32 -9.89 -82.22 53.19
C ALA A 32 -9.34 -81.21 52.19
N LEU A 33 -8.47 -81.65 51.29
CA LEU A 33 -7.89 -80.80 50.25
C LEU A 33 -7.22 -79.56 50.83
N GLY A 34 -6.64 -79.71 52.02
CA GLY A 34 -5.91 -78.63 52.64
C GLY A 34 -6.71 -77.71 53.53
N TRP A 35 -7.90 -78.12 53.95
CA TRP A 35 -8.65 -77.30 54.89
C TRP A 35 -7.99 -77.34 56.25
N PRO A 36 -7.71 -76.20 56.87
CA PRO A 36 -7.17 -76.21 58.23
C PRO A 36 -8.22 -76.69 59.21
N THR A 37 -7.80 -77.53 60.15
CA THR A 37 -8.72 -78.02 61.17
C THR A 37 -9.21 -76.86 62.03
N GLY A 38 -10.45 -76.97 62.49
CA GLY A 38 -11.08 -75.85 63.15
C GLY A 38 -10.62 -75.62 64.58
N ILE A 39 -10.96 -74.44 65.09
CA ILE A 39 -10.71 -74.10 66.49
C ILE A 39 -12.03 -73.64 67.09
N THR A 40 -13.13 -74.14 66.55
CA THR A 40 -14.48 -73.73 66.91
C THR A 40 -15.40 -74.89 66.54
N PRO A 41 -16.45 -75.18 67.34
CA PRO A 41 -17.32 -76.31 66.99
C PRO A 41 -17.95 -76.20 65.60
N GLU A 42 -18.46 -75.01 65.25
CA GLU A 42 -19.08 -74.85 63.95
C GLU A 42 -18.08 -75.08 62.83
N ALA A 43 -16.82 -74.70 63.05
CA ALA A 43 -15.78 -75.01 62.07
C ALA A 43 -15.65 -76.51 61.86
N LYS A 44 -15.76 -77.30 62.92
CA LYS A 44 -15.63 -78.74 62.79
C LYS A 44 -16.85 -79.34 62.09
N LEU A 45 -18.04 -78.82 62.36
CA LEU A 45 -19.21 -79.24 61.59
C LEU A 45 -19.03 -78.93 60.11
N ASN A 46 -18.57 -77.72 59.80
CA ASN A 46 -18.32 -77.33 58.43
C ASN A 46 -17.33 -78.27 57.77
N ARG A 47 -16.28 -78.64 58.48
CA ARG A 47 -15.27 -79.54 57.92
C ARG A 47 -15.86 -80.92 57.67
N GLU A 48 -16.71 -81.42 58.56
CA GLU A 48 -17.33 -82.72 58.35
C GLU A 48 -18.18 -82.70 57.09
N LEU A 49 -19.00 -81.66 56.93
CA LEU A 49 -19.83 -81.53 55.73
C LEU A 49 -18.97 -81.47 54.48
N TRP A 50 -17.88 -80.71 54.54
CA TRP A 50 -17.00 -80.57 53.39
C TRP A 50 -16.42 -81.92 52.97
N ILE A 51 -15.95 -82.70 53.94
CA ILE A 51 -15.36 -84.00 53.63
C ILE A 51 -16.41 -84.91 52.98
N GLY A 52 -17.60 -84.94 53.55
CA GLY A 52 -18.65 -85.79 52.97
C GLY A 52 -18.96 -85.41 51.53
N SER A 53 -19.14 -84.12 51.28
CA SER A 53 -19.47 -83.67 49.93
C SER A 53 -18.33 -83.93 48.96
N VAL A 54 -17.08 -83.77 49.41
CA VAL A 54 -15.94 -84.05 48.54
C VAL A 54 -15.95 -85.51 48.13
N ILE A 55 -16.20 -86.41 49.07
CA ILE A 55 -16.21 -87.84 48.72
C ILE A 55 -17.33 -88.14 47.73
N ALA A 56 -18.50 -87.54 47.94
CA ALA A 56 -19.61 -87.79 47.02
C ALA A 56 -19.27 -87.34 45.60
N SER A 57 -18.75 -86.12 45.45
CA SER A 57 -18.42 -85.61 44.13
C SER A 57 -17.33 -86.44 43.49
N PHE A 58 -16.33 -86.88 44.27
CA PHE A 58 -15.28 -87.73 43.72
C PHE A 58 -15.85 -89.03 43.19
N ALA A 59 -16.81 -89.63 43.91
CA ALA A 59 -17.42 -90.86 43.44
C ALA A 59 -18.11 -90.65 42.09
N VAL A 60 -18.90 -89.56 41.99
CA VAL A 60 -19.58 -89.27 40.73
C VAL A 60 -18.58 -89.11 39.60
N GLY A 61 -17.53 -88.33 39.85
CA GLY A 61 -16.53 -88.09 38.80
C GLY A 61 -15.83 -89.35 38.38
N ALA A 62 -15.53 -90.23 39.34
CA ALA A 62 -14.87 -91.49 39.00
C ALA A 62 -15.77 -92.36 38.13
N ILE A 63 -17.06 -92.44 38.48
CA ILE A 63 -18.00 -93.20 37.67
C ILE A 63 -18.00 -92.69 36.23
N VAL A 64 -18.16 -91.39 36.06
CA VAL A 64 -18.36 -90.85 34.72
C VAL A 64 -17.07 -90.92 33.90
N TRP A 65 -15.92 -90.67 34.55
CA TRP A 65 -14.65 -90.82 33.85
C TRP A 65 -14.41 -92.26 33.43
N GLY A 66 -14.83 -93.22 34.25
CA GLY A 66 -14.75 -94.61 33.83
C GLY A 66 -15.59 -94.86 32.60
N LEU A 67 -16.81 -94.32 32.57
CA LEU A 67 -17.66 -94.46 31.39
C LEU A 67 -16.96 -93.91 30.14
N ILE A 68 -16.38 -92.71 30.26
CA ILE A 68 -15.74 -92.07 29.11
C ILE A 68 -14.54 -92.90 28.62
N PHE A 69 -13.65 -93.25 29.55
CA PHE A 69 -12.47 -94.02 29.18
C PHE A 69 -12.85 -95.36 28.56
N TRP A 70 -13.93 -95.98 29.06
CA TRP A 70 -14.40 -97.23 28.49
C TRP A 70 -14.85 -97.03 27.05
N THR A 71 -15.80 -96.10 26.84
CA THR A 71 -16.33 -95.92 25.50
C THR A 71 -15.29 -95.43 24.51
N SER A 72 -14.19 -94.84 24.99
CA SER A 72 -13.14 -94.41 24.06
C SER A 72 -12.02 -95.42 23.92
N ALA A 73 -11.97 -96.44 24.78
CA ALA A 73 -10.90 -97.43 24.71
C ALA A 73 -11.29 -98.70 23.97
N PHE A 74 -12.57 -99.08 23.98
CA PHE A 74 -13.02 -100.30 23.33
C PHE A 74 -13.87 -100.05 22.11
N HIS A 75 -14.85 -99.14 22.19
CA HIS A 75 -15.65 -98.80 21.03
C HIS A 75 -14.86 -98.02 19.99
N ARG A 76 -13.65 -97.57 20.33
CA ARG A 76 -12.77 -96.93 19.35
C ARG A 76 -12.46 -97.83 18.17
N LYS A 77 -12.71 -99.12 18.29
CA LYS A 77 -12.26 -100.08 17.29
C LYS A 77 -13.11 -99.92 16.05
N LYS A 78 -12.75 -98.95 15.22
CA LYS A 78 -13.13 -98.97 13.82
C LYS A 78 -12.22 -100.03 13.18
N ALA A 79 -12.61 -101.28 13.37
CA ALA A 79 -11.72 -102.41 13.13
C ALA A 79 -11.61 -102.67 11.63
N THR A 80 -11.03 -103.82 11.28
CA THR A 80 -10.86 -104.17 9.87
C THR A 80 -12.18 -104.19 9.11
N ASP A 81 -13.24 -104.66 9.76
CA ASP A 81 -14.55 -104.79 9.14
C ASP A 81 -15.51 -103.74 9.68
N THR A 82 -16.37 -103.23 8.78
CA THR A 82 -17.38 -102.24 9.16
C THR A 82 -18.39 -102.03 8.04
N GLU A 83 -19.68 -102.05 8.38
CA GLU A 83 -20.71 -101.56 7.45
C GLU A 83 -21.20 -100.17 7.84
N LEU A 84 -21.84 -100.06 9.01
CA LEU A 84 -22.17 -98.87 9.80
C LEU A 84 -22.79 -99.36 11.10
N PRO A 85 -22.48 -98.76 12.24
CA PRO A 85 -22.76 -99.44 13.51
C PRO A 85 -24.23 -99.71 13.80
N ARG A 86 -24.99 -98.64 14.08
CA ARG A 86 -26.43 -98.72 14.31
C ARG A 86 -27.00 -97.33 14.52
N GLN A 87 -28.18 -97.04 13.97
CA GLN A 87 -28.78 -95.73 14.13
C GLN A 87 -29.92 -95.76 15.15
N PHE A 88 -29.53 -95.79 16.43
CA PHE A 88 -30.49 -95.72 17.53
C PHE A 88 -30.35 -94.41 18.27
N GLY A 89 -31.47 -93.80 18.65
CA GLY A 89 -31.44 -92.47 19.22
C GLY A 89 -32.33 -92.17 20.41
N TYR A 90 -33.18 -93.11 20.83
CA TYR A 90 -34.13 -92.83 21.90
C TYR A 90 -34.23 -94.00 22.86
N ASN A 91 -34.08 -93.72 24.14
CA ASN A 91 -34.08 -94.75 25.20
C ASN A 91 -34.89 -94.28 26.42
N MET A 92 -36.14 -93.84 26.18
CA MET A 92 -37.02 -93.18 27.14
C MET A 92 -36.88 -93.60 28.61
N PRO A 93 -36.94 -94.90 28.94
CA PRO A 93 -36.81 -95.26 30.37
C PRO A 93 -35.47 -94.89 30.96
N LEU A 94 -34.38 -95.05 30.20
CA LEU A 94 -33.06 -94.68 30.71
C LEU A 94 -32.98 -93.19 31.01
N GLU A 95 -33.51 -92.36 30.11
CA GLU A 95 -33.48 -90.93 30.37
C GLU A 95 -34.35 -90.56 31.56
N LEU A 96 -35.49 -91.20 31.74
CA LEU A 96 -36.30 -90.91 32.92
C LEU A 96 -35.55 -91.29 34.20
N THR A 97 -34.87 -92.43 34.19
CA THR A 97 -34.12 -92.84 35.37
C THR A 97 -32.98 -91.86 35.68
N LEU A 98 -32.21 -91.49 34.66
CA LEU A 98 -31.08 -90.62 34.88
C LEU A 98 -31.48 -89.15 35.02
N THR A 99 -32.75 -88.82 34.85
CA THR A 99 -33.22 -87.50 35.27
C THR A 99 -33.89 -87.52 36.63
N VAL A 100 -34.29 -88.69 37.13
CA VAL A 100 -34.89 -88.71 38.46
C VAL A 100 -33.84 -88.90 39.55
N ILE A 101 -32.73 -89.58 39.28
CA ILE A 101 -31.78 -89.82 40.37
C ILE A 101 -31.03 -88.56 40.82
N PRO A 102 -30.61 -87.64 39.94
CA PRO A 102 -29.85 -86.49 40.44
C PRO A 102 -30.67 -85.58 41.34
N PHE A 103 -32.00 -85.56 41.15
CA PHE A 103 -32.86 -84.76 42.02
C PHE A 103 -32.75 -85.21 43.47
N LEU A 104 -32.81 -86.52 43.71
CA LEU A 104 -32.62 -87.02 45.06
C LEU A 104 -31.20 -86.75 45.56
N ILE A 105 -30.21 -86.96 44.68
CA ILE A 105 -28.82 -86.77 45.12
C ILE A 105 -28.58 -85.33 45.56
N ILE A 106 -29.26 -84.37 44.91
CA ILE A 106 -29.09 -82.99 45.36
C ILE A 106 -30.00 -82.67 46.54
N SER A 107 -31.15 -83.34 46.67
CA SER A 107 -32.05 -83.05 47.79
C SER A 107 -31.41 -83.41 49.13
N VAL A 108 -30.69 -84.53 49.17
CA VAL A 108 -30.02 -84.92 50.41
C VAL A 108 -29.09 -83.81 50.89
N LEU A 109 -28.19 -83.38 50.01
CA LEU A 109 -27.20 -82.39 50.42
C LEU A 109 -27.83 -81.02 50.63
N PHE A 110 -28.92 -80.70 49.93
CA PHE A 110 -29.61 -79.46 50.20
C PHE A 110 -30.13 -79.44 51.63
N TYR A 111 -30.76 -80.54 52.06
CA TYR A 111 -31.23 -80.63 53.44
C TYR A 111 -30.07 -80.47 54.43
N PHE A 112 -28.98 -81.20 54.19
CA PHE A 112 -27.85 -81.15 55.14
C PHE A 112 -27.25 -79.75 55.22
N THR A 113 -27.08 -79.09 54.07
CA THR A 113 -26.50 -77.75 54.07
C THR A 113 -27.42 -76.76 54.74
N VAL A 114 -28.74 -76.89 54.54
CA VAL A 114 -29.68 -76.02 55.26
C VAL A 114 -29.50 -76.18 56.76
N VAL A 115 -29.42 -77.43 57.23
CA VAL A 115 -29.23 -77.66 58.66
C VAL A 115 -27.96 -76.97 59.15
N VAL A 116 -26.83 -77.19 58.47
CA VAL A 116 -25.56 -76.69 58.97
C VAL A 116 -25.49 -75.17 58.91
N GLN A 117 -25.99 -74.56 57.84
CA GLN A 117 -25.94 -73.11 57.75
C GLN A 117 -26.92 -72.45 58.70
N GLU A 118 -28.01 -73.14 59.07
CA GLU A 118 -28.85 -72.62 60.14
C GLU A 118 -28.11 -72.67 61.48
N ARG A 119 -27.40 -73.77 61.73
CA ARG A 119 -26.67 -73.90 62.98
C ARG A 119 -25.58 -72.84 63.12
N MET A 120 -24.85 -72.57 62.05
CA MET A 120 -23.67 -71.71 62.16
C MET A 120 -24.00 -70.23 62.33
N MET A 121 -25.27 -69.83 62.34
CA MET A 121 -25.65 -68.43 62.45
C MET A 121 -26.68 -68.24 63.56
N HIS A 122 -26.39 -68.80 64.75
CA HIS A 122 -27.39 -68.84 65.81
C HIS A 122 -27.60 -67.47 66.44
N LYS A 123 -26.51 -66.83 66.89
CA LYS A 123 -26.57 -65.52 67.55
C LYS A 123 -27.44 -65.56 68.81
N ASP A 124 -26.93 -66.29 69.80
CA ASP A 124 -27.57 -66.32 71.12
C ASP A 124 -27.57 -64.92 71.73
N PRO A 125 -28.65 -64.55 72.44
CA PRO A 125 -28.78 -63.16 72.91
C PRO A 125 -27.63 -62.67 73.78
N ASN A 126 -27.18 -63.45 74.76
CA ASN A 126 -26.23 -62.95 75.75
C ASN A 126 -24.82 -63.43 75.48
N PRO A 127 -23.94 -62.59 74.91
CA PRO A 127 -22.55 -62.99 74.73
C PRO A 127 -21.72 -62.69 75.99
N GLU A 128 -20.42 -62.94 75.93
CA GLU A 128 -19.55 -62.65 77.06
C GLU A 128 -18.44 -61.67 76.73
N VAL A 129 -18.00 -61.61 75.48
CA VAL A 129 -17.08 -60.58 75.01
C VAL A 129 -17.63 -60.02 73.71
N VAL A 130 -17.57 -58.71 73.55
CA VAL A 130 -18.10 -58.05 72.37
C VAL A 130 -17.02 -57.14 71.81
N ILE A 131 -16.51 -57.48 70.62
CA ILE A 131 -15.46 -56.72 69.95
C ILE A 131 -16.10 -55.88 68.86
N ASP A 132 -15.57 -54.67 68.68
CA ASP A 132 -16.01 -53.77 67.62
C ASP A 132 -14.88 -53.65 66.60
N VAL A 133 -15.03 -54.32 65.47
CA VAL A 133 -14.00 -54.35 64.44
C VAL A 133 -14.32 -53.26 63.42
N THR A 134 -13.42 -52.29 63.29
CA THR A 134 -13.52 -51.25 62.29
C THR A 134 -12.41 -51.43 61.28
N ALA A 135 -12.77 -51.41 60.00
CA ALA A 135 -11.80 -51.55 58.91
C ALA A 135 -11.80 -50.25 58.13
N PHE A 136 -10.66 -49.60 58.08
CA PHE A 136 -10.48 -48.38 57.30
C PHE A 136 -9.46 -48.66 56.21
N GLN A 137 -9.00 -47.60 55.54
CA GLN A 137 -8.21 -47.81 54.34
C GLN A 137 -6.86 -48.41 54.69
N TRP A 138 -6.80 -49.75 54.60
CA TRP A 138 -5.58 -50.54 54.70
C TRP A 138 -5.03 -50.61 56.13
N ASN A 139 -5.95 -50.80 57.09
CA ASN A 139 -5.62 -51.39 58.40
C ASN A 139 -6.87 -51.56 59.26
N TRP A 140 -6.72 -52.12 60.45
CA TRP A 140 -7.83 -52.46 61.33
C TRP A 140 -7.77 -51.67 62.64
N LYS A 141 -8.82 -51.83 63.44
CA LYS A 141 -8.92 -51.18 64.75
C LYS A 141 -9.98 -51.90 65.57
N PHE A 142 -9.61 -52.47 66.70
CA PHE A 142 -10.49 -53.30 67.52
C PHE A 142 -10.90 -52.56 68.79
N GLY A 143 -12.08 -52.92 69.31
CA GLY A 143 -12.74 -52.07 70.29
C GLY A 143 -12.88 -52.50 71.74
N TYR A 144 -13.13 -53.78 72.01
CA TYR A 144 -13.41 -54.28 73.36
C TYR A 144 -14.61 -53.54 73.98
N GLN A 145 -15.78 -53.78 73.36
CA GLN A 145 -16.96 -53.01 73.73
C GLN A 145 -17.51 -53.41 75.10
N LYS A 146 -17.46 -54.69 75.43
CA LYS A 146 -18.07 -55.14 76.68
C LYS A 146 -17.49 -56.48 77.09
N ILE A 147 -17.19 -56.61 78.38
CA ILE A 147 -16.72 -57.87 78.96
C ILE A 147 -17.64 -58.20 80.11
N ALA A 148 -18.34 -59.35 80.01
CA ALA A 148 -19.25 -59.76 81.07
C ALA A 148 -19.24 -61.29 81.11
N PHE A 149 -18.41 -61.84 81.98
CA PHE A 149 -18.33 -63.29 82.12
C PHE A 149 -19.60 -63.83 82.76
N ALA A 150 -20.03 -65.00 82.31
CA ALA A 150 -21.10 -65.71 83.00
C ALA A 150 -20.70 -66.17 84.39
N ASP A 151 -19.40 -66.12 84.70
CA ASP A 151 -18.88 -66.50 86.00
C ASP A 151 -19.15 -65.45 87.07
N GLY A 152 -19.51 -64.23 86.68
CA GLY A 152 -19.52 -63.14 87.64
C GLY A 152 -18.14 -62.73 88.07
N SER A 153 -17.10 -63.19 87.37
CA SER A 153 -15.73 -62.94 87.74
C SER A 153 -15.19 -61.62 87.20
N PHE A 154 -15.77 -61.11 86.12
CA PHE A 154 -15.23 -59.91 85.48
C PHE A 154 -16.33 -59.25 84.68
N ASP A 155 -16.70 -58.03 85.08
CA ASP A 155 -17.65 -57.22 84.34
C ASP A 155 -17.01 -55.87 84.03
N TYR A 156 -17.20 -55.41 82.79
CA TYR A 156 -16.53 -54.23 82.29
C TYR A 156 -17.35 -53.67 81.15
N ASP A 157 -17.31 -52.36 80.98
CA ASP A 157 -18.04 -51.68 79.91
C ASP A 157 -17.16 -50.59 79.33
N GLY A 158 -16.88 -50.69 78.03
CA GLY A 158 -15.99 -49.76 77.36
C GLY A 158 -16.64 -48.86 76.33
N ALA A 159 -17.96 -48.79 76.27
CA ALA A 159 -18.62 -47.89 75.33
C ALA A 159 -18.24 -46.45 75.64
N ASP A 160 -18.46 -45.58 74.66
CA ASP A 160 -17.98 -44.21 74.82
C ASP A 160 -18.84 -43.24 74.03
N PRO A 161 -19.33 -42.18 74.67
CA PRO A 161 -20.02 -41.12 73.92
C PRO A 161 -19.04 -40.16 73.24
N GLU A 162 -17.79 -40.60 73.11
CA GLU A 162 -16.81 -39.87 72.28
C GLU A 162 -17.36 -39.60 70.90
N ARG A 163 -18.30 -40.42 70.43
CA ARG A 163 -19.06 -40.08 69.24
C ARG A 163 -19.89 -38.85 69.56
N LYS A 164 -19.48 -37.72 68.98
CA LYS A 164 -20.11 -36.44 69.29
C LYS A 164 -21.58 -36.42 68.92
N THR A 194 -21.76 -41.56 61.76
CA THR A 194 -22.36 -41.68 63.08
C THR A 194 -22.79 -43.12 63.34
N TYR A 195 -22.54 -44.00 62.36
CA TYR A 195 -22.79 -45.43 62.54
C TYR A 195 -21.61 -46.15 63.18
N LEU A 196 -20.41 -45.56 63.13
CA LEU A 196 -19.24 -46.19 63.70
C LEU A 196 -19.34 -46.26 65.21
N ASN A 197 -18.54 -47.15 65.80
CA ASN A 197 -18.48 -47.33 67.24
C ASN A 197 -17.11 -46.91 67.77
N PHE A 198 -17.12 -46.15 68.86
CA PHE A 198 -15.90 -45.69 69.50
C PHE A 198 -15.84 -46.23 70.93
N ASP A 199 -14.64 -46.56 71.37
CA ASP A 199 -14.45 -47.28 72.63
C ASP A 199 -13.32 -46.63 73.41
N LYS A 200 -13.01 -47.24 74.55
CA LYS A 200 -11.93 -46.78 75.43
C LYS A 200 -10.64 -47.53 75.20
N ILE A 201 -10.69 -48.86 75.14
CA ILE A 201 -9.52 -49.69 74.91
C ILE A 201 -9.50 -50.05 73.43
N GLU A 202 -8.69 -49.33 72.65
CA GLU A 202 -8.64 -49.51 71.21
C GLU A 202 -7.23 -49.86 70.79
N THR A 203 -7.04 -51.09 70.31
CA THR A 203 -5.79 -51.49 69.70
C THR A 203 -5.83 -51.13 68.22
N LEU A 204 -5.02 -50.15 67.82
CA LEU A 204 -5.02 -49.61 66.46
C LEU A 204 -3.74 -50.04 65.76
N GLY A 205 -3.89 -50.61 64.57
CA GLY A 205 -2.73 -51.02 63.80
C GLY A 205 -2.24 -49.93 62.89
N THR A 206 -0.94 -49.96 62.61
CA THR A 206 -0.31 -49.02 61.70
C THR A 206 0.58 -49.79 60.74
N SER A 207 1.14 -49.07 59.76
CA SER A 207 1.92 -49.70 58.72
C SER A 207 3.22 -50.32 59.23
N SER A 208 3.54 -50.14 60.50
CA SER A 208 4.78 -50.66 61.06
C SER A 208 4.57 -51.69 62.15
N GLU A 209 3.32 -51.95 62.54
CA GLU A 209 3.04 -52.92 63.59
C GLU A 209 1.71 -53.61 63.28
N ILE A 210 1.73 -54.93 63.26
CA ILE A 210 0.55 -55.73 62.95
C ILE A 210 -0.39 -55.69 64.14
N PRO A 211 -1.62 -55.20 63.99
CA PRO A 211 -2.54 -55.12 65.13
C PRO A 211 -2.90 -56.51 65.64
N VAL A 212 -2.67 -56.72 66.94
CA VAL A 212 -2.89 -58.01 67.57
C VAL A 212 -4.15 -57.91 68.43
N LEU A 213 -5.08 -58.83 68.23
CA LEU A 213 -6.30 -58.91 69.01
C LEU A 213 -6.17 -60.04 70.02
N VAL A 214 -6.50 -59.75 71.28
CA VAL A 214 -6.36 -60.70 72.37
C VAL A 214 -7.75 -61.10 72.84
N LEU A 215 -7.97 -62.40 73.04
CA LEU A 215 -9.25 -62.94 73.43
C LEU A 215 -9.05 -64.08 74.41
N PRO A 216 -10.02 -64.34 75.27
CA PRO A 216 -9.95 -65.50 76.16
C PRO A 216 -10.33 -66.78 75.41
N ALA A 217 -10.10 -67.91 76.07
CA ALA A 217 -10.37 -69.23 75.51
C ALA A 217 -11.54 -69.86 76.26
N GLY A 218 -12.57 -70.25 75.51
CA GLY A 218 -13.71 -70.93 76.10
C GLY A 218 -14.83 -70.01 76.51
N LYS A 219 -15.05 -68.94 75.74
CA LYS A 219 -16.11 -67.98 76.05
C LYS A 219 -16.82 -67.59 74.75
N ARG A 220 -18.07 -67.15 74.88
CA ARG A 220 -18.80 -66.64 73.73
C ARG A 220 -18.21 -65.31 73.30
N ILE A 221 -17.85 -65.20 72.02
CA ILE A 221 -17.34 -63.97 71.46
C ILE A 221 -18.32 -63.46 70.41
N GLU A 222 -18.43 -62.14 70.32
CA GLU A 222 -19.30 -61.50 69.33
C GLU A 222 -18.51 -60.42 68.61
N PHE A 223 -18.63 -60.40 67.29
CA PHE A 223 -17.94 -59.43 66.44
C PHE A 223 -18.95 -58.52 65.79
N VAL A 224 -18.73 -57.22 65.87
CA VAL A 224 -19.56 -56.21 65.24
C VAL A 224 -18.73 -55.52 64.17
N LEU A 225 -19.13 -55.66 62.91
CA LEU A 225 -18.32 -55.29 61.77
C LEU A 225 -18.80 -53.98 61.17
N ASN A 226 -17.90 -53.01 61.06
CA ASN A 226 -18.19 -51.73 60.42
C ASN A 226 -16.97 -51.28 59.65
N SER A 227 -17.21 -50.58 58.54
CA SER A 227 -16.15 -50.05 57.70
C SER A 227 -16.32 -48.55 57.57
N ALA A 228 -15.21 -47.86 57.32
CA ALA A 228 -15.24 -46.41 57.25
C ALA A 228 -15.40 -45.90 55.83
N ASP A 229 -14.74 -46.52 54.85
CA ASP A 229 -14.73 -46.02 53.48
C ASP A 229 -15.37 -46.99 52.49
N VAL A 230 -14.85 -48.21 52.37
CA VAL A 230 -15.25 -49.13 51.31
C VAL A 230 -15.48 -50.51 51.89
N ILE A 231 -15.74 -51.49 51.03
CA ILE A 231 -15.96 -52.86 51.47
C ILE A 231 -14.62 -53.53 51.70
N HIS A 232 -14.45 -54.15 52.87
CA HIS A 232 -13.31 -54.98 53.20
C HIS A 232 -13.79 -56.39 53.50
N GLY A 233 -12.85 -57.25 53.86
CA GLY A 233 -13.17 -58.63 54.20
C GLY A 233 -12.51 -59.06 55.48
N PHE A 234 -13.23 -59.84 56.27
CA PHE A 234 -12.78 -60.29 57.58
C PHE A 234 -12.66 -61.81 57.56
N TRP A 235 -11.48 -62.31 57.24
CA TRP A 235 -11.24 -63.75 57.13
C TRP A 235 -10.15 -64.17 58.11
N VAL A 236 -10.50 -65.09 59.00
CA VAL A 236 -9.52 -65.81 59.81
C VAL A 236 -9.57 -67.28 59.36
N PRO A 237 -8.59 -67.74 58.58
CA PRO A 237 -8.69 -69.07 57.97
C PRO A 237 -8.92 -70.20 58.95
N GLU A 238 -8.72 -69.99 60.24
CA GLU A 238 -8.94 -71.04 61.22
C GLU A 238 -10.38 -71.12 61.71
N PHE A 239 -11.13 -70.03 61.61
CA PHE A 239 -12.55 -70.08 61.93
C PHE A 239 -13.35 -70.80 60.86
N LEU A 240 -12.76 -71.03 59.67
CA LEU A 240 -13.47 -71.58 58.52
C LEU A 240 -14.71 -70.77 58.22
N PHE A 241 -14.56 -69.45 58.24
CA PHE A 241 -15.67 -68.53 58.11
C PHE A 241 -15.15 -67.16 57.73
N LYS A 242 -15.99 -66.40 57.03
CA LYS A 242 -15.63 -65.03 56.65
C LYS A 242 -16.91 -64.24 56.42
N ARG A 243 -16.77 -62.92 56.50
CA ARG A 243 -17.91 -62.02 56.35
C ARG A 243 -17.39 -60.68 55.84
N ASP A 244 -18.22 -60.01 55.06
CA ASP A 244 -17.84 -58.73 54.46
C ASP A 244 -18.11 -57.57 55.40
N VAL A 245 -17.22 -56.60 55.39
CA VAL A 245 -17.30 -55.43 56.27
C VAL A 245 -17.81 -54.28 55.41
N LEU A 246 -19.10 -53.98 55.50
CA LEU A 246 -19.75 -53.00 54.67
C LEU A 246 -19.66 -51.62 55.30
N PRO A 247 -19.74 -50.55 54.49
CA PRO A 247 -19.71 -49.20 55.05
C PRO A 247 -20.87 -48.92 56.01
N GLU A 248 -22.11 -49.01 55.53
CA GLU A 248 -23.29 -48.74 56.36
C GLU A 248 -24.17 -49.98 56.33
N PRO A 249 -23.90 -50.95 57.21
CA PRO A 249 -24.57 -52.25 57.10
C PRO A 249 -26.06 -52.22 57.35
N LYS A 250 -26.59 -51.18 58.00
CA LYS A 250 -28.02 -51.17 58.30
C LYS A 250 -28.84 -50.56 57.17
N ALA A 251 -28.31 -49.55 56.47
CA ALA A 251 -29.00 -48.99 55.33
C ALA A 251 -28.98 -49.93 54.13
N ASN A 252 -28.10 -50.92 54.13
CA ASN A 252 -27.99 -51.89 53.05
C ASN A 252 -28.62 -53.23 53.42
N ASN A 253 -29.28 -53.32 54.57
CA ASN A 253 -30.03 -54.51 54.97
C ASN A 253 -29.14 -55.73 55.11
N SER A 254 -27.95 -55.53 55.66
CA SER A 254 -27.04 -56.62 56.00
C SER A 254 -26.82 -56.65 57.50
N ASP A 255 -26.76 -57.83 58.08
CA ASP A 255 -26.52 -58.01 59.52
C ASP A 255 -25.02 -58.20 59.73
N ASN A 256 -24.38 -57.24 60.39
CA ASN A 256 -22.94 -57.22 60.56
C ASN A 256 -22.49 -57.85 61.87
N VAL A 257 -23.21 -58.85 62.36
CA VAL A 257 -22.94 -59.43 63.67
C VAL A 257 -22.95 -60.94 63.56
N PHE A 258 -21.87 -61.59 63.98
CA PHE A 258 -21.80 -63.04 64.06
C PHE A 258 -21.03 -63.43 65.31
N GLN A 259 -21.36 -64.59 65.85
CA GLN A 259 -20.82 -65.04 67.13
C GLN A 259 -20.01 -66.31 66.96
N VAL A 260 -19.12 -66.54 67.91
CA VAL A 260 -18.30 -67.75 67.99
C VAL A 260 -18.61 -68.42 69.32
N SER A 261 -18.96 -69.70 69.27
CA SER A 261 -19.39 -70.40 70.48
C SER A 261 -18.27 -70.48 71.50
N GLU A 262 -17.09 -70.95 71.08
CA GLU A 262 -15.95 -71.05 71.97
C GLU A 262 -14.71 -71.29 71.13
N ILE A 263 -13.56 -70.98 71.70
CA ILE A 263 -12.27 -71.21 71.07
C ILE A 263 -11.51 -72.19 71.96
N GLN A 264 -11.33 -73.42 71.47
CA GLN A 264 -10.73 -74.46 72.29
C GLN A 264 -9.23 -74.23 72.45
N GLN A 265 -8.51 -74.16 71.34
CA GLN A 265 -7.07 -74.10 71.37
C GLN A 265 -6.58 -72.67 71.58
N THR A 266 -5.40 -72.55 72.17
CA THR A 266 -4.73 -71.28 72.36
C THR A 266 -3.52 -71.16 71.44
N GLY A 267 -3.18 -69.93 71.09
CA GLY A 267 -2.06 -69.69 70.22
C GLY A 267 -2.26 -68.40 69.45
N ALA A 268 -1.57 -68.31 68.31
CA ALA A 268 -1.64 -67.14 67.44
C ALA A 268 -2.13 -67.56 66.05
N PHE A 269 -3.02 -66.75 65.48
CA PHE A 269 -3.59 -67.04 64.18
C PHE A 269 -3.64 -65.77 63.35
N VAL A 270 -3.51 -65.93 62.03
CA VAL A 270 -3.41 -64.82 61.11
C VAL A 270 -4.78 -64.56 60.48
N GLY A 271 -5.00 -63.32 60.07
CA GLY A 271 -6.21 -62.94 59.36
C GLY A 271 -5.90 -62.09 58.16
N ARG A 272 -6.71 -62.20 57.11
CA ARG A 272 -6.49 -61.48 55.86
C ARG A 272 -7.72 -60.65 55.53
N CYS A 273 -7.56 -59.77 54.54
CA CYS A 273 -8.68 -59.12 53.90
C CYS A 273 -9.01 -59.86 52.62
N THR A 274 -10.30 -60.00 52.33
CA THR A 274 -10.78 -60.83 51.24
C THR A 274 -11.77 -60.07 50.37
N GLU A 275 -11.39 -58.86 49.98
CA GLU A 275 -12.24 -58.01 49.17
C GLU A 275 -11.32 -57.29 48.19
N MET A 276 -11.80 -56.21 47.58
CA MET A 276 -10.96 -55.31 46.82
C MET A 276 -11.03 -53.96 47.51
N CYS A 277 -9.97 -53.61 48.24
CA CYS A 277 -9.88 -52.35 48.96
C CYS A 277 -9.14 -51.28 48.17
N GLY A 278 -8.34 -51.67 47.19
CA GLY A 278 -7.53 -50.72 46.47
C GLY A 278 -6.09 -51.15 46.40
N THR A 279 -5.17 -50.20 46.56
CA THR A 279 -3.75 -50.47 46.33
C THR A 279 -3.22 -51.53 47.31
N PHE A 280 -3.25 -51.21 48.60
CA PHE A 280 -2.66 -52.07 49.62
C PHE A 280 -3.70 -53.01 50.20
N HIS A 281 -4.34 -53.79 49.33
CA HIS A 281 -5.28 -54.81 49.78
C HIS A 281 -4.55 -56.01 50.36
N ALA A 282 -3.41 -56.37 49.79
CA ALA A 282 -2.63 -57.52 50.24
C ALA A 282 -1.79 -57.22 51.47
N MET A 283 -2.03 -56.10 52.14
CA MET A 283 -1.19 -55.67 53.26
C MET A 283 -2.06 -55.15 54.40
N MET A 284 -3.13 -55.88 54.71
CA MET A 284 -4.05 -55.52 55.80
C MET A 284 -4.13 -56.61 56.85
N ASN A 285 -3.09 -57.42 56.98
CA ASN A 285 -3.16 -58.57 57.87
C ASN A 285 -3.22 -58.13 59.33
N PHE A 286 -3.77 -59.02 60.17
CA PHE A 286 -3.80 -58.83 61.61
C PHE A 286 -3.50 -60.16 62.26
N GLU A 287 -3.63 -60.22 63.59
CA GLU A 287 -3.36 -61.45 64.33
C GLU A 287 -4.38 -61.58 65.45
N VAL A 288 -4.54 -62.82 65.92
CA VAL A 288 -5.47 -63.14 66.99
C VAL A 288 -4.73 -63.98 68.02
N ARG A 289 -4.64 -63.48 69.25
CA ARG A 289 -4.01 -64.19 70.36
C ARG A 289 -5.10 -64.65 71.31
N VAL A 290 -5.23 -65.97 71.46
CA VAL A 290 -6.21 -66.54 72.38
C VAL A 290 -5.47 -67.03 73.61
N VAL A 291 -5.78 -66.44 74.76
CA VAL A 291 -5.09 -66.74 76.00
C VAL A 291 -6.09 -67.24 77.04
N GLU A 292 -5.60 -67.55 78.23
CA GLU A 292 -6.46 -68.05 79.30
C GLU A 292 -7.30 -66.92 79.89
N PRO A 293 -8.44 -67.27 80.50
CA PRO A 293 -9.31 -66.21 81.04
C PRO A 293 -8.62 -65.32 82.07
N ASN A 294 -7.83 -65.88 82.97
CA ASN A 294 -7.17 -65.06 83.97
C ASN A 294 -6.05 -64.22 83.37
N ASP A 295 -5.31 -64.79 82.42
CA ASP A 295 -4.34 -63.98 81.69
C ASP A 295 -5.03 -62.87 80.91
N PHE A 296 -6.21 -63.14 80.37
CA PHE A 296 -6.96 -62.09 79.68
C PHE A 296 -7.39 -61.00 80.65
N LYS A 297 -7.81 -61.38 81.85
CA LYS A 297 -8.20 -60.39 82.85
C LYS A 297 -7.01 -59.52 83.26
N ALA A 298 -5.86 -60.14 83.44
CA ALA A 298 -4.65 -59.38 83.74
C ALA A 298 -4.28 -58.44 82.61
N TYR A 299 -4.38 -58.92 81.36
CA TYR A 299 -4.11 -58.06 80.22
C TYR A 299 -5.05 -56.86 80.21
N ILE A 300 -6.33 -57.09 80.44
CA ILE A 300 -7.31 -56.02 80.38
C ILE A 300 -7.05 -55.00 81.48
N ASP A 301 -6.82 -55.45 82.71
CA ASP A 301 -6.67 -54.48 83.80
C ASP A 301 -5.32 -53.76 83.73
N GLN A 302 -4.30 -54.40 83.14
CA GLN A 302 -3.05 -53.67 82.91
C GLN A 302 -3.16 -52.72 81.74
N ARG A 303 -4.04 -52.99 80.79
CA ARG A 303 -4.28 -52.05 79.71
C ARG A 303 -5.12 -50.87 80.16
N ASN A 304 -6.02 -51.09 81.12
CA ASN A 304 -6.82 -49.99 81.64
C ASN A 304 -5.94 -48.87 82.17
N ALA A 305 -4.88 -49.22 82.91
CA ALA A 305 -3.81 -48.27 83.17
C ALA A 305 -3.08 -48.00 81.87
N GLY A 306 -2.91 -46.72 81.54
CA GLY A 306 -2.44 -46.33 80.22
C GLY A 306 -1.16 -47.01 79.78
N LYS A 307 -1.29 -47.92 78.81
CA LYS A 307 -0.16 -48.71 78.33
C LYS A 307 -0.46 -49.19 76.92
N THR A 308 0.60 -49.34 76.14
CA THR A 308 0.46 -49.80 74.77
C THR A 308 0.08 -51.29 74.75
N ASN A 309 -0.13 -51.81 73.55
CA ASN A 309 -0.41 -53.23 73.40
C ASN A 309 0.86 -54.07 73.59
N ALA A 310 2.01 -53.53 73.17
CA ALA A 310 3.25 -54.28 73.26
C ALA A 310 3.64 -54.54 74.71
N GLU A 311 3.60 -53.49 75.55
CA GLU A 311 3.97 -53.68 76.94
C GLU A 311 2.93 -54.47 77.71
N ALA A 312 1.65 -54.26 77.40
CA ALA A 312 0.60 -55.06 78.05
C ALA A 312 0.72 -56.52 77.67
N LEU A 313 1.24 -56.82 76.48
CA LEU A 313 1.48 -58.22 76.10
C LEU A 313 2.75 -58.75 76.75
N ALA A 314 3.78 -57.92 76.88
CA ALA A 314 5.01 -58.36 77.50
C ALA A 314 4.86 -58.61 78.98
N ALA A 315 3.96 -57.90 79.63
CA ALA A 315 3.76 -58.03 81.07
C ALA A 315 3.07 -59.34 81.47
N ILE A 316 2.63 -60.14 80.50
CA ILE A 316 2.05 -61.45 80.79
C ILE A 316 2.87 -62.51 80.09
N ASN A 317 4.18 -62.27 80.00
CA ASN A 317 5.19 -63.21 79.48
C ASN A 317 4.77 -63.80 78.14
N GLN A 318 4.53 -62.91 77.18
CA GLN A 318 4.20 -63.29 75.82
C GLN A 318 4.93 -62.37 74.86
N PRO A 319 5.33 -62.86 73.69
CA PRO A 319 6.03 -62.02 72.72
C PRO A 319 5.18 -60.82 72.33
N PRO A 320 5.76 -59.62 72.30
CA PRO A 320 4.94 -58.42 72.11
C PRO A 320 4.43 -58.26 70.69
N LEU A 321 5.17 -58.71 69.69
CA LEU A 321 4.80 -58.52 68.31
C LEU A 321 4.13 -59.77 67.75
N ALA A 322 3.52 -59.61 66.57
CA ALA A 322 2.88 -60.73 65.90
C ALA A 322 3.93 -61.74 65.45
N ILE A 323 3.64 -63.01 65.69
CA ILE A 323 4.57 -64.10 65.36
C ILE A 323 4.17 -64.85 64.10
N THR A 324 2.96 -64.64 63.59
CA THR A 324 2.54 -65.24 62.34
C THR A 324 2.68 -64.30 61.15
N THR A 325 2.91 -63.01 61.39
CA THR A 325 2.96 -62.04 60.32
C THR A 325 3.98 -60.97 60.68
N GLU A 326 4.63 -60.43 59.65
CA GLU A 326 5.58 -59.35 59.82
C GLU A 326 5.14 -58.17 58.96
N PRO A 327 5.47 -56.95 59.35
CA PRO A 327 5.15 -55.80 58.52
C PRO A 327 5.82 -55.90 57.15
N PHE A 328 5.22 -55.25 56.17
CA PHE A 328 5.68 -55.38 54.80
C PHE A 328 6.75 -54.33 54.49
N GLU A 329 7.93 -54.79 54.09
CA GLU A 329 8.96 -53.88 53.61
C GLU A 329 8.56 -53.25 52.30
N SER A 330 7.92 -54.02 51.41
CA SER A 330 7.58 -53.56 50.06
C SER A 330 6.22 -52.88 50.10
N ARG A 331 6.14 -51.79 50.87
CA ARG A 331 4.94 -50.97 50.89
C ARG A 331 5.28 -49.55 50.48
N GLU B 10 -13.75 -89.69 -19.85
CA GLU B 10 -13.42 -88.39 -20.44
C GLU B 10 -12.53 -87.58 -19.50
N LEU B 11 -11.39 -87.13 -20.02
CA LEU B 11 -10.49 -86.26 -19.28
C LEU B 11 -11.16 -84.92 -19.01
N GLU B 12 -10.62 -84.13 -18.08
CA GLU B 12 -11.21 -82.84 -17.75
C GLU B 12 -10.12 -81.99 -17.11
N ALA B 13 -9.97 -80.77 -17.63
CA ALA B 13 -8.80 -79.95 -17.32
C ALA B 13 -8.88 -79.42 -15.89
N ARG B 14 -7.73 -79.36 -15.23
CA ARG B 14 -7.63 -78.86 -13.86
C ARG B 14 -6.38 -78.00 -13.72
N ARG B 15 -5.99 -77.71 -12.48
CA ARG B 15 -4.76 -77.01 -12.19
C ARG B 15 -3.82 -77.90 -11.39
N PRO B 16 -2.52 -77.71 -11.52
CA PRO B 16 -1.59 -78.49 -10.69
C PRO B 16 -1.79 -78.24 -9.21
N PHE B 17 -2.22 -77.05 -8.83
CA PHE B 17 -2.42 -76.66 -7.44
C PHE B 17 -3.28 -75.42 -7.43
N PRO B 18 -4.25 -75.30 -6.53
CA PRO B 18 -5.07 -74.08 -6.48
C PRO B 18 -4.22 -72.87 -6.18
N GLU B 19 -4.79 -71.69 -6.43
CA GLU B 19 -4.03 -70.46 -6.25
C GLU B 19 -3.83 -70.18 -4.77
N ARG B 20 -2.65 -69.65 -4.44
CA ARG B 20 -2.25 -69.52 -3.04
C ARG B 20 -2.96 -68.36 -2.37
N MET B 21 -2.73 -67.14 -2.86
CA MET B 21 -3.14 -65.94 -2.14
C MET B 21 -4.31 -65.22 -2.80
N GLY B 22 -4.16 -64.81 -4.06
CA GLY B 22 -5.15 -63.99 -4.70
C GLY B 22 -4.54 -62.71 -5.23
N PRO B 23 -5.27 -62.02 -6.09
CA PRO B 23 -4.70 -60.85 -6.77
C PRO B 23 -4.41 -59.71 -5.81
N LYS B 24 -3.64 -58.76 -6.30
CA LYS B 24 -3.30 -57.58 -5.51
C LYS B 24 -4.51 -56.64 -5.47
N GLY B 25 -4.84 -56.16 -4.28
CA GLY B 25 -6.01 -55.32 -4.12
C GLY B 25 -7.32 -56.08 -4.03
N ASN B 26 -7.28 -57.34 -3.63
CA ASN B 26 -8.45 -58.20 -3.64
C ASN B 26 -9.24 -58.16 -2.33
N LEU B 27 -8.71 -57.57 -1.29
CA LEU B 27 -9.33 -57.73 0.02
C LEU B 27 -9.63 -56.43 0.73
N ILE B 28 -8.76 -55.42 0.61
CA ILE B 28 -8.81 -54.29 1.51
C ILE B 28 -10.07 -53.47 1.31
N TYR B 29 -10.52 -53.31 0.06
CA TYR B 29 -11.75 -52.56 -0.16
C TYR B 29 -12.98 -53.42 0.05
N LYS B 30 -12.88 -54.71 -0.27
CA LYS B 30 -13.96 -55.63 0.05
C LYS B 30 -14.14 -55.79 1.56
N LEU B 31 -13.13 -55.41 2.34
CA LEU B 31 -13.22 -55.55 3.79
C LEU B 31 -14.04 -54.44 4.41
N ILE B 32 -14.06 -53.26 3.78
CA ILE B 32 -14.74 -52.11 4.36
C ILE B 32 -16.22 -52.06 3.99
N THR B 33 -16.58 -52.49 2.79
CA THR B 33 -17.94 -52.40 2.29
C THR B 33 -18.67 -53.73 2.25
N THR B 34 -18.17 -54.75 2.94
CA THR B 34 -18.76 -56.07 2.82
C THR B 34 -20.08 -56.14 3.57
N THR B 35 -20.93 -57.08 3.15
CA THR B 35 -22.17 -57.37 3.85
C THR B 35 -22.48 -58.86 3.95
N ASP B 36 -21.61 -59.74 3.47
CA ASP B 36 -21.86 -61.17 3.55
C ASP B 36 -21.32 -61.73 4.86
N HIS B 37 -22.04 -62.67 5.44
CA HIS B 37 -21.76 -63.14 6.78
C HIS B 37 -20.46 -63.91 6.88
N LYS B 38 -19.99 -64.53 5.80
CA LYS B 38 -18.80 -65.37 5.89
C LYS B 38 -17.55 -64.53 6.16
N LEU B 39 -17.39 -63.43 5.42
CA LEU B 39 -16.24 -62.56 5.63
C LEU B 39 -16.29 -61.94 7.02
N ILE B 40 -17.49 -61.58 7.48
CA ILE B 40 -17.62 -60.97 8.80
C ILE B 40 -17.29 -61.98 9.90
N GLY B 41 -17.65 -63.25 9.70
CA GLY B 41 -17.25 -64.26 10.66
C GLY B 41 -15.75 -64.45 10.71
N ILE B 42 -15.09 -64.44 9.55
CA ILE B 42 -13.63 -64.54 9.52
C ILE B 42 -13.01 -63.38 10.27
N MET B 43 -13.53 -62.16 10.06
CA MET B 43 -12.99 -60.98 10.73
C MET B 43 -13.15 -61.09 12.25
N TYR B 44 -14.38 -61.42 12.69
CA TYR B 44 -14.62 -61.78 14.08
C TYR B 44 -13.53 -62.68 14.64
N CYS B 45 -13.31 -63.82 13.99
CA CYS B 45 -12.38 -64.81 14.56
C CYS B 45 -10.97 -64.24 14.68
N VAL B 46 -10.50 -63.55 13.64
CA VAL B 46 -9.12 -63.06 13.66
C VAL B 46 -8.92 -62.03 14.76
N VAL B 47 -9.83 -61.05 14.87
CA VAL B 47 -9.63 -60.02 15.87
C VAL B 47 -9.80 -60.59 17.28
N CYS B 48 -10.73 -61.54 17.46
CA CYS B 48 -10.88 -62.14 18.79
C CYS B 48 -9.63 -62.90 19.20
N PHE B 49 -8.95 -63.53 18.24
CA PHE B 49 -7.71 -64.22 18.63
C PHE B 49 -6.59 -63.24 18.94
N ALA B 50 -6.55 -62.09 18.26
CA ALA B 50 -5.60 -61.06 18.66
C ALA B 50 -5.83 -60.63 20.10
N PHE B 51 -7.08 -60.39 20.47
CA PHE B 51 -7.38 -59.98 21.84
C PHE B 51 -7.08 -61.09 22.83
N PHE B 52 -7.27 -62.35 22.44
CA PHE B 52 -6.87 -63.47 23.28
C PHE B 52 -5.39 -63.44 23.57
N LEU B 53 -4.58 -63.16 22.55
CA LEU B 53 -3.14 -63.07 22.78
C LEU B 53 -2.79 -61.96 23.76
N VAL B 54 -3.45 -60.81 23.64
CA VAL B 54 -3.17 -59.70 24.56
C VAL B 54 -3.49 -60.10 26.00
N GLY B 55 -4.69 -60.65 26.22
CA GLY B 55 -5.05 -61.09 27.57
C GLY B 55 -4.10 -62.13 28.12
N GLY B 56 -3.67 -63.07 27.29
CA GLY B 56 -2.72 -64.07 27.74
C GLY B 56 -1.39 -63.46 28.16
N LEU B 57 -0.94 -62.44 27.44
CA LEU B 57 0.29 -61.77 27.84
C LEU B 57 0.15 -61.14 29.21
N MET B 58 -0.99 -60.49 29.46
CA MET B 58 -1.22 -59.95 30.80
C MET B 58 -1.17 -61.05 31.86
N ALA B 59 -1.78 -62.20 31.57
CA ALA B 59 -1.77 -63.29 32.55
C ALA B 59 -0.36 -63.81 32.81
N LEU B 60 0.49 -63.83 31.78
CA LEU B 60 1.86 -64.28 31.99
C LEU B 60 2.64 -63.31 32.87
N PHE B 61 2.43 -62.01 32.67
CA PHE B 61 3.04 -61.04 33.60
C PHE B 61 2.60 -61.30 35.03
N MET B 62 1.29 -61.51 35.23
CA MET B 62 0.79 -61.80 36.56
C MET B 62 1.47 -63.03 37.17
N ARG B 63 1.58 -64.11 36.40
CA ARG B 63 2.18 -65.33 36.94
C ARG B 63 3.64 -65.12 37.31
N THR B 64 4.42 -64.54 36.39
CA THR B 64 5.84 -64.38 36.66
C THR B 64 6.09 -63.42 37.81
N GLU B 65 5.13 -62.57 38.14
CA GLU B 65 5.28 -61.83 39.40
C GLU B 65 4.88 -62.67 40.60
N LEU B 66 3.83 -63.49 40.47
CA LEU B 66 3.31 -64.20 41.63
C LEU B 66 4.27 -65.27 42.13
N ALA B 67 5.14 -65.81 41.28
CA ALA B 67 6.18 -66.67 41.82
C ALA B 67 7.19 -65.83 42.61
N MET B 68 7.99 -66.51 43.44
CA MET B 68 9.14 -65.85 44.09
C MET B 68 8.72 -64.68 44.97
N PRO B 69 8.25 -64.93 46.20
CA PRO B 69 7.78 -63.85 47.09
C PRO B 69 8.63 -62.59 47.08
N GLY B 70 7.99 -61.43 47.14
CA GLY B 70 8.62 -60.16 46.96
C GLY B 70 8.23 -59.51 45.65
N LEU B 71 8.22 -58.19 45.62
CA LEU B 71 7.87 -57.43 44.42
C LEU B 71 9.13 -57.24 43.60
N GLN B 72 9.34 -58.12 42.63
CA GLN B 72 10.58 -58.11 41.87
C GLN B 72 10.59 -57.00 40.82
N PHE B 73 9.56 -56.91 39.99
CA PHE B 73 9.55 -55.91 38.94
C PHE B 73 8.22 -55.17 38.77
N LEU B 74 7.14 -55.62 39.39
CA LEU B 74 5.87 -54.93 39.27
C LEU B 74 5.62 -54.07 40.51
N SER B 75 4.46 -53.44 40.55
CA SER B 75 4.00 -52.66 41.68
C SER B 75 2.65 -53.21 42.14
N ASN B 76 2.01 -52.52 43.07
CA ASN B 76 0.66 -52.91 43.45
C ASN B 76 -0.37 -52.37 42.45
N GLU B 77 -0.21 -51.11 42.06
CA GLU B 77 -1.11 -50.52 41.08
C GLU B 77 -1.06 -51.28 39.77
N GLN B 78 0.14 -51.59 39.30
CA GLN B 78 0.28 -52.26 38.01
C GLN B 78 -0.30 -53.66 38.06
N PHE B 79 -0.14 -54.36 39.19
CA PHE B 79 -0.73 -55.68 39.32
C PHE B 79 -2.26 -55.60 39.30
N ASN B 80 -2.83 -54.62 39.99
CA ASN B 80 -4.28 -54.47 40.00
C ASN B 80 -4.80 -54.19 38.60
N GLN B 81 -4.15 -53.26 37.89
CA GLN B 81 -4.53 -52.99 36.51
C GLN B 81 -4.41 -54.23 35.65
N LEU B 82 -3.37 -55.04 35.89
CA LEU B 82 -3.16 -56.23 35.09
C LEU B 82 -4.32 -57.21 35.24
N PHE B 83 -4.71 -57.53 36.48
CA PHE B 83 -5.77 -58.53 36.60
C PHE B 83 -7.12 -57.96 36.17
N THR B 84 -7.35 -56.65 36.38
CA THR B 84 -8.57 -56.04 35.89
C THR B 84 -8.69 -56.18 34.38
N MET B 85 -7.67 -55.72 33.66
CA MET B 85 -7.72 -55.74 32.21
C MET B 85 -7.72 -57.16 31.67
N HIS B 86 -7.02 -58.08 32.32
CA HIS B 86 -7.05 -59.47 31.90
C HIS B 86 -8.46 -60.02 31.95
N GLY B 87 -9.12 -59.89 33.10
CA GLY B 87 -10.49 -60.37 33.20
C GLY B 87 -11.41 -59.73 32.19
N THR B 88 -11.33 -58.39 32.07
CA THR B 88 -12.21 -57.67 31.16
C THR B 88 -12.02 -58.13 29.73
N VAL B 89 -10.77 -58.13 29.24
CA VAL B 89 -10.51 -58.53 27.86
C VAL B 89 -10.96 -59.95 27.62
N MET B 90 -10.51 -60.89 28.46
CA MET B 90 -10.80 -62.30 28.21
C MET B 90 -12.29 -62.59 28.24
N LEU B 91 -13.06 -61.86 29.05
CA LEU B 91 -14.48 -62.20 29.09
C LEU B 91 -15.31 -61.45 28.05
N LEU B 92 -15.03 -60.16 27.81
CA LEU B 92 -15.93 -59.36 27.00
C LEU B 92 -15.42 -59.07 25.60
N PHE B 93 -14.12 -59.16 25.35
CA PHE B 93 -13.57 -58.87 24.03
C PHE B 93 -13.06 -60.12 23.33
N TYR B 94 -13.28 -61.29 23.88
CA TYR B 94 -12.87 -62.50 23.19
C TYR B 94 -13.98 -63.54 23.09
N ALA B 95 -14.80 -63.69 24.13
CA ALA B 95 -15.79 -64.77 24.14
C ALA B 95 -17.12 -64.34 23.53
N THR B 96 -17.71 -63.27 24.06
CA THR B 96 -18.97 -62.78 23.50
C THR B 96 -18.91 -62.50 22.01
N PRO B 97 -17.84 -61.93 21.45
CA PRO B 97 -17.80 -61.80 19.99
C PRO B 97 -17.48 -63.09 19.25
N ILE B 98 -16.74 -64.02 19.84
CA ILE B 98 -16.49 -65.28 19.14
C ILE B 98 -17.78 -66.07 18.99
N VAL B 99 -18.72 -65.91 19.92
CA VAL B 99 -20.03 -66.53 19.77
C VAL B 99 -20.68 -66.08 18.47
N PHE B 100 -20.76 -64.77 18.25
CA PHE B 100 -21.36 -64.26 17.03
C PHE B 100 -20.49 -64.52 15.81
N GLY B 101 -19.19 -64.72 16.00
CA GLY B 101 -18.36 -65.14 14.88
C GLY B 101 -18.79 -66.49 14.34
N PHE B 102 -18.93 -67.47 15.23
CA PHE B 102 -19.38 -68.79 14.79
C PHE B 102 -20.81 -68.73 14.26
N ALA B 103 -21.66 -67.90 14.88
CA ALA B 103 -23.02 -67.74 14.39
C ALA B 103 -23.04 -67.23 12.96
N ASN B 104 -22.40 -66.08 12.71
CA ASN B 104 -22.34 -65.55 11.36
C ASN B 104 -21.68 -66.51 10.38
N LEU B 105 -20.76 -67.35 10.86
CA LEU B 105 -20.15 -68.32 9.96
C LEU B 105 -21.16 -69.35 9.49
N VAL B 106 -21.83 -70.03 10.42
CA VAL B 106 -22.51 -71.26 10.00
C VAL B 106 -23.99 -71.35 10.39
N LEU B 107 -24.63 -70.23 10.71
CA LEU B 107 -26.07 -70.36 10.96
C LEU B 107 -26.89 -70.31 9.68
N PRO B 108 -26.67 -69.34 8.77
CA PRO B 108 -27.45 -69.33 7.53
C PRO B 108 -27.21 -70.56 6.68
N LEU B 109 -26.01 -71.13 6.70
CA LEU B 109 -25.77 -72.38 5.99
C LEU B 109 -26.61 -73.50 6.59
N GLN B 110 -26.70 -73.55 7.92
CA GLN B 110 -27.39 -74.64 8.58
C GLN B 110 -28.91 -74.57 8.41
N ILE B 111 -29.48 -73.37 8.33
CA ILE B 111 -30.92 -73.28 8.10
C ILE B 111 -31.28 -73.20 6.62
N GLY B 112 -30.31 -73.14 5.73
CA GLY B 112 -30.60 -73.12 4.31
C GLY B 112 -31.06 -71.78 3.77
N ALA B 113 -30.45 -70.70 4.22
CA ALA B 113 -30.83 -69.35 3.83
C ALA B 113 -29.73 -68.70 3.02
N PRO B 114 -30.07 -67.68 2.21
CA PRO B 114 -29.02 -67.01 1.42
C PRO B 114 -28.23 -65.97 2.19
N ASP B 115 -28.76 -65.43 3.28
CA ASP B 115 -28.12 -64.33 3.98
C ASP B 115 -28.80 -64.18 5.33
N VAL B 116 -28.30 -63.25 6.15
CA VAL B 116 -28.93 -62.91 7.42
C VAL B 116 -30.07 -61.95 7.15
N ALA B 117 -30.90 -61.71 8.17
CA ALA B 117 -32.07 -60.86 7.98
C ALA B 117 -31.68 -59.43 7.60
N PHE B 118 -30.88 -58.78 8.44
CA PHE B 118 -30.45 -57.42 8.19
C PHE B 118 -28.94 -57.40 7.94
N PRO B 119 -28.51 -57.29 6.67
CA PRO B 119 -27.09 -57.47 6.38
C PRO B 119 -26.20 -56.29 6.73
N ARG B 120 -26.73 -55.08 6.86
CA ARG B 120 -25.88 -53.95 7.24
C ARG B 120 -25.76 -53.79 8.74
N LEU B 121 -26.80 -54.18 9.49
CA LEU B 121 -26.70 -54.23 10.94
C LEU B 121 -25.59 -55.17 11.39
N ASN B 122 -25.31 -56.20 10.59
CA ASN B 122 -24.21 -57.12 10.87
C ASN B 122 -22.88 -56.39 10.92
N ALA B 123 -22.53 -55.68 9.85
CA ALA B 123 -21.29 -54.94 9.81
C ALA B 123 -21.25 -53.87 10.88
N LEU B 124 -22.40 -53.22 11.13
CA LEU B 124 -22.45 -52.24 12.20
C LEU B 124 -22.06 -52.86 13.54
N SER B 125 -22.58 -54.06 13.81
CA SER B 125 -22.25 -54.74 15.06
C SER B 125 -20.76 -55.02 15.15
N PHE B 126 -20.17 -55.53 14.06
CA PHE B 126 -18.74 -55.85 14.10
C PHE B 126 -17.90 -54.60 14.37
N TRP B 127 -18.19 -53.51 13.68
CA TRP B 127 -17.37 -52.32 13.85
C TRP B 127 -17.58 -51.70 15.24
N LEU B 128 -18.80 -51.74 15.76
CA LEU B 128 -19.04 -51.28 17.12
C LEU B 128 -18.22 -52.07 18.12
N PHE B 129 -18.22 -53.40 17.98
CA PHE B 129 -17.39 -54.23 18.85
C PHE B 129 -15.93 -53.82 18.79
N LEU B 130 -15.38 -53.71 17.57
CA LEU B 130 -13.96 -53.42 17.44
C LEU B 130 -13.59 -52.09 18.07
N PHE B 131 -14.37 -51.04 17.79
CA PHE B 131 -14.00 -49.72 18.28
C PHE B 131 -14.25 -49.59 19.78
N GLY B 132 -15.28 -50.24 20.32
CA GLY B 132 -15.46 -50.25 21.76
C GLY B 132 -14.30 -50.93 22.47
N ALA B 133 -13.85 -52.06 21.94
CA ALA B 133 -12.69 -52.73 22.53
C ALA B 133 -11.46 -51.85 22.49
N LEU B 134 -11.22 -51.21 21.34
CA LEU B 134 -10.04 -50.33 21.24
C LEU B 134 -10.13 -49.16 22.21
N ILE B 135 -11.33 -48.62 22.42
CA ILE B 135 -11.50 -47.53 23.36
C ILE B 135 -11.20 -48.00 24.78
N ALA B 136 -11.74 -49.15 25.17
CA ALA B 136 -11.54 -49.62 26.53
C ALA B 136 -10.09 -49.99 26.80
N ILE B 137 -9.38 -50.52 25.80
CA ILE B 137 -7.99 -50.92 26.03
C ILE B 137 -7.07 -49.71 26.11
N ALA B 138 -7.45 -48.60 25.47
CA ALA B 138 -6.54 -47.46 25.39
C ALA B 138 -6.56 -46.65 26.68
N GLY B 139 -6.37 -47.32 27.81
CA GLY B 139 -6.20 -46.64 29.08
C GLY B 139 -4.80 -46.83 29.58
N PHE B 140 -4.06 -47.74 28.92
CA PHE B 140 -2.68 -47.99 29.30
C PHE B 140 -1.75 -46.86 28.86
N ILE B 141 -2.12 -46.10 27.83
CA ILE B 141 -1.30 -44.96 27.42
C ILE B 141 -1.55 -43.74 28.29
N THR B 142 -2.55 -43.77 29.14
CA THR B 142 -2.72 -42.73 30.15
C THR B 142 -1.62 -42.87 31.21
N PRO B 143 -1.03 -41.77 31.66
CA PRO B 143 0.04 -41.89 32.67
C PRO B 143 -0.39 -42.56 33.95
N GLY B 144 -1.67 -42.47 34.32
CA GLY B 144 -2.14 -43.13 35.51
C GLY B 144 -2.42 -44.61 35.34
N GLY B 145 -2.63 -45.08 34.12
CA GLY B 145 -2.88 -46.48 33.86
C GLY B 145 -4.33 -46.76 33.56
N ALA B 146 -4.63 -48.05 33.40
CA ALA B 146 -5.97 -48.51 33.08
C ALA B 146 -6.81 -48.58 34.35
N ALA B 147 -7.96 -49.23 34.26
CA ALA B 147 -8.82 -49.40 35.42
C ALA B 147 -8.16 -50.33 36.42
N ASP B 148 -8.30 -50.00 37.71
CA ASP B 148 -7.58 -50.70 38.77
C ASP B 148 -8.48 -51.42 39.75
N PHE B 149 -9.78 -51.18 39.73
CA PHE B 149 -10.72 -51.99 40.49
C PHE B 149 -10.81 -53.39 39.88
N GLY B 150 -11.67 -54.23 40.44
CA GLY B 150 -11.80 -55.58 39.93
C GLY B 150 -12.41 -55.61 38.55
N TRP B 151 -12.60 -56.83 38.04
CA TRP B 151 -13.42 -56.97 36.85
C TRP B 151 -14.88 -56.61 37.15
N THR B 152 -15.31 -56.82 38.39
CA THR B 152 -16.72 -56.68 38.75
C THR B 152 -17.09 -55.26 39.17
N ALA B 153 -16.12 -54.41 39.50
CA ALA B 153 -16.38 -53.00 39.79
C ALA B 153 -17.36 -52.84 40.95
N TYR B 154 -16.89 -53.23 42.13
CA TYR B 154 -17.71 -53.22 43.34
C TYR B 154 -18.15 -51.81 43.71
N SER B 155 -18.98 -51.72 44.76
CA SER B 155 -19.96 -50.64 44.85
C SER B 155 -19.35 -49.28 45.11
N PRO B 156 -18.63 -49.05 46.21
CA PRO B 156 -18.08 -47.71 46.44
C PRO B 156 -16.65 -47.53 45.99
N LEU B 157 -15.96 -48.61 45.59
CA LEU B 157 -14.58 -48.50 45.15
C LEU B 157 -14.46 -47.83 43.79
N THR B 158 -15.48 -47.95 42.93
CA THR B 158 -15.47 -47.33 41.61
C THR B 158 -16.09 -45.94 41.64
N ASP B 159 -16.08 -45.28 42.79
CA ASP B 159 -16.73 -43.98 42.90
C ASP B 159 -15.86 -42.90 42.28
N ALA B 160 -16.14 -41.64 42.59
CA ALA B 160 -15.24 -40.57 42.16
C ALA B 160 -14.16 -40.30 43.19
N ILE B 161 -14.45 -40.48 44.48
CA ILE B 161 -13.44 -40.28 45.51
C ILE B 161 -12.37 -41.36 45.41
N HIS B 162 -12.77 -42.61 45.53
CA HIS B 162 -11.87 -43.71 45.26
C HIS B 162 -11.83 -43.99 43.77
N SER B 163 -10.67 -44.40 43.27
CA SER B 163 -10.49 -44.59 41.83
C SER B 163 -10.79 -43.32 41.05
N PRO B 164 -9.95 -42.29 41.15
CA PRO B 164 -10.20 -41.02 40.45
C PRO B 164 -9.58 -40.89 39.07
N GLY B 165 -8.89 -41.92 38.57
CA GLY B 165 -8.16 -41.79 37.32
C GLY B 165 -9.08 -41.61 36.12
N ALA B 166 -8.44 -41.59 34.95
CA ALA B 166 -9.14 -41.48 33.67
C ALA B 166 -9.21 -42.79 32.92
N GLY B 167 -8.85 -43.90 33.57
CA GLY B 167 -9.02 -45.20 32.95
C GLY B 167 -10.38 -45.81 33.18
N GLY B 168 -11.01 -45.51 34.31
CA GLY B 168 -12.33 -46.02 34.58
C GLY B 168 -13.37 -45.48 33.61
N ASP B 169 -13.21 -44.21 33.22
CA ASP B 169 -14.14 -43.62 32.26
C ASP B 169 -14.08 -44.35 30.92
N LEU B 170 -12.87 -44.59 30.41
CA LEU B 170 -12.71 -45.31 29.17
C LEU B 170 -13.23 -46.74 29.29
N TRP B 171 -12.98 -47.37 30.44
CA TRP B 171 -13.55 -48.68 30.71
C TRP B 171 -15.07 -48.69 30.52
N ILE B 172 -15.75 -47.76 31.21
CA ILE B 172 -17.21 -47.71 31.18
C ILE B 172 -17.71 -47.49 29.76
N MET B 173 -17.12 -46.52 29.06
CA MET B 173 -17.65 -46.17 27.74
C MET B 173 -17.39 -47.28 26.72
N GLY B 174 -16.22 -47.90 26.76
CA GLY B 174 -15.97 -49.04 25.90
C GLY B 174 -16.94 -50.18 26.14
N LEU B 175 -17.24 -50.47 27.40
CA LEU B 175 -18.21 -51.52 27.69
C LEU B 175 -19.58 -51.15 27.14
N ALA B 176 -19.99 -49.88 27.26
CA ALA B 176 -21.29 -49.47 26.74
C ALA B 176 -21.38 -49.69 25.23
N VAL B 177 -20.35 -49.27 24.49
CA VAL B 177 -20.36 -49.42 23.03
C VAL B 177 -20.41 -50.89 22.64
N GLY B 178 -19.56 -51.71 23.28
CA GLY B 178 -19.58 -53.13 22.99
C GLY B 178 -20.93 -53.77 23.27
N GLY B 179 -21.59 -53.35 24.36
CA GLY B 179 -22.89 -53.90 24.68
C GLY B 179 -23.94 -53.55 23.63
N LEU B 180 -23.89 -52.31 23.13
CA LEU B 180 -24.80 -51.95 22.04
C LEU B 180 -24.59 -52.86 20.84
N GLY B 181 -23.34 -53.07 20.45
CA GLY B 181 -23.06 -53.98 19.35
C GLY B 181 -23.62 -55.38 19.57
N THR B 182 -23.44 -55.90 20.78
CA THR B 182 -23.94 -57.25 21.08
C THR B 182 -25.45 -57.33 21.01
N ILE B 183 -26.15 -56.30 21.50
CA ILE B 183 -27.61 -56.31 21.42
C ILE B 183 -28.06 -56.34 19.96
N LEU B 184 -27.43 -55.53 19.11
CA LEU B 184 -27.80 -55.55 17.70
C LEU B 184 -27.58 -56.92 17.07
N GLY B 185 -26.44 -57.55 17.39
CA GLY B 185 -26.19 -58.89 16.87
C GLY B 185 -27.25 -59.89 17.29
N GLY B 186 -27.67 -59.83 18.56
CA GLY B 186 -28.70 -60.74 19.03
C GLY B 186 -30.02 -60.55 18.32
N VAL B 187 -30.43 -59.29 18.13
CA VAL B 187 -31.64 -59.01 17.37
C VAL B 187 -31.57 -59.64 15.98
N ASN B 188 -30.45 -59.44 15.30
CA ASN B 188 -30.29 -59.97 13.95
C ASN B 188 -30.40 -61.49 13.94
N MET B 189 -29.76 -62.16 14.91
CA MET B 189 -29.78 -63.62 14.91
C MET B 189 -31.18 -64.16 15.16
N ILE B 190 -31.91 -63.58 16.11
CA ILE B 190 -33.28 -64.04 16.36
C ILE B 190 -34.14 -63.89 15.11
N THR B 191 -34.07 -62.71 14.48
CA THR B 191 -34.90 -62.48 13.30
C THR B 191 -34.54 -63.44 12.17
N THR B 192 -33.24 -63.71 11.99
CA THR B 192 -32.83 -64.61 10.93
C THR B 192 -33.35 -66.03 11.17
N VAL B 193 -33.21 -66.53 12.40
CA VAL B 193 -33.66 -67.89 12.65
C VAL B 193 -35.18 -68.00 12.53
N VAL B 194 -35.91 -66.92 12.85
CA VAL B 194 -37.37 -67.02 12.83
C VAL B 194 -37.92 -66.89 11.40
N CYS B 195 -37.46 -65.90 10.64
CA CYS B 195 -38.09 -65.63 9.35
C CYS B 195 -37.46 -66.42 8.21
N MET B 196 -36.19 -66.17 7.92
CA MET B 196 -35.50 -66.77 6.77
C MET B 196 -35.22 -68.24 7.06
N ARG B 197 -35.91 -69.14 6.37
CA ARG B 197 -35.69 -70.57 6.60
C ARG B 197 -36.13 -71.34 5.36
N ALA B 198 -35.58 -72.54 5.21
CA ALA B 198 -35.78 -73.32 4.00
C ALA B 198 -37.24 -73.79 3.90
N PRO B 199 -37.73 -74.05 2.69
CA PRO B 199 -39.17 -74.35 2.52
C PRO B 199 -39.57 -75.75 2.95
N GLY B 200 -38.66 -76.50 3.55
CA GLY B 200 -39.02 -77.85 3.95
C GLY B 200 -38.83 -78.16 5.42
N MET B 201 -37.94 -77.43 6.09
CA MET B 201 -37.55 -77.78 7.44
C MET B 201 -38.36 -77.00 8.47
N THR B 202 -39.04 -77.72 9.34
CA THR B 202 -39.72 -77.13 10.47
C THR B 202 -38.72 -76.90 11.60
N MET B 203 -39.19 -76.29 12.69
CA MET B 203 -38.26 -75.92 13.75
C MET B 203 -37.81 -77.12 14.57
N PHE B 204 -38.46 -78.28 14.43
CA PHE B 204 -38.00 -79.49 15.08
C PHE B 204 -37.19 -80.38 14.13
N ARG B 205 -36.63 -79.78 13.09
CA ARG B 205 -35.67 -80.44 12.24
C ARG B 205 -34.36 -79.68 12.14
N MET B 206 -34.29 -78.47 12.66
CA MET B 206 -33.06 -77.70 12.59
C MET B 206 -32.03 -78.24 13.56
N PRO B 207 -30.76 -78.02 13.29
CA PRO B 207 -29.71 -78.58 14.15
C PRO B 207 -29.71 -77.91 15.52
N ILE B 208 -28.97 -78.54 16.44
CA ILE B 208 -28.99 -78.07 17.83
C ILE B 208 -28.18 -76.80 18.00
N PHE B 209 -27.15 -76.60 17.18
CA PHE B 209 -26.38 -75.36 17.22
C PHE B 209 -27.29 -74.16 17.02
N THR B 210 -28.23 -74.26 16.07
CA THR B 210 -29.14 -73.15 15.81
C THR B 210 -30.06 -72.88 16.99
N TRP B 211 -30.53 -73.93 17.64
CA TRP B 211 -31.40 -73.75 18.79
C TRP B 211 -30.65 -73.08 19.94
N ASN B 212 -29.40 -73.51 20.18
CA ASN B 212 -28.59 -72.88 21.21
C ASN B 212 -28.35 -71.41 20.89
N ILE B 213 -28.13 -71.09 19.62
CA ILE B 213 -27.91 -69.70 19.26
C ILE B 213 -29.16 -68.86 19.49
N LEU B 214 -30.33 -69.41 19.15
CA LEU B 214 -31.58 -68.69 19.38
C LEU B 214 -31.77 -68.38 20.87
N VAL B 215 -31.58 -69.40 21.71
CA VAL B 215 -31.76 -69.22 23.15
C VAL B 215 -30.74 -68.22 23.69
N THR B 216 -29.49 -68.31 23.23
CA THR B 216 -28.46 -67.38 23.68
C THR B 216 -28.81 -65.95 23.29
N SER B 217 -29.39 -65.76 22.11
CA SER B 217 -29.78 -64.42 21.71
C SER B 217 -30.89 -63.87 22.60
N ILE B 218 -31.84 -64.72 22.99
CA ILE B 218 -32.87 -64.29 23.93
C ILE B 218 -32.22 -63.84 25.25
N LEU B 219 -31.27 -64.64 25.74
CA LEU B 219 -30.58 -64.26 26.98
C LEU B 219 -29.84 -62.95 26.84
N VAL B 220 -29.20 -62.72 25.67
CA VAL B 220 -28.49 -61.47 25.45
C VAL B 220 -29.44 -60.29 25.55
N LEU B 221 -30.58 -60.40 24.88
CA LEU B 221 -31.58 -59.33 24.92
C LEU B 221 -32.07 -59.08 26.34
N ILE B 222 -32.15 -60.12 27.16
CA ILE B 222 -32.59 -59.92 28.54
C ILE B 222 -31.50 -59.26 29.37
N ALA B 223 -30.24 -59.62 29.13
CA ALA B 223 -29.17 -59.29 30.06
C ALA B 223 -28.51 -57.93 29.80
N PHE B 224 -28.13 -57.65 28.55
CA PHE B 224 -27.21 -56.52 28.32
C PHE B 224 -27.81 -55.13 28.57
N PRO B 225 -29.09 -54.88 28.25
CA PRO B 225 -29.64 -53.54 28.52
C PRO B 225 -29.52 -53.12 29.97
N ILE B 226 -29.67 -54.05 30.91
CA ILE B 226 -29.57 -53.68 32.32
C ILE B 226 -28.14 -53.29 32.67
N LEU B 227 -27.16 -53.89 32.00
CA LEU B 227 -25.78 -53.47 32.21
C LEU B 227 -25.55 -52.07 31.68
N THR B 228 -26.14 -51.74 30.52
CA THR B 228 -26.00 -50.39 30.01
C THR B 228 -26.65 -49.38 30.95
N ALA B 229 -27.78 -49.74 31.54
CA ALA B 229 -28.44 -48.86 32.51
C ALA B 229 -27.56 -48.63 33.73
N ALA B 230 -27.01 -49.72 34.29
CA ALA B 230 -26.12 -49.58 35.44
C ALA B 230 -24.90 -48.72 35.11
N LEU B 231 -24.34 -48.90 33.91
CA LEU B 231 -23.15 -48.14 33.56
C LEU B 231 -23.46 -46.67 33.35
N PHE B 232 -24.64 -46.35 32.81
CA PHE B 232 -25.01 -44.94 32.69
C PHE B 232 -25.23 -44.31 34.05
N GLY B 233 -25.83 -45.05 34.98
CA GLY B 233 -25.92 -44.55 36.34
C GLY B 233 -24.56 -44.29 36.96
N LEU B 234 -23.62 -45.20 36.71
CA LEU B 234 -22.28 -45.04 37.27
C LEU B 234 -21.57 -43.83 36.67
N ALA B 235 -21.69 -43.64 35.36
CA ALA B 235 -21.07 -42.48 34.74
C ALA B 235 -21.70 -41.18 35.22
N ALA B 236 -23.02 -41.16 35.41
CA ALA B 236 -23.66 -40.00 36.00
C ALA B 236 -23.12 -39.72 37.38
N ASP B 237 -22.94 -40.76 38.18
CA ASP B 237 -22.42 -40.60 39.53
C ASP B 237 -20.97 -40.11 39.52
N ARG B 238 -20.21 -40.47 38.49
CA ARG B 238 -18.80 -40.07 38.45
C ARG B 238 -18.60 -38.68 37.89
N HIS B 239 -19.47 -38.23 36.98
CA HIS B 239 -19.26 -36.95 36.32
C HIS B 239 -20.20 -35.85 36.79
N LEU B 240 -21.22 -36.17 37.58
CA LEU B 240 -22.14 -35.16 38.07
C LEU B 240 -22.39 -35.24 39.58
N GLY B 241 -21.78 -36.21 40.28
CA GLY B 241 -22.06 -36.38 41.69
C GLY B 241 -23.51 -36.68 41.94
N ALA B 242 -23.98 -37.85 41.52
CA ALA B 242 -25.40 -38.11 41.37
C ALA B 242 -25.99 -38.94 42.51
N HIS B 243 -25.24 -39.19 43.58
CA HIS B 243 -25.79 -39.79 44.80
C HIS B 243 -26.63 -41.04 44.52
N ILE B 244 -26.27 -41.81 43.50
CA ILE B 244 -27.06 -42.99 43.16
C ILE B 244 -26.60 -44.20 43.96
N TYR B 245 -25.30 -44.38 44.11
CA TYR B 245 -24.73 -45.54 44.79
C TYR B 245 -24.04 -45.18 46.10
N ASP B 246 -24.60 -44.23 46.87
CA ASP B 246 -23.94 -44.02 48.15
C ASP B 246 -24.33 -45.11 49.13
N PRO B 247 -23.41 -45.55 49.98
CA PRO B 247 -23.80 -46.49 51.03
C PRO B 247 -24.85 -45.93 51.97
N ALA B 248 -25.05 -44.61 51.99
CA ALA B 248 -26.09 -44.03 52.82
C ALA B 248 -27.47 -44.51 52.39
N ASN B 249 -27.73 -44.55 51.08
CA ASN B 249 -28.89 -45.24 50.56
C ASN B 249 -28.57 -46.73 50.49
N GLY B 250 -29.41 -47.50 49.81
CA GLY B 250 -29.07 -48.89 49.59
C GLY B 250 -28.11 -49.04 48.43
N GLY B 251 -27.12 -48.17 48.36
CA GLY B 251 -26.28 -48.07 47.18
C GLY B 251 -25.22 -49.13 47.04
N VAL B 252 -24.89 -49.83 48.12
CA VAL B 252 -23.83 -50.83 48.03
C VAL B 252 -24.39 -52.15 47.51
N LEU B 253 -25.57 -52.54 47.98
CA LEU B 253 -26.18 -53.77 47.51
C LEU B 253 -26.94 -53.61 46.20
N LEU B 254 -27.40 -52.39 45.89
CA LEU B 254 -28.08 -52.16 44.64
C LEU B 254 -27.16 -52.47 43.46
N TRP B 255 -25.94 -51.96 43.49
CA TRP B 255 -25.00 -52.23 42.41
C TRP B 255 -24.74 -53.73 42.27
N GLN B 256 -24.59 -54.42 43.40
CA GLN B 256 -24.29 -55.84 43.32
C GLN B 256 -25.45 -56.63 42.73
N HIS B 257 -26.67 -56.29 43.14
CA HIS B 257 -27.85 -56.96 42.57
C HIS B 257 -27.92 -56.75 41.07
N LEU B 258 -27.81 -55.49 40.62
CA LEU B 258 -27.87 -55.21 39.19
C LEU B 258 -26.76 -55.93 38.44
N PHE B 259 -25.52 -55.80 38.92
CA PHE B 259 -24.39 -56.37 38.21
C PHE B 259 -24.50 -57.88 38.09
N TRP B 260 -24.93 -58.55 39.16
CA TRP B 260 -24.94 -60.01 39.07
C TRP B 260 -26.15 -60.53 38.30
N PHE B 261 -27.28 -59.81 38.36
CA PHE B 261 -28.38 -60.10 37.46
C PHE B 261 -27.93 -60.01 36.01
N PHE B 262 -27.02 -59.10 35.71
CA PHE B 262 -26.41 -59.14 34.37
C PHE B 262 -25.45 -60.31 34.22
N GLY B 263 -24.58 -60.53 35.22
CA GLY B 263 -23.36 -61.28 35.02
C GLY B 263 -23.50 -62.79 35.06
N HIS B 264 -24.58 -63.32 35.61
CA HIS B 264 -24.68 -64.77 35.48
C HIS B 264 -25.22 -65.20 34.11
N PRO B 265 -26.29 -64.58 33.62
CA PRO B 265 -26.68 -64.84 32.23
C PRO B 265 -25.54 -64.66 31.25
N GLU B 266 -24.53 -63.85 31.57
CA GLU B 266 -23.40 -63.69 30.68
C GLU B 266 -22.59 -64.98 30.55
N VAL B 267 -22.31 -65.63 31.68
CA VAL B 267 -21.55 -66.88 31.61
C VAL B 267 -22.37 -67.95 30.92
N TYR B 268 -23.70 -67.95 31.11
CA TYR B 268 -24.46 -68.96 30.37
C TYR B 268 -24.55 -68.64 28.88
N ILE B 269 -24.54 -67.35 28.54
CA ILE B 269 -24.50 -66.93 27.14
C ILE B 269 -23.25 -67.46 26.47
N ILE B 270 -22.09 -67.31 27.13
CA ILE B 270 -20.86 -67.81 26.53
C ILE B 270 -20.66 -69.29 26.76
N ALA B 271 -21.57 -69.96 27.46
CA ALA B 271 -21.45 -71.41 27.62
C ALA B 271 -22.28 -72.21 26.62
N LEU B 272 -23.50 -71.77 26.29
CA LEU B 272 -24.42 -72.65 25.57
C LEU B 272 -23.99 -72.97 24.13
N PRO B 273 -23.68 -71.99 23.27
CA PRO B 273 -23.35 -72.34 21.87
C PRO B 273 -22.21 -73.32 21.73
N PHE B 274 -21.30 -73.40 22.70
CA PHE B 274 -20.21 -74.36 22.59
C PHE B 274 -20.66 -75.77 22.96
N PHE B 275 -21.61 -75.89 23.90
CA PHE B 275 -22.35 -77.14 24.03
C PHE B 275 -22.90 -77.55 22.68
N GLY B 276 -23.50 -76.60 21.96
CA GLY B 276 -24.01 -76.91 20.64
C GLY B 276 -22.93 -77.42 19.69
N ILE B 277 -21.80 -76.72 19.66
CA ILE B 277 -20.70 -77.10 18.78
C ILE B 277 -20.28 -78.55 19.04
N VAL B 278 -20.03 -78.90 20.30
CA VAL B 278 -19.55 -80.25 20.57
C VAL B 278 -20.64 -81.28 20.30
N SER B 279 -21.91 -80.95 20.59
CA SER B 279 -22.99 -81.87 20.28
C SER B 279 -23.17 -82.04 18.78
N GLU B 280 -22.61 -81.14 18.00
CA GLU B 280 -22.70 -81.21 16.56
C GLU B 280 -21.49 -81.92 15.96
N ILE B 281 -20.37 -81.93 16.67
CA ILE B 281 -19.19 -82.65 16.22
C ILE B 281 -19.25 -84.13 16.57
N PHE B 282 -19.85 -84.48 17.71
CA PHE B 282 -19.81 -85.86 18.16
C PHE B 282 -20.39 -86.86 17.16
N PRO B 283 -21.60 -86.68 16.61
CA PRO B 283 -22.15 -87.72 15.74
C PRO B 283 -21.38 -87.91 14.45
N VAL B 284 -20.70 -86.87 13.96
CA VAL B 284 -19.96 -87.01 12.71
C VAL B 284 -18.84 -88.03 12.86
N PHE B 285 -18.14 -88.01 13.98
CA PHE B 285 -17.02 -88.92 14.20
C PHE B 285 -17.40 -90.15 14.99
N SER B 286 -18.63 -90.24 15.49
CA SER B 286 -19.09 -91.47 16.11
C SER B 286 -19.87 -92.36 15.16
N ARG B 287 -20.27 -91.84 14.00
CA ARG B 287 -21.05 -92.58 13.01
C ARG B 287 -22.39 -93.04 13.60
N LYS B 288 -23.08 -92.12 14.26
CA LYS B 288 -24.33 -92.42 14.93
C LYS B 288 -25.18 -91.17 14.95
N PRO B 289 -26.47 -91.28 15.21
CA PRO B 289 -27.30 -90.08 15.41
C PRO B 289 -27.05 -89.47 16.78
N ILE B 290 -27.51 -88.23 16.93
CA ILE B 290 -27.41 -87.56 18.23
C ILE B 290 -28.44 -88.16 19.17
N PHE B 291 -27.98 -88.56 20.35
CA PHE B 291 -28.82 -89.28 21.30
C PHE B 291 -29.73 -88.28 22.02
N GLY B 292 -31.05 -88.47 21.90
CA GLY B 292 -31.99 -87.63 22.61
C GLY B 292 -32.07 -86.22 22.08
N TYR B 293 -32.59 -86.05 20.87
CA TYR B 293 -32.71 -84.73 20.26
C TYR B 293 -33.61 -83.83 21.10
N THR B 294 -34.87 -84.23 21.26
CA THR B 294 -35.82 -83.39 21.99
C THR B 294 -35.41 -83.24 23.45
N THR B 295 -34.77 -84.25 24.02
CA THR B 295 -34.26 -84.14 25.39
C THR B 295 -33.22 -83.02 25.49
N LEU B 296 -32.31 -82.94 24.52
CA LEU B 296 -31.32 -81.88 24.52
C LEU B 296 -31.97 -80.52 24.36
N ILE B 297 -33.00 -80.44 23.50
CA ILE B 297 -33.70 -79.17 23.32
C ILE B 297 -34.33 -78.71 24.63
N TYR B 298 -35.00 -79.65 25.33
CA TYR B 298 -35.65 -79.30 26.58
C TYR B 298 -34.63 -78.94 27.65
N ALA B 299 -33.50 -79.63 27.70
CA ALA B 299 -32.46 -79.26 28.65
C ALA B 299 -31.94 -77.86 28.40
N THR B 300 -31.75 -77.50 27.12
CA THR B 300 -31.32 -76.15 26.80
C THR B 300 -32.34 -75.12 27.27
N LEU B 301 -33.62 -75.36 26.98
CA LEU B 301 -34.65 -74.43 27.43
C LEU B 301 -34.68 -74.31 28.95
N ALA B 302 -34.49 -75.42 29.65
CA ALA B 302 -34.52 -75.38 31.11
C ALA B 302 -33.36 -74.58 31.67
N ILE B 303 -32.15 -74.81 31.14
CA ILE B 303 -30.99 -74.03 31.58
C ILE B 303 -31.23 -72.55 31.32
N ALA B 304 -31.78 -72.22 30.16
CA ALA B 304 -32.06 -70.82 29.84
C ALA B 304 -33.03 -70.21 30.85
N ALA B 305 -34.13 -70.90 31.13
CA ALA B 305 -35.12 -70.35 32.05
C ALA B 305 -34.54 -70.20 33.45
N LEU B 306 -33.73 -71.15 33.89
CA LEU B 306 -33.22 -71.12 35.25
C LEU B 306 -32.05 -70.17 35.43
N SER B 307 -31.36 -69.79 34.35
CA SER B 307 -30.14 -69.00 34.51
C SER B 307 -30.39 -67.59 35.03
N VAL B 308 -31.62 -67.09 34.99
CA VAL B 308 -31.86 -65.71 35.42
C VAL B 308 -32.33 -65.59 36.86
N ALA B 309 -32.63 -66.70 37.54
CA ALA B 309 -33.14 -66.68 38.89
C ALA B 309 -32.16 -67.26 39.90
N VAL B 310 -30.87 -67.18 39.62
CA VAL B 310 -29.86 -67.70 40.54
C VAL B 310 -28.77 -66.66 40.75
N TRP B 311 -29.02 -65.43 40.32
CA TRP B 311 -27.95 -64.43 40.24
C TRP B 311 -27.28 -64.15 41.57
N ALA B 312 -27.93 -64.47 42.69
CA ALA B 312 -27.43 -64.02 43.99
C ALA B 312 -26.61 -65.08 44.72
N HIS B 313 -26.23 -66.17 44.05
CA HIS B 313 -25.29 -67.08 44.69
C HIS B 313 -23.86 -66.56 44.62
N HIS B 314 -23.66 -65.35 44.12
CA HIS B 314 -22.37 -64.69 44.16
C HIS B 314 -22.24 -63.74 45.34
N MET B 315 -23.27 -63.61 46.15
CA MET B 315 -23.32 -62.66 47.26
C MET B 315 -23.70 -63.36 48.56
N TYR B 316 -23.06 -64.48 48.86
CA TYR B 316 -23.31 -65.17 50.11
C TYR B 316 -22.67 -64.46 51.31
N ALA B 317 -21.46 -63.96 51.13
CA ALA B 317 -20.69 -63.44 52.26
C ALA B 317 -21.12 -62.04 52.68
N THR B 318 -22.07 -61.42 51.99
CA THR B 318 -22.54 -60.12 52.42
C THR B 318 -23.56 -60.21 53.55
N GLY B 319 -24.17 -61.37 53.75
CA GLY B 319 -25.17 -61.53 54.79
C GLY B 319 -26.43 -60.72 54.56
N ALA B 320 -26.80 -60.49 53.30
CA ALA B 320 -27.95 -59.66 52.99
C ALA B 320 -28.91 -60.28 51.99
N VAL B 321 -28.82 -61.59 51.74
CA VAL B 321 -29.67 -62.26 50.78
C VAL B 321 -30.38 -63.42 51.45
N LEU B 322 -31.41 -63.92 50.77
CA LEU B 322 -32.17 -65.08 51.23
C LEU B 322 -31.47 -66.32 50.70
N LEU B 323 -30.71 -66.98 51.58
CA LEU B 323 -29.81 -68.05 51.12
C LEU B 323 -30.55 -69.28 50.60
N PRO B 324 -31.58 -69.81 51.28
CA PRO B 324 -32.17 -71.08 50.80
C PRO B 324 -32.70 -70.99 49.38
N PHE B 325 -33.34 -69.89 49.01
CA PHE B 325 -33.88 -69.72 47.68
C PHE B 325 -32.82 -69.95 46.61
N PHE B 326 -31.76 -69.14 46.64
CA PHE B 326 -30.76 -69.22 45.58
C PHE B 326 -29.96 -70.51 45.66
N SER B 327 -29.67 -70.99 46.87
CA SER B 327 -28.94 -72.24 47.00
C SER B 327 -29.72 -73.39 46.36
N PHE B 328 -31.00 -73.50 46.70
CA PHE B 328 -31.84 -74.55 46.14
C PHE B 328 -31.94 -74.41 44.62
N MET B 329 -32.06 -73.18 44.11
CA MET B 329 -32.29 -73.07 42.68
C MET B 329 -31.03 -73.31 41.86
N THR B 330 -29.85 -73.05 42.43
CA THR B 330 -28.62 -73.48 41.77
C THR B 330 -28.49 -75.00 41.79
N PHE B 331 -28.80 -75.62 42.93
CA PHE B 331 -28.87 -77.07 42.97
C PHE B 331 -29.80 -77.59 41.87
N LEU B 332 -30.87 -76.86 41.60
CA LEU B 332 -31.81 -77.25 40.55
C LEU B 332 -31.19 -77.11 39.17
N ILE B 333 -30.52 -75.99 38.90
CA ILE B 333 -29.92 -75.79 37.58
C ILE B 333 -28.82 -76.80 37.32
N ALA B 334 -28.34 -77.46 38.37
CA ALA B 334 -27.31 -78.48 38.16
C ALA B 334 -27.79 -79.70 37.36
N VAL B 335 -29.09 -79.92 37.23
CA VAL B 335 -29.63 -81.14 36.65
C VAL B 335 -29.59 -81.17 35.12
N PRO B 336 -30.13 -80.17 34.42
CA PRO B 336 -30.16 -80.26 32.95
C PRO B 336 -28.80 -80.41 32.33
N THR B 337 -27.77 -79.81 32.92
CA THR B 337 -26.41 -80.05 32.46
C THR B 337 -26.04 -81.52 32.58
N GLY B 338 -26.52 -82.18 33.64
CA GLY B 338 -26.27 -83.60 33.78
C GLY B 338 -26.94 -84.41 32.67
N ILE B 339 -28.19 -84.11 32.36
CA ILE B 339 -28.84 -84.84 31.28
C ILE B 339 -28.14 -84.59 29.95
N LYS B 340 -27.67 -83.36 29.72
CA LYS B 340 -26.91 -83.06 28.51
C LYS B 340 -25.64 -83.90 28.43
N PHE B 341 -24.90 -83.97 29.52
CA PHE B 341 -23.69 -84.77 29.58
C PHE B 341 -23.98 -86.23 29.28
N PHE B 342 -25.06 -86.75 29.86
CA PHE B 342 -25.41 -88.16 29.64
C PHE B 342 -25.81 -88.41 28.20
N ASN B 343 -26.49 -87.44 27.57
CA ASN B 343 -26.83 -87.60 26.16
C ASN B 343 -25.59 -87.63 25.28
N TRP B 344 -24.59 -86.80 25.59
CA TRP B 344 -23.34 -86.86 24.84
C TRP B 344 -22.68 -88.23 24.98
N ILE B 345 -22.52 -88.69 26.22
CA ILE B 345 -21.89 -90.00 26.45
C ILE B 345 -22.67 -91.09 25.74
N GLY B 346 -24.00 -91.00 25.73
CA GLY B 346 -24.80 -91.97 25.01
C GLY B 346 -24.58 -91.92 23.51
N THR B 347 -24.40 -90.72 22.96
CA THR B 347 -24.14 -90.61 21.51
C THR B 347 -22.80 -91.26 21.16
N MET B 348 -21.81 -91.16 22.06
CA MET B 348 -20.55 -91.86 21.81
C MET B 348 -20.62 -93.36 22.06
N TRP B 349 -21.71 -93.86 22.62
CA TRP B 349 -21.75 -95.25 23.08
C TRP B 349 -21.96 -96.22 21.93
N LYS B 350 -21.05 -97.18 21.82
CA LYS B 350 -21.13 -98.26 20.82
C LYS B 350 -21.25 -97.70 19.40
N GLY B 351 -20.28 -96.88 19.04
CA GLY B 351 -20.15 -96.40 17.68
C GLY B 351 -18.90 -96.92 17.04
N GLN B 352 -18.33 -96.17 16.09
CA GLN B 352 -17.06 -96.50 15.47
C GLN B 352 -16.20 -95.24 15.55
N LEU B 353 -15.46 -95.12 16.65
CA LEU B 353 -14.77 -93.89 16.99
C LEU B 353 -13.48 -93.76 16.18
N THR B 354 -13.24 -92.55 15.67
CA THR B 354 -11.95 -92.18 15.09
C THR B 354 -11.58 -90.82 15.66
N PHE B 355 -10.36 -90.70 16.16
CA PHE B 355 -9.93 -89.51 16.90
C PHE B 355 -9.08 -88.62 16.01
N GLU B 356 -9.75 -87.80 15.21
CA GLU B 356 -9.12 -86.67 14.58
C GLU B 356 -9.21 -85.47 15.51
N THR B 357 -8.57 -84.37 15.13
CA THR B 357 -8.38 -83.27 16.08
C THR B 357 -9.69 -82.72 16.66
N PRO B 358 -10.78 -82.54 15.89
CA PRO B 358 -12.02 -82.08 16.53
C PRO B 358 -12.54 -83.03 17.59
N MET B 359 -12.52 -84.33 17.33
CA MET B 359 -12.98 -85.29 18.34
C MET B 359 -12.10 -85.26 19.57
N LEU B 360 -10.79 -85.12 19.37
CA LEU B 360 -9.86 -85.08 20.49
C LEU B 360 -10.13 -83.85 21.38
N PHE B 361 -10.30 -82.69 20.75
CA PHE B 361 -10.61 -81.50 21.53
C PHE B 361 -11.96 -81.60 22.22
N SER B 362 -12.93 -82.28 21.60
CA SER B 362 -14.23 -82.43 22.24
C SER B 362 -14.14 -83.32 23.49
N VAL B 363 -13.33 -84.39 23.41
CA VAL B 363 -13.17 -85.24 24.59
C VAL B 363 -12.47 -84.48 25.71
N GLY B 364 -11.45 -83.69 25.36
CA GLY B 364 -10.82 -82.84 26.37
C GLY B 364 -11.82 -81.90 27.02
N PHE B 365 -12.69 -81.28 26.21
CA PHE B 365 -13.76 -80.45 26.74
C PHE B 365 -14.59 -81.22 27.75
N LEU B 366 -14.99 -82.44 27.40
CA LEU B 366 -15.81 -83.25 28.30
C LEU B 366 -15.15 -83.39 29.66
N ILE B 367 -13.90 -83.85 29.67
CA ILE B 367 -13.20 -84.10 30.93
C ILE B 367 -13.12 -82.81 31.76
N THR B 368 -12.60 -81.75 31.15
CA THR B 368 -12.33 -80.52 31.90
C THR B 368 -13.62 -79.92 32.43
N PHE B 369 -14.68 -79.89 31.61
CA PHE B 369 -15.94 -79.33 32.08
C PHE B 369 -16.55 -80.16 33.19
N LEU B 370 -16.38 -81.48 33.15
CA LEU B 370 -16.91 -82.29 34.25
C LEU B 370 -16.24 -81.91 35.56
N LEU B 371 -14.91 -81.81 35.56
CA LEU B 371 -14.23 -81.45 36.80
C LEU B 371 -14.65 -80.06 37.29
N GLY B 372 -14.73 -79.10 36.37
CA GLY B 372 -15.13 -77.76 36.76
C GLY B 372 -16.54 -77.69 37.33
N GLY B 373 -17.48 -78.42 36.72
CA GLY B 373 -18.83 -78.42 37.22
C GLY B 373 -18.96 -79.11 38.57
N LEU B 374 -18.17 -80.14 38.80
CA LEU B 374 -18.14 -80.76 40.11
C LEU B 374 -17.70 -79.75 41.16
N SER B 375 -16.59 -79.07 40.92
CA SER B 375 -16.13 -78.05 41.86
C SER B 375 -17.18 -76.95 42.05
N GLY B 376 -17.91 -76.60 40.99
CA GLY B 376 -18.92 -75.56 41.12
C GLY B 376 -20.09 -75.98 41.99
N VAL B 377 -20.62 -77.19 41.76
CA VAL B 377 -21.73 -77.65 42.58
C VAL B 377 -21.28 -77.84 44.02
N LEU B 378 -19.99 -78.12 44.23
CA LEU B 378 -19.45 -78.09 45.59
C LEU B 378 -19.48 -76.68 46.15
N LEU B 379 -19.17 -75.70 45.31
CA LEU B 379 -19.15 -74.29 45.71
C LEU B 379 -20.55 -73.76 46.00
N ALA B 380 -21.60 -74.42 45.51
CA ALA B 380 -22.94 -73.84 45.57
C ALA B 380 -23.58 -73.91 46.97
N SER B 381 -22.96 -74.57 47.93
CA SER B 381 -23.58 -74.64 49.27
C SER B 381 -23.05 -73.51 50.14
N PRO B 382 -23.92 -72.80 50.86
CA PRO B 382 -23.49 -71.59 51.58
C PRO B 382 -22.46 -71.88 52.66
N PRO B 383 -22.62 -72.91 53.50
CA PRO B 383 -21.63 -73.10 54.57
C PRO B 383 -20.24 -73.42 54.09
N LEU B 384 -20.07 -73.86 52.84
CA LEU B 384 -18.75 -74.10 52.27
C LEU B 384 -18.20 -72.86 51.57
N ASP B 385 -19.08 -72.16 50.86
CA ASP B 385 -18.73 -70.85 50.33
C ASP B 385 -18.36 -69.87 51.44
N PHE B 386 -18.76 -70.15 52.67
CA PHE B 386 -18.35 -69.29 53.78
C PHE B 386 -16.86 -69.37 54.03
N HIS B 387 -16.18 -70.40 53.53
CA HIS B 387 -14.74 -70.50 53.63
C HIS B 387 -14.03 -70.30 52.31
N VAL B 388 -14.51 -70.95 51.23
CA VAL B 388 -13.71 -70.96 49.99
C VAL B 388 -14.01 -69.78 49.07
N THR B 389 -14.93 -68.89 49.43
CA THR B 389 -15.21 -67.76 48.55
C THR B 389 -14.07 -66.76 48.61
N ASP B 390 -13.88 -66.05 47.50
CA ASP B 390 -12.82 -65.04 47.36
C ASP B 390 -11.43 -65.62 47.56
N SER B 391 -11.26 -66.91 47.28
CA SER B 391 -9.98 -67.58 47.35
C SER B 391 -9.62 -68.11 45.97
N TYR B 392 -8.53 -68.86 45.89
CA TYR B 392 -8.13 -69.44 44.61
C TYR B 392 -8.94 -70.67 44.24
N PHE B 393 -9.73 -71.22 45.15
CA PHE B 393 -10.63 -72.30 44.78
C PHE B 393 -11.62 -71.82 43.72
N VAL B 394 -12.17 -70.61 43.90
CA VAL B 394 -13.09 -70.05 42.91
C VAL B 394 -12.38 -69.85 41.59
N ILE B 395 -11.12 -69.40 41.64
CA ILE B 395 -10.38 -69.15 40.40
C ILE B 395 -10.18 -70.45 39.64
N ALA B 396 -9.75 -71.51 40.35
CA ALA B 396 -9.62 -72.81 39.70
C ALA B 396 -10.93 -73.28 39.11
N HIS B 397 -12.03 -73.10 39.83
CA HIS B 397 -13.33 -73.53 39.33
C HIS B 397 -13.68 -72.83 38.02
N PHE B 398 -13.75 -71.50 38.03
CA PHE B 398 -14.24 -70.88 36.82
C PHE B 398 -13.21 -70.94 35.71
N HIS B 399 -11.94 -71.16 36.02
CA HIS B 399 -10.99 -71.38 34.94
C HIS B 399 -11.19 -72.73 34.30
N TYR B 400 -11.50 -73.76 35.10
CA TYR B 400 -11.86 -75.04 34.51
C TYR B 400 -13.04 -74.90 33.57
N VAL B 401 -14.14 -74.32 34.04
CA VAL B 401 -15.32 -74.28 33.17
C VAL B 401 -15.07 -73.40 31.95
N LEU B 402 -14.53 -72.19 32.15
CA LEU B 402 -14.26 -71.30 31.03
C LEU B 402 -13.31 -71.93 30.02
N PHE B 403 -12.15 -72.39 30.48
CA PHE B 403 -11.21 -73.00 29.56
C PHE B 403 -11.85 -74.16 28.82
N GLY B 404 -12.31 -75.17 29.56
CA GLY B 404 -12.87 -76.36 28.93
C GLY B 404 -13.95 -76.05 27.93
N THR B 405 -14.75 -75.01 28.18
CA THR B 405 -15.79 -74.66 27.22
C THR B 405 -15.23 -73.85 26.05
N ILE B 406 -14.84 -72.60 26.28
CA ILE B 406 -14.50 -71.73 25.16
C ILE B 406 -13.27 -72.24 24.43
N VAL B 407 -12.17 -72.49 25.14
CA VAL B 407 -10.92 -72.77 24.45
C VAL B 407 -11.03 -74.09 23.68
N PHE B 408 -11.45 -75.15 24.35
CA PHE B 408 -11.46 -76.46 23.70
C PHE B 408 -12.53 -76.54 22.61
N ALA B 409 -13.75 -76.08 22.90
CA ALA B 409 -14.79 -76.14 21.87
C ALA B 409 -14.49 -75.20 20.71
N THR B 410 -13.81 -74.09 20.96
CA THR B 410 -13.44 -73.19 19.88
C THR B 410 -12.39 -73.81 18.98
N TYR B 411 -11.37 -74.44 19.57
CA TYR B 411 -10.39 -75.13 18.74
C TYR B 411 -11.04 -76.26 17.96
N ALA B 412 -11.99 -76.97 18.58
CA ALA B 412 -12.72 -78.00 17.87
C ALA B 412 -13.47 -77.42 16.69
N GLY B 413 -14.18 -76.32 16.90
CA GLY B 413 -14.93 -75.70 15.81
C GLY B 413 -14.04 -75.21 14.69
N ILE B 414 -12.87 -74.68 15.04
CA ILE B 414 -11.94 -74.22 14.02
C ILE B 414 -11.45 -75.40 13.18
N TYR B 415 -10.94 -76.44 13.84
CA TYR B 415 -10.48 -77.60 13.10
C TYR B 415 -11.60 -78.28 12.33
N PHE B 416 -12.86 -78.08 12.74
CA PHE B 416 -13.98 -78.73 12.06
C PHE B 416 -14.41 -77.95 10.82
N TRP B 417 -14.57 -76.64 10.95
CA TRP B 417 -15.13 -75.83 9.88
C TRP B 417 -14.10 -75.05 9.10
N PHE B 418 -12.81 -75.34 9.27
CA PHE B 418 -11.81 -74.69 8.42
C PHE B 418 -11.99 -75.03 6.95
N PRO B 419 -12.19 -76.29 6.53
CA PRO B 419 -12.40 -76.54 5.10
C PRO B 419 -13.65 -75.90 4.55
N LYS B 420 -14.76 -75.95 5.29
CA LYS B 420 -16.01 -75.41 4.77
C LYS B 420 -15.95 -73.90 4.54
N MET B 421 -14.96 -73.22 5.10
CA MET B 421 -14.81 -71.79 4.86
C MET B 421 -13.59 -71.46 4.02
N THR B 422 -12.68 -72.39 3.80
CA THR B 422 -11.45 -72.09 3.09
C THR B 422 -11.22 -72.95 1.87
N GLY B 423 -11.52 -74.25 1.96
CA GLY B 423 -11.17 -75.17 0.91
C GLY B 423 -9.84 -75.86 1.11
N ARG B 424 -9.21 -75.68 2.26
CA ARG B 424 -7.97 -76.34 2.61
C ARG B 424 -8.18 -77.18 3.86
N LEU B 425 -7.15 -77.93 4.23
CA LEU B 425 -7.18 -78.80 5.40
C LEU B 425 -6.02 -78.45 6.31
N LEU B 426 -6.31 -78.26 7.59
CA LEU B 426 -5.26 -78.04 8.57
C LEU B 426 -4.47 -79.33 8.78
N ASP B 427 -3.19 -79.17 9.10
CA ASP B 427 -2.33 -80.31 9.37
C ASP B 427 -2.80 -81.03 10.63
N GLU B 428 -2.54 -82.33 10.67
CA GLU B 428 -3.02 -83.14 11.78
C GLU B 428 -1.94 -83.45 12.81
N ARG B 429 -0.69 -83.61 12.39
CA ARG B 429 0.39 -83.82 13.36
C ARG B 429 0.58 -82.58 14.22
N LEU B 430 0.58 -81.41 13.59
CA LEU B 430 0.62 -80.16 14.35
C LEU B 430 -0.59 -80.02 15.25
N GLY B 431 -1.76 -80.48 14.81
CA GLY B 431 -2.95 -80.42 15.64
C GLY B 431 -2.83 -81.28 16.88
N LYS B 432 -2.28 -82.49 16.74
CA LYS B 432 -2.11 -83.36 17.89
C LYS B 432 -1.08 -82.80 18.85
N LEU B 433 0.04 -82.29 18.32
CA LEU B 433 1.03 -81.64 19.18
C LEU B 433 0.41 -80.48 19.95
N HIS B 434 -0.37 -79.65 19.26
CA HIS B 434 -1.04 -78.53 19.90
C HIS B 434 -1.96 -79.00 21.01
N PHE B 435 -2.78 -80.02 20.73
CA PHE B 435 -3.71 -80.49 21.74
C PHE B 435 -2.98 -80.99 22.97
N TRP B 436 -1.92 -81.78 22.79
CA TRP B 436 -1.27 -82.37 23.95
C TRP B 436 -0.54 -81.31 24.77
N LEU B 437 0.13 -80.36 24.10
CA LEU B 437 0.73 -79.25 24.82
C LEU B 437 -0.30 -78.50 25.64
N THR B 438 -1.43 -78.14 25.02
CA THR B 438 -2.46 -77.39 25.71
C THR B 438 -2.98 -78.17 26.92
N PHE B 439 -3.30 -79.45 26.72
CA PHE B 439 -3.85 -80.26 27.80
C PHE B 439 -2.90 -80.33 28.98
N ILE B 440 -1.64 -80.69 28.72
CA ILE B 440 -0.69 -80.87 29.81
C ILE B 440 -0.46 -79.55 30.54
N GLY B 441 -0.17 -78.48 29.80
CA GLY B 441 0.07 -77.21 30.43
C GLY B 441 -1.10 -76.73 31.26
N PHE B 442 -2.31 -76.88 30.74
CA PHE B 442 -3.49 -76.43 31.46
C PHE B 442 -3.68 -77.22 32.74
N HIS B 443 -3.63 -78.55 32.65
CA HIS B 443 -3.87 -79.32 33.86
C HIS B 443 -2.73 -79.21 34.86
N THR B 444 -1.57 -78.70 34.46
CA THR B 444 -0.50 -78.50 35.41
C THR B 444 -0.46 -77.08 35.98
N THR B 445 -1.10 -76.11 35.32
CA THR B 445 -1.13 -74.74 35.83
C THR B 445 -2.29 -74.45 36.78
N PHE B 446 -3.40 -75.18 36.70
CA PHE B 446 -4.60 -74.83 37.45
C PHE B 446 -5.04 -75.88 38.46
N LEU B 447 -4.34 -77.01 38.57
CA LEU B 447 -4.81 -78.07 39.45
C LEU B 447 -4.46 -77.80 40.91
N VAL B 448 -3.25 -77.31 41.17
CA VAL B 448 -2.80 -77.09 42.54
C VAL B 448 -3.46 -75.90 43.20
N GLN B 449 -4.20 -75.08 42.45
CA GLN B 449 -4.79 -73.89 43.03
C GLN B 449 -5.95 -74.20 43.97
N HIS B 450 -6.57 -75.37 43.83
CA HIS B 450 -7.56 -75.80 44.82
C HIS B 450 -6.93 -75.87 46.21
N TRP B 451 -5.84 -76.63 46.33
CA TRP B 451 -5.11 -76.71 47.59
C TRP B 451 -4.55 -75.35 47.97
N LEU B 452 -4.09 -74.59 46.99
CA LEU B 452 -3.49 -73.29 47.25
C LEU B 452 -4.49 -72.31 47.86
N GLY B 453 -5.78 -72.48 47.56
CA GLY B 453 -6.78 -71.57 48.06
C GLY B 453 -7.56 -72.11 49.25
N ASP B 454 -7.55 -73.44 49.44
CA ASP B 454 -8.22 -74.01 50.60
C ASP B 454 -7.55 -73.56 51.90
N GLU B 455 -6.25 -73.79 52.01
CA GLU B 455 -5.48 -73.04 52.99
C GLU B 455 -5.47 -71.57 52.56
N GLY B 456 -5.47 -70.68 53.55
CA GLY B 456 -5.73 -69.27 53.28
C GLY B 456 -4.79 -68.58 52.31
N MET B 457 -5.27 -68.33 51.09
CA MET B 457 -4.64 -67.42 50.13
C MET B 457 -5.70 -66.81 49.24
N PRO B 458 -6.16 -65.60 49.52
CA PRO B 458 -7.27 -65.04 48.77
C PRO B 458 -6.85 -64.54 47.41
N ARG B 459 -7.85 -64.30 46.58
CA ARG B 459 -7.56 -63.83 45.23
C ARG B 459 -7.18 -62.36 45.28
N ARG B 460 -6.53 -61.92 44.20
CA ARG B 460 -6.18 -60.52 43.96
C ARG B 460 -5.11 -60.00 44.91
N TYR B 461 -4.20 -60.86 45.37
CA TYR B 461 -3.00 -60.43 46.09
C TYR B 461 -1.82 -60.34 45.14
N ALA B 462 -1.08 -59.23 45.24
CA ALA B 462 0.14 -59.05 44.47
C ALA B 462 1.38 -59.59 45.18
N ASP B 463 1.34 -59.70 46.51
CA ASP B 463 2.50 -60.17 47.26
C ASP B 463 2.06 -61.01 48.44
N TYR B 464 3.02 -61.76 48.96
CA TYR B 464 2.84 -62.56 50.17
C TYR B 464 4.20 -62.71 50.84
N LEU B 465 4.20 -63.27 52.02
CA LEU B 465 5.42 -63.35 52.81
C LEU B 465 6.04 -64.74 52.72
N PRO B 466 7.36 -64.86 52.88
CA PRO B 466 7.97 -66.19 52.88
C PRO B 466 7.58 -67.03 54.08
N THR B 467 7.23 -66.40 55.20
CA THR B 467 6.82 -67.15 56.38
C THR B 467 5.53 -67.92 56.13
N ASP B 468 4.66 -67.40 55.27
CA ASP B 468 3.50 -68.14 54.82
C ASP B 468 3.95 -69.39 54.08
N GLY B 469 3.02 -70.31 53.88
CA GLY B 469 3.26 -71.48 53.06
C GLY B 469 3.20 -71.12 51.59
N PHE B 470 2.77 -72.09 50.80
CA PHE B 470 2.43 -71.92 49.39
C PHE B 470 3.40 -71.01 48.63
N THR B 471 4.65 -71.44 48.58
CA THR B 471 5.61 -70.86 47.65
C THR B 471 6.08 -71.83 46.59
N THR B 472 5.82 -73.13 46.75
CA THR B 472 6.14 -74.09 45.70
C THR B 472 4.98 -74.24 44.73
N LEU B 473 3.76 -74.16 45.24
CA LEU B 473 2.59 -74.28 44.39
C LEU B 473 2.51 -73.14 43.39
N ASN B 474 2.93 -71.94 43.79
CA ASN B 474 2.97 -70.82 42.86
C ASN B 474 4.00 -71.06 41.76
N VAL B 475 5.12 -71.71 42.11
CA VAL B 475 6.13 -72.03 41.10
C VAL B 475 5.61 -73.06 40.11
N ILE B 476 4.91 -74.08 40.61
CA ILE B 476 4.31 -75.06 39.71
C ILE B 476 3.29 -74.40 38.80
N SER B 477 2.49 -73.50 39.35
CA SER B 477 1.47 -72.82 38.54
C SER B 477 2.10 -71.94 37.47
N THR B 478 3.20 -71.26 37.78
CA THR B 478 3.80 -70.41 36.77
C THR B 478 4.53 -71.22 35.70
N VAL B 479 5.10 -72.36 36.07
CA VAL B 479 5.64 -73.27 35.06
C VAL B 479 4.53 -73.71 34.11
N GLY B 480 3.38 -74.10 34.67
CA GLY B 480 2.26 -74.48 33.82
C GLY B 480 1.78 -73.33 32.93
N ALA B 481 1.76 -72.12 33.46
CA ALA B 481 1.33 -70.98 32.66
C ALA B 481 2.28 -70.75 31.49
N PHE B 482 3.58 -70.94 31.71
CA PHE B 482 4.51 -70.76 30.60
C PHE B 482 4.39 -71.89 29.57
N ILE B 483 4.07 -73.10 30.02
CA ILE B 483 3.80 -74.16 29.04
C ILE B 483 2.58 -73.81 28.21
N LEU B 484 1.51 -73.33 28.85
CA LEU B 484 0.33 -72.90 28.12
C LEU B 484 0.65 -71.79 27.14
N GLY B 485 1.54 -70.88 27.52
CA GLY B 485 1.91 -69.80 26.63
C GLY B 485 2.68 -70.28 25.41
N VAL B 486 3.61 -71.22 25.62
CA VAL B 486 4.33 -71.77 24.48
C VAL B 486 3.44 -72.64 23.60
N SER B 487 2.33 -73.16 24.13
CA SER B 487 1.50 -74.06 23.35
C SER B 487 0.78 -73.39 22.18
N MET B 488 0.87 -72.07 22.02
CA MET B 488 0.14 -71.39 20.96
C MET B 488 0.91 -71.26 19.66
N LEU B 489 2.22 -71.52 19.66
CA LEU B 489 2.98 -71.41 18.43
C LEU B 489 2.57 -72.44 17.38
N PRO B 490 2.39 -73.73 17.70
CA PRO B 490 1.96 -74.67 16.66
C PRO B 490 0.65 -74.28 15.99
N PHE B 491 -0.29 -73.73 16.74
CA PHE B 491 -1.60 -73.39 16.15
C PHE B 491 -1.47 -72.26 15.13
N VAL B 492 -0.77 -71.17 15.50
CA VAL B 492 -0.66 -70.06 14.58
C VAL B 492 0.23 -70.43 13.40
N TRP B 493 1.25 -71.26 13.61
CA TRP B 493 2.04 -71.72 12.48
C TRP B 493 1.22 -72.57 11.54
N ASN B 494 0.39 -73.46 12.09
CA ASN B 494 -0.47 -74.29 11.27
C ASN B 494 -1.46 -73.46 10.47
N VAL B 495 -2.04 -72.44 11.08
CA VAL B 495 -3.01 -71.62 10.36
C VAL B 495 -2.30 -70.76 9.31
N PHE B 496 -1.10 -70.27 9.61
CA PHE B 496 -0.39 -69.44 8.66
C PHE B 496 0.05 -70.25 7.45
N LYS B 497 0.47 -71.49 7.65
CA LYS B 497 0.91 -72.30 6.50
C LYS B 497 -0.27 -72.90 5.75
N SER B 498 -1.27 -73.41 6.45
CA SER B 498 -2.34 -74.18 5.82
C SER B 498 -3.38 -73.32 5.13
N TRP B 499 -3.36 -72.01 5.32
CA TRP B 499 -4.32 -71.18 4.61
C TRP B 499 -3.98 -71.04 3.14
N ARG B 500 -2.69 -70.97 2.82
CA ARG B 500 -2.21 -70.79 1.45
C ARG B 500 -1.78 -72.11 0.81
N TYR B 501 -0.92 -72.85 1.46
CA TYR B 501 -0.60 -74.20 1.06
C TYR B 501 -1.51 -75.15 1.83
N GLY B 502 -1.21 -76.44 1.77
CA GLY B 502 -2.05 -77.36 2.50
C GLY B 502 -2.98 -78.08 1.55
N GLU B 503 -3.24 -79.35 1.84
CA GLU B 503 -4.03 -80.22 0.98
C GLU B 503 -5.38 -79.63 0.63
N PRO B 504 -5.64 -79.33 -0.65
CA PRO B 504 -6.94 -78.76 -1.02
C PRO B 504 -8.07 -79.77 -0.89
N VAL B 505 -9.28 -79.23 -0.82
CA VAL B 505 -10.50 -80.02 -0.71
C VAL B 505 -11.31 -79.78 -1.98
N THR B 506 -11.48 -80.82 -2.78
CA THR B 506 -12.23 -80.72 -4.03
C THR B 506 -13.57 -81.41 -3.96
N VAL B 507 -14.06 -81.71 -2.75
CA VAL B 507 -15.31 -82.42 -2.56
C VAL B 507 -16.13 -81.71 -1.49
N ASP B 508 -17.40 -82.11 -1.39
CA ASP B 508 -18.19 -81.76 -0.22
C ASP B 508 -17.82 -82.70 0.91
N ASP B 509 -18.09 -82.25 2.13
CA ASP B 509 -18.02 -83.12 3.31
C ASP B 509 -16.66 -83.81 3.41
N PRO B 510 -15.58 -83.09 3.73
CA PRO B 510 -14.28 -83.77 3.91
C PRO B 510 -14.27 -84.70 5.10
N TRP B 511 -15.09 -84.45 6.11
CA TRP B 511 -15.33 -85.40 7.19
C TRP B 511 -16.59 -86.16 6.82
N GLY B 512 -16.42 -87.35 6.23
CA GLY B 512 -17.55 -88.14 5.79
C GLY B 512 -18.58 -88.37 6.88
N TYR B 513 -19.80 -88.71 6.50
CA TYR B 513 -20.89 -88.94 7.45
C TYR B 513 -21.26 -87.64 8.17
N GLY B 514 -21.39 -86.56 7.40
CA GLY B 514 -21.80 -85.28 7.95
C GLY B 514 -23.29 -85.06 7.91
N ASN B 515 -23.73 -84.02 8.63
CA ASN B 515 -25.13 -83.66 8.72
C ASN B 515 -25.32 -82.18 8.46
N SER B 516 -26.50 -81.65 8.81
CA SER B 516 -26.72 -80.24 9.08
C SER B 516 -26.77 -79.35 7.84
N LEU B 517 -26.90 -79.89 6.64
CA LEU B 517 -27.20 -79.15 5.41
C LEU B 517 -26.09 -78.20 4.99
N GLU B 518 -25.03 -78.05 5.78
CA GLU B 518 -23.88 -77.26 5.37
C GLU B 518 -22.86 -78.10 4.62
N TRP B 519 -22.86 -79.41 4.81
CA TRP B 519 -22.03 -80.33 4.07
C TRP B 519 -22.70 -80.83 2.82
N ALA B 520 -23.66 -80.06 2.29
CA ALA B 520 -24.32 -80.36 1.03
C ALA B 520 -24.11 -79.25 0.01
N THR B 521 -23.12 -78.38 0.23
CA THR B 521 -22.80 -77.31 -0.70
C THR B 521 -21.30 -77.27 -0.86
N SER B 522 -20.85 -76.70 -1.97
CA SER B 522 -19.43 -76.72 -2.33
C SER B 522 -18.57 -76.27 -1.16
N CYS B 523 -17.33 -76.79 -1.11
CA CYS B 523 -16.55 -76.67 0.12
C CYS B 523 -16.27 -75.21 0.47
N PRO B 524 -15.74 -74.37 -0.42
CA PRO B 524 -15.95 -72.93 -0.27
C PRO B 524 -17.29 -72.55 -0.87
N PRO B 525 -18.28 -72.21 -0.04
CA PRO B 525 -19.61 -72.00 -0.56
C PRO B 525 -19.63 -70.79 -1.49
N PRO B 526 -20.48 -70.79 -2.50
CA PRO B 526 -20.60 -69.61 -3.36
C PRO B 526 -21.30 -68.47 -2.64
N ARG B 527 -21.26 -67.31 -3.26
CA ARG B 527 -22.10 -66.22 -2.80
C ARG B 527 -23.55 -66.65 -2.87
N HIS B 528 -24.28 -66.47 -1.77
CA HIS B 528 -25.66 -66.91 -1.55
C HIS B 528 -25.74 -68.39 -1.21
N ASN B 529 -24.60 -69.05 -1.04
CA ASN B 529 -24.45 -70.28 -0.26
C ASN B 529 -25.02 -71.55 -0.89
N PHE B 530 -25.76 -71.44 -1.98
CA PHE B 530 -26.46 -72.63 -2.46
C PHE B 530 -26.71 -72.56 -3.94
N THR B 531 -26.49 -73.68 -4.63
CA THR B 531 -26.88 -73.86 -6.02
C THR B 531 -28.02 -74.85 -6.18
N GLU B 532 -28.34 -75.62 -5.15
CA GLU B 532 -29.51 -76.50 -5.13
C GLU B 532 -29.69 -77.00 -3.72
N LEU B 533 -30.93 -77.33 -3.37
CA LEU B 533 -31.23 -77.82 -2.05
C LEU B 533 -31.74 -79.26 -2.13
N PRO B 534 -31.47 -80.08 -1.12
CA PRO B 534 -32.06 -81.41 -1.07
C PRO B 534 -33.40 -81.41 -0.36
N ARG B 535 -34.14 -82.50 -0.56
CA ARG B 535 -35.41 -82.66 0.12
C ARG B 535 -35.17 -82.98 1.59
N ILE B 536 -35.84 -82.23 2.47
CA ILE B 536 -35.58 -82.29 3.90
C ILE B 536 -36.68 -83.11 4.57
N ARG B 537 -36.28 -84.19 5.24
CA ARG B 537 -37.22 -85.05 5.94
C ARG B 537 -36.88 -85.29 7.40
N SER B 538 -35.62 -85.12 7.81
CA SER B 538 -35.19 -85.34 9.18
C SER B 538 -34.19 -84.26 9.54
N GLU B 539 -33.46 -84.46 10.62
CA GLU B 539 -32.42 -83.53 11.04
C GLU B 539 -31.04 -83.92 10.54
N ARG B 540 -30.95 -84.93 9.68
CA ARG B 540 -29.69 -85.31 9.03
C ARG B 540 -29.88 -85.33 7.51
N PRO B 541 -30.12 -84.17 6.90
CA PRO B 541 -30.43 -84.18 5.47
C PRO B 541 -29.25 -84.53 4.58
N ALA B 542 -28.05 -84.04 4.91
CA ALA B 542 -26.89 -84.35 4.08
C ALA B 542 -26.54 -85.83 4.17
N PHE B 543 -26.71 -86.43 5.35
CA PHE B 543 -26.44 -87.86 5.50
C PHE B 543 -27.37 -88.69 4.63
N GLU B 544 -28.66 -88.33 4.60
CA GLU B 544 -29.59 -89.05 3.75
C GLU B 544 -29.40 -88.71 2.29
N LEU B 545 -28.75 -87.59 1.98
CA LEU B 545 -28.46 -87.28 0.58
C LEU B 545 -27.29 -88.08 0.07
N HIS B 546 -26.24 -88.24 0.87
CA HIS B 546 -25.05 -88.94 0.41
C HIS B 546 -25.15 -90.45 0.57
N TYR B 547 -26.07 -90.95 1.39
CA TYR B 547 -26.25 -92.38 1.61
C TYR B 547 -27.74 -92.69 1.53
N PRO B 548 -28.29 -92.74 0.31
CA PRO B 548 -29.73 -92.98 0.17
C PRO B 548 -30.16 -94.37 0.56
N HIS B 549 -29.25 -95.34 0.63
CA HIS B 549 -29.57 -96.70 1.02
C HIS B 549 -29.64 -96.88 2.53
N MET B 550 -29.81 -95.80 3.27
CA MET B 550 -29.73 -95.83 4.72
C MET B 550 -31.00 -95.35 5.41
N VAL B 551 -31.96 -94.79 4.68
CA VAL B 551 -33.14 -94.23 5.33
C VAL B 551 -34.00 -95.32 5.94
N GLU B 552 -34.07 -96.49 5.28
CA GLU B 552 -34.87 -97.58 5.83
C GLU B 552 -34.32 -98.04 7.17
N ARG B 553 -32.99 -98.10 7.28
CA ARG B 553 -32.33 -98.53 8.50
C ARG B 553 -32.32 -97.43 9.54
N MET B 554 -32.38 -96.17 9.12
CA MET B 554 -32.44 -95.08 10.08
C MET B 554 -33.83 -94.93 10.68
N ARG B 555 -34.86 -95.27 9.90
CA ARG B 555 -36.22 -95.20 10.43
C ARG B 555 -36.62 -96.49 11.15
N ALA B 556 -36.01 -97.62 10.80
CA ALA B 556 -36.41 -98.88 11.41
C ALA B 556 -35.94 -98.99 12.85
N GLU B 557 -34.65 -98.80 13.09
CA GLU B 557 -34.03 -99.06 14.39
C GLU B 557 -33.70 -97.79 15.16
N ALA B 558 -34.57 -96.79 15.06
CA ALA B 558 -34.34 -95.51 15.73
C ALA B 558 -34.89 -95.46 17.15
N HIS B 559 -35.35 -96.58 17.71
CA HIS B 559 -35.99 -96.56 19.02
C HIS B 559 -35.58 -97.72 19.93
N VAL B 560 -34.46 -98.39 19.63
CA VAL B 560 -34.03 -99.50 20.47
C VAL B 560 -33.50 -98.98 21.80
N GLY B 561 -32.44 -98.18 21.74
CA GLY B 561 -31.85 -97.61 22.95
C GLY B 561 -31.20 -98.64 23.84
N SER C 18 -42.34 -68.02 -0.33
CA SER C 18 -41.25 -67.15 -0.78
C SER C 18 -41.08 -65.96 0.14
N LEU C 19 -41.97 -64.98 0.00
CA LEU C 19 -41.87 -63.75 0.77
C LEU C 19 -42.33 -63.92 2.22
N ASN C 20 -42.86 -65.08 2.58
CA ASN C 20 -43.17 -65.49 3.96
C ASN C 20 -43.82 -64.37 4.76
N ARG C 21 -45.08 -64.07 4.44
CA ARG C 21 -45.89 -62.89 4.75
C ARG C 21 -45.57 -62.19 6.07
N PRO C 22 -45.37 -62.90 7.19
CA PRO C 22 -44.91 -62.20 8.41
C PRO C 22 -43.69 -61.35 8.13
N ASN C 23 -43.86 -60.03 8.28
CA ASN C 23 -42.83 -59.08 7.90
C ASN C 23 -41.59 -59.21 8.77
N MET C 24 -40.46 -58.78 8.23
CA MET C 24 -39.18 -58.94 8.91
C MET C 24 -38.86 -57.74 9.79
N VAL C 25 -39.08 -56.54 9.25
CA VAL C 25 -38.84 -55.30 10.00
C VAL C 25 -39.69 -55.28 11.27
N SER C 26 -40.90 -55.82 11.20
CA SER C 26 -41.78 -55.84 12.36
C SER C 26 -41.18 -56.68 13.49
N VAL C 27 -40.70 -57.87 13.17
CA VAL C 27 -40.09 -58.73 14.17
C VAL C 27 -38.87 -58.07 14.78
N GLY C 28 -38.02 -57.49 13.92
CA GLY C 28 -36.84 -56.80 14.44
C GLY C 28 -37.20 -55.70 15.42
N THR C 29 -38.15 -54.85 15.04
CA THR C 29 -38.52 -53.72 15.89
C THR C 29 -39.13 -54.21 17.20
N ILE C 30 -39.92 -55.28 17.15
CA ILE C 30 -40.55 -55.79 18.37
C ILE C 30 -39.50 -56.28 19.35
N VAL C 31 -38.55 -57.09 18.88
CA VAL C 31 -37.56 -57.63 19.81
C VAL C 31 -36.70 -56.50 20.39
N TRP C 32 -36.35 -55.51 19.55
CA TRP C 32 -35.56 -54.42 20.08
C TRP C 32 -36.35 -53.60 21.12
N LEU C 33 -37.66 -53.44 20.91
CA LEU C 33 -38.46 -52.71 21.89
C LEU C 33 -38.49 -53.44 23.22
N SER C 34 -38.52 -54.77 23.18
CA SER C 34 -38.44 -55.53 24.43
C SER C 34 -37.12 -55.26 25.15
N SER C 35 -36.01 -55.26 24.43
CA SER C 35 -34.73 -54.95 25.08
C SER C 35 -34.75 -53.55 25.73
N GLU C 36 -35.31 -52.56 25.03
CA GLU C 36 -35.38 -51.23 25.62
C GLU C 36 -36.24 -51.20 26.87
N LEU C 37 -37.30 -52.02 26.90
CA LEU C 37 -38.08 -52.17 28.12
C LEU C 37 -37.20 -52.66 29.26
N MET C 38 -36.26 -53.57 28.99
CA MET C 38 -35.36 -54.02 30.05
C MET C 38 -34.46 -52.90 30.54
N PHE C 39 -34.01 -52.04 29.63
CA PHE C 39 -33.25 -50.85 30.04
C PHE C 39 -34.04 -50.02 31.04
N PHE C 40 -35.29 -49.72 30.71
CA PHE C 40 -36.11 -48.94 31.64
C PHE C 40 -36.38 -49.70 32.93
N ALA C 41 -36.35 -51.03 32.88
CA ALA C 41 -36.43 -51.82 34.11
C ALA C 41 -35.28 -51.49 35.04
N GLY C 42 -34.06 -51.45 34.49
CA GLY C 42 -32.92 -51.06 35.29
C GLY C 42 -33.10 -49.69 35.94
N LEU C 43 -33.59 -48.73 35.16
CA LEU C 43 -33.81 -47.39 35.72
C LEU C 43 -34.86 -47.40 36.85
N PHE C 44 -35.96 -48.13 36.65
CA PHE C 44 -36.98 -48.23 37.68
C PHE C 44 -36.41 -48.84 38.96
N ALA C 45 -35.61 -49.89 38.83
CA ALA C 45 -35.01 -50.50 40.00
C ALA C 45 -34.10 -49.53 40.73
N MET C 46 -33.39 -48.69 39.98
CA MET C 46 -32.65 -47.60 40.64
C MET C 46 -33.58 -46.71 41.44
N TYR C 47 -34.74 -46.38 40.89
CA TYR C 47 -35.62 -45.43 41.58
C TYR C 47 -36.24 -46.01 42.84
N PHE C 48 -36.66 -47.28 42.80
CA PHE C 48 -37.44 -47.82 43.91
C PHE C 48 -36.60 -47.98 45.17
N THR C 49 -35.40 -48.56 45.04
CA THR C 49 -34.41 -48.40 46.09
C THR C 49 -34.09 -46.92 46.24
N ALA C 50 -33.67 -46.54 47.45
CA ALA C 50 -33.47 -45.17 47.89
C ALA C 50 -34.79 -44.45 48.12
N ARG C 51 -35.92 -45.08 47.82
CA ARG C 51 -37.21 -44.64 48.32
C ARG C 51 -37.65 -45.39 49.55
N ALA C 52 -37.25 -46.66 49.67
CA ALA C 52 -37.46 -47.41 50.90
C ALA C 52 -36.48 -46.99 51.99
N GLN C 53 -35.47 -46.19 51.67
CA GLN C 53 -34.52 -45.70 52.65
C GLN C 53 -34.99 -44.41 53.31
N ALA C 54 -35.25 -43.39 52.50
CA ALA C 54 -35.74 -42.12 53.03
C ALA C 54 -37.11 -42.32 53.68
N GLY C 55 -37.16 -42.18 55.01
CA GLY C 55 -38.38 -42.40 55.76
C GLY C 55 -39.16 -41.12 55.97
N GLY C 56 -40.48 -41.25 56.00
CA GLY C 56 -41.33 -40.09 56.21
C GLY C 56 -41.53 -39.33 54.93
N ALA C 57 -41.38 -38.01 55.00
CA ALA C 57 -41.55 -37.17 53.82
C ALA C 57 -40.36 -37.36 52.89
N TRP C 58 -40.36 -38.48 52.18
CA TRP C 58 -39.20 -38.87 51.38
C TRP C 58 -38.93 -37.92 50.21
N PRO C 59 -39.90 -37.20 49.67
CA PRO C 59 -39.55 -36.01 48.89
C PRO C 59 -39.19 -34.87 49.81
N PRO C 60 -37.92 -34.49 49.87
CA PRO C 60 -37.49 -33.48 50.85
C PRO C 60 -38.27 -32.18 50.67
N GLU C 61 -38.21 -31.35 51.70
CA GLU C 61 -39.08 -30.18 51.74
C GLU C 61 -38.89 -29.21 50.57
N PRO C 62 -37.67 -28.93 50.07
CA PRO C 62 -37.55 -27.96 48.98
C PRO C 62 -38.18 -28.39 47.66
N THR C 63 -38.75 -29.58 47.54
CA THR C 63 -39.37 -30.00 46.29
C THR C 63 -40.89 -30.05 46.43
N GLU C 64 -41.58 -29.49 45.42
CA GLU C 64 -43.01 -29.58 45.32
C GLU C 64 -43.37 -29.79 43.85
N LEU C 65 -43.99 -30.93 43.55
CA LEU C 65 -44.30 -31.31 42.17
C LEU C 65 -45.55 -30.58 41.72
N ASN C 66 -45.39 -29.61 40.83
CA ASN C 66 -46.52 -28.85 40.30
C ASN C 66 -47.35 -29.77 39.41
N LEU C 67 -48.51 -30.17 39.90
CA LEU C 67 -49.37 -31.06 39.13
C LEU C 67 -50.15 -30.34 38.04
N ALA C 68 -50.29 -29.02 38.13
CA ALA C 68 -51.07 -28.27 37.16
C ALA C 68 -50.45 -28.25 35.78
N LEU C 69 -49.22 -28.74 35.65
CA LEU C 69 -48.54 -28.78 34.36
C LEU C 69 -48.10 -30.18 33.95
N ALA C 70 -48.09 -31.13 34.89
CA ALA C 70 -47.77 -32.51 34.54
C ALA C 70 -48.90 -33.22 33.82
N VAL C 71 -50.15 -32.80 34.03
CA VAL C 71 -51.31 -33.44 33.43
C VAL C 71 -51.47 -33.01 31.97
N PRO C 72 -51.39 -31.71 31.64
CA PRO C 72 -51.55 -31.33 30.23
C PRO C 72 -50.58 -32.01 29.28
N VAL C 73 -49.31 -32.15 29.66
CA VAL C 73 -48.34 -32.77 28.78
C VAL C 73 -48.65 -34.25 28.61
N THR C 74 -49.10 -34.91 29.68
CA THR C 74 -49.51 -36.30 29.56
C THR C 74 -50.67 -36.44 28.59
N LEU C 75 -51.62 -35.51 28.64
CA LEU C 75 -52.77 -35.62 27.74
C LEU C 75 -52.38 -35.32 26.30
N VAL C 76 -51.44 -34.40 26.07
CA VAL C 76 -51.04 -34.14 24.69
C VAL C 76 -50.28 -35.34 24.13
N LEU C 77 -49.50 -36.03 24.97
CA LEU C 77 -48.84 -37.24 24.50
C LEU C 77 -49.86 -38.32 24.15
N ILE C 78 -50.87 -38.50 25.02
CA ILE C 78 -51.90 -39.50 24.76
C ILE C 78 -52.64 -39.18 23.46
N ALA C 79 -52.88 -37.90 23.19
CA ALA C 79 -53.55 -37.53 21.94
C ALA C 79 -52.64 -37.75 20.73
N SER C 80 -51.34 -37.50 20.91
CA SER C 80 -50.39 -37.76 19.83
C SER C 80 -50.39 -39.24 19.44
N SER C 81 -50.65 -40.11 20.41
CA SER C 81 -50.77 -41.54 20.08
C SER C 81 -51.88 -41.78 19.05
N PHE C 82 -53.06 -41.21 19.30
CA PHE C 82 -54.17 -41.36 18.36
C PHE C 82 -53.83 -40.74 17.01
N THR C 83 -53.14 -39.60 17.02
CA THR C 83 -52.74 -38.98 15.77
C THR C 83 -51.83 -39.90 14.95
N CYS C 84 -50.85 -40.52 15.61
CA CYS C 84 -49.97 -41.44 14.91
C CYS C 84 -50.73 -42.65 14.37
N GLN C 85 -51.73 -43.12 15.12
CA GLN C 85 -52.52 -44.24 14.64
C GLN C 85 -53.33 -43.87 13.41
N MET C 86 -53.91 -42.66 13.40
CA MET C 86 -54.60 -42.21 12.20
C MET C 86 -53.64 -42.12 11.02
N GLY C 87 -52.41 -41.68 11.28
CA GLY C 87 -51.43 -41.61 10.21
C GLY C 87 -51.14 -42.97 9.61
N VAL C 88 -50.92 -43.98 10.45
CA VAL C 88 -50.62 -45.31 9.90
C VAL C 88 -51.85 -45.90 9.20
N PHE C 89 -53.06 -45.59 9.69
CA PHE C 89 -54.27 -45.98 8.98
C PHE C 89 -54.27 -45.42 7.56
N ALA C 90 -54.03 -44.11 7.43
CA ALA C 90 -53.95 -43.51 6.10
C ALA C 90 -52.78 -44.05 5.30
N ALA C 91 -51.77 -44.60 5.96
CA ALA C 91 -50.60 -45.13 5.25
C ALA C 91 -50.90 -46.47 4.61
N GLU C 92 -51.60 -47.35 5.33
CA GLU C 92 -51.77 -48.72 4.84
C GLU C 92 -52.53 -48.77 3.53
N ARG C 93 -53.32 -47.75 3.22
CA ARG C 93 -53.81 -47.54 1.86
C ARG C 93 -52.93 -46.50 1.20
N GLY C 94 -52.64 -46.70 -0.09
CA GLY C 94 -51.56 -45.98 -0.71
C GLY C 94 -51.80 -44.51 -1.02
N ASP C 95 -51.88 -43.66 0.00
CA ASP C 95 -51.87 -42.22 -0.21
C ASP C 95 -50.94 -41.58 0.80
N VAL C 96 -50.04 -40.72 0.31
CA VAL C 96 -48.97 -40.18 1.15
C VAL C 96 -49.36 -38.89 1.86
N PHE C 97 -50.28 -38.10 1.31
CA PHE C 97 -50.52 -36.78 1.85
C PHE C 97 -51.22 -36.85 3.20
N GLY C 98 -52.12 -37.81 3.38
CA GLY C 98 -52.70 -38.02 4.70
C GLY C 98 -51.65 -38.41 5.72
N LEU C 99 -50.76 -39.33 5.34
CA LEU C 99 -49.63 -39.70 6.20
C LEU C 99 -48.83 -38.47 6.60
N ARG C 100 -48.51 -37.62 5.62
CA ARG C 100 -47.70 -36.44 5.90
C ARG C 100 -48.41 -35.50 6.86
N ARG C 101 -49.70 -35.26 6.64
CA ARG C 101 -50.43 -34.34 7.52
C ARG C 101 -50.48 -34.88 8.94
N TRP C 102 -50.84 -36.15 9.11
CA TRP C 102 -50.96 -36.70 10.45
C TRP C 102 -49.61 -36.75 11.16
N TYR C 103 -48.54 -37.07 10.43
CA TYR C 103 -47.24 -37.15 11.07
C TYR C 103 -46.69 -35.77 11.40
N VAL C 104 -47.02 -34.75 10.61
CA VAL C 104 -46.64 -33.39 10.97
C VAL C 104 -47.34 -32.97 12.26
N ILE C 105 -48.63 -33.31 12.37
CA ILE C 105 -49.35 -33.00 13.61
C ILE C 105 -48.69 -33.69 14.79
N THR C 106 -48.37 -34.98 14.64
CA THR C 106 -47.75 -35.72 15.72
C THR C 106 -46.41 -35.12 16.13
N PHE C 107 -45.59 -34.74 15.14
CA PHE C 107 -44.32 -34.10 15.43
C PHE C 107 -44.50 -32.83 16.23
N LEU C 108 -45.46 -31.99 15.81
CA LEU C 108 -45.69 -30.73 16.50
C LEU C 108 -46.03 -30.96 17.96
N MET C 109 -46.98 -31.85 18.23
CA MET C 109 -47.39 -32.00 19.63
C MET C 109 -46.36 -32.74 20.47
N GLY C 110 -45.56 -33.63 19.88
CA GLY C 110 -44.44 -34.19 20.64
C GLY C 110 -43.41 -33.15 21.01
N LEU C 111 -43.12 -32.25 20.07
CA LEU C 111 -42.23 -31.12 20.37
C LEU C 111 -42.78 -30.28 21.51
N PHE C 112 -44.09 -30.04 21.50
CA PHE C 112 -44.70 -29.27 22.58
C PHE C 112 -44.56 -29.99 23.92
N PHE C 113 -44.76 -31.31 23.93
CA PHE C 113 -44.57 -32.07 25.16
C PHE C 113 -43.16 -31.90 25.71
N VAL C 114 -42.15 -32.06 24.86
CA VAL C 114 -40.79 -32.01 25.39
C VAL C 114 -40.43 -30.59 25.81
N LEU C 115 -41.00 -29.58 25.15
CA LEU C 115 -40.77 -28.20 25.58
C LEU C 115 -41.36 -27.95 26.96
N GLY C 116 -42.58 -28.44 27.20
CA GLY C 116 -43.16 -28.32 28.52
C GLY C 116 -42.33 -29.02 29.58
N GLN C 117 -41.78 -30.19 29.24
CA GLN C 117 -40.92 -30.91 30.18
C GLN C 117 -39.68 -30.10 30.52
N GLY C 118 -39.06 -29.49 29.52
CA GLY C 118 -37.91 -28.63 29.79
C GLY C 118 -38.27 -27.44 30.67
N TYR C 119 -39.46 -26.88 30.46
CA TYR C 119 -39.90 -25.77 31.30
C TYR C 119 -40.05 -26.19 32.76
N GLU C 120 -40.63 -27.39 32.98
CA GLU C 120 -40.70 -27.89 34.35
C GLU C 120 -39.32 -28.11 34.95
N TYR C 121 -38.38 -28.66 34.20
CA TYR C 121 -37.03 -28.82 34.72
C TYR C 121 -36.46 -27.49 35.17
N ILE C 122 -36.62 -26.46 34.34
CA ILE C 122 -36.06 -25.15 34.68
C ILE C 122 -36.70 -24.62 35.95
N HIS C 123 -38.03 -24.66 36.02
CA HIS C 123 -38.68 -24.11 37.20
C HIS C 123 -38.46 -24.95 38.45
N LEU C 124 -38.09 -26.22 38.29
CA LEU C 124 -37.82 -27.06 39.45
C LEU C 124 -36.41 -26.83 39.99
N VAL C 125 -35.42 -26.78 39.10
CA VAL C 125 -34.06 -26.48 39.53
C VAL C 125 -33.92 -25.05 39.99
N GLU C 126 -34.84 -24.16 39.57
CA GLU C 126 -34.75 -22.75 39.93
C GLU C 126 -34.68 -22.54 41.44
N HIS C 127 -35.54 -23.23 42.19
CA HIS C 127 -35.63 -23.02 43.63
C HIS C 127 -35.71 -24.36 44.36
N GLY C 128 -34.80 -25.28 44.04
CA GLY C 128 -34.91 -26.59 44.63
C GLY C 128 -33.98 -27.66 44.11
N THR C 129 -34.57 -28.80 43.72
CA THR C 129 -33.81 -30.01 43.42
C THR C 129 -32.73 -29.77 42.39
N THR C 130 -31.61 -30.45 42.59
CA THR C 130 -30.55 -30.57 41.61
C THR C 130 -30.06 -32.00 41.60
N ILE C 131 -29.27 -32.36 40.59
CA ILE C 131 -28.71 -33.71 40.53
C ILE C 131 -27.70 -33.89 41.67
N PRO C 132 -26.75 -32.99 41.88
CA PRO C 132 -25.82 -33.19 43.01
C PRO C 132 -26.36 -32.73 44.35
N GLY C 133 -27.59 -32.24 44.43
CA GLY C 133 -28.10 -31.70 45.66
C GLY C 133 -28.76 -32.71 46.57
N SER C 134 -29.42 -33.71 45.99
CA SER C 134 -30.20 -34.67 46.74
C SER C 134 -30.11 -36.03 46.07
N ALA C 135 -30.69 -37.04 46.73
CA ALA C 135 -30.85 -38.35 46.12
C ALA C 135 -32.15 -38.45 45.32
N TYR C 136 -33.24 -37.89 45.87
CA TYR C 136 -34.48 -37.84 45.12
C TYR C 136 -34.31 -37.04 43.83
N GLY C 137 -33.62 -35.91 43.91
CA GLY C 137 -33.37 -35.15 42.70
C GLY C 137 -32.64 -35.96 41.65
N SER C 138 -31.65 -36.74 42.09
CA SER C 138 -30.90 -37.59 41.17
C SER C 138 -31.80 -38.61 40.50
N VAL C 139 -32.55 -39.38 41.29
CA VAL C 139 -33.35 -40.44 40.70
C VAL C 139 -34.44 -39.85 39.82
N PHE C 140 -35.01 -38.71 40.20
CA PHE C 140 -36.05 -38.08 39.40
C PHE C 140 -35.50 -37.62 38.05
N TYR C 141 -34.41 -36.85 38.07
CA TYR C 141 -33.85 -36.33 36.84
C TYR C 141 -33.36 -37.46 35.94
N LEU C 142 -32.76 -38.49 36.52
CA LEU C 142 -32.24 -39.57 35.70
C LEU C 142 -33.33 -40.49 35.18
N ALA C 143 -34.49 -40.54 35.84
CA ALA C 143 -35.60 -41.32 35.31
C ALA C 143 -36.37 -40.57 34.24
N THR C 144 -36.42 -39.24 34.30
CA THR C 144 -37.17 -38.52 33.29
C THR C 144 -36.33 -38.06 32.10
N GLY C 145 -35.04 -37.79 32.29
CA GLY C 145 -34.22 -37.32 31.19
C GLY C 145 -33.98 -38.38 30.13
N PHE C 146 -33.85 -39.63 30.52
CA PHE C 146 -33.67 -40.69 29.53
C PHE C 146 -34.92 -40.87 28.69
N HIS C 147 -36.09 -40.76 29.32
CA HIS C 147 -37.32 -40.79 28.53
C HIS C 147 -37.39 -39.60 27.58
N GLY C 148 -36.96 -38.42 28.04
CA GLY C 148 -36.88 -37.29 27.14
C GLY C 148 -35.98 -37.54 25.94
N LEU C 149 -34.84 -38.20 26.18
CA LEU C 149 -33.94 -38.53 25.09
C LEU C 149 -34.60 -39.49 24.11
N HIS C 150 -35.36 -40.46 24.62
CA HIS C 150 -36.06 -41.37 23.73
C HIS C 150 -37.10 -40.63 22.90
N VAL C 151 -37.79 -39.67 23.50
CA VAL C 151 -38.77 -38.87 22.77
C VAL C 151 -38.07 -38.08 21.65
N ILE C 152 -36.90 -37.51 21.94
CA ILE C 152 -36.20 -36.74 20.92
C ILE C 152 -35.76 -37.65 19.77
N GLY C 153 -35.27 -38.85 20.09
CA GLY C 153 -34.97 -39.81 19.03
C GLY C 153 -36.19 -40.12 18.18
N GLY C 154 -37.35 -40.26 18.80
CA GLY C 154 -38.56 -40.50 18.02
C GLY C 154 -38.89 -39.36 17.09
N LEU C 155 -38.72 -38.12 17.55
CA LEU C 155 -38.93 -36.97 16.67
C LEU C 155 -37.99 -36.99 15.48
N VAL C 156 -36.71 -37.31 15.71
CA VAL C 156 -35.77 -37.37 14.61
C VAL C 156 -36.19 -38.45 13.61
N ALA C 157 -36.70 -39.57 14.12
CA ALA C 157 -37.20 -40.63 13.25
C ALA C 157 -38.35 -40.14 12.39
N PHE C 158 -39.28 -39.37 12.99
CA PHE C 158 -40.38 -38.81 12.22
C PHE C 158 -39.87 -37.95 11.06
N VAL C 159 -38.91 -37.07 11.35
CA VAL C 159 -38.39 -36.18 10.33
C VAL C 159 -37.77 -36.99 9.19
N LEU C 160 -36.95 -37.98 9.53
CA LEU C 160 -36.29 -38.78 8.51
C LEU C 160 -37.30 -39.52 7.66
N LEU C 161 -38.34 -40.08 8.28
CA LEU C 161 -39.35 -40.82 7.52
C LEU C 161 -40.08 -39.90 6.55
N LEU C 162 -40.43 -38.69 7.00
CA LEU C 162 -41.12 -37.77 6.10
C LEU C 162 -40.25 -37.40 4.91
N ALA C 163 -38.96 -37.13 5.14
CA ALA C 163 -38.08 -36.81 4.02
C ALA C 163 -37.98 -37.99 3.05
N ARG C 164 -37.88 -39.21 3.57
CA ARG C 164 -37.79 -40.36 2.68
C ARG C 164 -39.06 -40.55 1.86
N THR C 165 -40.22 -40.28 2.45
CA THR C 165 -41.45 -40.31 1.66
C THR C 165 -41.44 -39.22 0.59
N LYS C 166 -40.78 -38.10 0.86
CA LYS C 166 -40.73 -37.03 -0.11
C LYS C 166 -39.86 -37.40 -1.31
N MET C 167 -38.78 -38.15 -1.09
CA MET C 167 -37.75 -38.22 -2.12
C MET C 167 -37.98 -39.28 -3.20
N SER C 168 -38.99 -40.13 -3.10
CA SER C 168 -39.20 -41.12 -4.17
C SER C 168 -40.65 -41.61 -4.14
N LYS C 169 -40.90 -42.70 -4.86
CA LYS C 169 -42.24 -43.20 -5.06
C LYS C 169 -42.70 -44.04 -3.86
N PHE C 170 -44.01 -44.02 -3.62
CA PHE C 170 -44.58 -44.73 -2.48
C PHE C 170 -44.80 -46.19 -2.82
N THR C 171 -44.13 -47.07 -2.09
CA THR C 171 -44.19 -48.52 -2.25
C THR C 171 -44.43 -49.15 -0.89
N PRO C 172 -44.71 -50.46 -0.84
CA PRO C 172 -44.95 -51.11 0.46
C PRO C 172 -43.84 -50.92 1.49
N ALA C 173 -42.58 -50.79 1.07
CA ALA C 173 -41.50 -50.61 2.03
C ALA C 173 -41.71 -49.36 2.87
N GLN C 174 -42.19 -48.27 2.24
CA GLN C 174 -42.49 -47.05 2.98
C GLN C 174 -43.59 -47.29 4.00
N ALA C 175 -44.60 -48.07 3.63
CA ALA C 175 -45.67 -48.38 4.57
C ALA C 175 -45.13 -49.16 5.77
N THR C 176 -44.22 -50.09 5.53
CA THR C 176 -43.64 -50.85 6.64
C THR C 176 -42.85 -49.95 7.56
N ALA C 177 -42.05 -49.05 6.99
CA ALA C 177 -41.30 -48.09 7.81
C ALA C 177 -42.24 -47.26 8.67
N ALA C 178 -43.32 -46.76 8.06
CA ALA C 178 -44.28 -45.95 8.80
C ALA C 178 -44.88 -46.75 9.97
N ILE C 179 -45.24 -48.00 9.72
CA ILE C 179 -45.86 -48.81 10.76
C ILE C 179 -44.91 -49.02 11.93
N VAL C 180 -43.65 -49.36 11.64
CA VAL C 180 -42.73 -49.68 12.73
C VAL C 180 -42.40 -48.43 13.54
N VAL C 181 -42.24 -47.28 12.88
CA VAL C 181 -42.03 -46.04 13.61
C VAL C 181 -43.24 -45.74 14.49
N SER C 182 -44.44 -45.97 13.95
CA SER C 182 -45.66 -45.72 14.70
C SER C 182 -45.67 -46.49 16.01
N TYR C 183 -45.45 -47.80 15.97
CA TYR C 183 -45.61 -48.47 17.24
C TYR C 183 -44.38 -48.39 18.14
N TYR C 184 -43.21 -48.01 17.62
CA TYR C 184 -42.16 -47.55 18.54
C TYR C 184 -42.64 -46.36 19.34
N TRP C 185 -43.27 -45.41 18.67
CA TRP C 185 -43.80 -44.24 19.37
C TRP C 185 -44.88 -44.63 20.38
N HIS C 186 -45.72 -45.61 20.04
CA HIS C 186 -46.70 -46.09 21.01
C HIS C 186 -46.02 -46.67 22.25
N PHE C 187 -44.92 -47.41 22.05
CA PHE C 187 -44.17 -47.93 23.18
C PHE C 187 -43.69 -46.81 24.10
N VAL C 188 -43.07 -45.79 23.52
CA VAL C 188 -42.52 -44.70 24.35
C VAL C 188 -43.67 -44.03 25.10
N ASP C 189 -44.83 -43.90 24.46
CA ASP C 189 -45.98 -43.28 25.11
C ASP C 189 -46.42 -44.07 26.34
N ILE C 190 -46.58 -45.38 26.20
CA ILE C 190 -47.10 -46.13 27.34
C ILE C 190 -46.06 -46.22 28.45
N VAL C 191 -44.77 -46.26 28.11
CA VAL C 191 -43.79 -46.28 29.19
C VAL C 191 -43.78 -44.94 29.92
N TRP C 192 -44.09 -43.84 29.23
CA TRP C 192 -44.25 -42.58 29.93
C TRP C 192 -45.46 -42.62 30.86
N ILE C 193 -46.55 -43.24 30.42
CA ILE C 193 -47.71 -43.38 31.28
C ILE C 193 -47.31 -44.05 32.59
N ALA C 194 -46.53 -45.13 32.48
CA ALA C 194 -46.10 -45.85 33.67
C ALA C 194 -45.22 -44.97 34.56
N LEU C 195 -44.23 -44.30 33.97
CA LEU C 195 -43.35 -43.42 34.75
C LEU C 195 -44.14 -42.36 35.49
N PHE C 196 -45.10 -41.73 34.82
CA PHE C 196 -45.87 -40.65 35.41
C PHE C 196 -46.72 -41.16 36.55
N ALA C 197 -47.44 -42.27 36.33
CA ALA C 197 -48.27 -42.83 37.39
C ALA C 197 -47.45 -43.26 38.60
N THR C 198 -46.18 -43.64 38.38
CA THR C 198 -45.36 -44.03 39.51
C THR C 198 -44.82 -42.81 40.26
N ILE C 199 -44.39 -41.78 39.54
CA ILE C 199 -43.71 -40.66 40.19
C ILE C 199 -44.70 -39.72 40.85
N TYR C 200 -45.77 -39.35 40.14
CA TYR C 200 -46.60 -38.24 40.61
C TYR C 200 -47.72 -38.67 41.54
N PHE C 201 -48.30 -39.85 41.36
CA PHE C 201 -49.48 -40.25 42.12
C PHE C 201 -49.16 -41.17 43.30
N VAL C 202 -48.31 -42.18 43.10
CA VAL C 202 -47.96 -43.07 44.19
C VAL C 202 -47.06 -42.35 45.19
N ARG C 203 -46.02 -41.69 44.70
CA ARG C 203 -45.06 -40.97 45.55
C ARG C 203 -44.45 -41.89 46.60
N MET D 1 -46.76 -68.59 12.68
CA MET D 1 -45.78 -69.38 13.42
C MET D 1 -46.32 -69.82 14.77
N HIS D 2 -46.36 -71.13 14.99
CA HIS D 2 -47.01 -71.69 16.17
C HIS D 2 -46.05 -72.11 17.28
N ILE D 3 -44.82 -72.48 16.93
CA ILE D 3 -43.92 -73.01 17.96
C ILE D 3 -43.18 -71.89 18.69
N GLU D 4 -42.87 -70.80 17.99
CA GLU D 4 -42.21 -69.67 18.63
C GLU D 4 -43.11 -69.07 19.70
N ALA D 5 -44.39 -68.90 19.39
CA ALA D 5 -45.33 -68.38 20.37
C ALA D 5 -45.39 -69.26 21.60
N ARG D 6 -45.39 -70.59 21.39
CA ARG D 6 -45.46 -71.51 22.52
C ARG D 6 -44.20 -71.42 23.38
N LEU D 7 -43.03 -71.28 22.74
CA LEU D 7 -41.79 -71.09 23.48
C LEU D 7 -41.87 -69.85 24.36
N PHE D 8 -42.30 -68.73 23.79
CA PHE D 8 -42.35 -67.50 24.57
C PHE D 8 -43.40 -67.58 25.67
N GLU D 9 -44.50 -68.27 25.43
CA GLU D 9 -45.49 -68.45 26.51
C GLU D 9 -44.94 -69.27 27.65
N ILE D 10 -44.19 -70.34 27.36
CA ILE D 10 -43.56 -71.12 28.43
C ILE D 10 -42.63 -70.23 29.25
N LEU D 11 -41.78 -69.47 28.56
CA LEU D 11 -40.83 -68.61 29.28
C LEU D 11 -41.56 -67.59 30.14
N THR D 12 -42.61 -66.97 29.60
CA THR D 12 -43.34 -65.95 30.35
C THR D 12 -44.00 -66.54 31.58
N ALA D 13 -44.55 -67.76 31.46
CA ALA D 13 -45.19 -68.39 32.61
C ALA D 13 -44.17 -68.63 33.72
N PHE D 14 -43.02 -69.21 33.36
CA PHE D 14 -42.03 -69.48 34.39
C PHE D 14 -41.53 -68.20 35.03
N PHE D 15 -41.28 -67.16 34.24
CA PHE D 15 -40.76 -65.92 34.81
C PHE D 15 -41.75 -65.27 35.75
N ALA D 16 -43.04 -65.27 35.38
CA ALA D 16 -44.04 -64.69 36.28
C ALA D 16 -44.12 -65.47 37.59
N LEU D 17 -44.08 -66.81 37.50
CA LEU D 17 -44.09 -67.62 38.71
C LEU D 17 -42.92 -67.26 39.62
N ALA D 18 -41.71 -67.21 39.04
CA ALA D 18 -40.53 -66.92 39.85
C ALA D 18 -40.60 -65.53 40.48
N ALA D 19 -41.08 -64.54 39.71
CA ALA D 19 -41.18 -63.19 40.24
C ALA D 19 -42.12 -63.13 41.44
N VAL D 20 -43.30 -63.72 41.31
CA VAL D 20 -44.26 -63.67 42.42
C VAL D 20 -43.71 -64.41 43.63
N VAL D 21 -43.08 -65.57 43.41
CA VAL D 21 -42.56 -66.35 44.53
C VAL D 21 -41.48 -65.56 45.26
N TYR D 22 -40.55 -64.96 44.51
CA TYR D 22 -39.49 -64.17 45.13
C TYR D 22 -40.05 -63.00 45.91
N ALA D 23 -41.02 -62.29 45.34
CA ALA D 23 -41.60 -61.14 46.02
C ALA D 23 -42.24 -61.55 47.35
N VAL D 24 -43.05 -62.61 47.34
CA VAL D 24 -43.75 -62.98 48.57
C VAL D 24 -42.84 -63.70 49.56
N LEU D 25 -41.71 -64.25 49.09
CA LEU D 25 -40.78 -64.88 50.03
C LEU D 25 -39.82 -63.88 50.64
N THR D 26 -39.59 -62.75 49.99
CA THR D 26 -38.79 -61.70 50.60
C THR D 26 -39.63 -60.67 51.34
N ALA D 27 -40.96 -60.65 51.12
CA ALA D 27 -41.81 -59.81 51.96
C ALA D 27 -41.72 -60.26 53.42
N MET D 28 -41.67 -61.56 53.65
CA MET D 28 -41.36 -62.13 54.95
C MET D 28 -39.94 -62.69 54.91
N PHE D 29 -39.48 -63.20 56.05
CA PHE D 29 -38.24 -63.96 56.12
C PHE D 29 -37.00 -63.18 55.69
N ALA D 30 -37.14 -61.90 55.38
CA ALA D 30 -36.03 -61.09 54.91
C ALA D 30 -35.67 -60.04 55.94
N THR D 31 -34.46 -59.48 55.78
CA THR D 31 -33.95 -58.53 56.76
C THR D 31 -34.74 -57.24 56.76
N GLY D 32 -34.89 -56.62 55.59
CA GLY D 32 -35.57 -55.34 55.48
C GLY D 32 -36.86 -55.33 54.69
N GLY D 33 -37.51 -56.47 54.50
CA GLY D 33 -38.74 -56.50 53.74
C GLY D 33 -38.50 -56.84 52.29
N VAL D 34 -39.37 -56.34 51.40
CA VAL D 34 -39.23 -56.66 49.98
C VAL D 34 -37.90 -56.10 49.47
N GLU D 35 -37.27 -56.87 48.58
CA GLU D 35 -35.90 -56.60 48.19
C GLU D 35 -35.80 -55.47 47.16
N TRP D 36 -36.80 -55.33 46.30
CA TRP D 36 -37.04 -54.15 45.47
C TRP D 36 -36.10 -53.97 44.29
N ALA D 37 -35.06 -54.79 44.18
CA ALA D 37 -34.15 -54.69 43.04
C ALA D 37 -34.15 -55.92 42.14
N GLY D 38 -34.34 -57.12 42.71
CA GLY D 38 -34.56 -58.28 41.89
C GLY D 38 -36.01 -58.42 41.47
N THR D 39 -36.92 -57.98 42.33
CA THR D 39 -38.34 -58.02 42.01
C THR D 39 -38.64 -57.28 40.71
N THR D 40 -38.11 -56.07 40.58
CA THR D 40 -38.38 -55.24 39.41
C THR D 40 -37.86 -55.89 38.15
N ALA D 41 -36.59 -56.32 38.17
CA ALA D 41 -36.02 -57.01 37.03
C ALA D 41 -36.85 -58.20 36.63
N LEU D 42 -37.38 -58.93 37.61
CA LEU D 42 -38.14 -60.14 37.27
C LEU D 42 -39.49 -59.79 36.64
N VAL D 43 -40.21 -58.80 37.18
CA VAL D 43 -41.49 -58.48 36.55
C VAL D 43 -41.27 -57.96 35.14
N LEU D 44 -40.19 -57.21 34.93
CA LEU D 44 -40.05 -56.62 33.61
C LEU D 44 -39.43 -57.58 32.59
N THR D 45 -38.68 -58.60 33.02
CA THR D 45 -38.35 -59.66 32.07
C THR D 45 -39.58 -60.49 31.73
N THR D 46 -40.48 -60.70 32.70
CA THR D 46 -41.78 -61.29 32.38
C THR D 46 -42.50 -60.46 31.33
N GLY D 47 -42.51 -59.14 31.49
CA GLY D 47 -43.15 -58.28 30.51
C GLY D 47 -42.52 -58.36 29.13
N LEU D 48 -41.19 -58.45 29.08
CA LEU D 48 -40.49 -58.63 27.81
C LEU D 48 -41.00 -59.86 27.07
N THR D 49 -40.89 -61.02 27.72
CA THR D 49 -41.33 -62.26 27.08
C THR D 49 -42.82 -62.20 26.75
N LEU D 50 -43.62 -61.52 27.57
CA LEU D 50 -45.05 -61.42 27.32
C LEU D 50 -45.32 -60.62 26.05
N ILE D 51 -44.65 -59.49 25.89
CA ILE D 51 -44.82 -58.68 24.68
C ILE D 51 -44.49 -59.50 23.45
N THR D 52 -43.30 -60.12 23.44
CA THR D 52 -42.91 -60.89 22.27
C THR D 52 -43.88 -62.03 21.98
N GLY D 53 -44.27 -62.78 23.01
CA GLY D 53 -45.16 -63.91 22.80
C GLY D 53 -46.52 -63.48 22.29
N THR D 54 -47.05 -62.36 22.79
CA THR D 54 -48.35 -61.89 22.35
C THR D 54 -48.31 -61.46 20.89
N PHE D 55 -47.23 -60.77 20.49
CA PHE D 55 -47.10 -60.41 19.08
C PHE D 55 -47.06 -61.64 18.19
N PHE D 56 -46.23 -62.64 18.57
CA PHE D 56 -46.17 -63.86 17.77
C PHE D 56 -47.51 -64.57 17.72
N ARG D 57 -48.27 -64.54 18.82
CA ARG D 57 -49.57 -65.20 18.86
C ARG D 57 -50.55 -64.54 17.89
N PHE D 58 -50.60 -63.20 17.90
CA PHE D 58 -51.49 -62.51 16.97
C PHE D 58 -51.10 -62.80 15.52
N VAL D 59 -49.81 -62.72 15.21
CA VAL D 59 -49.38 -62.98 13.85
C VAL D 59 -49.70 -64.41 13.43
N ALA D 60 -49.63 -65.36 14.37
CA ALA D 60 -49.96 -66.74 14.04
C ALA D 60 -51.45 -66.92 13.79
N ARG D 61 -52.29 -66.29 14.62
CA ARG D 61 -53.73 -66.40 14.41
C ARG D 61 -54.19 -65.69 13.15
N ARG D 62 -53.41 -64.73 12.64
CA ARG D 62 -53.81 -63.99 11.45
C ARG D 62 -53.14 -64.50 10.17
N LEU D 63 -52.68 -65.75 10.15
CA LEU D 63 -51.85 -66.26 9.08
C LEU D 63 -52.30 -67.64 8.64
N ASP D 64 -52.14 -67.93 7.36
CA ASP D 64 -52.35 -69.27 6.84
C ASP D 64 -51.02 -70.03 6.82
N THR D 65 -51.10 -71.35 6.67
CA THR D 65 -49.91 -72.17 6.76
C THR D 65 -48.84 -71.71 5.78
N ARG D 66 -47.58 -71.90 6.18
CA ARG D 66 -46.37 -71.46 5.53
C ARG D 66 -45.47 -72.65 5.24
N PRO D 67 -44.77 -72.66 4.10
CA PRO D 67 -43.94 -73.83 3.76
C PRO D 67 -42.92 -74.19 4.82
N GLU D 68 -42.48 -73.20 5.60
CA GLU D 68 -41.58 -73.49 6.71
C GLU D 68 -42.32 -74.18 7.85
N ASP D 69 -43.47 -73.63 8.26
CA ASP D 69 -44.24 -74.24 9.33
C ASP D 69 -44.83 -75.58 8.94
N TYR D 70 -44.91 -75.84 7.64
CA TYR D 70 -45.62 -77.00 7.13
C TYR D 70 -44.62 -78.12 6.86
N GLU D 71 -44.92 -79.30 7.38
CA GLU D 71 -44.21 -80.50 6.97
C GLU D 71 -44.74 -80.87 5.58
N ASP D 72 -44.42 -82.08 5.13
CA ASP D 72 -45.12 -82.67 4.00
C ASP D 72 -44.81 -81.92 2.71
N ALA D 73 -43.99 -80.87 2.76
CA ALA D 73 -43.82 -79.92 1.67
C ALA D 73 -42.55 -80.19 0.87
N GLU D 74 -42.49 -79.57 -0.30
CA GLU D 74 -41.41 -79.76 -1.26
C GLU D 74 -40.84 -78.39 -1.65
N ILE D 75 -39.66 -78.43 -2.28
CA ILE D 75 -38.95 -77.20 -2.60
C ILE D 75 -39.64 -76.39 -3.69
N SER D 76 -40.52 -77.00 -4.48
CA SER D 76 -41.26 -76.25 -5.48
C SER D 76 -42.32 -75.35 -4.86
N ASP D 77 -42.58 -75.48 -3.55
CA ASP D 77 -43.58 -74.65 -2.89
C ASP D 77 -43.05 -73.24 -2.65
N GLY D 78 -41.80 -73.12 -2.21
CA GLY D 78 -41.19 -71.85 -1.93
C GLY D 78 -40.60 -71.15 -3.14
N ALA D 79 -40.79 -71.71 -4.34
CA ALA D 79 -40.29 -71.07 -5.55
C ALA D 79 -40.93 -69.72 -5.74
N GLY D 80 -40.12 -68.67 -5.73
CA GLY D 80 -40.63 -67.33 -5.89
C GLY D 80 -39.56 -66.27 -5.85
N GLU D 81 -39.89 -65.11 -5.29
CA GLU D 81 -38.98 -63.97 -5.24
C GLU D 81 -38.93 -63.47 -3.80
N LEU D 82 -37.77 -63.53 -3.19
CA LEU D 82 -37.59 -63.10 -1.81
C LEU D 82 -37.54 -61.58 -1.77
N GLY D 83 -37.23 -61.03 -0.60
CA GLY D 83 -37.19 -59.60 -0.42
C GLY D 83 -35.97 -58.96 -1.04
N PHE D 84 -35.61 -57.80 -0.50
CA PHE D 84 -34.47 -57.02 -0.96
C PHE D 84 -33.39 -57.08 0.11
N PHE D 85 -32.24 -57.66 -0.25
CA PHE D 85 -31.10 -57.79 0.66
C PHE D 85 -29.99 -56.87 0.16
N ALA D 86 -29.59 -55.94 1.01
CA ALA D 86 -28.67 -54.89 0.60
C ALA D 86 -27.31 -55.47 0.23
N PRO D 87 -26.82 -55.22 -0.97
CA PRO D 87 -25.41 -55.51 -1.27
C PRO D 87 -24.51 -54.48 -0.62
N HIS D 88 -23.25 -54.45 -1.02
CA HIS D 88 -22.19 -53.63 -0.43
C HIS D 88 -22.64 -52.24 0.04
N SER D 89 -22.18 -51.84 1.23
CA SER D 89 -22.40 -50.50 1.75
C SER D 89 -21.29 -50.17 2.74
N TRP D 90 -20.92 -48.89 2.80
CA TRP D 90 -19.81 -48.45 3.65
C TRP D 90 -20.25 -47.55 4.79
N TRP D 91 -21.54 -47.35 4.99
CA TRP D 91 -22.02 -46.45 6.04
C TRP D 91 -21.87 -47.02 7.46
N PRO D 92 -21.99 -48.34 7.68
CA PRO D 92 -21.81 -48.85 9.05
C PRO D 92 -20.51 -48.45 9.72
N ILE D 93 -19.39 -48.46 9.00
CA ILE D 93 -18.12 -48.11 9.65
C ILE D 93 -18.10 -46.64 10.05
N LEU D 94 -18.74 -45.78 9.25
CA LEU D 94 -18.81 -44.37 9.62
C LEU D 94 -19.72 -44.16 10.83
N ILE D 95 -20.83 -44.89 10.89
CA ILE D 95 -21.69 -44.81 12.08
C ILE D 95 -20.91 -45.22 13.32
N SER D 96 -20.14 -46.30 13.22
CA SER D 96 -19.39 -46.77 14.38
C SER D 96 -18.32 -45.76 14.78
N LEU D 97 -17.64 -45.16 13.80
CA LEU D 97 -16.65 -44.13 14.12
C LEU D 97 -17.28 -42.95 14.83
N SER D 98 -18.45 -42.50 14.36
CA SER D 98 -19.11 -41.37 15.00
C SER D 98 -19.53 -41.70 16.42
N PHE D 99 -20.10 -42.89 16.62
CA PHE D 99 -20.51 -43.27 17.97
C PHE D 99 -19.32 -43.42 18.89
N SER D 100 -18.20 -43.91 18.38
CA SER D 100 -17.00 -44.03 19.20
C SER D 100 -16.44 -42.66 19.56
N THR D 101 -16.53 -41.70 18.64
CA THR D 101 -16.12 -40.33 18.96
C THR D 101 -16.98 -39.77 20.09
N ALA D 102 -18.29 -39.93 20.00
CA ALA D 102 -19.15 -39.44 21.07
C ALA D 102 -18.85 -40.14 22.39
N ALA D 103 -18.56 -41.44 22.35
CA ALA D 103 -18.30 -42.17 23.58
C ALA D 103 -17.01 -41.73 24.24
N VAL D 104 -15.94 -41.54 23.45
CA VAL D 104 -14.69 -41.08 24.04
C VAL D 104 -14.80 -39.64 24.49
N GLY D 105 -15.66 -38.84 23.85
CA GLY D 105 -15.93 -37.51 24.34
C GLY D 105 -16.75 -37.48 25.60
N ALA D 106 -17.50 -38.55 25.88
CA ALA D 106 -18.20 -38.64 27.15
C ALA D 106 -17.32 -39.22 28.26
N ALA D 107 -16.36 -40.08 27.91
CA ALA D 107 -15.43 -40.61 28.90
C ALA D 107 -14.62 -39.50 29.54
N LEU D 108 -13.76 -38.87 28.74
CA LEU D 108 -13.11 -37.63 29.15
C LEU D 108 -14.11 -36.50 28.99
N TRP D 109 -14.41 -35.79 30.05
CA TRP D 109 -15.53 -34.86 30.00
C TRP D 109 -15.21 -33.68 29.10
N LEU D 110 -15.58 -33.81 27.82
CA LEU D 110 -15.31 -32.78 26.80
C LEU D 110 -16.59 -32.51 26.05
N PRO D 111 -17.30 -31.42 26.36
CA PRO D 111 -18.62 -31.20 25.74
C PRO D 111 -18.55 -30.98 24.23
N TRP D 112 -17.51 -30.32 23.73
CA TRP D 112 -17.42 -30.09 22.29
C TRP D 112 -17.29 -31.39 21.53
N LEU D 113 -16.55 -32.35 22.08
CA LEU D 113 -16.42 -33.65 21.43
C LEU D 113 -17.75 -34.39 21.43
N ILE D 114 -18.54 -34.26 22.50
CA ILE D 114 -19.86 -34.89 22.54
C ILE D 114 -20.77 -34.28 21.48
N ALA D 115 -20.74 -32.95 21.35
CA ALA D 115 -21.56 -32.29 20.34
C ALA D 115 -21.17 -32.74 18.94
N ALA D 116 -19.87 -32.77 18.66
CA ALA D 116 -19.40 -33.22 17.36
C ALA D 116 -19.81 -34.66 17.09
N GLY D 117 -19.69 -35.53 18.10
CA GLY D 117 -20.09 -36.91 17.92
C GLY D 117 -21.56 -37.07 17.64
N VAL D 118 -22.41 -36.30 18.33
CA VAL D 118 -23.84 -36.38 18.08
C VAL D 118 -24.17 -35.90 16.67
N ALA D 119 -23.55 -34.80 16.24
CA ALA D 119 -23.79 -34.33 14.88
C ALA D 119 -23.36 -35.37 13.85
N PHE D 120 -22.21 -36.00 14.07
CA PHE D 120 -21.74 -37.01 13.12
C PHE D 120 -22.65 -38.23 13.13
N VAL D 121 -23.19 -38.61 14.29
CA VAL D 121 -24.10 -39.74 14.33
C VAL D 121 -25.37 -39.43 13.54
N ILE D 122 -25.91 -38.23 13.72
CA ILE D 122 -27.11 -37.85 12.95
C ILE D 122 -26.81 -37.90 11.46
N THR D 123 -25.65 -37.37 11.06
CA THR D 123 -25.30 -37.35 9.63
C THR D 123 -25.16 -38.75 9.06
N SER D 124 -24.44 -39.63 9.78
CA SER D 124 -24.20 -40.98 9.28
C SER D 124 -25.48 -41.80 9.25
N VAL D 125 -26.35 -41.64 10.24
CA VAL D 125 -27.61 -42.39 10.23
C VAL D 125 -28.50 -41.90 9.10
N CYS D 126 -28.52 -40.58 8.85
CA CYS D 126 -29.26 -40.07 7.70
C CYS D 126 -28.73 -40.67 6.42
N GLY D 127 -27.40 -40.75 6.27
CA GLY D 127 -26.83 -41.36 5.09
C GLY D 127 -27.21 -42.82 4.92
N LEU D 128 -27.27 -43.56 6.03
CA LEU D 128 -27.63 -44.97 5.95
C LEU D 128 -29.09 -45.15 5.57
N VAL D 129 -29.97 -44.30 6.09
CA VAL D 129 -31.40 -44.48 5.85
C VAL D 129 -31.78 -44.12 4.43
N PHE D 130 -31.14 -43.11 3.85
CA PHE D 130 -31.49 -42.61 2.53
C PHE D 130 -30.73 -43.28 1.40
N GLU D 131 -29.93 -44.29 1.68
CA GLU D 131 -28.94 -44.75 0.71
C GLU D 131 -29.59 -45.28 -0.56
N TYR D 132 -30.68 -46.04 -0.43
CA TYR D 132 -31.34 -46.65 -1.58
C TYR D 132 -32.62 -45.92 -1.95
N TYR D 133 -32.71 -44.62 -1.67
CA TYR D 133 -33.87 -43.83 -2.00
C TYR D 133 -33.56 -42.52 -2.69
N TRP D 134 -32.32 -42.04 -2.66
CA TRP D 134 -31.95 -40.86 -3.44
C TRP D 134 -32.19 -41.12 -4.92
N GLY D 135 -32.79 -40.15 -5.59
CA GLY D 135 -33.04 -40.26 -7.01
C GLY D 135 -31.85 -39.78 -7.82
N PRO D 136 -31.98 -39.83 -9.14
CA PRO D 136 -30.91 -39.28 -10.00
C PRO D 136 -30.83 -37.78 -9.87
N GLU D 137 -29.65 -37.25 -10.17
CA GLU D 137 -29.39 -35.83 -10.01
C GLU D 137 -30.14 -35.01 -11.04
N LYS D 138 -30.57 -33.82 -10.62
CA LYS D 138 -31.48 -33.03 -11.44
C LYS D 138 -30.77 -32.22 -12.52
N HIS D 139 -29.47 -31.97 -12.36
CA HIS D 139 -28.74 -31.05 -13.24
C HIS D 139 -29.44 -29.70 -13.30
N MET E 1 12.74 -69.78 47.01
CA MET E 1 13.46 -71.05 46.98
C MET E 1 14.54 -71.08 45.90
N SER E 2 15.75 -70.65 46.27
CA SER E 2 16.91 -70.72 45.39
C SER E 2 16.60 -70.12 44.01
N THR E 3 16.52 -68.78 43.99
CA THR E 3 16.02 -68.04 42.84
C THR E 3 16.57 -68.56 41.50
N ALA E 4 17.82 -69.01 41.50
CA ALA E 4 18.43 -69.50 40.27
C ALA E 4 17.68 -70.71 39.74
N LEU E 5 17.31 -71.64 40.61
CA LEU E 5 16.66 -72.86 40.13
C LEU E 5 15.19 -72.61 39.78
N THR E 6 14.55 -71.65 40.45
CA THR E 6 13.21 -71.24 40.05
C THR E 6 13.22 -70.72 38.61
N HIS E 7 14.09 -69.75 38.32
CA HIS E 7 14.21 -69.25 36.95
C HIS E 7 14.60 -70.37 36.00
N GLY E 8 15.47 -71.28 36.44
CA GLY E 8 15.91 -72.35 35.57
C GLY E 8 14.79 -73.27 35.15
N LEU E 9 13.98 -73.72 36.11
CA LEU E 9 12.83 -74.55 35.78
C LEU E 9 11.87 -73.79 34.88
N ILE E 10 11.49 -72.56 35.28
CA ILE E 10 10.52 -71.79 34.51
C ILE E 10 10.99 -71.60 33.07
N GLY E 11 12.29 -71.51 32.85
CA GLY E 11 12.79 -71.33 31.49
C GLY E 11 13.09 -72.60 30.74
N GLY E 12 13.26 -73.72 31.46
CA GLY E 12 13.71 -74.93 30.81
C GLY E 12 12.68 -76.02 30.61
N VAL E 13 11.74 -76.17 31.54
CA VAL E 13 10.74 -77.24 31.42
C VAL E 13 9.88 -77.09 30.16
N PRO E 14 9.30 -75.91 29.86
CA PRO E 14 8.43 -75.83 28.68
C PRO E 14 9.14 -76.18 27.38
N LEU E 15 10.37 -75.70 27.19
CA LEU E 15 11.05 -75.93 25.93
C LEU E 15 11.47 -77.38 25.78
N VAL E 16 11.89 -78.01 26.89
CA VAL E 16 12.23 -79.43 26.85
C VAL E 16 11.00 -80.24 26.47
N LEU E 17 9.86 -79.96 27.13
CA LEU E 17 8.64 -80.69 26.82
C LEU E 17 8.24 -80.50 25.37
N PHE E 18 8.36 -79.28 24.86
CA PHE E 18 8.13 -79.02 23.45
C PHE E 18 9.01 -79.90 22.58
N ALA E 19 10.28 -80.05 22.96
CA ALA E 19 11.20 -80.85 22.17
C ALA E 19 10.76 -82.31 22.11
N VAL E 20 10.43 -82.91 23.26
CA VAL E 20 10.04 -84.32 23.24
C VAL E 20 8.75 -84.52 22.46
N LEU E 21 7.78 -83.62 22.66
CA LEU E 21 6.51 -83.79 21.95
C LEU E 21 6.68 -83.60 20.45
N ALA E 22 7.55 -82.68 20.04
CA ALA E 22 7.78 -82.47 18.61
C ALA E 22 8.49 -83.67 17.99
N LEU E 23 9.49 -84.23 18.69
CA LEU E 23 10.15 -85.41 18.15
C LEU E 23 9.22 -86.62 18.14
N ILE E 24 8.20 -86.64 19.00
CA ILE E 24 7.25 -87.74 19.00
C ILE E 24 6.29 -87.61 17.82
N PHE E 25 5.73 -86.41 17.62
CA PHE E 25 4.63 -86.23 16.67
C PHE E 25 5.07 -85.76 15.29
N LEU E 26 6.07 -84.88 15.20
CA LEU E 26 6.42 -84.27 13.92
C LEU E 26 7.33 -85.14 13.07
N THR E 27 7.65 -86.36 13.49
CA THR E 27 8.50 -87.25 12.72
C THR E 27 7.72 -88.40 12.10
N ARG E 28 6.40 -88.35 12.10
CA ARG E 28 5.59 -89.42 11.54
C ARG E 28 5.40 -89.19 10.04
N LYS E 29 4.54 -90.01 9.44
CA LYS E 29 4.21 -89.95 8.02
C LYS E 29 2.89 -89.22 7.81
N GLY E 30 2.89 -88.25 6.90
CA GLY E 30 1.69 -87.56 6.53
C GLY E 30 0.87 -88.35 5.53
N PRO E 31 -0.35 -87.89 5.27
CA PRO E 31 -1.23 -88.57 4.33
C PRO E 31 -0.87 -88.33 2.87
N HIS E 32 0.15 -87.53 2.59
CA HIS E 32 0.51 -87.25 1.21
C HIS E 32 1.10 -88.51 0.57
N PRO E 33 0.74 -88.81 -0.68
CA PRO E 33 1.32 -89.97 -1.35
C PRO E 33 2.79 -89.73 -1.66
N ASP E 34 3.58 -90.78 -1.51
CA ASP E 34 5.02 -90.62 -1.61
C ASP E 34 5.40 -90.52 -3.08
N THR E 35 6.50 -89.82 -3.34
CA THR E 35 6.79 -89.35 -4.69
C THR E 35 6.90 -90.51 -5.67
N TYR E 36 6.52 -90.24 -6.92
CA TYR E 36 6.64 -91.23 -7.98
C TYR E 36 8.05 -91.19 -8.58
N LYS E 37 8.67 -92.34 -8.69
CA LYS E 37 10.03 -92.49 -9.18
C LYS E 37 10.02 -93.24 -10.51
N MET E 38 10.58 -92.62 -11.55
CA MET E 38 10.30 -93.06 -12.91
C MET E 38 10.90 -94.41 -13.27
N SER E 39 11.75 -94.98 -12.41
CA SER E 39 12.28 -96.31 -12.70
C SER E 39 11.16 -97.34 -12.79
N ASP E 40 10.09 -97.14 -12.03
CA ASP E 40 8.99 -98.09 -11.95
C ASP E 40 7.81 -97.64 -12.81
N PRO E 41 6.89 -98.56 -13.13
CA PRO E 41 5.79 -98.20 -14.05
C PRO E 41 4.89 -97.11 -13.47
N TRP E 42 4.00 -96.63 -14.34
CA TRP E 42 3.07 -95.57 -14.00
C TRP E 42 1.66 -96.18 -13.92
N THR E 43 1.10 -96.18 -12.71
CA THR E 43 -0.21 -96.76 -12.48
C THR E 43 -1.30 -95.74 -12.17
N HIS E 44 -0.94 -94.50 -11.85
CA HIS E 44 -1.94 -93.48 -11.56
C HIS E 44 -2.80 -93.20 -12.78
N ALA E 45 -3.99 -92.68 -12.53
CA ALA E 45 -4.90 -92.32 -13.60
C ALA E 45 -4.28 -91.23 -14.47
N PRO E 46 -4.76 -91.08 -15.71
CA PRO E 46 -4.22 -90.03 -16.58
C PRO E 46 -4.41 -88.65 -15.98
N ILE E 47 -3.48 -87.75 -16.30
CA ILE E 47 -3.42 -86.41 -15.72
C ILE E 47 -3.44 -85.39 -16.85
N LEU E 48 -4.33 -84.41 -16.75
CA LEU E 48 -4.39 -83.31 -17.72
C LEU E 48 -4.47 -82.01 -16.94
N TRP E 49 -3.49 -81.14 -17.13
CA TRP E 49 -3.38 -79.88 -16.41
C TRP E 49 -3.40 -78.74 -17.42
N ALA E 50 -4.33 -77.81 -17.26
CA ALA E 50 -4.42 -76.66 -18.13
C ALA E 50 -3.77 -75.44 -17.46
N ALA E 51 -3.84 -74.30 -18.12
CA ALA E 51 -3.21 -73.09 -17.62
C ALA E 51 -4.20 -72.11 -16.99
N GLU E 52 -5.43 -72.04 -17.51
CA GLU E 52 -6.53 -71.22 -17.00
C GLU E 52 -6.34 -69.73 -17.21
N GLU E 53 -5.24 -69.29 -17.81
CA GLU E 53 -4.87 -67.88 -17.70
C GLU E 53 -5.77 -66.98 -18.55
N PRO E 54 -5.84 -67.13 -19.90
CA PRO E 54 -6.67 -66.20 -20.68
C PRO E 54 -8.14 -66.54 -20.51
N ARG E 55 -8.90 -65.63 -19.90
CA ARG E 55 -10.32 -65.90 -19.81
C ARG E 55 -10.97 -65.75 -21.18
N GLU E 56 -12.30 -65.80 -21.18
CA GLU E 56 -13.03 -65.99 -22.43
C GLU E 56 -13.99 -64.85 -22.74
N VAL E 69 -10.21 -77.72 -33.50
CA VAL E 69 -9.62 -79.04 -33.48
C VAL E 69 -8.71 -79.24 -34.69
N VAL E 70 -8.43 -78.15 -35.39
CA VAL E 70 -7.50 -78.17 -36.52
C VAL E 70 -6.08 -77.99 -35.97
N ILE E 71 -5.22 -78.95 -36.25
CA ILE E 71 -3.87 -78.95 -35.70
C ILE E 71 -2.96 -78.11 -36.58
N GLY E 72 -2.01 -77.42 -35.96
CA GLY E 72 -1.11 -76.55 -36.68
C GLY E 72 0.30 -77.10 -36.83
N GLY E 73 0.70 -77.99 -35.94
CA GLY E 73 2.04 -78.50 -35.99
C GLY E 73 2.24 -79.66 -35.03
N GLY E 74 3.50 -80.00 -34.82
CA GLY E 74 3.82 -81.08 -33.92
C GLY E 74 5.31 -81.30 -33.86
N ALA E 75 5.71 -82.15 -32.92
CA ALA E 75 7.09 -82.55 -32.76
C ALA E 75 7.10 -83.85 -31.98
N SER E 76 8.28 -84.45 -31.85
CA SER E 76 8.38 -85.74 -31.18
C SER E 76 9.80 -85.95 -30.70
N GLY E 77 9.99 -87.07 -30.01
CA GLY E 77 11.25 -87.44 -29.40
C GLY E 77 10.96 -88.57 -28.43
N LYS E 78 11.90 -89.49 -28.22
CA LYS E 78 11.63 -90.66 -27.38
C LYS E 78 12.80 -90.83 -26.39
N TRP E 79 13.17 -89.74 -25.75
CA TRP E 79 14.26 -89.73 -24.77
C TRP E 79 15.58 -90.12 -25.42
N GLU F 13 -27.60 -93.16 -13.78
CA GLU F 13 -27.58 -94.60 -14.01
C GLU F 13 -26.16 -95.16 -14.01
N LEU F 14 -25.27 -94.32 -13.50
CA LEU F 14 -23.85 -94.59 -13.33
C LEU F 14 -23.64 -95.23 -11.97
N ASP F 15 -22.38 -95.49 -11.62
CA ASP F 15 -22.13 -96.19 -10.37
C ASP F 15 -22.08 -95.26 -9.16
N LEU F 16 -21.47 -94.08 -9.30
CA LEU F 16 -21.34 -93.14 -8.19
C LEU F 16 -20.69 -93.79 -6.97
N PRO F 17 -19.36 -93.91 -6.98
CA PRO F 17 -18.68 -94.86 -6.08
C PRO F 17 -18.77 -94.53 -4.60
N TYR F 18 -19.89 -94.87 -3.98
CA TYR F 18 -20.05 -94.92 -2.52
C TYR F 18 -19.78 -93.56 -1.87
N GLY F 19 -20.70 -92.65 -2.12
CA GLY F 19 -20.67 -91.36 -1.47
C GLY F 19 -21.10 -90.26 -2.41
N SER F 20 -20.85 -90.46 -3.70
CA SER F 20 -21.34 -89.52 -4.70
C SER F 20 -22.83 -89.69 -4.88
N ALA F 21 -23.49 -88.58 -5.20
CA ALA F 21 -24.92 -88.58 -5.47
C ALA F 21 -25.24 -87.42 -6.39
N LEU F 22 -26.05 -87.68 -7.42
CA LEU F 22 -26.41 -86.66 -8.39
C LEU F 22 -27.53 -85.81 -7.82
N THR F 23 -27.32 -84.49 -7.81
CA THR F 23 -28.23 -83.56 -7.16
C THR F 23 -29.36 -83.18 -8.11
N SER F 24 -30.17 -82.20 -7.70
CA SER F 24 -31.23 -81.70 -8.57
C SER F 24 -30.67 -81.02 -9.80
N SER F 25 -29.46 -80.50 -9.73
CA SER F 25 -28.74 -80.02 -10.90
C SER F 25 -27.89 -81.17 -11.45
N GLY F 26 -26.99 -80.87 -12.37
CA GLY F 26 -26.09 -81.89 -12.84
C GLY F 26 -24.89 -82.14 -11.96
N ARG F 27 -24.82 -81.47 -10.82
CA ARG F 27 -23.62 -81.52 -9.99
C ARG F 27 -23.55 -82.83 -9.20
N ILE F 28 -22.33 -83.33 -9.02
CA ILE F 28 -22.06 -84.51 -8.22
C ILE F 28 -21.58 -84.06 -6.84
N SER F 29 -22.05 -84.74 -5.80
CA SER F 29 -21.73 -84.42 -4.42
C SER F 29 -20.97 -85.59 -3.79
N ALA F 30 -19.64 -85.52 -3.85
CA ALA F 30 -18.80 -86.59 -3.34
C ALA F 30 -18.40 -86.33 -1.90
N VAL F 31 -17.88 -87.38 -1.25
CA VAL F 31 -17.44 -87.34 0.13
C VAL F 31 -16.09 -88.06 0.23
N THR F 32 -15.47 -87.94 1.41
CA THR F 32 -14.19 -88.59 1.67
C THR F 32 -14.18 -89.02 3.13
N GLU F 33 -13.55 -90.16 3.41
CA GLU F 33 -13.45 -90.63 4.77
C GLU F 33 -12.52 -89.69 5.55
N PRO F 34 -12.67 -89.61 6.88
CA PRO F 34 -11.92 -88.60 7.64
C PRO F 34 -10.41 -88.60 7.43
N GLY F 35 -9.82 -89.73 7.05
CA GLY F 35 -8.38 -89.81 7.02
C GLY F 35 -7.71 -89.94 5.67
N GLU F 36 -8.31 -89.41 4.60
CA GLU F 36 -7.64 -89.43 3.30
C GLU F 36 -7.73 -88.05 2.66
N LEU F 37 -7.18 -87.97 1.45
CA LEU F 37 -7.15 -86.76 0.65
C LEU F 37 -8.07 -86.91 -0.56
N SER F 38 -8.06 -85.91 -1.44
CA SER F 38 -8.88 -85.94 -2.64
C SER F 38 -8.11 -85.51 -3.87
N VAL F 39 -6.80 -85.71 -3.89
CA VAL F 39 -5.99 -85.37 -5.06
C VAL F 39 -5.17 -86.56 -5.53
N HIS F 40 -4.36 -87.15 -4.65
CA HIS F 40 -3.53 -88.30 -4.98
C HIS F 40 -2.64 -88.03 -6.20
N TYR F 41 -1.78 -87.03 -6.06
CA TYR F 41 -0.76 -86.76 -7.07
C TYR F 41 0.59 -87.21 -6.53
N PRO F 42 1.28 -88.12 -7.19
CA PRO F 42 2.53 -88.67 -6.66
C PRO F 42 3.74 -87.75 -6.83
N PHE F 43 3.56 -86.48 -6.48
CA PHE F 43 4.61 -85.48 -6.56
C PHE F 43 4.56 -84.62 -5.31
N PRO F 44 5.67 -83.99 -4.94
CA PRO F 44 5.65 -83.08 -3.79
C PRO F 44 4.89 -81.80 -4.12
N THR F 45 4.40 -81.15 -3.06
CA THR F 45 3.63 -79.93 -3.23
C THR F 45 4.48 -78.79 -3.76
N MET F 46 5.73 -78.70 -3.29
CA MET F 46 6.58 -77.58 -3.67
C MET F 46 7.10 -77.67 -5.09
N ASP F 47 6.87 -78.79 -5.79
CA ASP F 47 7.08 -78.84 -7.23
C ASP F 47 5.82 -78.59 -8.02
N LEU F 48 4.67 -79.03 -7.51
CA LEU F 48 3.40 -78.66 -8.13
C LEU F 48 3.26 -77.15 -8.18
N VAL F 49 3.63 -76.45 -7.11
CA VAL F 49 3.52 -75.00 -7.13
C VAL F 49 4.40 -74.41 -8.22
N VAL F 50 5.63 -74.91 -8.37
CA VAL F 50 6.56 -74.36 -9.37
C VAL F 50 6.06 -74.63 -10.78
N LEU F 51 5.59 -75.85 -11.04
CA LEU F 51 5.00 -76.13 -12.34
C LEU F 51 3.82 -75.22 -12.61
N ASP F 52 3.08 -74.86 -11.56
CA ASP F 52 1.89 -74.04 -11.74
C ASP F 52 2.26 -72.61 -12.11
N ASP F 53 3.22 -71.99 -11.41
CA ASP F 53 3.51 -70.61 -11.79
C ASP F 53 4.25 -70.58 -13.12
N ALA F 54 5.00 -71.63 -13.44
CA ALA F 54 5.54 -71.73 -14.80
C ALA F 54 4.40 -71.72 -15.82
N LEU F 55 3.44 -72.63 -15.66
CA LEU F 55 2.35 -72.78 -16.60
C LEU F 55 1.48 -71.53 -16.69
N LYS F 56 1.43 -70.72 -15.64
CA LYS F 56 0.62 -69.51 -15.66
C LYS F 56 1.37 -68.31 -16.23
N TYR F 57 2.56 -68.03 -15.72
CA TYR F 57 3.28 -66.85 -16.16
C TYR F 57 3.84 -67.01 -17.56
N GLY F 58 4.18 -68.24 -17.97
CA GLY F 58 4.54 -68.43 -19.36
C GLY F 58 3.38 -68.32 -20.32
N SER F 59 2.17 -68.64 -19.86
CA SER F 59 0.98 -68.43 -20.66
C SER F 59 0.52 -66.99 -20.70
N ARG F 60 0.87 -66.19 -19.70
CA ARG F 60 0.61 -64.75 -19.77
C ARG F 60 1.45 -64.10 -20.86
N ALA F 61 2.74 -64.39 -20.88
CA ALA F 61 3.67 -63.74 -21.80
C ALA F 61 3.58 -64.26 -23.23
N ALA F 62 2.68 -65.20 -23.51
CA ALA F 62 2.56 -65.75 -24.85
C ALA F 62 1.15 -65.75 -25.40
N LYS F 63 0.14 -65.46 -24.58
CA LYS F 63 -1.25 -65.41 -25.02
C LYS F 63 -1.67 -66.74 -25.66
N ALA F 64 -1.38 -67.83 -24.96
CA ALA F 64 -1.70 -69.17 -25.46
C ALA F 64 -1.70 -70.13 -24.28
N ARG F 65 -2.79 -70.87 -24.12
CA ARG F 65 -2.85 -71.86 -23.05
C ARG F 65 -1.79 -72.93 -23.25
N PHE F 66 -1.08 -73.25 -22.18
CA PHE F 66 -0.12 -74.35 -22.16
C PHE F 66 -0.70 -75.48 -21.32
N ALA F 67 -0.66 -76.69 -21.84
CA ALA F 67 -1.20 -77.85 -21.15
C ALA F 67 -0.10 -78.91 -21.03
N VAL F 68 -0.34 -79.86 -20.14
CA VAL F 68 0.61 -80.94 -19.88
C VAL F 68 -0.19 -82.22 -19.66
N TYR F 69 0.21 -83.29 -20.32
CA TYR F 69 -0.43 -84.59 -20.19
C TYR F 69 0.60 -85.63 -19.84
N ILE F 70 0.22 -86.60 -19.00
CA ILE F 70 1.17 -87.59 -18.52
C ILE F 70 0.70 -89.04 -18.71
N GLY F 71 -0.57 -89.29 -19.01
CA GLY F 71 -1.06 -90.63 -19.19
C GLY F 71 -0.45 -91.35 -20.39
N PRO F 72 -0.97 -92.53 -20.71
CA PRO F 72 -0.39 -93.33 -21.80
C PRO F 72 -0.91 -92.93 -23.17
N LEU F 73 -0.13 -93.29 -24.18
CA LEU F 73 -0.43 -93.03 -25.59
C LEU F 73 -0.37 -94.32 -26.40
N GLY F 74 -1.06 -95.35 -25.93
CA GLY F 74 -0.93 -96.68 -26.51
C GLY F 74 -1.56 -96.84 -27.89
N ALA F 75 -1.12 -96.02 -28.83
CA ALA F 75 -1.57 -96.06 -30.22
C ALA F 75 -0.55 -95.26 -31.03
N ASP F 76 -0.93 -94.91 -32.27
CA ASP F 76 -0.18 -93.88 -32.99
C ASP F 76 -0.10 -92.65 -32.10
N THR F 77 1.10 -92.33 -31.62
CA THR F 77 1.23 -91.36 -30.53
C THR F 77 0.76 -89.97 -30.94
N ALA F 78 1.09 -89.53 -32.16
CA ALA F 78 0.66 -88.21 -32.59
C ALA F 78 -0.85 -88.16 -32.79
N ALA F 79 -1.43 -89.22 -33.36
CA ALA F 79 -2.88 -89.30 -33.44
C ALA F 79 -3.51 -89.09 -32.07
N THR F 80 -3.11 -89.90 -31.08
CA THR F 80 -3.72 -89.81 -29.76
C THR F 80 -3.48 -88.45 -29.13
N ALA F 81 -2.32 -87.84 -29.35
CA ALA F 81 -2.06 -86.52 -28.80
C ALA F 81 -3.03 -85.48 -29.35
N ARG F 82 -3.23 -85.48 -30.67
CA ARG F 82 -4.21 -84.56 -31.24
C ARG F 82 -5.65 -84.97 -30.93
N GLU F 83 -5.87 -86.22 -30.53
CA GLU F 83 -7.17 -86.60 -29.98
C GLU F 83 -7.38 -85.93 -28.63
N ILE F 84 -6.32 -85.89 -27.80
CA ILE F 84 -6.40 -85.35 -26.45
C ILE F 84 -6.54 -83.83 -26.49
N LEU F 85 -5.84 -83.18 -27.42
CA LEU F 85 -5.83 -81.72 -27.46
C LEU F 85 -7.22 -81.13 -27.56
N ALA F 86 -8.24 -81.90 -27.95
CA ALA F 86 -9.61 -81.40 -28.03
C ALA F 86 -10.28 -81.27 -26.68
N ASN F 87 -9.53 -81.39 -25.58
CA ASN F 87 -10.07 -81.26 -24.24
C ASN F 87 -9.68 -79.96 -23.55
N VAL F 88 -8.69 -79.24 -24.07
CA VAL F 88 -8.36 -77.90 -23.59
C VAL F 88 -9.56 -77.01 -23.89
N PRO F 89 -9.87 -76.00 -23.06
CA PRO F 89 -11.07 -75.20 -23.33
C PRO F 89 -11.10 -74.53 -24.70
N THR F 90 -10.02 -73.87 -25.12
CA THR F 90 -9.89 -73.31 -26.46
C THR F 90 -8.74 -74.01 -27.17
N PRO F 91 -8.99 -75.20 -27.72
CA PRO F 91 -7.87 -76.01 -28.25
C PRO F 91 -7.18 -75.35 -29.42
N GLU F 92 -7.91 -74.60 -30.22
CA GLU F 92 -7.36 -73.96 -31.42
C GLU F 92 -6.26 -72.97 -31.07
N ASN F 93 -6.35 -72.29 -29.93
CA ASN F 93 -5.29 -71.44 -29.43
C ASN F 93 -4.77 -72.05 -28.14
N ALA F 94 -3.85 -73.01 -28.27
CA ALA F 94 -3.35 -73.76 -27.13
C ALA F 94 -2.14 -74.54 -27.58
N VAL F 95 -1.32 -74.93 -26.62
CA VAL F 95 -0.12 -75.74 -26.85
C VAL F 95 -0.11 -76.84 -25.82
N LEU F 96 -0.07 -78.09 -26.27
CA LEU F 96 -0.10 -79.24 -25.40
C LEU F 96 1.24 -79.96 -25.44
N LEU F 97 1.62 -80.54 -24.31
CA LEU F 97 2.83 -81.36 -24.20
C LEU F 97 2.43 -82.68 -23.57
N ALA F 98 2.54 -83.76 -24.35
CA ALA F 98 2.17 -85.09 -23.87
C ALA F 98 3.42 -85.90 -23.58
N VAL F 99 3.35 -86.73 -22.56
CA VAL F 99 4.45 -87.57 -22.12
C VAL F 99 3.89 -88.91 -21.66
N SER F 100 4.49 -90.00 -22.10
CA SER F 100 4.11 -91.34 -21.66
C SER F 100 5.32 -92.03 -21.06
N PRO F 101 5.45 -92.06 -19.74
CA PRO F 101 6.69 -92.56 -19.12
C PRO F 101 6.94 -94.04 -19.35
N ASP F 102 5.92 -94.83 -19.72
CA ASP F 102 6.15 -96.22 -20.06
C ASP F 102 6.71 -96.36 -21.47
N GLN F 103 6.02 -95.78 -22.46
CA GLN F 103 6.50 -95.80 -23.83
C GLN F 103 7.63 -94.80 -24.06
N ARG F 104 7.95 -93.97 -23.06
CA ARG F 104 9.09 -93.06 -23.10
C ARG F 104 9.03 -92.13 -24.30
N ALA F 105 7.81 -91.68 -24.61
CA ALA F 105 7.55 -90.91 -25.82
C ALA F 105 7.12 -89.49 -25.47
N ILE F 106 7.65 -88.52 -26.22
CA ILE F 106 7.30 -87.12 -26.07
C ILE F 106 6.52 -86.69 -27.30
N GLU F 107 5.47 -85.89 -27.09
CA GLU F 107 4.66 -85.38 -28.18
C GLU F 107 4.21 -83.97 -27.85
N VAL F 108 4.41 -83.05 -28.81
CA VAL F 108 3.99 -81.68 -28.68
C VAL F 108 3.00 -81.38 -29.81
N VAL F 109 1.84 -80.83 -29.46
CA VAL F 109 0.80 -80.53 -30.43
C VAL F 109 0.49 -79.05 -30.36
N TYR F 110 0.08 -78.48 -31.48
CA TYR F 110 -0.24 -77.07 -31.59
C TYR F 110 -1.73 -76.90 -31.85
N GLY F 111 -2.13 -75.64 -32.05
CA GLY F 111 -3.43 -75.31 -32.57
C GLY F 111 -3.28 -74.51 -33.84
N ALA F 112 -4.35 -74.51 -34.64
CA ALA F 112 -4.31 -73.75 -35.89
C ALA F 112 -4.18 -72.26 -35.63
N ASP F 113 -4.75 -71.78 -34.52
CA ASP F 113 -4.75 -70.34 -34.27
C ASP F 113 -3.40 -69.86 -33.78
N VAL F 114 -2.65 -70.73 -33.09
CA VAL F 114 -1.30 -70.40 -32.65
C VAL F 114 -0.28 -70.94 -33.66
N LYS F 115 0.06 -70.12 -34.64
CA LYS F 115 1.05 -70.50 -35.63
C LYS F 115 1.47 -69.26 -36.42
N GLY F 116 2.74 -69.24 -36.80
CA GLY F 116 3.32 -68.04 -37.36
C GLY F 116 3.88 -67.15 -36.26
N ARG F 117 3.92 -67.69 -35.05
CA ARG F 117 4.38 -66.96 -33.88
C ARG F 117 5.67 -67.52 -33.31
N GLY F 118 6.40 -68.32 -34.08
CA GLY F 118 7.68 -68.83 -33.64
C GLY F 118 7.55 -70.10 -32.84
N ILE F 119 6.73 -71.04 -33.32
CA ILE F 119 6.37 -72.22 -32.55
C ILE F 119 7.21 -73.43 -32.94
N GLU F 120 7.30 -73.74 -34.24
CA GLU F 120 8.07 -74.92 -34.63
C GLU F 120 9.57 -74.70 -34.50
N SER F 121 10.03 -73.45 -34.42
CA SER F 121 11.41 -73.21 -34.05
C SER F 121 11.65 -73.43 -32.56
N ALA F 122 10.59 -73.70 -31.79
CA ALA F 122 10.71 -73.88 -30.35
C ALA F 122 10.25 -75.25 -29.87
N ALA F 123 9.39 -75.94 -30.62
CA ALA F 123 8.95 -77.26 -30.19
C ALA F 123 10.08 -78.28 -30.09
N PRO F 124 10.98 -78.43 -31.08
CA PRO F 124 12.09 -79.37 -30.89
C PRO F 124 13.02 -78.99 -29.76
N LEU F 125 13.20 -77.69 -29.51
CA LEU F 125 13.99 -77.27 -28.35
C LEU F 125 13.37 -77.77 -27.05
N GLY F 126 12.06 -77.58 -26.91
CA GLY F 126 11.38 -78.05 -25.71
C GLY F 126 11.45 -79.55 -25.57
N VAL F 127 11.28 -80.27 -26.69
CA VAL F 127 11.33 -81.73 -26.65
C VAL F 127 12.72 -82.19 -26.23
N SER F 128 13.77 -81.57 -26.76
CA SER F 128 15.13 -81.96 -26.41
C SER F 128 15.44 -81.66 -24.95
N ALA F 129 14.97 -80.51 -24.44
CA ALA F 129 15.20 -80.20 -23.04
C ALA F 129 14.45 -81.15 -22.13
N ALA F 130 13.20 -81.47 -22.46
CA ALA F 130 12.44 -82.42 -21.67
C ALA F 130 13.09 -83.79 -21.66
N ALA F 131 13.58 -84.25 -22.81
CA ALA F 131 14.26 -85.54 -22.87
C ALA F 131 15.56 -85.52 -22.06
N ALA F 132 16.35 -84.47 -22.21
CA ALA F 132 17.62 -84.38 -21.51
C ALA F 132 17.42 -84.32 -20.01
N SER F 133 16.31 -83.75 -19.55
CA SER F 133 16.01 -83.75 -18.12
C SER F 133 15.36 -85.05 -17.66
N PHE F 134 14.66 -85.76 -18.54
CA PHE F 134 14.04 -87.02 -18.16
C PHE F 134 15.04 -88.16 -18.07
N LYS F 135 16.16 -88.06 -18.78
CA LYS F 135 17.11 -89.16 -18.87
C LYS F 135 17.75 -89.48 -17.52
N GLU F 136 17.54 -88.63 -16.52
CA GLU F 136 17.99 -88.89 -15.16
C GLU F 136 16.86 -89.29 -14.23
N GLY F 137 15.60 -89.04 -14.59
CA GLY F 137 14.51 -89.42 -13.73
C GLY F 137 13.90 -88.25 -13.00
N ASN F 138 13.73 -87.13 -13.71
CA ASN F 138 13.08 -85.94 -13.18
C ASN F 138 11.90 -85.62 -14.08
N LEU F 139 10.70 -86.04 -13.66
CA LEU F 139 9.51 -85.83 -14.48
C LEU F 139 9.03 -84.39 -14.41
N ILE F 140 8.60 -83.96 -13.22
CA ILE F 140 8.11 -82.60 -13.04
C ILE F 140 9.18 -81.59 -13.43
N ASP F 141 10.45 -81.93 -13.18
CA ASP F 141 11.53 -81.00 -13.45
C ASP F 141 11.71 -80.77 -14.94
N GLY F 142 11.67 -81.85 -15.72
CA GLY F 142 11.75 -81.72 -17.17
C GLY F 142 10.52 -81.05 -17.75
N LEU F 143 9.34 -81.36 -17.21
CA LEU F 143 8.13 -80.65 -17.63
C LEU F 143 8.28 -79.14 -17.43
N ILE F 144 8.82 -78.74 -16.28
CA ILE F 144 9.03 -77.32 -16.01
C ILE F 144 9.98 -76.72 -17.04
N SER F 145 11.11 -77.40 -17.28
CA SER F 145 12.09 -76.86 -18.23
C SER F 145 11.49 -76.70 -19.61
N ALA F 146 10.76 -77.72 -20.09
CA ALA F 146 10.16 -77.65 -21.42
C ALA F 146 9.13 -76.53 -21.51
N VAL F 147 8.28 -76.41 -20.49
CA VAL F 147 7.29 -75.34 -20.52
C VAL F 147 7.97 -73.98 -20.52
N ARG F 148 9.03 -73.82 -19.74
CA ARG F 148 9.77 -72.56 -19.71
C ARG F 148 10.29 -72.20 -21.09
N VAL F 149 10.99 -73.14 -21.74
CA VAL F 149 11.61 -72.81 -23.01
C VAL F 149 10.57 -72.56 -24.10
N MET F 150 9.50 -73.36 -24.14
CA MET F 150 8.49 -73.15 -25.17
C MET F 150 7.75 -71.84 -24.95
N SER F 151 7.48 -71.48 -23.70
CA SER F 151 6.79 -70.22 -23.42
C SER F 151 7.69 -69.03 -23.73
N ALA F 152 8.98 -69.16 -23.47
CA ALA F 152 9.91 -68.09 -23.84
C ALA F 152 10.07 -67.97 -25.34
N GLY F 153 9.84 -69.05 -26.07
CA GLY F 153 9.94 -69.00 -27.52
C GLY F 153 8.75 -68.36 -28.21
N VAL F 154 7.54 -68.77 -27.86
CA VAL F 154 6.35 -68.31 -28.56
C VAL F 154 6.15 -66.82 -28.32
N SER F 155 5.71 -66.11 -29.36
CA SER F 155 5.49 -64.68 -29.26
C SER F 155 4.00 -64.36 -29.19
N PRO F 156 3.63 -63.30 -28.49
CA PRO F 156 2.21 -62.93 -28.40
C PRO F 156 1.71 -62.34 -29.71
N ALA F 157 0.45 -62.61 -30.01
CA ALA F 157 -0.18 -62.11 -31.22
C ALA F 157 -1.71 -62.15 -31.08
N HIS G 25 4.71 -47.04 -20.83
CA HIS G 25 5.20 -47.02 -19.46
C HIS G 25 6.30 -48.06 -19.24
N THR G 26 6.94 -48.03 -18.07
CA THR G 26 8.00 -48.99 -17.77
C THR G 26 7.45 -50.41 -17.79
N GLY G 27 6.36 -50.66 -17.06
CA GLY G 27 5.61 -51.89 -17.29
C GLY G 27 5.15 -52.69 -16.09
N VAL G 28 3.84 -52.89 -16.01
CA VAL G 28 3.21 -53.96 -15.23
C VAL G 28 2.16 -54.59 -16.13
N ASP G 29 1.56 -55.68 -15.64
CA ASP G 29 0.59 -56.41 -16.45
C ASP G 29 -0.82 -56.07 -16.00
N VAL G 30 -1.75 -56.13 -16.97
CA VAL G 30 -3.11 -55.68 -16.73
C VAL G 30 -3.87 -56.56 -15.75
N GLU G 31 -3.59 -57.87 -15.71
CA GLU G 31 -4.27 -58.71 -14.74
C GLU G 31 -3.88 -58.38 -13.30
N ASP G 32 -2.73 -57.75 -13.08
CA ASP G 32 -2.36 -57.25 -11.76
C ASP G 32 -2.98 -55.90 -11.46
N VAL G 33 -2.79 -54.93 -12.35
CA VAL G 33 -3.39 -53.61 -12.25
C VAL G 33 -4.25 -53.41 -13.49
N PRO G 34 -5.58 -53.46 -13.34
CA PRO G 34 -6.46 -53.36 -14.52
C PRO G 34 -6.27 -52.08 -15.31
N SER G 35 -6.10 -50.94 -14.67
CA SER G 35 -5.87 -49.67 -15.35
C SER G 35 -4.37 -49.40 -15.36
N ALA G 36 -3.66 -50.14 -16.20
CA ALA G 36 -2.21 -49.99 -16.30
C ALA G 36 -1.78 -49.07 -17.43
N GLU G 37 -2.65 -48.81 -18.40
CA GLU G 37 -2.35 -47.92 -19.50
C GLU G 37 -3.04 -46.57 -19.38
N TRP G 38 -3.64 -46.29 -18.22
CA TRP G 38 -4.27 -45.01 -17.97
C TRP G 38 -3.46 -44.13 -17.04
N GLY G 39 -2.46 -44.66 -16.35
CA GLY G 39 -1.68 -43.85 -15.44
C GLY G 39 -0.52 -44.64 -14.87
N TRP G 40 0.41 -43.90 -14.30
CA TRP G 40 1.58 -44.44 -13.62
C TRP G 40 1.17 -45.49 -12.58
N SER G 41 1.64 -46.72 -12.77
CA SER G 41 1.20 -47.80 -11.90
C SER G 41 2.33 -48.73 -11.47
N HIS G 42 3.58 -48.27 -11.51
CA HIS G 42 4.70 -49.15 -11.17
C HIS G 42 5.82 -48.33 -10.56
N MET G 43 6.33 -48.81 -9.43
CA MET G 43 7.50 -48.24 -8.79
C MET G 43 8.51 -49.35 -8.54
N PRO G 44 9.78 -49.16 -8.91
CA PRO G 44 10.76 -50.23 -8.75
C PRO G 44 10.90 -50.66 -7.30
N ILE G 45 11.29 -51.92 -7.10
CA ILE G 45 11.30 -52.51 -5.78
C ILE G 45 12.56 -52.15 -4.99
N GLY G 46 13.66 -51.88 -5.67
CA GLY G 46 14.87 -51.46 -4.96
C GLY G 46 14.67 -50.18 -4.21
N VAL G 47 13.87 -49.26 -4.77
CA VAL G 47 13.52 -48.03 -4.06
C VAL G 47 12.92 -48.35 -2.70
N MET G 48 11.91 -49.23 -2.69
CA MET G 48 11.23 -49.56 -1.43
C MET G 48 12.16 -50.28 -0.47
N HIS G 49 12.96 -51.23 -0.96
CA HIS G 49 13.87 -51.96 -0.08
C HIS G 49 14.86 -51.02 0.59
N ILE G 50 15.57 -50.21 -0.21
CA ILE G 50 16.60 -49.35 0.35
C ILE G 50 15.96 -48.23 1.18
N GLY G 51 14.74 -47.81 0.84
CA GLY G 51 14.06 -46.83 1.67
C GLY G 51 13.73 -47.40 3.05
N GLY G 52 13.27 -48.64 3.10
CA GLY G 52 13.04 -49.28 4.39
C GLY G 52 14.32 -49.40 5.20
N LEU G 53 15.41 -49.75 4.55
CA LEU G 53 16.69 -49.85 5.26
C LEU G 53 17.13 -48.49 5.80
N LEU G 54 16.95 -47.43 5.01
CA LEU G 54 17.34 -46.10 5.44
C LEU G 54 16.47 -45.62 6.61
N SER G 55 15.17 -45.92 6.57
CA SER G 55 14.31 -45.52 7.67
C SER G 55 14.67 -46.28 8.95
N ALA G 56 15.02 -47.55 8.82
CA ALA G 56 15.49 -48.30 9.99
C ALA G 56 16.76 -47.68 10.55
N ALA G 57 17.70 -47.29 9.68
CA ALA G 57 18.93 -46.66 10.16
C ALA G 57 18.64 -45.33 10.85
N PHE G 58 17.67 -44.59 10.33
CA PHE G 58 17.29 -43.32 10.97
C PHE G 58 16.72 -43.57 12.36
N LEU G 59 15.82 -44.54 12.48
CA LEU G 59 15.28 -44.89 13.79
C LEU G 59 16.39 -45.31 14.75
N LEU G 60 17.38 -46.04 14.24
CA LEU G 60 18.46 -46.51 15.12
C LEU G 60 19.33 -45.35 15.58
N VAL G 61 19.68 -44.44 14.68
CA VAL G 61 20.55 -43.33 15.07
C VAL G 61 19.81 -42.26 15.86
N MET G 62 18.47 -42.27 15.83
CA MET G 62 17.70 -41.27 16.56
C MET G 62 17.88 -41.34 18.07
N MET G 63 18.57 -42.35 18.59
CA MET G 63 18.80 -42.47 20.02
C MET G 63 20.18 -41.96 20.43
N ARG G 64 20.82 -41.16 19.59
CA ARG G 64 22.03 -40.46 19.97
C ARG G 64 21.66 -39.28 20.86
N GLY G 65 22.48 -39.03 21.88
CA GLY G 65 22.18 -38.00 22.83
C GLY G 65 21.18 -38.49 23.86
N ASN G 66 21.49 -39.62 24.49
CA ASN G 66 20.57 -40.30 25.40
C ASN G 66 20.17 -39.37 26.54
N HIS G 67 18.90 -38.99 26.58
CA HIS G 67 18.42 -38.02 27.55
C HIS G 67 17.71 -38.73 28.69
N VAL G 68 18.50 -39.37 29.54
CA VAL G 68 18.08 -39.86 30.85
C VAL G 68 16.83 -40.74 30.76
N GLY G 69 17.01 -41.87 30.08
CA GLY G 69 15.90 -42.81 29.96
C GLY G 69 16.15 -43.91 28.95
N HIS G 70 15.49 -45.05 29.13
CA HIS G 70 15.63 -46.17 28.22
C HIS G 70 14.30 -46.83 27.87
N VAL G 71 13.17 -46.28 28.28
CA VAL G 71 11.88 -46.79 27.84
C VAL G 71 11.72 -46.55 26.34
N GLU G 72 12.38 -45.55 25.79
CA GLU G 72 12.18 -45.15 24.41
C GLU G 72 13.01 -45.98 23.44
N ASP G 73 14.22 -46.37 23.85
CA ASP G 73 15.09 -47.09 22.94
C ASP G 73 14.60 -48.52 22.73
N TRP G 74 13.88 -49.08 23.71
CA TRP G 74 13.23 -50.36 23.49
C TRP G 74 12.27 -50.29 22.31
N PHE G 75 11.43 -49.26 22.30
CA PHE G 75 10.51 -49.07 21.18
C PHE G 75 11.26 -48.83 19.87
N LEU G 76 12.32 -48.01 19.92
CA LEU G 76 13.11 -47.74 18.72
C LEU G 76 13.65 -49.04 18.13
N ILE G 77 14.28 -49.86 18.96
CA ILE G 77 14.89 -51.09 18.48
C ILE G 77 13.83 -52.07 18.01
N GLY G 78 12.67 -52.11 18.69
CA GLY G 78 11.61 -52.99 18.25
C GLY G 78 11.10 -52.65 16.86
N PHE G 79 10.82 -51.37 16.63
CA PHE G 79 10.33 -50.96 15.32
C PHE G 79 11.39 -51.18 14.24
N ALA G 80 12.65 -50.88 14.55
CA ALA G 80 13.71 -51.10 13.57
C ALA G 80 13.84 -52.57 13.21
N ALA G 81 13.78 -53.45 14.20
CA ALA G 81 13.88 -54.88 13.95
C ALA G 81 12.71 -55.37 13.11
N VAL G 82 11.50 -54.86 13.38
CA VAL G 82 10.34 -55.28 12.60
C VAL G 82 10.49 -54.84 11.13
N ILE G 83 10.95 -53.62 10.91
CA ILE G 83 11.13 -53.12 9.55
C ILE G 83 12.17 -53.96 8.81
N VAL G 84 13.30 -54.24 9.47
CA VAL G 84 14.35 -55.03 8.83
C VAL G 84 13.85 -56.43 8.52
N ALA G 85 13.04 -57.00 9.41
CA ALA G 85 12.51 -58.34 9.18
C ALA G 85 11.58 -58.35 7.97
N LEU G 86 10.71 -57.35 7.83
CA LEU G 86 9.83 -57.29 6.68
C LEU G 86 10.62 -57.17 5.38
N VAL G 87 11.60 -56.27 5.36
CA VAL G 87 12.41 -56.08 4.15
C VAL G 87 13.14 -57.37 3.80
N GLY G 88 13.71 -58.04 4.80
CA GLY G 88 14.44 -59.26 4.55
C GLY G 88 13.55 -60.37 4.03
N ARG G 89 12.35 -60.51 4.60
CA ARG G 89 11.43 -61.53 4.10
C ARG G 89 11.07 -61.28 2.65
N ASN G 90 10.75 -60.03 2.32
CA ASN G 90 10.37 -59.73 0.94
C ASN G 90 11.52 -60.01 -0.02
N TRP G 91 12.72 -59.56 0.33
CA TRP G 91 13.87 -59.78 -0.54
C TRP G 91 14.14 -61.26 -0.73
N TRP G 92 14.10 -62.04 0.35
CA TRP G 92 14.39 -63.46 0.25
C TRP G 92 13.34 -64.19 -0.55
N LEU G 93 12.07 -63.85 -0.39
CA LEU G 93 11.02 -64.54 -1.13
C LEU G 93 11.06 -64.18 -2.61
N ARG G 94 11.41 -62.92 -2.94
CA ARG G 94 11.55 -62.57 -4.34
C ARG G 94 12.76 -63.23 -4.97
N ARG G 95 13.84 -63.43 -4.20
CA ARG G 95 15.05 -64.00 -4.76
C ARG G 95 14.85 -65.47 -5.14
N ARG G 96 13.96 -66.18 -4.46
CA ARG G 96 13.74 -67.59 -4.71
C ARG G 96 12.57 -67.88 -5.63
N GLY G 97 11.96 -66.84 -6.22
CA GLY G 97 10.89 -67.05 -7.17
C GLY G 97 9.53 -67.34 -6.58
N TRP G 98 9.34 -67.15 -5.28
CA TRP G 98 8.03 -67.35 -4.68
C TRP G 98 7.10 -66.18 -4.92
N ILE G 99 7.60 -65.05 -5.40
CA ILE G 99 6.77 -63.89 -5.74
C ILE G 99 7.09 -63.51 -7.18
N ARG G 100 6.09 -63.61 -8.04
CA ARG G 100 6.25 -63.50 -9.49
C ARG G 100 7.34 -64.46 -9.98
N TRP H 27 16.14 103.85 -16.74
CA TRP H 27 16.09 103.33 -18.10
C TRP H 27 16.96 102.08 -18.23
N SER H 28 18.12 102.10 -17.59
CA SER H 28 19.03 100.95 -17.65
C SER H 28 18.56 99.82 -16.74
N ASP H 29 17.70 100.11 -15.78
CA ASP H 29 17.14 99.03 -14.95
C ASP H 29 16.31 98.08 -15.81
N ALA H 30 15.59 98.61 -16.79
CA ALA H 30 14.81 97.75 -17.68
C ALA H 30 15.70 96.95 -18.61
N LEU H 31 16.81 97.54 -19.05
CA LEU H 31 17.73 96.85 -19.96
C LEU H 31 18.69 95.92 -19.24
N ALA H 32 18.67 95.88 -17.91
CA ALA H 32 19.44 94.90 -17.16
C ALA H 32 18.66 93.61 -16.94
N LEU H 33 17.42 93.54 -17.42
CA LEU H 33 16.59 92.35 -17.34
C LEU H 33 16.46 91.85 -15.90
N GLY H 34 16.41 92.77 -14.95
CA GLY H 34 16.16 92.42 -13.58
C GLY H 34 17.37 92.09 -12.74
N TRP H 35 18.56 92.46 -13.19
CA TRP H 35 19.73 92.26 -12.35
C TRP H 35 19.69 93.20 -11.16
N PRO H 36 20.00 92.73 -9.95
CA PRO H 36 20.16 93.65 -8.83
C PRO H 36 21.45 94.44 -8.99
N THR H 37 21.38 95.73 -8.67
CA THR H 37 22.58 96.56 -8.71
C THR H 37 23.58 96.07 -7.67
N GLY H 38 24.87 96.22 -7.97
CA GLY H 38 25.88 95.63 -7.14
C GLY H 38 26.11 96.40 -5.86
N ILE H 39 26.84 95.75 -4.94
CA ILE H 39 27.28 96.37 -3.70
C ILE H 39 28.80 96.20 -3.61
N THR H 40 29.44 96.06 -4.77
CA THR H 40 30.86 95.74 -4.86
C THR H 40 31.36 96.26 -6.18
N PRO H 41 32.57 96.80 -6.28
CA PRO H 41 33.06 97.30 -7.57
C PRO H 41 33.02 96.27 -8.70
N GLU H 42 33.47 95.05 -8.42
CA GLU H 42 33.43 93.99 -9.42
C GLU H 42 32.01 93.78 -9.92
N ALA H 43 31.02 93.90 -9.03
CA ALA H 43 29.63 93.76 -9.45
C ALA H 43 29.24 94.87 -10.42
N LYS H 44 29.73 96.08 -10.21
CA LYS H 44 29.43 97.17 -11.13
C LYS H 44 30.04 96.91 -12.50
N LEU H 45 31.30 96.44 -12.54
CA LEU H 45 31.90 96.09 -13.81
C LEU H 45 31.10 95.01 -14.52
N ASN H 46 30.70 93.97 -13.78
CA ASN H 46 29.94 92.88 -14.37
C ASN H 46 28.62 93.38 -14.94
N ARG H 47 27.95 94.28 -14.23
CA ARG H 47 26.66 94.77 -14.69
C ARG H 47 26.81 95.62 -15.94
N GLU H 48 27.87 96.43 -16.00
CA GLU H 48 28.10 97.22 -17.21
C GLU H 48 28.34 96.33 -18.42
N LEU H 49 29.19 95.30 -18.26
CA LEU H 49 29.42 94.37 -19.35
C LEU H 49 28.13 93.70 -19.78
N TRP H 50 27.31 93.28 -18.81
CA TRP H 50 26.03 92.66 -19.11
C TRP H 50 25.16 93.57 -19.97
N ILE H 51 25.01 94.83 -19.56
CA ILE H 51 24.13 95.74 -20.30
C ILE H 51 24.63 95.93 -21.73
N GLY H 52 25.94 96.12 -21.89
CA GLY H 52 26.48 96.30 -23.23
C GLY H 52 26.21 95.10 -24.11
N SER H 53 26.48 93.90 -23.59
CA SER H 53 26.25 92.69 -24.37
C SER H 53 24.78 92.51 -24.71
N VAL H 54 23.89 92.88 -23.77
CA VAL H 54 22.46 92.73 -24.01
C VAL H 54 22.01 93.62 -25.15
N ILE H 55 22.47 94.88 -25.16
CA ILE H 55 22.05 95.77 -26.23
C ILE H 55 22.61 95.30 -27.58
N ALA H 56 23.84 94.78 -27.59
CA ALA H 56 24.39 94.26 -28.84
C ALA H 56 23.54 93.11 -29.40
N SER H 57 23.20 92.15 -28.53
CA SER H 57 22.41 91.02 -28.98
C SER H 57 21.02 91.46 -29.44
N PHE H 58 20.43 92.44 -28.75
CA PHE H 58 19.14 92.96 -29.18
C PHE H 58 19.23 93.59 -30.56
N ALA H 59 20.31 94.31 -30.85
CA ALA H 59 20.49 94.88 -32.18
C ALA H 59 20.51 93.79 -33.24
N VAL H 60 21.35 92.76 -33.02
CA VAL H 60 21.44 91.69 -34.01
C VAL H 60 20.08 91.02 -34.22
N GLY H 61 19.39 90.71 -33.12
CA GLY H 61 18.11 90.05 -33.23
C GLY H 61 17.06 90.89 -33.93
N ALA H 62 17.05 92.19 -33.66
CA ALA H 62 16.10 93.07 -34.34
C ALA H 62 16.38 93.11 -35.84
N ILE H 63 17.66 93.19 -36.23
CA ILE H 63 18.00 93.15 -37.65
C ILE H 63 17.44 91.90 -38.30
N VAL H 64 17.72 90.74 -37.69
CA VAL H 64 17.35 89.48 -38.34
C VAL H 64 15.83 89.31 -38.36
N TRP H 65 15.14 89.71 -37.29
CA TRP H 65 13.69 89.58 -37.29
C TRP H 65 13.04 90.50 -38.32
N GLY H 66 13.59 91.70 -38.49
CA GLY H 66 13.12 92.55 -39.57
C GLY H 66 13.32 91.91 -40.92
N LEU H 67 14.47 91.27 -41.13
CA LEU H 67 14.71 90.57 -42.39
C LEU H 67 13.67 89.49 -42.64
N ILE H 68 13.34 88.70 -41.62
CA ILE H 68 12.38 87.62 -41.80
C ILE H 68 10.99 88.18 -42.07
N PHE H 69 10.55 89.16 -41.27
CA PHE H 69 9.23 89.73 -41.48
C PHE H 69 9.13 90.52 -42.77
N TRP H 70 10.26 90.92 -43.35
CA TRP H 70 10.24 91.53 -44.67
C TRP H 70 10.12 90.47 -45.76
N THR H 71 10.96 89.44 -45.71
CA THR H 71 10.92 88.41 -46.74
C THR H 71 9.62 87.63 -46.73
N SER H 72 8.91 87.60 -45.60
CA SER H 72 7.59 86.98 -45.60
C SER H 72 6.50 87.91 -46.11
N ALA H 73 6.88 88.97 -46.82
CA ALA H 73 5.95 89.80 -47.58
C ALA H 73 6.18 89.65 -49.09
N PHE H 74 6.92 88.62 -49.49
CA PHE H 74 7.03 88.19 -50.88
C PHE H 74 6.02 87.08 -51.18
N HIS H 75 4.75 87.34 -50.90
CA HIS H 75 3.72 86.34 -51.13
C HIS H 75 3.62 85.97 -52.60
N ARG H 76 2.91 84.89 -52.87
CA ARG H 76 2.64 84.47 -54.24
C ARG H 76 1.44 85.26 -54.75
N LYS H 77 1.69 86.25 -55.59
CA LYS H 77 0.61 87.07 -56.14
C LYS H 77 -0.28 86.23 -57.05
N LYS H 78 -1.54 86.65 -57.17
CA LYS H 78 -2.46 85.95 -58.04
C LYS H 78 -2.14 86.15 -59.51
N ALA H 79 -1.43 87.22 -59.86
CA ALA H 79 -1.01 87.46 -61.23
C ALA H 79 0.27 86.73 -61.60
N THR H 80 0.86 85.97 -60.66
CA THR H 80 2.08 85.23 -60.95
C THR H 80 1.77 84.11 -61.93
N ASP H 81 2.19 84.28 -63.18
CA ASP H 81 1.91 83.31 -64.22
C ASP H 81 2.83 82.11 -64.06
N THR H 82 2.89 81.25 -65.07
CA THR H 82 3.70 80.05 -64.98
C THR H 82 5.17 80.41 -65.18
N GLU H 83 5.67 81.33 -64.35
CA GLU H 83 7.07 81.74 -64.38
C GLU H 83 7.59 81.66 -62.95
N LEU H 84 8.28 80.56 -62.64
CA LEU H 84 8.89 80.40 -61.33
C LEU H 84 9.93 81.50 -61.11
N PRO H 85 10.37 81.69 -59.86
CA PRO H 85 11.28 82.82 -59.57
C PRO H 85 12.65 82.69 -60.19
N ARG H 86 13.54 83.62 -59.85
CA ARG H 86 14.85 83.72 -60.49
C ARG H 86 15.66 82.42 -60.38
N GLN H 87 15.42 81.61 -59.35
CA GLN H 87 16.09 80.32 -59.21
C GLN H 87 17.61 80.47 -59.09
N PHE H 88 18.07 81.47 -58.32
CA PHE H 88 19.49 81.80 -58.44
C PHE H 88 20.38 80.88 -57.61
N GLY H 89 20.30 80.95 -56.29
CA GLY H 89 21.27 80.26 -55.46
C GLY H 89 22.70 80.75 -55.67
N TYR H 90 23.60 80.39 -54.76
CA TYR H 90 25.05 80.50 -54.98
C TYR H 90 25.49 81.95 -55.27
N ASN H 91 25.34 82.80 -54.26
CA ASN H 91 25.98 84.11 -54.29
C ASN H 91 27.36 84.02 -53.65
N MET H 92 28.38 84.47 -54.39
CA MET H 92 29.80 84.25 -54.06
C MET H 92 30.41 85.19 -53.03
N PRO H 93 30.28 86.52 -53.15
CA PRO H 93 31.00 87.39 -52.19
C PRO H 93 30.36 87.48 -50.82
N LEU H 94 29.03 87.34 -50.77
CA LEU H 94 28.36 87.48 -49.49
C LEU H 94 28.69 86.35 -48.53
N GLU H 95 29.09 85.18 -49.03
CA GLU H 95 29.52 84.12 -48.11
C GLU H 95 30.76 84.58 -47.35
N LEU H 96 31.71 85.22 -48.04
CA LEU H 96 32.88 85.77 -47.37
C LEU H 96 32.49 86.86 -46.39
N THR H 97 31.63 87.78 -46.82
CA THR H 97 31.21 88.87 -45.94
C THR H 97 30.60 88.33 -44.64
N LEU H 98 29.60 87.46 -44.77
CA LEU H 98 28.87 86.92 -43.63
C LEU H 98 29.67 85.88 -42.84
N THR H 99 30.78 85.38 -43.37
CA THR H 99 31.63 84.54 -42.54
C THR H 99 32.72 85.33 -41.85
N VAL H 100 33.01 86.55 -42.30
CA VAL H 100 34.08 87.31 -41.67
C VAL H 100 33.55 88.31 -40.64
N ILE H 101 32.29 88.75 -40.77
CA ILE H 101 31.76 89.75 -39.83
C ILE H 101 31.58 89.20 -38.41
N PRO H 102 30.84 88.09 -38.21
CA PRO H 102 30.67 87.60 -36.84
C PRO H 102 31.98 87.29 -36.14
N PHE H 103 33.03 86.97 -36.91
CA PHE H 103 34.33 86.75 -36.30
C PHE H 103 34.82 87.99 -35.57
N LEU H 104 34.71 89.16 -36.21
CA LEU H 104 35.16 90.38 -35.55
C LEU H 104 34.28 90.70 -34.35
N ILE H 105 32.96 90.50 -34.48
CA ILE H 105 32.10 90.74 -33.32
C ILE H 105 32.55 89.90 -32.13
N ILE H 106 32.68 88.58 -32.34
CA ILE H 106 32.99 87.70 -31.23
C ILE H 106 34.39 87.96 -30.70
N SER H 107 35.32 88.41 -31.56
CA SER H 107 36.66 88.72 -31.06
C SER H 107 36.63 89.92 -30.13
N VAL H 108 35.87 90.96 -30.49
CA VAL H 108 35.74 92.12 -29.61
C VAL H 108 35.14 91.70 -28.27
N LEU H 109 34.03 90.97 -28.33
CA LEU H 109 33.37 90.53 -27.10
C LEU H 109 34.29 89.66 -26.25
N PHE H 110 35.08 88.80 -26.89
CA PHE H 110 35.99 87.93 -26.16
C PHE H 110 37.09 88.73 -25.48
N TYR H 111 37.59 89.78 -26.14
CA TYR H 111 38.60 90.62 -25.52
C TYR H 111 38.06 91.25 -24.24
N PHE H 112 36.89 91.89 -24.33
CA PHE H 112 36.34 92.55 -23.15
C PHE H 112 36.01 91.54 -22.05
N THR H 113 35.51 90.37 -22.44
CA THR H 113 35.23 89.31 -21.48
C THR H 113 36.49 88.88 -20.74
N VAL H 114 37.59 88.68 -21.46
CA VAL H 114 38.83 88.28 -20.81
C VAL H 114 39.29 89.36 -19.83
N VAL H 115 39.19 90.64 -20.25
CA VAL H 115 39.60 91.73 -19.37
C VAL H 115 38.84 91.67 -18.05
N VAL H 116 37.51 91.64 -18.12
CA VAL H 116 36.73 91.67 -16.89
C VAL H 116 36.96 90.41 -16.07
N GLN H 117 36.95 89.25 -16.73
CA GLN H 117 37.09 87.99 -16.01
C GLN H 117 38.40 87.93 -15.25
N GLU H 118 39.50 88.42 -15.85
CA GLU H 118 40.76 88.39 -15.13
C GLU H 118 40.78 89.46 -14.05
N ARG H 119 40.10 90.58 -14.26
CA ARG H 119 39.91 91.50 -13.13
C ARG H 119 38.58 91.22 -12.42
N MET H 120 38.35 89.93 -12.15
CA MET H 120 37.34 89.49 -11.20
C MET H 120 37.87 88.48 -10.21
N MET H 121 39.06 87.92 -10.41
CA MET H 121 39.69 86.95 -9.51
C MET H 121 41.10 87.47 -9.25
N HIS H 122 41.26 88.33 -8.25
CA HIS H 122 42.51 89.05 -8.04
C HIS H 122 43.37 88.43 -6.93
N LYS H 123 42.79 88.28 -5.73
CA LYS H 123 43.46 87.64 -4.60
C LYS H 123 44.76 88.37 -4.21
N ASP H 124 44.58 89.59 -3.71
CA ASP H 124 45.68 90.31 -3.09
C ASP H 124 46.14 89.57 -1.83
N PRO H 125 47.46 89.47 -1.58
CA PRO H 125 47.96 88.51 -0.59
C PRO H 125 47.56 88.78 0.85
N ASN H 126 47.22 90.01 1.24
CA ASN H 126 46.91 90.31 2.64
C ASN H 126 45.53 90.96 2.77
N PRO H 127 44.47 90.16 2.86
CA PRO H 127 43.14 90.74 3.10
C PRO H 127 42.99 91.20 4.54
N GLU H 128 41.81 91.71 4.89
CA GLU H 128 41.56 92.22 6.24
C GLU H 128 40.72 91.30 7.09
N VAL H 129 39.71 90.65 6.52
CA VAL H 129 38.88 89.67 7.23
C VAL H 129 38.87 88.39 6.42
N VAL H 130 39.02 87.26 7.11
CA VAL H 130 39.05 85.94 6.48
C VAL H 130 37.96 85.10 7.10
N ILE H 131 36.93 84.78 6.32
CA ILE H 131 35.83 83.95 6.75
C ILE H 131 36.03 82.54 6.21
N ASP H 132 35.60 81.55 6.98
CA ASP H 132 35.69 80.14 6.60
C ASP H 132 34.28 79.57 6.48
N VAL H 133 33.82 79.40 5.25
CA VAL H 133 32.48 78.91 4.99
C VAL H 133 32.53 77.39 4.88
N THR H 134 31.71 76.71 5.68
CA THR H 134 31.57 75.26 5.63
C THR H 134 30.10 74.92 5.39
N ALA H 135 29.85 74.00 4.48
CA ALA H 135 28.50 73.59 4.13
C ALA H 135 28.37 72.08 4.33
N PHE H 136 27.31 71.66 5.02
CA PHE H 136 27.05 70.26 5.24
C PHE H 136 25.64 69.95 4.77
N GLN H 137 25.07 68.82 5.17
CA GLN H 137 23.76 68.47 4.63
C GLN H 137 22.73 69.45 5.14
N TRP H 138 22.50 70.47 4.33
CA TRP H 138 21.40 71.41 4.48
C TRP H 138 21.57 72.33 5.68
N ASN H 139 22.77 72.92 5.82
CA ASN H 139 22.92 74.20 6.50
C ASN H 139 24.37 74.68 6.43
N TRP H 140 24.67 75.85 6.98
CA TRP H 140 25.96 76.51 6.83
C TRP H 140 26.66 76.64 8.18
N LYS H 141 27.91 77.12 8.15
CA LYS H 141 28.67 77.35 9.37
C LYS H 141 29.84 78.28 9.04
N PHE H 142 29.91 79.43 9.71
CA PHE H 142 30.88 80.47 9.41
C PHE H 142 31.91 80.60 10.53
N GLY H 143 33.12 81.05 10.19
CA GLY H 143 34.26 80.82 11.06
C GLY H 143 35.03 81.98 11.67
N TYR H 144 35.13 83.12 11.00
CA TYR H 144 35.90 84.27 11.50
C TYR H 144 37.34 83.85 11.85
N GLN H 145 38.07 83.47 10.81
CA GLN H 145 39.40 82.90 11.02
C GLN H 145 40.39 83.96 11.51
N LYS H 146 40.54 85.05 10.76
CA LYS H 146 41.54 86.05 11.08
C LYS H 146 41.02 87.43 10.71
N ILE H 147 41.25 88.39 11.59
CA ILE H 147 40.99 89.80 11.32
C ILE H 147 42.31 90.53 11.41
N ALA H 148 42.50 91.50 10.51
CA ALA H 148 43.68 92.36 10.56
C ALA H 148 43.35 93.66 9.85
N PHE H 149 43.03 94.70 10.61
CA PHE H 149 42.67 95.97 10.01
C PHE H 149 43.89 96.69 9.49
N ALA H 150 43.70 97.52 8.46
CA ALA H 150 44.82 98.17 7.79
C ALA H 150 45.42 99.26 8.66
N ASP H 151 44.58 100.09 9.29
CA ASP H 151 45.08 101.17 10.12
C ASP H 151 45.83 100.66 11.34
N GLY H 152 45.56 99.43 11.76
CA GLY H 152 46.23 98.79 12.87
C GLY H 152 45.29 98.62 14.05
N SER H 153 44.66 97.44 14.12
CA SER H 153 43.69 97.06 15.13
C SER H 153 43.19 95.67 14.79
N PHE H 154 42.37 95.06 15.66
CA PHE H 154 41.59 93.88 15.29
C PHE H 154 42.49 92.73 14.82
N ASP H 155 43.30 92.21 15.73
CA ASP H 155 44.15 91.07 15.38
C ASP H 155 43.68 89.84 16.15
N TYR H 156 42.83 89.05 15.51
CA TYR H 156 42.23 87.85 16.06
C TYR H 156 42.79 86.62 15.34
N ASP H 157 42.54 85.44 15.91
CA ASP H 157 43.15 84.21 15.39
C ASP H 157 42.12 83.09 15.29
N GLY H 158 42.54 82.00 14.65
CA GLY H 158 41.75 80.79 14.56
C GLY H 158 42.27 79.72 15.52
N ALA H 159 41.47 78.66 15.67
CA ALA H 159 41.66 77.75 16.80
C ALA H 159 42.73 76.69 16.57
N ASP H 160 42.48 75.77 15.65
CA ASP H 160 43.27 74.59 15.28
C ASP H 160 43.84 73.74 16.43
N PRO H 161 43.10 73.45 17.52
CA PRO H 161 43.51 72.34 18.38
C PRO H 161 42.76 71.07 18.01
N GLU H 162 41.80 71.22 17.10
CA GLU H 162 40.79 70.22 16.82
C GLU H 162 40.94 69.54 15.47
N ARG H 163 41.79 70.05 14.59
CA ARG H 163 41.92 69.49 13.25
C ARG H 163 42.63 68.15 13.37
N LYS H 164 41.84 67.08 13.42
CA LYS H 164 42.37 65.73 13.49
C LYS H 164 41.48 64.75 12.72
N THR H 194 39.82 65.95 7.56
CA THR H 194 40.94 66.70 8.14
C THR H 194 41.35 67.85 7.23
N TYR H 195 40.57 68.08 6.18
CA TYR H 195 40.76 69.24 5.32
C TYR H 195 39.91 70.42 5.74
N LEU H 196 38.99 70.23 6.67
CA LEU H 196 38.10 71.28 7.12
C LEU H 196 38.82 72.22 8.09
N ASN H 197 38.17 73.34 8.40
CA ASN H 197 38.72 74.35 9.29
C ASN H 197 37.81 74.50 10.51
N PHE H 198 38.41 74.48 11.69
CA PHE H 198 37.68 74.64 12.94
C PHE H 198 38.22 75.87 13.65
N ASP H 199 37.32 76.78 14.03
CA ASP H 199 37.70 78.07 14.58
C ASP H 199 37.03 78.25 15.95
N LYS H 200 37.22 79.44 16.53
CA LYS H 200 36.74 79.73 17.88
C LYS H 200 35.35 80.35 17.89
N ILE H 201 35.15 81.42 17.13
CA ILE H 201 33.85 82.06 17.00
C ILE H 201 33.17 81.50 15.77
N GLU H 202 32.04 80.82 15.96
CA GLU H 202 31.37 80.15 14.85
C GLU H 202 29.88 80.37 14.93
N THR H 203 29.26 80.72 13.80
CA THR H 203 27.83 80.90 13.70
C THR H 203 27.25 79.66 13.02
N LEU H 204 26.91 78.66 13.81
CA LEU H 204 26.28 77.46 13.30
C LEU H 204 24.77 77.68 13.25
N GLY H 205 24.17 77.43 12.09
CA GLY H 205 22.75 77.56 11.93
C GLY H 205 22.06 76.23 12.11
N THR H 206 20.78 76.28 12.49
CA THR H 206 19.97 75.09 12.66
C THR H 206 18.70 75.24 11.83
N SER H 207 17.85 74.21 11.88
CA SER H 207 16.62 74.19 11.11
C SER H 207 15.59 75.20 11.59
N SER H 208 15.83 75.86 12.73
CA SER H 208 14.89 76.84 13.24
C SER H 208 15.48 78.24 13.34
N GLU H 209 16.79 78.39 13.15
CA GLU H 209 17.44 79.69 13.20
C GLU H 209 18.37 79.82 12.00
N ILE H 210 18.20 80.90 11.26
CA ILE H 210 18.95 81.12 10.02
C ILE H 210 20.33 81.68 10.36
N PRO H 211 21.42 81.10 9.87
CA PRO H 211 22.75 81.60 10.21
C PRO H 211 22.97 83.00 9.63
N VAL H 212 23.41 83.91 10.47
CA VAL H 212 23.62 85.30 10.10
C VAL H 212 25.13 85.57 10.12
N LEU H 213 25.65 86.04 8.99
CA LEU H 213 27.06 86.41 8.87
C LEU H 213 27.19 87.92 8.98
N VAL H 214 28.09 88.36 9.86
CA VAL H 214 28.30 89.78 10.14
C VAL H 214 29.66 90.18 9.60
N LEU H 215 29.67 91.23 8.78
CA LEU H 215 30.88 91.74 8.16
C LEU H 215 30.94 93.25 8.26
N PRO H 216 32.13 93.83 8.25
CA PRO H 216 32.26 95.30 8.26
C PRO H 216 32.19 95.88 6.86
N ALA H 217 31.81 97.15 6.79
CA ALA H 217 31.67 97.85 5.53
C ALA H 217 32.97 98.52 5.13
N GLY H 218 33.35 98.35 3.87
CA GLY H 218 34.54 98.99 3.35
C GLY H 218 35.84 98.31 3.72
N LYS H 219 35.87 96.98 3.69
CA LYS H 219 37.06 96.22 4.04
C LYS H 219 37.25 95.10 3.03
N ARG H 220 38.46 94.53 3.02
CA ARG H 220 38.82 93.46 2.12
C ARG H 220 38.43 92.12 2.77
N ILE H 221 37.49 91.41 2.17
CA ILE H 221 36.99 90.16 2.71
C ILE H 221 37.48 89.01 1.84
N GLU H 222 37.75 87.88 2.48
CA GLU H 222 38.14 86.65 1.79
C GLU H 222 37.36 85.47 2.33
N PHE H 223 36.84 84.65 1.43
CA PHE H 223 36.03 83.49 1.79
C PHE H 223 36.78 82.22 1.41
N VAL H 224 36.79 81.24 2.31
CA VAL H 224 37.44 79.95 2.08
C VAL H 224 36.35 78.89 2.15
N LEU H 225 36.06 78.26 1.01
CA LEU H 225 34.89 77.41 0.84
C LEU H 225 35.27 75.95 0.98
N ASN H 226 34.63 75.25 1.90
CA ASN H 226 34.83 73.82 2.09
C ASN H 226 33.50 73.15 2.32
N SER H 227 33.39 71.91 1.88
CA SER H 227 32.18 71.12 2.09
C SER H 227 32.53 69.84 2.83
N ALA H 228 31.56 69.31 3.55
CA ALA H 228 31.79 68.09 4.32
C ALA H 228 31.52 66.84 3.51
N ASP H 229 30.42 66.81 2.77
CA ASP H 229 29.96 65.60 2.09
C ASP H 229 29.81 65.75 0.58
N VAL H 230 29.00 66.72 0.11
CA VAL H 230 28.65 66.80 -1.30
C VAL H 230 28.87 68.23 -1.80
N ILE H 231 28.48 68.49 -3.04
CA ILE H 231 28.66 69.80 -3.65
C ILE H 231 27.46 70.67 -3.32
N HIS H 232 27.72 71.87 -2.80
CA HIS H 232 26.72 72.90 -2.58
C HIS H 232 27.09 74.13 -3.39
N GLY H 233 26.31 75.18 -3.25
CA GLY H 233 26.56 76.41 -3.98
C GLY H 233 26.45 77.60 -3.06
N PHE H 234 27.30 78.59 -3.32
CA PHE H 234 27.42 79.79 -2.48
C PHE H 234 27.07 81.00 -3.33
N TRP H 235 25.80 81.39 -3.32
CA TRP H 235 25.32 82.49 -4.14
C TRP H 235 24.75 83.59 -3.25
N VAL H 236 25.35 84.77 -3.31
CA VAL H 236 24.75 85.98 -2.76
C VAL H 236 24.35 86.85 -3.94
N PRO H 237 23.06 86.93 -4.28
CA PRO H 237 22.66 87.59 -5.53
C PRO H 237 23.08 89.03 -5.64
N GLU H 238 23.56 89.66 -4.58
CA GLU H 238 23.99 91.05 -4.64
C GLU H 238 25.47 91.20 -4.94
N PHE H 239 26.26 90.13 -4.83
CA PHE H 239 27.63 90.16 -5.29
C PHE H 239 27.73 89.92 -6.80
N LEU H 240 26.66 89.45 -7.42
CA LEU H 240 26.64 89.07 -8.84
C LEU H 240 27.75 88.06 -9.12
N PHE H 241 27.87 87.06 -8.26
CA PHE H 241 28.96 86.11 -8.32
C PHE H 241 28.59 84.89 -7.49
N LYS H 242 29.07 83.73 -7.91
CA LYS H 242 28.79 82.49 -7.21
C LYS H 242 29.91 81.49 -7.49
N ARG H 243 30.05 80.53 -6.58
CA ARG H 243 31.12 79.54 -6.66
C ARG H 243 30.63 78.28 -5.97
N ASP H 244 31.11 77.14 -6.46
CA ASP H 244 30.70 75.86 -5.92
C ASP H 244 31.57 75.46 -4.74
N VAL H 245 30.97 74.71 -3.81
CA VAL H 245 31.60 74.31 -2.56
C VAL H 245 31.89 72.82 -2.67
N LEU H 246 33.14 72.47 -2.91
CA LEU H 246 33.51 71.10 -3.19
C LEU H 246 33.96 70.37 -1.93
N PRO H 247 33.76 69.05 -1.89
CA PRO H 247 34.27 68.27 -0.75
C PRO H 247 35.77 68.37 -0.56
N GLU H 248 36.54 67.98 -1.55
CA GLU H 248 38.00 68.05 -1.43
C GLU H 248 38.54 69.05 -2.44
N PRO H 249 38.50 70.35 -2.13
CA PRO H 249 38.82 71.35 -3.15
C PRO H 249 40.25 71.29 -3.65
N LYS H 250 41.19 70.75 -2.87
CA LYS H 250 42.57 70.68 -3.34
C LYS H 250 42.85 69.44 -4.16
N ALA H 251 42.35 68.28 -3.73
CA ALA H 251 42.57 67.05 -4.48
C ALA H 251 41.88 67.07 -5.84
N ASN H 252 40.84 67.88 -6.00
CA ASN H 252 40.13 67.99 -7.26
C ASN H 252 40.59 69.18 -8.08
N ASN H 253 41.73 69.78 -7.73
CA ASN H 253 42.32 70.89 -8.49
C ASN H 253 41.36 72.07 -8.60
N SER H 254 40.69 72.39 -7.50
CA SER H 254 39.78 73.52 -7.45
C SER H 254 40.41 74.70 -6.73
N ASP H 255 39.76 75.85 -6.85
CA ASP H 255 40.21 77.09 -6.23
C ASP H 255 39.09 77.57 -5.30
N ASN H 256 39.19 77.20 -4.03
CA ASN H 256 38.12 77.43 -3.07
C ASN H 256 38.25 78.75 -2.33
N VAL H 257 38.93 79.73 -2.92
CA VAL H 257 39.17 81.01 -2.26
C VAL H 257 38.86 82.12 -3.25
N PHE H 258 38.09 83.11 -2.80
CA PHE H 258 37.82 84.29 -3.61
C PHE H 258 37.59 85.49 -2.70
N GLN H 259 37.98 86.66 -3.18
CA GLN H 259 37.97 87.88 -2.38
C GLN H 259 37.10 88.93 -3.04
N VAL H 260 36.54 89.81 -2.22
CA VAL H 260 35.87 91.02 -2.67
C VAL H 260 36.64 92.21 -2.14
N SER H 261 36.74 93.27 -2.95
CA SER H 261 37.61 94.38 -2.59
C SER H 261 37.03 95.21 -1.46
N GLU H 262 35.71 95.38 -1.44
CA GLU H 262 35.04 96.13 -0.39
C GLU H 262 33.54 95.94 -0.56
N ILE H 263 32.78 96.41 0.43
CA ILE H 263 31.33 96.38 0.40
C ILE H 263 30.84 97.77 0.74
N GLN H 264 30.38 98.52 -0.27
CA GLN H 264 29.99 99.90 -0.06
C GLN H 264 28.76 100.01 0.83
N GLN H 265 27.67 99.39 0.40
CA GLN H 265 26.39 99.55 1.09
C GLN H 265 26.31 98.65 2.31
N THR H 266 25.48 99.04 3.27
CA THR H 266 25.19 98.26 4.46
C THR H 266 23.72 97.86 4.49
N GLY H 267 23.44 96.75 5.14
CA GLY H 267 22.09 96.23 5.24
C GLY H 267 22.11 94.73 5.36
N ALA H 268 21.00 94.10 5.01
CA ALA H 268 20.84 92.66 5.10
C ALA H 268 20.60 92.09 3.71
N PHE H 269 21.27 90.98 3.40
CA PHE H 269 21.21 90.38 2.08
C PHE H 269 21.05 88.87 2.21
N VAL H 270 20.40 88.28 1.23
CA VAL H 270 20.01 86.87 1.27
C VAL H 270 21.07 86.03 0.56
N GLY H 271 21.18 84.78 0.97
CA GLY H 271 22.07 83.83 0.30
C GLY H 271 21.35 82.54 0.03
N ARG H 272 21.66 81.94 -1.11
CA ARG H 272 21.01 80.73 -1.57
C ARG H 272 22.04 79.63 -1.78
N CYS H 273 21.56 78.39 -1.83
CA CYS H 273 22.36 77.28 -2.33
C CYS H 273 21.95 77.02 -3.77
N THR H 274 22.95 76.85 -4.64
CA THR H 274 22.74 76.78 -6.09
C THR H 274 23.37 75.54 -6.67
N GLU H 275 23.10 74.40 -6.04
CA GLU H 275 23.59 73.11 -6.50
C GLU H 275 22.46 72.11 -6.32
N MET H 276 22.79 70.82 -6.31
CA MET H 276 21.83 69.80 -5.93
C MET H 276 22.43 69.05 -4.74
N CYS H 277 21.85 69.27 -3.56
CA CYS H 277 22.29 68.62 -2.33
C CYS H 277 21.43 67.44 -1.95
N GLY H 278 20.20 67.36 -2.44
CA GLY H 278 19.29 66.34 -1.99
C GLY H 278 17.93 66.89 -1.61
N THR H 279 17.35 66.35 -0.54
CA THR H 279 15.96 66.63 -0.22
C THR H 279 15.73 68.12 0.06
N PHE H 280 16.36 68.64 1.10
CA PHE H 280 16.11 70.01 1.54
C PHE H 280 17.08 70.98 0.89
N HIS H 281 17.20 70.92 -0.44
CA HIS H 281 18.09 71.83 -1.14
C HIS H 281 17.55 73.26 -1.15
N ALA H 282 16.23 73.41 -1.23
CA ALA H 282 15.61 74.73 -1.27
C ALA H 282 15.49 75.37 0.10
N MET H 283 16.15 74.83 1.11
CA MET H 283 16.01 75.28 2.49
C MET H 283 17.38 75.42 3.15
N MET H 284 18.34 76.00 2.44
CA MET H 284 19.68 76.24 2.96
C MET H 284 20.02 77.72 2.96
N ASN H 285 19.03 78.58 3.06
CA ASN H 285 19.28 80.01 2.94
C ASN H 285 20.03 80.53 4.17
N PHE H 286 20.80 81.59 3.96
CA PHE H 286 21.50 82.28 5.03
C PHE H 286 21.34 83.77 4.82
N GLU H 287 22.09 84.58 5.56
CA GLU H 287 21.99 86.02 5.46
C GLU H 287 23.32 86.67 5.79
N VAL H 288 23.61 87.77 5.12
CA VAL H 288 24.83 88.55 5.33
C VAL H 288 24.43 89.90 5.92
N ARG H 289 25.07 90.28 7.02
CA ARG H 289 24.83 91.57 7.65
C ARG H 289 26.09 92.42 7.54
N VAL H 290 25.95 93.61 6.97
CA VAL H 290 27.04 94.55 6.83
C VAL H 290 26.81 95.68 7.81
N VAL H 291 27.79 95.91 8.69
CA VAL H 291 27.70 96.93 9.73
C VAL H 291 28.94 97.80 9.65
N GLU H 292 29.02 98.77 10.56
CA GLU H 292 30.16 99.67 10.61
C GLU H 292 31.34 98.99 11.32
N PRO H 293 32.56 99.45 11.03
CA PRO H 293 33.74 98.78 11.62
C PRO H 293 33.74 98.80 13.15
N ASN H 294 33.40 99.92 13.79
CA ASN H 294 33.39 99.95 15.25
C ASN H 294 32.27 99.09 15.81
N ASP H 295 31.12 99.06 15.15
CA ASP H 295 30.08 98.11 15.56
C ASP H 295 30.52 96.68 15.33
N PHE H 296 31.36 96.44 14.32
CA PHE H 296 31.94 95.11 14.15
C PHE H 296 32.86 94.77 15.31
N LYS H 297 33.61 95.76 15.81
CA LYS H 297 34.40 95.55 17.03
C LYS H 297 33.51 95.16 18.19
N ALA H 298 32.45 95.96 18.42
CA ALA H 298 31.54 95.67 19.51
C ALA H 298 31.00 94.25 19.41
N TYR H 299 30.60 93.85 18.21
CA TYR H 299 30.06 92.50 18.01
C TYR H 299 31.10 91.43 18.29
N ILE H 300 32.32 91.62 17.78
CA ILE H 300 33.34 90.58 17.93
C ILE H 300 33.73 90.41 19.39
N ASP H 301 33.91 91.52 20.11
CA ASP H 301 34.27 91.39 21.51
C ASP H 301 33.08 90.95 22.37
N GLN H 302 31.85 91.20 21.93
CA GLN H 302 30.71 90.64 22.62
C GLN H 302 30.61 89.14 22.39
N ARG H 303 31.08 88.66 21.24
CA ARG H 303 31.06 87.23 20.95
C ARG H 303 32.23 86.51 21.61
N ASN H 304 33.33 87.21 21.85
CA ASN H 304 34.47 86.57 22.51
C ASN H 304 34.09 86.10 23.89
N ALA H 305 33.47 86.97 24.69
CA ALA H 305 32.75 86.50 25.87
C ALA H 305 31.58 85.65 25.42
N GLY H 306 31.45 84.46 26.01
CA GLY H 306 30.52 83.48 25.50
C GLY H 306 29.10 83.99 25.33
N LYS H 307 28.68 84.17 24.08
CA LYS H 307 27.37 84.70 23.77
C LYS H 307 26.94 84.22 22.40
N THR H 308 25.67 83.86 22.28
CA THR H 308 25.12 83.43 21.00
C THR H 308 25.10 84.60 20.02
N ASN H 309 24.72 84.29 18.78
CA ASN H 309 24.70 85.32 17.75
C ASN H 309 23.57 86.32 17.98
N ALA H 310 22.42 85.86 18.45
CA ALA H 310 21.29 86.75 18.65
C ALA H 310 21.57 87.75 19.76
N GLU H 311 22.22 87.30 20.84
CA GLU H 311 22.53 88.21 21.94
C GLU H 311 23.54 89.27 21.52
N ALA H 312 24.60 88.85 20.83
CA ALA H 312 25.58 89.82 20.36
C ALA H 312 25.00 90.76 19.32
N LEU H 313 24.04 90.30 18.53
CA LEU H 313 23.41 91.17 17.54
C LEU H 313 22.49 92.17 18.21
N ALA H 314 21.80 91.76 19.27
CA ALA H 314 20.97 92.70 20.01
C ALA H 314 21.83 93.69 20.80
N ALA H 315 23.05 93.29 21.16
CA ALA H 315 23.92 94.16 21.95
C ALA H 315 24.51 95.31 21.14
N ILE H 316 24.24 95.40 19.84
CA ILE H 316 24.69 96.53 19.04
C ILE H 316 23.49 97.15 18.33
N ASN H 317 22.30 96.97 18.92
CA ASN H 317 21.05 97.54 18.41
C ASN H 317 20.80 97.13 16.96
N GLN H 318 20.69 95.82 16.76
CA GLN H 318 20.31 95.23 15.50
C GLN H 318 19.25 94.18 15.77
N PRO H 319 18.27 94.02 14.89
CA PRO H 319 17.30 92.93 15.04
C PRO H 319 18.01 91.59 15.10
N PRO H 320 17.71 90.77 16.10
CA PRO H 320 18.49 89.55 16.31
C PRO H 320 18.25 88.48 15.26
N LEU H 321 17.12 88.51 14.58
CA LEU H 321 16.75 87.48 13.63
C LEU H 321 17.00 87.97 12.20
N ALA H 322 17.12 87.00 11.29
CA ALA H 322 17.26 87.33 9.87
C ALA H 322 15.96 87.96 9.36
N ILE H 323 16.10 89.09 8.67
CA ILE H 323 14.93 89.88 8.28
C ILE H 323 14.58 89.61 6.82
N THR H 324 15.57 89.27 6.00
CA THR H 324 15.29 88.99 4.60
C THR H 324 14.65 87.62 4.42
N THR H 325 15.16 86.62 5.13
CA THR H 325 14.67 85.25 5.02
C THR H 325 14.07 84.81 6.34
N GLU H 326 13.03 83.99 6.27
CA GLU H 326 12.38 83.44 7.43
C GLU H 326 12.66 81.95 7.55
N PRO H 327 12.86 81.42 8.75
CA PRO H 327 13.15 79.98 8.89
C PRO H 327 11.89 79.14 8.71
N PHE H 328 11.41 79.05 7.48
CA PHE H 328 10.19 78.30 7.23
C PHE H 328 10.41 76.82 7.52
N GLU H 329 9.33 76.18 7.96
CA GLU H 329 9.40 74.78 8.34
C GLU H 329 9.93 73.95 7.17
N SER H 330 10.58 72.84 7.52
CA SER H 330 10.97 71.87 6.51
C SER H 330 9.72 71.13 6.02
N ARG H 331 8.89 71.90 5.32
CA ARG H 331 7.48 71.61 5.11
C ARG H 331 7.27 70.22 4.51
N ARG H 332 6.39 69.45 5.14
CA ARG H 332 5.90 68.22 4.55
C ARG H 332 4.67 68.43 3.69
N GLY H 333 3.98 69.54 3.86
CA GLY H 333 2.84 69.87 3.04
C GLY H 333 1.75 70.53 3.85
N GLU H 334 0.85 71.22 3.15
CA GLU H 334 -0.28 71.86 3.80
C GLU H 334 -1.46 70.92 3.98
N LEU H 335 -1.38 69.70 3.45
CA LEU H 335 -2.44 68.72 3.64
C LEU H 335 -2.10 67.66 4.67
N VAL H 336 -0.94 67.77 5.32
CA VAL H 336 -0.63 66.89 6.44
C VAL H 336 -1.55 67.23 7.61
N PRO H 337 -1.98 66.28 8.42
CA PRO H 337 -2.87 66.62 9.55
C PRO H 337 -2.14 67.38 10.63
N GLN H 338 -1.99 68.69 10.42
CA GLN H 338 -1.30 69.59 11.35
C GLN H 338 0.14 69.13 11.59
N GLU I 10 -10.82 57.10 -72.42
CA GLU I 10 -11.16 55.79 -71.91
C GLU I 10 -11.40 55.82 -70.41
N LEU I 11 -12.57 55.35 -69.98
CA LEU I 11 -12.88 55.23 -68.55
C LEU I 11 -11.97 54.22 -67.89
N GLU I 12 -11.90 54.23 -66.56
CA GLU I 12 -11.03 53.31 -65.84
C GLU I 12 -11.57 53.18 -64.42
N ALA I 13 -11.75 51.94 -63.98
CA ALA I 13 -12.51 51.65 -62.76
C ALA I 13 -11.72 52.06 -61.53
N ARG I 14 -12.42 52.59 -60.53
CA ARG I 14 -11.83 53.01 -59.27
C ARG I 14 -12.73 52.62 -58.11
N ARG I 15 -12.47 53.18 -56.94
CA ARG I 15 -13.31 52.98 -55.77
C ARG I 15 -13.93 54.30 -55.35
N PRO I 16 -15.11 54.28 -54.74
CA PRO I 16 -15.68 55.53 -54.23
C PRO I 16 -14.82 56.18 -53.17
N PHE I 17 -14.07 55.38 -52.39
CA PHE I 17 -13.22 55.87 -51.33
C PHE I 17 -12.26 54.76 -50.98
N PRO I 18 -10.98 55.06 -50.74
CA PRO I 18 -10.04 53.99 -50.35
C PRO I 18 -10.47 53.33 -49.04
N GLU I 19 -9.88 52.17 -48.78
CA GLU I 19 -10.28 51.42 -47.59
C GLU I 19 -9.77 52.10 -46.33
N ARG I 20 -10.57 52.05 -45.28
CA ARG I 20 -10.27 52.84 -44.08
C ARG I 20 -9.16 52.21 -43.26
N MET I 21 -9.39 50.99 -42.77
CA MET I 21 -8.51 50.40 -41.76
C MET I 21 -7.67 49.26 -42.30
N GLY I 22 -8.29 48.22 -42.85
CA GLY I 22 -7.57 47.03 -43.23
C GLY I 22 -8.14 45.80 -42.57
N PRO I 23 -7.77 44.63 -43.06
CA PRO I 23 -8.39 43.39 -42.58
C PRO I 23 -8.04 43.11 -41.13
N LYS I 24 -8.79 42.18 -40.54
CA LYS I 24 -8.54 41.76 -39.18
C LYS I 24 -7.31 40.86 -39.13
N GLY I 25 -6.41 41.13 -38.20
CA GLY I 25 -5.18 40.37 -38.11
C GLY I 25 -4.11 40.82 -39.08
N ASN I 26 -4.16 42.06 -39.54
CA ASN I 26 -3.27 42.56 -40.58
C ASN I 26 -1.99 43.18 -40.03
N LEU I 27 -1.90 43.42 -38.74
CA LEU I 27 -0.80 44.22 -38.23
C LEU I 27 -0.01 43.56 -37.11
N ILE I 28 -0.67 42.82 -36.22
CA ILE I 28 -0.04 42.45 -34.96
C ILE I 28 1.12 41.49 -35.18
N TYR I 29 0.98 40.56 -36.12
CA TYR I 29 2.08 39.64 -36.39
C TYR I 29 3.11 40.26 -37.30
N LYS I 30 2.69 41.10 -38.23
CA LYS I 30 3.64 41.86 -39.04
C LYS I 30 4.43 42.84 -38.19
N LEU I 31 3.96 43.17 -36.99
CA LEU I 31 4.65 44.11 -36.13
C LEU I 31 5.83 43.48 -35.43
N ILE I 32 5.76 42.17 -35.17
CA ILE I 32 6.79 41.49 -34.41
C ILE I 32 7.94 41.01 -35.28
N THR I 33 7.65 40.58 -36.51
CA THR I 33 8.65 40.00 -37.40
C THR I 33 9.05 40.92 -38.53
N THR I 34 8.77 42.21 -38.45
CA THR I 34 9.03 43.09 -39.57
C THR I 34 10.52 43.39 -39.69
N THR I 35 10.92 43.76 -40.91
CA THR I 35 12.28 44.21 -41.17
C THR I 35 12.36 45.39 -42.11
N ASP I 36 11.24 45.95 -42.57
CA ASP I 36 11.27 47.09 -43.47
C ASP I 36 11.28 48.38 -42.67
N HIS I 37 12.04 49.36 -43.17
CA HIS I 37 12.31 50.57 -42.40
C HIS I 37 11.07 51.44 -42.21
N LYS I 38 10.09 51.36 -43.09
CA LYS I 38 8.95 52.27 -43.00
C LYS I 38 8.10 51.96 -41.76
N LEU I 39 7.79 50.67 -41.55
CA LEU I 39 7.03 50.29 -40.37
C LEU I 39 7.78 50.60 -39.10
N ILE I 40 9.10 50.41 -39.11
CA ILE I 40 9.89 50.69 -37.92
C ILE I 40 9.93 52.17 -37.63
N GLY I 41 9.96 53.02 -38.67
CA GLY I 41 9.88 54.45 -38.44
C GLY I 41 8.55 54.86 -37.86
N ILE I 42 7.45 54.26 -38.34
CA ILE I 42 6.14 54.56 -37.77
C ILE I 42 6.11 54.18 -36.29
N MET I 43 6.66 53.00 -35.95
CA MET I 43 6.67 52.56 -34.57
C MET I 43 7.48 53.51 -33.69
N TYR I 44 8.69 53.84 -34.12
CA TYR I 44 9.47 54.91 -33.50
C TYR I 44 8.61 56.12 -33.17
N CYS I 45 7.95 56.68 -34.18
CA CYS I 45 7.22 57.93 -33.98
C CYS I 45 6.13 57.77 -32.93
N VAL I 46 5.37 56.69 -33.01
CA VAL I 46 4.23 56.52 -32.09
C VAL I 46 4.72 56.39 -30.65
N VAL I 47 5.71 55.54 -30.41
CA VAL I 47 6.15 55.36 -29.03
C VAL I 47 6.85 56.60 -28.50
N CYS I 48 7.58 57.32 -29.35
CA CYS I 48 8.21 58.55 -28.88
C CYS I 48 7.18 59.59 -28.49
N PHE I 49 6.05 59.64 -29.21
CA PHE I 49 5.02 60.60 -28.80
C PHE I 49 4.33 60.18 -27.51
N ALA I 50 4.17 58.88 -27.28
CA ALA I 50 3.66 58.44 -25.98
C ALA I 50 4.58 58.92 -24.85
N PHE I 51 5.90 58.74 -25.02
CA PHE I 51 6.83 59.18 -23.99
C PHE I 51 6.82 60.70 -23.84
N PHE I 52 6.63 61.43 -24.94
CA PHE I 52 6.48 62.88 -24.86
C PHE I 52 5.30 63.26 -23.97
N LEU I 53 4.17 62.56 -24.13
CA LEU I 53 3.01 62.85 -23.29
C LEU I 53 3.31 62.61 -21.82
N VAL I 54 4.03 61.52 -21.51
CA VAL I 54 4.37 61.23 -20.13
C VAL I 54 5.23 62.36 -19.53
N GLY I 55 6.29 62.73 -20.24
CA GLY I 55 7.14 63.80 -19.75
C GLY I 55 6.39 65.11 -19.56
N GLY I 56 5.49 65.43 -20.49
CA GLY I 56 4.70 66.64 -20.34
C GLY I 56 3.81 66.61 -19.12
N LEU I 57 3.24 65.44 -18.80
CA LEU I 57 2.44 65.33 -17.59
C LEU I 57 3.28 65.63 -16.35
N MET I 58 4.50 65.09 -16.32
CA MET I 58 5.40 65.42 -15.20
C MET I 58 5.64 66.92 -15.10
N ALA I 59 5.86 67.57 -16.25
CA ALA I 59 6.11 69.01 -16.23
C ALA I 59 4.91 69.79 -15.72
N LEU I 60 3.70 69.32 -16.05
CA LEU I 60 2.50 70.01 -15.57
C LEU I 60 2.37 69.89 -14.06
N PHE I 61 2.67 68.71 -13.51
CA PHE I 61 2.70 68.58 -12.05
C PHE I 61 3.69 69.57 -11.43
N MET I 62 4.89 69.66 -12.02
CA MET I 62 5.88 70.59 -11.50
C MET I 62 5.35 72.02 -11.51
N ARG I 63 4.74 72.45 -12.62
CA ARG I 63 4.27 73.82 -12.71
C ARG I 63 3.18 74.10 -11.68
N THR I 64 2.16 73.22 -11.62
CA THR I 64 1.06 73.47 -10.72
C THR I 64 1.50 73.44 -9.26
N GLU I 65 2.64 72.80 -8.95
CA GLU I 65 3.18 72.99 -7.61
C GLU I 65 3.94 74.30 -7.47
N LEU I 66 4.67 74.71 -8.52
CA LEU I 66 5.53 75.89 -8.38
C LEU I 66 4.74 77.18 -8.24
N ALA I 67 3.51 77.22 -8.74
CA ALA I 67 2.69 78.38 -8.43
C ALA I 67 2.29 78.35 -6.95
N MET I 68 1.84 79.50 -6.43
CA MET I 68 1.23 79.54 -5.10
C MET I 68 2.17 79.07 -4.00
N PRO I 69 3.10 79.92 -3.53
CA PRO I 69 4.08 79.51 -2.50
C PRO I 69 3.52 78.64 -1.39
N GLY I 70 4.31 77.67 -0.96
CA GLY I 70 3.87 76.65 -0.03
C GLY I 70 3.72 75.30 -0.72
N LEU I 71 3.93 74.23 0.05
CA LEU I 71 3.84 72.88 -0.47
C LEU I 71 2.38 72.42 -0.35
N GLN I 72 1.62 72.59 -1.44
CA GLN I 72 0.19 72.31 -1.39
C GLN I 72 -0.10 70.82 -1.42
N PHE I 73 0.45 70.11 -2.41
CA PHE I 73 0.16 68.68 -2.53
C PHE I 73 1.37 67.80 -2.80
N LEU I 74 2.53 68.35 -3.13
CA LEU I 74 3.71 67.53 -3.37
C LEU I 74 4.61 67.55 -2.13
N SER I 75 5.75 66.90 -2.26
CA SER I 75 6.78 66.88 -1.24
C SER I 75 8.09 67.37 -1.86
N ASN I 76 9.18 67.28 -1.10
CA ASN I 76 10.48 67.60 -1.68
C ASN I 76 11.01 66.43 -2.50
N GLU I 77 10.92 65.22 -1.94
CA GLU I 77 11.35 64.02 -2.66
C GLU I 77 10.61 63.87 -3.97
N GLN I 78 9.29 64.03 -3.93
CA GLN I 78 8.50 63.81 -5.13
C GLN I 78 8.81 64.87 -6.18
N PHE I 79 9.05 66.11 -5.76
CA PHE I 79 9.43 67.14 -6.72
C PHE I 79 10.78 66.83 -7.36
N ASN I 80 11.74 66.36 -6.57
CA ASN I 80 13.05 66.04 -7.14
C ASN I 80 12.93 64.90 -8.15
N GLN I 81 12.19 63.85 -7.78
CA GLN I 81 11.95 62.76 -8.72
C GLN I 81 11.27 63.26 -9.98
N LEU I 82 10.33 64.19 -9.83
CA LEU I 82 9.60 64.70 -10.98
C LEU I 82 10.53 65.38 -11.97
N PHE I 83 11.37 66.31 -11.49
CA PHE I 83 12.20 67.00 -12.48
C PHE I 83 13.29 66.09 -13.03
N THR I 84 13.79 65.16 -12.22
CA THR I 84 14.76 64.19 -12.74
C THR I 84 14.17 63.38 -13.89
N MET I 85 13.02 62.75 -13.65
CA MET I 85 12.42 61.90 -14.66
C MET I 85 11.93 62.71 -15.85
N HIS I 86 11.47 63.93 -15.64
CA HIS I 86 11.10 64.78 -16.77
C HIS I 86 12.28 65.03 -17.68
N GLY I 87 13.39 65.50 -17.13
CA GLY I 87 14.56 65.73 -17.95
C GLY I 87 15.02 64.48 -18.66
N THR I 88 15.11 63.36 -17.93
CA THR I 88 15.60 62.12 -18.51
C THR I 88 14.71 61.67 -19.66
N VAL I 89 13.40 61.57 -19.43
CA VAL I 89 12.49 61.11 -20.47
C VAL I 89 12.57 62.03 -21.68
N MET I 90 12.38 63.33 -21.46
CA MET I 90 12.30 64.26 -22.59
C MET I 90 13.59 64.27 -23.41
N LEU I 91 14.74 64.05 -22.78
CA LEU I 91 15.96 64.13 -23.58
C LEU I 91 16.35 62.79 -24.20
N LEU I 92 16.19 61.67 -23.49
CA LEU I 92 16.75 60.42 -23.96
C LEU I 92 15.73 59.44 -24.51
N PHE I 93 14.45 59.57 -24.14
CA PHE I 93 13.44 58.64 -24.62
C PHE I 93 12.48 59.30 -25.60
N TYR I 94 12.73 60.52 -26.01
CA TYR I 94 11.87 61.13 -27.01
C TYR I 94 12.65 61.72 -28.19
N ALA I 95 13.80 62.32 -27.96
CA ALA I 95 14.50 63.04 -29.02
C ALA I 95 15.48 62.13 -29.77
N THR I 96 16.40 61.50 -29.04
CA THR I 96 17.33 60.60 -29.69
C THR I 96 16.67 59.49 -30.50
N PRO I 97 15.56 58.88 -30.07
CA PRO I 97 14.90 57.91 -30.95
C PRO I 97 14.09 58.56 -32.07
N ILE I 98 13.54 59.76 -31.90
CA ILE I 98 12.81 60.37 -33.00
C ILE I 98 13.76 60.71 -34.14
N VAL I 99 15.02 60.99 -33.83
CA VAL I 99 16.01 61.19 -34.88
C VAL I 99 16.08 59.97 -35.79
N PHE I 100 16.27 58.79 -35.19
CA PHE I 100 16.33 57.57 -35.98
C PHE I 100 14.98 57.20 -36.57
N GLY I 101 13.89 57.65 -35.98
CA GLY I 101 12.60 57.46 -36.62
C GLY I 101 12.52 58.15 -37.97
N PHE I 102 12.87 59.43 -38.00
CA PHE I 102 12.87 60.14 -39.28
C PHE I 102 13.90 59.56 -40.24
N ALA I 103 15.06 59.14 -39.72
CA ALA I 103 16.07 58.52 -40.56
C ALA I 103 15.52 57.26 -41.23
N ASN I 104 15.03 56.31 -40.44
CA ASN I 104 14.46 55.08 -41.00
C ASN I 104 13.30 55.38 -41.94
N LEU I 105 12.57 56.46 -41.69
CA LEU I 105 11.47 56.80 -42.60
C LEU I 105 11.99 57.18 -43.97
N VAL I 106 12.89 58.16 -44.05
CA VAL I 106 13.12 58.78 -45.35
C VAL I 106 14.57 58.85 -45.81
N LEU I 107 15.46 58.07 -45.22
CA LEU I 107 16.82 58.09 -45.77
C LEU I 107 16.98 57.16 -46.97
N PRO I 108 16.53 55.90 -46.91
CA PRO I 108 16.66 55.03 -48.08
C PRO I 108 15.89 55.54 -49.28
N LEU I 109 14.75 56.19 -49.06
CA LEU I 109 14.02 56.79 -50.17
C LEU I 109 14.84 57.91 -50.80
N GLN I 110 15.51 58.71 -49.98
CA GLN I 110 16.25 59.87 -50.49
C GLN I 110 17.51 59.48 -51.24
N ILE I 111 18.17 58.39 -50.84
CA ILE I 111 19.35 57.96 -51.58
C ILE I 111 19.03 56.97 -52.70
N GLY I 112 17.78 56.54 -52.83
CA GLY I 112 17.41 55.64 -53.90
C GLY I 112 17.80 54.20 -53.67
N ALA I 113 17.63 53.70 -52.46
CA ALA I 113 18.01 52.34 -52.11
C ALA I 113 16.77 51.51 -51.78
N PRO I 114 16.87 50.17 -51.86
CA PRO I 114 15.71 49.34 -51.54
C PRO I 114 15.52 49.10 -50.05
N ASP I 115 16.55 49.22 -49.24
CA ASP I 115 16.48 48.88 -47.83
C ASP I 115 17.71 49.44 -47.14
N VAL I 116 17.78 49.27 -45.82
CA VAL I 116 18.94 49.65 -45.04
C VAL I 116 19.99 48.56 -45.16
N ALA I 117 21.20 48.83 -44.70
CA ALA I 117 22.29 47.87 -44.85
C ALA I 117 22.00 46.58 -44.10
N PHE I 118 21.77 46.68 -42.79
CA PHE I 118 21.50 45.52 -41.95
C PHE I 118 20.07 45.58 -41.46
N PRO I 119 19.14 44.83 -42.05
CA PRO I 119 17.72 45.01 -41.71
C PRO I 119 17.28 44.43 -40.38
N ARG I 120 18.00 43.47 -39.82
CA ARG I 120 17.60 42.92 -38.53
C ARG I 120 18.19 43.71 -37.36
N LEU I 121 19.38 44.29 -37.55
CA LEU I 121 19.93 45.21 -36.55
C LEU I 121 19.00 46.38 -36.32
N ASN I 122 18.23 46.77 -37.33
CA ASN I 122 17.25 47.83 -37.20
C ASN I 122 16.20 47.50 -36.13
N ALA I 123 15.54 46.35 -36.29
CA ALA I 123 14.54 45.94 -35.32
C ALA I 123 15.16 45.72 -33.95
N LEU I 124 16.38 45.18 -33.92
CA LEU I 124 17.06 45.03 -32.64
C LEU I 124 17.21 46.37 -31.93
N SER I 125 17.60 47.40 -32.68
CA SER I 125 17.75 48.73 -32.10
C SER I 125 16.44 49.24 -31.54
N PHE I 126 15.35 49.09 -32.31
CA PHE I 126 14.06 49.59 -31.84
C PHE I 126 13.64 48.90 -30.54
N TRP I 127 13.76 47.57 -30.49
CA TRP I 127 13.31 46.86 -29.30
C TRP I 127 14.20 47.15 -28.10
N LEU I 128 15.50 47.30 -28.32
CA LEU I 128 16.40 47.70 -27.24
C LEU I 128 15.99 49.05 -26.67
N PHE I 129 15.71 50.02 -27.55
CA PHE I 129 15.24 51.32 -27.08
C PHE I 129 13.99 51.18 -26.22
N LEU I 130 12.98 50.46 -26.73
CA LEU I 130 11.72 50.38 -26.02
C LEU I 130 11.88 49.76 -24.65
N PHE I 131 12.61 48.64 -24.57
CA PHE I 131 12.72 47.94 -23.29
C PHE I 131 13.62 48.67 -22.32
N GLY I 132 14.66 49.35 -22.79
CA GLY I 132 15.46 50.18 -21.90
C GLY I 132 14.65 51.32 -21.32
N ALA I 133 13.83 51.97 -22.15
CA ALA I 133 12.97 53.04 -21.63
C ALA I 133 12.00 52.50 -20.59
N LEU I 134 11.38 51.36 -20.86
CA LEU I 134 10.44 50.79 -19.89
C LEU I 134 11.14 50.42 -18.59
N ILE I 135 12.38 49.93 -18.67
CA ILE I 135 13.11 49.59 -17.46
C ILE I 135 13.41 50.85 -16.64
N ALA I 136 13.87 51.90 -17.31
CA ALA I 136 14.23 53.11 -16.57
C ALA I 136 13.00 53.78 -15.96
N ILE I 137 11.86 53.73 -16.63
CA ILE I 137 10.67 54.39 -16.10
C ILE I 137 10.09 53.62 -14.92
N ALA I 138 10.32 52.31 -14.87
CA ALA I 138 9.66 51.50 -13.84
C ALA I 138 10.38 51.61 -12.51
N GLY I 139 10.61 52.85 -12.05
CA GLY I 139 11.14 53.08 -10.73
C GLY I 139 10.08 53.74 -9.88
N PHE I 140 9.00 54.19 -10.51
CA PHE I 140 7.90 54.82 -9.79
C PHE I 140 7.08 53.82 -9.02
N ILE I 141 7.06 52.56 -9.42
CA ILE I 141 6.34 51.53 -8.66
C ILE I 141 7.13 51.04 -7.48
N THR I 142 8.40 51.41 -7.36
CA THR I 142 9.16 51.17 -6.15
C THR I 142 8.64 52.07 -5.03
N PRO I 143 8.50 51.55 -3.81
CA PRO I 143 7.98 52.41 -2.72
C PRO I 143 8.82 53.63 -2.45
N GLY I 144 10.13 53.57 -2.71
CA GLY I 144 10.97 54.74 -2.52
C GLY I 144 10.90 55.77 -3.62
N GLY I 145 10.46 55.39 -4.81
CA GLY I 145 10.34 56.30 -5.93
C GLY I 145 11.45 56.11 -6.95
N ALA I 146 11.43 56.99 -7.94
CA ALA I 146 12.40 56.96 -9.03
C ALA I 146 13.70 57.63 -8.60
N ALA I 147 14.58 57.92 -9.55
CA ALA I 147 15.82 58.61 -9.24
C ALA I 147 15.53 60.04 -8.82
N ASP I 148 16.28 60.52 -7.84
CA ASP I 148 16.01 61.80 -7.21
C ASP I 148 17.13 62.82 -7.37
N PHE I 149 18.30 62.41 -7.83
CA PHE I 149 19.33 63.36 -8.21
C PHE I 149 18.91 64.09 -9.48
N GLY I 150 19.79 64.96 -9.98
CA GLY I 150 19.47 65.71 -11.18
C GLY I 150 19.38 64.82 -12.40
N TRP I 151 19.13 65.45 -13.55
CA TRP I 151 19.31 64.73 -14.80
C TRP I 151 20.78 64.40 -15.05
N THR I 152 21.68 65.24 -14.53
CA THR I 152 23.10 65.12 -14.82
C THR I 152 23.84 64.19 -13.87
N ALA I 153 23.27 63.85 -12.72
CA ALA I 153 23.85 62.86 -11.80
C ALA I 153 25.26 63.28 -11.36
N TYR I 154 25.31 64.36 -10.58
CA TYR I 154 26.57 64.94 -10.13
C TYR I 154 27.34 63.97 -9.26
N SER I 155 28.56 64.39 -8.86
CA SER I 155 29.64 63.43 -8.60
C SER I 155 29.42 62.60 -7.34
N PRO I 156 29.32 63.18 -6.15
CA PRO I 156 29.16 62.35 -4.96
C PRO I 156 27.71 62.16 -4.53
N LEU I 157 26.76 62.88 -5.12
CA LEU I 157 25.36 62.75 -4.73
C LEU I 157 24.76 61.44 -5.20
N THR I 158 25.26 60.87 -6.30
CA THR I 158 24.76 59.59 -6.82
C THR I 158 25.55 58.41 -6.27
N ASP I 159 26.16 58.57 -5.10
CA ASP I 159 26.98 57.50 -4.55
C ASP I 159 26.11 56.42 -3.94
N ALA I 160 26.69 55.56 -3.11
CA ALA I 160 25.89 54.60 -2.37
C ALA I 160 25.43 55.16 -1.04
N ILE I 161 26.23 56.02 -0.40
CA ILE I 161 25.83 56.63 0.86
C ILE I 161 24.67 57.59 0.64
N HIS I 162 24.87 58.59 -0.20
CA HIS I 162 23.78 59.44 -0.63
C HIS I 162 23.04 58.79 -1.78
N SER I 163 21.74 58.99 -1.84
CA SER I 163 20.90 58.34 -2.84
C SER I 163 21.02 56.82 -2.76
N PRO I 164 20.48 56.19 -1.70
CA PRO I 164 20.61 54.74 -1.53
C PRO I 164 19.46 53.91 -2.11
N GLY I 165 18.48 54.53 -2.74
CA GLY I 165 17.30 53.80 -3.18
C GLY I 165 17.60 52.80 -4.29
N ALA I 166 16.52 52.21 -4.79
CA ALA I 166 16.59 51.25 -5.89
C ALA I 166 16.10 51.84 -7.21
N GLY I 167 15.90 53.15 -7.27
CA GLY I 167 15.55 53.79 -8.53
C GLY I 167 16.77 54.20 -9.34
N GLY I 168 17.88 54.53 -8.67
CA GLY I 168 19.08 54.88 -9.40
C GLY I 168 19.65 53.73 -10.17
N ASP I 169 19.54 52.51 -9.64
CA ASP I 169 20.02 51.34 -10.35
C ASP I 169 19.26 51.14 -11.65
N LEU I 170 17.93 51.22 -11.59
CA LEU I 170 17.12 51.07 -12.79
C LEU I 170 17.41 52.19 -13.77
N TRP I 171 17.60 53.42 -13.27
CA TRP I 171 18.01 54.53 -14.11
C TRP I 171 19.26 54.19 -14.91
N ILE I 172 20.31 53.75 -14.21
CA ILE I 172 21.59 53.47 -14.85
C ILE I 172 21.44 52.38 -15.90
N MET I 173 20.76 51.28 -15.54
CA MET I 173 20.70 50.15 -16.46
C MET I 173 19.84 50.47 -17.68
N GLY I 174 18.73 51.17 -17.49
CA GLY I 174 17.94 51.60 -18.63
C GLY I 174 18.73 52.48 -19.57
N LEU I 175 19.51 53.42 -19.03
CA LEU I 175 20.32 54.26 -19.89
C LEU I 175 21.35 53.43 -20.67
N ALA I 176 21.95 52.44 -20.01
CA ALA I 176 22.94 51.61 -20.70
C ALA I 176 22.31 50.87 -21.89
N VAL I 177 21.14 50.27 -21.66
CA VAL I 177 20.49 49.52 -22.74
C VAL I 177 20.12 50.45 -23.90
N GLY I 178 19.52 51.60 -23.58
CA GLY I 178 19.19 52.55 -24.62
C GLY I 178 20.40 53.02 -25.41
N GLY I 179 21.52 53.23 -24.73
CA GLY I 179 22.73 53.64 -25.42
C GLY I 179 23.24 52.59 -26.37
N LEU I 180 23.18 51.32 -25.97
CA LEU I 180 23.55 50.25 -26.89
C LEU I 180 22.69 50.28 -28.14
N GLY I 181 21.38 50.43 -27.96
CA GLY I 181 20.49 50.53 -29.13
C GLY I 181 20.87 51.68 -30.04
N THR I 182 21.17 52.84 -29.46
CA THR I 182 21.52 54.01 -30.27
C THR I 182 22.81 53.80 -31.05
N ILE I 183 23.81 53.17 -30.42
CA ILE I 183 25.06 52.90 -31.13
C ILE I 183 24.81 51.99 -32.33
N LEU I 184 23.99 50.95 -32.15
CA LEU I 184 23.70 50.07 -33.28
C LEU I 184 23.00 50.83 -34.40
N GLY I 185 22.03 51.68 -34.05
CA GLY I 185 21.37 52.48 -35.08
C GLY I 185 22.34 53.36 -35.86
N GLY I 186 23.28 53.99 -35.16
CA GLY I 186 24.25 54.83 -35.84
C GLY I 186 25.12 54.05 -36.80
N VAL I 187 25.59 52.87 -36.36
CA VAL I 187 26.38 52.02 -37.26
C VAL I 187 25.60 51.72 -38.52
N ASN I 188 24.34 51.32 -38.36
CA ASN I 188 23.52 50.98 -39.51
C ASN I 188 23.36 52.16 -40.46
N MET I 189 23.13 53.35 -39.93
CA MET I 189 22.92 54.51 -40.79
C MET I 189 24.18 54.87 -41.57
N ILE I 190 25.33 54.85 -40.92
CA ILE I 190 26.57 55.16 -41.62
C ILE I 190 26.80 54.16 -42.75
N THR I 191 26.65 52.86 -42.46
CA THR I 191 26.90 51.86 -43.49
C THR I 191 25.92 52.01 -44.65
N THR I 192 24.65 52.32 -44.35
CA THR I 192 23.68 52.47 -45.42
C THR I 192 24.01 53.66 -46.32
N VAL I 193 24.36 54.80 -45.73
CA VAL I 193 24.66 55.96 -46.57
C VAL I 193 25.92 55.74 -47.38
N VAL I 194 26.88 54.96 -46.86
CA VAL I 194 28.14 54.78 -47.59
C VAL I 194 28.01 53.77 -48.71
N CYS I 195 27.42 52.60 -48.44
CA CYS I 195 27.45 51.52 -49.43
C CYS I 195 26.26 51.57 -50.38
N MET I 196 25.05 51.42 -49.86
CA MET I 196 23.84 51.31 -50.68
C MET I 196 23.48 52.68 -51.22
N ARG I 197 23.63 52.88 -52.53
CA ARG I 197 23.33 54.18 -53.13
C ARG I 197 23.04 53.99 -54.62
N ALA I 198 22.29 54.94 -55.17
CA ALA I 198 21.81 54.82 -56.54
C ALA I 198 22.97 54.90 -57.53
N PRO I 199 22.83 54.31 -58.72
CA PRO I 199 23.97 54.23 -59.65
C PRO I 199 24.29 55.52 -60.36
N GLY I 200 23.65 56.62 -60.00
CA GLY I 200 23.93 57.87 -60.69
C GLY I 200 24.36 59.00 -59.79
N MET I 201 23.99 58.97 -58.52
CA MET I 201 24.19 60.10 -57.63
C MET I 201 25.49 59.96 -56.85
N THR I 202 26.36 60.95 -56.99
CA THR I 202 27.56 61.04 -56.18
C THR I 202 27.21 61.69 -54.84
N MET I 203 28.20 61.77 -53.96
CA MET I 203 27.92 62.25 -52.61
C MET I 203 27.69 63.75 -52.56
N PHE I 204 28.02 64.48 -53.63
CA PHE I 204 27.71 65.91 -53.71
C PHE I 204 26.44 66.17 -54.50
N ARG I 205 25.58 65.17 -54.60
CA ARG I 205 24.23 65.34 -55.14
C ARG I 205 23.16 64.88 -54.18
N MET I 206 23.52 64.24 -53.07
CA MET I 206 22.53 63.77 -52.13
C MET I 206 21.98 64.94 -51.33
N PRO I 207 20.77 64.80 -50.81
CA PRO I 207 20.13 65.90 -50.09
C PRO I 207 20.85 66.20 -48.77
N ILE I 208 20.51 67.35 -48.18
CA ILE I 208 21.21 67.80 -46.99
C ILE I 208 20.78 67.01 -45.76
N PHE I 209 19.54 66.54 -45.74
CA PHE I 209 19.08 65.69 -44.64
C PHE I 209 19.98 64.48 -44.48
N THR I 210 20.37 63.86 -45.58
CA THR I 210 21.23 62.68 -45.52
C THR I 210 22.61 63.03 -44.97
N TRP I 211 23.15 64.17 -45.38
CA TRP I 211 24.45 64.57 -44.87
C TRP I 211 24.40 64.83 -43.37
N ASN I 212 23.36 65.52 -42.91
CA ASN I 212 23.19 65.75 -41.48
C ASN I 212 23.08 64.44 -40.72
N ILE I 213 22.36 63.46 -41.29
CA ILE I 213 22.23 62.18 -40.61
C ILE I 213 23.57 61.45 -40.52
N LEU I 214 24.36 61.50 -41.60
CA LEU I 214 25.68 60.88 -41.57
C LEU I 214 26.56 61.50 -40.47
N VAL I 215 26.60 62.83 -40.43
CA VAL I 215 27.43 63.51 -39.43
C VAL I 215 26.93 63.19 -38.02
N THR I 216 25.62 63.18 -37.82
CA THR I 216 25.05 62.88 -36.51
C THR I 216 25.41 61.46 -36.09
N SER I 217 25.43 60.51 -37.03
CA SER I 217 25.82 59.15 -36.68
C SER I 217 27.27 59.07 -36.25
N ILE I 218 28.15 59.83 -36.93
CA ILE I 218 29.54 59.89 -36.49
C ILE I 218 29.62 60.41 -35.05
N LEU I 219 28.89 61.48 -34.76
CA LEU I 219 28.88 62.03 -33.41
C LEU I 219 28.37 61.01 -32.39
N VAL I 220 27.34 60.25 -32.76
CA VAL I 220 26.80 59.23 -31.85
C VAL I 220 27.87 58.21 -31.52
N LEU I 221 28.57 57.72 -32.54
CA LEU I 221 29.63 56.74 -32.33
C LEU I 221 30.73 57.31 -31.44
N ILE I 222 31.00 58.61 -31.54
CA ILE I 222 32.04 59.19 -30.70
C ILE I 222 31.55 59.33 -29.25
N ALA I 223 30.28 59.67 -29.06
CA ALA I 223 29.80 60.12 -27.76
C ALA I 223 29.32 59.00 -26.85
N PHE I 224 28.47 58.10 -27.35
CA PHE I 224 27.75 57.21 -26.43
C PHE I 224 28.61 56.15 -25.71
N PRO I 225 29.62 55.57 -26.36
CA PRO I 225 30.45 54.59 -25.62
C PRO I 225 31.06 55.12 -24.34
N ILE I 226 31.45 56.40 -24.32
CA ILE I 226 32.05 56.95 -23.12
C ILE I 226 31.01 57.07 -22.01
N LEU I 227 29.75 57.30 -22.38
CA LEU I 227 28.69 57.31 -21.37
C LEU I 227 28.48 55.91 -20.81
N THR I 228 28.54 54.89 -21.67
CA THR I 228 28.40 53.53 -21.14
C THR I 228 29.56 53.19 -20.20
N ALA I 229 30.76 53.66 -20.52
CA ALA I 229 31.91 53.42 -19.64
C ALA I 229 31.71 54.09 -18.29
N ALA I 230 31.30 55.37 -18.30
CA ALA I 230 31.05 56.08 -17.06
C ALA I 230 29.97 55.39 -16.24
N LEU I 231 28.91 54.91 -16.89
CA LEU I 231 27.81 54.29 -16.16
C LEU I 231 28.23 52.95 -15.57
N PHE I 232 29.09 52.20 -16.26
CA PHE I 232 29.57 50.95 -15.68
C PHE I 232 30.48 51.23 -14.49
N GLY I 233 31.31 52.26 -14.57
CA GLY I 233 32.08 52.66 -13.40
C GLY I 233 31.19 53.03 -12.23
N LEU I 234 30.11 53.75 -12.51
CA LEU I 234 29.20 54.16 -11.43
C LEU I 234 28.50 52.97 -10.81
N ALA I 235 28.06 52.02 -11.63
CA ALA I 235 27.41 50.83 -11.08
C ALA I 235 28.39 49.98 -10.28
N ALA I 236 29.64 49.88 -10.73
CA ALA I 236 30.66 49.19 -9.94
C ALA I 236 30.84 49.88 -8.59
N ASP I 237 30.87 51.21 -8.60
CA ASP I 237 31.03 51.96 -7.36
C ASP I 237 29.83 51.79 -6.43
N ARG I 238 28.64 51.59 -6.99
CA ARG I 238 27.45 51.47 -6.16
C ARG I 238 27.24 50.06 -5.63
N HIS I 239 27.67 49.04 -6.37
CA HIS I 239 27.41 47.66 -5.96
C HIS I 239 28.62 46.92 -5.42
N LEU I 240 29.82 47.49 -5.52
CA LEU I 240 31.01 46.84 -5.01
C LEU I 240 31.88 47.75 -4.16
N GLY I 241 31.51 49.02 -3.99
CA GLY I 241 32.35 49.95 -3.26
C GLY I 241 33.70 50.11 -3.91
N ALA I 242 33.73 50.73 -5.10
CA ALA I 242 34.88 50.62 -5.98
C ALA I 242 35.77 51.85 -5.97
N HIS I 243 35.54 52.80 -5.06
CA HIS I 243 36.48 53.91 -4.84
C HIS I 243 36.89 54.60 -6.13
N ILE I 244 35.99 54.67 -7.12
CA ILE I 244 36.35 55.27 -8.39
C ILE I 244 36.11 56.77 -8.37
N TYR I 245 35.00 57.22 -7.79
CA TYR I 245 34.63 58.62 -7.76
C TYR I 245 34.65 59.22 -6.35
N ASP I 246 35.64 58.84 -5.53
CA ASP I 246 35.65 59.52 -4.25
C ASP I 246 36.26 60.91 -4.42
N PRO I 247 35.77 61.90 -3.68
CA PRO I 247 36.43 63.20 -3.70
C PRO I 247 37.86 63.15 -3.21
N ALA I 248 38.26 62.08 -2.50
CA ALA I 248 39.64 61.95 -2.07
C ALA I 248 40.58 61.87 -3.26
N ASN I 249 40.22 61.09 -4.27
CA ASN I 249 40.90 61.15 -5.56
C ASN I 249 40.35 62.33 -6.33
N GLY I 250 40.67 62.41 -7.62
CA GLY I 250 40.05 63.44 -8.44
C GLY I 250 38.67 63.02 -8.89
N GLY I 251 37.90 62.44 -7.97
CA GLY I 251 36.65 61.80 -8.33
C GLY I 251 35.49 62.72 -8.58
N VAL I 252 35.56 63.96 -8.11
CA VAL I 252 34.43 64.87 -8.30
C VAL I 252 34.49 65.52 -9.67
N LEU I 253 35.67 65.92 -10.12
CA LEU I 253 35.80 66.52 -11.44
C LEU I 253 35.92 65.50 -12.55
N LEU I 254 36.38 64.28 -12.24
CA LEU I 254 36.46 63.24 -13.26
C LEU I 254 35.08 62.95 -13.83
N TRP I 255 34.10 62.75 -12.96
CA TRP I 255 32.74 62.48 -13.43
C TRP I 255 32.22 63.61 -14.28
N GLN I 256 32.46 64.85 -13.87
CA GLN I 256 31.94 65.98 -14.62
C GLN I 256 32.59 66.07 -16.00
N HIS I 257 33.89 65.86 -16.08
CA HIS I 257 34.57 65.87 -17.38
C HIS I 257 33.99 64.80 -18.30
N LEU I 258 33.91 63.56 -17.80
CA LEU I 258 33.36 62.48 -18.62
C LEU I 258 31.93 62.79 -19.07
N PHE I 259 31.08 63.16 -18.12
CA PHE I 259 29.67 63.36 -18.43
C PHE I 259 29.48 64.47 -19.44
N TRP I 260 30.23 65.57 -19.32
CA TRP I 260 29.96 66.67 -20.24
C TRP I 260 30.61 66.43 -21.60
N PHE I 261 31.73 65.73 -21.63
CA PHE I 261 32.26 65.26 -22.91
C PHE I 261 31.25 64.40 -23.64
N PHE I 262 30.44 63.63 -22.89
CA PHE I 262 29.30 62.97 -23.54
C PHE I 262 28.21 63.97 -23.91
N GLY I 263 27.86 64.86 -22.98
CA GLY I 263 26.57 65.54 -23.01
C GLY I 263 26.47 66.72 -23.93
N HIS I 264 27.55 67.34 -24.36
CA HIS I 264 27.40 68.39 -25.36
C HIS I 264 27.16 67.76 -26.75
N PRO I 265 28.01 66.85 -27.20
CA PRO I 265 27.69 66.18 -28.47
C PRO I 265 26.28 65.64 -28.51
N GLU I 266 25.66 65.35 -27.37
CA GLU I 266 24.28 64.87 -27.37
C GLU I 266 23.32 65.94 -27.86
N VAL I 267 23.46 67.17 -27.36
CA VAL I 267 22.57 68.22 -27.80
C VAL I 267 22.82 68.55 -29.26
N TYR I 268 24.05 68.41 -29.70
CA TYR I 268 24.38 68.65 -31.11
C TYR I 268 23.73 67.56 -31.98
N ILE I 269 23.76 66.33 -31.48
CA ILE I 269 23.17 65.17 -32.15
C ILE I 269 21.69 65.39 -32.36
N ILE I 270 20.98 65.83 -31.31
CA ILE I 270 19.55 66.06 -31.46
C ILE I 270 19.23 67.41 -32.09
N ALA I 271 20.25 68.21 -32.42
CA ALA I 271 19.98 69.47 -33.12
C ALA I 271 20.15 69.38 -34.63
N LEU I 272 21.15 68.65 -35.14
CA LEU I 272 21.49 68.78 -36.56
C LEU I 272 20.42 68.26 -37.52
N PRO I 273 19.92 67.02 -37.38
CA PRO I 273 18.95 66.52 -38.37
C PRO I 273 17.72 67.39 -38.54
N PHE I 274 17.35 68.17 -37.53
CA PHE I 274 16.19 69.03 -37.69
C PHE I 274 16.51 70.30 -38.46
N PHE I 275 17.75 70.79 -38.33
CA PHE I 275 18.26 71.75 -39.31
C PHE I 275 18.09 71.19 -40.71
N GLY I 276 18.45 69.92 -40.90
CA GLY I 276 18.26 69.31 -42.21
C GLY I 276 16.81 69.32 -42.65
N ILE I 277 15.91 68.92 -41.76
CA ILE I 277 14.48 68.88 -42.09
C ILE I 277 14.00 70.23 -42.57
N VAL I 278 14.29 71.30 -41.82
CA VAL I 278 13.77 72.60 -42.23
C VAL I 278 14.44 73.09 -43.51
N SER I 279 15.74 72.80 -43.68
CA SER I 279 16.42 73.18 -44.92
C SER I 279 15.87 72.41 -46.10
N GLU I 280 15.18 71.32 -45.84
CA GLU I 280 14.60 70.51 -46.89
C GLU I 280 13.16 70.90 -47.19
N ILE I 281 12.49 71.50 -46.21
CA ILE I 281 11.13 71.99 -46.40
C ILE I 281 11.11 73.35 -47.06
N PHE I 282 12.09 74.22 -46.77
CA PHE I 282 12.04 75.59 -47.28
C PHE I 282 11.95 75.71 -48.79
N PRO I 283 12.79 75.03 -49.59
CA PRO I 283 12.73 75.26 -51.04
C PRO I 283 11.44 74.76 -51.68
N VAL I 284 10.79 73.77 -51.10
CA VAL I 284 9.56 73.25 -51.68
C VAL I 284 8.47 74.31 -51.68
N PHE I 285 8.36 75.08 -50.60
CA PHE I 285 7.33 76.10 -50.49
C PHE I 285 7.82 77.49 -50.87
N SER I 286 9.10 77.66 -51.12
CA SER I 286 9.59 78.92 -51.63
C SER I 286 9.72 78.96 -53.15
N ARG I 287 9.64 77.79 -53.81
CA ARG I 287 9.77 77.67 -55.26
C ARG I 287 11.13 78.17 -55.72
N LYS I 288 12.18 77.74 -55.04
CA LYS I 288 13.54 78.17 -55.33
C LYS I 288 14.50 77.06 -54.95
N PRO I 289 15.73 77.10 -55.42
CA PRO I 289 16.74 76.14 -54.95
C PRO I 289 17.23 76.50 -53.55
N ILE I 290 17.90 75.54 -52.93
CA ILE I 290 18.49 75.78 -51.62
C ILE I 290 19.73 76.67 -51.79
N PHE I 291 19.78 77.75 -51.04
CA PHE I 291 20.84 78.75 -51.18
C PHE I 291 22.11 78.24 -50.52
N GLY I 292 23.18 78.13 -51.31
CA GLY I 292 24.46 77.72 -50.76
C GLY I 292 24.52 76.28 -50.31
N TYR I 293 24.47 75.36 -51.26
CA TYR I 293 24.52 73.93 -50.95
C TYR I 293 25.82 73.57 -50.24
N THR I 294 26.96 73.79 -50.93
CA THR I 294 28.24 73.42 -50.38
C THR I 294 28.56 74.21 -49.12
N THR I 295 28.08 75.46 -49.04
CA THR I 295 28.25 76.25 -47.84
C THR I 295 27.56 75.59 -46.65
N LEU I 296 26.34 75.09 -46.85
CA LEU I 296 25.64 74.40 -45.77
C LEU I 296 26.36 73.13 -45.38
N ILE I 297 26.89 72.39 -46.36
CA ILE I 297 27.64 71.17 -46.04
C ILE I 297 28.86 71.50 -45.18
N TYR I 298 29.59 72.54 -45.56
CA TYR I 298 30.79 72.91 -44.80
C TYR I 298 30.42 73.41 -43.41
N ALA I 299 29.33 74.16 -43.29
CA ALA I 299 28.90 74.60 -41.96
C ALA I 299 28.54 73.41 -41.07
N THR I 300 27.87 72.40 -41.63
CA THR I 300 27.56 71.21 -40.86
C THR I 300 28.84 70.51 -40.39
N LEU I 301 29.79 70.34 -41.30
CA LEU I 301 31.06 69.70 -40.91
C LEU I 301 31.78 70.50 -39.83
N ALA I 302 31.74 71.82 -39.92
CA ALA I 302 32.42 72.65 -38.94
C ALA I 302 31.77 72.53 -37.57
N ILE I 303 30.44 72.59 -37.51
CA ILE I 303 29.74 72.41 -36.25
C ILE I 303 30.06 71.04 -35.65
N ALA I 304 30.08 70.00 -36.49
CA ALA I 304 30.42 68.68 -36.00
C ALA I 304 31.81 68.63 -35.39
N ALA I 305 32.80 69.18 -36.10
CA ALA I 305 34.17 69.13 -35.60
C ALA I 305 34.30 69.93 -34.31
N LEU I 306 33.64 71.07 -34.22
CA LEU I 306 33.79 71.93 -33.05
C LEU I 306 32.99 71.46 -31.84
N SER I 307 31.97 70.63 -32.03
CA SER I 307 31.09 70.29 -30.92
C SER I 307 31.77 69.44 -29.86
N VAL I 308 32.92 68.83 -30.13
CA VAL I 308 33.54 67.95 -29.14
C VAL I 308 34.61 68.64 -28.31
N ALA I 309 34.99 69.87 -28.64
CA ALA I 309 36.05 70.57 -27.95
C ALA I 309 35.55 71.78 -27.17
N VAL I 310 34.29 71.75 -26.74
CA VAL I 310 33.73 72.86 -25.97
C VAL I 310 33.03 72.33 -24.73
N TRP I 311 33.26 71.06 -24.41
CA TRP I 311 32.43 70.39 -23.40
C TRP I 311 32.48 71.07 -22.04
N ALA I 312 33.49 71.87 -21.76
CA ALA I 312 33.70 72.38 -20.41
C ALA I 312 33.13 73.76 -20.17
N HIS I 313 32.34 74.29 -21.08
CA HIS I 313 31.64 75.54 -20.77
C HIS I 313 30.44 75.30 -19.88
N HIS I 314 30.23 74.08 -19.41
CA HIS I 314 29.22 73.78 -18.42
C HIS I 314 29.77 73.74 -17.01
N MET I 315 31.07 73.97 -16.85
CA MET I 315 31.76 73.86 -15.57
C MET I 315 32.56 75.11 -15.27
N TYR I 316 31.94 76.29 -15.44
CA TYR I 316 32.62 77.54 -15.12
C TYR I 316 32.70 77.77 -13.62
N ALA I 317 31.63 77.46 -12.89
CA ALA I 317 31.53 77.83 -11.48
C ALA I 317 32.32 76.91 -10.57
N THR I 318 32.95 75.86 -11.08
CA THR I 318 33.77 75.01 -10.23
C THR I 318 35.16 75.59 -10.00
N GLY I 319 35.59 76.53 -10.81
CA GLY I 319 36.91 77.11 -10.65
C GLY I 319 38.05 76.15 -10.89
N ALA I 320 37.86 75.16 -11.77
CA ALA I 320 38.86 74.14 -11.99
C ALA I 320 39.17 73.90 -13.48
N VAL I 321 38.76 74.80 -14.36
CA VAL I 321 38.97 74.63 -15.79
C VAL I 321 39.72 75.84 -16.34
N LEU I 322 40.25 75.67 -17.55
CA LEU I 322 40.93 76.74 -18.26
C LEU I 322 39.89 77.52 -19.04
N LEU I 323 39.50 78.68 -18.49
CA LEU I 323 38.34 79.39 -19.03
C LEU I 323 38.56 79.96 -20.43
N PRO I 324 39.68 80.61 -20.76
CA PRO I 324 39.79 81.24 -22.08
C PRO I 324 39.64 80.25 -23.23
N PHE I 325 40.21 79.06 -23.11
CA PHE I 325 40.13 78.05 -24.16
C PHE I 325 38.68 77.77 -24.53
N PHE I 326 37.89 77.32 -23.57
CA PHE I 326 36.52 76.90 -23.87
C PHE I 326 35.65 78.10 -24.22
N SER I 327 35.86 79.24 -23.56
CA SER I 327 35.07 80.42 -23.90
C SER I 327 35.29 80.82 -25.35
N PHE I 328 36.55 80.92 -25.76
CA PHE I 328 36.88 81.28 -27.13
C PHE I 328 36.31 80.26 -28.11
N MET I 329 36.39 78.98 -27.78
CA MET I 329 35.97 78.00 -28.79
C MET I 329 34.46 77.91 -28.91
N THR I 330 33.71 78.22 -27.85
CA THR I 330 32.26 78.36 -28.00
C THR I 330 31.92 79.61 -28.82
N PHE I 331 32.60 80.72 -28.56
CA PHE I 331 32.44 81.88 -29.42
C PHE I 331 32.69 81.49 -30.89
N LEU I 332 33.64 80.59 -31.11
CA LEU I 332 33.94 80.13 -32.46
C LEU I 332 32.80 79.30 -33.04
N ILE I 333 32.26 78.36 -32.26
CA ILE I 333 31.19 77.51 -32.76
C ILE I 333 29.93 78.33 -33.04
N ALA I 334 29.87 79.54 -32.52
CA ALA I 334 28.70 80.39 -32.79
C ALA I 334 28.58 80.81 -34.26
N VAL I 335 29.64 80.70 -35.05
CA VAL I 335 29.66 81.26 -36.42
C VAL I 335 28.94 80.37 -37.44
N PRO I 336 29.27 79.08 -37.57
CA PRO I 336 28.63 78.28 -38.63
C PRO I 336 27.12 78.25 -38.53
N THR I 337 26.57 78.29 -37.31
CA THR I 337 25.12 78.40 -37.16
C THR I 337 24.62 79.69 -37.78
N GLY I 338 25.41 80.77 -37.67
CA GLY I 338 25.04 82.02 -38.30
C GLY I 338 25.00 81.91 -39.81
N ILE I 339 26.02 81.28 -40.41
CA ILE I 339 25.98 81.12 -41.87
C ILE I 339 24.82 80.24 -42.29
N LYS I 340 24.50 79.22 -41.51
CA LYS I 340 23.35 78.38 -41.81
C LYS I 340 22.06 79.18 -41.80
N PHE I 341 21.88 80.01 -40.77
CA PHE I 341 20.70 80.86 -40.66
C PHE I 341 20.60 81.80 -41.87
N PHE I 342 21.72 82.39 -42.26
CA PHE I 342 21.70 83.32 -43.38
C PHE I 342 21.38 82.60 -44.68
N ASN I 343 21.84 81.36 -44.85
CA ASN I 343 21.50 80.60 -46.04
C ASN I 343 20.00 80.30 -46.09
N TRP I 344 19.40 79.98 -44.95
CA TRP I 344 17.94 79.77 -44.93
C TRP I 344 17.21 81.04 -45.35
N ILE I 345 17.56 82.17 -44.72
CA ILE I 345 16.90 83.43 -45.05
C ILE I 345 17.09 83.76 -46.53
N GLY I 346 18.27 83.47 -47.07
CA GLY I 346 18.50 83.70 -48.49
C GLY I 346 17.65 82.81 -49.37
N THR I 347 17.43 81.55 -48.95
CA THR I 347 16.59 80.66 -49.75
C THR I 347 15.15 81.16 -49.76
N MET I 348 14.68 81.77 -48.67
CA MET I 348 13.35 82.37 -48.68
C MET I 348 13.29 83.70 -49.42
N TRP I 349 14.42 84.27 -49.84
CA TRP I 349 14.44 85.63 -50.35
C TRP I 349 13.96 85.69 -51.79
N LYS I 350 12.95 86.52 -52.04
CA LYS I 350 12.40 86.78 -53.37
C LYS I 350 11.97 85.48 -54.06
N GLY I 351 11.08 84.76 -53.38
CA GLY I 351 10.44 83.59 -53.96
C GLY I 351 8.96 83.83 -54.14
N GLN I 352 8.17 82.76 -54.08
CA GLN I 352 6.71 82.84 -54.12
C GLN I 352 6.20 82.04 -52.94
N LEU I 353 6.06 82.70 -51.80
CA LEU I 353 5.79 82.03 -50.55
C LEU I 353 4.31 81.65 -50.44
N THR I 354 4.06 80.42 -49.97
CA THR I 354 2.74 79.99 -49.56
C THR I 354 2.87 79.31 -48.21
N PHE I 355 2.03 79.70 -47.26
CA PHE I 355 2.19 79.26 -45.87
C PHE I 355 1.18 78.16 -45.55
N GLU I 356 1.55 76.94 -45.91
CA GLU I 356 0.88 75.76 -45.39
C GLU I 356 1.58 75.35 -44.09
N THR I 357 1.01 74.35 -43.42
CA THR I 357 1.45 74.07 -42.05
C THR I 357 2.94 73.77 -41.92
N PRO I 358 3.58 73.02 -42.82
CA PRO I 358 5.04 72.84 -42.67
C PRO I 358 5.83 74.13 -42.74
N MET I 359 5.48 75.02 -43.67
CA MET I 359 6.19 76.29 -43.76
C MET I 359 5.96 77.14 -42.52
N LEU I 360 4.74 77.12 -42.00
CA LEU I 360 4.42 77.88 -40.79
C LEU I 360 5.25 77.40 -39.61
N PHE I 361 5.31 76.08 -39.42
CA PHE I 361 6.12 75.54 -38.33
C PHE I 361 7.60 75.83 -38.54
N SER I 362 8.07 75.84 -39.78
CA SER I 362 9.48 76.14 -40.01
C SER I 362 9.80 77.60 -39.65
N VAL I 363 8.90 78.52 -39.98
CA VAL I 363 9.13 79.91 -39.62
C VAL I 363 9.14 80.08 -38.10
N GLY I 364 8.21 79.41 -37.41
CA GLY I 364 8.24 79.43 -35.96
C GLY I 364 9.56 78.92 -35.41
N PHE I 365 10.06 77.82 -35.97
CA PHE I 365 11.37 77.31 -35.60
C PHE I 365 12.44 78.39 -35.75
N LEU I 366 12.44 79.09 -36.89
CA LEU I 366 13.43 80.13 -37.12
C LEU I 366 13.43 81.15 -35.99
N ILE I 367 12.25 81.71 -35.70
CA ILE I 367 12.16 82.75 -34.68
C ILE I 367 12.66 82.24 -33.33
N THR I 368 12.10 81.12 -32.88
CA THR I 368 12.40 80.63 -31.54
C THR I 368 13.87 80.28 -31.39
N PHE I 369 14.44 79.60 -32.40
CA PHE I 369 15.85 79.23 -32.32
C PHE I 369 16.74 80.46 -32.33
N LEU I 370 16.37 81.50 -33.07
CA LEU I 370 17.20 82.71 -33.03
C LEU I 370 17.25 83.29 -31.62
N LEU I 371 16.09 83.41 -30.97
CA LEU I 371 16.11 83.96 -29.63
C LEU I 371 16.91 83.09 -28.66
N GLY I 372 16.73 81.77 -28.76
CA GLY I 372 17.47 80.88 -27.88
C GLY I 372 18.96 80.95 -28.09
N GLY I 373 19.41 81.02 -29.34
CA GLY I 373 20.83 81.10 -29.61
C GLY I 373 21.43 82.41 -29.16
N LEU I 374 20.67 83.51 -29.27
CA LEU I 374 21.13 84.78 -28.74
C LEU I 374 21.37 84.67 -27.23
N SER I 375 20.39 84.14 -26.50
CA SER I 375 20.58 83.96 -25.06
C SER I 375 21.75 83.05 -24.76
N GLY I 376 21.98 82.03 -25.59
CA GLY I 376 23.09 81.13 -25.34
C GLY I 376 24.44 81.79 -25.53
N VAL I 377 24.62 82.53 -26.62
CA VAL I 377 25.89 83.21 -26.84
C VAL I 377 26.10 84.28 -25.78
N LEU I 378 25.01 84.83 -25.23
CA LEU I 378 25.15 85.69 -24.06
C LEU I 378 25.64 84.90 -22.86
N LEU I 379 25.15 83.67 -22.71
CA LEU I 379 25.55 82.81 -21.61
C LEU I 379 26.99 82.33 -21.72
N ALA I 380 27.59 82.40 -22.90
CA ALA I 380 28.89 81.78 -23.11
C ALA I 380 30.06 82.54 -22.50
N SER I 381 29.84 83.75 -21.96
CA SER I 381 30.96 84.49 -21.39
C SER I 381 31.07 84.19 -19.90
N PRO I 382 32.27 83.92 -19.39
CA PRO I 382 32.41 83.45 -18.00
C PRO I 382 31.93 84.47 -16.97
N PRO I 383 32.28 85.77 -17.09
CA PRO I 383 31.86 86.71 -16.03
C PRO I 383 30.35 86.89 -15.93
N LEU I 384 29.59 86.52 -16.95
CA LEU I 384 28.14 86.58 -16.89
C LEU I 384 27.54 85.27 -16.39
N ASP I 385 28.11 84.16 -16.84
CA ASP I 385 27.77 82.86 -16.28
C ASP I 385 28.09 82.80 -14.79
N PHE I 386 28.96 83.68 -14.29
CA PHE I 386 29.22 83.73 -12.86
C PHE I 386 27.99 84.17 -12.08
N HIS I 387 27.03 84.79 -12.72
CA HIS I 387 25.78 85.16 -12.07
C HIS I 387 24.59 84.32 -12.52
N VAL I 388 24.43 84.13 -13.84
CA VAL I 388 23.18 83.54 -14.32
C VAL I 388 23.22 82.01 -14.39
N THR I 389 24.33 81.38 -14.04
CA THR I 389 24.36 79.92 -14.09
C THR I 389 23.54 79.33 -12.94
N ASP I 390 23.00 78.14 -13.19
CA ASP I 390 22.17 77.43 -12.22
C ASP I 390 20.93 78.23 -11.81
N SER I 391 20.47 79.10 -12.68
CA SER I 391 19.25 79.88 -12.45
C SER I 391 18.23 79.53 -13.54
N TYR I 392 17.11 80.24 -13.54
CA TYR I 392 16.10 80.02 -14.57
C TYR I 392 16.45 80.64 -15.91
N PHE I 393 17.47 81.50 -15.96
CA PHE I 393 17.93 81.98 -17.26
C PHE I 393 18.40 80.83 -18.13
N VAL I 394 19.16 79.90 -17.54
CA VAL I 394 19.62 78.74 -18.28
C VAL I 394 18.45 77.89 -18.74
N ILE I 395 17.43 77.75 -17.89
CA ILE I 395 16.26 76.96 -18.23
C ILE I 395 15.54 77.57 -19.43
N ALA I 396 15.31 78.88 -19.38
CA ALA I 396 14.69 79.56 -20.52
C ALA I 396 15.52 79.37 -21.78
N HIS I 397 16.84 79.48 -21.67
CA HIS I 397 17.70 79.32 -22.86
C HIS I 397 17.54 77.95 -23.48
N PHE I 398 17.81 76.89 -22.71
CA PHE I 398 17.80 75.61 -23.38
C PHE I 398 16.39 75.16 -23.71
N HIS I 399 15.37 75.71 -23.06
CA HIS I 399 14.03 75.39 -23.50
C HIS I 399 13.70 76.06 -24.81
N TYR I 400 14.16 77.29 -25.02
CA TYR I 400 14.01 77.91 -26.33
C TYR I 400 14.66 77.06 -27.42
N VAL I 401 15.93 76.71 -27.25
CA VAL I 401 16.59 75.97 -28.32
C VAL I 401 15.97 74.59 -28.52
N LEU I 402 15.76 73.85 -27.44
CA LEU I 402 15.18 72.51 -27.54
C LEU I 402 13.80 72.56 -28.17
N PHE I 403 12.91 73.38 -27.62
CA PHE I 403 11.56 73.46 -28.18
C PHE I 403 11.62 73.85 -29.65
N GLY I 404 12.18 75.02 -29.95
CA GLY I 404 12.21 75.50 -31.32
C GLY I 404 12.77 74.49 -32.30
N THR I 405 13.74 73.69 -31.87
CA THR I 405 14.30 72.69 -32.77
C THR I 405 13.41 71.44 -32.85
N ILE I 406 13.37 70.65 -31.78
CA ILE I 406 12.72 69.35 -31.85
C ILE I 406 11.22 69.52 -32.10
N VAL I 407 10.54 70.30 -31.26
CA VAL I 407 9.07 70.32 -31.35
C VAL I 407 8.61 70.88 -32.69
N PHE I 408 9.12 72.06 -33.07
CA PHE I 408 8.63 72.70 -34.28
C PHE I 408 9.09 71.95 -35.52
N ALA I 409 10.36 71.57 -35.61
CA ALA I 409 10.81 70.86 -36.80
C ALA I 409 10.18 69.47 -36.89
N THR I 410 9.85 68.84 -35.76
CA THR I 410 9.19 67.55 -35.80
C THR I 410 7.76 67.68 -36.30
N TYR I 411 7.03 68.68 -35.83
CA TYR I 411 5.69 68.89 -36.35
C TYR I 411 5.74 69.22 -37.83
N ALA I 412 6.74 70.00 -38.25
CA ALA I 412 6.90 70.28 -39.67
C ALA I 412 7.13 69.01 -40.46
N GLY I 413 8.03 68.15 -39.99
CA GLY I 413 8.31 66.91 -40.69
C GLY I 413 7.11 65.99 -40.75
N ILE I 414 6.31 65.96 -39.68
CA ILE I 414 5.10 65.14 -39.68
C ILE I 414 4.12 65.64 -40.72
N TYR I 415 3.80 66.94 -40.67
CA TYR I 415 2.87 67.51 -41.65
C TYR I 415 3.41 67.42 -43.07
N PHE I 416 4.73 67.30 -43.23
CA PHE I 416 5.32 67.24 -44.57
C PHE I 416 5.27 65.83 -45.14
N TRP I 417 5.67 64.83 -44.35
CA TRP I 417 5.83 63.48 -44.85
C TRP I 417 4.69 62.55 -44.45
N PHE I 418 3.59 63.09 -43.94
CA PHE I 418 2.43 62.23 -43.68
C PHE I 418 1.87 61.59 -44.94
N PRO I 419 1.66 62.32 -46.06
CA PRO I 419 1.17 61.64 -47.27
C PRO I 419 2.14 60.61 -47.81
N LYS I 420 3.43 60.92 -47.84
CA LYS I 420 4.40 59.99 -48.43
C LYS I 420 4.47 58.67 -47.67
N MET I 421 3.96 58.61 -46.45
CA MET I 421 3.95 57.37 -45.71
C MET I 421 2.55 56.78 -45.53
N THR I 422 1.51 57.54 -45.81
CA THR I 422 0.15 57.07 -45.57
C THR I 422 -0.73 57.08 -46.80
N GLY I 423 -0.63 58.11 -47.64
CA GLY I 423 -1.55 58.28 -48.73
C GLY I 423 -2.75 59.14 -48.41
N ARG I 424 -2.76 59.78 -47.25
CA ARG I 424 -3.81 60.69 -46.85
C ARG I 424 -3.20 62.07 -46.59
N LEU I 425 -4.06 63.03 -46.33
CA LEU I 425 -3.65 64.41 -46.07
C LEU I 425 -4.22 64.86 -44.73
N LEU I 426 -3.36 65.42 -43.89
CA LEU I 426 -3.82 65.99 -42.63
C LEU I 426 -4.63 67.25 -42.88
N ASP I 427 -5.58 67.51 -42.01
CA ASP I 427 -6.40 68.70 -42.12
C ASP I 427 -5.55 69.95 -41.91
N GLU I 428 -5.95 71.05 -42.53
CA GLU I 428 -5.17 72.28 -42.47
C GLU I 428 -5.71 73.28 -41.47
N ARG I 429 -7.02 73.36 -41.30
CA ARG I 429 -7.57 74.26 -40.29
C ARG I 429 -7.17 73.81 -38.89
N LEU I 430 -7.26 72.51 -38.62
CA LEU I 430 -6.77 71.99 -37.36
C LEU I 430 -5.27 72.21 -37.21
N GLY I 431 -4.52 72.14 -38.31
CA GLY I 431 -3.09 72.40 -38.24
C GLY I 431 -2.78 73.83 -37.86
N LYS I 432 -3.52 74.78 -38.43
CA LYS I 432 -3.29 76.19 -38.08
C LYS I 432 -3.69 76.47 -36.65
N LEU I 433 -4.83 75.93 -36.20
CA LEU I 433 -5.22 76.07 -34.80
C LEU I 433 -4.15 75.51 -33.88
N HIS I 434 -3.63 74.32 -34.20
CA HIS I 434 -2.58 73.71 -33.40
C HIS I 434 -1.34 74.59 -33.35
N PHE I 435 -0.91 75.12 -34.49
CA PHE I 435 0.28 75.95 -34.51
C PHE I 435 0.11 77.18 -33.65
N TRP I 436 -1.04 77.85 -33.77
CA TRP I 436 -1.19 79.11 -33.05
C TRP I 436 -1.30 78.87 -31.54
N LEU I 437 -2.03 77.82 -31.13
CA LEU I 437 -2.07 77.47 -29.73
C LEU I 437 -0.67 77.20 -29.19
N THR I 438 0.10 76.36 -29.90
CA THR I 438 1.45 76.03 -29.45
C THR I 438 2.32 77.27 -29.33
N PHE I 439 2.31 78.12 -30.36
CA PHE I 439 3.14 79.31 -30.37
C PHE I 439 2.82 80.22 -29.18
N ILE I 440 1.53 80.55 -29.01
CA ILE I 440 1.15 81.48 -27.95
C ILE I 440 1.49 80.90 -26.58
N GLY I 441 1.07 79.66 -26.33
CA GLY I 441 1.34 79.07 -25.03
C GLY I 441 2.82 78.99 -24.72
N PHE I 442 3.62 78.61 -25.70
CA PHE I 442 5.06 78.50 -25.47
C PHE I 442 5.67 79.86 -25.16
N HIS I 443 5.38 80.86 -25.98
CA HIS I 443 6.00 82.15 -25.73
C HIS I 443 5.47 82.82 -24.48
N THR I 444 4.34 82.37 -23.94
CA THR I 444 3.85 82.93 -22.69
C THR I 444 4.31 82.16 -21.46
N THR I 445 4.72 80.89 -21.61
CA THR I 445 5.19 80.12 -20.48
C THR I 445 6.68 80.26 -20.19
N PHE I 446 7.51 80.62 -21.17
CA PHE I 446 8.96 80.61 -20.98
C PHE I 446 9.62 81.95 -21.13
N LEU I 447 8.88 83.03 -21.40
CA LEU I 447 9.52 84.31 -21.65
C LEU I 447 9.90 85.01 -20.35
N VAL I 448 9.02 84.97 -19.35
CA VAL I 448 9.27 85.68 -18.09
C VAL I 448 10.33 85.02 -17.24
N GLN I 449 10.78 83.82 -17.60
CA GLN I 449 11.75 83.12 -16.76
C GLN I 449 13.14 83.75 -16.83
N HIS I 450 13.44 84.49 -17.89
CA HIS I 450 14.68 85.27 -17.92
C HIS I 450 14.73 86.24 -16.75
N TRP I 451 13.70 87.08 -16.63
CA TRP I 451 13.61 88.00 -15.50
C TRP I 451 13.51 87.24 -14.18
N LEU I 452 12.78 86.12 -14.20
CA LEU I 452 12.58 85.34 -12.99
C LEU I 452 13.89 84.77 -12.45
N GLY I 453 14.85 84.52 -13.33
CA GLY I 453 16.12 83.95 -12.90
C GLY I 453 17.24 84.96 -12.77
N ASP I 454 17.11 86.12 -13.41
CA ASP I 454 18.13 87.15 -13.27
C ASP I 454 18.18 87.67 -11.83
N GLU I 455 17.05 88.13 -11.32
CA GLU I 455 16.93 88.21 -9.87
C GLU I 455 16.96 86.81 -9.28
N GLY I 456 17.54 86.69 -8.10
CA GLY I 456 17.87 85.37 -7.56
C GLY I 456 16.73 84.39 -7.39
N MET I 457 16.64 83.41 -8.27
CA MET I 457 15.81 82.23 -8.10
C MET I 457 16.45 81.05 -8.82
N PRO I 458 17.16 80.19 -8.12
CA PRO I 458 17.90 79.13 -8.79
C PRO I 458 17.00 77.99 -9.22
N ARG I 459 17.55 77.15 -10.09
CA ARG I 459 16.78 76.02 -10.59
C ARG I 459 16.69 74.94 -9.53
N ARG I 460 15.71 74.06 -9.70
CA ARG I 460 15.51 72.87 -8.89
C ARG I 460 15.08 73.18 -7.45
N TYR I 461 14.35 74.27 -7.24
CA TYR I 461 13.68 74.55 -5.98
C TYR I 461 12.23 74.09 -6.03
N ALA I 462 11.80 73.39 -4.98
CA ALA I 462 10.41 72.99 -4.85
C ALA I 462 9.56 74.02 -4.14
N ASP I 463 10.15 74.89 -3.32
CA ASP I 463 9.39 75.88 -2.57
C ASP I 463 10.17 77.17 -2.48
N TYR I 464 9.44 78.23 -2.14
CA TYR I 464 10.00 79.55 -1.88
C TYR I 464 9.08 80.27 -0.91
N LEU I 465 9.52 81.42 -0.44
CA LEU I 465 8.78 82.14 0.58
C LEU I 465 7.97 83.28 -0.02
N PRO I 466 6.86 83.67 0.61
CA PRO I 466 6.11 84.83 0.09
C PRO I 466 6.86 86.13 0.24
N THR I 467 7.77 86.24 1.22
CA THR I 467 8.53 87.47 1.38
C THR I 467 9.43 87.73 0.18
N ASP I 468 9.90 86.67 -0.47
CA ASP I 468 10.60 86.82 -1.74
C ASP I 468 9.68 87.44 -2.77
N GLY I 469 10.26 87.91 -3.86
CA GLY I 469 9.50 88.38 -4.99
C GLY I 469 8.96 87.23 -5.80
N PHE I 470 8.82 87.46 -7.10
CA PHE I 470 8.53 86.43 -8.10
C PHE I 470 7.49 85.41 -7.65
N THR I 471 6.29 85.93 -7.37
CA THR I 471 5.13 85.06 -7.23
C THR I 471 4.08 85.28 -8.31
N THR I 472 4.17 86.36 -9.08
CA THR I 472 3.27 86.56 -10.20
C THR I 472 3.84 85.92 -11.47
N LEU I 473 5.16 85.96 -11.62
CA LEU I 473 5.79 85.38 -12.79
C LEU I 473 5.60 83.87 -12.82
N ASN I 474 5.61 83.23 -11.66
CA ASN I 474 5.33 81.79 -11.61
C ASN I 474 3.89 81.50 -12.02
N VAL I 475 2.95 82.38 -11.68
CA VAL I 475 1.57 82.20 -12.09
C VAL I 475 1.43 82.35 -13.60
N ILE I 476 2.10 83.35 -14.18
CA ILE I 476 2.07 83.50 -15.63
C ILE I 476 2.67 82.28 -16.31
N SER I 477 3.77 81.76 -15.77
CA SER I 477 4.41 80.60 -16.36
C SER I 477 3.52 79.36 -16.29
N THR I 478 2.80 79.18 -15.19
CA THR I 478 1.95 77.99 -15.09
C THR I 478 0.71 78.12 -15.97
N VAL I 479 0.18 79.33 -16.14
CA VAL I 479 -0.88 79.53 -17.12
C VAL I 479 -0.39 79.16 -18.51
N GLY I 480 0.80 79.61 -18.87
CA GLY I 480 1.35 79.24 -20.17
C GLY I 480 1.56 77.73 -20.32
N ALA I 481 2.02 77.08 -19.25
CA ALA I 481 2.20 75.64 -19.30
C ALA I 481 0.89 74.92 -19.53
N PHE I 482 -0.19 75.40 -18.92
CA PHE I 482 -1.47 74.73 -19.15
C PHE I 482 -2.01 75.01 -20.55
N ILE I 483 -1.72 76.19 -21.12
CA ILE I 483 -2.08 76.41 -22.51
C ILE I 483 -1.32 75.45 -23.42
N LEU I 484 -0.02 75.28 -23.18
CA LEU I 484 0.77 74.33 -23.95
C LEU I 484 0.23 72.91 -23.81
N GLY I 485 -0.23 72.55 -22.61
CA GLY I 485 -0.80 71.23 -22.41
C GLY I 485 -2.08 71.01 -23.16
N VAL I 486 -2.96 72.02 -23.17
CA VAL I 486 -4.20 71.90 -23.94
C VAL I 486 -3.94 71.93 -25.44
N SER I 487 -2.81 72.49 -25.88
CA SER I 487 -2.58 72.60 -27.32
C SER I 487 -2.35 71.28 -28.03
N MET I 488 -2.29 70.16 -27.32
CA MET I 488 -2.01 68.88 -27.96
C MET I 488 -3.25 68.12 -28.41
N LEU I 489 -4.43 68.53 -27.97
CA LEU I 489 -5.64 67.84 -28.41
C LEU I 489 -5.92 67.97 -29.90
N PRO I 490 -5.81 69.15 -30.53
CA PRO I 490 -6.04 69.21 -31.99
C PRO I 490 -5.13 68.30 -32.78
N PHE I 491 -3.87 68.16 -32.37
CA PHE I 491 -2.93 67.34 -33.14
C PHE I 491 -3.32 65.87 -33.11
N VAL I 492 -3.59 65.34 -31.91
CA VAL I 492 -3.92 63.92 -31.83
C VAL I 492 -5.30 63.66 -32.43
N TRP I 493 -6.23 64.60 -32.34
CA TRP I 493 -7.51 64.42 -33.01
C TRP I 493 -7.33 64.41 -34.52
N ASN I 494 -6.49 65.30 -35.04
CA ASN I 494 -6.24 65.36 -36.47
C ASN I 494 -5.59 64.07 -36.97
N VAL I 495 -4.64 63.53 -36.21
CA VAL I 495 -3.98 62.30 -36.63
C VAL I 495 -4.93 61.12 -36.52
N PHE I 496 -5.77 61.09 -35.49
CA PHE I 496 -6.71 59.99 -35.32
C PHE I 496 -7.76 59.96 -36.42
N LYS I 497 -8.23 61.14 -36.84
CA LYS I 497 -9.25 61.18 -37.88
C LYS I 497 -8.65 61.01 -39.27
N SER I 498 -7.54 61.69 -39.55
CA SER I 498 -7.00 61.76 -40.90
C SER I 498 -6.24 60.51 -41.32
N TRP I 499 -5.98 59.57 -40.41
CA TRP I 499 -5.31 58.35 -40.83
C TRP I 499 -6.24 57.43 -41.58
N ARG I 500 -7.52 57.39 -41.19
CA ARG I 500 -8.51 56.51 -41.79
C ARG I 500 -9.38 57.23 -42.81
N TYR I 501 -9.98 58.34 -42.41
CA TYR I 501 -10.65 59.23 -43.35
C TYR I 501 -9.66 60.31 -43.79
N GLY I 502 -10.16 61.33 -44.44
CA GLY I 502 -9.23 62.36 -44.88
C GLY I 502 -8.94 62.22 -46.37
N GLU I 503 -8.80 63.35 -47.03
CA GLU I 503 -8.62 63.42 -48.48
C GLU I 503 -7.49 62.53 -48.96
N PRO I 504 -7.78 61.50 -49.76
CA PRO I 504 -6.72 60.62 -50.26
C PRO I 504 -5.82 61.33 -51.26
N VAL I 505 -4.63 60.75 -51.44
CA VAL I 505 -3.64 61.25 -52.38
C VAL I 505 -3.44 60.19 -53.45
N THR I 506 -3.81 60.52 -54.69
CA THR I 506 -3.70 59.59 -55.80
C THR I 506 -2.59 59.96 -56.76
N VAL I 507 -1.67 60.83 -56.34
CA VAL I 507 -0.60 61.31 -57.19
C VAL I 507 0.71 61.26 -56.42
N ASP I 508 1.81 61.45 -57.14
CA ASP I 508 3.08 61.73 -56.52
C ASP I 508 3.11 63.20 -56.13
N ASP I 509 3.96 63.53 -55.17
CA ASP I 509 4.28 64.91 -54.86
C ASP I 509 3.03 65.74 -54.59
N PRO I 510 2.32 65.52 -53.47
CA PRO I 510 1.16 66.37 -53.17
C PRO I 510 1.52 67.82 -52.91
N TRP I 511 2.74 68.09 -52.44
CA TRP I 511 3.27 69.44 -52.39
C TRP I 511 4.10 69.63 -53.65
N GLY I 512 3.50 70.24 -54.67
CA GLY I 512 4.18 70.43 -55.93
C GLY I 512 5.53 71.10 -55.79
N TYR I 513 6.39 70.96 -56.80
CA TYR I 513 7.74 71.53 -56.78
C TYR I 513 8.59 70.87 -55.69
N GLY I 514 8.53 69.54 -55.63
CA GLY I 514 9.34 68.79 -54.69
C GLY I 514 10.67 68.35 -55.25
N ASN I 515 11.53 67.89 -54.35
CA ASN I 515 12.88 67.45 -54.71
C ASN I 515 13.17 66.09 -54.09
N SER I 516 14.44 65.70 -54.07
CA SER I 516 14.98 64.69 -53.16
C SER I 516 14.63 63.25 -53.48
N LEU I 517 14.11 62.96 -54.67
CA LEU I 517 13.95 61.59 -55.19
C LEU I 517 12.93 60.77 -54.42
N GLU I 518 12.37 61.27 -53.33
CA GLU I 518 11.30 60.59 -52.63
C GLU I 518 9.93 60.96 -53.18
N TRP I 519 9.82 62.11 -53.81
CA TRP I 519 8.61 62.54 -54.48
C TRP I 519 8.55 62.09 -55.92
N ALA I 520 9.29 61.02 -56.26
CA ALA I 520 9.26 60.41 -57.57
C ALA I 520 8.80 58.96 -57.51
N THR I 521 8.17 58.56 -56.41
CA THR I 521 7.65 57.22 -56.27
C THR I 521 6.25 57.32 -55.67
N SER I 522 5.45 56.27 -55.89
CA SER I 522 4.04 56.31 -55.51
C SER I 522 3.87 56.76 -54.07
N CYS I 523 2.73 57.41 -53.79
CA CYS I 523 2.61 58.16 -52.54
C CYS I 523 2.74 57.25 -51.32
N PRO I 524 2.01 56.14 -51.19
CA PRO I 524 2.49 55.06 -50.34
C PRO I 524 3.47 54.20 -51.11
N PRO I 525 4.76 54.27 -50.79
CA PRO I 525 5.74 53.58 -51.61
C PRO I 525 5.54 52.07 -51.53
N PRO I 526 5.84 51.34 -52.60
CA PRO I 526 5.75 49.88 -52.54
C PRO I 526 6.86 49.31 -51.68
N ARG I 527 6.74 48.02 -51.40
CA ARG I 527 7.85 47.30 -50.82
C ARG I 527 9.04 47.36 -51.77
N HIS I 528 10.20 47.76 -51.26
CA HIS I 528 11.44 48.03 -51.98
C HIS I 528 11.42 49.40 -52.66
N ASN I 529 10.39 50.19 -52.42
CA ASN I 529 10.41 51.65 -52.55
C ASN I 529 10.43 52.19 -53.98
N PHE I 530 10.63 51.35 -54.99
CA PHE I 530 10.84 51.91 -56.32
C PHE I 530 10.39 50.92 -57.39
N THR I 531 9.73 51.45 -58.41
CA THR I 531 9.42 50.71 -59.62
C THR I 531 10.20 51.21 -60.83
N GLU I 532 10.82 52.38 -60.74
CA GLU I 532 11.71 52.90 -61.76
C GLU I 532 12.43 54.12 -61.19
N LEU I 533 13.62 54.38 -61.70
CA LEU I 533 14.40 55.52 -61.23
C LEU I 533 14.58 56.52 -62.36
N PRO I 534 14.65 57.81 -62.04
CA PRO I 534 14.99 58.81 -63.05
C PRO I 534 16.49 59.01 -63.17
N ARG I 535 16.88 59.64 -64.29
CA ARG I 535 18.28 59.98 -64.50
C ARG I 535 18.67 61.14 -63.58
N ILE I 536 19.76 60.96 -62.84
CA ILE I 536 20.16 61.89 -61.79
C ILE I 536 21.29 62.76 -62.33
N ARG I 537 21.07 64.08 -62.34
CA ARG I 537 22.08 65.02 -62.79
C ARG I 537 22.38 66.14 -61.80
N SER I 538 21.49 66.43 -60.86
CA SER I 538 21.68 67.48 -59.87
C SER I 538 21.13 66.99 -58.55
N GLU I 539 20.95 67.91 -57.60
CA GLU I 539 20.36 67.57 -56.31
C GLU I 539 18.86 67.81 -56.27
N ARG I 540 18.23 68.11 -57.40
CA ARG I 540 16.77 68.23 -57.51
C ARG I 540 16.26 67.32 -58.62
N PRO I 541 16.38 66.00 -58.45
CA PRO I 541 16.02 65.11 -59.57
C PRO I 541 14.53 65.04 -59.84
N ALA I 542 13.70 65.04 -58.80
CA ALA I 542 12.25 64.98 -59.01
C ALA I 542 11.74 66.26 -59.67
N PHE I 543 12.33 67.40 -59.31
CA PHE I 543 11.92 68.66 -59.93
C PHE I 543 12.23 68.67 -61.42
N GLU I 544 13.41 68.17 -61.80
CA GLU I 544 13.75 68.08 -63.22
C GLU I 544 12.98 66.98 -63.92
N LEU I 545 12.45 66.01 -63.18
CA LEU I 545 11.62 64.98 -63.80
C LEU I 545 10.23 65.49 -64.09
N HIS I 546 9.63 66.26 -63.19
CA HIS I 546 8.27 66.73 -63.38
C HIS I 546 8.19 68.00 -64.21
N TYR I 547 9.28 68.74 -64.34
CA TYR I 547 9.31 69.97 -65.13
C TYR I 547 10.53 69.94 -66.04
N PRO I 548 10.47 69.18 -67.13
CA PRO I 548 11.65 69.06 -68.00
C PRO I 548 11.99 70.32 -68.76
N HIS I 549 11.05 71.27 -68.86
CA HIS I 549 11.29 72.54 -69.55
C HIS I 549 11.99 73.56 -68.68
N MET I 550 12.65 73.11 -67.61
CA MET I 550 13.22 74.00 -66.63
C MET I 550 14.72 73.84 -66.44
N VAL I 551 15.33 72.81 -67.03
CA VAL I 551 16.75 72.56 -66.79
C VAL I 551 17.60 73.66 -67.42
N GLU I 552 17.19 74.18 -68.57
CA GLU I 552 17.97 75.24 -69.20
C GLU I 552 17.99 76.49 -68.32
N ARG I 553 16.86 76.80 -67.69
CA ARG I 553 16.76 77.97 -66.83
C ARG I 553 17.39 77.72 -65.47
N MET I 554 17.45 76.46 -65.03
CA MET I 554 18.11 76.15 -63.77
C MET I 554 19.62 76.18 -63.91
N ARG I 555 20.14 75.84 -65.09
CA ARG I 555 21.58 75.88 -65.30
C ARG I 555 22.04 77.25 -65.75
N ALA I 556 21.17 78.04 -66.38
CA ALA I 556 21.59 79.34 -66.89
C ALA I 556 21.80 80.35 -65.78
N GLU I 557 20.80 80.53 -64.93
CA GLU I 557 20.79 81.61 -63.94
C GLU I 557 21.04 81.10 -62.52
N ALA I 558 21.93 80.11 -62.37
CA ALA I 558 22.23 79.54 -61.07
C ALA I 558 23.35 80.25 -60.33
N HIS I 559 23.83 81.39 -60.83
CA HIS I 559 24.98 82.06 -60.22
C HIS I 559 24.83 83.56 -60.10
N VAL I 560 23.62 84.10 -60.21
CA VAL I 560 23.44 85.55 -60.10
C VAL I 560 23.63 85.99 -58.66
N GLY I 561 22.80 85.51 -57.76
CA GLY I 561 22.91 85.85 -56.35
C GLY I 561 22.56 87.29 -56.07
N LEU J 19 28.38 43.02 -58.13
CA LEU J 19 27.74 44.10 -57.40
C LEU J 19 28.32 44.22 -55.99
N ASN J 20 28.26 45.43 -55.44
CA ASN J 20 28.74 45.73 -54.09
C ASN J 20 30.23 45.39 -53.96
N ARG J 21 31.03 46.14 -54.72
CA ARG J 21 32.47 45.89 -54.76
C ARG J 21 33.14 46.03 -53.39
N PRO J 22 32.89 47.06 -52.59
CA PRO J 22 33.36 47.03 -51.20
C PRO J 22 32.39 46.24 -50.33
N ASN J 23 32.96 45.50 -49.39
CA ASN J 23 32.18 44.62 -48.53
C ASN J 23 31.43 45.43 -47.49
N MET J 24 30.25 44.94 -47.10
CA MET J 24 29.38 45.68 -46.20
C MET J 24 29.65 45.31 -44.74
N VAL J 25 29.73 44.00 -44.46
CA VAL J 25 30.05 43.53 -43.12
C VAL J 25 31.37 44.11 -42.66
N SER J 26 32.32 44.32 -43.58
CA SER J 26 33.61 44.89 -43.21
C SER J 26 33.46 46.30 -42.69
N VAL J 27 32.69 47.14 -43.39
CA VAL J 27 32.49 48.52 -42.96
C VAL J 27 31.78 48.56 -41.62
N GLY J 28 30.76 47.72 -41.45
CA GLY J 28 30.06 47.68 -40.19
C GLY J 28 30.98 47.32 -39.03
N THR J 29 31.75 46.25 -39.19
CA THR J 29 32.66 45.83 -38.14
C THR J 29 33.69 46.91 -37.83
N ILE J 30 34.17 47.62 -38.85
CA ILE J 30 35.20 48.63 -38.61
C ILE J 30 34.65 49.77 -37.77
N VAL J 31 33.48 50.29 -38.14
CA VAL J 31 32.95 51.43 -37.38
C VAL J 31 32.59 50.99 -35.95
N TRP J 32 32.12 49.76 -35.79
CA TRP J 32 31.83 49.30 -34.44
C TRP J 32 33.10 49.19 -33.60
N LEU J 33 34.20 48.71 -34.20
CA LEU J 33 35.45 48.64 -33.46
C LEU J 33 35.93 50.01 -33.04
N SER J 34 35.70 51.03 -33.87
CA SER J 34 36.04 52.39 -33.47
C SER J 34 35.27 52.80 -32.21
N SER J 35 33.96 52.54 -32.20
CA SER J 35 33.19 52.88 -30.99
C SER J 35 33.73 52.14 -29.76
N GLU J 36 34.12 50.88 -29.91
CA GLU J 36 34.69 50.14 -28.79
C GLU J 36 35.98 50.79 -28.29
N LEU J 37 36.78 51.30 -29.22
CA LEU J 37 37.98 52.04 -28.82
C LEU J 37 37.61 53.23 -27.94
N MET J 38 36.52 53.92 -28.26
CA MET J 38 36.11 55.04 -27.40
C MET J 38 35.73 54.57 -26.00
N PHE J 39 35.06 53.42 -25.91
CA PHE J 39 34.75 52.83 -24.59
C PHE J 39 36.02 52.65 -23.76
N PHE J 40 37.03 52.02 -24.36
CA PHE J 40 38.28 51.83 -23.63
C PHE J 40 38.96 53.15 -23.32
N ALA J 41 38.73 54.18 -24.13
CA ALA J 41 39.22 55.51 -23.80
C ALA J 41 38.64 55.99 -22.47
N GLY J 42 37.34 55.81 -22.30
CA GLY J 42 36.74 56.16 -21.02
C GLY J 42 37.40 55.46 -19.85
N LEU J 43 37.66 54.15 -20.01
CA LEU J 43 38.32 53.42 -18.92
C LEU J 43 39.73 53.95 -18.64
N PHE J 44 40.50 54.24 -19.70
CA PHE J 44 41.84 54.78 -19.52
C PHE J 44 41.79 56.11 -18.77
N ALA J 45 40.83 56.97 -19.12
CA ALA J 45 40.69 58.24 -18.43
C ALA J 45 40.41 58.03 -16.94
N MET J 46 39.59 57.02 -16.62
CA MET J 46 39.42 56.66 -15.22
C MET J 46 40.75 56.29 -14.57
N TYR J 47 41.60 55.57 -15.30
CA TYR J 47 42.83 55.05 -14.69
C TYR J 47 43.84 56.15 -14.42
N PHE J 48 44.02 57.07 -15.37
CA PHE J 48 45.13 58.02 -15.25
C PHE J 48 44.92 58.99 -14.10
N THR J 49 43.71 59.55 -13.97
CA THR J 49 43.33 60.16 -12.71
C THR J 49 43.34 59.09 -11.62
N ALA J 50 43.63 59.51 -10.39
CA ALA J 50 43.90 58.70 -9.22
C ALA J 50 45.29 58.08 -9.27
N ARG J 51 46.03 58.24 -10.37
CA ARG J 51 47.46 58.03 -10.37
C ARG J 51 48.23 59.32 -10.18
N ALA J 52 47.62 60.45 -10.56
CA ALA J 52 48.22 61.75 -10.28
C ALA J 52 48.02 62.15 -8.83
N GLN J 53 46.98 61.65 -8.18
CA GLN J 53 46.73 62.01 -6.78
C GLN J 53 47.61 61.21 -5.84
N ALA J 54 47.76 59.91 -6.06
CA ALA J 54 48.58 59.06 -5.20
C ALA J 54 50.04 59.45 -5.37
N GLY J 55 50.58 60.15 -4.39
CA GLY J 55 51.98 60.56 -4.42
C GLY J 55 52.89 59.52 -3.79
N GLY J 56 54.05 59.33 -4.40
CA GLY J 56 55.02 58.38 -3.89
C GLY J 56 54.83 56.99 -4.47
N ALA J 57 54.92 55.97 -3.61
CA ALA J 57 54.73 54.60 -4.05
C ALA J 57 53.27 54.38 -4.36
N TRP J 58 52.81 54.88 -5.50
CA TRP J 58 51.39 54.92 -5.78
C TRP J 58 50.78 53.53 -5.95
N PRO J 59 51.52 52.48 -6.33
CA PRO J 59 51.05 51.14 -6.02
C PRO J 59 51.30 50.85 -4.56
N PRO J 60 50.25 50.75 -3.75
CA PRO J 60 50.42 50.66 -2.29
C PRO J 60 51.25 49.45 -1.88
N GLU J 61 51.69 49.47 -0.63
CA GLU J 61 52.65 48.50 -0.16
C GLU J 61 52.21 47.04 -0.30
N PRO J 62 50.98 46.66 0.03
CA PRO J 62 50.62 45.24 -0.16
C PRO J 62 50.61 44.79 -1.60
N THR J 63 50.65 45.72 -2.55
CA THR J 63 50.56 45.38 -3.97
C THR J 63 51.92 45.48 -4.63
N GLU J 64 52.33 44.41 -5.30
CA GLU J 64 53.44 44.45 -6.23
C GLU J 64 53.20 43.41 -7.31
N LEU J 65 53.43 43.79 -8.56
CA LEU J 65 53.01 42.99 -9.70
C LEU J 65 54.06 41.96 -10.06
N ASN J 66 53.63 40.71 -10.22
CA ASN J 66 54.52 39.60 -10.56
C ASN J 66 54.72 39.57 -12.07
N LEU J 67 55.85 40.11 -12.53
CA LEU J 67 56.15 40.14 -13.96
C LEU J 67 56.58 38.79 -14.51
N ALA J 68 56.80 37.79 -13.65
CA ALA J 68 57.20 36.48 -14.13
C ALA J 68 56.06 35.73 -14.79
N LEU J 69 54.84 36.25 -14.70
CA LEU J 69 53.67 35.61 -15.28
C LEU J 69 53.02 36.42 -16.39
N ALA J 70 53.21 37.73 -16.42
CA ALA J 70 52.50 38.58 -17.37
C ALA J 70 53.17 38.63 -18.74
N VAL J 71 54.40 38.17 -18.87
CA VAL J 71 55.09 38.14 -20.17
C VAL J 71 54.63 36.94 -21.00
N PRO J 72 54.62 35.72 -20.44
CA PRO J 72 54.20 34.57 -21.27
C PRO J 72 52.80 34.71 -21.82
N VAL J 73 51.85 35.26 -21.05
CA VAL J 73 50.48 35.37 -21.53
C VAL J 73 50.39 36.38 -22.67
N THR J 74 51.19 37.44 -22.61
CA THR J 74 51.19 38.41 -23.70
C THR J 74 51.77 37.80 -24.97
N LEU J 75 52.86 37.04 -24.84
CA LEU J 75 53.40 36.37 -26.02
C LEU J 75 52.42 35.35 -26.57
N VAL J 76 51.66 34.69 -25.70
CA VAL J 76 50.64 33.75 -26.16
C VAL J 76 49.56 34.47 -26.96
N LEU J 77 49.13 35.64 -26.49
CA LEU J 77 48.13 36.40 -27.23
C LEU J 77 48.65 36.82 -28.60
N ILE J 78 49.92 37.25 -28.66
CA ILE J 78 50.48 37.65 -29.96
C ILE J 78 50.54 36.45 -30.91
N ALA J 79 50.96 35.30 -30.41
CA ALA J 79 50.94 34.09 -31.23
C ALA J 79 49.53 33.77 -31.70
N SER J 80 48.53 34.05 -30.86
CA SER J 80 47.15 33.86 -31.27
C SER J 80 46.80 34.75 -32.46
N SER J 81 47.26 36.00 -32.43
CA SER J 81 47.01 36.89 -33.56
C SER J 81 47.62 36.31 -34.85
N PHE J 82 48.85 35.83 -34.76
CA PHE J 82 49.48 35.22 -35.93
C PHE J 82 48.68 34.03 -36.45
N THR J 83 48.22 33.16 -35.54
CA THR J 83 47.46 31.99 -35.94
C THR J 83 46.15 32.39 -36.61
N CYS J 84 45.49 33.43 -36.11
CA CYS J 84 44.25 33.87 -36.73
C CYS J 84 44.49 34.42 -38.13
N GLN J 85 45.60 35.14 -38.33
CA GLN J 85 45.89 35.62 -39.68
C GLN J 85 46.16 34.46 -40.64
N MET J 86 46.87 33.43 -40.15
CA MET J 86 47.08 32.25 -40.99
C MET J 86 45.76 31.59 -41.35
N GLY J 87 44.84 31.50 -40.40
CA GLY J 87 43.54 30.95 -40.69
C GLY J 87 42.78 31.72 -41.75
N VAL J 88 42.90 33.05 -41.72
CA VAL J 88 42.23 33.85 -42.74
C VAL J 88 42.86 33.63 -44.11
N PHE J 89 44.20 33.57 -44.15
CA PHE J 89 44.87 33.21 -45.41
C PHE J 89 44.31 31.91 -45.97
N ALA J 90 44.15 30.91 -45.10
CA ALA J 90 43.59 29.64 -45.55
C ALA J 90 42.14 29.78 -45.97
N ALA J 91 41.40 30.71 -45.37
CA ALA J 91 39.98 30.84 -45.69
C ALA J 91 39.78 31.51 -47.05
N GLU J 92 40.68 32.42 -47.44
CA GLU J 92 40.46 33.16 -48.67
C GLU J 92 40.49 32.26 -49.89
N ARG J 93 41.19 31.14 -49.82
CA ARG J 93 41.03 30.05 -50.78
C ARG J 93 40.07 29.03 -50.19
N GLY J 94 39.12 28.57 -50.97
CA GLY J 94 37.95 27.92 -50.41
C GLY J 94 38.12 26.52 -49.86
N ASP J 95 38.86 26.36 -48.77
CA ASP J 95 38.93 25.08 -48.06
C ASP J 95 38.61 25.30 -46.58
N VAL J 96 37.71 24.47 -46.04
CA VAL J 96 37.23 24.69 -44.69
C VAL J 96 38.16 24.11 -43.64
N PHE J 97 38.98 23.12 -43.98
CA PHE J 97 39.68 22.38 -42.95
C PHE J 97 40.90 23.13 -42.42
N GLY J 98 41.63 23.84 -43.28
CA GLY J 98 42.69 24.70 -42.79
C GLY J 98 42.15 25.78 -41.88
N LEU J 99 41.04 26.40 -42.27
CA LEU J 99 40.34 27.36 -41.43
C LEU J 99 40.04 26.75 -40.07
N ARG J 100 39.44 25.56 -40.06
CA ARG J 100 39.04 24.94 -38.80
C ARG J 100 40.26 24.66 -37.92
N ARG J 101 41.35 24.17 -38.52
CA ARG J 101 42.55 23.88 -37.74
C ARG J 101 43.11 25.14 -37.09
N TRP J 102 43.32 26.18 -37.89
CA TRP J 102 43.92 27.39 -37.34
C TRP J 102 43.01 28.04 -36.30
N TYR J 103 41.69 27.97 -36.49
CA TYR J 103 40.81 28.59 -35.52
C TYR J 103 40.71 27.78 -34.24
N VAL J 104 40.83 26.46 -34.32
CA VAL J 104 40.90 25.66 -33.09
C VAL J 104 42.15 26.02 -32.31
N ILE J 105 43.28 26.19 -33.01
CA ILE J 105 44.51 26.58 -32.33
C ILE J 105 44.33 27.94 -31.65
N THR J 106 43.74 28.90 -32.36
CA THR J 106 43.52 30.22 -31.78
C THR J 106 42.62 30.15 -30.55
N PHE J 107 41.57 29.34 -30.61
CA PHE J 107 40.69 29.17 -29.46
C PHE J 107 41.45 28.64 -28.27
N LEU J 108 42.30 27.62 -28.49
CA LEU J 108 43.05 27.05 -27.37
C LEU J 108 43.99 28.07 -26.75
N MET J 109 44.68 28.86 -27.58
CA MET J 109 45.61 29.84 -27.01
C MET J 109 44.89 30.94 -26.26
N GLY J 110 43.73 31.39 -26.76
CA GLY J 110 42.95 32.37 -26.03
C GLY J 110 42.45 31.83 -24.69
N LEU J 111 42.04 30.57 -24.68
CA LEU J 111 41.62 29.95 -23.42
C LEU J 111 42.76 29.90 -22.42
N PHE J 112 43.97 29.58 -22.89
CA PHE J 112 45.13 29.59 -22.01
C PHE J 112 45.39 30.97 -21.45
N PHE J 113 45.28 32.01 -22.29
CA PHE J 113 45.46 33.38 -21.80
C PHE J 113 44.47 33.71 -20.69
N VAL J 114 43.19 33.36 -20.90
CA VAL J 114 42.17 33.68 -19.90
C VAL J 114 42.45 32.93 -18.60
N LEU J 115 42.86 31.67 -18.69
CA LEU J 115 43.16 30.92 -17.47
C LEU J 115 44.34 31.52 -16.72
N GLY J 116 45.37 31.95 -17.44
CA GLY J 116 46.49 32.60 -16.78
C GLY J 116 46.09 33.89 -16.08
N GLN J 117 45.27 34.70 -16.74
CA GLN J 117 44.80 35.93 -16.11
C GLN J 117 44.00 35.65 -14.85
N GLY J 118 43.12 34.65 -14.90
CA GLY J 118 42.35 34.30 -13.72
C GLY J 118 43.24 33.81 -12.58
N TYR J 119 44.27 33.03 -12.92
CA TYR J 119 45.20 32.57 -11.90
C TYR J 119 45.91 33.74 -11.24
N GLU J 120 46.31 34.74 -12.02
CA GLU J 120 46.96 35.89 -11.41
C GLU J 120 45.99 36.67 -10.54
N TYR J 121 44.74 36.79 -10.96
CA TYR J 121 43.74 37.43 -10.11
C TYR J 121 43.64 36.73 -8.76
N ILE J 122 43.59 35.39 -8.77
CA ILE J 122 43.49 34.65 -7.52
C ILE J 122 44.71 34.89 -6.65
N HIS J 123 45.90 34.69 -7.22
CA HIS J 123 47.12 34.81 -6.44
C HIS J 123 47.39 36.24 -5.99
N LEU J 124 46.73 37.22 -6.60
CA LEU J 124 46.94 38.60 -6.21
C LEU J 124 45.90 39.07 -5.20
N VAL J 125 44.67 38.55 -5.27
CA VAL J 125 43.68 38.85 -4.25
C VAL J 125 43.94 38.04 -2.98
N GLU J 126 44.77 37.01 -3.09
CA GLU J 126 45.03 36.14 -1.94
C GLU J 126 45.55 36.90 -0.73
N HIS J 127 46.47 37.83 -0.94
CA HIS J 127 47.21 38.45 0.15
C HIS J 127 47.29 39.96 -0.04
N GLY J 128 46.15 40.61 -0.27
CA GLY J 128 46.21 42.04 -0.48
C GLY J 128 45.10 42.61 -1.33
N THR J 129 45.52 43.27 -2.42
CA THR J 129 44.68 44.06 -3.31
C THR J 129 43.30 43.47 -3.55
N THR J 130 42.27 44.27 -3.27
CA THR J 130 40.89 43.93 -3.59
C THR J 130 40.25 45.12 -4.26
N ILE J 131 39.04 44.94 -4.77
CA ILE J 131 38.31 46.03 -5.39
C ILE J 131 37.86 47.03 -4.33
N PRO J 132 37.19 46.61 -3.24
CA PRO J 132 36.76 47.60 -2.24
C PRO J 132 37.82 48.01 -1.25
N GLY J 133 39.07 47.57 -1.42
CA GLY J 133 40.09 47.82 -0.43
C GLY J 133 41.06 48.92 -0.77
N SER J 134 41.01 49.42 -2.00
CA SER J 134 41.98 50.41 -2.45
C SER J 134 41.43 51.14 -3.67
N ALA J 135 42.16 52.18 -4.08
CA ALA J 135 41.87 52.86 -5.33
C ALA J 135 42.65 52.24 -6.49
N TYR J 136 43.92 51.93 -6.27
CA TYR J 136 44.71 51.26 -7.30
C TYR J 136 44.09 49.92 -7.66
N GLY J 137 43.70 49.13 -6.66
CA GLY J 137 43.08 47.86 -6.94
C GLY J 137 41.79 48.02 -7.72
N SER J 138 41.00 49.03 -7.37
CA SER J 138 39.77 49.31 -8.10
C SER J 138 40.05 49.56 -9.57
N VAL J 139 40.92 50.52 -9.87
CA VAL J 139 41.15 50.88 -11.28
C VAL J 139 41.82 49.72 -12.02
N PHE J 140 42.71 48.98 -11.35
CA PHE J 140 43.38 47.86 -11.98
C PHE J 140 42.39 46.77 -12.39
N TYR J 141 41.57 46.32 -11.44
CA TYR J 141 40.60 45.29 -11.73
C TYR J 141 39.59 45.76 -12.77
N LEU J 142 39.15 47.01 -12.67
CA LEU J 142 38.17 47.50 -13.63
C LEU J 142 38.74 47.57 -15.03
N ALA J 143 40.01 47.95 -15.16
CA ALA J 143 40.61 48.08 -16.49
C ALA J 143 40.86 46.71 -17.11
N THR J 144 41.27 45.73 -16.32
CA THR J 144 41.62 44.45 -16.92
C THR J 144 40.45 43.49 -17.04
N GLY J 145 39.44 43.58 -16.17
CA GLY J 145 38.31 42.68 -16.26
C GLY J 145 37.45 42.89 -17.49
N PHE J 146 37.30 44.14 -17.92
CA PHE J 146 36.53 44.40 -19.13
C PHE J 146 37.25 43.85 -20.35
N HIS J 147 38.57 43.96 -20.39
CA HIS J 147 39.33 43.32 -21.46
C HIS J 147 39.15 41.80 -21.43
N GLY J 148 39.16 41.21 -20.24
CA GLY J 148 38.88 39.79 -20.14
C GLY J 148 37.52 39.43 -20.70
N LEU J 149 36.52 40.26 -20.42
CA LEU J 149 35.18 40.02 -20.96
C LEU J 149 35.19 40.08 -22.48
N HIS J 150 35.93 41.03 -23.04
CA HIS J 150 36.02 41.11 -24.50
C HIS J 150 36.67 39.87 -25.09
N VAL J 151 37.70 39.35 -24.42
CA VAL J 151 38.36 38.13 -24.90
C VAL J 151 37.37 36.96 -24.86
N ILE J 152 36.58 36.87 -23.80
CA ILE J 152 35.61 35.78 -23.71
C ILE J 152 34.56 35.89 -24.82
N GLY J 153 34.14 37.11 -25.13
CA GLY J 153 33.23 37.30 -26.25
C GLY J 153 33.83 36.85 -27.56
N GLY J 154 35.11 37.15 -27.77
CA GLY J 154 35.78 36.67 -28.97
C GLY J 154 35.82 35.16 -29.05
N LEU J 155 36.05 34.49 -27.91
CA LEU J 155 36.02 33.03 -27.89
C LEU J 155 34.66 32.50 -28.29
N VAL J 156 33.60 33.09 -27.77
CA VAL J 156 32.24 32.69 -28.15
C VAL J 156 32.05 32.85 -29.65
N ALA J 157 32.55 33.96 -30.22
CA ALA J 157 32.41 34.18 -31.65
C ALA J 157 33.14 33.10 -32.45
N PHE J 158 34.33 32.71 -32.01
CA PHE J 158 35.06 31.64 -32.68
C PHE J 158 34.24 30.35 -32.71
N VAL J 159 33.67 29.98 -31.55
CA VAL J 159 32.91 28.74 -31.48
C VAL J 159 31.70 28.79 -32.42
N LEU J 160 30.98 29.93 -32.41
CA LEU J 160 29.82 30.04 -33.28
C LEU J 160 30.20 29.96 -34.75
N LEU J 161 31.31 30.59 -35.13
CA LEU J 161 31.73 30.54 -36.53
C LEU J 161 32.08 29.13 -36.96
N LEU J 162 32.80 28.39 -36.12
CA LEU J 162 33.12 27.02 -36.48
C LEU J 162 31.86 26.16 -36.62
N ALA J 163 30.93 26.30 -35.68
CA ALA J 163 29.69 25.55 -35.77
C ALA J 163 28.90 25.91 -37.02
N ARG J 164 29.02 27.15 -37.49
CA ARG J 164 28.30 27.54 -38.69
C ARG J 164 28.96 27.00 -39.94
N THR J 165 30.29 26.95 -39.98
CA THR J 165 30.96 26.31 -41.12
C THR J 165 30.67 24.82 -41.16
N LYS J 166 30.31 24.22 -40.02
CA LYS J 166 30.00 22.80 -40.00
C LYS J 166 28.73 22.43 -40.75
N MET J 167 27.78 23.37 -40.92
CA MET J 167 26.41 22.99 -41.27
C MET J 167 25.99 23.35 -42.70
N SER J 168 26.91 23.80 -43.56
CA SER J 168 26.57 24.00 -44.97
C SER J 168 27.85 24.13 -45.77
N LYS J 169 27.70 24.23 -47.08
CA LYS J 169 28.85 24.33 -47.95
C LYS J 169 29.51 25.70 -47.83
N PHE J 170 30.78 25.75 -48.20
CA PHE J 170 31.56 26.97 -48.03
C PHE J 170 31.24 27.95 -49.15
N THR J 171 30.74 29.11 -48.78
CA THR J 171 30.39 30.18 -49.71
C THR J 171 31.16 31.43 -49.33
N PRO J 172 31.22 32.45 -50.19
CA PRO J 172 31.97 33.67 -49.82
C PRO J 172 31.47 34.35 -48.55
N ALA J 173 30.19 34.16 -48.19
CA ALA J 173 29.69 34.77 -46.96
C ALA J 173 30.41 34.22 -45.74
N GLN J 174 30.71 32.93 -45.73
CA GLN J 174 31.49 32.33 -44.65
C GLN J 174 32.89 32.94 -44.59
N ALA J 175 33.49 33.20 -45.76
CA ALA J 175 34.80 33.83 -45.78
C ALA J 175 34.74 35.23 -45.18
N THR J 176 33.70 36.00 -45.51
CA THR J 176 33.57 37.34 -44.95
C THR J 176 33.42 37.28 -43.44
N ALA J 177 32.61 36.34 -42.94
CA ALA J 177 32.44 36.20 -41.50
C ALA J 177 33.77 35.88 -40.82
N ALA J 178 34.53 34.96 -41.41
CA ALA J 178 35.84 34.62 -40.85
C ALA J 178 36.74 35.84 -40.79
N ILE J 179 36.75 36.63 -41.86
CA ILE J 179 37.64 37.80 -41.92
C ILE J 179 37.28 38.81 -40.83
N VAL J 180 35.98 39.07 -40.64
CA VAL J 180 35.61 40.10 -39.67
C VAL J 180 35.89 39.63 -38.25
N VAL J 181 35.61 38.35 -37.95
CA VAL J 181 35.98 37.82 -36.64
C VAL J 181 37.48 37.95 -36.41
N SER J 182 38.26 37.70 -37.47
CA SER J 182 39.70 37.80 -37.37
C SER J 182 40.14 39.18 -36.91
N TYR J 183 39.69 40.22 -37.62
CA TYR J 183 40.29 41.48 -37.18
C TYR J 183 39.61 42.08 -35.96
N TYR J 184 38.45 41.56 -35.54
CA TYR J 184 38.02 41.83 -34.17
C TYR J 184 39.05 41.30 -33.17
N TRP J 185 39.49 40.05 -33.37
CA TRP J 185 40.52 39.49 -32.50
C TRP J 185 41.79 40.33 -32.51
N HIS J 186 42.16 40.84 -33.68
CA HIS J 186 43.35 41.68 -33.77
C HIS J 186 43.20 42.95 -32.93
N PHE J 187 42.06 43.62 -33.06
CA PHE J 187 41.79 44.80 -32.23
C PHE J 187 41.93 44.48 -30.75
N VAL J 188 41.38 43.34 -30.33
CA VAL J 188 41.46 42.94 -28.93
C VAL J 188 42.91 42.82 -28.48
N ASP J 189 43.71 42.07 -29.22
CA ASP J 189 45.08 41.85 -28.74
C ASP J 189 46.00 43.03 -29.01
N ILE J 190 45.51 44.08 -29.67
CA ILE J 190 46.28 45.34 -29.71
C ILE J 190 45.96 46.22 -28.50
N VAL J 191 44.68 46.34 -28.14
CA VAL J 191 44.36 47.12 -26.94
C VAL J 191 44.96 46.44 -25.71
N TRP J 192 45.15 45.12 -25.75
CA TRP J 192 45.83 44.48 -24.64
C TRP J 192 47.28 44.94 -24.53
N ILE J 193 47.97 45.07 -25.66
CA ILE J 193 49.35 45.54 -25.63
C ILE J 193 49.40 46.93 -25.03
N ALA J 194 48.45 47.79 -25.40
CA ALA J 194 48.39 49.13 -24.82
C ALA J 194 48.24 49.06 -23.30
N LEU J 195 47.28 48.27 -22.83
CA LEU J 195 47.05 48.15 -21.39
C LEU J 195 48.27 47.61 -20.66
N PHE J 196 48.93 46.61 -21.25
CA PHE J 196 50.09 46.00 -20.62
C PHE J 196 51.22 46.99 -20.48
N ALA J 197 51.56 47.68 -21.58
CA ALA J 197 52.64 48.66 -21.53
C ALA J 197 52.31 49.81 -20.58
N THR J 198 51.03 50.14 -20.42
CA THR J 198 50.69 51.22 -19.50
C THR J 198 50.77 50.78 -18.04
N ILE J 199 50.29 49.59 -17.72
CA ILE J 199 50.16 49.18 -16.33
C ILE J 199 51.45 48.58 -15.78
N TYR J 200 52.07 47.65 -16.51
CA TYR J 200 53.14 46.87 -15.91
C TYR J 200 54.51 47.55 -16.00
N PHE J 201 54.75 48.39 -17.00
CA PHE J 201 56.06 48.99 -17.21
C PHE J 201 56.10 50.46 -16.85
N VAL J 202 55.16 51.27 -17.35
CA VAL J 202 55.18 52.69 -17.06
C VAL J 202 54.93 52.94 -15.59
N ARG J 203 53.92 52.28 -15.03
CA ARG J 203 53.54 52.43 -13.62
C ARG J 203 53.28 53.90 -13.27
N MET K 1 35.84 54.47 -52.76
CA MET K 1 35.18 55.67 -52.27
C MET K 1 36.19 56.74 -51.87
N HIS K 2 36.11 57.90 -52.51
CA HIS K 2 37.12 58.93 -52.33
C HIS K 2 36.70 60.06 -51.40
N ILE K 3 35.41 60.36 -51.29
CA ILE K 3 35.00 61.51 -50.50
C ILE K 3 34.85 61.17 -49.02
N GLU K 4 34.45 59.93 -48.71
CA GLU K 4 34.35 59.51 -47.32
C GLU K 4 35.72 59.53 -46.65
N ALA K 5 36.73 59.03 -47.36
CA ALA K 5 38.08 59.04 -46.82
C ALA K 5 38.55 60.46 -46.54
N ARG K 6 38.23 61.39 -47.45
CA ARG K 6 38.65 62.77 -47.25
C ARG K 6 37.94 63.39 -46.06
N LEU K 7 36.66 63.08 -45.88
CA LEU K 7 35.93 63.56 -44.71
C LEU K 7 36.60 63.09 -43.42
N PHE K 8 36.90 61.79 -43.34
CA PHE K 8 37.51 61.27 -42.13
C PHE K 8 38.91 61.81 -41.90
N GLU K 9 39.66 62.06 -42.98
CA GLU K 9 40.98 62.68 -42.82
C GLU K 9 40.87 64.10 -42.27
N ILE K 10 39.91 64.89 -42.75
CA ILE K 10 39.71 66.23 -42.20
C ILE K 10 39.41 66.14 -40.70
N LEU K 11 38.48 65.26 -40.34
CA LEU K 11 38.12 65.15 -38.93
C LEU K 11 39.32 64.73 -38.08
N THR K 12 40.10 63.77 -38.56
CA THR K 12 41.24 63.29 -37.79
C THR K 12 42.28 64.39 -37.61
N ALA K 13 42.50 65.19 -38.66
CA ALA K 13 43.47 66.27 -38.54
C ALA K 13 43.04 67.27 -37.48
N PHE K 14 41.77 67.70 -37.53
CA PHE K 14 41.32 68.67 -36.55
C PHE K 14 41.38 68.11 -35.14
N PHE K 15 40.99 66.85 -34.96
CA PHE K 15 40.99 66.28 -33.62
C PHE K 15 42.40 66.17 -33.05
N ALA K 16 43.35 65.75 -33.88
CA ALA K 16 44.73 65.67 -33.39
C ALA K 16 45.27 67.05 -33.01
N LEU K 17 44.97 68.07 -33.83
CA LEU K 17 45.39 69.42 -33.49
C LEU K 17 44.83 69.85 -32.15
N ALA K 18 43.52 69.66 -31.95
CA ALA K 18 42.90 70.09 -30.70
C ALA K 18 43.47 69.34 -29.50
N ALA K 19 43.71 68.03 -29.65
CA ALA K 19 44.26 67.24 -28.55
C ALA K 19 45.64 67.75 -28.14
N VAL K 20 46.51 67.97 -29.12
CA VAL K 20 47.86 68.44 -28.78
C VAL K 20 47.80 69.83 -28.14
N VAL K 21 46.96 70.71 -28.69
CA VAL K 21 46.88 72.07 -28.15
C VAL K 21 46.39 72.04 -26.71
N TYR K 22 45.34 71.26 -26.43
CA TYR K 22 44.82 71.17 -25.08
C TYR K 22 45.86 70.61 -24.12
N ALA K 23 46.57 69.56 -24.54
CA ALA K 23 47.58 68.96 -23.67
C ALA K 23 48.67 69.97 -23.31
N VAL K 24 49.20 70.68 -24.31
CA VAL K 24 50.31 71.59 -24.01
C VAL K 24 49.83 72.88 -23.36
N LEU K 25 48.54 73.22 -23.47
CA LEU K 25 48.05 74.41 -22.79
C LEU K 25 47.65 74.13 -21.35
N THR K 26 47.33 72.88 -21.03
CA THR K 26 47.09 72.52 -19.64
C THR K 26 48.33 72.01 -18.93
N ALA K 27 49.39 71.67 -19.66
CA ALA K 27 50.66 71.37 -19.01
C ALA K 27 51.16 72.59 -18.24
N MET K 28 51.01 73.77 -18.82
CA MET K 28 51.22 75.04 -18.14
C MET K 28 49.87 75.68 -17.86
N PHE K 29 49.89 76.82 -17.17
CA PHE K 29 48.70 77.66 -17.02
C PHE K 29 47.56 76.97 -16.28
N ALA K 30 47.76 75.75 -15.81
CA ALA K 30 46.70 75.01 -15.14
C ALA K 30 47.03 74.82 -13.67
N THR K 31 45.99 74.48 -12.89
CA THR K 31 46.14 74.38 -11.45
C THR K 31 47.05 73.22 -11.06
N GLY K 32 46.76 72.02 -11.54
CA GLY K 32 47.51 70.84 -11.18
C GLY K 32 48.29 70.17 -12.29
N GLY K 33 48.58 70.87 -13.39
CA GLY K 33 49.32 70.25 -14.47
C GLY K 33 48.40 69.71 -15.54
N VAL K 34 48.84 68.65 -16.24
CA VAL K 34 48.03 68.09 -17.31
C VAL K 34 46.72 67.55 -16.74
N GLU K 35 45.64 67.74 -17.48
CA GLU K 35 44.30 67.50 -16.97
C GLU K 35 43.93 66.02 -16.95
N TRP K 36 44.45 65.24 -17.90
CA TRP K 36 44.50 63.78 -17.87
C TRP K 36 43.17 63.08 -18.14
N ALA K 37 42.07 63.82 -18.22
CA ALA K 37 40.77 63.21 -18.50
C ALA K 37 40.17 63.67 -19.82
N GLY K 38 40.39 64.92 -20.22
CA GLY K 38 40.01 65.33 -21.56
C GLY K 38 41.07 64.97 -22.58
N THR K 39 42.34 64.99 -22.17
CA THR K 39 43.44 64.62 -23.05
C THR K 39 43.23 63.22 -23.62
N THR K 40 42.90 62.26 -22.76
CA THR K 40 42.75 60.87 -23.18
C THR K 40 41.61 60.73 -24.18
N ALA K 41 40.45 61.27 -23.83
CA ALA K 41 39.31 61.23 -24.74
C ALA K 41 39.66 61.82 -26.09
N LEU K 42 40.44 62.90 -26.11
CA LEU K 42 40.76 63.53 -27.38
C LEU K 42 41.71 62.68 -28.21
N VAL K 43 42.75 62.11 -27.60
CA VAL K 43 43.65 61.29 -28.41
C VAL K 43 42.90 60.09 -28.96
N LEU K 44 41.99 59.53 -28.17
CA LEU K 44 41.37 58.30 -28.66
C LEU K 44 40.21 58.55 -29.62
N THR K 45 39.57 59.73 -29.59
CA THR K 45 38.68 60.07 -30.69
C THR K 45 39.47 60.33 -31.97
N THR K 46 40.66 60.93 -31.83
CA THR K 46 41.56 61.02 -32.98
C THR K 46 41.86 59.64 -33.55
N GLY K 47 42.15 58.68 -32.67
CA GLY K 47 42.43 57.32 -33.12
C GLY K 47 41.23 56.66 -33.79
N LEU K 48 40.03 56.91 -33.28
CA LEU K 48 38.82 56.42 -33.92
C LEU K 48 38.71 56.88 -35.36
N THR K 49 38.73 58.21 -35.56
CA THR K 49 38.62 58.73 -36.91
C THR K 49 39.78 58.27 -37.78
N LEU K 50 40.96 58.09 -37.19
CA LEU K 50 42.12 57.64 -37.96
C LEU K 50 41.93 56.22 -38.47
N ILE K 51 41.45 55.33 -37.60
CA ILE K 51 41.19 53.94 -38.01
C ILE K 51 40.21 53.93 -39.17
N THR K 52 39.07 54.60 -39.00
CA THR K 52 38.06 54.59 -40.06
C THR K 52 38.59 55.17 -41.37
N GLY K 53 39.28 56.31 -41.28
CA GLY K 53 39.78 56.94 -42.49
C GLY K 53 40.81 56.10 -43.21
N THR K 54 41.68 55.42 -42.45
CA THR K 54 42.71 54.60 -43.07
C THR K 54 42.08 53.40 -43.77
N PHE K 55 41.07 52.78 -43.16
CA PHE K 55 40.38 51.69 -43.82
C PHE K 55 39.73 52.15 -45.13
N PHE K 56 39.02 53.28 -45.08
CA PHE K 56 38.40 53.80 -46.29
C PHE K 56 39.44 54.12 -47.36
N ARG K 57 40.60 54.63 -46.94
CA ARG K 57 41.65 54.98 -47.90
C ARG K 57 42.18 53.74 -48.61
N PHE K 58 42.45 52.68 -47.85
CA PHE K 58 42.92 51.44 -48.47
C PHE K 58 41.88 50.88 -49.43
N VAL K 59 40.63 50.83 -49.01
CA VAL K 59 39.59 50.29 -49.89
C VAL K 59 39.44 51.14 -51.14
N ALA K 60 39.65 52.45 -51.04
CA ALA K 60 39.56 53.31 -52.22
C ALA K 60 40.73 53.08 -53.16
N ARG K 61 41.94 52.95 -52.62
CA ARG K 61 43.08 52.68 -53.48
C ARG K 61 43.04 51.31 -54.13
N ARG K 62 42.30 50.36 -53.56
CA ARG K 62 42.22 49.01 -54.10
C ARG K 62 40.98 48.77 -54.96
N LEU K 63 40.36 49.82 -55.48
CA LEU K 63 39.06 49.72 -56.13
C LEU K 63 39.03 50.50 -57.44
N ASP K 64 38.27 50.00 -58.39
CA ASP K 64 37.99 50.72 -59.61
C ASP K 64 36.69 51.51 -59.46
N THR K 65 36.48 52.45 -60.37
CA THR K 65 35.33 53.36 -60.25
C THR K 65 34.03 52.57 -60.16
N ARG K 66 33.07 53.14 -59.43
CA ARG K 66 31.79 52.59 -59.04
C ARG K 66 30.68 53.51 -59.53
N PRO K 67 29.55 52.96 -59.98
CA PRO K 67 28.48 53.80 -60.52
C PRO K 67 28.00 54.87 -59.55
N GLU K 68 28.12 54.60 -58.25
CA GLU K 68 27.79 55.63 -57.26
C GLU K 68 28.83 56.73 -57.24
N ASP K 69 30.12 56.37 -57.17
CA ASP K 69 31.18 57.37 -57.15
C ASP K 69 31.30 58.10 -58.47
N TYR K 70 30.73 57.54 -59.53
CA TYR K 70 30.93 58.05 -60.88
C TYR K 70 29.76 58.93 -61.25
N GLU K 71 30.05 60.13 -61.73
CA GLU K 71 29.05 60.95 -62.40
C GLU K 71 28.82 60.34 -63.77
N ASP K 72 28.14 61.08 -64.64
CA ASP K 72 28.15 60.78 -66.06
C ASP K 72 27.42 59.48 -66.35
N ALA K 73 26.90 58.80 -65.34
CA ALA K 73 26.42 57.43 -65.43
C ALA K 73 24.90 57.36 -65.55
N GLU K 74 24.41 56.19 -65.94
CA GLU K 74 23.01 55.94 -66.19
C GLU K 74 22.56 54.72 -65.41
N ILE K 75 21.24 54.55 -65.32
CA ILE K 75 20.67 53.49 -64.48
C ILE K 75 20.91 52.09 -65.06
N SER K 76 21.23 51.99 -66.34
CA SER K 76 21.56 50.69 -66.91
C SER K 76 22.92 50.18 -66.45
N ASP K 77 23.71 51.01 -65.77
CA ASP K 77 25.02 50.59 -65.29
C ASP K 77 24.90 49.70 -64.07
N GLY K 78 24.02 50.06 -63.14
CA GLY K 78 23.82 49.30 -61.93
C GLY K 78 22.89 48.12 -62.07
N ALA K 79 22.41 47.83 -63.27
CA ALA K 79 21.53 46.69 -63.48
C ALA K 79 22.24 45.40 -63.11
N GLY K 80 21.70 44.70 -62.13
CA GLY K 80 22.30 43.46 -61.69
C GLY K 80 21.55 42.81 -60.54
N GLU K 81 22.29 42.17 -59.65
CA GLU K 81 21.71 41.45 -58.53
C GLU K 81 22.39 41.89 -57.26
N LEU K 82 21.63 42.47 -56.34
CA LEU K 82 22.18 42.97 -55.09
C LEU K 82 22.40 41.79 -54.14
N GLY K 83 22.74 42.09 -52.90
CA GLY K 83 23.04 41.07 -51.92
C GLY K 83 21.79 40.38 -51.41
N PHE K 84 21.91 39.84 -50.20
CA PHE K 84 20.83 39.12 -49.53
C PHE K 84 20.35 39.97 -48.36
N PHE K 85 19.09 40.39 -48.43
CA PHE K 85 18.48 41.19 -47.36
C PHE K 85 17.44 40.34 -46.66
N ALA K 86 17.61 40.16 -45.36
CA ALA K 86 16.80 39.23 -44.60
C ALA K 86 15.35 39.67 -44.56
N PRO K 87 14.41 38.85 -45.01
CA PRO K 87 13.00 39.11 -44.74
C PRO K 87 12.67 38.81 -43.28
N HIS K 88 11.39 38.75 -42.96
CA HIS K 88 10.87 38.60 -41.60
C HIS K 88 11.70 37.71 -40.69
N SER K 89 11.89 38.15 -39.44
CA SER K 89 12.55 37.37 -38.41
C SER K 89 12.08 37.86 -37.05
N TRP K 90 11.99 36.94 -36.08
CA TRP K 90 11.48 37.26 -34.76
C TRP K 90 12.52 37.15 -33.65
N TRP K 91 13.78 36.91 -34.00
CA TRP K 91 14.82 36.75 -33.00
C TRP K 91 15.23 38.05 -32.30
N PRO K 92 15.23 39.20 -32.97
CA PRO K 92 15.59 40.45 -32.28
C PRO K 92 14.82 40.72 -30.99
N ILE K 93 13.51 40.49 -30.98
CA ILE K 93 12.75 40.78 -29.76
C ILE K 93 13.16 39.85 -28.63
N LEU K 94 13.51 38.59 -28.94
CA LEU K 94 13.97 37.69 -27.90
C LEU K 94 15.34 38.09 -27.39
N ILE K 95 16.22 38.54 -28.28
CA ILE K 95 17.52 39.05 -27.82
C ILE K 95 17.34 40.22 -26.88
N SER K 96 16.43 41.13 -27.23
CA SER K 96 16.21 42.30 -26.39
C SER K 96 15.63 41.90 -25.03
N LEU K 97 14.70 40.94 -25.03
CA LEU K 97 14.13 40.47 -23.76
C LEU K 97 15.21 39.86 -22.88
N SER K 98 16.10 39.04 -23.47
CA SER K 98 17.16 38.42 -22.68
C SER K 98 18.10 39.47 -22.11
N PHE K 99 18.51 40.44 -22.93
CA PHE K 99 19.41 41.47 -22.44
C PHE K 99 18.75 42.30 -21.35
N SER K 100 17.45 42.57 -21.48
CA SER K 100 16.75 43.33 -20.46
C SER K 100 16.65 42.54 -19.16
N THR K 101 16.47 41.22 -19.25
CA THR K 101 16.49 40.39 -18.05
C THR K 101 17.83 40.47 -17.35
N ALA K 102 18.92 40.35 -18.11
CA ALA K 102 20.25 40.46 -17.50
C ALA K 102 20.46 41.84 -16.88
N ALA K 103 19.97 42.89 -17.54
CA ALA K 103 20.18 44.24 -17.02
C ALA K 103 19.41 44.47 -15.72
N VAL K 104 18.15 44.02 -15.66
CA VAL K 104 17.40 44.20 -14.43
C VAL K 104 17.94 43.29 -13.33
N GLY K 105 18.53 42.15 -13.69
CA GLY K 105 19.20 41.34 -12.70
C GLY K 105 20.51 41.94 -12.21
N ALA K 106 21.11 42.83 -12.99
CA ALA K 106 22.28 43.54 -12.51
C ALA K 106 21.91 44.79 -11.71
N ALA K 107 20.77 45.41 -12.00
CA ALA K 107 20.32 46.57 -11.23
C ALA K 107 20.07 46.18 -9.78
N LEU K 108 19.07 45.34 -9.55
CA LEU K 108 18.89 44.70 -8.26
C LEU K 108 19.87 43.55 -8.17
N TRP K 109 20.74 43.57 -7.17
CA TRP K 109 21.86 42.63 -7.17
C TRP K 109 21.35 41.21 -6.95
N LEU K 110 21.08 40.50 -8.04
CA LEU K 110 20.56 39.13 -7.99
C LEU K 110 21.39 38.28 -8.94
N PRO K 111 22.33 37.48 -8.41
CA PRO K 111 23.24 36.74 -9.30
C PRO K 111 22.55 35.70 -10.16
N TRP K 112 21.52 35.03 -9.62
CA TRP K 112 20.83 34.02 -10.41
C TRP K 112 20.16 34.63 -11.63
N LEU K 113 19.60 35.82 -11.48
CA LEU K 113 18.98 36.49 -12.63
C LEU K 113 20.02 36.87 -13.66
N ILE K 114 21.21 37.28 -13.22
CA ILE K 114 22.28 37.60 -14.16
C ILE K 114 22.71 36.36 -14.93
N ALA K 115 22.84 35.24 -14.23
CA ALA K 115 23.22 34.00 -14.91
C ALA K 115 22.17 33.57 -15.93
N ALA K 116 20.90 33.64 -15.54
CA ALA K 116 19.82 33.30 -16.47
C ALA K 116 19.82 34.22 -17.68
N GLY K 117 20.02 35.52 -17.44
CA GLY K 117 20.06 36.46 -18.55
C GLY K 117 21.21 36.19 -19.51
N VAL K 118 22.38 35.85 -18.98
CA VAL K 118 23.51 35.55 -19.84
C VAL K 118 23.25 34.30 -20.66
N ALA K 119 22.70 33.26 -20.03
CA ALA K 119 22.38 32.05 -20.76
C ALA K 119 21.37 32.34 -21.87
N PHE K 120 20.34 33.14 -21.57
CA PHE K 120 19.34 33.45 -22.58
C PHE K 120 19.93 34.30 -23.71
N VAL K 121 20.86 35.19 -23.40
CA VAL K 121 21.51 35.98 -24.45
C VAL K 121 22.31 35.08 -25.37
N ILE K 122 23.06 34.15 -24.80
CA ILE K 122 23.82 33.21 -25.64
C ILE K 122 22.89 32.41 -26.53
N THR K 123 21.77 31.92 -25.97
CA THR K 123 20.83 31.13 -26.75
C THR K 123 20.21 31.94 -27.89
N SER K 124 19.77 33.16 -27.59
CA SER K 124 19.10 33.98 -28.60
C SER K 124 20.08 34.40 -29.69
N VAL K 125 21.32 34.74 -29.33
CA VAL K 125 22.29 35.13 -30.34
C VAL K 125 22.64 33.94 -31.22
N CYS K 126 22.76 32.75 -30.63
CA CYS K 126 22.98 31.55 -31.43
C CYS K 126 21.83 31.34 -32.41
N GLY K 127 20.60 31.54 -31.95
CA GLY K 127 19.46 31.41 -32.85
C GLY K 127 19.48 32.41 -33.97
N LEU K 128 19.90 33.63 -33.69
CA LEU K 128 19.94 34.66 -34.73
C LEU K 128 21.02 34.35 -35.76
N VAL K 129 22.18 33.85 -35.32
CA VAL K 129 23.29 33.64 -36.23
C VAL K 129 23.03 32.46 -37.16
N PHE K 130 22.38 31.41 -36.65
CA PHE K 130 22.19 30.18 -37.41
C PHE K 130 20.89 30.16 -38.20
N GLU K 131 20.14 31.27 -38.25
CA GLU K 131 18.76 31.20 -38.73
C GLU K 131 18.69 30.78 -40.18
N TYR K 132 19.56 31.30 -41.03
CA TYR K 132 19.52 30.99 -42.46
C TYR K 132 20.61 30.00 -42.87
N TYR K 133 21.03 29.13 -41.95
CA TYR K 133 22.03 28.12 -42.25
C TYR K 133 21.66 26.72 -41.80
N TRP K 134 20.67 26.55 -40.94
CA TRP K 134 20.18 25.22 -40.60
C TRP K 134 19.69 24.52 -41.86
N GLY K 135 20.07 23.26 -42.01
CA GLY K 135 19.62 22.48 -43.14
C GLY K 135 18.31 21.79 -42.88
N PRO K 136 17.80 21.03 -43.84
CA PRO K 136 16.58 20.26 -43.62
C PRO K 136 16.82 19.15 -42.61
N GLU K 137 15.73 18.74 -41.97
CA GLU K 137 15.81 17.75 -40.89
C GLU K 137 16.14 16.37 -41.46
N LYS K 138 16.90 15.61 -40.68
CA LYS K 138 17.47 14.36 -41.18
C LYS K 138 16.49 13.19 -41.10
N HIS K 139 15.46 13.27 -40.27
CA HIS K 139 14.58 12.15 -39.98
C HIS K 139 15.39 10.92 -39.55
N MET L 1 -1.43 85.11 -3.85
CA MET L 1 -2.27 86.21 -4.30
C MET L 1 -3.70 85.75 -4.57
N SER L 2 -4.54 85.82 -3.54
CA SER L 2 -5.97 85.54 -3.65
C SER L 2 -6.21 84.20 -4.35
N THR L 3 -5.93 83.12 -3.61
CA THR L 3 -5.89 81.76 -4.17
C THR L 3 -7.04 81.47 -5.12
N ALA L 4 -8.23 82.02 -4.84
CA ALA L 4 -9.38 81.77 -5.69
C ALA L 4 -9.14 82.29 -7.10
N LEU L 5 -8.58 83.49 -7.23
CA LEU L 5 -8.41 84.06 -8.57
C LEU L 5 -7.24 83.43 -9.30
N THR L 6 -6.22 82.96 -8.56
CA THR L 6 -5.15 82.20 -9.19
C THR L 6 -5.70 80.92 -9.83
N HIS L 7 -6.45 80.13 -9.06
CA HIS L 7 -7.08 78.94 -9.63
C HIS L 7 -8.02 79.32 -10.77
N GLY L 8 -8.75 80.43 -10.63
CA GLY L 8 -9.69 80.84 -11.65
C GLY L 8 -9.03 81.13 -12.98
N LEU L 9 -7.96 81.94 -12.96
CA LEU L 9 -7.22 82.20 -14.19
C LEU L 9 -6.64 80.93 -14.77
N ILE L 10 -5.95 80.14 -13.94
CA ILE L 10 -5.31 78.92 -14.41
C ILE L 10 -6.32 77.99 -15.07
N GLY L 11 -7.56 77.99 -14.59
CA GLY L 11 -8.57 77.12 -15.17
C GLY L 11 -9.37 77.72 -16.29
N GLY L 12 -9.38 79.04 -16.41
CA GLY L 12 -10.26 79.69 -17.36
C GLY L 12 -9.60 80.27 -18.60
N VAL L 13 -8.40 80.81 -18.48
CA VAL L 13 -7.73 81.41 -19.64
C VAL L 13 -7.50 80.42 -20.76
N PRO L 14 -6.94 79.22 -20.53
CA PRO L 14 -6.69 78.32 -21.66
C PRO L 14 -7.93 77.93 -22.42
N LEU L 15 -9.03 77.63 -21.73
CA LEU L 15 -10.23 77.16 -22.40
C LEU L 15 -10.90 78.29 -23.17
N VAL L 16 -10.88 79.50 -22.62
CA VAL L 16 -11.40 80.66 -23.35
C VAL L 16 -10.62 80.89 -24.63
N LEU L 17 -9.29 80.87 -24.52
CA LEU L 17 -8.46 81.08 -25.70
C LEU L 17 -8.71 80.00 -26.75
N PHE L 18 -8.85 78.75 -26.30
CA PHE L 18 -9.23 77.67 -27.20
C PHE L 18 -10.54 77.98 -27.91
N ALA L 19 -11.51 78.53 -27.19
CA ALA L 19 -12.80 78.84 -27.80
C ALA L 19 -12.67 79.88 -28.89
N VAL L 20 -11.96 80.98 -28.61
CA VAL L 20 -11.86 82.02 -29.64
C VAL L 20 -11.09 81.51 -30.86
N LEU L 21 -10.00 80.78 -30.62
CA LEU L 21 -9.22 80.28 -31.76
C LEU L 21 -10.01 79.27 -32.58
N ALA L 22 -10.81 78.43 -31.92
CA ALA L 22 -11.62 77.47 -32.64
C ALA L 22 -12.70 78.16 -33.46
N LEU L 23 -13.37 79.16 -32.89
CA LEU L 23 -14.38 79.88 -33.66
C LEU L 23 -13.75 80.68 -34.80
N ILE L 24 -12.48 81.05 -34.68
CA ILE L 24 -11.81 81.76 -35.77
C ILE L 24 -11.45 80.81 -36.90
N PHE L 25 -10.87 79.65 -36.57
CA PHE L 25 -10.29 78.78 -37.58
C PHE L 25 -11.21 77.65 -38.02
N LEU L 26 -12.00 77.06 -37.13
CA LEU L 26 -12.77 75.88 -37.47
C LEU L 26 -14.09 76.20 -38.16
N THR L 27 -14.37 77.46 -38.47
CA THR L 27 -15.60 77.84 -39.14
C THR L 27 -15.39 78.26 -40.58
N ARG L 28 -14.20 78.01 -41.13
CA ARG L 28 -13.91 78.39 -42.50
C ARG L 28 -14.36 77.29 -43.46
N LYS L 29 -13.99 77.44 -44.73
CA LYS L 29 -14.32 76.50 -45.79
C LYS L 29 -13.15 75.59 -46.08
N GLY L 30 -13.40 74.29 -46.11
CA GLY L 30 -12.38 73.34 -46.49
C GLY L 30 -12.23 73.25 -47.99
N PRO L 31 -11.19 72.53 -48.42
CA PRO L 31 -10.95 72.38 -49.86
C PRO L 31 -11.86 71.38 -50.54
N HIS L 32 -12.76 70.74 -49.80
CA HIS L 32 -13.65 69.76 -50.40
C HIS L 32 -14.65 70.46 -51.32
N PRO L 33 -14.93 69.89 -52.50
CA PRO L 33 -15.93 70.49 -53.38
C PRO L 33 -17.31 70.35 -52.79
N ASP L 34 -18.11 71.40 -52.96
CA ASP L 34 -19.40 71.42 -52.29
C ASP L 34 -20.38 70.53 -53.06
N THR L 35 -21.35 70.00 -52.33
CA THR L 35 -22.13 68.87 -52.83
C THR L 35 -22.84 69.23 -54.12
N TYR L 36 -23.02 68.21 -54.98
CA TYR L 36 -23.76 68.37 -56.22
C TYR L 36 -25.26 68.21 -55.97
N LYS L 37 -26.04 69.15 -56.46
CA LYS L 37 -27.48 69.18 -56.27
C LYS L 37 -28.17 69.00 -57.61
N MET L 38 -29.02 67.97 -57.70
CA MET L 38 -29.47 67.45 -59.00
C MET L 38 -30.36 68.41 -59.77
N SER L 39 -30.82 69.50 -59.17
CA SER L 39 -31.62 70.46 -59.91
C SER L 39 -30.84 71.04 -61.07
N ASP L 40 -29.53 71.16 -60.92
CA ASP L 40 -28.67 71.79 -61.92
C ASP L 40 -27.95 70.74 -62.75
N PRO L 41 -27.41 71.13 -63.91
CA PRO L 41 -26.79 70.14 -64.81
C PRO L 41 -25.57 69.48 -64.17
N TRP L 42 -25.09 68.46 -64.86
CA TRP L 42 -23.94 67.66 -64.43
C TRP L 42 -22.76 67.97 -65.34
N THR L 43 -21.73 68.59 -64.79
CA THR L 43 -20.56 68.99 -65.56
C THR L 43 -19.31 68.21 -65.23
N HIS L 44 -19.29 67.48 -64.12
CA HIS L 44 -18.12 66.70 -63.75
C HIS L 44 -17.86 65.60 -64.78
N ALA L 45 -16.60 65.16 -64.84
CA ALA L 45 -16.21 64.10 -65.75
C ALA L 45 -16.98 62.81 -65.42
N PRO L 46 -17.08 61.88 -66.37
CA PRO L 46 -17.78 60.62 -66.09
C PRO L 46 -17.12 59.86 -64.95
N ILE L 47 -17.94 59.10 -64.23
CA ILE L 47 -17.53 58.41 -63.01
C ILE L 47 -17.85 56.93 -63.17
N LEU L 48 -16.86 56.07 -62.92
CA LEU L 48 -17.06 54.63 -62.93
C LEU L 48 -16.44 54.04 -61.68
N TRP L 49 -17.25 53.40 -60.86
CA TRP L 49 -16.83 52.85 -59.59
C TRP L 49 -17.08 51.35 -59.59
N ALA L 50 -16.03 50.57 -59.35
CA ALA L 50 -16.17 49.12 -59.28
C ALA L 50 -16.24 48.68 -57.82
N ALA L 51 -16.29 47.36 -57.62
CA ALA L 51 -16.43 46.79 -56.28
C ALA L 51 -15.13 46.25 -55.71
N GLU L 52 -14.26 45.70 -56.57
CA GLU L 52 -12.94 45.18 -56.23
C GLU L 52 -12.96 43.91 -55.40
N GLU L 53 -14.13 43.38 -55.05
CA GLU L 53 -14.18 42.39 -53.98
C GLU L 53 -13.62 41.02 -54.41
N PRO L 54 -14.17 40.34 -55.43
CA PRO L 54 -13.64 39.02 -55.78
C PRO L 54 -12.33 39.15 -56.51
N ARG L 55 -11.24 38.67 -55.90
CA ARG L 55 -9.98 38.72 -56.63
C ARG L 55 -9.98 37.69 -57.75
N GLU L 56 -8.83 37.51 -58.38
CA GLU L 56 -8.76 36.82 -59.65
C GLU L 56 -7.87 35.58 -59.59
N VAL L 69 -18.01 39.91 -72.80
CA VAL L 69 -18.74 41.07 -73.31
C VAL L 69 -20.11 40.64 -73.84
N VAL L 70 -20.49 39.41 -73.53
CA VAL L 70 -21.82 38.91 -73.89
C VAL L 70 -22.78 39.30 -72.79
N ILE L 71 -23.84 40.04 -73.16
CA ILE L 71 -24.78 40.58 -72.18
C ILE L 71 -25.83 39.52 -71.89
N GLY L 72 -26.30 39.50 -70.64
CA GLY L 72 -27.28 38.52 -70.21
C GLY L 72 -28.66 39.08 -70.01
N GLY L 73 -28.76 40.39 -69.76
CA GLY L 73 -30.05 40.97 -69.51
C GLY L 73 -29.99 42.47 -69.46
N GLY L 74 -31.06 43.07 -68.97
CA GLY L 74 -31.12 44.52 -68.87
C GLY L 74 -32.44 44.95 -68.28
N ALA L 75 -32.52 46.24 -67.98
CA ALA L 75 -33.73 46.87 -67.50
C ALA L 75 -33.59 48.36 -67.75
N SER L 76 -34.68 49.09 -67.50
CA SER L 76 -34.66 50.52 -67.77
C SER L 76 -35.75 51.20 -66.94
N GLY L 77 -35.79 52.52 -67.06
CA GLY L 77 -36.69 53.37 -66.32
C GLY L 77 -36.18 54.79 -66.46
N LYS L 78 -37.06 55.80 -66.46
CA LYS L 78 -36.65 57.17 -66.69
C LYS L 78 -37.26 58.08 -65.62
N TRP L 79 -37.14 57.65 -64.37
CA TRP L 79 -37.66 58.40 -63.23
C TRP L 79 -39.18 58.52 -63.32
N GLU M 13 3.81 61.13 -76.46
CA GLU M 13 3.46 62.14 -77.45
C GLU M 13 2.11 62.80 -77.16
N LEU M 14 1.68 62.58 -75.92
CA LEU M 14 0.47 63.12 -75.33
C LEU M 14 0.79 64.47 -74.69
N ASP M 15 -0.20 65.07 -74.05
CA ASP M 15 0.03 66.41 -73.51
C ASP M 15 0.67 66.39 -72.14
N LEU M 16 0.26 65.46 -71.25
CA LEU M 16 0.79 65.39 -69.89
C LEU M 16 0.65 66.73 -69.17
N PRO M 17 -0.54 67.03 -68.66
CA PRO M 17 -0.88 68.42 -68.30
C PRO M 17 -0.10 69.02 -67.14
N TYR M 18 1.12 69.48 -67.44
CA TYR M 18 1.89 70.36 -66.55
C TYR M 18 2.16 69.71 -65.20
N GLY M 19 3.00 68.70 -65.23
CA GLY M 19 3.47 68.06 -64.01
C GLY M 19 3.60 66.57 -64.20
N SER M 20 2.77 66.01 -65.07
CA SER M 20 2.90 64.60 -65.40
C SER M 20 4.12 64.38 -66.29
N ALA M 21 4.73 63.21 -66.15
CA ALA M 21 5.87 62.83 -66.97
C ALA M 21 5.91 61.31 -67.05
N LEU M 22 6.13 60.79 -68.25
CA LEU M 22 6.18 59.35 -68.46
C LEU M 22 7.55 58.83 -68.07
N THR M 23 7.58 57.83 -67.19
CA THR M 23 8.81 57.34 -66.61
C THR M 23 9.44 56.29 -67.53
N SER M 24 10.49 55.63 -67.04
CA SER M 24 11.13 54.56 -67.80
C SER M 24 10.19 53.37 -67.99
N SER M 25 9.23 53.20 -67.09
CA SER M 25 8.15 52.25 -67.28
C SER M 25 6.98 52.96 -67.95
N GLY M 26 5.82 52.32 -67.98
CA GLY M 26 4.65 52.99 -68.50
C GLY M 26 3.94 53.90 -67.52
N ARG M 27 4.50 54.06 -66.32
CA ARG M 27 3.81 54.78 -65.26
C ARG M 27 3.89 56.28 -65.47
N ILE M 28 2.82 56.98 -65.10
CA ILE M 28 2.76 58.44 -65.14
C ILE M 28 3.02 58.96 -63.73
N SER M 29 3.79 60.05 -63.64
CA SER M 29 4.18 60.66 -62.38
C SER M 29 3.60 62.08 -62.31
N ALA M 30 2.42 62.21 -61.72
CA ALA M 30 1.73 63.48 -61.64
C ALA M 30 2.06 64.19 -60.33
N VAL M 31 1.73 65.48 -60.28
CA VAL M 31 1.96 66.33 -59.13
C VAL M 31 0.71 67.17 -58.88
N THR M 32 0.70 67.87 -57.75
CA THR M 32 -0.40 68.74 -57.39
C THR M 32 0.17 69.95 -56.65
N GLU M 33 -0.44 71.11 -56.87
CA GLU M 33 0.02 72.30 -56.17
C GLU M 33 -0.32 72.17 -54.68
N PRO M 34 0.42 72.85 -53.80
CA PRO M 34 0.25 72.63 -52.35
C PRO M 34 -1.17 72.75 -51.83
N GLY M 35 -2.03 73.51 -52.49
CA GLY M 35 -3.33 73.79 -51.92
C GLY M 35 -4.55 73.19 -52.60
N GLU M 36 -4.42 72.05 -53.29
CA GLU M 36 -5.58 71.40 -53.86
C GLU M 36 -5.58 69.92 -53.52
N LEU M 37 -6.58 69.23 -54.04
CA LEU M 37 -6.78 67.80 -53.86
C LEU M 37 -6.53 67.07 -55.16
N SER M 38 -6.78 65.75 -55.17
CA SER M 38 -6.59 64.95 -56.36
C SER M 38 -7.75 63.99 -56.59
N VAL M 39 -8.95 64.34 -56.13
CA VAL M 39 -10.13 63.52 -56.36
C VAL M 39 -11.26 64.31 -57.02
N HIS M 40 -11.67 65.43 -56.41
CA HIS M 40 -12.73 66.28 -56.94
C HIS M 40 -14.01 65.48 -57.21
N TYR M 41 -14.55 64.91 -56.15
CA TYR M 41 -15.85 64.26 -56.20
C TYR M 41 -16.87 65.14 -55.51
N PRO M 42 -17.92 65.58 -56.19
CA PRO M 42 -18.87 66.53 -55.59
C PRO M 42 -19.86 65.89 -54.63
N PHE M 43 -19.35 65.07 -53.72
CA PHE M 43 -20.16 64.40 -52.72
C PHE M 43 -19.43 64.44 -51.39
N PRO M 44 -20.13 64.33 -50.27
CA PRO M 44 -19.46 64.29 -48.98
C PRO M 44 -18.74 62.97 -48.78
N THR M 45 -17.73 63.00 -47.90
CA THR M 45 -16.94 61.81 -47.64
C THR M 45 -17.75 60.72 -46.94
N MET M 46 -18.63 61.12 -46.02
CA MET M 46 -19.36 60.16 -45.22
C MET M 46 -20.47 59.47 -46.01
N ASP M 47 -20.76 59.91 -47.24
CA ASP M 47 -21.60 59.13 -48.14
C ASP M 47 -20.79 58.27 -49.10
N LEU M 48 -19.63 58.74 -49.53
CA LEU M 48 -18.73 57.87 -50.29
C LEU M 48 -18.39 56.62 -49.49
N VAL M 49 -18.14 56.77 -48.19
CA VAL M 49 -17.82 55.59 -47.39
C VAL M 49 -18.99 54.61 -47.39
N VAL M 50 -20.22 55.12 -47.25
CA VAL M 50 -21.38 54.25 -47.17
C VAL M 50 -21.62 53.55 -48.50
N LEU M 51 -21.51 54.28 -49.61
CA LEU M 51 -21.62 53.64 -50.92
C LEU M 51 -20.55 52.58 -51.08
N ASP M 52 -19.37 52.79 -50.49
CA ASP M 52 -18.29 51.84 -50.66
C ASP M 52 -18.55 50.55 -49.90
N ASP M 53 -18.99 50.64 -48.64
CA ASP M 53 -19.20 49.37 -47.95
C ASP M 53 -20.42 48.67 -48.50
N ALA M 54 -21.41 49.42 -49.00
CA ALA M 54 -22.50 48.78 -49.73
C ALA M 54 -21.96 48.01 -50.91
N LEU M 55 -21.18 48.67 -51.78
CA LEU M 55 -20.66 48.06 -52.99
C LEU M 55 -19.74 46.88 -52.69
N LYS M 56 -19.10 46.85 -51.52
CA LYS M 56 -18.20 45.75 -51.19
C LYS M 56 -18.92 44.58 -50.54
N TYR M 57 -19.70 44.85 -49.49
CA TYR M 57 -20.36 43.77 -48.77
C TYR M 57 -21.49 43.16 -49.56
N GLY M 58 -22.18 43.94 -50.41
CA GLY M 58 -23.14 43.33 -51.29
C GLY M 58 -22.52 42.49 -52.40
N SER M 59 -21.31 42.82 -52.81
CA SER M 59 -20.58 42.01 -53.77
C SER M 59 -19.98 40.76 -53.14
N ARG M 60 -19.71 40.78 -51.83
CA ARG M 60 -19.28 39.56 -51.16
C ARG M 60 -20.41 38.53 -51.14
N ALA M 61 -21.61 38.95 -50.74
CA ALA M 61 -22.73 38.04 -50.56
C ALA M 61 -23.36 37.59 -51.87
N ALA M 62 -22.85 38.03 -53.01
CA ALA M 62 -23.43 37.66 -54.29
C ALA M 62 -22.42 37.11 -55.30
N LYS M 63 -21.13 37.21 -55.02
CA LYS M 63 -20.09 36.70 -55.91
C LYS M 63 -20.21 37.29 -57.31
N ALA M 64 -20.32 38.63 -57.35
CA ALA M 64 -20.48 39.33 -58.62
C ALA M 64 -20.11 40.79 -58.40
N ARG M 65 -19.18 41.30 -59.21
CA ARG M 65 -18.81 42.71 -59.11
C ARG M 65 -20.01 43.59 -59.39
N PHE M 66 -20.19 44.60 -58.54
CA PHE M 66 -21.20 45.63 -58.76
C PHE M 66 -20.49 46.92 -59.11
N ALA M 67 -20.96 47.59 -60.16
CA ALA M 67 -20.36 48.82 -60.63
C ALA M 67 -21.43 49.91 -60.67
N VAL M 68 -20.98 51.15 -60.74
CA VAL M 68 -21.86 52.31 -60.78
C VAL M 68 -21.26 53.33 -61.74
N TYR M 69 -22.08 53.85 -62.64
CA TYR M 69 -21.66 54.85 -63.62
C TYR M 69 -22.58 56.06 -63.53
N ILE M 70 -22.01 57.25 -63.71
CA ILE M 70 -22.79 58.48 -63.54
C ILE M 70 -22.69 59.42 -64.73
N GLY M 71 -21.74 59.25 -65.65
CA GLY M 71 -21.61 60.13 -66.79
C GLY M 71 -22.79 60.08 -67.75
N PRO M 72 -22.66 60.75 -68.88
CA PRO M 72 -23.78 60.84 -69.83
C PRO M 72 -23.87 59.63 -70.75
N LEU M 73 -25.07 59.43 -71.30
CA LEU M 73 -25.39 58.35 -72.22
C LEU M 73 -26.01 58.91 -73.49
N GLY M 74 -25.35 59.89 -74.10
CA GLY M 74 -25.92 60.62 -75.22
C GLY M 74 -26.01 59.84 -76.52
N ALA M 75 -26.69 58.70 -76.47
CA ALA M 75 -26.92 57.84 -77.63
C ALA M 75 -28.06 56.88 -77.27
N ASP M 76 -28.23 55.83 -78.05
CA ASP M 76 -29.04 54.71 -77.60
C ASP M 76 -28.52 54.26 -76.24
N THR M 77 -29.31 54.49 -75.19
CA THR M 77 -28.79 54.38 -73.83
C THR M 77 -28.34 52.96 -73.50
N ALA M 78 -29.11 51.95 -73.90
CA ALA M 78 -28.71 50.57 -73.61
C ALA M 78 -27.47 50.18 -74.39
N ALA M 79 -27.37 50.59 -75.65
CA ALA M 79 -26.14 50.39 -76.40
C ALA M 79 -24.94 50.92 -75.64
N THR M 80 -24.99 52.21 -75.27
CA THR M 80 -23.85 52.83 -74.60
C THR M 80 -23.56 52.16 -73.26
N ALA M 81 -24.59 51.73 -72.55
CA ALA M 81 -24.36 51.05 -71.27
C ALA M 81 -23.59 49.75 -71.47
N ARG M 82 -24.01 48.94 -72.44
CA ARG M 82 -23.25 47.71 -72.71
C ARG M 82 -21.91 48.00 -73.39
N GLU M 83 -21.73 49.18 -73.96
CA GLU M 83 -20.39 49.60 -74.39
C GLU M 83 -19.51 49.83 -73.18
N ILE M 84 -20.07 50.47 -72.14
CA ILE M 84 -19.31 50.82 -70.93
C ILE M 84 -18.97 49.58 -70.12
N LEU M 85 -19.90 48.62 -70.05
CA LEU M 85 -19.69 47.45 -69.22
C LEU M 85 -18.42 46.69 -69.56
N ALA M 86 -17.82 46.91 -70.72
CA ALA M 86 -16.58 46.25 -71.09
C ALA M 86 -15.35 46.85 -70.41
N ASN M 87 -15.55 47.69 -69.40
CA ASN M 87 -14.45 48.31 -68.66
C ASN M 87 -14.28 47.75 -67.26
N VAL M 88 -15.27 47.02 -66.74
CA VAL M 88 -15.15 46.29 -65.49
C VAL M 88 -14.07 45.22 -65.69
N PRO M 89 -13.27 44.87 -64.68
CA PRO M 89 -12.21 43.88 -64.92
C PRO M 89 -12.69 42.55 -65.46
N THR M 90 -13.73 41.94 -64.87
CA THR M 90 -14.35 40.72 -65.38
C THR M 90 -15.79 41.05 -65.76
N PRO M 91 -16.01 41.63 -66.95
CA PRO M 91 -17.36 42.12 -67.29
C PRO M 91 -18.39 41.03 -67.38
N GLU M 92 -17.97 39.84 -67.80
CA GLU M 92 -18.89 38.73 -67.98
C GLU M 92 -19.56 38.31 -66.68
N ASN M 93 -18.85 38.43 -65.55
CA ASN M 93 -19.44 38.22 -64.24
C ASN M 93 -19.41 39.55 -63.50
N ALA M 94 -20.43 40.38 -63.73
CA ALA M 94 -20.49 41.73 -63.20
C ALA M 94 -21.88 42.27 -63.42
N VAL M 95 -22.24 43.27 -62.63
CA VAL M 95 -23.51 43.96 -62.73
C VAL M 95 -23.23 45.45 -62.69
N LEU M 96 -23.67 46.17 -63.71
CA LEU M 96 -23.43 47.60 -63.81
C LEU M 96 -24.75 48.36 -63.67
N LEU M 97 -24.67 49.54 -63.08
CA LEU M 97 -25.81 50.44 -62.95
C LEU M 97 -25.40 51.80 -63.48
N ALA M 98 -26.00 52.22 -64.59
CA ALA M 98 -25.68 53.48 -65.23
C ALA M 98 -26.77 54.49 -64.95
N VAL M 99 -26.37 55.75 -64.78
CA VAL M 99 -27.29 56.85 -64.48
C VAL M 99 -26.79 58.08 -65.23
N SER M 100 -27.69 58.79 -65.90
CA SER M 100 -27.37 60.04 -66.56
C SER M 100 -28.27 61.14 -66.03
N PRO M 101 -27.80 61.97 -65.10
CA PRO M 101 -28.70 62.92 -64.43
C PRO M 101 -29.26 64.00 -65.35
N ASP M 102 -28.64 64.24 -66.50
CA ASP M 102 -29.22 65.18 -67.46
C ASP M 102 -30.36 64.55 -68.23
N GLN M 103 -30.10 63.40 -68.87
CA GLN M 103 -31.15 62.68 -69.58
C GLN M 103 -32.09 61.94 -68.65
N ARG M 104 -31.79 61.92 -67.35
CA ARG M 104 -32.68 61.35 -66.33
C ARG M 104 -33.00 59.90 -66.61
N ALA M 105 -32.01 59.16 -67.09
CA ALA M 105 -32.20 57.80 -67.57
C ALA M 105 -31.44 56.82 -66.69
N ILE M 106 -32.08 55.69 -66.39
CA ILE M 106 -31.49 54.61 -65.62
C ILE M 106 -31.28 53.42 -66.54
N GLU M 107 -30.14 52.75 -66.39
CA GLU M 107 -29.83 51.58 -67.19
C GLU M 107 -29.06 50.57 -66.33
N VAL M 108 -29.53 49.33 -66.35
CA VAL M 108 -28.88 48.23 -65.64
C VAL M 108 -28.47 47.19 -66.67
N VAL M 109 -27.21 46.77 -66.62
CA VAL M 109 -26.68 45.79 -67.56
C VAL M 109 -26.14 44.61 -66.77
N TYR M 110 -26.19 43.43 -67.38
CA TYR M 110 -25.73 42.21 -66.76
C TYR M 110 -24.51 41.68 -67.51
N GLY M 111 -24.05 40.50 -67.07
CA GLY M 111 -23.08 39.73 -67.80
C GLY M 111 -23.66 38.36 -68.12
N ALA M 112 -23.08 37.72 -69.13
CA ALA M 112 -23.55 36.39 -69.51
C ALA M 112 -23.32 35.38 -68.40
N ASP M 113 -22.24 35.57 -67.62
CA ASP M 113 -21.89 34.59 -66.61
C ASP M 113 -22.80 34.71 -65.39
N VAL M 114 -23.28 35.91 -65.10
CA VAL M 114 -24.23 36.13 -64.01
C VAL M 114 -25.66 36.12 -64.55
N LYS M 115 -26.27 34.95 -64.58
CA LYS M 115 -27.65 34.82 -65.03
C LYS M 115 -28.17 33.44 -64.64
N GLY M 116 -29.46 33.40 -64.32
CA GLY M 116 -30.04 32.21 -63.73
C GLY M 116 -29.90 32.24 -62.22
N ARG M 117 -29.47 33.39 -61.70
CA ARG M 117 -29.23 33.58 -60.27
C ARG M 117 -30.22 34.55 -59.64
N GLY M 118 -31.33 34.85 -60.32
CA GLY M 118 -32.33 35.72 -59.76
C GLY M 118 -32.06 37.18 -60.02
N ILE M 119 -31.71 37.51 -61.26
CA ILE M 119 -31.23 38.84 -61.60
C ILE M 119 -32.33 39.70 -62.20
N GLU M 120 -33.05 39.20 -63.22
CA GLU M 120 -34.08 40.01 -63.84
C GLU M 120 -35.31 40.16 -62.95
N SER M 121 -35.48 39.29 -61.95
CA SER M 121 -36.50 39.54 -60.94
C SER M 121 -36.07 40.63 -59.97
N ALA M 122 -34.84 41.13 -60.08
CA ALA M 122 -34.34 42.15 -59.16
C ALA M 122 -33.92 43.44 -59.85
N ALA M 123 -33.61 43.40 -61.15
CA ALA M 123 -33.25 44.63 -61.85
C ALA M 123 -34.35 45.68 -61.87
N PRO M 124 -35.60 45.35 -62.22
CA PRO M 124 -36.64 46.39 -62.16
C PRO M 124 -36.90 46.90 -60.75
N LEU M 125 -36.75 46.05 -59.73
CA LEU M 125 -36.86 46.52 -58.36
C LEU M 125 -35.81 47.58 -58.05
N GLY M 126 -34.56 47.31 -58.44
CA GLY M 126 -33.51 48.29 -58.20
C GLY M 126 -33.74 49.56 -58.97
N VAL M 127 -34.20 49.45 -60.22
CA VAL M 127 -34.45 50.64 -61.03
C VAL M 127 -35.56 51.48 -60.40
N SER M 128 -36.62 50.83 -59.93
CA SER M 128 -37.73 51.56 -59.31
C SER M 128 -37.30 52.23 -58.01
N ALA M 129 -36.49 51.55 -57.21
CA ALA M 129 -36.01 52.16 -55.97
C ALA M 129 -35.09 53.34 -56.26
N ALA M 130 -34.19 53.19 -57.23
CA ALA M 130 -33.31 54.30 -57.59
C ALA M 130 -34.11 55.49 -58.10
N ALA M 131 -35.13 55.25 -58.93
CA ALA M 131 -35.95 56.35 -59.43
C ALA M 131 -36.72 57.02 -58.29
N ALA M 132 -37.33 56.21 -57.42
CA ALA M 132 -38.12 56.77 -56.33
C ALA M 132 -37.27 57.57 -55.37
N SER M 133 -35.99 57.21 -55.22
CA SER M 133 -35.09 58.00 -54.40
C SER M 133 -34.51 59.20 -55.14
N PHE M 134 -34.40 59.13 -56.47
CA PHE M 134 -33.88 60.26 -57.23
C PHE M 134 -34.90 61.37 -57.40
N LYS M 135 -36.19 61.04 -57.31
CA LYS M 135 -37.24 62.02 -57.61
C LYS M 135 -37.25 63.18 -56.61
N GLU M 136 -36.48 63.05 -55.51
CA GLU M 136 -36.32 64.13 -54.56
C GLU M 136 -34.97 64.82 -54.66
N GLY M 137 -33.99 64.21 -55.32
CA GLY M 137 -32.70 64.85 -55.46
C GLY M 137 -31.65 64.25 -54.55
N ASN M 138 -31.64 62.93 -54.44
CA ASN M 138 -30.65 62.20 -53.66
C ASN M 138 -29.96 61.23 -54.62
N LEU M 139 -28.78 61.61 -55.11
CA LEU M 139 -28.06 60.78 -56.07
C LEU M 139 -27.38 59.60 -55.38
N ILE M 140 -26.40 59.90 -54.53
CA ILE M 140 -25.69 58.85 -53.81
C ILE M 140 -26.64 57.98 -53.01
N ASP M 141 -27.71 58.59 -52.48
CA ASP M 141 -28.63 57.88 -51.62
C ASP M 141 -29.42 56.84 -52.42
N GLY M 142 -29.90 57.23 -53.60
CA GLY M 142 -30.59 56.29 -54.46
C GLY M 142 -29.66 55.22 -55.00
N LEU M 143 -28.43 55.60 -55.34
CA LEU M 143 -27.45 54.59 -55.75
C LEU M 143 -27.25 53.55 -54.66
N ILE M 144 -27.15 53.98 -53.41
CA ILE M 144 -26.99 53.06 -52.29
C ILE M 144 -28.20 52.13 -52.21
N SER M 145 -29.40 52.70 -52.26
CA SER M 145 -30.61 51.87 -52.15
C SER M 145 -30.67 50.82 -53.26
N ALA M 146 -30.40 51.24 -54.50
CA ALA M 146 -30.45 50.31 -55.62
C ALA M 146 -29.41 49.21 -55.48
N VAL M 147 -28.18 49.57 -55.10
CA VAL M 147 -27.15 48.55 -54.92
C VAL M 147 -27.55 47.58 -53.83
N ARG M 148 -28.11 48.09 -52.74
CA ARG M 148 -28.55 47.22 -51.64
C ARG M 148 -29.57 46.20 -52.12
N VAL M 149 -30.61 46.67 -52.81
CA VAL M 149 -31.68 45.75 -53.19
C VAL M 149 -31.22 44.76 -54.24
N MET M 150 -30.42 45.20 -55.22
CA MET M 150 -29.95 44.26 -56.23
C MET M 150 -28.99 43.24 -55.65
N SER M 151 -28.14 43.66 -54.71
CA SER M 151 -27.21 42.71 -54.09
C SER M 151 -27.96 41.72 -53.20
N ALA M 152 -29.01 42.18 -52.51
CA ALA M 152 -29.81 41.27 -51.71
C ALA M 152 -30.60 40.32 -52.60
N GLY M 153 -30.90 40.69 -53.83
CA GLY M 153 -31.63 39.82 -54.72
C GLY M 153 -30.80 38.72 -55.33
N VAL M 154 -29.63 39.07 -55.89
CA VAL M 154 -28.82 38.09 -56.61
C VAL M 154 -28.31 37.02 -55.66
N SER M 155 -28.27 35.78 -56.14
CA SER M 155 -27.80 34.68 -55.32
C SER M 155 -26.41 34.23 -55.76
N PRO M 156 -25.60 33.73 -54.82
CA PRO M 156 -24.26 33.27 -55.18
C PRO M 156 -24.31 31.95 -55.93
N ALA M 157 -23.37 31.80 -56.86
CA ALA M 157 -23.28 30.59 -57.66
C ALA M 157 -21.88 30.46 -58.27
N THR N 26 -21.34 28.10 -36.96
CA THR N 26 -22.15 29.32 -36.96
C THR N 26 -22.00 30.05 -38.30
N GLY N 27 -20.83 30.67 -38.51
CA GLY N 27 -20.54 31.26 -39.81
C GLY N 27 -19.78 32.57 -39.80
N VAL N 28 -18.69 32.61 -40.58
CA VAL N 28 -17.90 33.81 -40.84
C VAL N 28 -17.45 33.74 -42.29
N ASP N 29 -17.42 34.89 -42.95
CA ASP N 29 -16.93 34.92 -44.32
C ASP N 29 -15.43 34.66 -44.36
N VAL N 30 -14.97 34.07 -45.47
CA VAL N 30 -13.59 33.61 -45.55
C VAL N 30 -12.62 34.77 -45.72
N GLU N 31 -13.07 35.89 -46.31
CA GLU N 31 -12.16 37.00 -46.52
C GLU N 31 -11.74 37.69 -45.24
N ASP N 32 -12.42 37.45 -44.12
CA ASP N 32 -11.96 37.94 -42.83
C ASP N 32 -11.10 36.91 -42.11
N VAL N 33 -11.55 35.67 -42.05
CA VAL N 33 -10.80 34.57 -41.46
C VAL N 33 -10.56 33.53 -42.55
N PRO N 34 -9.35 33.45 -43.10
CA PRO N 34 -9.10 32.52 -44.21
C PRO N 34 -9.43 31.07 -43.88
N SER N 35 -9.04 30.58 -42.72
CA SER N 35 -9.30 29.19 -42.34
C SER N 35 -10.60 29.09 -41.53
N ALA N 36 -11.68 29.57 -42.15
CA ALA N 36 -12.98 29.58 -41.47
C ALA N 36 -13.70 28.25 -41.56
N GLU N 37 -13.26 27.35 -42.43
CA GLU N 37 -13.89 26.05 -42.59
C GLU N 37 -13.09 24.94 -41.93
N TRP N 38 -11.96 25.25 -41.31
CA TRP N 38 -11.14 24.25 -40.66
C TRP N 38 -11.34 24.20 -39.15
N GLY N 39 -12.03 25.16 -38.57
CA GLY N 39 -12.24 25.15 -37.14
C GLY N 39 -13.12 26.30 -36.69
N TRP N 40 -13.44 26.27 -35.40
CA TRP N 40 -14.27 27.29 -34.77
C TRP N 40 -13.62 28.65 -34.86
N SER N 41 -14.32 29.62 -35.46
CA SER N 41 -13.73 30.94 -35.62
C SER N 41 -14.72 32.08 -35.40
N HIS N 42 -15.84 31.84 -34.71
CA HIS N 42 -16.82 32.89 -34.47
C HIS N 42 -17.28 32.87 -33.03
N MET N 43 -17.32 34.05 -32.41
CA MET N 43 -17.85 34.22 -31.07
C MET N 43 -18.85 35.37 -31.12
N PRO N 44 -20.10 35.16 -30.74
CA PRO N 44 -21.10 36.22 -30.88
C PRO N 44 -20.76 37.43 -30.03
N ILE N 45 -21.04 38.62 -30.57
CA ILE N 45 -20.62 39.87 -29.94
C ILE N 45 -21.35 40.16 -28.64
N GLY N 46 -22.56 39.62 -28.48
CA GLY N 46 -23.27 39.85 -27.23
C GLY N 46 -22.53 39.30 -26.03
N VAL N 47 -21.86 38.16 -26.21
CA VAL N 47 -21.03 37.60 -25.15
C VAL N 47 -19.98 38.61 -24.72
N MET N 48 -19.29 39.22 -25.69
CA MET N 48 -18.22 40.15 -25.35
C MET N 48 -18.75 41.41 -24.68
N HIS N 49 -19.86 41.95 -25.18
CA HIS N 49 -20.42 43.16 -24.57
C HIS N 49 -20.88 42.90 -23.13
N ILE N 50 -21.63 41.82 -22.93
CA ILE N 50 -22.11 41.51 -21.59
C ILE N 50 -20.96 41.19 -20.66
N GLY N 51 -19.92 40.51 -21.17
CA GLY N 51 -18.77 40.22 -20.33
C GLY N 51 -18.03 41.47 -19.91
N GLY N 52 -17.88 42.43 -20.82
CA GLY N 52 -17.27 43.69 -20.44
C GLY N 52 -18.05 44.42 -19.36
N LEU N 53 -19.38 44.48 -19.54
CA LEU N 53 -20.20 45.15 -18.53
C LEU N 53 -20.12 44.44 -17.18
N LEU N 54 -20.13 43.11 -17.19
CA LEU N 54 -20.06 42.36 -15.93
C LEU N 54 -18.71 42.55 -15.26
N SER N 55 -17.63 42.58 -16.02
CA SER N 55 -16.32 42.78 -15.42
C SER N 55 -16.20 44.18 -14.83
N ALA N 56 -16.77 45.18 -15.50
CA ALA N 56 -16.79 46.52 -14.93
C ALA N 56 -17.56 46.54 -13.62
N ALA N 57 -18.74 45.90 -13.59
CA ALA N 57 -19.52 45.85 -12.35
C ALA N 57 -18.76 45.14 -11.24
N PHE N 58 -18.02 44.09 -11.58
CA PHE N 58 -17.26 43.37 -10.56
C PHE N 58 -16.11 44.21 -10.05
N LEU N 59 -15.45 44.98 -10.92
CA LEU N 59 -14.42 45.90 -10.45
C LEU N 59 -15.01 46.95 -9.53
N LEU N 60 -16.23 47.41 -9.82
CA LEU N 60 -16.84 48.44 -8.99
C LEU N 60 -17.23 47.89 -7.62
N VAL N 61 -17.83 46.71 -7.58
CA VAL N 61 -18.32 46.15 -6.31
C VAL N 61 -17.18 45.81 -5.36
N MET N 62 -15.94 45.90 -5.83
CA MET N 62 -14.79 45.60 -4.98
C MET N 62 -14.34 46.78 -4.13
N MET N 63 -15.15 47.84 -4.02
CA MET N 63 -14.89 48.86 -3.02
C MET N 63 -15.46 48.51 -1.65
N ARG N 64 -16.02 47.31 -1.48
CA ARG N 64 -16.51 46.84 -0.20
C ARG N 64 -15.42 46.05 0.49
N GLY N 65 -14.91 46.56 1.60
CA GLY N 65 -13.90 45.85 2.34
C GLY N 65 -13.27 46.64 3.48
N ASN N 66 -11.96 46.50 3.63
CA ASN N 66 -11.19 47.08 4.72
C ASN N 66 -10.10 47.98 4.17
N HIS N 67 -10.45 48.83 3.23
CA HIS N 67 -9.48 49.51 2.38
C HIS N 67 -8.88 50.73 2.98
N VAL N 68 -8.77 51.03 4.29
CA VAL N 68 -8.48 52.37 4.77
C VAL N 68 -7.43 53.04 3.90
N GLY N 69 -7.73 54.21 3.39
CA GLY N 69 -6.99 54.72 2.25
C GLY N 69 -7.84 54.60 0.99
N HIS N 70 -7.67 55.54 0.07
CA HIS N 70 -8.47 55.54 -1.15
C HIS N 70 -7.63 55.60 -2.41
N VAL N 71 -6.33 55.34 -2.34
CA VAL N 71 -5.50 55.29 -3.55
C VAL N 71 -5.95 54.15 -4.45
N GLU N 72 -6.42 53.05 -3.87
CA GLU N 72 -6.81 51.87 -4.63
C GLU N 72 -8.16 52.03 -5.28
N ASP N 73 -9.05 52.83 -4.71
CA ASP N 73 -10.38 53.00 -5.27
C ASP N 73 -10.33 53.77 -6.57
N TRP N 74 -9.37 54.69 -6.71
CA TRP N 74 -9.27 55.47 -7.93
C TRP N 74 -8.80 54.63 -9.11
N PHE N 75 -7.94 53.64 -8.88
CA PHE N 75 -7.60 52.72 -9.95
C PHE N 75 -8.79 51.86 -10.36
N LEU N 76 -9.61 51.45 -9.39
CA LEU N 76 -10.81 50.68 -9.71
C LEU N 76 -11.77 51.51 -10.54
N ILE N 77 -11.96 52.79 -10.18
CA ILE N 77 -12.85 53.64 -10.94
C ILE N 77 -12.27 54.00 -12.30
N GLY N 78 -10.95 54.11 -12.41
CA GLY N 78 -10.34 54.43 -13.69
C GLY N 78 -10.32 53.28 -14.67
N PHE N 79 -10.17 52.05 -14.18
CA PHE N 79 -10.21 50.89 -15.06
C PHE N 79 -11.63 50.49 -15.44
N ALA N 80 -12.62 50.85 -14.62
CA ALA N 80 -14.00 50.54 -14.95
C ALA N 80 -14.59 51.55 -15.93
N ALA N 81 -13.98 52.73 -16.06
CA ALA N 81 -14.46 53.70 -17.04
C ALA N 81 -13.93 53.42 -18.43
N VAL N 82 -12.72 52.88 -18.54
CA VAL N 82 -12.15 52.56 -19.85
C VAL N 82 -12.89 51.39 -20.48
N ILE N 83 -13.23 50.37 -19.68
CA ILE N 83 -13.96 49.22 -20.20
C ILE N 83 -15.32 49.66 -20.72
N VAL N 84 -16.04 50.47 -19.94
CA VAL N 84 -17.34 50.96 -20.36
C VAL N 84 -17.21 51.82 -21.61
N ALA N 85 -16.15 52.64 -21.69
CA ALA N 85 -15.95 53.48 -22.86
C ALA N 85 -15.75 52.62 -24.11
N LEU N 86 -14.92 51.59 -24.01
CA LEU N 86 -14.68 50.73 -25.17
C LEU N 86 -15.95 49.99 -25.58
N VAL N 87 -16.69 49.45 -24.62
CA VAL N 87 -17.90 48.71 -24.95
C VAL N 87 -18.92 49.64 -25.60
N GLY N 88 -19.08 50.85 -25.06
CA GLY N 88 -20.03 51.79 -25.65
C GLY N 88 -19.62 52.22 -27.04
N ARG N 89 -18.33 52.46 -27.26
CA ARG N 89 -17.86 52.82 -28.59
C ARG N 89 -18.15 51.71 -29.59
N ASN N 90 -17.82 50.47 -29.23
CA ASN N 90 -18.08 49.36 -30.14
C ASN N 90 -19.56 49.21 -30.44
N TRP N 91 -20.40 49.30 -29.40
CA TRP N 91 -21.83 49.17 -29.60
C TRP N 91 -22.37 50.27 -30.49
N TRP N 92 -21.94 51.51 -30.26
CA TRP N 92 -22.46 52.63 -31.05
C TRP N 92 -21.99 52.55 -32.50
N LEU N 93 -20.74 52.15 -32.74
CA LEU N 93 -20.28 52.03 -34.12
C LEU N 93 -20.97 50.86 -34.83
N ARG N 94 -21.22 49.76 -34.14
CA ARG N 94 -21.93 48.67 -34.79
C ARG N 94 -23.39 49.03 -35.05
N ARG N 95 -23.97 49.89 -34.22
CA ARG N 95 -25.37 50.26 -34.42
C ARG N 95 -25.58 51.14 -35.64
N ARG N 96 -24.55 51.87 -36.07
CA ARG N 96 -24.69 52.78 -37.21
C ARG N 96 -24.00 52.27 -38.46
N GLY N 97 -23.58 51.02 -38.48
CA GLY N 97 -23.07 50.40 -39.68
C GLY N 97 -21.63 50.71 -40.02
N TRP N 98 -20.91 51.47 -39.20
CA TRP N 98 -19.51 51.72 -39.48
C TRP N 98 -18.65 50.48 -39.27
N ILE N 99 -19.17 49.47 -38.58
CA ILE N 99 -18.47 48.22 -38.36
C ILE N 99 -19.38 47.07 -38.76
N ARG N 100 -18.81 46.09 -39.46
CA ARG N 100 -19.56 44.95 -39.98
C ARG N 100 -20.68 45.40 -40.91
N LEU O 14 -31.25 0.41 -23.88
CA LEU O 14 -30.69 1.75 -23.99
C LEU O 14 -30.01 1.91 -25.35
N ALA O 15 -30.83 1.96 -26.39
CA ALA O 15 -30.37 1.91 -27.78
C ALA O 15 -29.41 3.03 -28.15
N ARG O 16 -29.74 4.27 -27.79
CA ARG O 16 -28.88 5.40 -28.15
C ARG O 16 -27.50 5.25 -27.52
N GLN O 17 -27.44 4.93 -26.23
CA GLN O 17 -26.15 4.82 -25.54
C GLN O 17 -25.36 3.62 -26.06
N ALA O 18 -26.03 2.50 -26.30
CA ALA O 18 -25.33 1.32 -26.82
C ALA O 18 -24.77 1.59 -28.21
N GLU O 19 -25.56 2.23 -29.09
CA GLU O 19 -25.04 2.50 -30.42
C GLU O 19 -23.88 3.49 -30.37
N ASP O 20 -23.96 4.53 -29.54
CA ASP O 20 -22.87 5.49 -29.53
C ASP O 20 -21.60 4.86 -28.97
N ILE O 21 -21.74 3.95 -27.98
CA ILE O 21 -20.58 3.17 -27.57
C ILE O 21 -20.06 2.32 -28.73
N ASP O 22 -20.95 1.83 -29.60
CA ASP O 22 -20.50 0.97 -30.67
C ASP O 22 -19.79 1.73 -31.78
N THR O 23 -20.22 2.94 -32.10
CA THR O 23 -19.46 3.71 -33.09
C THR O 23 -18.19 4.31 -32.50
N ARG O 24 -18.08 4.43 -31.17
CA ARG O 24 -16.82 4.92 -30.63
C ARG O 24 -15.82 3.83 -30.34
N TYR O 25 -16.27 2.60 -30.08
CA TYR O 25 -15.36 1.51 -29.72
C TYR O 25 -15.50 0.27 -30.56
N HIS O 26 -16.67 0.01 -31.12
CA HIS O 26 -16.96 -1.13 -31.99
C HIS O 26 -16.41 -2.45 -31.47
N PRO O 27 -16.59 -2.80 -30.19
CA PRO O 27 -16.09 -4.11 -29.76
C PRO O 27 -16.82 -5.24 -30.46
N SER O 28 -18.08 -5.45 -30.11
CA SER O 28 -19.10 -6.15 -30.88
C SER O 28 -18.67 -7.52 -31.39
N ALA O 29 -17.40 -7.85 -31.26
CA ALA O 29 -16.82 -9.09 -31.72
C ALA O 29 -15.98 -9.76 -30.64
N ALA O 30 -15.26 -8.98 -29.85
CA ALA O 30 -14.64 -9.51 -28.64
C ALA O 30 -15.66 -9.77 -27.56
N LEU O 31 -16.70 -8.93 -27.48
CA LEU O 31 -17.78 -9.20 -26.54
C LEU O 31 -18.51 -10.48 -26.94
N ARG O 32 -18.74 -10.67 -28.24
CA ARG O 32 -19.35 -11.93 -28.68
C ARG O 32 -18.41 -13.10 -28.45
N ARG O 33 -17.10 -12.88 -28.55
CA ARG O 33 -16.16 -13.97 -28.36
C ARG O 33 -16.05 -14.36 -26.89
N GLN O 34 -16.30 -13.42 -25.98
CA GLN O 34 -16.26 -13.71 -24.56
C GLN O 34 -17.60 -14.14 -23.98
N LEU O 35 -18.70 -13.80 -24.64
CA LEU O 35 -20.02 -14.23 -24.18
C LEU O 35 -20.35 -15.65 -24.59
N ASN O 36 -19.59 -16.25 -25.49
CA ASN O 36 -19.83 -17.60 -25.96
C ASN O 36 -18.83 -18.61 -25.43
N LYS O 37 -17.91 -18.20 -24.56
CA LYS O 37 -16.93 -19.12 -24.03
C LYS O 37 -17.60 -20.17 -23.16
N VAL O 38 -17.17 -21.42 -23.30
CA VAL O 38 -17.77 -22.56 -22.62
C VAL O 38 -16.90 -22.96 -21.44
N PHE O 39 -17.54 -23.21 -20.30
CA PHE O 39 -16.87 -23.61 -19.08
C PHE O 39 -17.43 -24.94 -18.59
N PRO O 40 -16.58 -25.90 -18.23
CA PRO O 40 -17.11 -27.15 -17.68
C PRO O 40 -17.74 -26.94 -16.32
N THR O 41 -18.70 -27.79 -15.99
CA THR O 41 -19.49 -27.66 -14.77
C THR O 41 -19.26 -28.89 -13.91
N HIS O 42 -18.22 -28.86 -13.08
CA HIS O 42 -17.98 -29.89 -12.09
C HIS O 42 -17.83 -29.20 -10.74
N TRP O 43 -18.42 -29.79 -9.70
CA TRP O 43 -18.37 -29.16 -8.38
C TRP O 43 -16.94 -28.91 -7.93
N SER O 44 -16.00 -29.69 -8.45
CA SER O 44 -14.61 -29.57 -8.06
C SER O 44 -13.89 -28.38 -8.67
N PHE O 45 -14.54 -27.65 -9.57
CA PHE O 45 -13.91 -26.52 -10.25
C PHE O 45 -14.27 -25.18 -9.63
N LEU O 46 -14.70 -25.16 -8.38
CA LEU O 46 -15.02 -23.93 -7.66
C LEU O 46 -14.07 -23.69 -6.48
N LEU O 47 -13.16 -24.63 -6.22
CA LEU O 47 -12.24 -24.49 -5.11
C LEU O 47 -11.24 -23.36 -5.31
N GLY O 48 -11.08 -22.89 -6.54
CA GLY O 48 -10.28 -21.69 -6.77
C GLY O 48 -11.08 -20.43 -6.61
N GLU O 49 -12.35 -20.47 -7.00
CA GLU O 49 -13.24 -19.34 -6.76
C GLU O 49 -13.34 -19.02 -5.28
N ILE O 50 -13.33 -20.06 -4.44
CA ILE O 50 -13.37 -19.83 -3.00
C ILE O 50 -12.19 -18.95 -2.55
N ALA O 51 -10.98 -19.31 -2.99
CA ALA O 51 -9.80 -18.54 -2.61
C ALA O 51 -9.85 -17.13 -3.19
N LEU O 52 -10.32 -16.99 -4.43
CA LEU O 52 -10.41 -15.66 -5.03
C LEU O 52 -11.34 -14.74 -4.23
N TYR O 53 -12.49 -15.27 -3.84
CA TYR O 53 -13.45 -14.44 -3.10
C TYR O 53 -12.93 -14.12 -1.70
N SER O 54 -12.24 -15.07 -1.06
CA SER O 54 -11.61 -14.77 0.21
C SER O 54 -10.60 -13.65 0.08
N PHE O 55 -9.82 -13.65 -1.00
CA PHE O 55 -8.84 -12.59 -1.21
C PHE O 55 -9.53 -11.24 -1.39
N VAL O 56 -10.65 -11.21 -2.12
CA VAL O 56 -11.36 -9.95 -2.31
C VAL O 56 -11.84 -9.40 -0.96
N VAL O 57 -12.42 -10.27 -0.13
CA VAL O 57 -12.90 -9.83 1.17
C VAL O 57 -11.73 -9.34 2.03
N LEU O 58 -10.59 -10.01 1.94
CA LEU O 58 -9.40 -9.57 2.66
C LEU O 58 -9.00 -8.16 2.24
N LEU O 59 -8.97 -7.90 0.94
CA LEU O 59 -8.63 -6.56 0.45
C LEU O 59 -9.56 -5.51 1.04
N ILE O 60 -10.88 -5.76 0.98
CA ILE O 60 -11.83 -4.74 1.44
C ILE O 60 -11.66 -4.47 2.92
N THR O 61 -11.63 -5.53 3.74
CA THR O 61 -11.54 -5.33 5.18
C THR O 61 -10.20 -4.73 5.59
N GLY O 62 -9.12 -5.06 4.88
CA GLY O 62 -7.84 -4.46 5.21
C GLY O 62 -7.79 -2.98 4.88
N VAL O 63 -8.39 -2.59 3.75
CA VAL O 63 -8.47 -1.17 3.43
C VAL O 63 -9.28 -0.44 4.50
N TYR O 64 -10.34 -1.06 5.01
CA TYR O 64 -11.05 -0.44 6.13
C TYR O 64 -10.15 -0.32 7.35
N LEU O 65 -9.39 -1.37 7.66
CA LEU O 65 -8.61 -1.38 8.89
C LEU O 65 -7.47 -0.37 8.87
N THR O 66 -6.91 -0.07 7.70
CA THR O 66 -5.76 0.84 7.66
C THR O 66 -6.09 2.26 8.13
N LEU O 67 -7.37 2.61 8.27
CA LEU O 67 -7.73 3.96 8.67
C LEU O 67 -7.61 4.19 10.17
N PHE O 68 -7.33 3.16 10.96
CA PHE O 68 -7.31 3.28 12.41
C PHE O 68 -6.04 2.76 13.06
N PHE O 69 -5.15 2.10 12.32
CA PHE O 69 -3.98 1.46 12.89
C PHE O 69 -2.79 2.42 12.86
N ASP O 70 -2.02 2.41 13.96
CA ASP O 70 -0.81 3.22 14.08
C ASP O 70 0.36 2.30 14.39
N PRO O 71 1.25 2.04 13.45
CA PRO O 71 2.33 1.06 13.64
C PRO O 71 3.62 1.61 14.24
N SER O 72 3.58 1.98 15.52
CA SER O 72 4.78 2.44 16.19
C SER O 72 5.13 1.49 17.32
N MET O 73 6.36 1.59 17.81
CA MET O 73 6.85 0.78 18.92
C MET O 73 7.23 1.62 20.12
N VAL O 74 6.79 2.87 20.15
CA VAL O 74 7.03 3.73 21.31
C VAL O 74 6.10 3.33 22.44
N ASP O 75 6.54 3.60 23.67
CA ASP O 75 5.80 3.19 24.84
C ASP O 75 4.87 4.30 25.32
N VAL O 76 3.67 3.90 25.73
CA VAL O 76 2.68 4.79 26.30
C VAL O 76 2.00 4.07 27.45
N THR O 77 1.23 4.83 28.23
CA THR O 77 0.36 4.27 29.25
C THR O 77 -1.06 4.27 28.71
N TYR O 78 -1.81 3.20 28.99
CA TYR O 78 -3.04 2.97 28.25
C TYR O 78 -4.05 4.10 28.43
N ASN O 79 -4.59 4.25 29.64
CA ASN O 79 -5.58 5.29 29.93
C ASN O 79 -6.71 5.28 28.90
N GLY O 80 -7.42 4.15 28.85
CA GLY O 80 -8.51 3.95 27.92
C GLY O 80 -9.77 3.51 28.64
N VAL O 81 -10.60 2.74 27.93
CA VAL O 81 -11.89 2.32 28.47
C VAL O 81 -11.79 0.92 29.07
N TYR O 82 -10.93 0.08 28.53
CA TYR O 82 -10.74 -1.26 29.08
C TYR O 82 -10.03 -1.14 30.43
N GLN O 83 -10.75 -1.40 31.50
CA GLN O 83 -10.27 -1.12 32.84
C GLN O 83 -9.16 -2.05 33.33
N PRO O 84 -9.24 -3.37 33.12
CA PRO O 84 -8.17 -4.24 33.65
C PRO O 84 -6.81 -4.01 33.04
N LEU O 85 -6.66 -3.04 32.15
CA LEU O 85 -5.37 -2.72 31.56
C LEU O 85 -4.97 -1.27 31.78
N ARG O 86 -5.72 -0.51 32.56
CA ARG O 86 -5.41 0.90 32.77
C ARG O 86 -4.14 1.05 33.59
N GLY O 87 -3.27 1.95 33.17
CA GLY O 87 -2.01 2.17 33.82
C GLY O 87 -0.89 1.29 33.35
N VAL O 88 -1.15 0.31 32.52
CA VAL O 88 -0.12 -0.59 31.99
C VAL O 88 0.58 0.10 30.84
N GLU O 89 1.89 -0.07 30.76
CA GLU O 89 2.70 0.55 29.72
C GLU O 89 2.81 -0.38 28.53
N MET O 90 2.45 0.14 27.35
CA MET O 90 2.35 -0.67 26.15
C MET O 90 2.86 0.12 24.97
N SER O 91 3.05 -0.57 23.84
CA SER O 91 3.44 0.11 22.62
C SER O 91 2.24 0.83 22.01
N ARG O 92 2.51 1.56 20.93
CA ARG O 92 1.44 2.30 20.28
C ARG O 92 0.60 1.42 19.36
N ALA O 93 1.20 0.38 18.78
CA ALA O 93 0.43 -0.55 17.95
C ALA O 93 -0.59 -1.32 18.78
N TYR O 94 -0.18 -1.81 19.95
CA TYR O 94 -1.11 -2.54 20.81
C TYR O 94 -2.25 -1.63 21.25
N GLN O 95 -1.96 -0.38 21.56
CA GLN O 95 -3.01 0.54 21.97
C GLN O 95 -3.95 0.83 20.81
N SER O 96 -3.41 0.96 19.59
CA SER O 96 -4.26 1.19 18.43
C SER O 96 -5.18 0.00 18.17
N ALA O 97 -4.67 -1.21 18.36
CA ALA O 97 -5.51 -2.39 18.18
C ALA O 97 -6.59 -2.46 19.26
N LEU O 98 -6.25 -2.12 20.50
CA LEU O 98 -7.27 -2.06 21.55
C LEU O 98 -8.32 -1.00 21.24
N ASP O 99 -7.90 0.11 20.65
CA ASP O 99 -8.84 1.17 20.32
C ASP O 99 -9.76 0.76 19.18
N ILE O 100 -9.23 0.02 18.20
CA ILE O 100 -10.08 -0.58 17.17
C ILE O 100 -11.08 -1.52 17.81
N SER O 101 -10.65 -2.31 18.78
CA SER O 101 -11.52 -3.34 19.35
C SER O 101 -12.64 -2.73 20.20
N PHE O 102 -12.33 -1.71 20.98
CA PHE O 102 -13.27 -1.25 22.01
C PHE O 102 -13.87 0.14 21.77
N GLU O 103 -13.33 0.95 20.86
CA GLU O 103 -13.79 2.32 20.74
C GLU O 103 -14.26 2.74 19.36
N VAL O 104 -14.29 1.84 18.39
CA VAL O 104 -14.87 2.11 17.08
C VAL O 104 -16.08 1.22 16.90
N ARG O 105 -17.21 1.82 16.53
CA ARG O 105 -18.47 1.09 16.39
C ARG O 105 -18.36 0.11 15.23
N GLY O 106 -18.20 -1.16 15.53
CA GLY O 106 -18.08 -2.19 14.52
C GLY O 106 -16.67 -2.54 14.12
N GLY O 107 -15.67 -2.26 14.94
CA GLY O 107 -14.30 -2.55 14.59
C GLY O 107 -13.89 -3.97 14.91
N LEU O 108 -14.34 -4.46 16.07
CA LEU O 108 -14.06 -5.84 16.45
C LEU O 108 -14.63 -6.81 15.42
N PHE O 109 -15.86 -6.54 14.97
CA PHE O 109 -16.47 -7.34 13.91
C PHE O 109 -15.61 -7.37 12.66
N VAL O 110 -15.05 -6.22 12.28
CA VAL O 110 -14.30 -6.15 11.03
C VAL O 110 -12.97 -6.89 11.16
N ARG O 111 -12.27 -6.75 12.29
CA ARG O 111 -11.00 -7.47 12.39
C ARG O 111 -11.22 -8.97 12.55
N GLN O 112 -12.35 -9.37 13.15
CA GLN O 112 -12.65 -10.79 13.20
C GLN O 112 -12.96 -11.35 11.82
N ILE O 113 -13.69 -10.60 11.00
CA ILE O 113 -13.89 -10.99 9.61
C ILE O 113 -12.57 -11.12 8.89
N HIS O 114 -11.66 -10.15 9.11
CA HIS O 114 -10.35 -10.19 8.47
C HIS O 114 -9.61 -11.48 8.81
N HIS O 115 -9.57 -11.84 10.09
CA HIS O 115 -8.83 -13.02 10.49
C HIS O 115 -9.47 -14.30 9.97
N TRP O 116 -10.80 -14.40 10.05
CA TRP O 116 -11.47 -15.58 9.52
C TRP O 116 -11.27 -15.72 8.03
N ALA O 117 -11.25 -14.59 7.31
CA ALA O 117 -11.04 -14.64 5.87
C ALA O 117 -9.62 -15.09 5.54
N ALA O 118 -8.65 -14.68 6.35
CA ALA O 118 -7.29 -15.17 6.15
C ALA O 118 -7.23 -16.69 6.30
N LEU O 119 -7.87 -17.20 7.35
CA LEU O 119 -7.88 -18.65 7.56
C LEU O 119 -8.54 -19.37 6.38
N MET O 120 -9.67 -18.85 5.90
CA MET O 120 -10.35 -19.50 4.78
C MET O 120 -9.53 -19.41 3.50
N PHE O 121 -8.84 -18.30 3.30
CA PHE O 121 -7.92 -18.18 2.18
C PHE O 121 -6.91 -19.32 2.18
N ALA O 122 -6.23 -19.53 3.31
CA ALA O 122 -5.22 -20.59 3.37
C ALA O 122 -5.83 -21.97 3.13
N ALA O 123 -6.96 -22.24 3.79
CA ALA O 123 -7.56 -23.57 3.67
C ALA O 123 -8.01 -23.85 2.24
N ALA O 124 -8.62 -22.86 1.59
CA ALA O 124 -9.07 -23.04 0.21
C ALA O 124 -7.90 -23.25 -0.73
N ILE O 125 -6.81 -22.52 -0.52
CA ILE O 125 -5.63 -22.73 -1.35
C ILE O 125 -5.14 -24.17 -1.23
N MET O 126 -5.11 -24.70 0.01
CA MET O 126 -4.60 -26.06 0.18
C MET O 126 -5.52 -27.09 -0.47
N VAL O 127 -6.83 -26.92 -0.34
CA VAL O 127 -7.74 -27.87 -0.98
C VAL O 127 -7.63 -27.81 -2.50
N HIS O 128 -7.50 -26.60 -3.04
CA HIS O 128 -7.32 -26.45 -4.49
C HIS O 128 -6.05 -27.14 -4.97
N LEU O 129 -4.95 -26.98 -4.24
CA LEU O 129 -3.72 -27.66 -4.59
C LEU O 129 -3.91 -29.17 -4.58
N ALA O 130 -4.63 -29.68 -3.58
CA ALA O 130 -4.88 -31.12 -3.54
C ALA O 130 -5.63 -31.59 -4.78
N ARG O 131 -6.66 -30.86 -5.17
CA ARG O 131 -7.39 -31.22 -6.40
C ARG O 131 -6.45 -31.24 -7.60
N ILE O 132 -5.72 -30.14 -7.81
CA ILE O 132 -4.85 -30.03 -8.97
C ILE O 132 -3.85 -31.18 -9.00
N PHE O 133 -3.32 -31.57 -7.85
CA PHE O 133 -2.33 -32.63 -7.82
C PHE O 133 -2.97 -33.98 -8.14
N PHE O 134 -4.10 -34.29 -7.52
CA PHE O 134 -4.63 -35.64 -7.66
C PHE O 134 -5.28 -35.89 -9.01
N THR O 135 -5.90 -34.87 -9.62
CA THR O 135 -6.51 -35.11 -10.92
C THR O 135 -5.50 -35.06 -12.07
N GLY O 136 -4.27 -34.62 -11.82
CA GLY O 136 -3.28 -34.60 -12.88
C GLY O 136 -3.38 -33.41 -13.81
N ALA O 137 -3.89 -32.29 -13.33
CA ALA O 137 -4.11 -31.11 -14.16
C ALA O 137 -2.88 -30.24 -14.32
N PHE O 138 -1.69 -30.77 -14.03
CA PHE O 138 -0.46 -30.02 -14.14
C PHE O 138 0.42 -30.48 -15.29
N ARG O 139 -0.09 -31.33 -16.17
CA ARG O 139 0.73 -31.96 -17.19
C ARG O 139 1.00 -30.97 -18.32
N ARG O 140 1.51 -31.47 -19.45
CA ARG O 140 2.36 -30.70 -20.37
C ARG O 140 1.99 -29.22 -20.55
N PRO O 141 0.76 -28.84 -20.89
CA PRO O 141 0.52 -27.41 -21.17
C PRO O 141 0.51 -26.50 -19.95
N ARG O 142 0.64 -27.03 -18.71
CA ARG O 142 0.28 -26.24 -17.53
C ARG O 142 1.31 -26.30 -16.39
N GLU O 143 2.55 -26.70 -16.67
CA GLU O 143 3.56 -26.71 -15.60
C GLU O 143 3.81 -25.32 -15.05
N THR O 144 3.88 -24.32 -15.93
CA THR O 144 4.13 -22.96 -15.48
C THR O 144 2.99 -22.44 -14.62
N ASN O 145 1.75 -22.84 -14.91
CA ASN O 145 0.64 -22.42 -14.08
C ASN O 145 0.74 -23.07 -12.70
N TRP O 146 1.19 -24.32 -12.66
CA TRP O 146 1.52 -24.96 -11.38
C TRP O 146 2.57 -24.17 -10.62
N VAL O 147 3.62 -23.71 -11.30
CA VAL O 147 4.69 -22.97 -10.63
C VAL O 147 4.17 -21.68 -10.04
N ILE O 148 3.37 -20.94 -10.81
CA ILE O 148 2.77 -19.71 -10.32
C ILE O 148 1.92 -19.98 -9.09
N GLY O 149 1.15 -21.07 -9.11
CA GLY O 149 0.35 -21.42 -7.94
C GLY O 149 1.21 -21.68 -6.71
N SER O 150 2.32 -22.38 -6.89
CA SER O 150 3.20 -22.65 -5.75
C SER O 150 3.74 -21.36 -5.15
N LEU O 151 4.18 -20.43 -6.01
CA LEU O 151 4.66 -19.14 -5.50
C LEU O 151 3.55 -18.43 -4.73
N LEU O 152 2.32 -18.48 -5.25
CA LEU O 152 1.20 -17.85 -4.56
C LEU O 152 1.00 -18.45 -3.18
N LEU O 153 1.15 -19.78 -3.06
CA LEU O 153 1.00 -20.43 -1.77
C LEU O 153 2.03 -19.93 -0.76
N ILE O 154 3.30 -19.90 -1.17
CA ILE O 154 4.36 -19.43 -0.26
C ILE O 154 4.08 -18.00 0.19
N LEU O 155 3.73 -17.14 -0.76
CA LEU O 155 3.48 -15.74 -0.44
C LEU O 155 2.31 -15.59 0.53
N ALA O 156 1.25 -16.39 0.33
CA ALA O 156 0.11 -16.32 1.22
C ALA O 156 0.49 -16.70 2.65
N MET O 157 1.27 -17.77 2.79
CA MET O 157 1.74 -18.17 4.11
C MET O 157 2.46 -17.02 4.82
N PHE O 158 3.47 -16.46 4.15
CA PHE O 158 4.26 -15.43 4.82
C PHE O 158 3.46 -14.15 5.05
N GLU O 159 2.51 -13.85 4.17
CA GLU O 159 1.69 -12.67 4.36
C GLU O 159 0.80 -12.81 5.59
N GLY O 160 0.18 -13.97 5.75
CA GLY O 160 -0.61 -14.18 6.96
C GLY O 160 0.22 -14.08 8.22
N TYR O 161 1.44 -14.63 8.18
CA TYR O 161 2.33 -14.54 9.33
C TYR O 161 2.62 -13.08 9.68
N PHE O 162 3.13 -12.31 8.72
CA PHE O 162 3.39 -10.89 8.97
C PHE O 162 2.14 -10.16 9.42
N GLY O 163 0.97 -10.63 8.98
CA GLY O 163 -0.25 -9.93 9.36
C GLY O 163 -0.61 -10.12 10.82
N TYR O 164 -0.64 -11.36 11.28
CA TYR O 164 -1.03 -11.54 12.67
C TYR O 164 0.08 -11.19 13.65
N SER O 165 1.28 -10.86 13.17
CA SER O 165 2.32 -10.36 14.06
C SER O 165 2.29 -8.85 14.24
N LEU O 166 1.28 -8.15 13.73
CA LEU O 166 1.27 -6.69 13.73
C LEU O 166 0.89 -6.10 15.09
N PRO O 167 -0.27 -6.43 15.68
CA PRO O 167 -0.61 -5.83 16.97
C PRO O 167 0.18 -6.47 18.10
N ASP O 168 1.40 -6.01 18.34
CA ASP O 168 2.35 -6.81 19.10
C ASP O 168 1.88 -7.04 20.54
N ASP O 169 1.43 -8.27 20.79
CA ASP O 169 1.06 -8.71 22.13
C ASP O 169 1.97 -9.88 22.50
N LEU O 170 1.69 -10.55 23.60
CA LEU O 170 2.62 -11.53 24.14
C LEU O 170 2.84 -12.69 23.18
N LEU O 171 1.75 -13.21 22.60
CA LEU O 171 1.87 -14.38 21.72
C LEU O 171 2.59 -14.04 20.42
N SER O 172 2.16 -12.97 19.77
CA SER O 172 2.83 -12.53 18.55
C SER O 172 4.29 -12.23 18.81
N GLY O 173 4.60 -11.62 19.94
CA GLY O 173 5.99 -11.34 20.27
C GLY O 173 6.82 -12.59 20.43
N LEU O 174 6.29 -13.59 21.13
CA LEU O 174 7.01 -14.85 21.27
C LEU O 174 7.24 -15.50 19.91
N GLY O 175 6.22 -15.50 19.05
CA GLY O 175 6.38 -16.07 17.73
C GLY O 175 7.46 -15.39 16.92
N LEU O 176 7.38 -14.06 16.82
CA LEU O 176 8.42 -13.28 16.16
C LEU O 176 9.79 -13.63 16.70
N ARG O 177 9.99 -13.41 18.00
CA ARG O 177 11.28 -13.65 18.64
C ARG O 177 11.81 -15.01 18.22
N ALA O 178 11.13 -16.08 18.63
CA ALA O 178 11.65 -17.41 18.39
C ALA O 178 11.91 -17.62 16.92
N ALA O 179 10.85 -17.68 16.11
CA ALA O 179 11.03 -18.08 14.72
C ALA O 179 11.97 -17.13 14.00
N LEU O 180 11.53 -15.89 13.79
CA LEU O 180 12.29 -14.99 12.94
C LEU O 180 13.68 -14.73 13.53
N SER O 181 13.72 -14.16 14.73
CA SER O 181 15.01 -13.70 15.26
C SER O 181 15.97 -14.86 15.41
N SER O 182 15.57 -15.92 16.12
CA SER O 182 16.54 -16.91 16.50
C SER O 182 16.68 -18.05 15.50
N ILE O 183 15.97 -18.03 14.38
CA ILE O 183 16.36 -18.92 13.30
C ILE O 183 17.19 -18.18 12.26
N THR O 184 16.90 -16.89 12.04
CA THR O 184 17.78 -16.11 11.17
C THR O 184 19.14 -15.90 11.82
N LEU O 185 19.19 -15.84 13.15
CA LEU O 185 20.45 -15.62 13.86
C LEU O 185 21.38 -16.81 13.77
N GLY O 186 20.89 -18.00 13.47
CA GLY O 186 21.67 -19.20 13.53
C GLY O 186 22.21 -19.73 12.21
N MET O 187 21.92 -19.07 11.10
CA MET O 187 22.40 -19.55 9.81
C MET O 187 23.93 -19.56 9.79
N PRO O 188 24.53 -20.49 9.02
CA PRO O 188 25.95 -20.76 9.18
C PRO O 188 26.88 -19.56 9.06
N VAL O 189 26.94 -18.86 7.93
CA VAL O 189 27.93 -17.81 7.74
C VAL O 189 27.30 -16.42 7.76
N ILE O 190 26.23 -16.23 6.98
CA ILE O 190 25.61 -14.91 6.90
C ILE O 190 24.93 -14.56 8.22
N GLY O 191 23.88 -15.29 8.57
CA GLY O 191 23.37 -15.29 9.94
C GLY O 191 23.08 -13.94 10.56
N THR O 192 23.95 -13.55 11.50
CA THR O 192 23.79 -12.29 12.21
C THR O 192 23.74 -11.10 11.27
N TRP O 193 24.39 -11.20 10.10
CA TRP O 193 24.29 -10.10 9.14
C TRP O 193 22.87 -9.93 8.63
N LEU O 194 22.20 -11.03 8.29
CA LEU O 194 20.79 -10.97 7.94
C LEU O 194 19.96 -10.42 9.09
N HIS O 195 20.24 -10.89 10.31
CA HIS O 195 19.48 -10.44 11.47
C HIS O 195 19.58 -8.94 11.65
N TRP O 196 20.78 -8.39 11.50
CA TRP O 196 20.97 -6.96 11.71
C TRP O 196 20.47 -6.13 10.54
N ALA O 197 20.50 -6.69 9.33
CA ALA O 197 19.90 -5.98 8.20
C ALA O 197 18.39 -5.93 8.33
N LEU O 198 17.77 -6.96 8.90
CA LEU O 198 16.32 -7.02 8.99
C LEU O 198 15.77 -6.25 10.19
N PHE O 199 16.36 -6.44 11.35
CA PHE O 199 15.85 -5.80 12.57
C PHE O 199 16.48 -4.44 12.84
N GLY O 200 17.53 -4.07 12.11
CA GLY O 200 18.24 -2.84 12.40
C GLY O 200 19.13 -2.90 13.61
N GLY O 201 19.29 -4.07 14.22
CA GLY O 201 20.06 -4.21 15.44
C GLY O 201 19.73 -5.52 16.13
N ASP O 202 19.69 -5.52 17.45
CA ASP O 202 19.32 -6.72 18.16
C ASP O 202 17.78 -6.81 18.20
N PHE O 203 17.26 -7.90 18.75
CA PHE O 203 15.87 -8.31 18.46
C PHE O 203 14.85 -7.20 18.73
N PRO O 204 14.63 -6.74 19.96
CA PRO O 204 13.60 -5.73 20.13
C PRO O 204 14.14 -4.37 19.71
N GLY O 205 13.75 -3.93 18.53
CA GLY O 205 14.27 -2.70 17.96
C GLY O 205 13.26 -1.57 18.02
N THR O 206 13.33 -0.70 17.02
CA THR O 206 12.35 0.37 16.88
C THR O 206 11.81 0.48 15.47
N ILE O 207 12.30 -0.35 14.54
CA ILE O 207 11.92 -0.27 13.13
C ILE O 207 11.27 -1.56 12.63
N LEU O 208 11.01 -2.51 13.53
CA LEU O 208 10.47 -3.79 13.09
C LEU O 208 9.01 -3.68 12.68
N ILE O 209 8.17 -3.10 13.53
CA ILE O 209 6.73 -3.06 13.27
C ILE O 209 6.39 -2.17 12.08
N PRO O 210 6.97 -0.97 11.93
CA PRO O 210 6.70 -0.21 10.70
C PRO O 210 7.13 -0.93 9.44
N ARG O 211 8.26 -1.64 9.49
CA ARG O 211 8.72 -2.38 8.32
C ARG O 211 7.76 -3.52 7.99
N LEU O 212 7.30 -4.25 9.00
CA LEU O 212 6.31 -5.30 8.75
C LEU O 212 5.01 -4.73 8.23
N TYR O 213 4.61 -3.57 8.72
CA TYR O 213 3.39 -2.92 8.25
C TYR O 213 3.50 -2.57 6.77
N ALA O 214 4.63 -1.97 6.38
CA ALA O 214 4.83 -1.65 4.97
C ALA O 214 4.87 -2.90 4.10
N LEU O 215 5.54 -3.96 4.58
CA LEU O 215 5.56 -5.21 3.83
C LEU O 215 4.17 -5.82 3.72
N HIS O 216 3.33 -5.63 4.72
CA HIS O 216 2.08 -6.37 4.79
C HIS O 216 0.95 -5.69 4.05
N ILE O 217 0.90 -4.37 4.03
CA ILE O 217 -0.21 -3.70 3.36
C ILE O 217 0.10 -3.31 1.92
N LEU O 218 1.38 -3.26 1.54
CA LEU O 218 1.72 -2.72 0.23
C LEU O 218 2.41 -3.72 -0.69
N LEU O 219 3.51 -4.32 -0.25
CA LEU O 219 4.35 -5.10 -1.17
C LEU O 219 3.74 -6.45 -1.48
N LEU O 220 3.58 -7.29 -0.47
CA LEU O 220 3.07 -8.64 -0.71
C LEU O 220 1.68 -8.66 -1.31
N PRO O 221 0.72 -7.80 -0.91
CA PRO O 221 -0.54 -7.75 -1.65
C PRO O 221 -0.37 -7.38 -3.11
N GLY O 222 0.57 -6.49 -3.43
CA GLY O 222 0.79 -6.15 -4.83
C GLY O 222 1.33 -7.32 -5.63
N ILE O 223 2.32 -8.01 -5.08
CA ILE O 223 2.87 -9.18 -5.77
C ILE O 223 1.81 -10.25 -5.93
N ILE O 224 1.00 -10.48 -4.89
CA ILE O 224 -0.05 -11.48 -4.95
C ILE O 224 -1.09 -11.11 -5.99
N LEU O 225 -1.42 -9.82 -6.10
CA LEU O 225 -2.40 -9.39 -7.08
C LEU O 225 -1.90 -9.59 -8.50
N ALA O 226 -0.63 -9.24 -8.74
CA ALA O 226 -0.04 -9.47 -10.06
C ALA O 226 -0.04 -10.96 -10.41
N LEU O 227 0.38 -11.80 -9.48
CA LEU O 227 0.43 -13.23 -9.75
C LEU O 227 -0.96 -13.82 -9.95
N ILE O 228 -1.97 -13.33 -9.23
CA ILE O 228 -3.33 -13.83 -9.42
C ILE O 228 -3.86 -13.41 -10.78
N GLY O 229 -3.56 -12.18 -11.20
CA GLY O 229 -3.94 -11.78 -12.54
C GLY O 229 -3.33 -12.67 -13.61
N LEU O 230 -2.02 -12.93 -13.48
CA LEU O 230 -1.35 -13.80 -14.45
C LEU O 230 -1.94 -15.21 -14.44
N HIS O 231 -2.22 -15.74 -13.24
CA HIS O 231 -2.82 -17.06 -13.11
C HIS O 231 -4.15 -17.15 -13.83
N LEU O 232 -5.04 -16.19 -13.58
CA LEU O 232 -6.35 -16.23 -14.20
C LEU O 232 -6.27 -15.99 -15.71
N ALA O 233 -5.32 -15.17 -16.17
CA ALA O 233 -5.15 -15.00 -17.60
C ALA O 233 -4.73 -16.31 -18.26
N LEU O 234 -3.75 -16.99 -17.67
CA LEU O 234 -3.32 -18.27 -18.23
C LEU O 234 -4.45 -19.29 -18.23
N VAL O 235 -5.28 -19.28 -17.20
CA VAL O 235 -6.40 -20.22 -17.19
C VAL O 235 -7.44 -19.83 -18.24
N TRP O 236 -7.59 -18.54 -18.52
CA TRP O 236 -8.59 -18.11 -19.47
C TRP O 236 -8.19 -18.44 -20.91
N PHE O 237 -6.91 -18.28 -21.24
CA PHE O 237 -6.50 -18.46 -22.63
C PHE O 237 -6.09 -19.89 -22.95
N GLN O 238 -5.60 -20.65 -22.00
CA GLN O 238 -5.54 -22.10 -22.11
C GLN O 238 -6.83 -22.65 -21.50
N LYS O 239 -7.75 -23.07 -22.35
CA LYS O 239 -9.08 -23.43 -21.86
C LYS O 239 -9.00 -24.53 -20.81
N HIS O 240 -10.06 -24.63 -20.01
CA HIS O 240 -10.08 -25.52 -18.87
C HIS O 240 -10.01 -26.99 -19.30
N THR O 241 -9.55 -27.82 -18.38
CA THR O 241 -9.55 -29.26 -18.59
C THR O 241 -10.93 -29.82 -18.28
N GLN O 242 -11.09 -31.14 -18.44
CA GLN O 242 -12.36 -31.78 -18.17
C GLN O 242 -12.14 -33.26 -17.93
N PHE O 243 -13.12 -33.88 -17.34
CA PHE O 243 -13.13 -35.31 -17.07
C PHE O 243 -13.65 -36.09 -18.27
N PRO O 244 -13.14 -37.30 -18.50
CA PRO O 244 -13.69 -38.12 -19.59
C PRO O 244 -15.15 -38.44 -19.35
N GLY O 245 -15.90 -38.54 -20.44
CA GLY O 245 -17.33 -38.78 -20.33
C GLY O 245 -17.96 -39.13 -21.66
N PRO O 246 -19.27 -38.94 -21.77
CA PRO O 246 -19.99 -39.32 -22.99
C PRO O 246 -19.51 -38.62 -24.25
N GLY O 247 -19.54 -37.29 -24.26
CA GLY O 247 -19.22 -36.58 -25.49
C GLY O 247 -17.94 -35.78 -25.41
N ARG O 248 -17.06 -36.13 -24.48
CA ARG O 248 -15.86 -35.35 -24.23
C ARG O 248 -14.68 -35.93 -24.98
N THR O 249 -13.91 -35.04 -25.61
CA THR O 249 -12.72 -35.40 -26.36
C THR O 249 -11.58 -34.49 -25.94
N GLU O 250 -10.39 -34.81 -26.46
CA GLU O 250 -9.25 -33.94 -26.22
C GLU O 250 -9.28 -32.68 -27.06
N HIS O 251 -10.34 -32.47 -27.85
CA HIS O 251 -10.40 -31.36 -28.79
C HIS O 251 -11.59 -30.45 -28.59
N ASN O 252 -12.40 -30.65 -27.55
CA ASN O 252 -13.57 -29.82 -27.34
C ASN O 252 -13.79 -29.62 -25.85
N VAL O 253 -14.61 -28.62 -25.53
CA VAL O 253 -14.98 -28.31 -24.16
C VAL O 253 -16.50 -28.41 -24.08
N VAL O 254 -17.00 -29.27 -23.21
CA VAL O 254 -18.43 -29.48 -23.03
C VAL O 254 -18.83 -28.88 -21.70
N GLY O 255 -19.80 -27.97 -21.72
CA GLY O 255 -20.26 -27.32 -20.52
C GLY O 255 -21.38 -26.36 -20.78
N VAL O 256 -21.33 -25.17 -20.16
CA VAL O 256 -22.32 -24.14 -20.38
C VAL O 256 -21.60 -22.86 -20.79
N ARG O 257 -22.27 -22.05 -21.60
CA ARG O 257 -21.70 -20.77 -21.98
C ARG O 257 -21.72 -19.82 -20.79
N VAL O 258 -20.83 -18.82 -20.85
CA VAL O 258 -20.81 -17.79 -19.82
C VAL O 258 -22.15 -17.09 -19.75
N MET O 259 -22.70 -16.74 -20.91
CA MET O 259 -23.65 -15.66 -21.13
C MET O 259 -24.80 -15.62 -20.13
N PRO O 260 -25.71 -16.61 -20.06
CA PRO O 260 -26.75 -16.53 -19.03
C PRO O 260 -26.35 -17.13 -17.70
N VAL O 261 -25.58 -18.22 -17.73
CA VAL O 261 -25.54 -19.19 -16.64
C VAL O 261 -24.29 -19.01 -15.78
N PHE O 262 -23.12 -18.95 -16.40
CA PHE O 262 -21.90 -19.13 -15.60
C PHE O 262 -21.65 -17.92 -14.70
N ALA O 263 -21.86 -16.72 -15.23
CA ALA O 263 -21.73 -15.52 -14.40
C ALA O 263 -22.71 -15.57 -13.23
N PHE O 264 -23.92 -16.07 -13.48
CA PHE O 264 -24.93 -16.16 -12.44
C PHE O 264 -24.48 -17.09 -11.32
N LYS O 265 -24.01 -18.28 -11.67
CA LYS O 265 -23.56 -19.24 -10.67
C LYS O 265 -22.37 -18.70 -9.90
N SER O 266 -21.43 -18.03 -10.59
CA SER O 266 -20.27 -17.47 -9.93
C SER O 266 -20.65 -16.39 -8.93
N GLY O 267 -21.55 -15.48 -9.33
CA GLY O 267 -21.97 -14.43 -8.41
C GLY O 267 -22.73 -14.98 -7.21
N ALA O 268 -23.58 -15.96 -7.42
CA ALA O 268 -24.29 -16.55 -6.30
C ALA O 268 -23.33 -17.23 -5.33
N PHE O 269 -22.30 -17.90 -5.86
CA PHE O 269 -21.31 -18.51 -4.99
C PHE O 269 -20.55 -17.45 -4.20
N PHE O 270 -20.20 -16.34 -4.84
CA PHE O 270 -19.54 -15.24 -4.15
C PHE O 270 -20.38 -14.76 -2.97
N ALA O 271 -21.68 -14.53 -3.22
CA ALA O 271 -22.54 -14.05 -2.14
C ALA O 271 -22.64 -15.06 -1.02
N ALA O 272 -22.71 -16.35 -1.34
CA ALA O 272 -22.82 -17.35 -0.28
C ALA O 272 -21.55 -17.43 0.56
N ILE O 273 -20.38 -17.30 -0.07
CA ILE O 273 -19.14 -17.32 0.69
C ILE O 273 -19.04 -16.10 1.60
N VAL O 274 -19.42 -14.93 1.09
CA VAL O 274 -19.42 -13.74 1.93
C VAL O 274 -20.37 -13.92 3.10
N GLY O 275 -21.51 -14.57 2.87
CA GLY O 275 -22.44 -14.82 3.95
C GLY O 275 -21.86 -15.71 5.04
N VAL O 276 -21.21 -16.80 4.62
CA VAL O 276 -20.61 -17.71 5.59
C VAL O 276 -19.54 -16.98 6.40
N LEU O 277 -18.70 -16.19 5.72
CA LEU O 277 -17.64 -15.48 6.43
C LEU O 277 -18.21 -14.48 7.42
N GLY O 278 -19.25 -13.74 7.03
CA GLY O 278 -19.86 -12.80 7.96
C GLY O 278 -20.46 -13.51 9.17
N LEU O 279 -21.16 -14.62 8.94
CA LEU O 279 -21.75 -15.36 10.04
C LEU O 279 -20.69 -15.82 11.03
N MET O 280 -19.64 -16.48 10.54
CA MET O 280 -18.66 -17.02 11.46
C MET O 280 -17.69 -15.96 11.97
N GLY O 281 -17.73 -14.74 11.43
CA GLY O 281 -16.96 -13.65 12.01
C GLY O 281 -17.77 -12.92 13.05
N GLY O 282 -19.08 -13.11 13.01
CA GLY O 282 -19.93 -12.54 14.04
C GLY O 282 -20.15 -13.45 15.22
N LEU O 283 -20.17 -14.76 15.01
CA LEU O 283 -20.57 -15.69 16.05
C LEU O 283 -19.42 -16.37 16.78
N LEU O 284 -18.23 -16.45 16.18
CA LEU O 284 -17.09 -17.10 16.79
C LEU O 284 -15.99 -16.08 17.04
N GLN O 285 -15.27 -16.24 18.14
CA GLN O 285 -14.25 -15.29 18.55
C GLN O 285 -12.87 -15.79 18.17
N ILE O 286 -12.04 -14.89 17.64
CA ILE O 286 -10.71 -15.24 17.16
C ILE O 286 -9.74 -14.14 17.59
N ASN O 287 -8.61 -14.54 18.16
CA ASN O 287 -7.53 -13.66 18.59
C ASN O 287 -8.03 -12.56 19.55
N PRO O 288 -8.40 -12.90 20.78
CA PRO O 288 -8.76 -11.85 21.75
C PRO O 288 -7.54 -11.23 22.41
N ILE O 289 -6.95 -10.22 21.77
CA ILE O 289 -5.66 -9.69 22.20
C ILE O 289 -5.71 -9.06 23.59
N TRP O 290 -6.90 -8.67 24.06
CA TRP O 290 -6.97 -8.02 25.37
C TRP O 290 -6.80 -9.00 26.52
N ASN O 291 -7.16 -10.28 26.33
CA ASN O 291 -6.91 -11.27 27.36
C ASN O 291 -5.41 -11.48 27.55
N LEU O 292 -4.65 -11.32 26.48
CA LEU O 292 -3.20 -11.30 26.56
C LEU O 292 -2.76 -9.96 27.13
N GLY O 293 -1.46 -9.70 27.10
CA GLY O 293 -0.95 -8.40 27.45
C GLY O 293 -0.02 -7.90 26.38
N PRO O 294 0.51 -6.69 26.56
CA PRO O 294 1.55 -6.22 25.65
C PRO O 294 2.79 -7.08 25.78
N TYR O 295 3.59 -7.10 24.72
CA TYR O 295 4.75 -7.96 24.70
C TYR O 295 5.81 -7.43 25.66
N LYS O 296 6.36 -8.33 26.47
CA LYS O 296 7.45 -8.02 27.39
C LYS O 296 8.37 -9.23 27.39
N PRO O 297 9.69 -9.02 27.28
CA PRO O 297 10.62 -10.15 27.12
C PRO O 297 10.77 -11.02 28.36
N SER O 298 10.09 -10.73 29.46
CA SER O 298 10.31 -11.46 30.70
C SER O 298 9.19 -12.43 31.06
N GLN O 299 8.02 -12.33 30.43
CA GLN O 299 6.88 -13.17 30.77
C GLN O 299 6.43 -13.95 29.56
N VAL O 300 5.77 -15.08 29.81
CA VAL O 300 5.40 -16.06 28.79
C VAL O 300 4.14 -16.76 29.23
N SER O 301 3.50 -17.47 28.29
CA SER O 301 2.35 -18.30 28.63
C SER O 301 2.55 -19.73 28.11
N ALA O 302 1.51 -20.55 28.17
CA ALA O 302 1.65 -21.98 27.92
C ALA O 302 1.29 -22.42 26.51
N GLY O 303 0.38 -21.72 25.84
CA GLY O 303 -0.07 -22.19 24.53
C GLY O 303 0.68 -21.08 23.81
N SER O 304 1.60 -21.47 22.95
CA SER O 304 2.36 -20.54 22.10
C SER O 304 2.36 -21.23 20.73
N GLN O 305 1.22 -21.24 20.06
CA GLN O 305 1.16 -21.80 18.72
C GLN O 305 0.91 -20.70 17.70
N PRO O 306 1.36 -20.89 16.47
CA PRO O 306 0.95 -20.00 15.38
C PRO O 306 -0.31 -20.50 14.69
N ASP O 307 -0.81 -19.74 13.72
CA ASP O 307 -1.98 -20.17 12.97
C ASP O 307 -1.68 -21.44 12.19
N PHE O 308 -2.74 -22.14 11.79
CA PHE O 308 -2.60 -23.54 11.40
C PHE O 308 -1.76 -23.75 10.14
N TYR O 309 -1.35 -22.69 9.45
CA TYR O 309 -0.50 -22.86 8.28
C TYR O 309 0.98 -22.71 8.58
N MET O 310 1.36 -22.43 9.82
CA MET O 310 2.74 -22.49 10.27
C MET O 310 2.95 -23.55 11.32
N MET O 311 1.89 -24.26 11.71
CA MET O 311 2.01 -25.28 12.73
C MET O 311 2.94 -26.40 12.32
N TRP O 312 3.08 -26.66 11.01
CA TRP O 312 3.98 -27.71 10.60
C TRP O 312 5.43 -27.31 10.80
N THR O 313 5.71 -26.01 10.65
CA THR O 313 7.05 -25.49 10.88
C THR O 313 7.39 -25.61 12.37
N GLU O 314 6.43 -25.30 13.22
CA GLU O 314 6.61 -25.37 14.66
C GLU O 314 6.81 -26.81 15.11
N GLY O 315 5.98 -27.71 14.58
CA GLY O 315 6.08 -29.12 14.94
C GLY O 315 7.39 -29.73 14.48
N LEU O 316 7.85 -29.36 13.30
CA LEU O 316 9.15 -29.82 12.84
C LEU O 316 10.26 -29.34 13.76
N ALA O 317 10.15 -28.11 14.26
CA ALA O 317 11.14 -27.63 15.22
C ALA O 317 11.04 -28.36 16.56
N ARG O 318 9.84 -28.82 16.91
CA ARG O 318 9.66 -29.51 18.20
C ARG O 318 10.24 -30.91 18.16
N ILE O 319 9.95 -31.68 17.11
CA ILE O 319 10.30 -33.10 17.12
C ILE O 319 11.61 -33.35 16.38
N TRP O 320 12.42 -32.32 16.21
CA TRP O 320 13.69 -32.68 15.60
C TRP O 320 14.76 -32.82 16.67
N PRO O 321 15.53 -33.91 16.66
CA PRO O 321 16.46 -34.18 17.76
C PRO O 321 17.55 -33.13 17.84
N PRO O 322 18.20 -32.99 19.00
CA PRO O 322 19.25 -31.97 19.21
C PRO O 322 20.62 -32.37 18.67
N TRP O 323 20.83 -32.17 17.39
CA TRP O 323 22.09 -32.50 16.73
C TRP O 323 22.79 -31.22 16.34
N GLU O 324 23.89 -30.91 17.03
CA GLU O 324 24.68 -29.73 16.74
C GLU O 324 26.11 -30.15 16.44
N PHE O 325 26.84 -29.27 15.79
CA PHE O 325 28.23 -29.53 15.43
C PHE O 325 29.11 -28.40 15.94
N TYR O 326 30.13 -28.75 16.71
CA TYR O 326 31.10 -27.79 17.21
C TYR O 326 32.47 -28.16 16.69
N PHE O 327 33.04 -27.27 15.88
CA PHE O 327 34.40 -27.44 15.36
C PHE O 327 35.15 -26.16 15.70
N TRP O 328 36.29 -25.94 15.05
CA TRP O 328 37.20 -24.88 15.45
C TRP O 328 36.53 -23.51 15.51
N HIS O 329 36.40 -22.98 16.72
CA HIS O 329 36.00 -21.60 16.98
C HIS O 329 34.61 -21.27 16.43
N HIS O 330 33.76 -22.29 16.29
CA HIS O 330 32.48 -22.05 15.64
C HIS O 330 31.42 -23.00 16.19
N THR O 331 30.19 -22.81 15.73
CA THR O 331 29.04 -23.55 16.22
C THR O 331 27.95 -23.56 15.16
N ILE O 332 27.41 -24.75 14.90
CA ILE O 332 26.24 -24.90 14.01
C ILE O 332 25.08 -25.42 14.84
N PRO O 333 24.12 -24.57 15.20
CA PRO O 333 23.04 -25.02 16.09
C PRO O 333 22.03 -25.93 15.41
N ALA O 334 20.98 -26.28 16.15
CA ALA O 334 19.95 -27.21 15.69
C ALA O 334 18.97 -26.62 14.68
N PRO O 335 18.47 -25.39 14.86
CA PRO O 335 17.44 -24.88 13.94
C PRO O 335 17.90 -24.73 12.50
N VAL O 336 19.20 -24.82 12.23
CA VAL O 336 19.67 -24.91 10.86
C VAL O 336 18.98 -26.06 10.14
N TRP O 337 18.78 -27.18 10.83
CA TRP O 337 18.11 -28.33 10.25
C TRP O 337 16.70 -27.97 9.79
N VAL O 338 15.95 -27.28 10.65
CA VAL O 338 14.62 -26.81 10.28
C VAL O 338 14.70 -25.93 9.05
N ALA O 339 15.73 -25.08 8.99
CA ALA O 339 15.88 -24.19 7.83
C ALA O 339 16.04 -24.98 6.54
N VAL O 340 16.97 -25.94 6.52
CA VAL O 340 17.20 -26.66 5.27
C VAL O 340 16.00 -27.54 4.92
N ILE O 341 15.32 -28.10 5.93
CA ILE O 341 14.18 -28.95 5.60
C ILE O 341 13.04 -28.12 5.01
N MET O 342 12.84 -26.93 5.57
CA MET O 342 11.81 -26.03 5.09
C MET O 342 12.12 -25.65 3.65
N GLY O 343 13.36 -25.24 3.39
CA GLY O 343 13.78 -24.87 2.05
C GLY O 343 13.64 -26.03 1.07
N LEU O 344 13.98 -27.24 1.51
CA LEU O 344 13.85 -28.40 0.66
C LEU O 344 12.39 -28.65 0.28
N VAL O 345 11.48 -28.48 1.24
CA VAL O 345 10.06 -28.62 0.94
C VAL O 345 9.62 -27.57 -0.08
N PHE O 346 10.02 -26.31 0.15
CA PHE O 346 9.62 -25.22 -0.74
C PHE O 346 10.26 -25.33 -2.10
N VAL O 347 11.29 -26.16 -2.26
CA VAL O 347 11.94 -26.34 -3.55
C VAL O 347 11.35 -27.56 -4.24
N LEU O 348 10.98 -28.58 -3.46
CA LEU O 348 10.39 -29.78 -4.01
C LEU O 348 8.94 -29.58 -4.44
N LEU O 349 8.26 -28.57 -3.90
CA LEU O 349 6.88 -28.33 -4.34
C LEU O 349 6.83 -27.82 -5.78
N PRO O 350 7.52 -26.75 -6.18
CA PRO O 350 7.34 -26.24 -7.54
C PRO O 350 7.97 -27.10 -8.62
N ALA O 351 8.88 -28.00 -8.28
CA ALA O 351 9.62 -28.76 -9.28
C ALA O 351 9.08 -30.18 -9.45
N TYR O 352 7.82 -30.42 -9.12
CA TYR O 352 7.30 -31.78 -9.20
C TYR O 352 6.95 -32.22 -10.61
N PRO O 353 6.26 -31.41 -11.44
CA PRO O 353 5.90 -31.90 -12.78
C PRO O 353 7.10 -32.33 -13.60
N PHE O 354 8.21 -31.61 -13.49
CA PHE O 354 9.40 -31.98 -14.24
C PHE O 354 10.00 -33.27 -13.73
N LEU O 355 9.96 -33.50 -12.42
CA LEU O 355 10.40 -34.77 -11.88
C LEU O 355 9.55 -35.92 -12.40
N GLU O 356 8.23 -35.74 -12.40
CA GLU O 356 7.37 -36.83 -12.84
C GLU O 356 7.52 -37.10 -14.33
N LYS O 357 7.72 -36.06 -15.14
CA LYS O 357 7.90 -36.29 -16.56
C LYS O 357 9.27 -36.88 -16.86
N ARG O 358 10.27 -36.61 -16.01
CA ARG O 358 11.55 -37.28 -16.19
C ARG O 358 11.48 -38.74 -15.78
N PHE O 359 10.65 -39.07 -14.79
CA PHE O 359 10.66 -40.42 -14.26
C PHE O 359 9.75 -41.34 -15.07
N THR O 360 8.57 -40.85 -15.47
CA THR O 360 7.66 -41.67 -16.26
C THR O 360 7.95 -41.59 -17.75
N GLY O 361 8.60 -40.53 -18.21
CA GLY O 361 8.94 -40.41 -19.61
C GLY O 361 7.77 -40.15 -20.53
N ASP O 362 6.80 -39.34 -20.11
CA ASP O 362 5.62 -39.02 -20.91
C ASP O 362 5.57 -37.53 -21.14
N TYR O 363 5.60 -37.11 -22.40
CA TYR O 363 5.73 -35.70 -22.76
C TYR O 363 4.62 -35.22 -23.69
N ALA O 364 3.44 -35.83 -23.64
CA ALA O 364 2.39 -35.48 -24.59
C ALA O 364 1.43 -34.44 -24.00
N HIS O 365 0.68 -33.79 -24.90
CA HIS O 365 -0.36 -32.88 -24.47
C HIS O 365 -1.52 -33.64 -23.84
N HIS O 366 -2.13 -33.03 -22.82
CA HIS O 366 -3.23 -33.66 -22.12
C HIS O 366 -4.28 -32.63 -21.79
N ASN O 367 -5.52 -32.91 -22.15
CA ASN O 367 -6.64 -32.05 -21.81
C ASN O 367 -7.73 -32.78 -21.05
N LEU O 368 -7.66 -34.10 -20.93
CA LEU O 368 -8.60 -34.87 -20.14
C LEU O 368 -7.95 -35.30 -18.83
N LEU O 369 -8.68 -35.15 -17.73
CA LEU O 369 -8.16 -35.43 -16.42
C LEU O 369 -8.15 -36.93 -16.14
N GLN O 370 -7.46 -37.30 -15.07
CA GLN O 370 -7.38 -38.69 -14.63
C GLN O 370 -8.15 -38.85 -13.34
N ARG O 371 -8.82 -39.97 -13.19
CA ARG O 371 -9.38 -40.25 -11.88
C ARG O 371 -8.28 -40.70 -10.94
N PRO O 372 -8.28 -40.24 -9.68
CA PRO O 372 -7.20 -40.60 -8.77
C PRO O 372 -7.04 -42.10 -8.55
N ARG O 373 -8.03 -42.90 -8.88
CA ARG O 373 -7.90 -44.35 -8.74
C ARG O 373 -7.18 -45.00 -9.90
N ASP O 374 -7.03 -44.32 -11.02
CA ASP O 374 -6.33 -44.86 -12.18
C ASP O 374 -4.83 -44.64 -12.11
N VAL O 375 -4.36 -43.79 -11.21
CA VAL O 375 -2.93 -43.52 -11.05
C VAL O 375 -2.54 -43.90 -9.62
N PRO O 376 -2.29 -45.18 -9.33
CA PRO O 376 -2.09 -45.57 -7.93
C PRO O 376 -0.84 -45.00 -7.31
N VAL O 377 0.25 -44.88 -8.07
CA VAL O 377 1.52 -44.47 -7.47
C VAL O 377 1.47 -43.00 -7.05
N ARG O 378 0.94 -42.13 -7.92
CA ARG O 378 0.86 -40.72 -7.55
C ARG O 378 -0.12 -40.50 -6.40
N THR O 379 -1.23 -41.24 -6.39
CA THR O 379 -2.17 -41.12 -5.29
C THR O 379 -1.53 -41.55 -3.98
N ALA O 380 -0.72 -42.62 -4.02
CA ALA O 380 -0.04 -43.06 -2.81
C ALA O 380 0.99 -42.03 -2.35
N ILE O 381 1.72 -41.42 -3.29
CA ILE O 381 2.67 -40.37 -2.94
C ILE O 381 1.95 -39.21 -2.26
N GLY O 382 0.83 -38.79 -2.83
CA GLY O 382 0.09 -37.67 -2.25
C GLY O 382 -0.46 -37.99 -0.88
N ALA O 383 -0.98 -39.21 -0.70
CA ALA O 383 -1.49 -39.59 0.62
C ALA O 383 -0.36 -39.66 1.64
N MET O 384 0.82 -40.11 1.23
CA MET O 384 1.96 -40.12 2.13
C MET O 384 2.35 -38.70 2.55
N ALA O 385 2.36 -37.76 1.59
CA ALA O 385 2.69 -36.39 1.93
C ALA O 385 1.65 -35.76 2.86
N ILE O 386 0.37 -36.07 2.63
CA ILE O 386 -0.66 -35.53 3.50
C ILE O 386 -0.55 -36.11 4.90
N ALA O 387 -0.21 -37.39 5.01
CA ALA O 387 -0.03 -37.98 6.34
C ALA O 387 1.15 -37.35 7.06
N PHE O 388 2.25 -37.10 6.34
CA PHE O 388 3.38 -36.41 6.93
C PHE O 388 2.99 -35.02 7.44
N TYR O 389 2.24 -34.28 6.63
CA TYR O 389 1.80 -32.95 7.04
C TYR O 389 0.90 -33.01 8.27
N MET O 390 0.01 -34.00 8.33
CA MET O 390 -0.88 -34.12 9.48
C MET O 390 -0.11 -34.46 10.74
N VAL O 391 0.91 -35.33 10.63
CA VAL O 391 1.74 -35.65 11.79
C VAL O 391 2.45 -34.39 12.28
N LEU O 392 3.02 -33.62 11.35
CA LEU O 392 3.73 -32.41 11.76
C LEU O 392 2.80 -31.39 12.39
N THR O 393 1.56 -31.32 11.90
CA THR O 393 0.62 -30.34 12.45
C THR O 393 0.12 -30.76 13.82
N LEU O 394 -0.12 -32.06 14.03
CA LEU O 394 -0.58 -32.52 15.34
C LEU O 394 0.54 -32.47 16.37
N ALA O 395 1.80 -32.61 15.94
CA ALA O 395 2.92 -32.50 16.87
C ALA O 395 3.11 -31.08 17.38
N ALA O 396 2.37 -30.12 16.86
CA ALA O 396 2.48 -28.73 17.29
C ALA O 396 1.56 -28.39 18.44
N MET O 397 0.47 -29.13 18.64
CA MET O 397 -0.45 -28.93 19.75
C MET O 397 -0.22 -29.96 20.84
N ASN O 398 1.05 -30.29 21.11
CA ASN O 398 1.41 -31.24 22.16
C ASN O 398 0.74 -30.88 23.48
N ASP O 399 0.86 -29.62 23.89
CA ASP O 399 0.39 -29.23 25.23
C ASP O 399 -1.11 -29.42 25.34
N ILE O 400 -1.85 -28.97 24.33
CA ILE O 400 -3.31 -29.05 24.35
C ILE O 400 -3.75 -30.50 24.35
N ILE O 401 -3.11 -31.33 23.53
CA ILE O 401 -3.50 -32.75 23.46
C ILE O 401 -3.21 -33.44 24.77
N ALA O 402 -2.01 -33.26 25.31
CA ALA O 402 -1.64 -33.91 26.55
C ALA O 402 -2.43 -33.40 27.74
N LEU O 403 -2.98 -32.19 27.66
CA LEU O 403 -3.77 -31.67 28.77
C LEU O 403 -5.22 -32.14 28.69
N LYS O 404 -5.86 -31.97 27.54
CA LYS O 404 -7.26 -32.35 27.39
C LYS O 404 -7.42 -33.87 27.43
N PHE O 405 -6.71 -34.56 26.54
CA PHE O 405 -6.63 -36.02 26.59
C PHE O 405 -5.45 -36.40 27.47
N HIS O 406 -5.70 -37.17 28.51
CA HIS O 406 -4.68 -37.38 29.53
C HIS O 406 -3.55 -38.26 29.02
N ILE O 407 -2.55 -37.66 28.39
CA ILE O 407 -1.38 -38.35 27.90
C ILE O 407 -0.14 -37.63 28.40
N SER O 408 0.95 -38.37 28.58
CA SER O 408 2.21 -37.77 28.96
C SER O 408 2.74 -36.87 27.85
N LEU O 409 3.54 -35.87 28.23
CA LEU O 409 4.08 -34.93 27.25
C LEU O 409 5.27 -35.55 26.50
N ASN O 410 6.20 -36.16 27.23
CA ASN O 410 7.28 -36.89 26.61
C ASN O 410 6.74 -37.98 25.70
N ALA O 411 5.63 -38.61 26.10
CA ALA O 411 5.02 -39.62 25.25
C ALA O 411 4.58 -39.04 23.92
N THR O 412 3.96 -37.86 23.93
CA THR O 412 3.53 -37.26 22.67
C THR O 412 4.73 -36.86 21.82
N THR O 413 5.79 -36.36 22.44
CA THR O 413 6.99 -36.03 21.69
C THR O 413 7.54 -37.26 20.97
N TRP O 414 7.66 -38.37 21.68
CA TRP O 414 8.21 -39.58 21.06
C TRP O 414 7.25 -40.17 20.04
N ILE O 415 5.94 -40.08 20.29
CA ILE O 415 4.96 -40.54 19.32
C ILE O 415 5.12 -39.80 18.01
N GLY O 416 5.24 -38.47 18.08
CA GLY O 416 5.49 -37.71 16.86
C GLY O 416 6.81 -38.07 16.21
N ARG O 417 7.86 -38.21 17.01
CA ARG O 417 9.19 -38.48 16.48
C ARG O 417 9.26 -39.82 15.75
N ILE O 418 8.47 -40.78 16.18
CA ILE O 418 8.46 -42.10 15.53
C ILE O 418 7.45 -42.14 14.39
N GLY O 419 6.26 -41.57 14.59
CA GLY O 419 5.29 -41.48 13.52
C GLY O 419 5.86 -40.81 12.29
N MET O 420 6.67 -39.77 12.48
CA MET O 420 7.32 -39.08 11.36
C MET O 420 8.04 -40.04 10.42
N VAL O 421 8.38 -41.24 10.87
CA VAL O 421 9.08 -42.21 10.05
C VAL O 421 8.18 -43.38 9.67
N ILE O 422 7.30 -43.84 10.55
CA ILE O 422 6.56 -45.06 10.22
C ILE O 422 5.15 -44.81 9.68
N LEU O 423 4.62 -43.60 9.76
CA LEU O 423 3.26 -43.43 9.25
C LEU O 423 3.21 -43.24 7.73
N PRO O 424 4.09 -42.45 7.13
CA PRO O 424 4.04 -42.27 5.67
C PRO O 424 4.11 -43.57 4.89
N PRO O 425 5.04 -44.49 5.19
CA PRO O 425 5.07 -45.72 4.38
C PRO O 425 3.85 -46.61 4.56
N PHE O 426 3.33 -46.69 5.79
CA PHE O 426 2.10 -47.43 6.03
C PHE O 426 0.95 -46.85 5.19
N VAL O 427 0.83 -45.52 5.18
CA VAL O 427 -0.22 -44.88 4.39
C VAL O 427 -0.01 -45.15 2.91
N TYR O 428 1.24 -45.13 2.44
CA TYR O 428 1.54 -45.43 1.05
C TYR O 428 1.03 -46.82 0.68
N PHE O 429 1.40 -47.82 1.47
CA PHE O 429 0.99 -49.20 1.19
C PHE O 429 -0.53 -49.32 1.13
N ILE O 430 -1.21 -48.78 2.14
CA ILE O 430 -2.67 -48.91 2.18
C ILE O 430 -3.32 -48.20 1.01
N THR O 431 -2.80 -47.03 0.63
CA THR O 431 -3.40 -46.27 -0.46
C THR O 431 -3.22 -46.98 -1.80
N TYR O 432 -2.05 -47.56 -2.03
CA TYR O 432 -1.83 -48.34 -3.25
C TYR O 432 -2.83 -49.48 -3.35
N ARG O 433 -2.95 -50.28 -2.28
CA ARG O 433 -3.86 -51.42 -2.33
C ARG O 433 -5.31 -50.97 -2.48
N TRP O 434 -5.67 -49.84 -1.87
CA TRP O 434 -7.03 -49.33 -1.96
C TRP O 434 -7.37 -48.89 -3.38
N CYS O 435 -6.44 -48.19 -4.04
CA CYS O 435 -6.67 -47.80 -5.43
C CYS O 435 -6.89 -49.01 -6.32
N ILE O 436 -6.06 -50.04 -6.16
CA ILE O 436 -6.25 -51.20 -7.02
C ILE O 436 -7.57 -51.90 -6.70
N GLY O 437 -7.98 -51.91 -5.44
CA GLY O 437 -9.27 -52.49 -5.10
C GLY O 437 -10.42 -51.76 -5.77
N LEU O 438 -10.36 -50.43 -5.80
CA LEU O 438 -11.39 -49.66 -6.49
C LEU O 438 -11.42 -49.98 -7.98
N GLN O 439 -10.25 -50.11 -8.60
CA GLN O 439 -10.21 -50.49 -10.01
C GLN O 439 -10.90 -51.83 -10.24
N ARG O 440 -10.63 -52.80 -9.38
CA ARG O 440 -11.26 -54.11 -9.54
C ARG O 440 -12.77 -54.05 -9.37
N SER O 441 -13.23 -53.23 -8.41
CA SER O 441 -14.67 -53.08 -8.22
C SER O 441 -15.32 -52.46 -9.45
N ASP O 442 -14.62 -51.56 -10.15
CA ASP O 442 -15.15 -51.02 -11.39
C ASP O 442 -15.21 -52.09 -12.48
N ARG O 443 -14.15 -52.89 -12.60
CA ARG O 443 -14.13 -53.91 -13.65
C ARG O 443 -15.21 -54.97 -13.44
N SER O 444 -15.55 -55.26 -12.18
CA SER O 444 -16.59 -56.26 -11.94
C SER O 444 -17.96 -55.79 -12.42
N VAL O 445 -18.29 -54.52 -12.19
CA VAL O 445 -19.57 -54.02 -12.66
C VAL O 445 -19.56 -53.75 -14.16
N LEU O 446 -18.38 -53.61 -14.76
CA LEU O 446 -18.34 -53.58 -16.21
C LEU O 446 -18.60 -54.96 -16.81
N GLU O 447 -18.01 -56.00 -16.24
CA GLU O 447 -18.17 -57.35 -16.79
C GLU O 447 -19.62 -57.84 -16.66
N HIS O 448 -20.13 -57.90 -15.43
CA HIS O 448 -21.53 -58.20 -15.17
C HIS O 448 -22.34 -56.90 -15.20
N GLY O 449 -23.57 -56.93 -14.71
CA GLY O 449 -24.39 -55.75 -14.61
C GLY O 449 -24.36 -55.14 -13.22
N VAL O 450 -25.25 -54.18 -13.00
CA VAL O 450 -25.40 -53.54 -11.70
C VAL O 450 -26.22 -54.45 -10.79
N GLU O 451 -25.69 -54.71 -9.60
CA GLU O 451 -26.42 -55.55 -8.64
C GLU O 451 -27.65 -54.81 -8.14
N THR O 452 -28.81 -55.48 -8.21
CA THR O 452 -30.06 -54.87 -7.77
C THR O 452 -30.41 -55.20 -6.33
N GLY O 453 -29.86 -56.27 -5.78
CA GLY O 453 -30.16 -56.65 -4.42
C GLY O 453 -31.39 -57.51 -4.24
N ILE O 454 -31.98 -58.01 -5.32
CA ILE O 454 -33.16 -58.87 -5.26
C ILE O 454 -32.71 -60.32 -5.38
N ILE O 455 -33.32 -61.19 -4.59
CA ILE O 455 -32.96 -62.60 -4.55
C ILE O 455 -34.14 -63.44 -5.02
N LYS O 456 -33.86 -64.50 -5.78
CA LYS O 456 -34.87 -65.45 -6.23
C LYS O 456 -34.47 -66.85 -5.77
N ARG O 457 -35.40 -67.80 -5.89
CA ARG O 457 -35.14 -69.14 -5.39
C ARG O 457 -35.12 -70.23 -6.45
N LEU O 458 -35.55 -69.97 -7.70
CA LEU O 458 -35.23 -70.89 -8.80
C LEU O 458 -35.60 -72.36 -8.53
N PRO O 459 -36.83 -72.76 -8.81
CA PRO O 459 -37.46 -73.91 -8.14
C PRO O 459 -36.57 -75.08 -7.71
N HIS O 460 -35.46 -75.34 -8.38
CA HIS O 460 -34.53 -76.33 -7.83
C HIS O 460 -33.60 -75.72 -6.80
N GLY O 461 -34.15 -74.96 -5.86
CA GLY O 461 -33.44 -74.41 -4.73
C GLY O 461 -32.13 -73.69 -4.95
N ALA O 462 -32.06 -72.78 -5.92
CA ALA O 462 -30.86 -72.01 -6.16
C ALA O 462 -31.15 -70.53 -5.98
N TYR O 463 -30.16 -69.81 -5.46
CA TYR O 463 -30.31 -68.38 -5.19
C TYR O 463 -29.49 -67.58 -6.19
N ILE O 464 -30.15 -66.70 -6.92
CA ILE O 464 -29.50 -65.77 -7.84
C ILE O 464 -29.87 -64.36 -7.40
N GLU O 465 -29.22 -63.37 -8.02
CA GLU O 465 -29.28 -62.01 -7.48
C GLU O 465 -29.69 -60.95 -8.49
N LEU O 466 -30.11 -61.32 -9.70
CA LEU O 466 -30.81 -60.42 -10.61
C LEU O 466 -30.01 -59.15 -10.92
N HIS O 467 -28.90 -59.34 -11.63
CA HIS O 467 -28.14 -58.19 -12.10
C HIS O 467 -28.91 -57.46 -13.19
N GLN O 468 -28.41 -56.29 -13.57
CA GLN O 468 -29.08 -55.43 -14.54
C GLN O 468 -28.04 -54.92 -15.53
N PRO O 469 -28.14 -55.28 -16.81
CA PRO O 469 -27.08 -54.96 -17.76
C PRO O 469 -27.06 -53.49 -18.13
N LEU O 470 -25.86 -53.01 -18.49
CA LEU O 470 -25.66 -51.65 -18.93
C LEU O 470 -25.60 -51.50 -20.44
N GLY O 471 -25.62 -52.60 -21.19
CA GLY O 471 -25.56 -52.54 -22.63
C GLY O 471 -26.34 -53.65 -23.30
N PRO O 472 -25.83 -54.16 -24.41
CA PRO O 472 -26.51 -55.25 -25.11
C PRO O 472 -26.34 -56.57 -24.40
N VAL O 473 -27.11 -57.55 -24.86
CA VAL O 473 -27.12 -58.87 -24.24
C VAL O 473 -26.94 -59.92 -25.33
N ASP O 474 -26.47 -61.10 -24.93
CA ASP O 474 -26.22 -62.18 -25.88
C ASP O 474 -27.48 -63.03 -26.04
N GLU O 475 -27.32 -64.22 -26.63
CA GLU O 475 -28.48 -65.07 -26.90
C GLU O 475 -29.10 -65.62 -25.62
N HIS O 476 -28.29 -65.96 -24.62
CA HIS O 476 -28.79 -66.62 -23.43
C HIS O 476 -28.96 -65.68 -22.24
N GLY O 477 -29.06 -64.38 -22.50
CA GLY O 477 -29.43 -63.42 -21.48
C GLY O 477 -28.27 -62.76 -20.74
N HIS O 478 -27.07 -63.29 -20.84
CA HIS O 478 -25.94 -62.66 -20.16
C HIS O 478 -25.46 -61.46 -20.95
N PRO O 479 -25.12 -60.36 -20.29
CA PRO O 479 -24.63 -59.18 -21.01
C PRO O 479 -23.22 -59.38 -21.53
N ILE O 480 -22.94 -58.77 -22.67
CA ILE O 480 -21.62 -58.78 -23.26
C ILE O 480 -20.78 -57.73 -22.56
N PRO O 481 -19.56 -58.05 -22.13
CA PRO O 481 -18.78 -57.11 -21.32
C PRO O 481 -18.41 -55.85 -22.09
N LEU O 482 -18.46 -54.72 -21.39
CA LEU O 482 -18.10 -53.42 -21.94
C LEU O 482 -16.60 -53.19 -21.81
N GLN O 483 -16.13 -52.08 -22.35
CA GLN O 483 -14.75 -51.65 -22.20
C GLN O 483 -14.69 -50.40 -21.34
N TYR O 484 -13.64 -50.30 -20.53
CA TYR O 484 -13.50 -49.15 -19.65
C TYR O 484 -13.09 -47.92 -20.46
N GLN O 485 -13.69 -46.77 -20.10
CA GLN O 485 -13.47 -45.55 -20.85
C GLN O 485 -13.10 -44.38 -19.95
N GLY O 486 -12.59 -44.64 -18.76
CA GLY O 486 -12.17 -43.57 -17.87
C GLY O 486 -13.28 -42.78 -17.21
N ALA O 487 -14.52 -43.24 -17.31
CA ALA O 487 -15.63 -42.52 -16.72
C ALA O 487 -16.25 -43.32 -15.58
N PRO O 488 -16.84 -42.64 -14.60
CA PRO O 488 -17.44 -43.36 -13.48
C PRO O 488 -18.65 -44.18 -13.90
N LEU O 489 -18.90 -45.25 -13.16
CA LEU O 489 -19.98 -46.19 -13.43
C LEU O 489 -20.97 -46.20 -12.29
N PRO O 490 -22.26 -46.39 -12.57
CA PRO O 490 -23.26 -46.44 -11.50
C PRO O 490 -23.16 -47.72 -10.71
N LYS O 491 -23.45 -47.63 -9.41
CA LYS O 491 -23.42 -48.76 -8.51
C LYS O 491 -24.74 -49.01 -7.79
N ARG O 492 -25.62 -48.02 -7.71
CA ARG O 492 -26.91 -48.17 -7.06
C ARG O 492 -28.01 -48.08 -8.10
N MET O 493 -29.02 -48.94 -7.96
CA MET O 493 -30.09 -48.98 -8.96
C MET O 493 -30.93 -47.72 -8.95
N ASN O 494 -31.03 -47.04 -7.81
CA ASN O 494 -31.86 -45.84 -7.73
C ASN O 494 -31.20 -44.62 -8.36
N LYS O 495 -29.89 -44.64 -8.56
CA LYS O 495 -29.25 -43.53 -9.25
C LYS O 495 -29.62 -43.52 -10.72
N LEU O 496 -29.64 -44.68 -11.35
CA LEU O 496 -30.41 -44.84 -12.57
C LEU O 496 -31.87 -44.67 -12.24
N GLY O 497 -32.65 -44.13 -13.18
CA GLY O 497 -34.05 -44.00 -12.87
C GLY O 497 -34.69 -45.37 -12.74
N SER O 498 -34.92 -45.79 -11.50
CA SER O 498 -35.52 -47.09 -11.22
C SER O 498 -36.76 -46.97 -10.34
N ALA O 499 -36.67 -46.21 -9.25
CA ALA O 499 -37.80 -45.94 -8.38
C ALA O 499 -37.83 -44.44 -8.16
N GLY O 500 -38.73 -43.76 -8.85
CA GLY O 500 -38.82 -42.33 -8.78
C GLY O 500 -40.23 -41.90 -8.97
N SER O 501 -40.41 -40.64 -9.36
CA SER O 501 -41.72 -40.09 -9.67
C SER O 501 -42.62 -40.09 -8.44
N PRO O 502 -42.35 -39.24 -7.43
CA PRO O 502 -43.31 -39.11 -6.32
C PRO O 502 -44.54 -38.33 -6.76
N GLY O 503 -45.49 -38.13 -5.87
CA GLY O 503 -46.64 -37.29 -6.19
C GLY O 503 -46.22 -35.88 -6.54
N SER O 504 -47.17 -35.14 -7.11
CA SER O 504 -46.90 -33.77 -7.54
C SER O 504 -47.75 -32.77 -6.78
N GLY O 505 -47.91 -32.97 -5.48
CA GLY O 505 -48.59 -32.02 -4.63
C GLY O 505 -47.68 -30.85 -4.30
N SER O 506 -47.85 -30.30 -3.10
CA SER O 506 -46.91 -29.29 -2.61
C SER O 506 -46.15 -29.83 -1.41
N PHE O 507 -46.81 -30.04 -0.28
CA PHE O 507 -46.37 -31.00 0.71
C PHE O 507 -47.49 -31.74 1.40
N LEU O 508 -48.70 -31.19 1.44
CA LEU O 508 -49.80 -31.78 2.18
C LEU O 508 -51.07 -31.91 1.36
N PHE O 509 -51.15 -31.31 0.18
CA PHE O 509 -52.32 -31.37 -0.67
C PHE O 509 -51.91 -31.74 -2.08
N ALA O 510 -52.61 -32.69 -2.67
CA ALA O 510 -52.25 -33.20 -3.97
C ALA O 510 -52.74 -32.27 -5.08
N ASP O 511 -52.08 -32.37 -6.24
CA ASP O 511 -52.50 -31.67 -7.44
C ASP O 511 -53.45 -32.56 -8.24
N SER O 512 -53.92 -32.04 -9.37
CA SER O 512 -54.77 -32.83 -10.25
C SER O 512 -53.96 -33.93 -10.92
N ALA O 513 -54.67 -34.91 -11.48
CA ALA O 513 -53.99 -36.01 -12.16
C ALA O 513 -53.46 -35.60 -13.52
N ALA O 514 -54.19 -34.71 -14.22
CA ALA O 514 -53.74 -34.25 -15.52
C ALA O 514 -52.42 -33.50 -15.41
N GLU O 515 -52.31 -32.60 -14.42
CA GLU O 515 -51.07 -31.87 -14.21
C GLU O 515 -49.92 -32.82 -13.91
N ASP O 516 -50.15 -33.81 -13.06
CA ASP O 516 -49.10 -34.76 -12.71
C ASP O 516 -48.64 -35.53 -13.92
N ALA O 517 -49.58 -36.06 -14.71
CA ALA O 517 -49.23 -36.82 -15.90
C ALA O 517 -48.45 -35.96 -16.89
N ALA O 518 -48.95 -34.75 -17.17
CA ALA O 518 -48.28 -33.88 -18.13
C ALA O 518 -46.87 -33.54 -17.70
N LEU O 519 -46.69 -33.15 -16.43
CA LEU O 519 -45.36 -32.78 -15.96
C LEU O 519 -44.41 -33.96 -16.00
N ARG O 520 -44.85 -35.13 -15.51
CA ARG O 520 -44.01 -36.32 -15.55
C ARG O 520 -43.60 -36.64 -16.97
N GLU O 521 -44.53 -36.53 -17.92
CA GLU O 521 -44.30 -37.02 -19.27
C GLU O 521 -43.36 -36.07 -20.01
N ALA O 522 -43.56 -34.76 -19.85
CA ALA O 522 -42.64 -33.80 -20.46
C ALA O 522 -41.25 -33.89 -19.84
N GLY O 523 -41.15 -34.11 -18.54
CA GLY O 523 -39.85 -34.28 -17.92
C GLY O 523 -39.11 -35.48 -18.49
N HIS O 524 -39.81 -36.62 -18.60
CA HIS O 524 -39.19 -37.79 -19.20
C HIS O 524 -38.70 -37.51 -20.60
N ALA O 525 -39.54 -36.84 -21.41
CA ALA O 525 -39.16 -36.55 -22.78
C ALA O 525 -37.90 -35.69 -22.84
N ALA O 526 -37.83 -34.65 -22.01
CA ALA O 526 -36.68 -33.76 -22.05
C ALA O 526 -35.40 -34.47 -21.61
N GLU O 527 -35.50 -35.32 -20.59
CA GLU O 527 -34.34 -36.12 -20.19
C GLU O 527 -33.85 -36.99 -21.35
N GLN O 528 -34.76 -37.73 -21.99
CA GLN O 528 -34.37 -38.59 -23.09
C GLN O 528 -33.72 -37.78 -24.21
N ARG O 529 -34.26 -36.60 -24.50
CA ARG O 529 -33.71 -35.78 -25.59
C ARG O 529 -32.31 -35.29 -25.25
N ALA O 530 -32.09 -34.85 -24.01
CA ALA O 530 -30.73 -34.45 -23.61
C ALA O 530 -29.75 -35.61 -23.81
N LEU O 531 -30.09 -36.79 -23.30
CA LEU O 531 -29.23 -37.95 -23.49
C LEU O 531 -28.94 -38.23 -24.96
N ALA O 532 -29.97 -38.31 -25.79
CA ALA O 532 -29.79 -38.68 -27.18
C ALA O 532 -29.02 -37.62 -27.95
N ALA O 533 -29.15 -36.35 -27.54
CA ALA O 533 -28.43 -35.28 -28.20
C ALA O 533 -26.94 -35.35 -27.88
N LEU O 534 -26.59 -35.58 -26.60
CA LEU O 534 -25.17 -35.53 -26.26
C LEU O 534 -24.43 -36.79 -26.72
N ARG O 535 -25.11 -37.94 -26.76
CA ARG O 535 -24.48 -39.12 -27.36
C ARG O 535 -24.04 -38.84 -28.79
N GLU O 536 -24.94 -38.36 -29.64
CA GLU O 536 -24.79 -38.39 -31.07
C GLU O 536 -23.65 -37.51 -31.57
N HIS O 537 -23.36 -36.41 -30.88
CA HIS O 537 -22.29 -35.52 -31.31
C HIS O 537 -20.94 -36.23 -31.27
N ASP P 50 -22.23 -13.53 -46.14
CA ASP P 50 -23.64 -13.23 -46.22
C ASP P 50 -24.04 -12.18 -47.26
N GLU P 51 -24.87 -11.24 -46.82
CA GLU P 51 -25.56 -10.34 -47.74
C GLU P 51 -26.07 -9.14 -46.95
N ALA P 52 -26.86 -8.29 -47.64
CA ALA P 52 -27.63 -7.27 -46.95
C ALA P 52 -28.93 -7.84 -46.38
N ALA P 53 -29.38 -8.97 -46.92
CA ALA P 53 -30.62 -9.60 -46.52
C ALA P 53 -30.46 -10.38 -45.22
N LEU P 54 -29.38 -10.09 -44.48
CA LEU P 54 -29.23 -10.63 -43.13
C LEU P 54 -30.43 -10.30 -42.25
N ALA P 55 -31.14 -9.22 -42.55
CA ALA P 55 -32.39 -8.93 -41.86
C ALA P 55 -33.46 -9.95 -42.28
N ALA P 56 -34.66 -9.77 -41.74
CA ALA P 56 -35.77 -10.70 -41.92
C ALA P 56 -35.43 -12.11 -41.42
N MET P 57 -34.30 -12.25 -40.73
CA MET P 57 -33.87 -13.50 -40.13
C MET P 57 -34.27 -13.49 -38.66
N SER P 58 -34.78 -14.62 -38.19
CA SER P 58 -35.33 -14.69 -36.84
C SER P 58 -34.21 -14.75 -35.82
N ASN P 59 -34.59 -14.85 -34.54
CA ASN P 59 -33.63 -14.79 -33.46
C ASN P 59 -32.74 -16.02 -33.43
N GLN P 60 -33.31 -17.20 -33.63
CA GLN P 60 -32.57 -18.44 -33.44
C GLN P 60 -31.55 -18.66 -34.55
N GLU P 61 -31.87 -18.26 -35.78
CA GLU P 61 -30.87 -18.38 -36.83
C GLU P 61 -29.70 -17.45 -36.57
N LEU P 62 -29.98 -16.24 -36.07
CA LEU P 62 -28.90 -15.33 -35.71
C LEU P 62 -28.03 -15.91 -34.61
N LEU P 63 -28.67 -16.53 -33.60
CA LEU P 63 -27.92 -17.08 -32.49
C LEU P 63 -27.06 -18.25 -32.94
N ALA P 64 -27.60 -19.14 -33.77
CA ALA P 64 -26.81 -20.25 -34.28
C ALA P 64 -25.68 -19.75 -35.19
N LEU P 65 -25.93 -18.68 -35.94
CA LEU P 65 -24.88 -18.11 -36.78
C LEU P 65 -23.74 -17.56 -35.94
N GLY P 66 -24.06 -16.81 -34.89
CA GLY P 66 -23.02 -16.35 -33.99
C GLY P 66 -22.26 -17.49 -33.36
N GLY P 67 -22.97 -18.52 -32.89
CA GLY P 67 -22.32 -19.67 -32.32
C GLY P 67 -21.35 -20.34 -33.29
N LYS P 68 -21.79 -20.56 -34.53
CA LYS P 68 -20.89 -21.18 -35.48
C LYS P 68 -19.72 -20.28 -35.87
N LEU P 69 -19.91 -18.95 -35.90
CA LEU P 69 -18.79 -18.03 -36.02
C LEU P 69 -17.79 -18.17 -34.88
N ASP P 70 -18.25 -18.47 -33.66
CA ASP P 70 -17.34 -18.63 -32.53
C ASP P 70 -16.83 -20.06 -32.37
N GLY P 71 -17.45 -21.04 -33.01
CA GLY P 71 -17.09 -22.42 -32.82
C GLY P 71 -17.94 -23.13 -31.78
N VAL P 72 -18.93 -22.47 -31.22
CA VAL P 72 -19.81 -23.06 -30.22
C VAL P 72 -21.01 -23.66 -30.93
N ARG P 73 -21.45 -24.83 -30.47
CA ARG P 73 -22.60 -25.52 -31.05
C ARG P 73 -23.49 -25.96 -29.90
N ILE P 74 -24.44 -25.11 -29.52
CA ILE P 74 -25.33 -25.39 -28.38
C ILE P 74 -26.30 -26.48 -28.80
N ALA P 75 -26.29 -27.60 -28.08
CA ALA P 75 -27.25 -28.67 -28.27
C ALA P 75 -28.16 -28.76 -27.06
N TYR P 76 -29.41 -29.13 -27.30
CA TYR P 76 -30.39 -29.37 -26.24
C TYR P 76 -30.57 -28.13 -25.36
N LYS P 77 -31.26 -27.15 -25.91
CA LYS P 77 -31.82 -26.08 -25.12
C LYS P 77 -33.30 -26.36 -24.88
N GLU P 78 -33.74 -26.25 -23.62
CA GLU P 78 -35.08 -26.63 -23.17
C GLU P 78 -35.65 -25.69 -22.12
N PRO P 79 -36.83 -25.09 -22.36
CA PRO P 79 -37.52 -24.39 -21.26
C PRO P 79 -37.80 -25.30 -20.08
N ARG P 80 -38.17 -24.72 -18.95
CA ARG P 80 -38.41 -25.49 -17.73
C ARG P 80 -39.88 -25.84 -17.53
N TRP P 81 -40.79 -25.00 -18.00
CA TRP P 81 -42.23 -25.19 -17.84
C TRP P 81 -42.88 -25.20 -19.21
N PRO P 82 -42.92 -26.35 -19.87
CA PRO P 82 -43.57 -26.43 -21.19
C PRO P 82 -45.07 -26.18 -21.13
N VAL P 83 -45.74 -26.79 -20.15
CA VAL P 83 -47.15 -26.51 -19.93
C VAL P 83 -47.32 -25.07 -19.46
N GLU P 84 -48.51 -24.52 -19.59
CA GLU P 84 -48.74 -23.13 -19.20
C GLU P 84 -48.82 -23.04 -17.69
N GLY P 85 -49.35 -21.93 -17.18
CA GLY P 85 -49.60 -21.78 -15.75
C GLY P 85 -50.15 -23.02 -15.09
N THR P 86 -49.42 -23.51 -14.09
CA THR P 86 -49.86 -24.61 -13.25
C THR P 86 -49.70 -24.15 -11.82
N LYS P 87 -50.06 -25.00 -10.87
CA LYS P 87 -49.83 -24.63 -9.49
C LYS P 87 -48.37 -24.88 -9.08
N ALA P 88 -47.70 -25.83 -9.71
CA ALA P 88 -46.29 -26.06 -9.41
C ALA P 88 -45.44 -24.85 -9.76
N GLU P 89 -45.75 -24.19 -10.89
CA GLU P 89 -44.99 -23.02 -11.29
C GLU P 89 -45.20 -21.87 -10.31
N LYS P 90 -46.44 -21.64 -9.89
CA LYS P 90 -46.72 -20.60 -8.91
C LYS P 90 -46.02 -20.90 -7.59
N ARG P 91 -46.02 -22.17 -7.17
CA ARG P 91 -45.35 -22.53 -5.93
C ARG P 91 -43.85 -22.29 -6.02
N ALA P 92 -43.23 -22.66 -7.13
CA ALA P 92 -41.80 -22.44 -7.28
C ALA P 92 -41.48 -20.96 -7.28
N GLU P 93 -42.29 -20.15 -7.95
CA GLU P 93 -42.08 -18.71 -7.95
C GLU P 93 -42.21 -18.12 -6.55
N ARG P 94 -43.22 -18.55 -5.80
CA ARG P 94 -43.40 -18.03 -4.45
C ARG P 94 -42.25 -18.44 -3.54
N SER P 95 -41.76 -19.67 -3.68
CA SER P 95 -40.63 -20.13 -2.89
C SER P 95 -39.37 -19.34 -3.22
N VAL P 96 -39.14 -19.05 -4.50
CA VAL P 96 -37.97 -18.25 -4.86
C VAL P 96 -38.11 -16.84 -4.29
N ALA P 97 -39.33 -16.32 -4.21
CA ALA P 97 -39.50 -14.94 -3.77
C ALA P 97 -39.35 -14.77 -2.26
N VAL P 98 -39.80 -15.74 -1.47
CA VAL P 98 -39.76 -15.55 -0.01
C VAL P 98 -38.33 -15.45 0.49
N TRP P 99 -37.38 -16.12 -0.16
CA TRP P 99 -35.99 -16.02 0.27
C TRP P 99 -35.45 -14.61 0.11
N LEU P 100 -35.72 -13.99 -1.04
CA LEU P 100 -35.27 -12.62 -1.24
C LEU P 100 -35.98 -11.65 -0.30
N LEU P 101 -37.26 -11.92 0.00
CA LEU P 101 -37.94 -11.10 0.99
C LEU P 101 -37.24 -11.19 2.34
N LEU P 102 -36.87 -12.40 2.75
CA LEU P 102 -36.17 -12.57 4.03
C LEU P 102 -34.83 -11.83 4.00
N GLY P 103 -34.10 -11.93 2.89
CA GLY P 103 -32.83 -11.23 2.80
C GLY P 103 -32.97 -9.73 2.96
N GLY P 104 -33.95 -9.14 2.30
CA GLY P 104 -34.16 -7.71 2.44
C GLY P 104 -34.60 -7.32 3.84
N VAL P 105 -35.52 -8.10 4.42
CA VAL P 105 -36.00 -7.81 5.77
C VAL P 105 -34.84 -7.79 6.75
N PHE P 106 -33.94 -8.77 6.66
CA PHE P 106 -32.87 -8.80 7.64
C PHE P 106 -31.69 -7.88 7.29
N GLY P 107 -31.58 -7.42 6.04
CA GLY P 107 -30.71 -6.28 5.80
C GLY P 107 -31.21 -5.02 6.48
N LEU P 108 -32.51 -4.77 6.41
CA LEU P 108 -33.10 -3.67 7.17
C LEU P 108 -32.87 -3.85 8.67
N ALA P 109 -33.00 -5.10 9.15
CA ALA P 109 -32.73 -5.38 10.56
C ALA P 109 -31.28 -5.06 10.91
N LEU P 110 -30.35 -5.38 10.02
CA LEU P 110 -28.95 -5.01 10.22
C LEU P 110 -28.81 -3.50 10.39
N LEU P 111 -29.43 -2.73 9.50
CA LEU P 111 -29.33 -1.28 9.62
C LEU P 111 -29.85 -0.79 10.96
N LEU P 112 -31.03 -1.28 11.36
CA LEU P 112 -31.62 -0.82 12.61
C LEU P 112 -30.77 -1.22 13.81
N ILE P 113 -30.24 -2.44 13.81
CA ILE P 113 -29.40 -2.88 14.92
C ILE P 113 -28.14 -2.05 15.00
N PHE P 114 -27.49 -1.80 13.87
CA PHE P 114 -26.29 -0.99 13.89
C PHE P 114 -26.57 0.42 14.40
N LEU P 115 -27.74 0.96 14.11
CA LEU P 115 -28.02 2.33 14.52
C LEU P 115 -28.40 2.43 15.99
N PHE P 116 -29.26 1.52 16.49
CA PHE P 116 -29.90 1.72 17.79
C PHE P 116 -29.54 0.64 18.82
N TRP P 117 -28.34 0.10 18.78
CA TRP P 117 -28.08 -0.89 19.80
C TRP P 117 -27.01 -0.41 20.78
N PRO P 118 -27.15 -0.71 22.07
CA PRO P 118 -26.10 -0.33 23.04
C PRO P 118 -24.79 -1.05 22.77
N TRP P 119 -23.76 -0.30 22.37
CA TRP P 119 -22.52 -0.90 21.89
C TRP P 119 -21.30 -0.61 22.75
N GLU P 120 -21.36 0.39 23.63
CA GLU P 120 -20.17 0.78 24.37
C GLU P 120 -19.74 -0.29 25.36
N PHE P 121 -18.45 -0.30 25.67
CA PHE P 121 -17.91 -1.23 26.66
C PHE P 121 -18.48 -0.90 28.03
N LYS P 122 -19.16 -1.86 28.65
CA LYS P 122 -19.78 -1.66 29.94
C LYS P 122 -19.33 -2.69 30.97
N ALA P 123 -18.35 -3.52 30.64
CA ALA P 123 -18.06 -4.69 31.45
C ALA P 123 -17.63 -4.32 32.86
N ALA P 124 -18.17 -5.05 33.82
CA ALA P 124 -17.83 -4.97 35.23
C ALA P 124 -18.44 -6.20 35.89
N ASP P 125 -18.40 -6.26 37.20
CA ASP P 125 -19.10 -7.32 37.91
C ASP P 125 -20.26 -6.80 38.74
N GLY P 126 -20.51 -5.49 38.74
CA GLY P 126 -21.67 -4.94 39.42
C GLY P 126 -22.89 -4.91 38.52
N GLU P 127 -22.77 -4.21 37.40
CA GLU P 127 -23.82 -4.18 36.38
C GLU P 127 -23.41 -5.20 35.31
N SER P 128 -23.92 -6.42 35.46
CA SER P 128 -23.69 -7.43 34.43
C SER P 128 -24.50 -7.04 33.20
N ASP P 129 -23.79 -6.59 32.17
CA ASP P 129 -24.43 -5.95 31.03
C ASP P 129 -25.18 -6.96 30.17
N PHE P 130 -24.47 -7.90 29.54
CA PHE P 130 -25.05 -8.98 28.75
C PHE P 130 -25.74 -8.43 27.50
N ILE P 131 -25.84 -7.11 27.39
CA ILE P 131 -26.40 -6.46 26.22
C ILE P 131 -25.23 -6.04 25.36
N TYR P 132 -24.14 -5.66 26.01
CA TYR P 132 -22.91 -5.38 25.30
C TYR P 132 -22.27 -6.65 24.76
N SER P 133 -22.40 -7.76 25.49
CA SER P 133 -21.83 -9.02 25.01
C SER P 133 -22.58 -9.58 23.81
N LEU P 134 -23.72 -9.02 23.45
CA LEU P 134 -24.50 -9.45 22.30
C LEU P 134 -24.42 -8.49 21.12
N THR P 135 -23.48 -7.54 21.13
CA THR P 135 -23.51 -6.50 20.12
C THR P 135 -22.87 -6.95 18.81
N THR P 136 -21.77 -7.70 18.88
CA THR P 136 -21.10 -8.20 17.68
C THR P 136 -21.82 -9.41 17.10
N PRO P 137 -22.24 -10.39 17.93
CA PRO P 137 -23.05 -11.48 17.39
C PRO P 137 -24.25 -11.02 16.59
N LEU P 138 -24.90 -9.94 16.99
CA LEU P 138 -26.06 -9.47 16.24
C LEU P 138 -25.66 -8.89 14.88
N TYR P 139 -24.58 -8.13 14.84
CA TYR P 139 -24.06 -7.64 13.57
C TYR P 139 -23.82 -8.79 12.61
N GLY P 140 -23.08 -9.80 13.07
CA GLY P 140 -22.79 -10.93 12.20
C GLY P 140 -24.05 -11.67 11.79
N LEU P 141 -24.93 -11.94 12.76
CA LEU P 141 -26.12 -12.73 12.49
C LEU P 141 -27.04 -12.05 11.49
N THR P 142 -27.12 -10.72 11.50
CA THR P 142 -27.97 -10.06 10.53
C THR P 142 -27.29 -9.96 9.17
N PHE P 143 -26.04 -9.50 9.14
CA PHE P 143 -25.34 -9.30 7.88
C PHE P 143 -25.21 -10.60 7.09
N GLY P 144 -24.59 -11.61 7.70
CA GLY P 144 -24.36 -12.85 6.99
C GLY P 144 -25.65 -13.53 6.56
N LEU P 145 -26.67 -13.48 7.41
CA LEU P 145 -27.90 -14.18 7.07
C LEU P 145 -28.63 -13.48 5.92
N SER P 146 -28.63 -12.14 5.91
CA SER P 146 -29.23 -11.43 4.79
C SER P 146 -28.56 -11.81 3.47
N ILE P 147 -27.23 -11.74 3.43
CA ILE P 147 -26.58 -12.00 2.14
C ILE P 147 -26.68 -13.48 1.77
N LEU P 148 -26.72 -14.39 2.76
CA LEU P 148 -26.94 -15.80 2.46
C LEU P 148 -28.32 -16.03 1.86
N SER P 149 -29.35 -15.38 2.40
CA SER P 149 -30.68 -15.53 1.84
C SER P 149 -30.73 -15.05 0.40
N ILE P 150 -30.05 -13.94 0.10
CA ILE P 150 -30.01 -13.47 -1.28
C ILE P 150 -29.34 -14.50 -2.18
N ALA P 151 -28.23 -15.07 -1.73
CA ALA P 151 -27.52 -16.06 -2.54
C ALA P 151 -28.38 -17.29 -2.79
N ILE P 152 -29.09 -17.75 -1.76
CA ILE P 152 -29.90 -18.96 -1.92
C ILE P 152 -31.06 -18.70 -2.87
N GLY P 153 -31.69 -17.53 -2.77
CA GLY P 153 -32.71 -17.19 -3.73
C GLY P 153 -32.20 -17.18 -5.16
N ALA P 154 -30.99 -16.64 -5.37
CA ALA P 154 -30.43 -16.62 -6.72
C ALA P 154 -30.16 -18.04 -7.23
N VAL P 155 -29.59 -18.90 -6.39
CA VAL P 155 -29.33 -20.27 -6.81
C VAL P 155 -30.61 -20.99 -7.17
N LEU P 156 -31.67 -20.80 -6.37
CA LEU P 156 -32.94 -21.44 -6.69
C LEU P 156 -33.50 -20.93 -8.01
N TYR P 157 -33.40 -19.62 -8.25
CA TYR P 157 -33.89 -19.08 -9.51
C TYR P 157 -33.14 -19.67 -10.68
N GLN P 158 -31.83 -19.82 -10.57
CA GLN P 158 -31.07 -20.41 -11.67
C GLN P 158 -31.43 -21.89 -11.86
N LYS P 159 -31.72 -22.60 -10.76
CA LYS P 159 -31.98 -24.02 -10.87
C LYS P 159 -33.38 -24.32 -11.36
N ARG P 160 -34.34 -23.39 -11.25
CA ARG P 160 -35.71 -23.73 -11.57
C ARG P 160 -36.37 -22.86 -12.64
N PHE P 161 -35.71 -21.82 -13.13
CA PHE P 161 -36.37 -21.02 -14.16
C PHE P 161 -35.54 -20.81 -15.40
N ILE P 162 -34.22 -20.69 -15.27
CA ILE P 162 -33.38 -20.50 -16.44
C ILE P 162 -33.28 -21.82 -17.21
N PRO P 163 -33.42 -21.81 -18.53
CA PRO P 163 -33.43 -23.08 -19.29
C PRO P 163 -32.12 -23.84 -19.15
N GLU P 164 -32.23 -25.15 -19.36
CA GLU P 164 -31.11 -26.08 -19.28
C GLU P 164 -30.46 -26.22 -20.65
N GLU P 165 -29.13 -26.23 -20.67
CA GLU P 165 -28.40 -26.20 -21.93
C GLU P 165 -27.12 -27.03 -21.84
N ILE P 166 -26.61 -27.36 -23.02
CA ILE P 166 -25.33 -28.03 -23.20
C ILE P 166 -24.65 -27.40 -24.40
N SER P 167 -23.34 -27.17 -24.31
CA SER P 167 -22.61 -26.51 -25.39
C SER P 167 -21.27 -27.20 -25.61
N ILE P 168 -20.67 -26.94 -26.76
CA ILE P 168 -19.39 -27.55 -27.17
C ILE P 168 -18.55 -26.48 -27.85
N GLN P 169 -17.25 -26.45 -27.54
CA GLN P 169 -16.45 -25.24 -27.68
C GLN P 169 -15.36 -25.26 -28.75
N GLU P 170 -14.93 -26.42 -29.25
CA GLU P 170 -13.94 -26.46 -30.34
C GLU P 170 -12.61 -25.84 -29.91
N ARG P 171 -11.92 -26.57 -29.03
CA ARG P 171 -10.69 -26.12 -28.38
C ARG P 171 -9.71 -25.38 -29.31
N HIS P 172 -9.28 -26.03 -30.38
CA HIS P 172 -8.24 -25.51 -31.28
C HIS P 172 -6.93 -25.26 -30.54
N ASP P 173 -6.38 -26.34 -29.98
CA ASP P 173 -5.15 -26.24 -29.21
C ASP P 173 -3.94 -26.56 -30.08
N GLY P 174 -2.79 -26.71 -29.45
CA GLY P 174 -1.58 -27.15 -30.15
C GLY P 174 -0.76 -25.99 -30.67
N ALA P 175 0.18 -26.34 -31.55
CA ALA P 175 1.02 -25.34 -32.18
C ALA P 175 0.20 -24.47 -33.12
N SER P 176 0.77 -23.32 -33.48
CA SER P 176 0.10 -22.43 -34.40
C SER P 176 0.13 -22.99 -35.82
N ARG P 177 -0.70 -22.42 -36.68
CA ARG P 177 -0.59 -22.69 -38.09
C ARG P 177 0.78 -22.21 -38.59
N GLU P 178 1.36 -22.98 -39.50
CA GLU P 178 2.71 -22.67 -39.97
C GLU P 178 2.80 -21.26 -40.54
N ILE P 179 1.69 -20.74 -41.07
CA ILE P 179 1.68 -19.41 -41.66
C ILE P 179 2.19 -18.39 -40.65
N ASP P 180 1.59 -18.39 -39.45
CA ASP P 180 1.90 -17.37 -38.45
C ASP P 180 3.31 -17.57 -37.91
N ARG P 181 3.71 -18.83 -37.67
CA ARG P 181 5.05 -19.09 -37.15
C ARG P 181 6.11 -18.57 -38.11
N LYS P 182 6.00 -18.93 -39.39
CA LYS P 182 7.00 -18.49 -40.36
C LYS P 182 7.01 -16.97 -40.49
N THR P 183 5.83 -16.34 -40.52
CA THR P 183 5.81 -14.89 -40.69
C THR P 183 6.41 -14.18 -39.49
N VAL P 184 6.08 -14.60 -38.27
CA VAL P 184 6.58 -13.89 -37.10
C VAL P 184 8.07 -14.13 -36.93
N VAL P 185 8.55 -15.33 -37.26
CA VAL P 185 9.99 -15.57 -37.13
C VAL P 185 10.74 -14.77 -38.20
N ALA P 186 10.15 -14.60 -39.38
CA ALA P 186 10.80 -13.77 -40.39
C ALA P 186 10.85 -12.32 -39.95
N ASN P 187 9.76 -11.82 -39.35
CA ASN P 187 9.75 -10.45 -38.85
C ASN P 187 10.85 -10.25 -37.81
N LEU P 188 10.95 -11.15 -36.82
CA LEU P 188 11.97 -11.03 -35.79
C LEU P 188 13.37 -11.09 -36.40
N THR P 189 13.62 -12.08 -37.27
CA THR P 189 14.95 -12.22 -37.85
C THR P 189 15.33 -11.02 -38.71
N ASP P 190 14.38 -10.45 -39.45
CA ASP P 190 14.73 -9.31 -40.29
C ASP P 190 14.97 -8.07 -39.46
N ALA P 191 14.16 -7.85 -38.41
CA ALA P 191 14.42 -6.73 -37.51
C ALA P 191 15.79 -6.86 -36.85
N PHE P 192 16.26 -8.10 -36.61
CA PHE P 192 17.57 -8.25 -35.99
C PHE P 192 18.71 -8.11 -37.00
N GLU P 193 18.60 -8.73 -38.17
CA GLU P 193 19.69 -8.68 -39.14
C GLU P 193 19.80 -7.31 -39.80
N GLY P 194 18.70 -6.56 -39.88
CA GLY P 194 18.75 -5.28 -40.55
C GLY P 194 19.53 -4.22 -39.80
N SER P 195 19.54 -4.31 -38.47
CA SER P 195 20.30 -3.39 -37.65
C SER P 195 21.81 -3.59 -37.77
N THR P 196 22.24 -4.67 -38.42
CA THR P 196 23.66 -4.96 -38.66
C THR P 196 24.45 -5.12 -37.36
N ILE P 197 23.75 -5.26 -36.24
CA ILE P 197 24.43 -5.33 -34.94
C ILE P 197 25.28 -6.60 -34.83
N ARG P 198 24.97 -7.62 -35.62
CA ARG P 198 25.71 -8.88 -35.51
C ARG P 198 27.18 -8.71 -35.89
N ARG P 199 27.46 -7.93 -36.94
CA ARG P 199 28.82 -7.70 -37.38
C ARG P 199 29.45 -6.47 -36.74
N ARG P 200 28.82 -5.90 -35.72
CA ARG P 200 29.38 -4.79 -34.94
C ARG P 200 29.73 -5.32 -33.56
N LYS P 201 30.95 -5.84 -33.41
CA LYS P 201 31.35 -6.45 -32.14
C LYS P 201 31.59 -5.40 -31.06
N LEU P 202 32.31 -4.34 -31.42
CA LEU P 202 32.73 -3.36 -30.43
C LEU P 202 31.55 -2.67 -29.79
N ILE P 203 30.58 -2.24 -30.60
CA ILE P 203 29.39 -1.60 -30.07
C ILE P 203 28.66 -2.53 -29.11
N GLY P 204 28.46 -3.78 -29.50
CA GLY P 204 27.71 -4.70 -28.66
C GLY P 204 28.39 -4.95 -27.33
N LEU P 205 29.71 -5.18 -27.37
CA LEU P 205 30.41 -5.53 -26.14
C LEU P 205 30.52 -4.33 -25.20
N SER P 206 30.79 -3.14 -25.75
CA SER P 206 30.80 -1.94 -24.92
C SER P 206 29.44 -1.68 -24.33
N PHE P 207 28.38 -1.90 -25.11
CA PHE P 207 27.03 -1.75 -24.59
C PHE P 207 26.78 -2.69 -23.44
N GLY P 208 27.18 -3.95 -23.59
CA GLY P 208 27.01 -4.92 -22.52
C GLY P 208 27.72 -4.52 -21.25
N VAL P 209 29.01 -4.16 -21.38
CA VAL P 209 29.78 -3.80 -20.18
C VAL P 209 29.19 -2.55 -19.52
N GLY P 210 28.75 -1.58 -20.32
CA GLY P 210 28.18 -0.37 -19.75
C GLY P 210 26.90 -0.64 -18.98
N MET P 211 25.97 -1.39 -19.59
CA MET P 211 24.72 -1.71 -18.90
C MET P 211 25.00 -2.53 -17.64
N GLY P 212 25.91 -3.50 -17.73
CA GLY P 212 26.23 -4.31 -16.56
C GLY P 212 26.78 -3.49 -15.42
N ALA P 213 27.71 -2.57 -15.72
CA ALA P 213 28.27 -1.72 -14.67
C ALA P 213 27.20 -0.81 -14.06
N PHE P 214 26.34 -0.23 -14.90
CA PHE P 214 25.29 0.63 -14.36
C PHE P 214 24.37 -0.14 -13.44
N GLY P 215 23.91 -1.32 -13.90
CA GLY P 215 23.01 -2.11 -13.09
C GLY P 215 23.63 -2.55 -11.78
N LEU P 216 24.89 -2.98 -11.81
CA LEU P 216 25.58 -3.38 -10.59
C LEU P 216 25.69 -2.22 -9.61
N GLY P 217 26.17 -1.07 -10.08
CA GLY P 217 26.28 0.08 -9.19
C GLY P 217 24.95 0.49 -8.61
N THR P 218 23.90 0.50 -9.44
CA THR P 218 22.58 0.89 -8.97
C THR P 218 22.07 -0.07 -7.90
N LEU P 219 22.20 -1.38 -8.13
CA LEU P 219 21.68 -2.32 -7.15
C LEU P 219 22.45 -2.24 -5.85
N VAL P 220 23.77 -2.06 -5.93
CA VAL P 220 24.57 -1.93 -4.72
C VAL P 220 24.15 -0.69 -3.93
N ALA P 221 23.91 0.41 -4.63
CA ALA P 221 23.46 1.61 -3.92
C ALA P 221 22.05 1.44 -3.36
N PHE P 222 21.22 0.62 -4.01
CA PHE P 222 19.87 0.39 -3.50
C PHE P 222 19.89 -0.43 -2.22
N ALA P 223 20.67 -1.50 -2.20
CA ALA P 223 20.70 -2.41 -1.05
C ALA P 223 21.82 -2.12 -0.07
N GLY P 224 22.44 -0.94 -0.16
CA GLY P 224 23.56 -0.63 0.70
C GLY P 224 23.24 0.15 1.96
N GLY P 225 22.05 0.73 2.04
CA GLY P 225 21.66 1.44 3.24
C GLY P 225 21.16 0.56 4.35
N LEU P 226 20.76 -0.67 4.03
CA LEU P 226 20.24 -1.59 5.02
C LEU P 226 21.32 -2.37 5.76
N ILE P 227 22.48 -2.54 5.15
CA ILE P 227 23.49 -3.45 5.70
C ILE P 227 24.20 -2.78 6.86
N LYS P 228 24.27 -3.49 7.98
CA LYS P 228 24.95 -3.01 9.18
C LYS P 228 25.91 -4.07 9.67
N ASN P 229 26.98 -3.63 10.32
CA ASN P 229 27.99 -4.53 10.87
C ASN P 229 27.56 -4.96 12.26
N PRO P 230 27.38 -6.26 12.52
CA PRO P 230 26.95 -6.69 13.86
C PRO P 230 28.03 -6.64 14.92
N TRP P 231 29.29 -6.45 14.53
CA TRP P 231 30.41 -6.54 15.47
C TRP P 231 31.10 -5.20 15.67
N LYS P 232 30.39 -4.10 15.46
CA LYS P 232 31.16 -2.91 15.80
C LYS P 232 30.99 -2.58 17.28
N PRO P 233 32.08 -2.26 17.98
CA PRO P 233 31.99 -1.97 19.42
C PRO P 233 31.23 -0.67 19.66
N VAL P 234 30.09 -0.78 20.34
CA VAL P 234 29.25 0.38 20.59
C VAL P 234 28.82 0.45 22.05
N VAL P 235 29.01 -0.63 22.80
CA VAL P 235 28.53 -0.73 24.17
C VAL P 235 29.70 -0.48 25.11
N PRO P 236 29.64 0.52 25.98
CA PRO P 236 30.78 0.82 26.85
C PRO P 236 30.79 -0.08 28.09
N THR P 237 31.93 -0.75 28.31
CA THR P 237 32.09 -1.64 29.45
C THR P 237 33.39 -1.35 30.18
N ALA P 238 33.77 -2.21 31.12
CA ALA P 238 34.96 -1.97 31.91
C ALA P 238 36.24 -2.39 31.21
N GLU P 239 36.17 -3.00 30.04
CA GLU P 239 37.39 -3.28 29.27
C GLU P 239 37.29 -2.66 27.90
N GLY P 240 36.77 -1.44 27.82
CA GLY P 240 36.63 -0.77 26.54
C GLY P 240 35.20 -0.81 26.05
N LYS P 241 35.03 -1.18 24.78
CA LYS P 241 33.72 -1.25 24.17
C LYS P 241 33.57 -2.59 23.45
N LYS P 242 32.41 -3.20 23.61
CA LYS P 242 32.13 -4.52 23.06
C LYS P 242 31.00 -4.44 22.05
N ALA P 243 30.78 -5.55 21.37
CA ALA P 243 29.63 -5.69 20.49
C ALA P 243 28.37 -5.96 21.31
N VAL P 244 27.22 -5.64 20.71
CA VAL P 244 25.96 -5.75 21.42
C VAL P 244 25.69 -7.19 21.82
N LEU P 245 26.09 -8.14 20.98
CA LEU P 245 25.70 -9.53 21.17
C LEU P 245 26.50 -10.23 22.26
N TRP P 246 27.37 -9.51 22.96
CA TRP P 246 28.13 -10.10 24.05
C TRP P 246 27.95 -9.38 25.37
N THR P 247 27.32 -8.21 25.39
CA THR P 247 26.96 -7.54 26.62
C THR P 247 25.54 -7.92 27.00
N SER P 248 25.22 -7.76 28.28
CA SER P 248 23.98 -8.30 28.82
C SER P 248 23.17 -7.36 29.67
N GLY P 249 23.74 -6.26 30.15
CA GLY P 249 23.12 -5.48 31.19
C GLY P 249 23.53 -5.88 32.58
N TRP P 250 23.95 -7.13 32.76
CA TRP P 250 24.66 -7.56 33.95
C TRP P 250 26.16 -7.28 33.84
N THR P 251 26.60 -6.64 32.78
CA THR P 251 28.02 -6.39 32.56
C THR P 251 28.45 -5.15 33.34
N PRO P 252 29.51 -5.23 34.14
CA PRO P 252 29.97 -4.06 34.90
C PRO P 252 30.49 -2.97 33.98
N ARG P 253 30.36 -1.73 34.44
CA ARG P 253 30.72 -0.58 33.63
C ARG P 253 31.96 0.16 34.10
N TYR P 254 32.24 0.21 35.39
CA TYR P 254 33.42 0.94 35.86
C TYR P 254 34.18 0.14 36.91
N GLN P 255 34.35 -1.16 36.67
CA GLN P 255 35.30 -1.98 37.43
C GLN P 255 35.01 -1.95 38.93
N GLY P 256 33.90 -2.58 39.31
CA GLY P 256 33.60 -2.73 40.71
C GLY P 256 32.30 -2.08 41.15
N GLU P 257 31.39 -1.87 40.22
CA GLU P 257 30.11 -1.30 40.56
C GLU P 257 29.18 -2.37 41.12
N THR P 258 28.26 -1.94 41.99
CA THR P 258 27.33 -2.85 42.63
C THR P 258 26.05 -2.93 41.82
N ILE P 259 25.64 -4.15 41.47
CA ILE P 259 24.43 -4.40 40.70
C ILE P 259 23.53 -5.29 41.55
N TYR P 260 22.43 -4.74 42.03
CA TYR P 260 21.54 -5.48 42.91
C TYR P 260 20.63 -6.41 42.10
N LEU P 261 20.01 -7.34 42.80
CA LEU P 261 19.00 -8.23 42.21
C LEU P 261 17.64 -7.68 42.61
N ALA P 262 17.14 -6.73 41.84
CA ALA P 262 15.86 -6.11 42.12
C ALA P 262 14.73 -6.96 41.58
N ARG P 263 13.57 -6.85 42.21
CA ARG P 263 12.38 -7.57 41.78
C ARG P 263 11.28 -6.60 41.41
N ALA P 264 10.39 -7.04 40.53
CA ALA P 264 9.31 -6.20 40.03
C ALA P 264 8.12 -6.26 40.97
N THR P 265 7.48 -5.10 41.15
CA THR P 265 6.34 -4.99 42.06
C THR P 265 5.01 -4.79 41.34
N GLY P 266 5.02 -4.37 40.07
CA GLY P 266 3.81 -4.22 39.29
C GLY P 266 3.05 -2.93 39.50
N THR P 267 3.60 -2.00 40.29
CA THR P 267 2.97 -0.74 40.61
C THR P 267 3.92 0.39 40.24
N GLU P 268 3.34 1.59 40.07
CA GLU P 268 4.14 2.73 39.60
C GLU P 268 3.94 3.98 40.46
N ASP P 269 3.82 3.84 41.78
CA ASP P 269 3.88 5.02 42.64
C ASP P 269 5.31 5.54 42.76
N GLY P 270 6.18 4.76 43.41
CA GLY P 270 7.60 4.99 43.27
C GLY P 270 8.45 3.81 42.83
N PRO P 271 8.23 2.63 43.41
CA PRO P 271 9.05 1.47 43.05
C PRO P 271 8.45 0.65 41.93
N PRO P 272 9.13 0.51 40.80
CA PRO P 272 8.90 -0.66 39.96
C PRO P 272 9.94 -1.73 40.21
N PHE P 273 10.98 -1.39 40.97
CA PHE P 273 12.06 -2.32 41.30
C PHE P 273 12.53 -2.03 42.71
N ILE P 274 12.66 -3.09 43.51
CA ILE P 274 13.11 -2.97 44.89
C ILE P 274 14.15 -4.04 45.18
N LYS P 275 15.07 -3.72 46.09
CA LYS P 275 16.11 -4.67 46.45
C LYS P 275 15.52 -5.88 47.16
N MET P 276 16.37 -6.88 47.42
CA MET P 276 15.94 -8.12 48.01
C MET P 276 16.92 -8.56 49.08
N ARG P 277 16.41 -9.30 50.06
CA ARG P 277 17.22 -9.91 51.09
C ARG P 277 17.11 -11.43 51.00
N PRO P 278 18.11 -12.17 51.46
CA PRO P 278 18.07 -13.63 51.33
C PRO P 278 16.92 -14.29 52.08
N GLU P 279 16.35 -13.62 53.08
CA GLU P 279 15.27 -14.22 53.86
C GLU P 279 13.91 -14.02 53.25
N ASP P 280 13.81 -13.38 52.08
CA ASP P 280 12.52 -13.12 51.45
C ASP P 280 12.13 -14.23 50.48
N MET P 281 12.27 -15.48 50.93
CA MET P 281 12.07 -16.64 50.07
C MET P 281 12.17 -17.90 50.91
N ASP P 282 11.31 -18.87 50.63
CA ASP P 282 11.37 -20.16 51.30
C ASP P 282 11.98 -21.21 50.39
N ALA P 283 12.15 -22.41 50.94
CA ALA P 283 12.96 -23.45 50.32
C ALA P 283 12.33 -24.01 49.05
N GLY P 284 11.14 -23.57 48.69
CA GLY P 284 10.52 -24.05 47.48
C GLY P 284 10.03 -22.95 46.58
N GLY P 285 10.72 -21.82 46.57
CA GLY P 285 10.27 -20.67 45.82
C GLY P 285 11.14 -20.30 44.66
N MET P 286 10.58 -19.55 43.71
CA MET P 286 11.31 -19.04 42.56
C MET P 286 10.93 -17.58 42.36
N GLU P 287 11.85 -16.81 41.82
CA GLU P 287 11.58 -15.39 41.59
C GLU P 287 12.42 -14.89 40.44
N THR P 288 11.83 -13.98 39.66
CA THR P 288 12.53 -13.30 38.58
C THR P 288 13.14 -12.02 39.13
N VAL P 289 14.37 -11.72 38.70
CA VAL P 289 15.10 -10.55 39.18
C VAL P 289 15.73 -9.83 37.99
N PHE P 290 16.08 -8.58 38.21
CA PHE P 290 16.65 -7.71 37.19
C PHE P 290 17.83 -6.95 37.75
N PRO P 291 18.74 -6.46 36.91
CA PRO P 291 19.86 -5.64 37.41
C PRO P 291 19.37 -4.25 37.80
N TRP P 292 19.82 -3.77 38.97
CA TRP P 292 19.26 -2.56 39.55
C TRP P 292 20.12 -1.33 39.31
N ARG P 293 21.38 -1.33 39.77
CA ARG P 293 22.25 -0.17 39.58
C ARG P 293 21.66 1.10 40.19
N GLU P 294 21.72 1.21 41.52
CA GLU P 294 21.06 2.25 42.30
C GLU P 294 21.15 3.65 41.71
N SER P 295 22.16 3.91 40.87
CA SER P 295 22.22 5.17 40.14
C SER P 295 21.06 5.35 39.16
N ASP P 296 20.15 4.38 39.05
CA ASP P 296 18.99 4.52 38.20
C ASP P 296 17.81 5.15 38.93
N GLY P 297 17.70 4.91 40.24
CA GLY P 297 16.64 5.51 41.03
C GLY P 297 15.26 5.03 40.68
N ASP P 298 14.26 5.47 41.44
CA ASP P 298 12.88 5.10 41.20
C ASP P 298 12.34 5.86 40.00
N GLY P 299 11.12 5.52 39.59
CA GLY P 299 10.58 6.05 38.35
C GLY P 299 9.80 7.34 38.48
N THR P 300 10.43 8.37 39.03
CA THR P 300 9.75 9.66 39.22
C THR P 300 9.98 10.60 38.05
N THR P 301 11.23 11.00 37.82
CA THR P 301 11.55 11.87 36.72
C THR P 301 11.43 11.11 35.40
N VAL P 302 11.54 11.86 34.30
CA VAL P 302 11.51 11.23 32.99
C VAL P 302 12.81 10.51 32.70
N GLU P 303 13.93 11.01 33.22
CA GLU P 303 15.21 10.35 32.96
C GLU P 303 15.27 8.98 33.60
N SER P 304 14.91 8.89 34.89
CA SER P 304 14.89 7.61 35.56
C SER P 304 13.81 6.70 35.00
N HIS P 305 12.70 7.27 34.55
CA HIS P 305 11.65 6.45 33.95
C HIS P 305 12.13 5.82 32.65
N HIS P 306 12.88 6.56 31.84
CA HIS P 306 13.46 5.97 30.63
C HIS P 306 14.46 4.87 30.98
N LYS P 307 15.35 5.14 31.95
CA LYS P 307 16.31 4.12 32.35
C LYS P 307 15.61 2.84 32.79
N LEU P 308 14.55 2.97 33.58
CA LEU P 308 13.87 1.79 34.09
C LEU P 308 13.10 1.07 32.98
N GLN P 309 12.46 1.80 32.08
CA GLN P 309 11.74 1.14 31.00
C GLN P 309 12.70 0.47 30.04
N GLU P 310 13.95 0.90 30.00
CA GLU P 310 14.91 0.18 29.17
C GLU P 310 15.49 -1.02 29.91
N ILE P 311 15.56 -0.96 31.23
CA ILE P 311 15.95 -2.15 32.00
C ILE P 311 14.89 -3.24 31.84
N ALA P 312 13.62 -2.86 31.87
CA ALA P 312 12.54 -3.85 31.86
C ALA P 312 12.46 -4.57 30.52
N MET P 313 12.92 -3.95 29.45
CA MET P 313 12.86 -4.54 28.11
C MET P 313 14.29 -4.75 27.61
N GLY P 314 14.87 -5.87 28.00
CA GLY P 314 16.16 -6.30 27.51
C GLY P 314 16.14 -7.81 27.42
N ILE P 315 16.47 -8.37 26.25
CA ILE P 315 16.20 -9.79 26.02
C ILE P 315 17.18 -10.71 26.73
N ARG P 316 18.18 -10.17 27.43
CA ARG P 316 19.10 -11.00 28.19
C ARG P 316 19.15 -10.62 29.67
N ASN P 317 18.24 -9.79 30.13
CA ASN P 317 18.23 -9.31 31.51
C ASN P 317 17.62 -10.30 32.52
N PRO P 318 16.47 -10.91 32.26
CA PRO P 318 15.80 -11.67 33.33
C PRO P 318 16.66 -12.83 33.85
N VAL P 319 16.46 -13.14 35.12
CA VAL P 319 17.20 -14.18 35.82
C VAL P 319 16.25 -14.86 36.81
N MET P 320 16.34 -16.19 36.90
CA MET P 320 15.57 -16.94 37.89
C MET P 320 16.40 -17.13 39.15
N LEU P 321 15.80 -16.82 40.29
CA LEU P 321 16.43 -17.06 41.59
C LEU P 321 15.76 -18.26 42.24
N ILE P 322 16.54 -19.31 42.49
CA ILE P 322 16.05 -20.57 43.04
C ILE P 322 16.57 -20.69 44.46
N ARG P 323 15.74 -21.21 45.35
CA ARG P 323 16.19 -21.61 46.69
C ARG P 323 15.97 -23.11 46.84
N ILE P 324 17.05 -23.84 47.02
CA ILE P 324 17.01 -25.29 47.10
C ILE P 324 16.80 -25.69 48.55
N LYS P 325 15.97 -26.71 48.76
CA LYS P 325 15.68 -27.16 50.11
C LYS P 325 16.97 -27.65 50.77
N PRO P 326 17.14 -27.39 52.08
CA PRO P 326 18.34 -27.88 52.76
C PRO P 326 18.43 -29.38 52.80
N SER P 327 17.31 -30.07 52.61
CA SER P 327 17.33 -31.53 52.66
C SER P 327 18.22 -32.10 51.57
N ASP P 328 18.13 -31.58 50.35
CA ASP P 328 18.88 -32.26 49.31
C ASP P 328 20.34 -31.83 49.33
N LEU P 329 20.65 -30.63 48.80
CA LEU P 329 21.96 -29.98 48.92
C LEU P 329 23.14 -30.95 48.86
N GLY P 330 22.93 -32.13 48.29
CA GLY P 330 23.96 -33.14 48.25
C GLY P 330 23.93 -33.82 46.91
N ARG P 331 22.94 -33.44 46.11
CA ARG P 331 22.78 -33.93 44.76
C ARG P 331 23.20 -32.91 43.72
N VAL P 332 23.83 -31.82 44.15
CA VAL P 332 24.32 -30.79 43.24
C VAL P 332 25.63 -31.24 42.64
N VAL P 333 25.91 -30.81 41.41
CA VAL P 333 27.06 -31.33 40.67
C VAL P 333 28.07 -30.23 40.34
N LYS P 334 27.62 -28.98 40.26
CA LYS P 334 28.57 -27.86 40.29
C LYS P 334 29.56 -27.85 39.13
N ARG P 335 29.12 -27.42 37.95
CA ARG P 335 29.88 -27.38 36.71
C ARG P 335 31.32 -26.89 36.90
N LYS P 336 32.20 -27.33 35.99
CA LYS P 336 33.64 -27.36 36.25
C LYS P 336 34.22 -25.98 36.57
N GLY P 337 33.66 -24.92 36.00
CA GLY P 337 34.22 -23.60 36.21
C GLY P 337 33.46 -22.71 37.16
N GLN P 338 32.38 -23.19 37.78
CA GLN P 338 31.47 -22.38 38.55
C GLN P 338 31.16 -23.02 39.90
N GLU P 339 32.20 -23.46 40.61
CA GLU P 339 31.98 -24.16 41.86
C GLU P 339 31.52 -23.22 42.97
N SER P 340 31.82 -21.93 42.87
CA SER P 340 31.52 -20.97 43.92
C SER P 340 30.56 -19.88 43.45
N PHE P 341 29.69 -20.21 42.49
CA PHE P 341 28.75 -19.24 41.97
C PHE P 341 27.46 -19.15 42.77
N ASN P 342 27.27 -20.03 43.75
CA ASN P 342 26.06 -20.06 44.55
C ASN P 342 26.36 -19.54 45.95
N PHE P 343 25.36 -18.95 46.57
CA PHE P 343 25.46 -18.42 47.92
C PHE P 343 24.54 -19.24 48.81
N GLY P 344 25.08 -20.30 49.39
CA GLY P 344 24.26 -21.16 50.22
C GLY P 344 23.30 -22.00 49.41
N GLU P 345 22.02 -21.66 49.45
CA GLU P 345 20.98 -22.40 48.73
C GLU P 345 20.38 -21.59 47.59
N PHE P 346 21.07 -20.57 47.11
CA PHE P 346 20.60 -19.75 45.99
C PHE P 346 21.47 -20.01 44.77
N PHE P 347 20.86 -20.08 43.60
CA PHE P 347 21.68 -20.48 42.47
C PHE P 347 21.66 -19.51 41.30
N ALA P 348 20.51 -18.91 40.99
CA ALA P 348 20.42 -17.79 40.04
C ALA P 348 20.94 -18.17 38.65
N PHE P 349 20.19 -19.04 37.99
CA PHE P 349 20.43 -19.30 36.57
C PHE P 349 19.75 -18.23 35.71
N THR P 350 20.11 -18.20 34.44
CA THR P 350 19.47 -17.28 33.52
C THR P 350 18.07 -17.79 33.15
N LYS P 351 17.30 -16.91 32.51
CA LYS P 351 15.90 -17.20 32.18
C LYS P 351 15.65 -17.21 30.68
N VAL P 352 16.69 -17.13 29.87
CA VAL P 352 16.57 -17.14 28.42
C VAL P 352 17.00 -18.52 27.93
N CYS P 353 16.06 -19.27 27.36
CA CYS P 353 16.34 -20.62 26.95
C CYS P 353 17.44 -20.65 25.90
N SER P 354 18.34 -21.62 26.02
CA SER P 354 19.53 -21.71 25.20
C SER P 354 19.27 -22.36 23.84
N HIS P 355 18.03 -22.46 23.38
CA HIS P 355 17.65 -23.02 22.08
C HIS P 355 17.19 -21.94 21.13
N LEU P 356 16.14 -21.22 21.47
CA LEU P 356 15.73 -20.10 20.62
C LEU P 356 15.35 -18.83 21.37
N GLY P 357 15.41 -18.83 22.70
CA GLY P 357 15.30 -17.58 23.44
C GLY P 357 13.97 -17.27 24.08
N CYS P 358 13.09 -18.25 24.27
CA CYS P 358 11.90 -18.00 25.05
C CYS P 358 12.23 -18.02 26.53
N PRO P 359 11.40 -17.39 27.37
CA PRO P 359 11.63 -17.45 28.83
C PRO P 359 11.32 -18.84 29.36
N SER P 360 12.35 -19.48 29.94
CA SER P 360 12.19 -20.79 30.58
C SER P 360 11.80 -20.56 32.03
N SER P 361 10.50 -20.36 32.24
CA SER P 361 10.01 -19.93 33.53
C SER P 361 9.26 -21.02 34.30
N LEU P 362 8.90 -22.12 33.66
CA LEU P 362 8.17 -23.18 34.35
C LEU P 362 9.14 -23.96 35.23
N TYR P 363 9.03 -23.80 36.54
CA TYR P 363 9.94 -24.42 37.49
C TYR P 363 9.15 -25.34 38.40
N GLU P 364 9.45 -26.64 38.35
CA GLU P 364 8.80 -27.63 39.17
C GLU P 364 9.60 -27.83 40.44
N GLN P 365 8.97 -27.61 41.60
CA GLN P 365 9.76 -27.36 42.81
C GLN P 365 10.38 -28.63 43.38
N GLN P 366 9.79 -29.80 43.16
CA GLN P 366 10.32 -31.00 43.78
C GLN P 366 10.77 -32.07 42.79
N SER P 367 10.75 -31.76 41.50
CA SER P 367 11.59 -32.49 40.55
C SER P 367 12.84 -31.69 40.19
N TYR P 368 12.86 -30.39 40.49
CA TYR P 368 13.99 -29.51 40.18
C TYR P 368 14.24 -29.47 38.67
N ARG P 369 13.16 -29.33 37.91
CA ARG P 369 13.22 -29.26 36.47
C ARG P 369 12.68 -27.92 36.00
N ILE P 370 13.35 -27.32 35.02
CA ILE P 370 12.91 -26.10 34.39
C ILE P 370 12.40 -26.45 33.01
N LEU P 371 11.21 -25.96 32.66
CA LEU P 371 10.54 -26.31 31.43
C LEU P 371 10.34 -25.07 30.57
N CYS P 372 10.82 -25.12 29.33
CA CYS P 372 10.60 -24.05 28.37
C CYS P 372 9.25 -24.28 27.69
N PRO P 373 8.29 -23.37 27.79
CA PRO P 373 6.97 -23.65 27.24
C PRO P 373 6.84 -23.52 25.73
N CYS P 374 7.86 -23.01 25.05
CA CYS P 374 7.73 -22.77 23.62
C CYS P 374 7.84 -24.08 22.83
N HIS P 375 8.87 -24.87 23.08
CA HIS P 375 8.99 -26.18 22.45
C HIS P 375 9.25 -27.32 23.45
N GLN P 376 9.10 -27.07 24.75
CA GLN P 376 9.21 -28.10 25.79
C GLN P 376 10.59 -28.72 25.92
N SER P 377 11.59 -27.91 26.26
CA SER P 377 12.86 -28.42 26.74
C SER P 377 12.80 -28.56 28.26
N GLN P 378 13.74 -29.34 28.80
CA GLN P 378 13.78 -29.56 30.24
C GLN P 378 15.23 -29.53 30.70
N PHE P 379 15.51 -28.67 31.67
CA PHE P 379 16.84 -28.53 32.24
C PHE P 379 16.82 -28.98 33.69
N ASP P 380 17.94 -29.51 34.15
CA ASP P 380 18.05 -30.12 35.47
C ASP P 380 18.68 -29.12 36.43
N ALA P 381 17.85 -28.50 37.26
CA ALA P 381 18.31 -27.43 38.14
C ALA P 381 19.34 -27.90 39.15
N LEU P 382 19.44 -29.20 39.40
CA LEU P 382 20.42 -29.73 40.33
C LEU P 382 21.72 -30.13 39.64
N HIS P 383 21.76 -30.15 38.31
CA HIS P 383 22.95 -30.56 37.56
C HIS P 383 23.28 -29.42 36.59
N PHE P 384 23.82 -28.33 37.16
CA PHE P 384 24.17 -27.08 36.48
C PHE P 384 23.27 -26.74 35.29
N ALA P 385 21.96 -26.95 35.44
CA ALA P 385 20.98 -26.67 34.40
C ALA P 385 21.33 -27.37 33.08
N LYS P 386 21.59 -28.66 33.17
CA LYS P 386 21.89 -29.47 32.00
C LYS P 386 20.59 -29.89 31.32
N PRO P 387 20.49 -29.79 30.00
CA PRO P 387 19.24 -30.18 29.33
C PRO P 387 19.08 -31.69 29.31
N ILE P 388 17.85 -32.15 29.59
CA ILE P 388 17.58 -33.57 29.71
C ILE P 388 16.36 -33.97 28.89
N PHE P 389 15.96 -33.12 27.95
CA PHE P 389 14.89 -33.47 27.02
C PHE P 389 14.79 -32.40 25.95
N GLY P 390 14.55 -32.86 24.72
CA GLY P 390 14.20 -31.98 23.62
C GLY P 390 15.39 -31.45 22.82
N PRO P 391 15.07 -30.72 21.74
CA PRO P 391 16.09 -30.03 20.95
C PRO P 391 17.07 -29.12 21.67
N ALA P 392 16.91 -28.89 22.97
CA ALA P 392 17.91 -28.08 23.67
C ALA P 392 19.17 -28.89 23.86
N ALA P 393 20.32 -28.26 23.61
CA ALA P 393 21.58 -28.97 23.64
C ALA P 393 22.64 -28.34 24.51
N ARG P 394 22.47 -27.10 24.96
CA ARG P 394 23.45 -26.43 25.80
C ARG P 394 22.81 -26.01 27.12
N ALA P 395 23.62 -26.01 28.17
CA ALA P 395 23.13 -25.71 29.50
C ALA P 395 22.83 -24.22 29.66
N LEU P 396 21.99 -23.90 30.64
CA LEU P 396 21.71 -22.51 30.95
C LEU P 396 22.89 -21.88 31.67
N ALA P 397 23.09 -20.58 31.43
CA ALA P 397 24.20 -19.87 32.04
C ALA P 397 23.87 -19.52 33.48
N GLN P 398 24.89 -19.57 34.34
CA GLN P 398 24.74 -19.30 35.76
C GLN P 398 25.38 -17.97 36.11
N LEU P 399 24.76 -17.24 37.04
CA LEU P 399 25.23 -15.94 37.47
C LEU P 399 25.77 -16.02 38.88
N PRO P 400 26.93 -15.43 39.17
CA PRO P 400 27.47 -15.46 40.53
C PRO P 400 26.81 -14.42 41.42
N ILE P 401 26.48 -14.82 42.64
CA ILE P 401 25.77 -13.94 43.57
C ILE P 401 26.47 -13.97 44.93
N THR P 402 26.17 -12.96 45.73
CA THR P 402 26.64 -12.83 47.11
C THR P 402 25.75 -11.80 47.80
N ILE P 403 26.16 -11.37 48.99
CA ILE P 403 25.48 -10.29 49.68
C ILE P 403 26.48 -9.18 49.97
N ASP P 404 25.96 -7.98 50.15
CA ASP P 404 26.78 -6.82 50.46
C ASP P 404 26.76 -6.55 51.95
N THR P 405 27.45 -5.48 52.36
CA THR P 405 27.66 -5.18 53.77
C THR P 405 26.37 -4.81 54.50
N ASP P 406 25.24 -4.75 53.80
CA ASP P 406 23.98 -4.38 54.43
C ASP P 406 22.98 -5.54 54.45
N GLY P 407 23.23 -6.60 53.69
CA GLY P 407 22.34 -7.74 53.68
C GLY P 407 21.48 -7.88 52.44
N TYR P 408 21.81 -7.20 51.36
CA TYR P 408 21.06 -7.30 50.12
C TYR P 408 21.80 -8.20 49.13
N LEU P 409 21.05 -8.85 48.26
CA LEU P 409 21.63 -9.72 47.26
C LEU P 409 22.19 -8.89 46.11
N VAL P 410 23.46 -9.11 45.78
CA VAL P 410 24.11 -8.44 44.67
C VAL P 410 24.78 -9.47 43.78
N ALA P 411 25.15 -9.03 42.58
CA ALA P 411 25.86 -9.88 41.65
C ALA P 411 27.36 -9.81 41.94
N ASN P 412 28.02 -10.95 41.86
CA ASN P 412 29.43 -11.09 42.18
C ASN P 412 30.28 -11.17 40.92
N GLY P 413 29.86 -10.47 39.88
CA GLY P 413 30.57 -10.49 38.62
C GLY P 413 29.65 -10.52 37.41
N ASP P 414 29.99 -11.34 36.43
CA ASP P 414 29.23 -11.44 35.20
C ASP P 414 29.12 -12.89 34.77
N PHE P 415 28.24 -13.16 33.81
CA PHE P 415 28.19 -14.47 33.20
C PHE P 415 29.55 -14.82 32.60
N VAL P 416 29.89 -16.10 32.63
CA VAL P 416 31.14 -16.57 32.05
C VAL P 416 31.05 -16.79 30.55
N GLU P 417 29.88 -16.65 29.96
CA GLU P 417 29.66 -16.98 28.56
C GLU P 417 28.45 -16.20 28.06
N PRO P 418 28.28 -16.09 26.75
CA PRO P 418 27.10 -15.40 26.22
C PRO P 418 25.81 -16.11 26.60
N VAL P 419 24.73 -15.33 26.64
CA VAL P 419 23.42 -15.81 27.04
C VAL P 419 22.51 -15.85 25.82
N GLY P 420 21.65 -16.86 25.76
CA GLY P 420 20.65 -16.95 24.72
C GLY P 420 21.02 -17.93 23.63
N PRO P 421 20.37 -17.80 22.47
CA PRO P 421 20.64 -18.73 21.36
C PRO P 421 22.07 -18.60 20.86
N ALA P 422 22.49 -19.61 20.10
CA ALA P 422 23.83 -19.66 19.56
C ALA P 422 23.86 -19.10 18.14
N PHE P 423 25.07 -18.83 17.66
CA PHE P 423 25.28 -18.32 16.33
C PHE P 423 26.61 -18.85 15.82
N TRP P 424 27.04 -18.33 14.67
CA TRP P 424 28.23 -18.87 14.01
C TRP P 424 29.48 -18.66 14.84
N GLU P 425 29.58 -17.53 15.53
CA GLU P 425 30.82 -17.18 16.21
C GLU P 425 31.06 -18.08 17.42
N ARG P 426 30.10 -18.13 18.35
CA ARG P 426 30.22 -18.93 19.55
C ARG P 426 28.88 -18.86 20.28
N THR P 427 28.76 -19.63 21.35
CA THR P 427 27.55 -19.69 22.16
C THR P 427 27.00 -18.32 22.54
N SER Q 58 -14.61 -23.67 72.96
CA SER Q 58 -14.12 -25.03 73.17
C SER Q 58 -12.93 -25.34 72.26
N SER Q 59 -11.94 -24.45 72.27
CA SER Q 59 -10.75 -24.66 71.46
C SER Q 59 -9.84 -25.72 72.07
N ALA Q 60 -10.01 -26.02 73.35
CA ALA Q 60 -9.23 -27.09 73.97
C ALA Q 60 -9.86 -28.43 73.67
N LEU Q 61 -10.19 -28.67 72.40
CA LEU Q 61 -10.80 -29.93 72.01
C LEU Q 61 -10.30 -30.26 70.60
N LEU Q 62 -9.20 -30.99 70.53
CA LEU Q 62 -8.70 -31.59 69.30
C LEU Q 62 -8.67 -33.10 69.44
N ARG Q 63 -9.41 -33.62 70.42
CA ARG Q 63 -9.67 -35.06 70.53
C ARG Q 63 -10.43 -35.57 69.30
N THR Q 64 -11.37 -34.78 68.80
CA THR Q 64 -11.78 -34.90 67.40
C THR Q 64 -10.79 -34.11 66.56
N GLY Q 65 -10.51 -34.59 65.35
CA GLY Q 65 -9.21 -34.26 64.83
C GLY Q 65 -8.36 -35.50 64.99
N LYS Q 66 -7.67 -35.63 66.12
CA LYS Q 66 -6.99 -36.88 66.39
C LYS Q 66 -8.01 -37.94 66.77
N GLN Q 67 -9.05 -38.08 65.95
CA GLN Q 67 -9.97 -39.19 65.96
C GLN Q 67 -10.20 -39.62 64.52
N LEU Q 68 -10.14 -38.63 63.61
CA LEU Q 68 -10.29 -38.87 62.19
C LEU Q 68 -8.96 -39.15 61.52
N PHE Q 69 -7.90 -38.47 61.95
CA PHE Q 69 -6.57 -38.74 61.44
C PHE Q 69 -6.18 -40.19 61.71
N ASP Q 70 -6.45 -40.67 62.92
CA ASP Q 70 -6.08 -42.04 63.29
C ASP Q 70 -6.82 -43.09 62.47
N THR Q 71 -7.97 -42.75 61.91
CA THR Q 71 -8.75 -43.71 61.13
C THR Q 71 -8.77 -43.42 59.64
N SER Q 72 -8.04 -42.41 59.17
CA SER Q 72 -7.99 -42.12 57.75
C SER Q 72 -6.62 -41.74 57.21
N CYS Q 73 -5.61 -41.55 58.05
CA CYS Q 73 -4.31 -41.08 57.58
C CYS Q 73 -3.12 -41.90 58.03
N VAL Q 74 -3.17 -42.57 59.18
CA VAL Q 74 -1.98 -43.18 59.76
C VAL Q 74 -1.33 -44.23 58.87
N SER Q 75 -2.06 -44.75 57.89
CA SER Q 75 -1.45 -45.76 57.02
C SER Q 75 -0.43 -45.17 56.06
N CYS Q 76 -0.41 -43.85 55.88
CA CYS Q 76 0.53 -43.23 54.95
C CYS Q 76 1.33 -42.08 55.54
N HIS Q 77 1.02 -41.61 56.75
CA HIS Q 77 1.78 -40.55 57.38
C HIS Q 77 2.33 -40.91 58.75
N GLY Q 78 1.85 -41.98 59.37
CA GLY Q 78 2.32 -42.38 60.67
C GLY Q 78 1.40 -41.93 61.78
N ALA Q 79 1.51 -42.61 62.93
CA ALA Q 79 0.67 -42.26 64.06
C ALA Q 79 1.09 -40.94 64.70
N ASN Q 80 2.36 -40.57 64.58
CA ASN Q 80 2.88 -39.34 65.17
C ASN Q 80 3.14 -38.28 64.11
N LEU Q 81 2.50 -38.39 62.94
CA LEU Q 81 2.73 -37.48 61.82
C LEU Q 81 4.22 -37.45 61.46
N GLN Q 82 4.77 -38.64 61.23
CA GLN Q 82 6.21 -38.80 61.05
C GLN Q 82 6.61 -39.19 59.63
N GLY Q 83 5.67 -39.31 58.70
CA GLY Q 83 6.06 -39.60 57.34
C GLY Q 83 6.55 -41.01 57.10
N VAL Q 84 5.64 -41.98 57.07
CA VAL Q 84 5.95 -43.36 56.69
C VAL Q 84 6.91 -43.35 55.52
N PRO Q 85 8.11 -43.95 55.66
CA PRO Q 85 9.18 -43.73 54.68
C PRO Q 85 8.88 -44.31 53.32
N ASP Q 86 7.71 -44.93 53.17
CA ASP Q 86 7.29 -45.49 51.89
C ASP Q 86 6.48 -44.50 51.07
N HIS Q 87 5.48 -43.85 51.66
CA HIS Q 87 4.50 -43.09 50.88
C HIS Q 87 4.47 -41.61 51.20
N GLY Q 88 4.26 -41.24 52.46
CA GLY Q 88 3.88 -39.88 52.77
C GLY Q 88 4.97 -39.04 53.39
N PRO Q 89 4.84 -37.72 53.23
CA PRO Q 89 5.79 -36.80 53.87
C PRO Q 89 5.53 -36.63 55.36
N SER Q 90 6.30 -35.74 56.00
CA SER Q 90 6.32 -35.68 57.45
C SER Q 90 5.04 -35.06 58.00
N LEU Q 91 4.62 -33.92 57.45
CA LEU Q 91 3.46 -33.17 57.92
C LEU Q 91 3.66 -32.53 59.28
N ILE Q 92 4.89 -32.21 59.66
CA ILE Q 92 5.13 -31.52 60.92
C ILE Q 92 5.25 -30.02 60.72
N GLY Q 93 6.13 -29.58 59.82
CA GLY Q 93 6.27 -28.16 59.59
C GLY Q 93 5.06 -27.52 58.92
N VAL Q 94 4.23 -28.32 58.25
CA VAL Q 94 3.03 -27.79 57.62
C VAL Q 94 2.06 -27.32 58.69
N GLY Q 95 1.08 -26.53 58.26
CA GLY Q 95 0.14 -25.96 59.21
C GLY Q 95 -1.32 -26.22 58.88
N GLU Q 96 -2.17 -25.30 59.32
CA GLU Q 96 -3.60 -25.42 59.03
C GLU Q 96 -3.92 -25.11 57.58
N ALA Q 97 -3.15 -24.23 56.93
CA ALA Q 97 -3.44 -23.86 55.56
C ALA Q 97 -3.22 -25.03 54.62
N ALA Q 98 -2.15 -25.80 54.83
CA ALA Q 98 -1.89 -26.96 53.99
C ALA Q 98 -3.02 -27.98 54.09
N VAL Q 99 -3.42 -28.29 55.32
CA VAL Q 99 -4.51 -29.26 55.52
C VAL Q 99 -5.79 -28.75 54.90
N TYR Q 100 -6.10 -27.46 55.07
CA TYR Q 100 -7.31 -26.91 54.50
C TYR Q 100 -7.31 -27.04 52.98
N PHE Q 101 -6.23 -26.62 52.33
CA PHE Q 101 -6.18 -26.69 50.87
C PHE Q 101 -6.23 -28.13 50.38
N GLN Q 102 -5.56 -29.03 51.08
CA GLN Q 102 -5.45 -30.40 50.58
C GLN Q 102 -6.75 -31.17 50.79
N VAL Q 103 -7.50 -30.87 51.84
CA VAL Q 103 -8.70 -31.64 52.13
C VAL Q 103 -9.93 -31.01 51.49
N SER Q 104 -10.05 -29.67 51.56
CA SER Q 104 -11.25 -29.02 51.04
C SER Q 104 -11.38 -29.20 49.54
N THR Q 105 -10.26 -29.20 48.82
CA THR Q 105 -10.29 -29.47 47.39
C THR Q 105 -10.44 -30.95 47.07
N GLY Q 106 -10.26 -31.84 48.05
CA GLY Q 106 -10.47 -33.25 47.87
C GLY Q 106 -9.25 -34.05 47.48
N ARG Q 107 -8.11 -33.40 47.26
CA ARG Q 107 -6.90 -34.13 46.91
C ARG Q 107 -6.48 -35.10 48.01
N MET Q 108 -6.93 -34.86 49.23
CA MET Q 108 -6.64 -35.71 50.37
C MET Q 108 -7.63 -36.85 50.48
N PRO Q 109 -7.65 -37.58 51.58
CA PRO Q 109 -7.09 -38.94 51.58
C PRO Q 109 -7.07 -39.55 50.20
N ALA Q 110 -5.86 -39.95 49.79
CA ALA Q 110 -5.55 -40.29 48.43
C ALA Q 110 -5.37 -41.78 48.27
N MET Q 111 -5.84 -42.29 47.14
CA MET Q 111 -5.64 -43.66 46.75
C MET Q 111 -4.22 -43.80 46.21
N ARG Q 112 -3.96 -44.82 45.41
CA ARG Q 112 -2.60 -45.30 45.12
C ARG Q 112 -1.50 -44.25 45.18
N GLY Q 113 -1.72 -43.09 44.59
CA GLY Q 113 -0.72 -42.05 44.65
C GLY Q 113 0.31 -42.21 43.56
N GLU Q 114 0.42 -41.21 42.69
CA GLU Q 114 1.31 -41.25 41.54
C GLU Q 114 1.70 -39.82 41.19
N ALA Q 115 2.14 -39.63 39.94
CA ALA Q 115 2.70 -38.36 39.48
C ALA Q 115 1.90 -37.14 39.89
N GLN Q 116 0.57 -37.22 39.83
CA GLN Q 116 -0.29 -36.19 40.43
C GLN Q 116 -1.52 -36.83 41.04
N ALA Q 117 -1.70 -36.61 42.34
CA ALA Q 117 -2.99 -36.81 42.96
C ALA Q 117 -4.00 -35.83 42.37
N PRO Q 118 -5.09 -36.31 41.78
CA PRO Q 118 -6.05 -35.41 41.15
C PRO Q 118 -7.06 -34.85 42.16
N ARG Q 119 -7.77 -33.82 41.72
CA ARG Q 119 -8.84 -33.25 42.52
C ARG Q 119 -10.07 -34.16 42.46
N LYS Q 120 -10.70 -34.37 43.61
CA LYS Q 120 -11.85 -35.27 43.72
C LYS Q 120 -12.91 -34.60 44.58
N ASP Q 121 -13.90 -35.38 44.98
CA ASP Q 121 -14.93 -34.90 45.90
C ASP Q 121 -14.40 -34.95 47.33
N PRO Q 122 -14.65 -33.93 48.14
CA PRO Q 122 -14.16 -33.96 49.52
C PRO Q 122 -14.90 -34.97 50.36
N ILE Q 123 -14.22 -35.49 51.38
CA ILE Q 123 -14.83 -36.42 52.31
C ILE Q 123 -15.30 -35.70 53.58
N PHE Q 124 -14.56 -34.73 54.05
CA PHE Q 124 -14.78 -34.15 55.37
C PHE Q 124 -15.36 -32.75 55.28
N ASP Q 125 -16.48 -32.55 55.98
CA ASP Q 125 -16.93 -31.24 56.41
C ASP Q 125 -17.85 -31.45 57.61
N GLU Q 126 -18.63 -30.43 57.98
CA GLU Q 126 -19.25 -30.31 59.29
C GLU Q 126 -18.13 -30.04 60.29
N ALA Q 127 -17.32 -29.03 59.98
CA ALA Q 127 -16.31 -28.47 60.88
C ALA Q 127 -15.24 -29.47 61.30
N GLN Q 128 -15.05 -30.55 60.55
CA GLN Q 128 -13.97 -31.48 60.85
C GLN Q 128 -12.71 -31.17 60.06
N ILE Q 129 -12.80 -30.39 58.99
CA ILE Q 129 -11.59 -29.84 58.39
C ILE Q 129 -10.88 -28.95 59.41
N ASP Q 130 -11.65 -28.16 60.16
CA ASP Q 130 -11.09 -27.46 61.31
C ASP Q 130 -10.46 -28.41 62.32
N ALA Q 131 -11.11 -29.55 62.59
CA ALA Q 131 -10.56 -30.47 63.57
C ALA Q 131 -9.19 -30.98 63.15
N ILE Q 132 -9.07 -31.48 61.92
CA ILE Q 132 -7.78 -31.98 61.46
C ILE Q 132 -6.78 -30.85 61.35
N GLY Q 133 -7.23 -29.66 60.94
CA GLY Q 133 -6.30 -28.54 60.82
C GLY Q 133 -5.73 -28.12 62.15
N ALA Q 134 -6.58 -28.02 63.18
CA ALA Q 134 -6.09 -27.68 64.50
C ALA Q 134 -5.18 -28.77 65.06
N TYR Q 135 -5.55 -30.03 64.83
CA TYR Q 135 -4.70 -31.12 65.32
C TYR Q 135 -3.32 -31.09 64.68
N VAL Q 136 -3.25 -30.75 63.40
CA VAL Q 136 -1.95 -30.69 62.73
C VAL Q 136 -1.19 -29.44 63.11
N GLN Q 137 -1.89 -28.32 63.30
CA GLN Q 137 -1.23 -27.09 63.74
C GLN Q 137 -0.66 -27.25 65.14
N ALA Q 138 -1.27 -28.08 65.98
CA ALA Q 138 -0.75 -28.31 67.32
C ALA Q 138 0.56 -29.08 67.34
N ASN Q 139 1.10 -29.48 66.18
CA ASN Q 139 2.33 -30.25 66.11
C ASN Q 139 3.34 -29.56 65.20
N GLY Q 140 3.30 -28.24 65.15
CA GLY Q 140 4.19 -27.49 64.29
C GLY Q 140 3.75 -26.05 64.19
N GLY Q 141 4.42 -25.32 63.32
CA GLY Q 141 4.18 -23.90 63.22
C GLY Q 141 3.94 -23.38 61.82
N GLY Q 142 3.25 -24.15 61.00
CA GLY Q 142 3.00 -23.76 59.64
C GLY Q 142 2.05 -22.60 59.54
N PRO Q 143 1.77 -22.17 58.31
CA PRO Q 143 0.84 -21.07 58.10
C PRO Q 143 -0.58 -21.46 58.49
N THR Q 144 -1.40 -20.44 58.72
CA THR Q 144 -2.78 -20.65 59.14
C THR Q 144 -3.73 -20.02 58.14
N VAL Q 145 -4.98 -20.48 58.19
CA VAL Q 145 -6.01 -20.00 57.27
C VAL Q 145 -6.52 -18.65 57.75
N VAL Q 146 -6.82 -17.76 56.80
CA VAL Q 146 -7.36 -16.45 57.13
C VAL Q 146 -8.77 -16.59 57.67
N ARG Q 147 -9.15 -15.69 58.57
CA ARG Q 147 -10.44 -15.72 59.22
C ARG Q 147 -11.09 -14.34 59.18
N ASN Q 148 -12.42 -14.33 59.17
CA ASN Q 148 -13.15 -13.07 59.23
C ASN Q 148 -13.56 -12.78 60.68
N PRO Q 149 -14.06 -11.57 60.97
CA PRO Q 149 -14.43 -11.25 62.37
C PRO Q 149 -15.45 -12.18 63.01
N ASP Q 150 -16.03 -13.13 62.26
CA ASP Q 150 -16.92 -14.12 62.84
C ASP Q 150 -16.23 -15.43 63.21
N GLY Q 151 -15.04 -15.70 62.68
CA GLY Q 151 -14.37 -16.94 62.99
C GLY Q 151 -14.41 -17.92 61.83
N SER Q 152 -15.24 -17.60 60.84
CA SER Q 152 -15.32 -18.41 59.63
C SER Q 152 -14.19 -18.04 58.68
N ILE Q 153 -14.08 -18.78 57.59
CA ILE Q 153 -13.00 -18.55 56.64
C ILE Q 153 -13.37 -17.43 55.69
N ALA Q 154 -12.59 -16.35 55.52
CA ALA Q 154 -13.00 -15.13 54.68
C ALA Q 154 -13.23 -15.16 53.14
N THR Q 155 -13.54 -14.01 52.51
CA THR Q 155 -13.80 -13.99 51.03
C THR Q 155 -13.60 -12.75 50.12
N GLN Q 156 -14.68 -12.02 49.82
CA GLN Q 156 -14.70 -10.84 48.93
C GLN Q 156 -13.98 -9.56 49.32
N SER Q 157 -13.40 -9.55 50.51
CA SER Q 157 -12.63 -8.45 51.02
C SER Q 157 -11.17 -8.60 50.63
N LEU Q 158 -10.84 -9.74 50.04
CA LEU Q 158 -9.51 -10.07 49.57
C LEU Q 158 -9.43 -9.90 48.08
N ARG Q 159 -10.38 -9.15 47.53
CA ARG Q 159 -10.42 -8.89 46.13
C ARG Q 159 -9.70 -7.59 45.95
N GLY Q 160 -8.44 -7.75 45.59
CA GLY Q 160 -7.52 -6.67 45.35
C GLY Q 160 -8.19 -5.74 44.40
N ASN Q 161 -8.77 -4.73 44.98
CA ASN Q 161 -9.49 -3.70 44.25
C ASN Q 161 -8.74 -3.25 43.00
N ASP Q 162 -7.52 -3.71 42.80
CA ASP Q 162 -6.68 -3.32 41.67
C ASP Q 162 -6.46 -4.55 40.80
N LEU Q 163 -6.99 -4.52 39.58
CA LEU Q 163 -6.85 -5.64 38.68
C LEU Q 163 -5.69 -5.49 37.71
N GLY Q 164 -5.23 -4.28 37.44
CA GLY Q 164 -4.05 -4.11 36.61
C GLY Q 164 -2.82 -4.72 37.23
N ARG Q 165 -2.52 -4.34 38.47
CA ARG Q 165 -1.37 -4.90 39.17
C ARG Q 165 -1.52 -6.40 39.36
N GLY Q 166 -2.72 -6.85 39.70
CA GLY Q 166 -2.95 -8.28 39.86
C GLY Q 166 -2.71 -9.05 38.58
N GLY Q 167 -3.16 -8.50 37.45
CA GLY Q 167 -2.95 -9.19 36.18
C GLY Q 167 -1.51 -9.20 35.75
N ASP Q 168 -0.78 -8.11 36.00
CA ASP Q 168 0.65 -8.09 35.68
C ASP Q 168 1.39 -9.11 36.53
N LEU Q 169 1.04 -9.19 37.82
CA LEU Q 169 1.67 -10.18 38.70
C LEU Q 169 1.32 -11.60 38.27
N PHE Q 170 0.07 -11.82 37.83
CA PHE Q 170 -0.32 -13.14 37.36
C PHE Q 170 0.46 -13.53 36.11
N ARG Q 171 0.59 -12.60 35.16
CA ARG Q 171 1.32 -12.90 33.93
C ARG Q 171 2.80 -13.14 34.21
N LEU Q 172 3.36 -12.47 35.20
CA LEU Q 172 4.79 -12.67 35.49
C LEU Q 172 5.03 -13.96 36.27
N ASN Q 173 4.18 -14.27 37.26
CA ASN Q 173 4.44 -15.37 38.17
C ASN Q 173 3.61 -16.61 37.90
N CYS Q 174 2.38 -16.47 37.42
CA CYS Q 174 1.43 -17.58 37.41
C CYS Q 174 1.10 -18.08 36.02
N ALA Q 175 1.08 -17.20 35.01
CA ALA Q 175 0.60 -17.56 33.69
C ALA Q 175 1.52 -18.51 32.95
N SER Q 176 2.75 -18.71 33.42
CA SER Q 176 3.68 -19.59 32.72
C SER Q 176 3.19 -21.03 32.73
N CYS Q 177 2.63 -21.46 33.86
CA CYS Q 177 2.21 -22.85 33.98
C CYS Q 177 0.73 -23.02 33.67
N HIS Q 178 -0.12 -22.09 34.11
CA HIS Q 178 -1.55 -22.29 33.89
C HIS Q 178 -1.98 -21.82 32.50
N ASN Q 179 -2.02 -20.49 32.29
CA ASN Q 179 -2.47 -19.94 31.01
C ASN Q 179 -2.49 -18.42 31.06
N PHE Q 180 -2.80 -17.79 29.94
CA PHE Q 180 -3.10 -16.36 29.94
C PHE Q 180 -4.25 -16.04 30.89
N THR Q 181 -5.32 -16.82 30.83
CA THR Q 181 -6.53 -16.54 31.58
C THR Q 181 -6.89 -17.66 32.55
N GLY Q 182 -5.92 -18.49 32.92
CA GLY Q 182 -6.14 -19.47 33.97
C GLY Q 182 -6.66 -20.81 33.53
N LYS Q 183 -6.56 -21.14 32.25
CA LYS Q 183 -6.86 -22.49 31.80
C LYS Q 183 -5.69 -23.40 32.19
N GLY Q 184 -5.77 -24.65 31.79
CA GLY Q 184 -4.75 -25.60 32.20
C GLY Q 184 -3.45 -25.48 31.43
N GLY Q 185 -2.45 -26.18 31.91
CA GLY Q 185 -1.18 -26.28 31.21
C GLY Q 185 -0.52 -27.59 31.56
N ALA Q 186 0.25 -28.12 30.61
CA ALA Q 186 0.86 -29.43 30.75
C ALA Q 186 2.31 -29.30 31.20
N LEU Q 187 2.68 -30.07 32.21
CA LEU Q 187 4.06 -30.18 32.67
C LEU Q 187 4.66 -31.48 32.14
N SER Q 188 5.85 -31.81 32.60
CA SER Q 188 6.59 -32.93 32.05
C SER Q 188 6.18 -34.24 32.72
N SER Q 189 6.11 -35.29 31.91
CA SER Q 189 6.05 -36.68 32.38
C SER Q 189 4.83 -36.91 33.28
N GLY Q 190 3.65 -36.81 32.67
CA GLY Q 190 2.46 -36.92 33.49
C GLY Q 190 1.90 -35.57 33.91
N LYS Q 191 2.43 -35.07 35.02
CA LYS Q 191 1.93 -33.90 35.74
C LYS Q 191 1.45 -32.78 34.84
N TYR Q 192 0.41 -32.08 35.28
CA TYR Q 192 -0.15 -30.92 34.59
C TYR Q 192 -0.50 -29.85 35.61
N ALA Q 193 -0.86 -28.66 35.11
CA ALA Q 193 -1.33 -27.57 35.94
C ALA Q 193 -2.82 -27.37 35.72
N PRO Q 194 -3.66 -27.51 36.74
CA PRO Q 194 -5.11 -27.57 36.52
C PRO Q 194 -5.70 -26.22 36.16
N ASP Q 195 -7.02 -26.25 35.95
CA ASP Q 195 -7.80 -25.06 35.66
C ASP Q 195 -8.16 -24.32 36.95
N LEU Q 196 -8.24 -23.00 36.84
CA LEU Q 196 -8.46 -22.13 38.00
C LEU Q 196 -9.90 -21.66 38.13
N ALA Q 197 -10.84 -22.29 37.45
CA ALA Q 197 -12.21 -21.83 37.45
C ALA Q 197 -13.00 -22.18 38.72
N PRO Q 198 -12.96 -23.42 39.21
CA PRO Q 198 -13.84 -23.78 40.33
C PRO Q 198 -13.26 -23.53 41.71
N ALA Q 199 -12.05 -22.99 41.83
CA ALA Q 199 -11.45 -22.74 43.13
C ALA Q 199 -11.94 -21.41 43.68
N ASN Q 200 -12.33 -21.39 44.95
CA ASN Q 200 -12.77 -20.16 45.57
C ASN Q 200 -11.56 -19.37 46.07
N GLU Q 201 -11.81 -18.31 46.83
CA GLU Q 201 -10.77 -17.34 47.14
C GLU Q 201 -9.78 -17.89 48.16
N GLN Q 202 -10.29 -18.44 49.26
CA GLN Q 202 -9.40 -18.99 50.28
C GLN Q 202 -8.56 -20.14 49.72
N GLN Q 203 -9.12 -20.90 48.78
CA GLN Q 203 -8.34 -21.96 48.16
C GLN Q 203 -7.21 -21.40 47.31
N ILE Q 204 -7.44 -20.29 46.62
CA ILE Q 204 -6.37 -19.66 45.84
C ILE Q 204 -5.28 -19.14 46.78
N LEU Q 205 -5.68 -18.46 47.85
CA LEU Q 205 -4.70 -17.94 48.80
C LEU Q 205 -3.87 -19.06 49.40
N THR Q 206 -4.53 -20.10 49.93
CA THR Q 206 -3.78 -21.19 50.55
C THR Q 206 -2.98 -21.98 49.53
N ALA Q 207 -3.41 -22.01 48.27
CA ALA Q 207 -2.64 -22.70 47.24
C ALA Q 207 -1.33 -21.99 46.99
N MET Q 208 -1.37 -20.68 46.75
CA MET Q 208 -0.10 -19.99 46.55
C MET Q 208 0.65 -19.72 47.84
N LEU Q 209 0.06 -20.04 48.99
CA LEU Q 209 0.77 -19.87 50.24
C LEU Q 209 1.48 -21.14 50.68
N THR Q 210 0.91 -22.31 50.41
CA THR Q 210 1.50 -23.56 50.87
C THR Q 210 2.35 -24.26 49.82
N GLY Q 211 2.18 -23.94 48.54
CA GLY Q 211 3.00 -24.52 47.51
C GLY Q 211 2.81 -26.01 47.35
N PRO Q 212 1.64 -26.43 46.83
CA PRO Q 212 1.37 -27.87 46.69
C PRO Q 212 2.32 -28.55 45.72
N GLN Q 213 2.16 -29.85 45.53
CA GLN Q 213 3.09 -30.68 44.77
C GLN Q 213 3.54 -30.01 43.47
N ASN Q 214 4.84 -29.84 43.32
CA ASN Q 214 5.49 -29.30 42.12
C ASN Q 214 5.06 -27.88 41.79
N MET Q 215 4.29 -27.24 42.65
CA MET Q 215 4.00 -25.83 42.47
C MET Q 215 4.89 -25.03 43.42
N PRO Q 216 5.53 -23.97 42.97
CA PRO Q 216 6.42 -23.22 43.87
C PRO Q 216 5.68 -22.63 45.05
N LYS Q 217 6.43 -22.31 46.10
CA LYS Q 217 5.88 -21.79 47.34
C LYS Q 217 6.13 -20.29 47.42
N PHE Q 218 5.05 -19.51 47.47
CA PHE Q 218 5.13 -18.04 47.52
C PHE Q 218 4.87 -17.60 48.95
N SER Q 219 5.94 -17.26 49.68
CA SER Q 219 5.79 -16.80 51.05
C SER Q 219 5.10 -15.45 51.11
N ASN Q 220 4.85 -15.01 52.35
CA ASN Q 220 4.31 -13.68 52.59
C ASN Q 220 5.38 -12.61 52.62
N ARG Q 221 6.63 -12.95 52.36
CA ARG Q 221 7.68 -11.96 52.26
C ARG Q 221 8.03 -11.62 50.81
N GLN Q 222 7.93 -12.58 49.88
CA GLN Q 222 8.14 -12.26 48.48
C GLN Q 222 6.87 -11.92 47.75
N LEU Q 223 5.71 -12.32 48.30
CA LEU Q 223 4.41 -11.95 47.77
C LEU Q 223 3.56 -11.50 48.96
N SER Q 224 3.55 -10.19 49.22
CA SER Q 224 2.85 -9.64 50.37
C SER Q 224 1.35 -9.91 50.26
N PHE Q 225 0.61 -9.47 51.27
CA PHE Q 225 -0.80 -9.87 51.35
C PHE Q 225 -1.66 -9.09 50.34
N GLU Q 226 -1.33 -7.81 50.12
CA GLU Q 226 -1.98 -7.08 49.03
C GLU Q 226 -1.74 -7.75 47.68
N ALA Q 227 -0.52 -8.18 47.41
CA ALA Q 227 -0.23 -8.84 46.14
C ALA Q 227 -1.09 -10.07 45.97
N LYS Q 228 -1.25 -10.86 47.04
CA LYS Q 228 -2.06 -12.06 46.98
C LYS Q 228 -3.53 -11.72 46.77
N LYS Q 229 -4.03 -10.70 47.46
CA LYS Q 229 -5.42 -10.31 47.32
C LYS Q 229 -5.72 -9.83 45.90
N ASP Q 230 -4.79 -9.07 45.31
CA ASP Q 230 -4.96 -8.58 43.96
C ASP Q 230 -4.90 -9.71 42.93
N ILE Q 231 -4.02 -10.69 43.15
CA ILE Q 231 -3.99 -11.85 42.27
C ILE Q 231 -5.29 -12.63 42.37
N ILE Q 232 -5.81 -12.80 43.59
CA ILE Q 232 -7.09 -13.50 43.76
C ILE Q 232 -8.19 -12.77 43.00
N ALA Q 233 -8.24 -11.44 43.13
CA ALA Q 233 -9.26 -10.67 42.44
C ALA Q 233 -9.14 -10.84 40.93
N TYR Q 234 -7.93 -10.78 40.40
CA TYR Q 234 -7.77 -10.96 38.95
C TYR Q 234 -8.22 -12.35 38.50
N VAL Q 235 -7.87 -13.38 39.27
CA VAL Q 235 -8.26 -14.74 38.87
C VAL Q 235 -9.79 -14.87 38.88
N LYS Q 236 -10.43 -14.39 39.94
CA LYS Q 236 -11.88 -14.54 40.04
C LYS Q 236 -12.61 -13.70 38.99
N VAL Q 237 -12.00 -12.59 38.53
CA VAL Q 237 -12.63 -11.80 37.48
C VAL Q 237 -12.39 -12.43 36.11
N ALA Q 238 -11.18 -12.95 35.88
CA ALA Q 238 -10.87 -13.57 34.60
C ALA Q 238 -11.67 -14.85 34.37
N THR Q 239 -12.11 -15.53 35.42
CA THR Q 239 -12.88 -16.76 35.22
C THR Q 239 -14.39 -16.51 35.10
N GLU Q 240 -14.84 -15.28 35.29
CA GLU Q 240 -16.27 -15.00 35.35
C GLU Q 240 -16.69 -13.89 34.38
N ALA Q 241 -15.80 -13.45 33.51
CA ALA Q 241 -16.15 -12.43 32.53
C ALA Q 241 -16.67 -13.06 31.25
N ARG Q 242 -17.55 -12.33 30.57
CA ARG Q 242 -18.07 -12.75 29.28
C ARG Q 242 -16.97 -12.80 28.23
N GLN Q 243 -17.33 -13.33 27.07
CA GLN Q 243 -16.49 -13.24 25.90
C GLN Q 243 -17.16 -12.28 24.93
N PRO Q 244 -16.68 -11.04 24.78
CA PRO Q 244 -17.42 -10.06 24.00
C PRO Q 244 -17.15 -10.15 22.51
N GLY Q 245 -17.03 -11.35 21.98
CA GLY Q 245 -16.78 -11.50 20.56
C GLY Q 245 -17.49 -12.70 19.99
N GLY Q 246 -18.34 -13.33 20.79
CA GLY Q 246 -18.98 -14.57 20.39
C GLY Q 246 -18.55 -15.71 21.27
N TYR Q 247 -18.78 -16.95 20.83
CA TYR Q 247 -18.43 -18.11 21.63
C TYR Q 247 -16.92 -18.33 21.55
N LEU Q 248 -16.24 -18.15 22.68
CA LEU Q 248 -14.84 -18.51 22.76
C LEU Q 248 -14.68 -20.02 22.73
N LEU Q 249 -13.66 -20.48 22.02
CA LEU Q 249 -13.50 -21.88 21.66
C LEU Q 249 -12.69 -22.66 22.68
N GLY Q 250 -12.71 -22.24 23.95
CA GLY Q 250 -12.06 -23.02 24.98
C GLY Q 250 -11.06 -22.26 25.82
N GLY Q 251 -10.60 -21.12 25.33
CA GLY Q 251 -9.61 -20.31 26.02
C GLY Q 251 -8.21 -20.41 25.47
N PHE Q 252 -7.96 -21.35 24.57
CA PHE Q 252 -6.63 -21.55 24.03
C PHE Q 252 -6.45 -20.74 22.75
N GLY Q 253 -5.35 -20.95 22.06
CA GLY Q 253 -4.99 -20.11 20.94
C GLY Q 253 -5.61 -20.56 19.64
N PRO Q 254 -4.76 -20.76 18.63
CA PRO Q 254 -5.24 -21.04 17.27
C PRO Q 254 -5.59 -22.49 16.96
N ALA Q 255 -5.41 -23.43 17.89
CA ALA Q 255 -5.76 -24.81 17.58
C ALA Q 255 -7.28 -25.02 17.51
N PRO Q 256 -8.08 -24.61 18.50
CA PRO Q 256 -9.53 -24.69 18.32
C PRO Q 256 -10.03 -23.85 17.17
N GLU Q 257 -9.37 -22.75 16.87
CA GLU Q 257 -9.78 -21.90 15.75
C GLU Q 257 -9.57 -22.60 14.42
N GLY Q 258 -8.41 -23.23 14.24
CA GLY Q 258 -8.18 -23.99 13.02
C GLY Q 258 -9.13 -25.16 12.89
N MET Q 259 -9.39 -25.85 14.01
CA MET Q 259 -10.34 -26.97 13.96
C MET Q 259 -11.72 -26.49 13.57
N ALA Q 260 -12.19 -25.39 14.17
CA ALA Q 260 -13.52 -24.87 13.86
C ALA Q 260 -13.60 -24.43 12.40
N MET Q 261 -12.54 -23.81 11.89
CA MET Q 261 -12.50 -23.48 10.47
C MET Q 261 -12.71 -24.73 9.63
N TRP Q 262 -11.81 -25.72 9.80
CA TRP Q 262 -11.84 -26.91 8.96
C TRP Q 262 -13.14 -27.68 9.07
N ILE Q 263 -13.82 -27.63 10.22
CA ILE Q 263 -14.97 -28.49 10.45
C ILE Q 263 -16.29 -27.73 10.39
N ILE Q 264 -16.26 -26.42 10.15
CA ILE Q 264 -17.51 -25.69 9.98
C ILE Q 264 -17.49 -24.94 8.65
N GLY Q 265 -16.52 -24.03 8.48
CA GLY Q 265 -16.53 -23.18 7.31
C GLY Q 265 -16.25 -23.96 6.04
N MET Q 266 -15.28 -24.88 6.09
CA MET Q 266 -14.91 -25.61 4.89
C MET Q 266 -15.98 -26.61 4.51
N VAL Q 267 -16.65 -27.21 5.48
CA VAL Q 267 -17.73 -28.14 5.13
C VAL Q 267 -18.93 -27.39 4.59
N ALA Q 268 -19.21 -26.19 5.11
CA ALA Q 268 -20.28 -25.38 4.53
C ALA Q 268 -19.95 -25.00 3.09
N ALA Q 269 -18.71 -24.56 2.85
CA ALA Q 269 -18.31 -24.16 1.50
C ALA Q 269 -18.35 -25.33 0.54
N ILE Q 270 -17.84 -26.49 0.95
CA ILE Q 270 -17.81 -27.64 0.07
C ILE Q 270 -19.20 -28.21 -0.14
N GLY Q 271 -20.06 -28.13 0.87
CA GLY Q 271 -21.43 -28.57 0.68
C GLY Q 271 -22.18 -27.70 -0.31
N LEU Q 272 -21.99 -26.38 -0.22
CA LEU Q 272 -22.60 -25.50 -1.21
C LEU Q 272 -22.00 -25.71 -2.59
N ALA Q 273 -20.72 -26.04 -2.68
CA ALA Q 273 -20.13 -26.35 -3.97
C ALA Q 273 -20.72 -27.63 -4.55
N LEU Q 274 -20.96 -28.63 -3.72
CA LEU Q 274 -21.60 -29.85 -4.19
C LEU Q 274 -23.03 -29.60 -4.61
N TRP Q 275 -23.73 -28.70 -3.93
CA TRP Q 275 -25.12 -28.42 -4.28
C TRP Q 275 -25.22 -27.63 -5.59
N ILE Q 276 -24.43 -26.56 -5.72
CA ILE Q 276 -24.51 -25.70 -6.89
C ILE Q 276 -24.05 -26.45 -8.13
N GLY Q 277 -22.81 -26.93 -8.11
CA GLY Q 277 -22.22 -27.56 -9.28
C GLY Q 277 -22.64 -29.02 -9.41
N ALA Q 278 -22.74 -29.46 -10.65
CA ALA Q 278 -23.09 -30.85 -10.92
C ALA Q 278 -21.88 -31.76 -10.66
N ARG Q 279 -22.16 -33.04 -10.52
CA ARG Q 279 -21.11 -34.03 -10.40
C ARG Q 279 -21.19 -34.99 -11.57
N SER Q 280 -20.02 -35.43 -12.03
CA SER Q 280 -19.95 -36.20 -13.26
C SER Q 280 -18.89 -37.29 -13.17
N LEU R 14 17.32 -19.21 -29.93
CA LEU R 14 16.99 -20.25 -28.96
C LEU R 14 15.82 -21.08 -29.48
N ALA R 15 16.09 -21.87 -30.52
CA ALA R 15 15.07 -22.57 -31.28
C ALA R 15 14.24 -23.52 -30.45
N ARG R 16 14.88 -24.35 -29.62
CA ARG R 16 14.14 -25.31 -28.82
C ARG R 16 13.17 -24.62 -27.87
N GLN R 17 13.64 -23.59 -27.16
CA GLN R 17 12.79 -22.90 -26.19
C GLN R 17 11.66 -22.14 -26.89
N ALA R 18 11.97 -21.48 -28.02
CA ALA R 18 10.95 -20.77 -28.76
C ALA R 18 9.88 -21.71 -29.28
N GLU R 19 10.28 -22.85 -29.86
CA GLU R 19 9.28 -23.78 -30.37
C GLU R 19 8.44 -24.36 -29.25
N ASP R 20 9.05 -24.71 -28.10
CA ASP R 20 8.24 -25.29 -27.04
C ASP R 20 7.26 -24.26 -26.48
N ILE R 21 7.68 -22.99 -26.41
CA ILE R 21 6.71 -21.95 -26.07
C ILE R 21 5.60 -21.89 -27.12
N ASP R 22 5.93 -22.15 -28.39
CA ASP R 22 4.91 -22.02 -29.44
C ASP R 22 3.92 -23.17 -29.43
N THR R 23 4.35 -24.39 -29.11
CA THR R 23 3.37 -25.46 -28.99
C THR R 23 2.59 -25.39 -27.68
N ARG R 24 3.10 -24.69 -26.67
CA ARG R 24 2.31 -24.57 -25.44
C ARG R 24 1.38 -23.37 -25.45
N TYR R 25 1.69 -22.31 -26.19
CA TYR R 25 0.88 -21.11 -26.19
C TYR R 25 0.44 -20.64 -27.56
N HIS R 26 1.19 -20.94 -28.61
CA HIS R 26 0.89 -20.60 -29.99
C HIS R 26 0.42 -19.16 -30.18
N PRO R 27 1.08 -18.15 -29.60
CA PRO R 27 0.61 -16.78 -29.85
C PRO R 27 0.77 -16.43 -31.31
N SER R 28 2.01 -16.23 -31.76
CA SER R 28 2.47 -16.29 -33.14
C SER R 28 1.64 -15.45 -34.11
N ALA R 29 0.53 -14.91 -33.65
CA ALA R 29 -0.39 -14.11 -34.44
C ALA R 29 -0.75 -12.81 -33.73
N ALA R 30 -0.92 -12.85 -32.41
CA ALA R 30 -1.03 -11.62 -31.64
C ALA R 30 0.32 -10.94 -31.52
N LEU R 31 1.39 -11.72 -31.41
CA LEU R 31 2.73 -11.11 -31.42
C LEU R 31 2.99 -10.44 -32.77
N ARG R 32 2.60 -11.10 -33.87
CA ARG R 32 2.74 -10.45 -35.16
C ARG R 32 1.83 -9.25 -35.29
N ARG R 33 0.66 -9.28 -34.65
CA ARG R 33 -0.26 -8.15 -34.74
C ARG R 33 0.23 -6.96 -33.93
N GLN R 34 1.00 -7.20 -32.87
CA GLN R 34 1.55 -6.13 -32.06
C GLN R 34 2.91 -5.66 -32.52
N LEU R 35 3.65 -6.48 -33.26
CA LEU R 35 4.95 -6.07 -33.78
C LEU R 35 4.84 -5.23 -35.04
N ASN R 36 3.67 -5.18 -35.67
CA ASN R 36 3.46 -4.42 -36.89
C ASN R 36 2.65 -3.15 -36.67
N LYS R 37 2.30 -2.83 -35.43
CA LYS R 37 1.51 -1.63 -35.19
C LYS R 37 2.33 -0.39 -35.52
N VAL R 38 1.68 0.58 -36.15
CA VAL R 38 2.34 1.80 -36.63
C VAL R 38 2.02 2.94 -35.69
N PHE R 39 3.04 3.71 -35.34
CA PHE R 39 2.92 4.85 -34.46
C PHE R 39 3.42 6.11 -35.15
N PRO R 40 2.69 7.21 -35.10
CA PRO R 40 3.19 8.45 -35.70
C PRO R 40 4.39 8.99 -34.93
N THR R 41 5.25 9.71 -35.64
CA THR R 41 6.50 10.22 -35.08
C THR R 41 6.49 11.73 -35.13
N HIS R 42 5.93 12.34 -34.09
CA HIS R 42 6.00 13.79 -33.92
C HIS R 42 6.56 14.06 -32.53
N TRP R 43 7.44 15.05 -32.44
CA TRP R 43 8.08 15.34 -31.15
C TRP R 43 7.06 15.64 -30.07
N SER R 44 5.87 16.07 -30.46
CA SER R 44 4.83 16.44 -29.52
C SER R 44 4.13 15.24 -28.91
N PHE R 45 4.41 14.03 -29.37
CA PHE R 45 3.73 12.83 -28.89
C PHE R 45 4.53 12.07 -27.84
N LEU R 46 5.48 12.74 -27.17
CA LEU R 46 6.26 12.14 -26.10
C LEU R 46 5.99 12.78 -24.75
N LEU R 47 5.15 13.82 -24.71
CA LEU R 47 4.85 14.51 -23.47
C LEU R 47 4.05 13.64 -22.51
N GLY R 48 3.44 12.56 -22.98
CA GLY R 48 2.82 11.61 -22.09
C GLY R 48 3.80 10.58 -21.59
N GLU R 49 4.75 10.19 -22.44
CA GLU R 49 5.81 9.29 -22.00
C GLU R 49 6.59 9.91 -20.86
N ILE R 50 6.80 11.22 -20.89
CA ILE R 50 7.51 11.89 -19.80
C ILE R 50 6.81 11.63 -18.47
N ALA R 51 5.48 11.83 -18.44
CA ALA R 51 4.73 11.63 -17.20
C ALA R 51 4.74 10.17 -16.78
N LEU R 52 4.63 9.26 -17.74
CA LEU R 52 4.65 7.83 -17.41
C LEU R 52 5.96 7.44 -16.75
N TYR R 53 7.09 7.91 -17.30
CA TYR R 53 8.39 7.55 -16.73
C TYR R 53 8.59 8.19 -15.37
N SER R 54 8.11 9.43 -15.20
CA SER R 54 8.16 10.05 -13.88
C SER R 54 7.39 9.23 -12.86
N PHE R 55 6.23 8.71 -13.25
CA PHE R 55 5.44 7.89 -12.33
C PHE R 55 6.17 6.61 -11.96
N VAL R 56 6.84 5.99 -12.93
CA VAL R 56 7.60 4.77 -12.63
C VAL R 56 8.70 5.05 -11.61
N VAL R 57 9.43 6.15 -11.82
CA VAL R 57 10.50 6.50 -10.88
C VAL R 57 9.93 6.79 -9.50
N LEU R 58 8.77 7.44 -9.46
CA LEU R 58 8.11 7.69 -8.18
C LEU R 58 7.79 6.40 -7.45
N LEU R 59 7.24 5.43 -8.17
CA LEU R 59 6.93 4.13 -7.57
C LEU R 59 8.18 3.50 -6.95
N ILE R 60 9.27 3.47 -7.72
CA ILE R 60 10.48 2.78 -7.24
C ILE R 60 11.02 3.48 -6.00
N THR R 61 11.20 4.80 -6.07
CA THR R 61 11.78 5.50 -4.92
C THR R 61 10.87 5.47 -3.70
N GLY R 62 9.55 5.48 -3.90
CA GLY R 62 8.66 5.39 -2.75
C GLY R 62 8.70 4.03 -2.09
N VAL R 63 8.80 2.97 -2.89
CA VAL R 63 8.96 1.64 -2.30
C VAL R 63 10.24 1.57 -1.50
N TYR R 64 11.32 2.20 -1.99
CA TYR R 64 12.53 2.26 -1.19
C TYR R 64 12.30 3.03 0.11
N LEU R 65 11.59 4.16 0.04
CA LEU R 65 11.45 5.01 1.21
C LEU R 65 10.59 4.37 2.30
N THR R 66 9.63 3.53 1.93
CA THR R 66 8.74 2.96 2.94
C THR R 66 9.45 2.06 3.95
N LEU R 67 10.70 1.67 3.69
CA LEU R 67 11.41 0.78 4.60
C LEU R 67 12.01 1.50 5.80
N PHE R 68 11.93 2.84 5.85
CA PHE R 68 12.57 3.59 6.91
C PHE R 68 11.66 4.58 7.61
N PHE R 69 10.45 4.79 7.11
CA PHE R 69 9.55 5.82 7.63
C PHE R 69 8.65 5.24 8.71
N ASP R 70 8.45 5.99 9.78
CA ASP R 70 7.56 5.62 10.87
C ASP R 70 6.52 6.71 11.06
N PRO R 71 5.27 6.48 10.67
CA PRO R 71 4.24 7.54 10.70
C PRO R 71 3.45 7.67 12.00
N SER R 72 4.10 8.12 13.06
CA SER R 72 3.43 8.33 14.32
C SER R 72 3.45 9.81 14.67
N MET R 73 2.60 10.20 15.62
CA MET R 73 2.54 11.57 16.10
C MET R 73 2.85 11.67 17.58
N VAL R 74 3.46 10.64 18.14
CA VAL R 74 3.88 10.67 19.54
C VAL R 74 5.15 11.53 19.65
N ASP R 75 5.35 12.09 20.84
CA ASP R 75 6.45 13.00 21.06
C ASP R 75 7.66 12.26 21.63
N VAL R 76 8.84 12.64 21.13
CA VAL R 76 10.10 12.11 21.61
C VAL R 76 11.09 13.27 21.66
N THR R 77 12.24 13.01 22.30
CA THR R 77 13.37 13.91 22.28
C THR R 77 14.38 13.38 21.28
N TYR R 78 14.99 14.28 20.51
CA TYR R 78 15.72 13.84 19.33
C TYR R 78 16.88 12.90 19.67
N ASN R 79 17.90 13.41 20.34
CA ASN R 79 19.08 12.61 20.71
C ASN R 79 19.62 11.83 19.50
N GLY R 80 20.04 12.59 18.49
CA GLY R 80 20.57 12.04 17.26
C GLY R 80 21.94 12.62 16.93
N VAL R 81 22.22 12.68 15.64
CA VAL R 81 23.54 13.14 15.19
C VAL R 81 23.51 14.62 14.81
N TYR R 82 22.36 15.10 14.33
CA TYR R 82 22.22 16.50 14.00
C TYR R 82 22.21 17.32 15.29
N GLN R 83 23.28 18.05 15.54
CA GLN R 83 23.49 18.69 16.84
C GLN R 83 22.58 19.89 17.11
N PRO R 84 22.34 20.79 16.15
CA PRO R 84 21.51 21.97 16.47
C PRO R 84 20.06 21.64 16.80
N LEU R 85 19.69 20.35 16.82
CA LEU R 85 18.34 19.95 17.19
C LEU R 85 18.32 18.99 18.36
N ARG R 86 19.45 18.73 19.01
CA ARG R 86 19.49 17.79 20.12
C ARG R 86 18.75 18.35 21.33
N GLY R 87 17.94 17.51 21.95
CA GLY R 87 17.14 17.92 23.08
C GLY R 87 15.80 18.52 22.75
N VAL R 88 15.51 18.76 21.49
CA VAL R 88 14.23 19.32 21.06
C VAL R 88 13.21 18.19 21.00
N GLU R 89 11.99 18.50 21.42
CA GLU R 89 10.92 17.50 21.44
C GLU R 89 10.14 17.55 20.13
N MET R 90 10.03 16.39 19.48
CA MET R 90 9.46 16.32 18.15
C MET R 90 8.61 15.05 18.04
N SER R 91 7.85 14.97 16.96
CA SER R 91 7.07 13.78 16.70
C SER R 91 7.97 12.66 16.18
N ARG R 92 7.38 11.49 15.99
CA ARG R 92 8.15 10.34 15.52
C ARG R 92 8.35 10.37 14.01
N ALA R 93 7.40 10.95 13.28
CA ALA R 93 7.57 11.07 11.83
C ALA R 93 8.71 12.01 11.48
N TYR R 94 8.79 13.17 12.17
CA TYR R 94 9.88 14.10 11.91
C TYR R 94 11.22 13.48 12.23
N GLN R 95 11.29 12.71 13.32
CA GLN R 95 12.55 12.06 13.66
C GLN R 95 12.92 11.00 12.63
N SER R 96 11.93 10.26 12.13
CA SER R 96 12.21 9.27 11.10
C SER R 96 12.71 9.91 9.82
N ALA R 97 12.15 11.06 9.45
CA ALA R 97 12.64 11.77 8.27
C ALA R 97 14.05 12.29 8.48
N LEU R 98 14.35 12.82 9.67
CA LEU R 98 15.71 13.23 9.97
C LEU R 98 16.68 12.05 9.93
N ASP R 99 16.22 10.87 10.35
CA ASP R 99 17.08 9.70 10.34
C ASP R 99 17.33 9.22 8.92
N ILE R 100 16.31 9.30 8.06
CA ILE R 100 16.51 9.04 6.64
C ILE R 100 17.53 10.01 6.06
N SER R 101 17.45 11.28 6.45
CA SER R 101 18.31 12.28 5.84
C SER R 101 19.77 12.14 6.28
N PHE R 102 20.01 11.84 7.56
CA PHE R 102 21.35 11.94 8.10
C PHE R 102 22.00 10.61 8.49
N GLU R 103 21.25 9.51 8.58
CA GLU R 103 21.82 8.29 9.12
C GLU R 103 21.69 7.06 8.22
N VAL R 104 21.15 7.21 7.02
CA VAL R 104 21.13 6.13 6.03
C VAL R 104 21.99 6.55 4.86
N ARG R 105 22.91 5.67 4.46
CA ARG R 105 23.85 5.98 3.39
C ARG R 105 23.08 6.08 2.07
N GLY R 106 22.88 7.30 1.59
CA GLY R 106 22.17 7.54 0.36
C GLY R 106 20.68 7.80 0.49
N GLY R 107 20.21 8.20 1.67
CA GLY R 107 18.80 8.43 1.86
C GLY R 107 18.35 9.82 1.43
N LEU R 108 19.18 10.82 1.72
CA LEU R 108 18.88 12.17 1.28
C LEU R 108 18.78 12.24 -0.23
N PHE R 109 19.71 11.58 -0.92
CA PHE R 109 19.67 11.50 -2.38
C PHE R 109 18.34 10.92 -2.86
N VAL R 110 17.87 9.86 -2.20
CA VAL R 110 16.66 9.19 -2.67
C VAL R 110 15.43 10.06 -2.43
N ARG R 111 15.32 10.71 -1.27
CA ARG R 111 14.14 11.53 -1.07
C ARG R 111 14.17 12.79 -1.94
N GLN R 112 15.36 13.29 -2.27
CA GLN R 112 15.43 14.40 -3.20
C GLN R 112 15.01 13.98 -4.60
N ILE R 113 15.40 12.78 -5.03
CA ILE R 113 14.91 12.26 -6.30
C ILE R 113 13.39 12.12 -6.27
N HIS R 114 12.85 11.63 -5.16
CA HIS R 114 11.41 11.48 -5.04
C HIS R 114 10.69 12.81 -5.24
N HIS R 115 11.18 13.86 -4.56
CA HIS R 115 10.50 15.14 -4.66
C HIS R 115 10.63 15.76 -6.05
N TRP R 116 11.84 15.68 -6.64
CA TRP R 116 12.01 16.21 -7.99
C TRP R 116 11.14 15.46 -9.00
N ALA R 117 11.00 14.14 -8.81
CA ALA R 117 10.17 13.37 -9.72
C ALA R 117 8.70 13.74 -9.58
N ALA R 118 8.26 14.04 -8.36
CA ALA R 118 6.89 14.52 -8.18
C ALA R 118 6.66 15.82 -8.94
N LEU R 119 7.61 16.76 -8.82
CA LEU R 119 7.48 18.01 -9.54
C LEU R 119 7.43 17.79 -11.05
N MET R 120 8.30 16.93 -11.57
CA MET R 120 8.32 16.68 -13.01
C MET R 120 7.04 15.98 -13.47
N PHE R 121 6.51 15.08 -12.64
CA PHE R 121 5.22 14.47 -12.92
C PHE R 121 4.15 15.53 -13.16
N ALA R 122 4.02 16.46 -12.21
CA ALA R 122 2.98 17.48 -12.34
C ALA R 122 3.20 18.35 -13.57
N ALA R 123 4.44 18.79 -13.80
CA ALA R 123 4.71 19.68 -14.93
C ALA R 123 4.43 18.98 -16.26
N ALA R 124 4.85 17.72 -16.39
CA ALA R 124 4.62 16.99 -17.63
C ALA R 124 3.13 16.77 -17.86
N ILE R 125 2.37 16.48 -16.81
CA ILE R 125 0.93 16.34 -16.98
C ILE R 125 0.33 17.63 -17.52
N MET R 126 0.75 18.78 -16.99
CA MET R 126 0.17 20.03 -17.44
C MET R 126 0.53 20.33 -18.90
N VAL R 127 1.77 20.07 -19.30
CA VAL R 127 2.16 20.31 -20.69
C VAL R 127 1.39 19.38 -21.63
N HIS R 128 1.22 18.12 -21.22
CA HIS R 128 0.46 17.18 -22.03
C HIS R 128 -0.99 17.62 -22.20
N LEU R 129 -1.61 18.10 -21.13
CA LEU R 129 -2.96 18.62 -21.23
C LEU R 129 -3.03 19.80 -22.20
N ALA R 130 -2.03 20.69 -22.15
CA ALA R 130 -2.02 21.81 -23.07
C ALA R 130 -1.98 21.34 -24.51
N ARG R 131 -1.12 20.37 -24.81
CA ARG R 131 -1.08 19.81 -26.17
C ARG R 131 -2.44 19.26 -26.58
N ILE R 132 -3.01 18.38 -25.75
CA ILE R 132 -4.27 17.74 -26.08
C ILE R 132 -5.34 18.79 -26.35
N PHE R 133 -5.36 19.85 -25.56
CA PHE R 133 -6.40 20.87 -25.74
C PHE R 133 -6.19 21.65 -27.02
N PHE R 134 -4.96 22.09 -27.29
CA PHE R 134 -4.76 23.00 -28.41
C PHE R 134 -4.83 22.30 -29.76
N THR R 135 -4.40 21.04 -29.84
CA THR R 135 -4.46 20.37 -31.12
C THR R 135 -5.84 19.80 -31.43
N GLY R 136 -6.75 19.79 -30.47
CA GLY R 136 -8.10 19.29 -30.72
C GLY R 136 -8.23 17.79 -30.70
N ALA R 137 -7.39 17.10 -29.95
CA ALA R 137 -7.37 15.65 -29.91
C ALA R 137 -8.39 15.05 -28.96
N PHE R 138 -9.40 15.81 -28.56
CA PHE R 138 -10.42 15.36 -27.63
C PHE R 138 -11.77 15.16 -28.30
N ARG R 139 -11.84 15.24 -29.62
CA ARG R 139 -13.12 15.27 -30.31
C ARG R 139 -13.69 13.86 -30.38
N ARG R 140 -14.72 13.66 -31.22
CA ARG R 140 -15.76 12.64 -31.01
C ARG R 140 -15.28 11.31 -30.42
N PRO R 141 -14.28 10.62 -30.97
CA PRO R 141 -13.97 9.29 -30.43
C PRO R 141 -13.28 9.28 -29.07
N ARG R 142 -12.93 10.45 -28.48
CA ARG R 142 -11.97 10.46 -27.38
C ARG R 142 -12.38 11.33 -26.19
N GLU R 143 -13.67 11.68 -26.06
CA GLU R 143 -14.08 12.48 -24.91
C GLU R 143 -13.85 11.73 -23.61
N THR R 144 -14.14 10.44 -23.58
CA THR R 144 -13.95 9.66 -22.36
C THR R 144 -12.48 9.59 -21.97
N ASN R 145 -11.58 9.54 -22.96
CA ASN R 145 -10.16 9.53 -22.63
C ASN R 145 -9.75 10.87 -22.04
N TRP R 146 -10.34 11.96 -22.56
CA TRP R 146 -10.15 13.27 -21.91
C TRP R 146 -10.62 13.26 -20.47
N VAL R 147 -11.77 12.65 -20.20
CA VAL R 147 -12.32 12.62 -18.84
C VAL R 147 -11.38 11.86 -17.90
N ILE R 148 -10.90 10.70 -18.35
CA ILE R 148 -9.97 9.93 -17.54
C ILE R 148 -8.71 10.73 -17.26
N GLY R 149 -8.22 11.47 -18.25
CA GLY R 149 -7.06 12.31 -18.02
C GLY R 149 -7.31 13.38 -16.97
N SER R 150 -8.48 14.00 -17.00
CA SER R 150 -8.80 15.02 -16.01
C SER R 150 -8.80 14.43 -14.59
N LEU R 151 -9.43 13.27 -14.43
CA LEU R 151 -9.41 12.61 -13.13
C LEU R 151 -7.99 12.32 -12.67
N LEU R 152 -7.14 11.87 -13.60
CA LEU R 152 -5.74 11.62 -13.25
C LEU R 152 -5.06 12.88 -12.76
N LEU R 153 -5.36 14.02 -13.39
CA LEU R 153 -4.75 15.28 -12.97
C LEU R 153 -5.14 15.63 -11.54
N ILE R 154 -6.44 15.56 -11.24
CA ILE R 154 -6.91 15.88 -9.89
C ILE R 154 -6.23 14.98 -8.86
N LEU R 155 -6.21 13.68 -9.15
CA LEU R 155 -5.62 12.73 -8.21
C LEU R 155 -4.14 13.00 -8.00
N ALA R 156 -3.42 13.36 -9.07
CA ALA R 156 -2.00 13.65 -8.92
C ALA R 156 -1.77 14.86 -8.02
N MET R 157 -2.57 15.91 -8.20
CA MET R 157 -2.46 17.07 -7.34
C MET R 157 -2.60 16.68 -5.87
N PHE R 158 -3.71 16.00 -5.54
CA PHE R 158 -3.95 15.71 -4.14
C PHE R 158 -2.94 14.71 -3.57
N GLU R 159 -2.43 13.80 -4.42
CA GLU R 159 -1.44 12.84 -3.95
C GLU R 159 -0.13 13.55 -3.60
N GLY R 160 0.31 14.48 -4.44
CA GLY R 160 1.50 15.24 -4.10
C GLY R 160 1.33 16.03 -2.82
N TYR R 161 0.16 16.62 -2.63
CA TYR R 161 -0.11 17.36 -1.40
C TYR R 161 0.02 16.46 -0.17
N PHE R 162 -0.73 15.36 -0.16
CA PHE R 162 -0.63 14.42 0.96
C PHE R 162 0.79 13.91 1.14
N GLY R 163 1.56 13.85 0.06
CA GLY R 163 2.91 13.34 0.18
C GLY R 163 3.83 14.29 0.91
N TYR R 164 3.87 15.55 0.47
CA TYR R 164 4.81 16.45 1.14
C TYR R 164 4.31 16.92 2.50
N SER R 165 3.09 16.56 2.90
CA SER R 165 2.64 16.85 4.25
C SER R 165 2.99 15.75 5.25
N LEU R 166 3.77 14.74 4.86
CA LEU R 166 4.00 13.58 5.73
C LEU R 166 5.03 13.85 6.82
N PRO R 167 6.26 14.30 6.52
CA PRO R 167 7.22 14.52 7.60
C PRO R 167 6.92 15.82 8.33
N ASP R 168 6.02 15.78 9.31
CA ASP R 168 5.39 17.01 9.77
C ASP R 168 6.40 17.97 10.39
N ASP R 169 6.72 19.02 9.65
CA ASP R 169 7.56 20.11 10.12
C ASP R 169 6.73 21.39 10.09
N LEU R 170 7.36 22.53 10.32
CA LEU R 170 6.61 23.76 10.52
C LEU R 170 5.83 24.15 9.28
N LEU R 171 6.44 24.05 8.10
CA LEU R 171 5.78 24.49 6.87
C LEU R 171 4.62 23.56 6.50
N SER R 172 4.88 22.25 6.50
CA SER R 172 3.81 21.29 6.23
C SER R 172 2.68 21.42 7.24
N GLY R 173 3.01 21.67 8.50
CA GLY R 173 1.97 21.84 9.50
C GLY R 173 1.10 23.06 9.23
N LEU R 174 1.73 24.18 8.88
CA LEU R 174 0.95 25.37 8.55
C LEU R 174 0.05 25.12 7.35
N GLY R 175 0.57 24.46 6.33
CA GLY R 175 -0.24 24.15 5.16
C GLY R 175 -1.44 23.30 5.50
N LEU R 176 -1.21 22.17 6.18
CA LEU R 176 -2.29 21.32 6.65
C LEU R 176 -3.32 22.14 7.41
N ARG R 177 -2.90 22.76 8.51
CA ARG R 177 -3.79 23.53 9.36
C ARG R 177 -4.66 24.43 8.52
N ALA R 178 -4.05 25.42 7.86
CA ALA R 178 -4.82 26.42 7.15
C ALA R 178 -5.74 25.74 6.14
N ALA R 179 -5.16 25.15 5.09
CA ALA R 179 -5.99 24.68 4.00
C ALA R 179 -6.99 23.64 4.48
N LEU R 180 -6.50 22.47 4.88
CA LEU R 180 -7.39 21.37 5.18
C LEU R 180 -8.32 21.72 6.33
N SER R 181 -7.75 21.99 7.51
CA SER R 181 -8.58 22.12 8.69
C SER R 181 -9.55 23.28 8.55
N SER R 182 -9.05 24.48 8.23
CA SER R 182 -9.90 25.64 8.34
C SER R 182 -10.64 25.98 7.04
N ILE R 183 -10.50 25.19 5.98
CA ILE R 183 -11.46 25.32 4.90
C ILE R 183 -12.53 24.24 5.00
N THR R 184 -12.18 23.04 5.48
CA THR R 184 -13.21 22.05 5.74
C THR R 184 -14.09 22.47 6.90
N LEU R 185 -13.55 23.22 7.86
CA LEU R 185 -14.30 23.66 9.03
C LEU R 185 -15.37 24.68 8.69
N GLY R 186 -15.23 25.37 7.55
CA GLY R 186 -16.11 26.48 7.23
C GLY R 186 -17.24 26.21 6.28
N MET R 187 -17.38 24.98 5.78
CA MET R 187 -18.43 24.67 4.84
C MET R 187 -19.80 24.90 5.49
N PRO R 188 -20.81 25.27 4.69
CA PRO R 188 -22.04 25.80 5.28
C PRO R 188 -22.73 24.92 6.30
N VAL R 189 -23.16 23.71 5.98
CA VAL R 189 -23.96 22.91 6.91
C VAL R 189 -23.18 21.73 7.45
N ILE R 190 -22.54 20.95 6.57
CA ILE R 190 -21.82 19.77 7.02
C ILE R 190 -20.59 20.17 7.82
N GLY R 191 -19.61 20.80 7.17
CA GLY R 191 -18.56 21.53 7.86
C GLY R 191 -17.83 20.78 8.95
N THR R 192 -18.11 21.15 10.18
CA THR R 192 -17.46 20.56 11.35
C THR R 192 -17.64 19.04 11.39
N TRP R 193 -18.74 18.52 10.83
CA TRP R 193 -18.91 17.08 10.78
C TRP R 193 -17.84 16.43 9.91
N LEU R 194 -17.58 17.00 8.74
CA LEU R 194 -16.48 16.52 7.91
C LEU R 194 -15.16 16.65 8.65
N HIS R 195 -14.94 17.78 9.32
CA HIS R 195 -13.68 17.99 10.03
C HIS R 195 -13.45 16.92 11.08
N TRP R 196 -14.50 16.58 11.84
CA TRP R 196 -14.34 15.60 12.91
C TRP R 196 -14.30 14.18 12.38
N ALA R 197 -14.94 13.91 11.24
CA ALA R 197 -14.79 12.60 10.64
C ALA R 197 -13.39 12.39 10.08
N LEU R 198 -12.76 13.46 9.59
CA LEU R 198 -11.44 13.32 8.97
C LEU R 198 -10.30 13.34 9.99
N PHE R 199 -10.34 14.28 10.94
CA PHE R 199 -9.27 14.40 11.91
C PHE R 199 -9.48 13.58 13.16
N GLY R 200 -10.67 13.02 13.35
CA GLY R 200 -10.97 12.33 14.58
C GLY R 200 -11.23 13.23 15.77
N GLY R 201 -11.30 14.53 15.56
CA GLY R 201 -11.46 15.48 16.63
C GLY R 201 -11.08 16.87 16.20
N ASP R 202 -10.46 17.65 17.07
CA ASP R 202 -10.00 18.98 16.68
C ASP R 202 -8.65 18.82 15.98
N PHE R 203 -8.11 19.94 15.47
CA PHE R 203 -7.08 19.88 14.43
C PHE R 203 -5.89 18.99 14.81
N PRO R 204 -5.08 19.33 15.81
CA PRO R 204 -3.92 18.48 16.08
C PRO R 204 -4.37 17.23 16.82
N GLY R 205 -4.48 16.12 16.11
CA GLY R 205 -5.00 14.90 16.68
C GLY R 205 -3.90 13.89 16.95
N THR R 206 -4.26 12.61 16.81
CA THR R 206 -3.30 11.53 16.91
C THR R 206 -3.43 10.53 15.77
N ILE R 207 -4.39 10.71 14.87
CA ILE R 207 -4.66 9.76 13.80
C ILE R 207 -4.51 10.39 12.42
N LEU R 208 -4.04 11.63 12.35
CA LEU R 208 -3.95 12.30 11.06
C LEU R 208 -2.83 11.74 10.20
N ILE R 209 -1.62 11.66 10.75
CA ILE R 209 -0.45 11.26 9.96
C ILE R 209 -0.53 9.80 9.54
N PRO R 210 -0.93 8.85 10.39
CA PRO R 210 -1.11 7.48 9.89
C PRO R 210 -2.16 7.37 8.80
N ARG R 211 -3.25 8.14 8.92
CA ARG R 211 -4.28 8.11 7.89
C ARG R 211 -3.76 8.67 6.57
N LEU R 212 -3.02 9.77 6.63
CA LEU R 212 -2.43 10.32 5.40
C LEU R 212 -1.41 9.35 4.81
N TYR R 213 -0.66 8.65 5.66
CA TYR R 213 0.31 7.68 5.18
C TYR R 213 -0.39 6.54 4.42
N ALA R 214 -1.45 6.01 5.00
CA ALA R 214 -2.21 4.96 4.34
C ALA R 214 -2.81 5.45 3.03
N LEU R 215 -3.36 6.66 3.03
CA LEU R 215 -3.92 7.21 1.79
C LEU R 215 -2.84 7.42 0.74
N HIS R 216 -1.62 7.73 1.16
CA HIS R 216 -0.60 8.18 0.22
C HIS R 216 0.18 7.02 -0.38
N ILE R 217 0.43 5.96 0.37
CA ILE R 217 1.21 4.87 -0.19
C ILE R 217 0.37 3.75 -0.79
N LEU R 218 -0.91 3.67 -0.46
CA LEU R 218 -1.72 2.52 -0.87
C LEU R 218 -2.89 2.89 -1.78
N LEU R 219 -3.76 3.79 -1.36
CA LEU R 219 -5.03 3.99 -2.06
C LEU R 219 -4.85 4.79 -3.34
N LEU R 220 -4.37 6.02 -3.22
CA LEU R 220 -4.26 6.87 -4.40
C LEU R 220 -3.28 6.32 -5.43
N PRO R 221 -2.14 5.74 -5.08
CA PRO R 221 -1.33 5.06 -6.11
C PRO R 221 -2.07 3.93 -6.80
N GLY R 222 -2.90 3.18 -6.08
CA GLY R 222 -3.66 2.12 -6.72
C GLY R 222 -4.67 2.65 -7.72
N ILE R 223 -5.41 3.68 -7.32
CA ILE R 223 -6.38 4.28 -8.23
C ILE R 223 -5.68 4.88 -9.44
N ILE R 224 -4.55 5.54 -9.23
CA ILE R 224 -3.81 6.15 -10.32
C ILE R 224 -3.28 5.08 -11.27
N LEU R 225 -2.84 3.95 -10.73
CA LEU R 225 -2.33 2.87 -11.56
C LEU R 225 -3.44 2.28 -12.42
N ALA R 226 -4.61 2.05 -11.82
CA ALA R 226 -5.74 1.54 -12.59
C ALA R 226 -6.14 2.50 -13.70
N LEU R 227 -6.23 3.79 -13.38
CA LEU R 227 -6.63 4.77 -14.39
C LEU R 227 -5.58 4.92 -15.48
N ILE R 228 -4.29 4.79 -15.15
CA ILE R 228 -3.26 4.87 -16.17
C ILE R 228 -3.32 3.65 -17.09
N GLY R 229 -3.56 2.47 -16.52
CA GLY R 229 -3.76 1.30 -17.35
C GLY R 229 -4.91 1.47 -18.32
N LEU R 230 -6.05 1.96 -17.82
CA LEU R 230 -7.20 2.18 -18.70
C LEU R 230 -6.90 3.21 -19.77
N HIS R 231 -6.21 4.29 -19.40
CA HIS R 231 -5.83 5.33 -20.35
C HIS R 231 -4.98 4.77 -21.48
N LEU R 232 -3.94 4.02 -21.14
CA LEU R 232 -3.06 3.48 -22.16
C LEU R 232 -3.75 2.42 -23.00
N ALA R 233 -4.66 1.65 -22.42
CA ALA R 233 -5.42 0.68 -23.21
C ALA R 233 -6.29 1.40 -24.25
N LEU R 234 -7.00 2.44 -23.81
CA LEU R 234 -7.84 3.19 -24.75
C LEU R 234 -7.01 3.82 -25.85
N VAL R 235 -5.81 4.30 -25.52
CA VAL R 235 -4.96 4.87 -26.56
C VAL R 235 -4.44 3.80 -27.50
N TRP R 236 -4.22 2.59 -26.99
CA TRP R 236 -3.69 1.52 -27.83
C TRP R 236 -4.74 1.00 -28.81
N PHE R 237 -5.98 0.87 -28.38
CA PHE R 237 -6.98 0.26 -29.24
C PHE R 237 -7.71 1.25 -30.13
N GLN R 238 -7.85 2.50 -29.71
CA GLN R 238 -8.18 3.59 -30.61
C GLN R 238 -6.87 4.18 -31.09
N LYS R 239 -6.49 3.89 -32.33
CA LYS R 239 -5.15 4.25 -32.79
C LYS R 239 -4.93 5.76 -32.69
N HIS R 240 -3.67 6.15 -32.67
CA HIS R 240 -3.28 7.53 -32.45
C HIS R 240 -3.76 8.45 -33.57
N THR R 241 -3.91 9.73 -33.24
CA THR R 241 -4.22 10.74 -34.22
C THR R 241 -2.95 11.16 -34.96
N GLN R 242 -3.09 12.08 -35.91
CA GLN R 242 -1.95 12.55 -36.67
C GLN R 242 -2.27 13.91 -37.27
N PHE R 243 -1.24 14.60 -37.68
CA PHE R 243 -1.34 15.89 -38.33
C PHE R 243 -1.54 15.71 -39.83
N PRO R 244 -2.28 16.61 -40.48
CA PRO R 244 -2.41 16.54 -41.93
C PRO R 244 -1.06 16.71 -42.62
N GLY R 245 -0.88 16.03 -43.74
CA GLY R 245 0.39 16.07 -44.44
C GLY R 245 0.30 15.47 -45.82
N PRO R 246 1.44 15.06 -46.36
CA PRO R 246 1.48 14.53 -47.73
C PRO R 246 0.61 13.30 -47.97
N GLY R 247 0.84 12.23 -47.21
CA GLY R 247 0.14 10.99 -47.47
C GLY R 247 -0.84 10.60 -46.39
N ARG R 248 -1.26 11.57 -45.57
CA ARG R 248 -2.08 11.28 -44.41
C ARG R 248 -3.56 11.47 -44.73
N THR R 249 -4.37 10.51 -44.30
CA THR R 249 -5.80 10.53 -44.49
C THR R 249 -6.49 10.24 -43.17
N GLU R 250 -7.82 10.35 -43.18
CA GLU R 250 -8.58 9.98 -42.00
C GLU R 250 -8.72 8.48 -41.85
N HIS R 251 -8.11 7.70 -42.72
CA HIS R 251 -8.29 6.25 -42.73
C HIS R 251 -7.00 5.47 -42.59
N ASN R 252 -5.86 6.12 -42.36
CA ASN R 252 -4.60 5.40 -42.26
C ASN R 252 -3.71 6.09 -41.23
N VAL R 253 -2.70 5.36 -40.77
CA VAL R 253 -1.72 5.87 -39.84
C VAL R 253 -0.36 5.77 -40.50
N VAL R 254 0.33 6.89 -40.64
CA VAL R 254 1.65 6.94 -41.28
C VAL R 254 2.69 7.19 -40.20
N GLY R 255 3.67 6.30 -40.11
CA GLY R 255 4.70 6.43 -39.11
C GLY R 255 5.74 5.34 -39.21
N VAL R 256 6.15 4.78 -38.09
CA VAL R 256 7.09 3.68 -38.06
C VAL R 256 6.48 2.54 -37.26
N ARG R 257 6.84 1.32 -37.63
CA ARG R 257 6.38 0.15 -36.89
C ARG R 257 7.06 0.10 -35.53
N VAL R 258 6.41 -0.59 -34.59
CA VAL R 258 7.00 -0.79 -33.28
C VAL R 258 8.33 -1.52 -33.41
N MET R 259 8.36 -2.56 -34.23
CA MET R 259 9.27 -3.69 -34.16
C MET R 259 10.74 -3.32 -33.96
N PRO R 260 11.41 -2.62 -34.91
CA PRO R 260 12.80 -2.24 -34.62
C PRO R 260 12.94 -0.91 -33.90
N VAL R 261 12.08 0.05 -34.22
CA VAL R 261 12.36 1.47 -34.03
C VAL R 261 11.67 2.03 -32.81
N PHE R 262 10.36 1.80 -32.67
CA PHE R 262 9.61 2.59 -31.69
C PHE R 262 9.98 2.21 -30.26
N ALA R 263 10.13 0.90 -30.00
CA ALA R 263 10.56 0.47 -28.67
C ALA R 263 11.94 1.04 -28.35
N PHE R 264 12.81 1.12 -29.35
CA PHE R 264 14.15 1.65 -29.14
C PHE R 264 14.10 3.12 -28.72
N LYS R 265 13.35 3.92 -29.47
CA LYS R 265 13.23 5.34 -29.15
C LYS R 265 12.60 5.54 -27.77
N SER R 266 11.58 4.75 -27.45
CA SER R 266 10.93 4.88 -26.16
C SER R 266 11.88 4.55 -25.01
N GLY R 267 12.64 3.46 -25.14
CA GLY R 267 13.58 3.11 -24.09
C GLY R 267 14.69 4.13 -23.92
N ALA R 268 15.20 4.66 -25.04
CA ALA R 268 16.24 5.68 -24.94
C ALA R 268 15.70 6.93 -24.26
N PHE R 269 14.45 7.30 -24.55
CA PHE R 269 13.86 8.46 -23.88
C PHE R 269 13.70 8.20 -22.39
N PHE R 270 13.28 6.99 -22.02
CA PHE R 270 13.18 6.64 -20.61
C PHE R 270 14.52 6.81 -19.90
N ALA R 271 15.58 6.29 -20.50
CA ALA R 271 16.91 6.41 -19.88
C ALA R 271 17.33 7.86 -19.75
N ALA R 272 17.05 8.68 -20.76
CA ALA R 272 17.45 10.09 -20.69
C ALA R 272 16.68 10.84 -19.60
N ILE R 273 15.39 10.55 -19.43
CA ILE R 273 14.62 11.20 -18.38
C ILE R 273 15.12 10.78 -17.01
N VAL R 274 15.42 9.49 -16.83
CA VAL R 274 15.99 9.04 -15.56
C VAL R 274 17.31 9.75 -15.30
N GLY R 275 18.11 9.95 -16.34
CA GLY R 275 19.38 10.64 -16.15
C GLY R 275 19.19 12.07 -15.70
N VAL R 276 18.27 12.79 -16.34
CA VAL R 276 18.01 14.18 -15.94
C VAL R 276 17.53 14.24 -14.49
N LEU R 277 16.63 13.34 -14.11
CA LEU R 277 16.11 13.35 -12.76
C LEU R 277 17.21 13.06 -11.74
N GLY R 278 18.08 12.09 -12.03
CA GLY R 278 19.17 11.81 -11.13
C GLY R 278 20.13 12.98 -10.98
N LEU R 279 20.47 13.61 -12.10
CA LEU R 279 21.36 14.77 -12.06
C LEU R 279 20.78 15.88 -11.19
N MET R 280 19.53 16.27 -11.45
CA MET R 280 18.98 17.40 -10.70
C MET R 280 18.52 17.00 -9.30
N GLY R 281 18.51 15.72 -8.97
CA GLY R 281 18.26 15.31 -7.61
C GLY R 281 19.55 15.22 -6.83
N GLY R 282 20.66 15.14 -7.54
CA GLY R 282 21.95 15.17 -6.88
C GLY R 282 22.53 16.56 -6.72
N LEU R 283 22.24 17.47 -7.65
CA LEU R 283 22.91 18.76 -7.66
C LEU R 283 22.09 19.90 -7.05
N LEU R 284 20.78 19.79 -6.99
CA LEU R 284 19.92 20.84 -6.45
C LEU R 284 19.23 20.34 -5.20
N GLN R 285 19.06 21.23 -4.23
CA GLN R 285 18.48 20.87 -2.94
C GLN R 285 17.02 21.26 -2.89
N ILE R 286 16.19 20.36 -2.34
CA ILE R 286 14.75 20.55 -2.28
C ILE R 286 14.26 20.08 -0.92
N ASN R 287 13.45 20.92 -0.28
CA ASN R 287 12.83 20.63 1.02
C ASN R 287 13.85 20.26 2.09
N PRO R 288 14.67 21.19 2.56
CA PRO R 288 15.58 20.88 3.68
C PRO R 288 14.89 20.96 5.03
N ILE R 289 14.25 19.87 5.45
CA ILE R 289 13.38 19.90 6.63
C ILE R 289 14.14 20.20 7.91
N TRP R 290 15.46 20.01 7.94
CA TRP R 290 16.19 20.25 9.17
C TRP R 290 16.40 21.74 9.45
N ASN R 291 16.43 22.58 8.41
CA ASN R 291 16.50 24.02 8.63
C ASN R 291 15.24 24.52 9.30
N LEU R 292 14.11 23.88 9.01
CA LEU R 292 12.87 24.13 9.71
C LEU R 292 12.93 23.47 11.08
N GLY R 293 11.81 23.45 11.78
CA GLY R 293 11.74 22.70 13.01
C GLY R 293 10.51 21.82 13.00
N PRO R 294 10.31 21.04 14.07
CA PRO R 294 9.07 20.28 14.20
C PRO R 294 7.90 21.23 14.33
N TYR R 295 6.73 20.75 13.94
CA TYR R 295 5.55 21.60 13.94
C TYR R 295 5.12 21.91 15.37
N LYS R 296 4.84 23.18 15.63
CA LYS R 296 4.33 23.64 16.91
C LYS R 296 3.33 24.74 16.61
N PRO R 297 2.15 24.71 17.24
CA PRO R 297 1.08 25.65 16.88
C PRO R 297 1.36 27.10 17.26
N SER R 298 2.49 27.41 17.88
CA SER R 298 2.72 28.75 18.39
C SER R 298 3.71 29.57 17.57
N GLN R 299 4.48 28.95 16.69
CA GLN R 299 5.51 29.63 15.93
C GLN R 299 5.26 29.47 14.43
N VAL R 300 5.78 30.41 13.65
CA VAL R 300 5.49 30.52 12.23
C VAL R 300 6.70 31.16 11.54
N SER R 301 6.73 31.07 10.21
CA SER R 301 7.77 31.75 9.44
C SER R 301 7.13 32.60 8.35
N ALA R 302 7.95 33.13 7.43
CA ALA R 302 7.49 34.14 6.49
C ALA R 302 7.13 33.59 5.12
N GLY R 303 7.75 32.51 4.65
CA GLY R 303 7.49 32.04 3.30
C GLY R 303 6.10 31.47 3.10
N SER R 304 5.84 30.32 3.72
CA SER R 304 4.53 29.67 3.71
C SER R 304 4.76 29.04 2.34
N GLN R 305 3.74 29.00 1.50
CA GLN R 305 3.91 28.49 0.15
C GLN R 305 3.85 26.97 0.00
N PRO R 306 2.88 26.47 -0.75
CA PRO R 306 2.91 25.05 -1.14
C PRO R 306 3.63 24.85 -2.46
N ASP R 307 3.78 23.60 -2.89
CA ASP R 307 4.42 23.32 -4.17
C ASP R 307 3.60 23.91 -5.32
N PHE R 308 4.26 24.06 -6.47
CA PHE R 308 3.73 24.96 -7.49
C PHE R 308 2.41 24.52 -8.09
N TYR R 309 1.90 23.34 -7.75
CA TYR R 309 0.62 22.91 -8.28
C TYR R 309 -0.55 23.20 -7.33
N MET R 310 -0.29 23.76 -6.16
CA MET R 310 -1.33 24.28 -5.28
C MET R 310 -1.22 25.79 -5.09
N MET R 311 -0.22 26.41 -5.72
CA MET R 311 -0.02 27.84 -5.58
C MET R 311 -1.22 28.62 -6.10
N TRP R 312 -1.94 28.07 -7.08
CA TRP R 312 -3.10 28.81 -7.59
C TRP R 312 -4.22 28.83 -6.56
N THR R 313 -4.34 27.76 -5.78
CA THR R 313 -5.35 27.70 -4.73
C THR R 313 -5.00 28.71 -3.64
N GLU R 314 -3.72 28.81 -3.31
CA GLU R 314 -3.26 29.74 -2.29
C GLU R 314 -3.46 31.18 -2.75
N GLY R 315 -3.11 31.45 -4.00
CA GLY R 315 -3.26 32.80 -4.55
C GLY R 315 -4.72 33.22 -4.63
N LEU R 316 -5.59 32.29 -5.01
CA LEU R 316 -7.02 32.58 -5.02
C LEU R 316 -7.51 32.92 -3.62
N ALA R 317 -7.00 32.22 -2.60
CA ALA R 317 -7.37 32.56 -1.23
C ALA R 317 -6.81 33.91 -0.81
N ARG R 318 -5.67 34.30 -1.37
CA ARG R 318 -5.07 35.58 -0.98
C ARG R 318 -5.81 36.76 -1.58
N ILE R 319 -6.13 36.70 -2.87
CA ILE R 319 -6.66 37.88 -3.55
C ILE R 319 -8.18 37.85 -3.61
N TRP R 320 -8.81 37.05 -2.76
CA TRP R 320 -10.27 37.18 -2.83
C TRP R 320 -10.77 38.08 -1.72
N PRO R 321 -11.62 39.06 -2.02
CA PRO R 321 -12.00 40.06 -1.03
C PRO R 321 -12.76 39.44 0.13
N PRO R 322 -12.80 40.11 1.29
CA PRO R 322 -13.48 39.59 2.49
C PRO R 322 -14.99 39.80 2.49
N TRP R 323 -15.71 38.91 1.83
CA TRP R 323 -17.16 38.99 1.75
C TRP R 323 -17.76 37.84 2.55
N GLU R 324 -18.37 38.17 3.69
CA GLU R 324 -19.01 37.18 4.54
C GLU R 324 -20.47 37.56 4.72
N PHE R 325 -21.26 36.58 5.12
CA PHE R 325 -22.69 36.79 5.33
C PHE R 325 -23.06 36.33 6.73
N TYR R 326 -23.70 37.21 7.50
CA TYR R 326 -24.16 36.91 8.84
C TYR R 326 -25.67 37.09 8.87
N PHE R 327 -26.39 36.00 9.10
CA PHE R 327 -27.84 36.03 9.25
C PHE R 327 -28.15 35.34 10.57
N TRP R 328 -29.42 34.95 10.75
CA TRP R 328 -29.89 34.48 12.06
C TRP R 328 -29.04 33.33 12.60
N HIS R 329 -28.31 33.60 13.68
CA HIS R 329 -27.62 32.60 14.49
C HIS R 329 -26.59 31.81 13.70
N HIS R 330 -26.06 32.40 12.63
CA HIS R 330 -25.18 31.64 11.76
C HIS R 330 -24.14 32.55 11.11
N THR R 331 -23.23 31.94 10.36
CA THR R 331 -22.11 32.64 9.76
C THR R 331 -21.62 31.86 8.54
N ILE R 332 -21.44 32.56 7.43
CA ILE R 332 -20.83 31.98 6.24
C ILE R 332 -19.52 32.70 5.96
N PRO R 333 -18.38 32.10 6.28
CA PRO R 333 -17.11 32.82 6.15
C PRO R 333 -16.65 32.98 4.71
N ALA R 334 -15.46 33.54 4.52
CA ALA R 334 -14.89 33.85 3.22
C ALA R 334 -14.38 32.63 2.45
N PRO R 335 -13.66 31.68 3.07
CA PRO R 335 -13.07 30.58 2.30
C PRO R 335 -14.09 29.68 1.62
N VAL R 336 -15.38 29.81 1.95
CA VAL R 336 -16.41 29.13 1.18
C VAL R 336 -16.30 29.51 -0.29
N TRP R 337 -16.00 30.78 -0.56
CA TRP R 337 -15.83 31.24 -1.94
C TRP R 337 -14.74 30.47 -2.65
N VAL R 338 -13.58 30.31 -2.00
CA VAL R 338 -12.50 29.52 -2.56
C VAL R 338 -12.97 28.10 -2.84
N ALA R 339 -13.77 27.55 -1.92
CA ALA R 339 -14.27 26.19 -2.11
C ALA R 339 -15.11 26.08 -3.38
N VAL R 340 -16.09 26.97 -3.56
CA VAL R 340 -16.95 26.84 -4.73
C VAL R 340 -16.20 27.16 -6.01
N ILE R 341 -15.23 28.08 -5.95
CA ILE R 341 -14.51 28.39 -7.18
C ILE R 341 -13.63 27.21 -7.59
N MET R 342 -12.98 26.55 -6.63
CA MET R 342 -12.15 25.40 -6.97
C MET R 342 -13.00 24.23 -7.46
N GLY R 343 -14.17 24.01 -6.85
CA GLY R 343 -15.07 23.00 -7.36
C GLY R 343 -15.57 23.31 -8.76
N LEU R 344 -15.85 24.58 -9.03
CA LEU R 344 -16.30 24.98 -10.35
C LEU R 344 -15.22 24.75 -11.39
N VAL R 345 -13.96 25.03 -11.04
CA VAL R 345 -12.87 24.74 -11.97
C VAL R 345 -12.77 23.24 -12.23
N PHE R 346 -12.80 22.45 -11.15
CA PHE R 346 -12.67 21.00 -11.30
C PHE R 346 -13.87 20.37 -11.99
N VAL R 347 -14.97 21.10 -12.13
CA VAL R 347 -16.14 20.57 -12.83
C VAL R 347 -16.12 21.05 -14.27
N LEU R 348 -15.60 22.25 -14.50
CA LEU R 348 -15.52 22.79 -15.85
C LEU R 348 -14.39 22.16 -16.65
N LEU R 349 -13.39 21.58 -16.00
CA LEU R 349 -12.33 20.91 -16.76
C LEU R 349 -12.84 19.66 -17.47
N PRO R 350 -13.46 18.68 -16.80
CA PRO R 350 -13.82 17.44 -17.50
C PRO R 350 -14.98 17.58 -18.47
N ALA R 351 -15.79 18.63 -18.36
CA ALA R 351 -16.99 18.76 -19.16
C ALA R 351 -16.82 19.70 -20.34
N TYR R 352 -15.59 19.90 -20.81
CA TYR R 352 -15.38 20.85 -21.90
C TYR R 352 -15.76 20.30 -23.28
N PRO R 353 -15.39 19.07 -23.66
CA PRO R 353 -15.75 18.61 -25.01
C PRO R 353 -17.23 18.65 -25.30
N PHE R 354 -18.05 18.31 -24.31
CA PHE R 354 -19.49 18.34 -24.50
C PHE R 354 -20.00 19.76 -24.66
N LEU R 355 -19.43 20.71 -23.91
CA LEU R 355 -19.78 22.11 -24.11
C LEU R 355 -19.44 22.57 -25.52
N GLU R 356 -18.24 22.23 -26.00
CA GLU R 356 -17.84 22.70 -27.32
C GLU R 356 -18.68 22.06 -28.41
N LYS R 357 -19.03 20.79 -28.26
CA LYS R 357 -19.86 20.17 -29.28
C LYS R 357 -21.30 20.67 -29.22
N ARG R 358 -21.77 21.10 -28.04
CA ARG R 358 -23.09 21.72 -27.99
C ARG R 358 -23.07 23.11 -28.61
N PHE R 359 -21.95 23.83 -28.50
CA PHE R 359 -21.94 25.21 -28.93
C PHE R 359 -21.64 25.33 -30.42
N THR R 360 -20.70 24.52 -30.92
CA THR R 360 -20.37 24.57 -32.34
C THR R 360 -21.27 23.68 -33.18
N GLY R 361 -21.86 22.66 -32.58
CA GLY R 361 -22.77 21.78 -33.31
C GLY R 361 -22.10 20.85 -34.30
N ASP R 362 -20.93 20.31 -33.96
CA ASP R 362 -20.19 19.42 -34.83
C ASP R 362 -20.01 18.09 -34.13
N TYR R 363 -20.53 17.01 -34.72
CA TYR R 363 -20.58 15.71 -34.08
C TYR R 363 -19.94 14.60 -34.92
N ALA R 364 -18.96 14.93 -35.76
CA ALA R 364 -18.40 13.94 -36.66
C ALA R 364 -17.13 13.32 -36.08
N HIS R 365 -16.75 12.17 -36.63
CA HIS R 365 -15.50 11.53 -36.27
C HIS R 365 -14.33 12.33 -36.80
N HIS R 366 -13.25 12.36 -36.03
CA HIS R 366 -12.06 13.12 -36.40
C HIS R 366 -10.82 12.32 -36.04
N ASN R 367 -9.93 12.13 -37.00
CA ASN R 367 -8.65 11.49 -36.76
C ASN R 367 -7.46 12.35 -37.16
N LEU R 368 -7.68 13.48 -37.82
CA LEU R 368 -6.62 14.41 -38.16
C LEU R 368 -6.70 15.62 -37.24
N LEU R 369 -5.54 16.04 -36.73
CA LEU R 369 -5.47 17.12 -35.77
C LEU R 369 -5.61 18.47 -36.46
N GLN R 370 -5.80 19.51 -35.65
CA GLN R 370 -5.89 20.88 -36.12
C GLN R 370 -4.66 21.64 -35.69
N ARG R 371 -4.18 22.52 -36.55
CA ARG R 371 -3.16 23.43 -36.08
C ARG R 371 -3.78 24.52 -35.21
N PRO R 372 -3.16 24.89 -34.11
CA PRO R 372 -3.78 25.89 -33.21
C PRO R 372 -4.06 27.22 -33.88
N ARG R 373 -3.45 27.52 -35.02
CA ARG R 373 -3.72 28.77 -35.71
C ARG R 373 -4.98 28.71 -36.57
N ASP R 374 -5.49 27.52 -36.85
CA ASP R 374 -6.71 27.37 -37.64
C ASP R 374 -7.98 27.47 -36.81
N VAL R 375 -7.86 27.41 -35.49
CA VAL R 375 -9.01 27.51 -34.59
C VAL R 375 -8.78 28.70 -33.68
N PRO R 376 -9.08 29.92 -34.12
CA PRO R 376 -8.71 31.09 -33.31
C PRO R 376 -9.45 31.20 -32.00
N VAL R 377 -10.72 30.82 -31.96
CA VAL R 377 -11.51 31.04 -30.76
C VAL R 377 -11.06 30.12 -29.64
N ARG R 378 -10.83 28.84 -29.94
CA ARG R 378 -10.38 27.92 -28.90
C ARG R 378 -8.97 28.28 -28.42
N THR R 379 -8.10 28.70 -29.35
CA THR R 379 -6.77 29.12 -28.94
C THR R 379 -6.83 30.34 -28.04
N ALA R 380 -7.72 31.28 -28.33
CA ALA R 380 -7.87 32.44 -27.46
C ALA R 380 -8.41 32.05 -26.09
N ILE R 381 -9.36 31.13 -26.05
CA ILE R 381 -9.89 30.64 -24.77
C ILE R 381 -8.78 30.02 -23.94
N GLY R 382 -7.96 29.17 -24.58
CA GLY R 382 -6.89 28.52 -23.85
C GLY R 382 -5.84 29.50 -23.37
N ALA R 383 -5.50 30.49 -24.18
CA ALA R 383 -4.53 31.49 -23.75
C ALA R 383 -5.08 32.32 -22.59
N MET R 384 -6.38 32.62 -22.62
CA MET R 384 -6.99 33.33 -21.51
C MET R 384 -6.93 32.51 -20.22
N ALA R 385 -7.21 31.21 -20.31
CA ALA R 385 -7.14 30.36 -19.13
C ALA R 385 -5.72 30.26 -18.59
N ILE R 386 -4.73 30.18 -19.49
CA ILE R 386 -3.34 30.10 -19.04
C ILE R 386 -2.92 31.41 -18.38
N ALA R 387 -3.37 32.54 -18.91
CA ALA R 387 -3.06 33.82 -18.28
C ALA R 387 -3.67 33.92 -16.90
N PHE R 388 -4.91 33.46 -16.75
CA PHE R 388 -5.56 33.44 -15.44
C PHE R 388 -4.76 32.59 -14.46
N TYR R 389 -4.34 31.40 -14.91
CA TYR R 389 -3.56 30.52 -14.03
C TYR R 389 -2.23 31.16 -13.63
N MET R 390 -1.57 31.84 -14.58
CA MET R 390 -0.30 32.48 -14.26
C MET R 390 -0.48 33.62 -13.26
N VAL R 391 -1.57 34.39 -13.40
CA VAL R 391 -1.84 35.45 -12.44
C VAL R 391 -2.06 34.85 -11.06
N LEU R 392 -2.85 33.79 -10.98
CA LEU R 392 -3.11 33.18 -9.68
C LEU R 392 -1.84 32.60 -9.06
N THR R 393 -0.95 32.06 -9.89
CA THR R 393 0.27 31.47 -9.36
C THR R 393 1.26 32.55 -8.90
N LEU R 394 1.36 33.65 -9.64
CA LEU R 394 2.26 34.72 -9.21
C LEU R 394 1.73 35.46 -8.00
N ALA R 395 0.41 35.51 -7.82
CA ALA R 395 -0.14 36.14 -6.63
C ALA R 395 0.12 35.35 -5.35
N ALA R 396 0.71 34.16 -5.47
CA ALA R 396 1.02 33.33 -4.31
C ALA R 396 2.39 33.60 -3.73
N MET R 397 3.31 34.14 -4.53
CA MET R 397 4.65 34.51 -4.06
C MET R 397 4.77 36.00 -3.83
N ASN R 398 3.71 36.60 -3.29
CA ASN R 398 3.71 38.03 -2.97
C ASN R 398 4.93 38.44 -2.16
N ASP R 399 5.22 37.70 -1.09
CA ASP R 399 6.28 38.10 -0.17
C ASP R 399 7.62 38.09 -0.86
N ILE R 400 7.90 37.02 -1.61
CA ILE R 400 9.19 36.88 -2.29
C ILE R 400 9.35 37.96 -3.34
N ILE R 401 8.29 38.24 -4.10
CA ILE R 401 8.38 39.24 -5.15
C ILE R 401 8.59 40.62 -4.55
N ALA R 402 7.79 40.97 -3.54
CA ALA R 402 7.91 42.28 -2.92
C ALA R 402 9.21 42.46 -2.17
N LEU R 403 9.86 41.37 -1.74
CA LEU R 403 11.13 41.49 -1.04
C LEU R 403 12.30 41.60 -2.01
N LYS R 404 12.38 40.68 -2.98
CA LYS R 404 13.50 40.69 -3.92
C LYS R 404 13.42 41.89 -4.86
N PHE R 405 12.30 42.03 -5.55
CA PHE R 405 12.01 43.22 -6.35
C PHE R 405 11.30 44.21 -5.45
N HIS R 406 11.86 45.40 -5.31
CA HIS R 406 11.36 46.32 -4.28
C HIS R 406 10.00 46.89 -4.66
N ILE R 407 8.94 46.19 -4.28
CA ILE R 407 7.57 46.65 -4.51
C ILE R 407 6.81 46.55 -3.19
N SER R 408 5.81 47.41 -3.03
CA SER R 408 4.96 47.34 -1.85
C SER R 408 4.15 46.06 -1.85
N LEU R 409 3.77 45.61 -0.65
CA LEU R 409 3.00 44.38 -0.52
C LEU R 409 1.53 44.60 -0.87
N ASN R 410 0.93 45.66 -0.31
CA ASN R 410 -0.43 46.03 -0.70
C ASN R 410 -0.52 46.28 -2.19
N ALA R 411 0.54 46.84 -2.78
CA ALA R 411 0.56 47.05 -4.22
C ALA R 411 0.45 45.74 -4.97
N THR R 412 1.19 44.71 -4.55
CA THR R 412 1.11 43.42 -5.23
C THR R 412 -0.27 42.80 -5.05
N THR R 413 -0.85 42.93 -3.85
CA THR R 413 -2.20 42.40 -3.65
C THR R 413 -3.19 43.04 -4.61
N TRP R 414 -3.15 44.36 -4.73
CA TRP R 414 -4.11 45.03 -5.62
C TRP R 414 -3.80 44.75 -7.09
N ILE R 415 -2.52 44.62 -7.43
CA ILE R 415 -2.15 44.27 -8.80
C ILE R 415 -2.75 42.93 -9.18
N GLY R 416 -2.62 41.94 -8.30
CA GLY R 416 -3.26 40.66 -8.57
C GLY R 416 -4.77 40.76 -8.63
N ARG R 417 -5.36 41.51 -7.70
CA ARG R 417 -6.81 41.60 -7.64
C ARG R 417 -7.40 42.24 -8.89
N ILE R 418 -6.67 43.14 -9.52
CA ILE R 418 -7.16 43.79 -10.74
C ILE R 418 -6.77 43.01 -11.99
N GLY R 419 -5.54 42.50 -12.04
CA GLY R 419 -5.14 41.64 -13.13
C GLY R 419 -6.09 40.48 -13.33
N MET R 420 -6.56 39.88 -12.22
CA MET R 420 -7.50 38.77 -12.28
C MET R 420 -8.72 39.08 -13.16
N VAL R 421 -9.00 40.36 -13.42
CA VAL R 421 -10.14 40.75 -14.24
C VAL R 421 -9.69 41.32 -15.59
N ILE R 422 -8.60 42.07 -15.63
CA ILE R 422 -8.29 42.72 -16.91
C ILE R 422 -7.23 42.00 -17.75
N LEU R 423 -6.53 41.00 -17.22
CA LEU R 423 -5.53 40.36 -18.08
C LEU R 423 -6.13 39.31 -19.01
N PRO R 424 -7.05 38.45 -18.56
CA PRO R 424 -7.62 37.43 -19.46
C PRO R 424 -8.23 38.02 -20.72
N PRO R 425 -9.06 39.08 -20.66
CA PRO R 425 -9.64 39.57 -21.92
C PRO R 425 -8.62 40.19 -22.84
N PHE R 426 -7.64 40.91 -22.31
CA PHE R 426 -6.55 41.43 -23.12
C PHE R 426 -5.82 40.32 -23.85
N VAL R 427 -5.50 39.24 -23.13
CA VAL R 427 -4.82 38.11 -23.75
C VAL R 427 -5.71 37.48 -24.82
N TYR R 428 -7.02 37.37 -24.55
CA TYR R 428 -7.94 36.84 -25.55
C TYR R 428 -7.87 37.64 -26.85
N PHE R 429 -8.00 38.96 -26.74
CA PHE R 429 -7.99 39.82 -27.92
C PHE R 429 -6.69 39.64 -28.70
N ILE R 430 -5.55 39.71 -28.00
CA ILE R 430 -4.27 39.63 -28.70
C ILE R 430 -4.10 38.27 -29.37
N THR R 431 -4.54 37.20 -28.70
CA THR R 431 -4.37 35.87 -29.26
C THR R 431 -5.22 35.66 -30.50
N TYR R 432 -6.46 36.17 -30.48
CA TYR R 432 -7.31 36.09 -31.67
C TYR R 432 -6.64 36.79 -32.85
N ARG R 433 -6.20 38.03 -32.65
CA ARG R 433 -5.59 38.77 -33.75
C ARG R 433 -4.31 38.10 -34.23
N TRP R 434 -3.55 37.51 -33.31
CA TRP R 434 -2.30 36.85 -33.68
C TRP R 434 -2.55 35.61 -34.52
N CYS R 435 -3.56 34.81 -34.16
CA CYS R 435 -3.90 33.64 -34.95
C CYS R 435 -4.30 34.04 -36.38
N ILE R 436 -5.13 35.07 -36.51
CA ILE R 436 -5.52 35.47 -37.86
C ILE R 436 -4.32 36.01 -38.64
N GLY R 437 -3.40 36.70 -37.97
CA GLY R 437 -2.20 37.15 -38.64
C GLY R 437 -1.36 36.01 -39.19
N LEU R 438 -1.22 34.94 -38.39
CA LEU R 438 -0.49 33.77 -38.86
C LEU R 438 -1.16 33.15 -40.08
N GLN R 439 -2.50 33.06 -40.05
CA GLN R 439 -3.21 32.53 -41.21
C GLN R 439 -2.92 33.34 -42.46
N ARG R 440 -2.93 34.67 -42.33
CA ARG R 440 -2.65 35.51 -43.49
C ARG R 440 -1.23 35.33 -44.00
N SER R 441 -0.27 35.18 -43.08
CA SER R 441 1.10 34.95 -43.50
C SER R 441 1.24 33.64 -44.25
N ASP R 442 0.45 32.63 -43.89
CA ASP R 442 0.46 31.38 -44.64
C ASP R 442 -0.13 31.57 -46.04
N ARG R 443 -1.25 32.30 -46.12
CA ARG R 443 -1.89 32.50 -47.42
C ARG R 443 -1.01 33.29 -48.37
N SER R 444 -0.20 34.22 -47.84
CA SER R 444 0.66 35.00 -48.74
C SER R 444 1.74 34.13 -49.38
N VAL R 445 2.33 33.20 -48.63
CA VAL R 445 3.35 32.33 -49.22
C VAL R 445 2.71 31.25 -50.07
N LEU R 446 1.42 30.96 -49.87
CA LEU R 446 0.76 30.07 -50.82
C LEU R 446 0.51 30.77 -52.16
N GLU R 447 0.07 32.04 -52.12
CA GLU R 447 -0.25 32.74 -53.36
C GLU R 447 1.01 32.99 -54.19
N HIS R 448 2.00 33.68 -53.64
CA HIS R 448 3.30 33.86 -54.24
C HIS R 448 4.20 32.70 -53.86
N GLY R 449 5.51 32.83 -54.09
CA GLY R 449 6.47 31.82 -53.69
C GLY R 449 7.14 32.17 -52.38
N VAL R 450 8.18 31.40 -52.06
CA VAL R 450 8.98 31.64 -50.87
C VAL R 450 9.96 32.77 -51.14
N GLU R 451 9.99 33.76 -50.27
CA GLU R 451 10.92 34.88 -50.42
C GLU R 451 12.35 34.41 -50.20
N THR R 452 13.23 34.71 -51.15
CA THR R 452 14.61 34.30 -51.05
C THR R 452 15.51 35.35 -50.42
N GLY R 453 15.10 36.61 -50.44
CA GLY R 453 15.91 37.68 -49.87
C GLY R 453 16.93 38.28 -50.80
N ILE R 454 16.91 37.93 -52.09
CA ILE R 454 17.83 38.48 -53.08
C ILE R 454 17.15 39.62 -53.81
N ILE R 455 17.90 40.69 -54.06
CA ILE R 455 17.38 41.89 -54.71
C ILE R 455 18.09 42.08 -56.03
N LYS R 456 17.34 42.52 -57.04
CA LYS R 456 17.88 42.87 -58.35
C LYS R 456 17.51 44.30 -58.70
N ARG R 457 18.12 44.84 -59.76
CA ARG R 457 17.91 46.23 -60.09
C ARG R 457 17.25 46.49 -61.45
N LEU R 458 17.12 45.48 -62.33
CA LEU R 458 16.21 45.62 -63.46
C LEU R 458 16.43 46.87 -64.30
N PRO R 459 17.33 46.83 -65.29
CA PRO R 459 18.00 48.05 -65.79
C PRO R 459 17.22 49.36 -65.79
N HIS R 460 15.89 49.35 -65.90
CA HIS R 460 15.16 50.59 -65.70
C HIS R 460 14.89 50.86 -64.23
N GLY R 461 15.91 50.73 -63.39
CA GLY R 461 15.87 51.07 -61.99
C GLY R 461 14.72 50.57 -61.14
N ALA R 462 14.38 49.28 -61.23
CA ALA R 462 13.33 48.71 -60.41
C ALA R 462 13.89 47.61 -59.54
N TYR R 463 13.37 47.48 -58.33
CA TYR R 463 13.84 46.50 -57.37
C TYR R 463 12.80 45.40 -57.21
N ILE R 464 13.21 44.16 -57.49
CA ILE R 464 12.38 42.98 -57.26
C ILE R 464 13.12 42.07 -56.30
N GLU R 465 12.44 41.02 -55.85
CA GLU R 465 12.93 40.25 -54.72
C GLU R 465 13.02 38.74 -54.95
N LEU R 466 12.79 38.26 -56.18
CA LEU R 466 13.17 36.90 -56.57
C LEU R 466 12.52 35.84 -55.68
N HIS R 467 11.20 35.74 -55.78
CA HIS R 467 10.50 34.68 -55.09
C HIS R 467 10.83 33.33 -55.74
N GLN R 468 10.40 32.25 -55.08
CA GLN R 468 10.68 30.90 -55.53
C GLN R 468 9.41 30.07 -55.44
N PRO R 469 8.89 29.57 -56.56
CA PRO R 469 7.58 28.92 -56.54
C PRO R 469 7.63 27.54 -55.92
N LEU R 470 6.49 27.14 -55.36
CA LEU R 470 6.33 25.83 -54.75
C LEU R 470 5.64 24.83 -55.67
N GLY R 471 5.16 25.25 -56.82
CA GLY R 471 4.48 24.36 -57.74
C GLY R 471 4.69 24.74 -59.19
N PRO R 472 3.67 24.55 -60.02
CA PRO R 472 3.80 24.89 -61.44
C PRO R 472 3.74 26.40 -61.66
N VAL R 473 4.08 26.79 -62.88
CA VAL R 473 4.15 28.19 -63.26
C VAL R 473 3.34 28.41 -64.52
N ASP R 474 2.90 29.65 -64.75
CA ASP R 474 2.10 29.98 -65.91
C ASP R 474 3.02 30.37 -67.07
N GLU R 475 2.43 30.98 -68.11
CA GLU R 475 3.19 31.33 -69.30
C GLU R 475 4.22 32.42 -69.04
N HIS R 476 3.90 33.41 -68.19
CA HIS R 476 4.76 34.57 -68.01
C HIS R 476 5.58 34.49 -66.73
N GLY R 477 5.76 33.30 -66.16
CA GLY R 477 6.68 33.08 -65.08
C GLY R 477 6.10 33.17 -63.69
N HIS R 478 4.89 33.71 -63.53
CA HIS R 478 4.31 33.80 -62.20
C HIS R 478 3.71 32.44 -61.81
N PRO R 479 3.89 32.01 -60.57
CA PRO R 479 3.32 30.72 -60.15
C PRO R 479 1.81 30.79 -59.99
N ILE R 480 1.16 29.68 -60.29
CA ILE R 480 -0.28 29.54 -60.11
C ILE R 480 -0.54 29.25 -58.63
N PRO R 481 -1.48 29.94 -58.00
CA PRO R 481 -1.67 29.79 -56.55
C PRO R 481 -2.12 28.39 -56.16
N LEU R 482 -1.60 27.90 -55.05
CA LEU R 482 -1.96 26.61 -54.50
C LEU R 482 -3.19 26.73 -53.61
N GLN R 483 -3.66 25.60 -53.11
CA GLN R 483 -4.75 25.56 -52.15
C GLN R 483 -4.23 25.08 -50.81
N TYR R 484 -4.78 25.64 -49.73
CA TYR R 484 -4.34 25.27 -48.40
C TYR R 484 -4.86 23.88 -48.03
N GLN R 485 -3.99 23.10 -47.39
CA GLN R 485 -4.32 21.71 -47.08
C GLN R 485 -4.06 21.37 -45.61
N GLY R 486 -4.03 22.36 -44.73
CA GLY R 486 -3.84 22.11 -43.32
C GLY R 486 -2.45 21.69 -42.90
N ALA R 487 -1.47 21.83 -43.78
CA ALA R 487 -0.12 21.42 -43.46
C ALA R 487 0.81 22.63 -43.43
N PRO R 488 1.87 22.59 -42.63
CA PRO R 488 2.79 23.74 -42.56
C PRO R 488 3.53 23.94 -43.87
N LEU R 489 3.90 25.20 -44.10
CA LEU R 489 4.59 25.61 -45.31
C LEU R 489 5.98 26.15 -44.98
N PRO R 490 6.96 25.93 -45.86
CA PRO R 490 8.30 26.45 -45.59
C PRO R 490 8.36 27.95 -45.77
N LYS R 491 9.21 28.59 -44.97
CA LYS R 491 9.40 30.03 -45.03
C LYS R 491 10.84 30.46 -45.27
N ARG R 492 11.81 29.59 -45.01
CA ARG R 492 13.21 29.89 -45.23
C ARG R 492 13.75 29.04 -46.37
N MET R 493 14.56 29.65 -47.22
CA MET R 493 15.05 28.93 -48.40
C MET R 493 16.00 27.80 -48.02
N ASN R 494 16.71 27.92 -46.90
CA ASN R 494 17.66 26.90 -46.51
C ASN R 494 17.00 25.65 -45.92
N LYS R 495 15.74 25.75 -45.48
CA LYS R 495 15.05 24.56 -45.01
C LYS R 495 14.73 23.62 -46.16
N LEU R 496 14.28 24.17 -47.29
CA LEU R 496 14.40 23.46 -48.55
C LEU R 496 15.87 23.30 -48.87
N GLY R 497 16.23 22.20 -49.53
CA GLY R 497 17.63 22.07 -49.87
C GLY R 497 18.03 23.14 -50.85
N SER R 498 18.72 24.16 -50.37
CA SER R 498 19.17 25.27 -51.21
C SER R 498 20.67 25.49 -51.10
N ALA R 499 21.18 25.56 -49.88
CA ALA R 499 22.62 25.69 -49.62
C ALA R 499 22.96 24.62 -48.60
N GLY R 500 23.57 23.54 -49.07
CA GLY R 500 23.90 22.44 -48.21
C GLY R 500 25.15 21.77 -48.72
N SER R 501 25.32 20.51 -48.32
CA SER R 501 26.42 19.69 -48.78
C SER R 501 27.77 20.28 -48.35
N PRO R 502 28.10 20.24 -47.05
CA PRO R 502 29.46 20.64 -46.65
C PRO R 502 30.48 19.58 -47.03
N GLY R 503 31.75 19.80 -46.71
CA GLY R 503 32.74 18.78 -46.95
C GLY R 503 32.46 17.52 -46.17
N SER R 504 33.16 16.45 -46.53
CA SER R 504 32.95 15.15 -45.91
C SER R 504 34.20 14.68 -45.18
N GLY R 505 34.88 15.58 -44.48
CA GLY R 505 36.00 15.22 -43.65
C GLY R 505 35.53 14.62 -42.34
N SER R 506 36.29 14.87 -41.27
CA SER R 506 35.84 14.51 -39.94
C SER R 506 35.60 15.75 -39.10
N PHE R 507 36.65 16.49 -38.76
CA PHE R 507 36.54 17.91 -38.46
C PHE R 507 37.72 18.73 -38.93
N LEU R 508 38.89 18.13 -39.10
CA LEU R 508 40.11 18.86 -39.45
C LEU R 508 40.84 18.30 -40.64
N PHE R 509 40.49 17.11 -41.11
CA PHE R 509 41.14 16.48 -42.24
C PHE R 509 40.09 16.01 -43.23
N ALA R 510 40.31 16.31 -44.50
CA ALA R 510 39.33 15.98 -45.53
C ALA R 510 39.42 14.53 -45.94
N ASP R 511 38.32 14.01 -46.48
CA ASP R 511 38.28 12.69 -47.08
C ASP R 511 38.62 12.78 -48.56
N SER R 512 38.62 11.63 -49.23
CA SER R 512 38.86 11.61 -50.67
C SER R 512 37.67 12.21 -51.40
N ALA R 513 37.90 12.54 -52.68
CA ALA R 513 36.83 13.12 -53.49
C ALA R 513 35.83 12.06 -53.93
N ALA R 514 36.30 10.85 -54.20
CA ALA R 514 35.41 9.78 -54.61
C ALA R 514 34.41 9.45 -53.51
N GLU R 515 34.88 9.34 -52.27
CA GLU R 515 34.00 9.07 -51.15
C GLU R 515 32.96 10.17 -51.00
N ASP R 516 33.38 11.42 -51.10
CA ASP R 516 32.47 12.54 -50.96
C ASP R 516 31.39 12.50 -52.04
N ALA R 517 31.81 12.32 -53.30
CA ALA R 517 30.84 12.27 -54.39
C ALA R 517 29.86 11.13 -54.21
N ALA R 518 30.36 9.93 -53.90
CA ALA R 518 29.50 8.77 -53.74
C ALA R 518 28.48 8.97 -52.62
N LEU R 519 28.95 9.43 -51.46
CA LEU R 519 28.04 9.63 -50.34
C LEU R 519 26.99 10.69 -50.64
N ARG R 520 27.42 11.83 -51.20
CA ARG R 520 26.47 12.87 -51.56
C ARG R 520 25.42 12.36 -52.53
N GLU R 521 25.86 11.58 -53.51
CA GLU R 521 24.98 11.20 -54.60
C GLU R 521 23.97 10.15 -54.14
N ALA R 522 24.43 9.18 -53.34
CA ALA R 522 23.50 8.20 -52.78
C ALA R 522 22.52 8.84 -51.80
N GLY R 523 22.98 9.80 -51.00
CA GLY R 523 22.06 10.49 -50.12
C GLY R 523 20.98 11.23 -50.87
N HIS R 524 21.36 11.95 -51.93
CA HIS R 524 20.36 12.63 -52.75
C HIS R 524 19.36 11.64 -53.33
N ALA R 525 19.86 10.52 -53.85
CA ALA R 525 18.95 9.52 -54.44
C ALA R 525 17.96 9.01 -53.42
N ALA R 526 18.42 8.69 -52.21
CA ALA R 526 17.53 8.13 -51.20
C ALA R 526 16.48 9.14 -50.75
N GLU R 527 16.87 10.40 -50.61
CA GLU R 527 15.91 11.46 -50.31
C GLU R 527 14.83 11.53 -51.38
N GLN R 528 15.24 11.61 -52.65
CA GLN R 528 14.26 11.70 -53.73
C GLN R 528 13.33 10.49 -53.73
N ARG R 529 13.86 9.29 -53.47
CA ARG R 529 13.03 8.10 -53.47
C ARG R 529 12.02 8.12 -52.33
N ALA R 530 12.43 8.54 -51.14
CA ALA R 530 11.48 8.67 -50.04
C ALA R 530 10.34 9.61 -50.41
N LEU R 531 10.68 10.79 -50.91
CA LEU R 531 9.65 11.74 -51.35
C LEU R 531 8.70 11.13 -52.37
N ALA R 532 9.24 10.55 -53.45
CA ALA R 532 8.41 10.04 -54.53
C ALA R 532 7.56 8.87 -54.07
N ALA R 533 8.05 8.09 -53.12
CA ALA R 533 7.28 6.96 -52.61
C ALA R 533 6.10 7.43 -51.78
N LEU R 534 6.32 8.42 -50.89
CA LEU R 534 5.22 8.81 -50.01
C LEU R 534 4.17 9.64 -50.73
N ARG R 535 4.57 10.42 -51.74
CA ARG R 535 3.56 11.10 -52.56
C ARG R 535 2.57 10.10 -53.17
N GLU R 536 3.09 9.09 -53.86
CA GLU R 536 2.31 8.27 -54.78
C GLU R 536 1.24 7.45 -54.10
N HIS R 537 1.45 7.04 -52.85
CA HIS R 537 0.46 6.25 -52.14
C HIS R 537 -0.83 7.05 -51.94
N ASP S 50 -2.92 -20.17 -48.94
CA ASP S 50 -1.64 -20.68 -49.44
C ASP S 50 -1.59 -22.18 -49.69
N GLU S 51 -0.52 -22.80 -49.21
CA GLU S 51 -0.16 -24.16 -49.60
C GLU S 51 0.84 -24.71 -48.60
N ALA S 52 1.35 -25.90 -48.90
CA ALA S 52 2.51 -26.42 -48.18
C ALA S 52 3.80 -25.83 -48.71
N ALA S 53 3.78 -25.32 -49.93
CA ALA S 53 4.97 -24.78 -50.60
C ALA S 53 5.27 -23.37 -50.11
N LEU S 54 4.69 -22.99 -48.96
CA LEU S 54 5.07 -21.74 -48.31
C LEU S 54 6.57 -21.66 -48.05
N ALA S 55 7.24 -22.80 -47.93
CA ALA S 55 8.69 -22.80 -47.86
C ALA S 55 9.28 -22.42 -49.21
N ALA S 56 10.62 -22.42 -49.27
CA ALA S 56 11.36 -21.96 -50.45
C ALA S 56 11.05 -20.50 -50.79
N MET S 57 10.34 -19.82 -49.90
CA MET S 57 10.02 -18.40 -50.04
C MET S 57 11.01 -17.58 -49.24
N SER S 58 11.50 -16.49 -49.83
CA SER S 58 12.57 -15.73 -49.20
C SER S 58 12.02 -14.90 -48.04
N ASN S 59 12.91 -14.13 -47.41
CA ASN S 59 12.54 -13.38 -46.22
C ASN S 59 11.57 -12.25 -46.53
N GLN S 60 11.80 -11.54 -47.64
CA GLN S 60 11.03 -10.33 -47.91
C GLN S 60 9.60 -10.65 -48.33
N GLU S 61 9.40 -11.74 -49.07
CA GLU S 61 8.03 -12.13 -49.40
C GLU S 61 7.27 -12.54 -48.15
N LEU S 62 7.93 -13.23 -47.21
CA LEU S 62 7.28 -13.57 -45.95
C LEU S 62 6.91 -12.31 -45.18
N LEU S 63 7.82 -11.34 -45.15
CA LEU S 63 7.56 -10.12 -44.39
C LEU S 63 6.40 -9.34 -45.01
N ALA S 64 6.38 -9.21 -46.33
CA ALA S 64 5.27 -8.51 -46.98
C ALA S 64 3.97 -9.28 -46.80
N LEU S 65 4.02 -10.61 -46.77
CA LEU S 65 2.83 -11.40 -46.54
C LEU S 65 2.27 -11.16 -45.15
N GLY S 66 3.14 -11.18 -44.13
CA GLY S 66 2.68 -10.84 -42.79
C GLY S 66 2.11 -9.44 -42.70
N GLY S 67 2.78 -8.47 -43.32
CA GLY S 67 2.26 -7.12 -43.32
C GLY S 67 0.88 -7.02 -43.94
N LYS S 68 0.69 -7.65 -45.10
CA LYS S 68 -0.63 -7.60 -45.72
C LYS S 68 -1.68 -8.36 -44.91
N LEU S 69 -1.31 -9.45 -44.24
CA LEU S 69 -2.21 -10.07 -43.28
C LEU S 69 -2.61 -9.13 -42.14
N ASP S 70 -1.71 -8.25 -41.71
CA ASP S 70 -2.05 -7.30 -40.65
C ASP S 70 -2.66 -6.00 -41.14
N GLY S 71 -2.55 -5.72 -42.44
CA GLY S 71 -3.01 -4.44 -42.97
C GLY S 71 -1.92 -3.39 -43.07
N VAL S 72 -0.69 -3.74 -42.73
CA VAL S 72 0.44 -2.81 -42.81
C VAL S 72 1.09 -2.95 -44.18
N ARG S 73 1.48 -1.82 -44.75
CA ARG S 73 2.13 -1.79 -46.06
C ARG S 73 3.35 -0.90 -45.94
N ILE S 74 4.51 -1.48 -45.60
CA ILE S 74 5.74 -0.73 -45.40
C ILE S 74 6.23 -0.26 -46.77
N ALA S 75 6.36 1.05 -46.93
CA ALA S 75 6.96 1.63 -48.12
C ALA S 75 8.28 2.30 -47.77
N TYR S 76 9.22 2.25 -48.71
CA TYR S 76 10.50 2.92 -48.57
C TYR S 76 11.26 2.44 -47.33
N LYS S 77 11.78 1.22 -47.43
CA LYS S 77 12.81 0.77 -46.51
C LYS S 77 14.17 0.91 -47.17
N GLU S 78 15.13 1.51 -46.46
CA GLU S 78 16.45 1.86 -46.98
C GLU S 78 17.56 1.66 -45.96
N PRO S 79 18.60 0.87 -46.28
CA PRO S 79 19.81 0.86 -45.45
C PRO S 79 20.43 2.24 -45.32
N ARG S 80 21.36 2.39 -44.37
CA ARG S 80 21.98 3.70 -44.12
C ARG S 80 23.30 3.87 -44.84
N TRP S 81 24.04 2.77 -45.06
CA TRP S 81 25.35 2.81 -45.71
C TRP S 81 25.32 1.90 -46.93
N PRO S 82 24.87 2.41 -48.07
CA PRO S 82 24.85 1.59 -49.29
C PRO S 82 26.23 1.21 -49.78
N VAL S 83 27.17 2.16 -49.77
CA VAL S 83 28.56 1.85 -50.09
C VAL S 83 29.13 0.98 -48.99
N GLU S 84 30.24 0.28 -49.28
CA GLU S 84 30.82 -0.61 -48.30
C GLU S 84 31.58 0.20 -47.26
N GLY S 85 32.46 -0.45 -46.50
CA GLY S 85 33.32 0.23 -45.57
C GLY S 85 33.90 1.52 -46.10
N THR S 86 33.61 2.61 -45.39
CA THR S 86 34.21 3.91 -45.68
C THR S 86 34.77 4.42 -44.37
N LYS S 87 35.36 5.61 -44.40
CA LYS S 87 35.83 6.18 -43.14
C LYS S 87 34.69 6.83 -42.37
N ALA S 88 33.65 7.30 -43.06
CA ALA S 88 32.51 7.89 -42.37
C ALA S 88 31.80 6.84 -41.51
N GLU S 89 31.67 5.62 -42.01
CA GLU S 89 31.02 4.57 -41.25
C GLU S 89 31.82 4.22 -40.00
N LYS S 90 33.15 4.09 -40.14
CA LYS S 90 33.99 3.81 -38.98
C LYS S 90 33.90 4.94 -37.96
N ARG S 91 33.88 6.19 -38.43
CA ARG S 91 33.79 7.32 -37.51
C ARG S 91 32.46 7.31 -36.77
N ALA S 92 31.37 7.03 -37.47
CA ALA S 92 30.07 6.99 -36.79
C ALA S 92 30.02 5.86 -35.77
N GLU S 93 30.57 4.70 -36.11
CA GLU S 93 30.62 3.59 -35.16
C GLU S 93 31.45 3.95 -33.93
N ARG S 94 32.61 4.58 -34.12
CA ARG S 94 33.45 4.95 -33.00
C ARG S 94 32.76 5.98 -32.10
N SER S 95 32.07 6.94 -32.72
CA SER S 95 31.34 7.95 -31.96
C SER S 95 30.21 7.32 -31.16
N VAL S 96 29.49 6.36 -31.74
CA VAL S 96 28.44 5.70 -30.98
C VAL S 96 29.03 4.90 -29.83
N ALA S 97 30.23 4.36 -30.01
CA ALA S 97 30.80 3.50 -28.97
C ALA S 97 31.35 4.28 -27.78
N VAL S 98 31.95 5.46 -28.04
CA VAL S 98 32.59 6.18 -26.93
C VAL S 98 31.57 6.62 -25.89
N TRP S 99 30.33 6.90 -26.30
CA TRP S 99 29.30 7.30 -25.35
C TRP S 99 28.99 6.17 -24.37
N LEU S 100 28.82 4.95 -24.89
CA LEU S 100 28.55 3.82 -24.02
C LEU S 100 29.75 3.51 -23.14
N LEU S 101 30.97 3.69 -23.66
CA LEU S 101 32.15 3.55 -22.81
C LEU S 101 32.10 4.52 -21.64
N LEU S 102 31.77 5.79 -21.91
CA LEU S 102 31.67 6.77 -20.85
C LEU S 102 30.61 6.39 -19.83
N GLY S 103 29.46 5.92 -20.31
CA GLY S 103 28.40 5.50 -19.40
C GLY S 103 28.85 4.40 -18.46
N GLY S 104 29.51 3.38 -18.99
CA GLY S 104 30.00 2.30 -18.14
C GLY S 104 31.06 2.76 -17.16
N VAL S 105 32.00 3.58 -17.64
CA VAL S 105 33.07 4.08 -16.78
C VAL S 105 32.48 4.83 -15.60
N PHE S 106 31.50 5.68 -15.83
CA PHE S 106 30.97 6.45 -14.71
C PHE S 106 29.93 5.70 -13.89
N GLY S 107 29.35 4.61 -14.40
CA GLY S 107 28.65 3.69 -13.51
C GLY S 107 29.60 3.04 -12.52
N LEU S 108 30.77 2.60 -13.01
CA LEU S 108 31.80 2.09 -12.10
C LEU S 108 32.22 3.16 -11.10
N ALA S 109 32.36 4.41 -11.57
CA ALA S 109 32.69 5.51 -10.67
C ALA S 109 31.61 5.70 -9.61
N LEU S 110 30.34 5.55 -9.98
CA LEU S 110 29.27 5.59 -8.99
C LEU S 110 29.45 4.53 -7.93
N LEU S 111 29.73 3.29 -8.34
CA LEU S 111 29.93 2.23 -7.37
C LEU S 111 31.07 2.57 -6.40
N LEU S 112 32.21 3.01 -6.95
CA LEU S 112 33.35 3.31 -6.10
C LEU S 112 33.07 4.46 -5.14
N ILE S 113 32.40 5.51 -5.64
CA ILE S 113 32.08 6.65 -4.79
C ILE S 113 31.13 6.23 -3.66
N PHE S 114 30.10 5.46 -3.99
CA PHE S 114 29.18 5.00 -2.96
C PHE S 114 29.88 4.16 -1.92
N LEU S 115 30.88 3.37 -2.32
CA LEU S 115 31.52 2.50 -1.34
C LEU S 115 32.53 3.24 -0.47
N PHE S 116 33.36 4.12 -1.05
CA PHE S 116 34.52 4.65 -0.34
C PHE S 116 34.49 6.15 -0.14
N TRP S 117 33.33 6.75 0.06
CA TRP S 117 33.39 8.18 0.27
C TRP S 117 32.95 8.54 1.68
N PRO S 118 33.60 9.52 2.32
CA PRO S 118 33.15 9.96 3.65
C PRO S 118 31.76 10.57 3.63
N TRP S 119 30.80 9.89 4.26
CA TRP S 119 29.40 10.27 4.14
C TRP S 119 28.76 10.74 5.42
N GLU S 120 29.35 10.47 6.59
CA GLU S 120 28.68 10.78 7.84
C GLU S 120 28.58 12.28 8.06
N PHE S 121 27.56 12.68 8.84
CA PHE S 121 27.37 14.07 9.19
C PHE S 121 28.54 14.54 10.06
N LYS S 122 29.25 15.57 9.60
CA LYS S 122 30.41 16.09 10.30
C LYS S 122 30.30 17.58 10.60
N ALA S 123 29.15 18.19 10.32
CA ALA S 123 29.07 19.64 10.29
C ALA S 123 29.38 20.24 11.65
N ALA S 124 30.15 21.32 11.63
CA ALA S 124 30.49 22.14 12.77
C ALA S 124 31.11 23.41 12.22
N ASP S 125 31.65 24.25 13.08
CA ASP S 125 32.41 25.39 12.63
C ASP S 125 33.89 25.29 12.97
N GLY S 126 34.33 24.22 13.63
CA GLY S 126 35.74 24.02 13.89
C GLY S 126 36.42 23.27 12.78
N GLU S 127 35.92 22.07 12.48
CA GLU S 127 36.40 21.28 11.35
C GLU S 127 35.41 21.51 10.21
N SER S 128 35.72 22.49 9.36
CA SER S 128 34.91 22.71 8.17
C SER S 128 35.14 21.55 7.22
N ASP S 129 34.13 20.69 7.11
CA ASP S 129 34.30 19.40 6.43
C ASP S 129 34.42 19.57 4.92
N PHE S 130 33.36 20.06 4.27
CA PHE S 130 33.35 20.34 2.83
C PHE S 130 33.49 19.06 2.02
N ILE S 131 33.75 17.94 2.68
CA ILE S 131 33.83 16.64 2.02
C ILE S 131 32.49 15.98 2.22
N TYR S 132 31.87 16.24 3.37
CA TYR S 132 30.51 15.77 3.60
C TYR S 132 29.52 16.56 2.77
N SER S 133 29.77 17.85 2.54
CA SER S 133 28.85 18.63 1.73
C SER S 133 28.89 18.26 0.25
N LEU S 134 29.84 17.43 -0.16
CA LEU S 134 29.94 16.97 -1.54
C LEU S 134 29.51 15.51 -1.72
N THR S 135 28.83 14.92 -0.74
CA THR S 135 28.59 13.49 -0.82
C THR S 135 27.36 13.17 -1.67
N THR S 136 26.31 13.97 -1.60
CA THR S 136 25.11 13.75 -2.39
C THR S 136 25.29 14.26 -3.82
N PRO S 137 25.86 15.45 -4.02
CA PRO S 137 26.18 15.87 -5.39
C PRO S 137 26.96 14.85 -6.19
N LEU S 138 27.88 14.13 -5.56
CA LEU S 138 28.65 13.14 -6.32
C LEU S 138 27.79 11.94 -6.70
N TYR S 139 26.93 11.48 -5.79
CA TYR S 139 26.00 10.41 -6.13
C TYR S 139 25.18 10.79 -7.35
N GLY S 140 24.56 11.97 -7.32
CA GLY S 140 23.75 12.40 -8.44
C GLY S 140 24.56 12.53 -9.71
N LEU S 141 25.71 13.19 -9.62
CA LEU S 141 26.52 13.47 -10.79
C LEU S 141 26.99 12.20 -11.47
N THR S 142 27.28 11.15 -10.71
CA THR S 142 27.72 9.91 -11.35
C THR S 142 26.53 9.13 -11.90
N PHE S 143 25.49 8.95 -11.09
CA PHE S 143 24.34 8.13 -11.50
C PHE S 143 23.68 8.72 -12.75
N GLY S 144 23.23 9.97 -12.67
CA GLY S 144 22.52 10.56 -13.78
C GLY S 144 23.35 10.64 -15.04
N LEU S 145 24.65 10.96 -14.90
CA LEU S 145 25.47 11.11 -16.09
C LEU S 145 25.71 9.78 -16.76
N SER S 146 25.92 8.71 -15.98
CA SER S 146 26.08 7.39 -16.58
C SER S 146 24.85 7.01 -17.39
N ILE S 147 23.66 7.13 -16.78
CA ILE S 147 22.48 6.67 -17.52
C ILE S 147 22.16 7.61 -18.69
N LEU S 148 22.48 8.89 -18.58
CA LEU S 148 22.33 9.80 -19.71
C LEU S 148 23.24 9.42 -20.87
N SER S 149 24.48 9.06 -20.57
CA SER S 149 25.38 8.66 -21.64
C SER S 149 24.86 7.41 -22.34
N ILE S 150 24.33 6.46 -21.58
CA ILE S 150 23.76 5.27 -22.21
C ILE S 150 22.60 5.66 -23.13
N ALA S 151 21.72 6.54 -22.66
CA ALA S 151 20.58 6.94 -23.48
C ALA S 151 21.03 7.63 -24.76
N ILE S 152 22.04 8.51 -24.67
CA ILE S 152 22.50 9.24 -25.84
C ILE S 152 23.13 8.29 -26.85
N GLY S 153 23.92 7.33 -26.36
CA GLY S 153 24.46 6.33 -27.27
C GLY S 153 23.37 5.56 -27.99
N ALA S 154 22.31 5.19 -27.28
CA ALA S 154 21.21 4.47 -27.92
C ALA S 154 20.52 5.32 -28.97
N VAL S 155 20.25 6.59 -28.66
CA VAL S 155 19.61 7.45 -29.65
C VAL S 155 20.48 7.60 -30.89
N LEU S 156 21.79 7.77 -30.71
CA LEU S 156 22.67 7.89 -31.86
C LEU S 156 22.66 6.63 -32.70
N TYR S 157 22.69 5.46 -32.04
CA TYR S 157 22.65 4.21 -32.78
C TYR S 157 21.37 4.10 -33.61
N GLN S 158 20.23 4.48 -33.03
CA GLN S 158 18.99 4.41 -33.78
C GLN S 158 18.99 5.40 -34.93
N LYS S 159 19.60 6.57 -34.75
CA LYS S 159 19.56 7.59 -35.78
C LYS S 159 20.53 7.33 -36.92
N ARG S 160 21.57 6.52 -36.71
CA ARG S 160 22.59 6.37 -37.73
C ARG S 160 22.83 4.95 -38.23
N PHE S 161 22.21 3.95 -37.66
CA PHE S 161 22.48 2.60 -38.17
C PHE S 161 21.22 1.82 -38.51
N ILE S 162 20.14 2.02 -37.76
CA ILE S 162 18.90 1.28 -38.07
C ILE S 162 18.26 1.88 -39.31
N PRO S 163 17.82 1.08 -40.27
CA PRO S 163 17.28 1.62 -41.52
C PRO S 163 16.06 2.50 -41.31
N GLU S 164 15.85 3.40 -42.27
CA GLU S 164 14.75 4.35 -42.27
C GLU S 164 13.54 3.75 -42.97
N GLU S 165 12.36 3.95 -42.41
CA GLU S 165 11.17 3.28 -42.91
C GLU S 165 9.95 4.18 -42.78
N ILE S 166 8.92 3.82 -43.54
CA ILE S 166 7.60 4.45 -43.48
C ILE S 166 6.57 3.33 -43.62
N SER S 167 5.50 3.41 -42.84
CA SER S 167 4.48 2.36 -42.85
C SER S 167 3.10 2.98 -42.81
N ILE S 168 2.09 2.18 -43.17
CA ILE S 168 0.69 2.61 -43.23
C ILE S 168 -0.18 1.49 -42.68
N GLN S 169 -1.19 1.85 -41.89
CA GLN S 169 -1.76 0.93 -40.90
C GLN S 169 -3.19 0.47 -41.14
N GLU S 170 -3.99 1.15 -41.97
CA GLU S 170 -5.34 0.68 -42.30
C GLU S 170 -6.23 0.67 -41.05
N ARG S 171 -6.58 1.88 -40.58
CA ARG S 171 -7.31 2.08 -39.33
C ARG S 171 -8.45 1.10 -39.08
N HIS S 172 -9.42 1.04 -40.00
CA HIS S 172 -10.63 0.24 -39.83
C HIS S 172 -11.43 0.71 -38.60
N ASP S 173 -11.84 1.97 -38.63
CA ASP S 173 -12.57 2.54 -37.50
C ASP S 173 -14.07 2.46 -37.73
N GLY S 174 -14.85 3.14 -36.89
CA GLY S 174 -16.28 3.24 -37.08
C GLY S 174 -17.07 2.14 -36.39
N ALA S 175 -18.32 2.04 -36.77
CA ALA S 175 -19.19 1.00 -36.22
C ALA S 175 -18.74 -0.37 -36.70
N SER S 176 -19.21 -1.41 -36.01
CA SER S 176 -18.88 -2.77 -36.40
C SER S 176 -19.63 -3.15 -37.67
N ARG S 177 -19.18 -4.24 -38.27
CA ARG S 177 -19.95 -4.86 -39.34
C ARG S 177 -21.29 -5.32 -38.79
N GLU S 178 -22.34 -5.17 -39.60
CA GLU S 178 -23.68 -5.48 -39.13
C GLU S 178 -23.79 -6.91 -38.64
N ILE S 179 -22.96 -7.81 -39.17
CA ILE S 179 -23.00 -9.22 -38.79
C ILE S 179 -22.83 -9.34 -37.27
N ASP S 180 -21.77 -8.73 -36.74
CA ASP S 180 -21.45 -8.87 -35.33
C ASP S 180 -22.48 -8.19 -34.45
N ARG S 181 -22.93 -7.00 -34.86
CA ARG S 181 -23.93 -6.28 -34.08
C ARG S 181 -25.20 -7.09 -33.94
N LYS S 182 -25.72 -7.59 -35.06
CA LYS S 182 -26.96 -8.36 -35.00
C LYS S 182 -26.78 -9.63 -34.19
N THR S 183 -25.66 -10.33 -34.37
CA THR S 183 -25.48 -11.58 -33.63
C THR S 183 -25.37 -11.34 -32.13
N VAL S 184 -24.60 -10.33 -31.70
CA VAL S 184 -24.41 -10.12 -30.28
C VAL S 184 -25.69 -9.60 -29.63
N VAL S 185 -26.46 -8.76 -30.36
CA VAL S 185 -27.71 -8.29 -29.78
C VAL S 185 -28.71 -9.43 -29.69
N ALA S 186 -28.69 -10.36 -30.64
CA ALA S 186 -29.57 -11.52 -30.55
C ALA S 186 -29.18 -12.40 -29.37
N ASN S 187 -27.88 -12.59 -29.15
CA ASN S 187 -27.44 -13.37 -28.00
C ASN S 187 -27.91 -12.76 -26.69
N LEU S 188 -27.70 -11.45 -26.53
CA LEU S 188 -28.13 -10.77 -25.30
C LEU S 188 -29.65 -10.87 -25.13
N THR S 189 -30.41 -10.57 -26.19
CA THR S 189 -31.86 -10.60 -26.08
C THR S 189 -32.39 -12.00 -25.77
N ASP S 190 -31.78 -13.04 -26.35
CA ASP S 190 -32.28 -14.38 -26.08
C ASP S 190 -31.92 -14.82 -24.68
N ALA S 191 -30.71 -14.50 -24.21
CA ALA S 191 -30.36 -14.81 -22.83
C ALA S 191 -31.29 -14.10 -21.85
N PHE S 192 -31.80 -12.92 -22.21
CA PHE S 192 -32.71 -12.22 -21.31
C PHE S 192 -34.14 -12.76 -21.39
N GLU S 193 -34.66 -12.99 -22.60
CA GLU S 193 -36.04 -13.44 -22.73
C GLU S 193 -36.21 -14.89 -22.32
N GLY S 194 -35.15 -15.70 -22.42
CA GLY S 194 -35.28 -17.10 -22.09
C GLY S 194 -35.48 -17.37 -20.61
N SER S 195 -34.91 -16.51 -19.77
CA SER S 195 -35.08 -16.63 -18.32
C SER S 195 -36.49 -16.31 -17.86
N THR S 196 -37.34 -15.79 -18.74
CA THR S 196 -38.74 -15.48 -18.44
C THR S 196 -38.88 -14.46 -17.32
N ILE S 197 -37.79 -13.78 -16.95
CA ILE S 197 -37.84 -12.86 -15.83
C ILE S 197 -38.74 -11.67 -16.11
N ARG S 198 -38.99 -11.36 -17.40
CA ARG S 198 -39.79 -10.19 -17.74
C ARG S 198 -41.23 -10.34 -17.25
N ARG S 199 -41.80 -11.54 -17.36
CA ARG S 199 -43.18 -11.77 -16.92
C ARG S 199 -43.25 -12.27 -15.48
N ARG S 200 -42.15 -12.20 -14.73
CA ARG S 200 -42.12 -12.53 -13.31
C ARG S 200 -41.91 -11.24 -12.54
N LYS S 201 -43.00 -10.55 -12.20
CA LYS S 201 -42.89 -9.26 -11.53
C LYS S 201 -42.46 -9.40 -10.08
N LEU S 202 -43.08 -10.35 -9.37
CA LEU S 202 -42.86 -10.46 -7.94
C LEU S 202 -41.42 -10.81 -7.62
N ILE S 203 -40.85 -11.77 -8.34
CA ILE S 203 -39.45 -12.15 -8.13
C ILE S 203 -38.54 -10.95 -8.37
N GLY S 204 -38.75 -10.23 -9.46
CA GLY S 204 -37.86 -9.13 -9.77
C GLY S 204 -37.92 -8.03 -8.73
N LEU S 205 -39.13 -7.67 -8.30
CA LEU S 205 -39.26 -6.55 -7.37
C LEU S 205 -38.76 -6.92 -5.98
N SER S 206 -39.04 -8.15 -5.53
CA SER S 206 -38.50 -8.60 -4.25
C SER S 206 -36.98 -8.66 -4.30
N PHE S 207 -36.43 -9.12 -5.42
CA PHE S 207 -34.98 -9.14 -5.59
C PHE S 207 -34.40 -7.73 -5.48
N GLY S 208 -35.04 -6.77 -6.16
CA GLY S 208 -34.57 -5.41 -6.09
C GLY S 208 -34.58 -4.86 -4.68
N VAL S 209 -35.70 -5.02 -3.98
CA VAL S 209 -35.79 -4.47 -2.62
C VAL S 209 -34.79 -5.15 -1.70
N GLY S 210 -34.61 -6.46 -1.86
CA GLY S 210 -33.65 -7.16 -1.02
C GLY S 210 -32.22 -6.68 -1.23
N MET S 211 -31.78 -6.60 -2.49
CA MET S 211 -30.43 -6.13 -2.77
C MET S 211 -30.25 -4.70 -2.29
N GLY S 212 -31.25 -3.84 -2.52
CA GLY S 212 -31.14 -2.46 -2.07
C GLY S 212 -31.01 -2.34 -0.56
N ALA S 213 -31.80 -3.11 0.19
CA ALA S 213 -31.70 -3.06 1.63
C ALA S 213 -30.34 -3.58 2.11
N PHE S 214 -29.86 -4.67 1.52
CA PHE S 214 -28.55 -5.20 1.93
C PHE S 214 -27.46 -4.17 1.66
N GLY S 215 -27.45 -3.59 0.47
CA GLY S 215 -26.42 -2.62 0.14
C GLY S 215 -26.47 -1.40 1.04
N LEU S 216 -27.66 -0.89 1.32
CA LEU S 216 -27.79 0.27 2.20
C LEU S 216 -27.27 -0.06 3.60
N GLY S 217 -27.72 -1.17 4.19
CA GLY S 217 -27.24 -1.53 5.51
C GLY S 217 -25.74 -1.71 5.55
N THR S 218 -25.18 -2.37 4.53
CA THR S 218 -23.74 -2.60 4.50
C THR S 218 -22.97 -1.29 4.41
N LEU S 219 -23.40 -0.37 3.55
CA LEU S 219 -22.65 0.87 3.41
C LEU S 219 -22.75 1.70 4.68
N VAL S 220 -23.93 1.72 5.32
CA VAL S 220 -24.07 2.46 6.56
C VAL S 220 -23.16 1.88 7.63
N ALA S 221 -23.07 0.55 7.73
CA ALA S 221 -22.16 -0.04 8.71
C ALA S 221 -20.70 0.22 8.34
N PHE S 222 -20.40 0.35 7.06
CA PHE S 222 -19.02 0.62 6.67
C PHE S 222 -18.60 2.04 7.05
N ALA S 223 -19.46 3.02 6.78
CA ALA S 223 -19.11 4.42 7.03
C ALA S 223 -19.64 4.95 8.36
N GLY S 224 -20.03 4.07 9.27
CA GLY S 224 -20.58 4.50 10.54
C GLY S 224 -19.62 4.58 11.69
N GLY S 225 -18.44 3.99 11.56
CA GLY S 225 -17.45 4.08 12.63
C GLY S 225 -16.65 5.36 12.62
N LEU S 226 -16.65 6.08 11.50
CA LEU S 226 -15.90 7.32 11.38
C LEU S 226 -16.65 8.53 11.90
N ILE S 227 -17.97 8.49 11.92
CA ILE S 227 -18.77 9.67 12.19
C ILE S 227 -18.79 9.96 13.68
N LYS S 228 -18.46 11.19 14.05
CA LYS S 228 -18.46 11.63 15.44
C LYS S 228 -19.27 12.91 15.57
N ASN S 229 -19.84 13.10 16.74
CA ASN S 229 -20.63 14.30 17.02
C ASN S 229 -19.71 15.41 17.51
N PRO S 230 -19.65 16.56 16.83
CA PRO S 230 -18.75 17.63 17.29
C PRO S 230 -19.23 18.37 18.51
N TRP S 231 -20.48 18.19 18.92
CA TRP S 231 -21.08 18.98 19.99
C TRP S 231 -21.38 18.15 21.23
N LYS S 232 -20.65 17.06 21.43
CA LYS S 232 -21.00 16.44 22.70
C LYS S 232 -20.14 17.03 23.81
N PRO S 233 -20.75 17.36 24.96
CA PRO S 233 -19.99 17.97 26.06
C PRO S 233 -19.00 16.99 26.65
N VAL S 234 -17.72 17.29 26.53
CA VAL S 234 -16.66 16.40 27.02
C VAL S 234 -15.64 17.14 27.85
N VAL S 235 -15.65 18.47 27.80
CA VAL S 235 -14.63 19.29 28.45
C VAL S 235 -15.22 19.83 29.75
N PRO S 236 -14.62 19.55 30.91
CA PRO S 236 -15.19 20.01 32.17
C PRO S 236 -14.81 21.45 32.48
N THR S 237 -15.81 22.29 32.73
CA THR S 237 -15.59 23.70 33.03
C THR S 237 -16.37 24.09 34.28
N ALA S 238 -16.44 25.39 34.57
CA ALA S 238 -17.10 25.86 35.77
C ALA S 238 -18.61 25.97 35.63
N GLU S 239 -19.16 25.74 34.44
CA GLU S 239 -20.61 25.70 34.31
C GLU S 239 -21.04 24.37 33.70
N GLY S 240 -20.41 23.28 34.14
CA GLY S 240 -20.75 21.98 33.61
C GLY S 240 -19.71 21.49 32.63
N LYS S 241 -20.17 21.01 31.48
CA LYS S 241 -19.30 20.50 30.44
C LYS S 241 -19.70 21.10 29.11
N LYS S 242 -18.70 21.50 28.33
CA LYS S 242 -18.91 22.17 27.06
C LYS S 242 -18.35 21.33 25.92
N ALA S 243 -18.63 21.78 24.71
CA ALA S 243 -18.03 21.20 23.53
C ALA S 243 -16.60 21.69 23.36
N VAL S 244 -15.81 20.91 22.63
CA VAL S 244 -14.39 21.23 22.49
C VAL S 244 -14.20 22.57 21.78
N LEU S 245 -15.08 22.87 20.83
CA LEU S 245 -14.88 24.02 19.96
C LEU S 245 -15.23 25.34 20.64
N TRP S 246 -15.56 25.33 21.92
CA TRP S 246 -15.85 26.56 22.64
C TRP S 246 -14.99 26.75 23.88
N THR S 247 -14.24 25.74 24.29
CA THR S 247 -13.26 25.87 25.36
C THR S 247 -11.90 26.20 24.76
N SER S 248 -11.04 26.78 25.58
CA SER S 248 -9.79 27.34 25.07
C SER S 248 -8.55 26.97 25.84
N GLY S 249 -8.66 26.48 27.06
CA GLY S 249 -7.53 26.38 27.95
C GLY S 249 -7.34 27.60 28.82
N TRP S 250 -7.84 28.75 28.39
CA TRP S 250 -8.01 29.91 29.25
C TRP S 250 -9.34 29.85 30.02
N THR S 251 -10.09 28.79 29.87
CA THR S 251 -11.39 28.67 30.52
C THR S 251 -11.23 28.23 31.97
N PRO S 252 -11.84 28.92 32.91
CA PRO S 252 -11.71 28.53 34.32
C PRO S 252 -12.39 27.19 34.58
N ARG S 253 -11.88 26.47 35.58
CA ARG S 253 -12.37 25.13 35.87
C ARG S 253 -13.14 25.01 37.17
N TYR S 254 -12.81 25.79 38.20
CA TYR S 254 -13.53 25.67 39.47
C TYR S 254 -13.86 27.05 40.04
N GLN S 255 -14.33 27.96 39.19
CA GLN S 255 -14.97 29.20 39.62
C GLN S 255 -14.04 30.01 40.52
N GLY S 256 -12.99 30.58 39.92
CA GLY S 256 -12.13 31.48 40.64
C GLY S 256 -10.69 31.04 40.74
N GLU S 257 -10.27 30.18 39.83
CA GLU S 257 -8.88 29.73 39.83
C GLU S 257 -7.99 30.76 39.15
N THR S 258 -6.73 30.81 39.59
CA THR S 258 -5.77 31.76 39.06
C THR S 258 -5.01 31.15 37.90
N ILE S 259 -5.00 31.84 36.76
CA ILE S 259 -4.32 31.40 35.57
C ILE S 259 -3.30 32.47 35.21
N TYR S 260 -2.02 32.15 35.37
CA TYR S 260 -0.97 33.11 35.12
C TYR S 260 -0.68 33.23 33.63
N LEU S 261 0.04 34.28 33.26
CA LEU S 261 0.52 34.48 31.90
C LEU S 261 1.99 34.08 31.89
N ALA S 262 2.24 32.79 31.71
CA ALA S 262 3.60 32.28 31.70
C ALA S 262 4.22 32.45 30.32
N ARG S 263 5.54 32.57 30.30
CA ARG S 263 6.29 32.71 29.06
C ARG S 263 7.25 31.54 28.89
N ALA S 264 7.58 31.24 27.64
CA ALA S 264 8.44 30.11 27.32
C ALA S 264 9.90 30.53 27.40
N THR S 265 10.73 29.63 27.92
CA THR S 265 12.15 29.89 28.09
C THR S 265 13.05 29.11 27.14
N GLY S 266 12.55 28.03 26.54
CA GLY S 266 13.30 27.26 25.56
C GLY S 266 14.26 26.26 26.13
N THR S 267 14.28 26.08 27.45
CA THR S 267 15.18 25.18 28.14
C THR S 267 14.36 24.20 28.98
N GLU S 268 14.99 23.07 29.33
CA GLU S 268 14.27 22.02 30.04
C GLU S 268 15.01 21.51 31.27
N ASP S 269 15.68 22.39 32.02
CA ASP S 269 16.20 21.97 33.31
C ASP S 269 15.08 21.86 34.34
N GLY S 270 14.47 22.98 34.70
CA GLY S 270 13.19 22.94 35.37
C GLY S 270 12.06 23.74 34.76
N PRO S 271 12.32 24.98 34.35
CA PRO S 271 11.24 25.81 33.79
C PRO S 271 11.15 25.70 32.28
N PRO S 272 10.04 25.24 31.75
CA PRO S 272 9.68 25.63 30.38
C PRO S 272 8.68 26.79 30.37
N PHE S 273 8.16 27.13 31.55
CA PHE S 273 7.19 28.21 31.71
C PHE S 273 7.45 28.91 33.03
N ILE S 274 7.52 30.23 33.01
CA ILE S 274 7.76 31.03 34.21
C ILE S 274 6.80 32.20 34.23
N LYS S 275 6.43 32.63 35.42
CA LYS S 275 5.52 33.76 35.57
C LYS S 275 6.16 35.04 35.07
N MET S 276 5.37 36.11 35.03
CA MET S 276 5.80 37.39 34.50
C MET S 276 5.34 38.52 35.40
N ARG S 277 6.10 39.60 35.38
CA ARG S 277 5.74 40.82 36.07
C ARG S 277 5.56 41.95 35.07
N PRO S 278 4.75 42.96 35.39
CA PRO S 278 4.50 44.03 34.42
C PRO S 278 5.73 44.82 34.03
N GLU S 279 6.79 44.80 34.83
CA GLU S 279 7.98 45.58 34.52
C GLU S 279 8.96 44.85 33.62
N ASP S 280 8.63 43.63 33.17
CA ASP S 280 9.54 42.85 32.33
C ASP S 280 9.26 43.10 30.85
N MET S 281 9.14 44.37 30.47
CA MET S 281 8.75 44.73 29.13
C MET S 281 8.82 46.25 28.98
N ASP S 282 9.30 46.72 27.84
CA ASP S 282 9.34 48.15 27.55
C ASP S 282 8.23 48.53 26.59
N ALA S 283 8.13 49.82 26.32
CA ALA S 283 6.97 50.40 25.64
C ALA S 283 6.88 49.99 24.19
N GLY S 284 7.85 49.26 23.67
CA GLY S 284 7.77 48.82 22.30
C GLY S 284 7.99 47.33 22.13
N GLY S 285 7.55 46.54 23.10
CA GLY S 285 7.82 45.12 23.08
C GLY S 285 6.58 44.27 22.90
N MET S 286 6.79 43.03 22.46
CA MET S 286 5.72 42.05 22.30
C MET S 286 6.21 40.73 22.87
N GLU S 287 5.28 39.93 23.37
CA GLU S 287 5.64 38.65 23.96
C GLU S 287 4.48 37.68 23.84
N THR S 288 4.80 36.41 23.59
CA THR S 288 3.81 35.34 23.58
C THR S 288 3.72 34.75 24.98
N VAL S 289 2.50 34.44 25.42
CA VAL S 289 2.26 33.92 26.75
C VAL S 289 1.29 32.75 26.66
N PHE S 290 1.28 31.93 27.71
CA PHE S 290 0.47 30.73 27.78
C PHE S 290 -0.20 30.65 29.14
N PRO S 291 -1.29 29.90 29.26
CA PRO S 291 -1.93 29.72 30.57
C PRO S 291 -1.11 28.78 31.46
N TRP S 292 -0.91 29.17 32.72
CA TRP S 292 0.04 28.48 33.58
C TRP S 292 -0.63 27.48 34.54
N ARG S 293 -1.53 27.95 35.40
CA ARG S 293 -2.19 27.06 36.35
C ARG S 293 -1.21 26.33 37.25
N GLU S 294 -0.66 27.04 38.23
CA GLU S 294 0.44 26.59 39.08
C GLU S 294 0.31 25.14 39.55
N SER S 295 -0.90 24.59 39.59
CA SER S 295 -1.06 23.17 39.88
C SER S 295 -0.44 22.27 38.82
N ASP S 296 0.14 22.83 37.76
CA ASP S 296 0.83 22.04 36.75
C ASP S 296 2.29 21.80 37.08
N GLY S 297 2.93 22.74 37.78
CA GLY S 297 4.30 22.58 38.20
C GLY S 297 5.30 22.53 37.06
N ASP S 298 6.58 22.49 37.39
CA ASP S 298 7.63 22.43 36.40
C ASP S 298 7.70 21.03 35.79
N GLY S 299 8.54 20.87 34.79
CA GLY S 299 8.56 19.64 34.01
C GLY S 299 9.52 18.57 34.52
N THR S 300 9.37 18.17 35.78
CA THR S 300 10.27 17.18 36.37
C THR S 300 9.70 15.77 36.24
N THR S 301 8.56 15.52 36.89
CA THR S 301 7.92 14.22 36.80
C THR S 301 7.33 14.01 35.42
N VAL S 302 6.87 12.79 35.17
CA VAL S 302 6.22 12.50 33.90
C VAL S 302 4.82 13.10 33.85
N GLU S 303 4.14 13.18 34.99
CA GLU S 303 2.79 13.74 35.01
C GLU S 303 2.80 15.21 34.64
N SER S 304 3.68 15.99 35.30
CA SER S 304 3.77 17.40 34.99
C SER S 304 4.33 17.63 33.59
N HIS S 305 5.22 16.74 33.13
CA HIS S 305 5.74 16.86 31.78
C HIS S 305 4.64 16.66 30.74
N HIS S 306 3.74 15.71 30.97
CA HIS S 306 2.60 15.55 30.07
C HIS S 306 1.69 16.76 30.10
N LYS S 307 1.38 17.27 31.29
CA LYS S 307 0.54 18.46 31.39
C LYS S 307 1.14 19.63 30.62
N LEU S 308 2.45 19.83 30.75
CA LEU S 308 3.09 20.96 30.10
C LEU S 308 3.16 20.76 28.58
N GLN S 309 3.45 19.54 28.13
CA GLN S 309 3.51 19.32 26.69
C GLN S 309 2.13 19.41 26.07
N GLU S 310 1.07 19.24 26.86
CA GLU S 310 -0.26 19.47 26.30
C GLU S 310 -0.65 20.95 26.34
N ILE S 311 -0.12 21.70 27.31
CA ILE S 311 -0.30 23.15 27.27
C ILE S 311 0.38 23.74 26.05
N ALA S 312 1.59 23.28 25.74
CA ALA S 312 2.36 23.89 24.67
C ALA S 312 1.73 23.65 23.30
N MET S 313 0.95 22.58 23.15
CA MET S 313 0.33 22.26 21.87
C MET S 313 -1.19 22.33 22.04
N GLY S 314 -1.72 23.54 21.91
CA GLY S 314 -3.15 23.79 21.90
C GLY S 314 -3.41 24.92 20.94
N ILE S 315 -4.30 24.71 19.96
CA ILE S 315 -4.40 25.66 18.85
C ILE S 315 -5.10 26.95 19.22
N ARG S 316 -5.58 27.10 20.45
CA ARG S 316 -6.19 28.35 20.88
C ARG S 316 -5.53 28.94 22.11
N ASN S 317 -4.38 28.41 22.51
CA ASN S 317 -3.69 28.86 23.72
C ASN S 317 -2.87 30.14 23.55
N PRO S 318 -2.05 30.30 22.50
CA PRO S 318 -1.13 31.43 22.46
C PRO S 318 -1.84 32.78 22.51
N VAL S 319 -1.15 33.76 23.09
CA VAL S 319 -1.66 35.12 23.28
C VAL S 319 -0.51 36.09 23.11
N MET S 320 -0.75 37.21 22.43
CA MET S 320 0.24 38.27 22.30
C MET S 320 0.04 39.29 23.41
N LEU S 321 1.11 39.63 24.10
CA LEU S 321 1.08 40.69 25.11
C LEU S 321 1.78 41.92 24.54
N ILE S 322 1.02 43.02 24.42
CA ILE S 322 1.50 44.26 23.84
C ILE S 322 1.64 45.29 24.94
N ARG S 323 2.69 46.11 24.87
CA ARG S 323 2.82 47.28 25.73
C ARG S 323 2.83 48.51 24.85
N ILE S 324 1.84 49.36 25.01
CA ILE S 324 1.67 50.56 24.19
C ILE S 324 2.44 51.71 24.84
N LYS S 325 3.11 52.50 24.01
CA LYS S 325 3.88 53.62 24.51
C LYS S 325 2.96 54.61 25.24
N PRO S 326 3.41 55.19 26.35
CA PRO S 326 2.58 56.17 27.05
C PRO S 326 2.28 57.40 26.23
N SER S 327 3.07 57.65 25.19
CA SER S 327 2.84 58.83 24.37
C SER S 327 1.48 58.78 23.70
N ASP S 328 1.11 57.62 23.14
CA ASP S 328 -0.13 57.65 22.38
C ASP S 328 -1.33 57.55 23.30
N LEU S 329 -1.65 56.34 23.78
CA LEU S 329 -2.64 56.10 24.84
C LEU S 329 -3.87 57.00 24.75
N GLY S 330 -4.12 57.57 23.58
CA GLY S 330 -5.21 58.50 23.40
C GLY S 330 -5.89 58.24 22.09
N ARG S 331 -5.31 57.31 21.33
CA ARG S 331 -5.84 56.86 20.06
C ARG S 331 -6.50 55.50 20.16
N VAL S 332 -6.70 55.00 21.37
CA VAL S 332 -7.36 53.72 21.59
C VAL S 332 -8.86 53.91 21.51
N VAL S 333 -9.58 52.88 21.05
CA VAL S 333 -11.00 53.03 20.75
C VAL S 333 -11.86 52.13 21.63
N LYS S 334 -11.30 51.03 22.13
CA LYS S 334 -11.94 50.30 23.23
C LYS S 334 -13.34 49.76 22.89
N ARG S 335 -13.39 48.65 22.16
CA ARG S 335 -14.61 47.99 21.70
C ARG S 335 -15.71 47.93 22.75
N LYS S 336 -16.96 47.87 22.27
CA LYS S 336 -18.12 48.27 23.06
C LYS S 336 -18.26 47.48 24.35
N GLY S 337 -17.86 46.21 24.35
CA GLY S 337 -18.04 45.37 25.51
C GLY S 337 -16.81 45.13 26.35
N GLN S 338 -15.66 45.70 26.00
CA GLN S 338 -14.38 45.38 26.61
C GLN S 338 -13.63 46.64 26.98
N GLU S 339 -14.31 47.57 27.67
CA GLU S 339 -13.67 48.83 27.99
C GLU S 339 -12.62 48.69 29.10
N SER S 340 -12.72 47.65 29.92
CA SER S 340 -11.84 47.47 31.06
C SER S 340 -11.02 46.19 30.96
N PHE S 341 -10.73 45.75 29.74
CA PHE S 341 -9.97 44.52 29.54
C PHE S 341 -8.47 44.74 29.56
N ASN S 342 -8.01 45.98 29.60
CA ASN S 342 -6.59 46.29 29.60
C ASN S 342 -6.15 46.77 30.98
N PHE S 343 -4.90 46.51 31.29
CA PHE S 343 -4.30 46.91 32.57
C PHE S 343 -3.23 47.94 32.27
N GLY S 344 -3.62 49.22 32.26
CA GLY S 344 -2.67 50.26 31.96
C GLY S 344 -2.32 50.30 30.49
N GLU S 345 -1.12 49.86 30.14
CA GLU S 345 -0.64 49.85 28.77
C GLU S 345 -0.48 48.45 28.21
N PHE S 346 -1.14 47.45 28.80
CA PHE S 346 -1.08 46.08 28.33
C PHE S 346 -2.43 45.68 27.74
N PHE S 347 -2.42 44.94 26.64
CA PHE S 347 -3.71 44.72 26.00
C PHE S 347 -4.05 43.25 25.78
N ALA S 348 -3.07 42.42 25.41
CA ALA S 348 -3.24 40.96 25.41
C ALA S 348 -4.37 40.50 24.48
N PHE S 349 -4.14 40.69 23.18
CA PHE S 349 -5.01 40.09 22.19
C PHE S 349 -4.62 38.63 21.93
N THR S 350 -5.49 37.90 21.26
CA THR S 350 -5.18 36.52 20.90
C THR S 350 -4.21 36.50 19.73
N LYS S 351 -3.66 35.31 19.48
CA LYS S 351 -2.62 35.12 18.47
C LYS S 351 -3.06 34.20 17.34
N VAL S 352 -4.33 33.82 17.31
CA VAL S 352 -4.85 32.94 16.26
C VAL S 352 -5.67 33.81 15.32
N CYS S 353 -5.21 33.92 14.08
CA CYS S 353 -5.87 34.79 13.11
C CYS S 353 -7.31 34.34 12.88
N SER S 354 -8.20 35.32 12.79
CA SER S 354 -9.64 35.08 12.71
C SER S 354 -10.09 34.76 11.30
N HIS S 355 -9.19 34.33 10.43
CA HIS S 355 -9.49 33.96 9.05
C HIS S 355 -9.38 32.49 8.90
N LEU S 356 -8.19 31.95 8.99
CA LEU S 356 -8.03 30.51 8.90
C LEU S 356 -7.16 29.91 9.99
N GLY S 357 -6.63 30.70 10.92
CA GLY S 357 -6.00 30.14 12.10
C GLY S 357 -4.49 30.08 12.12
N CYS S 358 -3.80 30.82 11.27
CA CYS S 358 -2.35 30.91 11.42
C CYS S 358 -1.99 31.86 12.55
N PRO S 359 -0.80 31.73 13.12
CA PRO S 359 -0.36 32.68 14.16
C PRO S 359 -0.08 34.05 13.57
N SER S 360 -0.83 35.05 14.03
CA SER S 360 -0.63 36.44 13.62
C SER S 360 0.40 37.06 14.55
N SER S 361 1.66 36.83 14.23
CA SER S 361 2.74 37.19 15.14
C SER S 361 3.56 38.38 14.68
N LEU S 362 3.43 38.82 13.44
CA LEU S 362 4.20 39.96 12.94
C LEU S 362 3.60 41.24 13.51
N TYR S 363 4.31 41.88 14.44
CA TYR S 363 3.82 43.07 15.11
C TYR S 363 4.77 44.22 14.83
N GLU S 364 4.27 45.26 14.16
CA GLU S 364 5.05 46.43 13.82
C GLU S 364 4.87 47.48 14.92
N GLN S 365 5.98 47.89 15.55
CA GLN S 365 5.85 48.53 16.86
C GLN S 365 5.35 49.96 16.78
N GLN S 366 5.59 50.67 15.66
CA GLN S 366 5.20 52.07 15.61
C GLN S 366 4.19 52.39 14.51
N SER S 367 3.69 51.38 13.81
CA SER S 367 2.42 51.51 13.13
C SER S 367 1.28 50.86 13.90
N TYR S 368 1.60 50.02 14.88
CA TYR S 368 0.61 49.31 15.69
C TYR S 368 -0.26 48.42 14.82
N ARG S 369 0.37 47.69 13.92
CA ARG S 369 -0.30 46.78 13.02
C ARG S 369 0.19 45.37 13.25
N ILE S 370 -0.74 44.42 13.24
CA ILE S 370 -0.44 43.00 13.35
C ILE S 370 -0.66 42.38 11.98
N LEU S 371 0.31 41.60 11.52
CA LEU S 371 0.31 41.05 10.18
C LEU S 371 0.30 39.53 10.25
N CYS S 372 -0.67 38.91 9.60
CA CYS S 372 -0.71 37.46 9.49
C CYS S 372 0.12 37.03 8.30
N PRO S 373 1.16 36.22 8.48
CA PRO S 373 2.06 35.92 7.36
C PRO S 373 1.52 34.90 6.37
N CYS S 374 0.39 34.24 6.66
CA CYS S 374 -0.08 33.19 5.78
C CYS S 374 -0.73 33.76 4.53
N HIS S 375 -1.66 34.70 4.68
CA HIS S 375 -2.25 35.37 3.54
C HIS S 375 -2.23 36.89 3.65
N GLN S 376 -1.48 37.45 4.60
CA GLN S 376 -1.29 38.90 4.74
C GLN S 376 -2.55 39.69 5.07
N SER S 377 -3.16 39.41 6.23
CA SER S 377 -4.14 40.30 6.82
C SER S 377 -3.45 41.30 7.72
N GLN S 378 -4.15 42.36 8.05
CA GLN S 378 -3.60 43.40 8.91
C GLN S 378 -4.67 43.88 9.87
N PHE S 379 -4.36 43.82 11.15
CA PHE S 379 -5.24 44.24 12.22
C PHE S 379 -4.66 45.46 12.91
N ASP S 380 -5.54 46.32 13.41
CA ASP S 380 -5.15 47.61 13.97
C ASP S 380 -5.12 47.49 15.50
N ALA S 381 -3.91 47.37 16.05
CA ALA S 381 -3.77 47.11 17.49
C ALA S 381 -4.31 48.24 18.34
N LEU S 382 -4.49 49.43 17.79
CA LEU S 382 -5.04 50.55 18.53
C LEU S 382 -6.55 50.65 18.41
N HIS S 383 -7.18 49.89 17.52
CA HIS S 383 -8.62 49.94 17.31
C HIS S 383 -9.15 48.52 17.47
N PHE S 384 -9.20 48.08 18.74
CA PHE S 384 -9.61 46.74 19.17
C PHE S 384 -9.28 45.63 18.18
N ALA S 385 -8.10 45.69 17.57
CA ALA S 385 -7.65 44.69 16.60
C ALA S 385 -8.66 44.52 15.46
N LYS S 386 -9.04 45.63 14.87
CA LYS S 386 -9.96 45.61 13.73
C LYS S 386 -9.18 45.35 12.45
N PRO S 387 -9.65 44.47 11.57
CA PRO S 387 -8.91 44.18 10.34
C PRO S 387 -9.02 45.34 9.36
N ILE S 388 -7.89 45.69 8.75
CA ILE S 388 -7.83 46.84 7.85
C ILE S 388 -7.19 46.48 6.53
N PHE S 389 -7.10 45.18 6.22
CA PHE S 389 -6.62 44.75 4.91
C PHE S 389 -6.84 43.26 4.77
N GLY S 390 -7.24 42.84 3.58
CA GLY S 390 -7.28 41.44 3.20
C GLY S 390 -8.59 40.73 3.50
N PRO S 391 -8.67 39.46 3.08
CA PRO S 391 -9.81 38.61 3.40
C PRO S 391 -10.20 38.47 4.87
N ALA S 392 -9.47 39.03 5.80
CA ALA S 392 -9.89 38.96 7.19
C ALA S 392 -11.06 39.90 7.40
N ALA S 393 -12.08 39.43 8.12
CA ALA S 393 -13.30 40.21 8.27
C ALA S 393 -13.75 40.39 9.72
N ARG S 394 -13.19 39.66 10.67
CA ARG S 394 -13.58 39.77 12.07
C ARG S 394 -12.37 40.13 12.91
N ALA S 395 -12.62 40.87 13.98
CA ALA S 395 -11.54 41.36 14.84
C ALA S 395 -10.98 40.22 15.69
N LEU S 396 -9.76 40.43 16.16
CA LEU S 396 -9.15 39.48 17.07
C LEU S 396 -9.76 39.58 18.46
N ALA S 397 -9.84 38.45 19.15
CA ALA S 397 -10.43 38.41 20.48
C ALA S 397 -9.45 38.95 21.51
N GLN S 398 -9.98 39.65 22.51
CA GLN S 398 -9.18 40.26 23.55
C GLN S 398 -9.38 39.52 24.86
N LEU S 399 -8.30 39.40 25.64
CA LEU S 399 -8.31 38.70 26.91
C LEU S 399 -8.19 39.69 28.05
N PRO S 400 -8.98 39.57 29.12
CA PRO S 400 -8.86 40.49 30.25
C PRO S 400 -7.72 40.09 31.18
N ILE S 401 -6.95 41.08 31.60
CA ILE S 401 -5.79 40.84 32.44
C ILE S 401 -5.80 41.77 33.64
N THR S 402 -5.01 41.41 34.65
CA THR S 402 -4.80 42.20 35.85
C THR S 402 -3.55 41.67 36.54
N ILE S 403 -3.31 42.09 37.77
CA ILE S 403 -2.23 41.55 38.58
C ILE S 403 -2.81 41.00 39.87
N ASP S 404 -2.07 40.07 40.48
CA ASP S 404 -2.48 39.46 41.73
C ASP S 404 -1.76 40.13 42.89
N THR S 405 -2.02 39.63 44.10
CA THR S 405 -1.52 40.27 45.32
C THR S 405 -0.01 40.22 45.46
N ASP S 406 0.70 39.59 44.52
CA ASP S 406 2.14 39.48 44.60
C ASP S 406 2.84 40.26 43.49
N GLY S 407 2.12 40.67 42.47
CA GLY S 407 2.71 41.43 41.38
C GLY S 407 2.91 40.68 40.09
N TYR S 408 2.25 39.54 39.90
CA TYR S 408 2.34 38.77 38.68
C TYR S 408 1.11 39.01 37.82
N LEU S 409 1.29 38.89 36.51
CA LEU S 409 0.19 39.06 35.57
C LEU S 409 -0.68 37.81 35.54
N VAL S 410 -1.98 37.98 35.75
CA VAL S 410 -2.93 36.89 35.70
C VAL S 410 -4.08 37.28 34.78
N ALA S 411 -4.87 36.28 34.39
CA ALA S 411 -6.05 36.50 33.59
C ALA S 411 -7.23 36.84 34.49
N ASN S 412 -8.03 37.80 34.05
CA ASN S 412 -9.16 38.32 34.82
C ASN S 412 -10.47 37.76 34.30
N GLY S 413 -10.45 36.51 33.84
CA GLY S 413 -11.65 35.90 33.28
C GLY S 413 -11.37 35.07 32.05
N ASP S 414 -12.24 35.18 31.05
CA ASP S 414 -12.12 34.40 29.82
C ASP S 414 -12.44 35.29 28.64
N PHE S 415 -12.14 34.78 27.44
CA PHE S 415 -12.58 35.46 26.23
C PHE S 415 -14.10 35.57 26.22
N VAL S 416 -14.59 36.66 25.63
CA VAL S 416 -16.03 36.87 25.53
C VAL S 416 -16.64 36.14 24.35
N GLU S 417 -15.84 35.50 23.51
CA GLU S 417 -16.32 34.90 22.27
C GLU S 417 -15.35 33.82 21.86
N PRO S 418 -15.77 32.91 20.96
CA PRO S 418 -14.84 31.86 20.51
C PRO S 418 -13.65 32.46 19.77
N VAL S 419 -12.55 31.70 19.77
CA VAL S 419 -11.30 32.12 19.18
C VAL S 419 -11.04 31.29 17.93
N GLY S 420 -10.46 31.92 16.90
CA GLY S 420 -10.06 31.21 15.71
C GLY S 420 -11.02 31.40 14.56
N PRO S 421 -10.94 30.51 13.57
CA PRO S 421 -11.82 30.63 12.40
C PRO S 421 -13.28 30.45 12.77
N ALA S 422 -14.14 30.85 11.84
CA ALA S 422 -15.59 30.77 12.04
C ALA S 422 -16.14 29.50 11.44
N PHE S 423 -17.38 29.19 11.81
CA PHE S 423 -18.07 28.01 11.31
C PHE S 423 -19.56 28.33 11.25
N TRP S 424 -20.37 27.31 10.98
CA TRP S 424 -21.78 27.52 10.74
C TRP S 424 -22.49 28.04 11.99
N GLU S 425 -22.09 27.57 13.16
CA GLU S 425 -22.83 27.89 14.38
C GLU S 425 -22.64 29.36 14.76
N ARG S 426 -21.40 29.80 14.92
CA ARG S 426 -21.11 31.17 15.32
C ARG S 426 -19.59 31.34 15.25
N THR S 427 -19.13 32.57 15.45
CA THR S 427 -17.72 32.92 15.43
C THR S 427 -16.86 31.97 16.25
N SER T 58 41.58 59.39 28.49
CA SER T 58 41.02 60.66 28.05
C SER T 58 39.52 60.55 27.78
N SER T 59 38.80 60.00 28.76
CA SER T 59 37.36 59.88 28.62
C SER T 59 36.65 61.22 28.82
N ALA T 60 37.33 62.19 29.43
CA ALA T 60 36.74 63.51 29.56
C ALA T 60 36.95 64.31 28.27
N LEU T 61 36.63 63.70 27.14
CA LEU T 61 36.79 64.36 25.86
C LEU T 61 35.69 63.85 24.94
N LEU T 62 34.56 64.56 24.96
CA LEU T 62 33.47 64.39 24.01
C LEU T 62 33.27 65.68 23.21
N ARG T 63 34.27 66.55 23.22
CA ARG T 63 34.31 67.70 22.34
C ARG T 63 34.36 67.26 20.88
N THR T 64 35.09 66.19 20.58
CA THR T 64 34.81 65.39 19.39
C THR T 64 33.69 64.43 19.73
N GLY T 65 32.83 64.13 18.76
CA GLY T 65 31.50 63.77 19.19
C GLY T 65 30.63 64.97 18.95
N LYS T 66 30.50 65.86 19.93
CA LYS T 66 29.82 67.11 19.68
C LYS T 66 30.72 68.02 18.84
N GLN T 67 31.25 67.46 17.76
CA GLN T 67 31.88 68.21 16.68
C GLN T 67 31.38 67.66 15.36
N LEU T 68 31.07 66.35 15.37
CA LEU T 68 30.55 65.67 14.20
C LEU T 68 29.03 65.70 14.18
N PHE T 69 28.40 65.59 15.35
CA PHE T 69 26.95 65.71 15.44
C PHE T 69 26.50 67.07 14.93
N ASP T 70 27.19 68.13 15.34
CA ASP T 70 26.82 69.48 14.95
C ASP T 70 26.93 69.71 13.45
N THR T 71 27.75 68.93 12.75
CA THR T 71 27.94 69.11 11.32
C THR T 71 27.34 67.99 10.48
N SER T 72 26.65 67.03 11.09
CA SER T 72 26.02 65.96 10.33
C SER T 72 24.63 65.55 10.81
N CYS T 73 24.15 66.06 11.94
CA CYS T 73 22.87 65.61 12.48
C CYS T 73 21.88 66.71 12.83
N VAL T 74 22.34 67.91 13.17
CA VAL T 74 21.45 68.92 13.75
C VAL T 74 20.32 69.33 12.81
N SER T 75 20.42 69.04 11.51
CA SER T 75 19.34 69.42 10.61
C SER T 75 18.12 68.54 10.76
N CYS T 76 18.23 67.39 11.44
CA CYS T 76 17.10 66.50 11.60
C CYS T 76 16.83 66.06 13.03
N HIS T 77 17.72 66.35 13.99
CA HIS T 77 17.50 66.02 15.38
C HIS T 77 17.56 67.19 16.33
N GLY T 78 18.09 68.33 15.90
CA GLY T 78 18.19 69.50 16.75
C GLY T 78 19.57 69.66 17.34
N ALA T 79 19.87 70.88 17.77
CA ALA T 79 21.17 71.16 18.36
C ALA T 79 21.30 70.56 19.74
N ASN T 80 20.19 70.40 20.46
CA ASN T 80 20.19 69.84 21.81
C ASN T 80 19.66 68.41 21.84
N LEU T 81 19.67 67.72 20.70
CA LEU T 81 19.12 66.36 20.60
C LEU T 81 17.66 66.36 21.03
N GLN T 82 16.87 67.24 20.42
CA GLN T 82 15.51 67.48 20.85
C GLN T 82 14.46 67.01 19.85
N GLY T 83 14.87 66.42 18.73
CA GLY T 83 13.86 65.90 17.82
C GLY T 83 13.09 66.94 17.04
N VAL T 84 13.73 67.56 16.04
CA VAL T 84 13.07 68.47 15.11
C VAL T 84 11.69 67.92 14.77
N PRO T 85 10.61 68.66 15.03
CA PRO T 85 9.27 68.07 14.98
C PRO T 85 8.83 67.67 13.58
N ASP T 86 9.70 67.90 12.60
CA ASP T 86 9.41 67.51 11.24
C ASP T 86 9.92 66.11 10.90
N HIS T 87 11.17 65.79 11.23
CA HIS T 87 11.80 64.58 10.72
C HIS T 87 12.21 63.60 11.81
N GLY T 88 13.02 64.02 12.77
CA GLY T 88 13.71 63.08 13.61
C GLY T 88 13.15 62.93 15.01
N PRO T 89 13.42 61.79 15.63
CA PRO T 89 13.01 61.58 17.02
C PRO T 89 13.92 62.30 18.01
N SER T 90 13.68 62.09 19.30
CA SER T 90 14.32 62.90 20.32
C SER T 90 15.79 62.55 20.49
N LEU T 91 16.10 61.26 20.61
CA LEU T 91 17.45 60.76 20.85
C LEU T 91 17.98 61.09 22.23
N ILE T 92 17.11 61.25 23.22
CA ILE T 92 17.57 61.50 24.59
C ILE T 92 17.62 60.21 25.40
N GLY T 93 16.51 59.47 25.44
CA GLY T 93 16.52 58.23 26.19
C GLY T 93 17.39 57.14 25.57
N VAL T 94 17.70 57.25 24.29
CA VAL T 94 18.56 56.26 23.64
C VAL T 94 19.97 56.38 24.20
N GLY T 95 20.77 55.36 23.94
CA GLY T 95 22.11 55.32 24.50
C GLY T 95 23.20 55.11 23.48
N GLU T 96 24.29 54.50 23.92
CA GLU T 96 25.41 54.21 23.03
C GLU T 96 25.10 53.06 22.09
N ALA T 97 24.29 52.09 22.53
CA ALA T 97 23.98 50.93 21.69
C ALA T 97 23.17 51.34 20.46
N ALA T 98 22.21 52.24 20.63
CA ALA T 98 21.42 52.69 19.49
C ALA T 98 22.29 53.39 18.46
N VAL T 99 23.16 54.31 18.92
CA VAL T 99 24.03 55.02 18.00
C VAL T 99 24.97 54.04 17.30
N TYR T 100 25.52 53.09 18.05
CA TYR T 100 26.43 52.12 17.44
C TYR T 100 25.73 51.33 16.34
N PHE T 101 24.55 50.77 16.64
CA PHE T 101 23.86 49.97 15.65
C PHE T 101 23.46 50.81 14.44
N GLN T 102 23.03 52.05 14.68
CA GLN T 102 22.49 52.84 13.59
C GLN T 102 23.60 53.37 12.69
N VAL T 103 24.78 53.65 13.24
CA VAL T 103 25.84 54.24 12.44
C VAL T 103 26.74 53.17 11.83
N SER T 104 27.09 52.14 12.61
CA SER T 104 28.02 51.13 12.13
C SER T 104 27.45 50.37 10.95
N THR T 105 26.13 50.11 10.96
CA THR T 105 25.49 49.48 9.83
C THR T 105 25.25 50.43 8.67
N GLY T 106 25.37 51.74 8.89
CA GLY T 106 25.25 52.70 7.84
C GLY T 106 23.88 53.30 7.65
N ARG T 107 22.87 52.83 8.40
CA ARG T 107 21.53 53.39 8.26
C ARG T 107 21.49 54.87 8.62
N MET T 108 22.47 55.34 9.38
CA MET T 108 22.58 56.73 9.77
C MET T 108 23.32 57.55 8.73
N PRO T 109 23.71 58.77 9.02
CA PRO T 109 22.99 59.93 8.47
C PRO T 109 22.26 59.59 7.19
N ALA T 110 20.96 59.85 7.23
CA ALA T 110 20.02 59.36 6.25
C ALA T 110 19.56 60.49 5.34
N MET T 111 19.39 60.13 4.07
CA MET T 111 18.81 61.03 3.09
C MET T 111 17.30 61.03 3.28
N ALA T 117 14.51 53.43 6.05
CA ALA T 117 15.90 53.77 5.77
C ALA T 117 16.69 52.49 5.51
N PRO T 118 17.30 52.35 4.34
CA PRO T 118 18.02 51.11 4.02
C PRO T 118 19.44 51.11 4.58
N ARG T 119 20.04 49.93 4.57
CA ARG T 119 21.44 49.79 4.97
C ARG T 119 22.35 50.28 3.85
N LYS T 120 23.38 51.03 4.21
CA LYS T 120 24.29 51.63 3.24
C LYS T 120 25.71 51.45 3.74
N ASP T 121 26.64 52.15 3.11
CA ASP T 121 28.03 52.15 3.55
C ASP T 121 28.20 53.12 4.70
N PRO T 122 28.95 52.77 5.75
CA PRO T 122 29.12 53.68 6.88
C PRO T 122 29.98 54.87 6.51
N ILE T 123 29.74 55.98 7.19
CA ILE T 123 30.55 57.18 7.00
C ILE T 123 31.64 57.29 8.05
N PHE T 124 31.36 56.92 9.29
CA PHE T 124 32.23 57.20 10.42
C PHE T 124 32.93 55.96 10.92
N ASP T 125 34.26 56.04 11.01
CA ASP T 125 35.06 55.19 11.89
C ASP T 125 36.36 55.92 12.15
N GLU T 126 37.38 55.22 12.64
CA GLU T 126 38.54 55.81 13.32
C GLU T 126 38.04 56.36 14.66
N ALA T 127 37.34 55.51 15.40
CA ALA T 127 36.94 55.74 16.78
C ALA T 127 36.03 56.95 16.95
N GLN T 128 35.35 57.39 15.89
CA GLN T 128 34.38 58.47 16.03
C GLN T 128 32.97 57.96 16.25
N ILE T 129 32.70 56.69 15.95
CA ILE T 129 31.46 56.08 16.41
C ILE T 129 31.43 56.09 17.94
N ASP T 130 32.57 55.79 18.57
CA ASP T 130 32.69 56.01 20.01
C ASP T 130 32.43 57.46 20.40
N ALA T 131 32.94 58.42 19.62
CA ALA T 131 32.75 59.81 19.98
C ALA T 131 31.27 60.18 20.01
N ILE T 132 30.54 59.86 18.93
CA ILE T 132 29.11 60.19 18.91
C ILE T 132 28.36 59.38 19.96
N GLY T 133 28.78 58.13 20.18
CA GLY T 133 28.09 57.31 21.18
C GLY T 133 28.24 57.86 22.58
N ALA T 134 29.46 58.26 22.94
CA ALA T 134 29.67 58.85 24.26
C ALA T 134 28.95 60.19 24.39
N TYR T 135 28.95 60.99 23.32
CA TYR T 135 28.26 62.27 23.39
C TYR T 135 26.76 62.09 23.59
N VAL T 136 26.18 61.05 22.97
CA VAL T 136 24.75 60.82 23.12
C VAL T 136 24.46 60.17 24.47
N GLN T 137 25.33 59.30 24.95
CA GLN T 137 25.15 58.69 26.26
C GLN T 137 25.24 59.73 27.37
N ALA T 138 26.02 60.80 27.16
CA ALA T 138 26.12 61.84 28.16
C ALA T 138 24.84 62.67 28.30
N ASN T 139 23.80 62.38 27.54
CA ASN T 139 22.54 63.13 27.58
C ASN T 139 21.37 62.21 27.82
N GLY T 140 21.59 61.14 28.56
CA GLY T 140 20.55 60.17 28.81
C GLY T 140 21.13 58.90 29.40
N GLY T 141 20.26 57.91 29.55
CA GLY T 141 20.66 56.69 30.22
C GLY T 141 20.33 55.41 29.48
N GLY T 142 20.47 55.43 28.15
CA GLY T 142 20.13 54.28 27.36
C GLY T 142 21.12 53.15 27.56
N PRO T 143 20.88 52.04 26.87
CA PRO T 143 21.79 50.90 26.96
C PRO T 143 23.15 51.23 26.35
N THR T 144 24.14 50.44 26.74
CA THR T 144 25.50 50.63 26.29
C THR T 144 26.01 49.40 25.56
N VAL T 145 27.05 49.58 24.76
CA VAL T 145 27.63 48.50 23.98
C VAL T 145 28.51 47.65 24.86
N VAL T 146 28.49 46.34 24.63
CA VAL T 146 29.32 45.41 25.38
C VAL T 146 30.78 45.62 25.03
N ARG T 147 31.67 45.40 26.00
CA ARG T 147 33.09 45.61 25.84
C ARG T 147 33.86 44.38 26.33
N ASN T 148 35.03 44.16 25.75
CA ASN T 148 35.91 43.10 26.21
C ASN T 148 36.96 43.67 27.16
N PRO T 149 37.72 42.81 27.85
CA PRO T 149 38.72 43.32 28.81
C PRO T 149 39.76 44.28 28.23
N ASP T 150 39.79 44.50 26.92
CA ASP T 150 40.66 45.49 26.32
C ASP T 150 40.01 46.84 26.10
N GLY T 151 38.68 46.93 26.12
CA GLY T 151 38.03 48.20 25.89
C GLY T 151 37.40 48.27 24.52
N SER T 152 37.73 47.31 23.66
CA SER T 152 37.14 47.22 22.34
C SER T 152 35.78 46.54 22.43
N ILE T 153 35.10 46.22 21.34
CA ILE T 153 33.82 45.52 21.50
C ILE T 153 33.83 44.02 21.16
N ALA T 154 34.43 43.19 22.02
CA ALA T 154 34.08 41.76 22.25
C ALA T 154 34.13 40.70 21.14
N THR T 155 32.92 40.30 20.72
CA THR T 155 32.58 39.23 19.71
C THR T 155 32.26 37.73 20.13
N GLN T 156 33.09 36.77 19.67
CA GLN T 156 32.96 35.28 19.81
C GLN T 156 32.64 34.51 21.07
N SER T 157 32.70 35.18 22.20
CA SER T 157 32.41 34.63 23.51
C SER T 157 30.99 34.90 23.92
N LEU T 158 30.21 35.44 22.99
CA LEU T 158 28.81 35.69 23.13
C LEU T 158 28.09 34.64 22.29
N ARG T 159 28.73 33.50 22.06
CA ARG T 159 28.24 32.39 21.30
C ARG T 159 28.07 31.30 22.29
N GLY T 160 26.83 31.12 22.67
CA GLY T 160 26.41 30.13 23.60
C GLY T 160 26.68 28.75 23.17
N ASN T 161 27.06 27.98 24.15
CA ASN T 161 27.39 26.62 23.96
C ASN T 161 26.08 26.05 23.74
N ASP T 162 25.15 26.83 23.21
CA ASP T 162 23.98 25.97 23.07
C ASP T 162 23.20 26.47 21.85
N LEU T 163 23.13 25.63 20.82
CA LEU T 163 22.42 26.01 19.61
C LEU T 163 21.00 25.49 19.57
N GLY T 164 20.67 24.44 20.32
CA GLY T 164 19.28 23.99 20.38
C GLY T 164 18.37 25.04 20.98
N ARG T 165 18.73 25.53 22.17
CA ARG T 165 17.92 26.55 22.82
C ARG T 165 17.91 27.84 22.00
N GLY T 166 19.05 28.20 21.42
CA GLY T 166 19.09 29.39 20.58
C GLY T 166 18.18 29.29 19.38
N GLY T 167 18.16 28.11 18.74
CA GLY T 167 17.31 27.92 17.58
C GLY T 167 15.83 27.90 17.93
N ASP T 168 15.49 27.31 19.07
CA ASP T 168 14.09 27.32 19.50
C ASP T 168 13.65 28.75 19.80
N LEU T 169 14.52 29.53 20.47
CA LEU T 169 14.19 30.92 20.74
C LEU T 169 14.08 31.73 19.46
N PHE T 170 14.94 31.45 18.48
CA PHE T 170 14.87 32.15 17.20
C PHE T 170 13.57 31.83 16.48
N ARG T 171 13.18 30.56 16.46
CA ARG T 171 11.94 30.18 15.78
C ARG T 171 10.72 30.77 16.48
N LEU T 172 10.77 30.91 17.80
CA LEU T 172 9.63 31.47 18.51
C LEU T 172 9.54 32.98 18.38
N ASN T 173 10.67 33.68 18.48
CA ASN T 173 10.68 35.14 18.56
C ASN T 173 11.09 35.82 17.28
N CYS T 174 11.98 35.24 16.49
CA CYS T 174 12.63 35.96 15.40
C CYS T 174 12.24 35.48 14.01
N ALA T 175 11.94 34.19 13.85
CA ALA T 175 11.72 33.61 12.54
C ALA T 175 10.43 34.07 11.89
N SER T 176 9.52 34.69 12.64
CA SER T 176 8.25 35.11 12.07
C SER T 176 8.46 36.19 11.01
N CYS T 177 9.38 37.12 11.26
CA CYS T 177 9.58 38.21 10.32
C CYS T 177 10.71 37.94 9.35
N HIS T 178 11.81 37.33 9.82
CA HIS T 178 12.95 37.13 8.92
C HIS T 178 12.78 35.87 8.08
N ASN T 179 12.94 34.70 8.69
CA ASN T 179 12.85 33.43 7.96
C ASN T 179 13.14 32.26 8.89
N PHE T 180 13.02 31.05 8.36
CA PHE T 180 13.50 29.87 9.07
C PHE T 180 14.99 30.01 9.39
N THR T 181 15.78 30.43 8.42
CA THR T 181 17.23 30.46 8.54
C THR T 181 17.81 31.87 8.37
N GLY T 182 16.98 32.89 8.56
CA GLY T 182 17.48 34.25 8.59
C GLY T 182 17.52 34.96 7.27
N LYS T 183 16.82 34.47 6.25
CA LYS T 183 16.66 35.24 5.03
C LYS T 183 15.66 36.37 5.27
N GLY T 184 15.34 37.11 4.23
CA GLY T 184 14.49 38.25 4.40
C GLY T 184 13.02 37.89 4.53
N GLY T 185 12.23 38.90 4.89
CA GLY T 185 10.79 38.76 4.93
C GLY T 185 10.14 40.10 4.67
N ALA T 186 8.96 40.07 4.07
CA ALA T 186 8.26 41.29 3.66
C ALA T 186 7.22 41.67 4.69
N LEU T 187 7.22 42.94 5.08
CA LEU T 187 6.18 43.51 5.94
C LEU T 187 5.21 44.31 5.07
N SER T 188 4.31 45.03 5.73
CA SER T 188 3.24 45.71 5.02
C SER T 188 3.67 47.08 4.52
N SER T 189 3.21 47.42 3.31
CA SER T 189 3.26 48.78 2.79
C SER T 189 4.69 49.31 2.71
N GLY T 190 5.48 48.69 1.84
CA GLY T 190 6.87 49.07 1.79
C GLY T 190 7.77 48.18 2.62
N LYS T 191 7.88 48.52 3.89
CA LYS T 191 8.82 47.95 4.85
C LYS T 191 9.03 46.45 4.69
N TYR T 192 10.26 46.00 4.94
CA TYR T 192 10.63 44.59 4.91
C TYR T 192 11.57 44.29 6.07
N ALA T 193 11.85 43.00 6.27
CA ALA T 193 12.81 42.55 7.28
C ALA T 193 14.06 42.04 6.58
N PRO T 194 15.23 42.63 6.81
CA PRO T 194 16.40 42.31 5.97
C PRO T 194 16.97 40.94 6.26
N ASP T 195 18.04 40.64 5.52
CA ASP T 195 18.79 39.40 5.67
C ASP T 195 19.79 39.53 6.81
N LEU T 196 20.03 38.42 7.50
CA LEU T 196 20.88 38.38 8.68
C LEU T 196 22.28 37.87 8.41
N ALA T 197 22.70 37.82 7.16
CA ALA T 197 24.00 37.24 6.81
C ALA T 197 25.19 38.15 7.11
N PRO T 198 25.18 39.42 6.72
CA PRO T 198 26.40 40.23 6.87
C PRO T 198 26.54 40.96 8.20
N ALA T 199 25.61 40.78 9.15
CA ALA T 199 25.70 41.45 10.44
C ALA T 199 26.59 40.64 11.37
N ASN T 200 27.51 41.31 12.05
CA ASN T 200 28.37 40.65 13.01
C ASN T 200 27.64 40.52 14.35
N GLU T 201 28.38 40.08 15.37
CA GLU T 201 27.76 39.66 16.63
C GLU T 201 27.25 40.86 17.42
N GLN T 202 28.09 41.87 17.61
CA GLN T 202 27.67 43.05 18.36
C GLN T 202 26.50 43.74 17.69
N GLN T 203 26.45 43.70 16.35
CA GLN T 203 25.32 44.30 15.66
C GLN T 203 24.04 43.53 15.93
N ILE T 204 24.11 42.20 16.02
CA ILE T 204 22.93 41.40 16.35
C ILE T 204 22.46 41.72 17.76
N LEU T 205 23.40 41.76 18.71
CA LEU T 205 23.05 42.06 20.09
C LEU T 205 22.39 43.43 20.20
N THR T 206 23.03 44.46 19.66
CA THR T 206 22.48 45.80 19.75
C THR T 206 21.20 45.95 18.96
N ALA T 207 21.01 45.16 17.90
CA ALA T 207 19.77 45.20 17.15
C ALA T 207 18.61 44.70 18.00
N MET T 208 18.76 43.51 18.58
CA MET T 208 17.66 43.05 19.42
C MET T 208 17.62 43.73 20.78
N LEU T 209 18.59 44.56 21.10
CA LEU T 209 18.55 45.28 22.37
C LEU T 209 17.92 46.66 22.23
N THR T 210 18.11 47.32 21.10
CA THR T 210 17.60 48.68 20.93
C THR T 210 16.26 48.75 20.19
N GLY T 211 15.91 47.72 19.44
CA GLY T 211 14.63 47.68 18.77
C GLY T 211 14.48 48.73 17.70
N PRO T 212 15.21 48.58 16.58
CA PRO T 212 15.16 49.60 15.52
C PRO T 212 13.78 49.70 14.89
N GLN T 213 13.62 50.59 13.92
CA GLN T 213 12.32 50.94 13.34
C GLN T 213 11.48 49.71 13.05
N ASN T 214 10.28 49.67 13.64
CA ASN T 214 9.27 48.65 13.45
C ASN T 214 9.73 47.26 13.86
N MET T 215 10.88 47.14 14.47
CA MET T 215 11.30 45.89 15.06
C MET T 215 11.07 45.95 16.57
N PRO T 216 10.47 44.95 17.19
CA PRO T 216 10.20 45.03 18.62
C PRO T 216 11.47 45.14 19.44
N LYS T 217 11.33 45.63 20.66
CA LYS T 217 12.45 45.87 21.56
C LYS T 217 12.51 44.77 22.62
N PHE T 218 13.60 44.02 22.64
CA PHE T 218 13.79 42.91 23.56
C PHE T 218 14.74 43.35 24.68
N SER T 219 14.17 43.68 25.83
CA SER T 219 14.97 44.11 26.97
C SER T 219 15.83 42.97 27.50
N ASN T 220 16.67 43.32 28.47
CA ASN T 220 17.48 42.34 29.18
C ASN T 220 16.72 41.66 30.31
N ARG T 221 15.44 41.98 30.49
CA ARG T 221 14.63 41.29 31.48
C ARG T 221 13.73 40.22 30.87
N GLN T 222 13.26 40.42 29.64
CA GLN T 222 12.50 39.38 28.97
C GLN T 222 13.36 38.46 28.12
N LEU T 223 14.55 38.93 27.73
CA LEU T 223 15.53 38.12 27.02
C LEU T 223 16.87 38.34 27.70
N SER T 224 17.20 37.47 28.64
CA SER T 224 18.42 37.60 29.43
C SER T 224 19.65 37.52 28.53
N PHE T 225 20.83 37.65 29.13
CA PHE T 225 22.04 37.79 28.32
C PHE T 225 22.48 36.44 27.73
N GLU T 226 22.30 35.35 28.48
CA GLU T 226 22.50 34.03 27.88
C GLU T 226 21.59 33.80 26.69
N ALA T 227 20.32 34.17 26.80
CA ALA T 227 19.39 33.98 25.69
C ALA T 227 19.88 34.72 24.45
N LYS T 228 20.36 35.96 24.64
CA LYS T 228 20.85 36.74 23.52
C LYS T 228 22.11 36.11 22.93
N LYS T 229 23.03 35.65 23.79
CA LYS T 229 24.25 35.03 23.29
C LYS T 229 23.96 33.77 22.49
N ASP T 230 22.99 32.97 22.96
CA ASP T 230 22.63 31.74 22.26
C ASP T 230 21.94 32.05 20.93
N ILE T 231 21.11 33.09 20.90
CA ILE T 231 20.50 33.48 19.63
C ILE T 231 21.56 33.96 18.65
N ILE T 232 22.54 34.73 19.14
CA ILE T 232 23.63 35.19 18.28
C ILE T 232 24.38 34.00 17.70
N ALA T 233 24.69 33.02 18.55
CA ALA T 233 25.41 31.84 18.08
C ALA T 233 24.61 31.09 17.03
N TYR T 234 23.30 30.93 17.24
CA TYR T 234 22.50 30.23 16.24
C TYR T 234 22.47 30.99 14.92
N VAL T 235 22.34 32.31 14.97
CA VAL T 235 22.29 33.09 13.73
C VAL T 235 23.61 32.97 12.97
N LYS T 236 24.73 33.11 13.68
CA LYS T 236 26.02 33.06 13.02
C LYS T 236 26.34 31.66 12.49
N VAL T 237 25.77 30.62 13.10
CA VAL T 237 26.00 29.27 12.58
C VAL T 237 25.07 28.99 11.40
N ALA T 238 23.82 29.45 11.48
CA ALA T 238 22.88 29.23 10.39
C ALA T 238 23.28 29.98 9.12
N THR T 239 24.03 31.07 9.23
CA THR T 239 24.42 31.80 8.02
C THR T 239 25.72 31.30 7.41
N GLU T 240 26.41 30.38 8.07
CA GLU T 240 27.74 29.96 7.64
C GLU T 240 27.86 28.46 7.45
N ALA T 241 26.76 27.73 7.52
CA ALA T 241 26.79 26.28 7.32
C ALA T 241 26.58 25.95 5.85
N ARG T 242 27.18 24.83 5.44
CA ARG T 242 27.00 24.31 4.09
C ARG T 242 25.55 23.90 3.84
N GLN T 243 25.27 23.56 2.59
CA GLN T 243 24.01 22.94 2.24
C GLN T 243 24.33 21.50 1.85
N PRO T 244 24.04 20.51 2.69
CA PRO T 244 24.51 19.15 2.42
C PRO T 244 23.59 18.39 1.50
N GLY T 245 23.06 19.03 0.48
CA GLY T 245 22.19 18.35 -0.45
C GLY T 245 22.35 18.85 -1.87
N GLY T 246 23.36 19.69 -2.07
CA GLY T 246 23.55 20.34 -3.36
C GLY T 246 23.37 21.83 -3.26
N TYR T 247 23.19 22.50 -4.38
CA TYR T 247 23.04 23.95 -4.38
C TYR T 247 21.65 24.31 -3.90
N LEU T 248 21.57 24.94 -2.72
CA LEU T 248 20.31 25.49 -2.26
C LEU T 248 19.92 26.69 -3.09
N LEU T 249 18.63 26.79 -3.39
CA LEU T 249 18.12 27.71 -4.39
C LEU T 249 17.72 29.05 -3.80
N GLY T 250 18.37 29.47 -2.71
CA GLY T 250 18.14 30.81 -2.19
C GLY T 250 17.74 30.86 -0.73
N GLY T 251 17.30 29.73 -0.18
CA GLY T 251 16.87 29.66 1.20
C GLY T 251 15.37 29.63 1.41
N PHE T 252 14.60 29.87 0.35
CA PHE T 252 13.15 29.93 0.47
C PHE T 252 12.56 28.55 0.16
N GLY T 253 11.25 28.47 0.07
CA GLY T 253 10.58 27.21 -0.02
C GLY T 253 10.46 26.68 -1.44
N PRO T 254 9.24 26.37 -1.86
CA PRO T 254 9.02 25.72 -3.15
C PRO T 254 8.94 26.63 -4.36
N ALA T 255 9.04 27.95 -4.22
CA ALA T 255 9.00 28.81 -5.40
C ALA T 255 10.27 28.68 -6.24
N PRO T 256 11.48 28.83 -5.69
CA PRO T 256 12.67 28.57 -6.52
C PRO T 256 12.73 27.14 -7.02
N GLU T 257 12.20 26.19 -6.26
CA GLU T 257 12.21 24.80 -6.70
C GLU T 257 11.31 24.59 -7.92
N GLY T 258 10.10 25.15 -7.89
CA GLY T 258 9.24 25.08 -9.06
C GLY T 258 9.83 25.78 -10.26
N MET T 259 10.44 26.94 -10.04
CA MET T 259 11.07 27.65 -11.16
C MET T 259 12.21 26.83 -11.76
N ALA T 260 13.06 26.24 -10.91
CA ALA T 260 14.16 25.44 -11.41
C ALA T 260 13.67 24.22 -12.15
N MET T 261 12.61 23.59 -11.66
CA MET T 261 12.00 22.49 -12.40
C MET T 261 11.60 22.95 -13.80
N TRP T 262 10.74 23.97 -13.86
CA TRP T 262 10.19 24.42 -15.14
C TRP T 262 11.26 24.88 -16.11
N ILE T 263 12.38 25.42 -15.61
CA ILE T 263 13.36 26.06 -16.48
C ILE T 263 14.61 25.22 -16.65
N ILE T 264 14.70 24.05 -16.03
CA ILE T 264 15.83 23.16 -16.28
C ILE T 264 15.34 21.80 -16.71
N GLY T 265 14.57 21.13 -15.86
CA GLY T 265 14.19 19.76 -16.15
C GLY T 265 13.25 19.66 -17.33
N MET T 266 12.27 20.56 -17.40
CA MET T 266 11.29 20.49 -18.47
C MET T 266 11.90 20.90 -19.81
N VAL T 267 12.84 21.84 -19.82
CA VAL T 267 13.48 22.20 -21.08
C VAL T 267 14.42 21.09 -21.54
N ALA T 268 15.10 20.41 -20.60
CA ALA T 268 15.90 19.27 -20.98
C ALA T 268 15.03 18.16 -21.57
N ALA T 269 13.91 17.86 -20.92
CA ALA T 269 13.03 16.80 -21.41
C ALA T 269 12.44 17.15 -22.78
N ILE T 270 11.99 18.40 -22.95
CA ILE T 270 11.38 18.78 -24.21
C ILE T 270 12.43 18.90 -25.31
N GLY T 271 13.65 19.30 -24.97
CA GLY T 271 14.69 19.32 -25.97
C GLY T 271 15.06 17.92 -26.45
N LEU T 272 15.14 16.97 -25.53
CA LEU T 272 15.38 15.60 -25.95
C LEU T 272 14.20 15.04 -26.73
N ALA T 273 12.98 15.44 -26.41
CA ALA T 273 11.83 15.01 -27.20
C ALA T 273 11.88 15.58 -28.61
N LEU T 274 12.32 16.84 -28.74
CA LEU T 274 12.48 17.43 -30.07
C LEU T 274 13.58 16.75 -30.85
N TRP T 275 14.65 16.33 -30.17
CA TRP T 275 15.77 15.68 -30.87
C TRP T 275 15.40 14.28 -31.32
N ILE T 276 14.82 13.49 -30.42
CA ILE T 276 14.51 12.09 -30.74
C ILE T 276 13.43 12.02 -31.81
N GLY T 277 12.26 12.61 -31.52
CA GLY T 277 11.12 12.51 -32.41
C GLY T 277 11.21 13.50 -33.55
N ALA T 278 10.67 13.11 -34.70
CA ALA T 278 10.63 13.99 -35.85
C ALA T 278 9.55 15.04 -35.67
N ARG T 279 9.64 16.10 -36.46
CA ARG T 279 8.61 17.12 -36.50
C ARG T 279 8.00 17.18 -37.89
N SER T 280 6.70 17.42 -37.94
CA SER T 280 5.97 17.32 -39.19
C SER T 280 4.89 18.39 -39.28
CU CU U . -8.54 -55.52 51.87
CU CU V . -8.75 -54.88 52.86
C1 CDL W . -34.27 -53.36 5.88
O1 CDL W . -34.56 -54.47 5.07
CA2 CDL W . -32.83 -52.89 5.54
OA2 CDL W . -31.92 -53.73 6.22
PA1 CDL W . -30.42 -53.10 6.55
OA3 CDL W . -29.64 -54.05 7.41
OA4 CDL W . -29.69 -52.85 5.26
OA5 CDL W . -30.59 -51.66 7.36
CA3 CDL W . -30.70 -51.70 8.77
CA4 CDL W . -31.52 -50.48 9.22
OA6 CDL W . -30.98 -49.98 10.41
CA5 CDL W . -31.39 -48.67 10.71
OA7 CDL W . -31.71 -47.94 9.83
C11 CDL W . -31.44 -48.18 12.18
C12 CDL W . -30.29 -47.22 12.52
C13 CDL W . -29.28 -47.84 13.49
C14 CDL W . -28.14 -46.89 13.83
C15 CDL W . -27.61 -47.09 15.24
C16 CDL W . -27.62 -45.80 16.05
C17 CDL W . -26.32 -45.59 16.86
CA6 CDL W . -32.96 -50.91 9.48
OA8 CDL W . -32.93 -52.27 9.92
CA7 CDL W . -33.93 -52.56 10.88
OA9 CDL W . -35.06 -52.31 10.65
C31 CDL W . -33.54 -53.19 12.24
C32 CDL W . -34.75 -53.23 13.22
C33 CDL W . -34.35 -52.92 14.69
C34 CDL W . -33.04 -52.08 14.79
C35 CDL W . -33.34 -50.65 15.30
C36 CDL W . -32.10 -49.99 15.96
C37 CDL W . -32.44 -48.63 16.57
C38 CDL W . -31.19 -47.83 16.97
C39 CDL W . -30.59 -48.28 18.31
C40 CDL W . -30.65 -47.18 19.37
C41 CDL W . -29.66 -47.43 20.54
C42 CDL W . -30.11 -46.78 21.85
CB2 CDL W . -35.31 -52.27 5.59
OB2 CDL W . -34.95 -51.14 6.36
PB2 CDL W . -35.68 -49.69 6.01
OB3 CDL W . -34.84 -48.95 5.00
OB4 CDL W . -37.05 -49.95 5.44
OB5 CDL W . -35.81 -48.77 7.39
CB3 CDL W . -36.58 -49.25 8.46
CB4 CDL W . -36.69 -48.15 9.52
OB6 CDL W . -36.02 -47.00 9.07
CB5 CDL W . -36.75 -45.80 9.25
OB7 CDL W . -37.89 -45.75 8.97
C51 CDL W . -36.05 -44.54 9.81
C52 CDL W . -35.35 -44.82 11.14
C53 CDL W . -34.67 -43.55 11.72
C54 CDL W . -33.61 -43.91 12.80
C55 CDL W . -33.48 -42.78 13.85
C56 CDL W . -32.20 -42.92 14.72
C57 CDL W . -31.80 -41.59 15.36
C58 CDL W . -30.78 -41.76 16.49
C59 CDL W . -30.14 -40.44 16.88
C60 CDL W . -30.31 -40.12 18.37
C61 CDL W . -30.05 -38.62 18.67
C62 CDL W . -31.05 -38.05 19.72
C63 CDL W . -30.62 -38.38 21.17
C64 CDL W . -29.76 -37.26 21.80
CB6 CDL W . -36.06 -48.62 10.82
OB8 CDL W . -37.08 -48.99 11.68
CB7 CDL W . -36.82 -48.69 13.03
OB9 CDL W . -36.17 -49.43 13.68
C71 CDL W . -37.39 -47.41 13.66
C72 CDL W . -36.99 -47.27 15.12
C73 CDL W . -37.09 -45.83 15.62
C74 CDL W . -35.71 -45.23 15.97
C75 CDL W . -35.65 -44.74 17.42
C76 CDL W . -34.22 -44.84 18.00
C77 CDL W . -33.87 -43.66 18.92
C78 CDL W . -32.95 -44.10 20.07
C79 CDL W . -33.18 -43.28 21.36
C80 CDL W . -32.00 -42.35 21.68
C81 CDL W . -31.41 -42.62 23.09
C1 CDL X . -4.48 -60.22 -1.41
O1 CDL X . -3.41 -60.95 -1.96
CA2 CDL X . -3.89 -58.94 -0.80
OA2 CDL X . -4.98 -58.10 -0.46
PA1 CDL X . -4.71 -56.47 -0.52
OA3 CDL X . -3.68 -56.19 -1.57
OA4 CDL X . -5.99 -55.77 -0.85
OA5 CDL X . -4.15 -55.95 0.96
CA3 CDL X . -4.43 -56.77 2.08
CA4 CDL X . -3.69 -56.20 3.30
OA6 CDL X . -2.67 -57.08 3.65
CA5 CDL X . -1.48 -56.44 4.10
OA7 CDL X . -1.57 -55.40 4.66
C11 CDL X . -0.10 -57.08 3.85
C12 CDL X . 0.53 -57.78 5.06
C13 CDL X . -0.28 -57.63 6.36
C14 CDL X . 0.33 -56.62 7.31
C15 CDL X . 0.45 -57.16 8.75
C16 CDL X . 1.63 -56.58 9.48
C17 CDL X . 2.50 -57.66 10.18
C18 CDL X . 3.39 -57.07 11.29
CA6 CDL X . -4.68 -56.08 4.46
OA8 CDL X . -4.34 -54.91 5.20
CA7 CDL X . -4.79 -54.92 6.56
OA9 CDL X . -5.58 -55.74 6.90
C31 CDL X . -4.26 -53.86 7.56
C32 CDL X . -4.66 -54.12 9.05
C33 CDL X . -4.04 -55.41 9.64
C34 CDL X . -2.83 -55.14 10.59
C35 CDL X . -3.06 -53.92 11.52
C36 CDL X . -2.11 -53.94 12.74
C37 CDL X . -1.61 -52.53 13.12
CB2 CDL X . -5.17 -61.10 -0.36
OB2 CDL X . -6.08 -61.93 -1.03
PB2 CDL X . -7.18 -62.79 -0.13
OB3 CDL X . -8.50 -62.04 -0.07
OB4 CDL X . -7.41 -64.14 -0.75
OB5 CDL X . -6.58 -62.99 1.40
CB3 CDL X . -6.10 -64.27 1.71
CB4 CDL X . -5.95 -64.35 3.24
OB6 CDL X . -6.49 -63.20 3.82
CB5 CDL X . -7.73 -63.38 4.48
OB7 CDL X . -8.59 -64.01 3.96
C51 CDL X . -7.97 -62.76 5.87
C52 CDL X . -9.44 -62.32 6.07
C53 CDL X . -9.59 -61.12 7.04
C54 CDL X . -8.30 -60.85 7.88
C55 CDL X . -8.17 -59.36 8.26
C56 CDL X . -9.18 -58.94 9.36
C57 CDL X . -8.93 -57.51 9.86
C58 CDL X . -10.19 -56.90 10.50
C59 CDL X . -10.22 -55.37 10.41
C60 CDL X . -8.82 -54.76 10.41
C61 CDL X . -8.87 -53.22 10.66
C62 CDL X . -7.99 -52.79 11.86
C63 CDL X . -7.98 -51.25 12.06
C64 CDL X . -7.14 -50.83 13.29
C65 CDL X . -5.64 -50.73 12.98
C66 CDL X . -5.35 -49.84 11.78
C67 CDL X . -4.50 -50.53 10.73
CB6 CDL X . -4.48 -64.47 3.58
OB8 CDL X . -4.30 -65.24 4.72
CB7 CDL X . -2.95 -65.47 4.98
OB9 CDL X . -2.28 -65.99 4.17
C71 CDL X . -2.32 -65.00 6.30
C72 CDL X . -2.99 -65.66 7.50
C73 CDL X . -3.08 -64.71 8.69
C74 CDL X . -2.48 -65.34 9.97
C75 CDL X . -3.48 -65.37 11.12
C76 CDL X . -2.90 -66.05 12.37
C77 CDL X . -3.97 -66.81 13.19
C78 CDL X . -5.39 -66.29 12.95
C79 CDL X . -6.35 -66.74 14.06
C80 CDL X . -7.06 -68.04 13.68
C81 CDL X . -8.50 -67.79 13.21
C82 CDL X . -8.94 -68.76 12.12
C83 CDL X . -9.62 -68.04 10.96
C84 CDL X . -11.10 -68.44 10.84
C85 CDL X . -11.28 -69.95 10.80
C86 CDL X . -12.54 -70.37 10.02
C87 CDL X . -13.45 -71.27 10.85
C1 PLM Y . 6.11 -46.64 35.07
O2 PLM Y . 6.57 -46.47 36.23
C2 PLM Y . 5.61 -45.34 34.33
C3 PLM Y . 4.24 -45.44 33.65
C4 PLM Y . 4.17 -46.48 32.53
C5 PLM Y . 5.34 -46.42 31.54
C6 PLM Y . 5.10 -47.19 30.22
C7 PLM Y . 4.73 -48.66 30.42
C8 PLM Y . 3.34 -49.03 29.86
C9 PLM Y . 3.36 -49.45 28.38
CA PLM Y . 1.96 -49.56 27.76
CB PLM Y . 1.97 -50.08 26.33
CC PLM Y . 0.74 -49.69 25.51
CD PLM Y . 0.73 -50.23 24.08
CE PLM Y . 2.05 -50.02 23.31
CF PLM Y . 1.89 -50.05 21.80
CG PLM Y . 3.15 -50.53 21.05
CU CU Z . -18.64 -62.35 46.28
CU CU AA . -23.04 -66.96 39.00
FE HEA BA . -19.73 -70.62 38.23
CHA HEA BA . -18.51 -68.15 40.30
CHB HEA BA . -21.63 -71.96 40.76
CHC HEA BA . -21.09 -72.91 36.23
CHD HEA BA . -18.29 -69.10 35.60
NA HEA BA . -19.99 -70.14 40.07
C1A HEA BA . -19.43 -69.07 40.86
C2A HEA BA . -19.92 -69.11 42.19
C3A HEA BA . -20.80 -70.25 42.17
C4A HEA BA . -20.83 -70.84 40.94
CMA HEA BA . -21.61 -70.82 43.24
OMA HEA BA . -22.45 -70.12 43.70
CAA HEA BA . -19.65 -68.24 43.36
CBA HEA BA . -18.24 -68.10 43.68
CGA HEA BA . -18.15 -67.13 44.73
O1A HEA BA . -18.21 -67.54 45.78
O2A HEA BA . -17.68 -66.08 44.61
NB HEA BA . -21.12 -72.16 38.47
C1B HEA BA . -21.77 -72.56 39.50
C2B HEA BA . -22.65 -73.64 39.38
C3B HEA BA . -22.54 -73.99 38.01
C4B HEA BA . -21.57 -73.02 37.57
CMB HEA BA . -23.48 -74.24 40.43
NC HEA BA . -19.69 -70.95 36.22
C1C HEA BA . -20.29 -71.91 35.60
C2C HEA BA . -20.12 -71.93 34.24
C3C HEA BA . -19.32 -70.85 34.00
C4C HEA BA . -19.08 -70.27 35.27
CMC HEA BA . -20.65 -72.86 33.26
CAC HEA BA . -18.96 -70.59 32.65
CBC HEA BA . -18.62 -70.34 31.48
ND HEA BA . -18.61 -68.95 37.96
C1D HEA BA . -18.12 -68.48 36.87
C2D HEA BA . -17.38 -67.29 37.06
C3D HEA BA . -17.48 -67.03 38.45
C4D HEA BA . -18.24 -68.12 38.89
CMD HEA BA . -16.69 -66.48 36.02
CAD HEA BA . -17.01 -66.03 39.43
CBD HEA BA . -16.42 -64.90 38.78
CGD HEA BA . -16.25 -63.80 39.67
O1D HEA BA . -16.66 -63.85 40.74
O2D HEA BA . -15.42 -63.00 39.44
C11 HEA BA . -23.27 -75.07 37.37
O11 HEA BA . -23.65 -74.50 36.19
C12 HEA BA . -22.49 -76.27 36.94
C13 HEA BA . -23.15 -77.61 37.08
C14 HEA BA . -22.31 -78.54 36.28
C15 HEA BA . -22.06 -79.85 36.19
C16 HEA BA . -22.71 -80.92 36.88
C17 HEA BA . -22.34 -82.18 36.09
C18 HEA BA . -23.53 -83.05 36.08
C19 HEA BA . -23.54 -84.30 36.23
C20 HEA BA . -24.61 -84.73 37.12
C21 HEA BA . -23.90 -84.60 38.45
C22 HEA BA . -24.86 -84.50 39.61
C23 HEA BA . -24.55 -84.28 40.91
C24 HEA BA . -23.18 -84.15 41.53
C25 HEA BA . -25.66 -83.72 41.66
C26 HEA BA . -20.99 -80.38 35.34
C27 HEA BA . -22.31 -85.08 36.01
FE HEA CA . -7.41 -65.82 33.77
CHA HEA CA . -7.97 -64.16 36.72
CHB HEA CA . -4.35 -66.98 34.83
CHC HEA CA . -6.80 -67.37 30.89
CHD HEA CA . -10.61 -65.30 32.87
NA HEA CA . -6.43 -65.61 35.40
C1A HEA CA . -6.75 -64.89 36.61
C2A HEA CA . -5.71 -65.03 37.57
C3A HEA CA . -4.75 -65.86 36.88
C4A HEA CA . -5.17 -66.18 35.63
CMA HEA CA . -3.43 -66.36 37.31
OMA HEA CA . -3.31 -67.02 38.31
CAA HEA CA . -5.57 -64.50 38.94
CBA HEA CA . -5.79 -63.07 39.08
CGA HEA CA . -5.97 -62.80 40.47
O1A HEA CA . -5.01 -62.78 41.08
O2A HEA CA . -6.95 -62.98 41.05
NB HEA CA . -5.85 -66.96 33.00
C1B HEA CA . -4.72 -67.32 33.53
C2B HEA CA . -3.84 -68.09 32.77
C3B HEA CA . -4.52 -68.25 31.55
C4B HEA CA . -5.72 -67.51 31.82
CMB HEA CA . -2.52 -68.58 33.18
NC HEA CA . -8.55 -66.27 32.14
C1C HEA CA . -8.14 -66.90 31.09
C2C HEA CA . -9.08 -67.10 30.11
C3C HEA CA . -10.20 -66.51 30.63
C4C HEA CA . -9.81 -66.01 31.90
CMC HEA CA . -8.95 -67.76 28.83
CAC HEA CA . -11.38 -66.55 29.84
CBC HEA CA . -12.41 -66.59 29.14
ND HEA CA . -9.00 -64.91 34.61
C1D HEA CA . -10.19 -64.77 34.13
C2D HEA CA . -11.06 -64.06 34.98
C3D HEA CA . -10.25 -63.74 36.11
C4D HEA CA . -9.03 -64.30 35.76
CMD HEA CA . -12.48 -63.72 34.77
CAD HEA CA . -10.40 -63.04 37.39
CBD HEA CA . -10.79 -61.68 37.10
CGD HEA CA . -10.44 -60.76 38.13
O1D HEA CA . -10.15 -61.13 39.16
O2D HEA CA . -10.81 -59.65 38.05
C11 HEA CA . -4.02 -68.97 30.39
O11 HEA CA . -5.14 -69.59 29.93
C12 HEA CA . -3.61 -68.13 29.24
C13 HEA CA . -2.39 -68.55 28.47
C14 HEA CA . -2.24 -67.50 27.41
C15 HEA CA . -1.25 -67.00 26.67
C16 HEA CA . -1.34 -66.17 25.50
C17 HEA CA . -0.06 -66.49 24.72
C18 HEA CA . 0.73 -65.25 24.60
C19 HEA CA . 1.83 -65.14 23.98
C20 HEA CA . 2.44 -63.83 24.15
C21 HEA CA . 2.45 -63.34 22.73
C22 HEA CA . 2.23 -61.86 22.61
C23 HEA CA . 1.92 -61.15 21.51
C24 HEA CA . 1.93 -61.62 20.08
C25 HEA CA . 1.18 -59.93 21.80
C26 HEA CA . 0.12 -66.93 27.19
C27 HEA CA . 2.17 -66.07 22.90
N 9Y0 DA . -22.47 -27.05 36.43
C 9Y0 DA . -29.25 -29.41 37.24
O 9Y0 DA . -26.02 -26.89 41.08
C1 9Y0 DA . -27.76 -29.44 37.60
C10 9Y0 DA . -30.09 -35.00 31.96
C11 9Y0 DA . -30.42 -36.47 31.65
C12 9Y0 DA . -29.17 -37.30 31.36
C13 9Y0 DA . -28.64 -37.97 32.62
C14 9Y0 DA . -27.47 -38.59 32.62
C15 9Y0 DA . -26.64 -38.68 31.36
C16 9Y0 DA . -25.26 -39.31 31.62
C2 9Y0 DA . -27.47 -28.38 38.64
C21 9Y0 DA . -26.27 -30.27 35.99
C22 9Y0 DA . -25.89 -30.34 34.51
C23 9Y0 DA . -26.53 -31.53 33.80
C24 9Y0 DA . -25.67 -32.02 32.64
C25 9Y0 DA . -26.48 -32.22 31.36
C26 9Y0 DA . -26.72 -33.69 31.08
C27 9Y0 DA . -25.58 -34.32 30.29
C28 9Y0 DA . -26.04 -34.84 28.93
C29 9Y0 DA . -24.91 -35.53 28.16
C3 9Y0 DA . -23.87 -26.08 38.19
C30 9Y0 DA . -25.41 -36.68 27.30
C31 9Y0 DA . -24.39 -37.82 27.22
C32 9Y0 DA . -24.21 -38.33 25.80
C33 9Y0 DA . -22.98 -39.24 25.68
C34 9Y0 DA . -23.20 -40.35 24.66
C35 9Y0 DA . -21.94 -41.20 24.45
C36 9Y0 DA . -22.23 -42.70 24.44
C4 9Y0 DA . -23.83 -26.69 36.79
C5 9Y0 DA . -30.59 -30.79 35.89
C6 9Y0 DA . -30.27 -31.55 34.62
C7 9Y0 DA . -31.52 -32.08 33.93
C8 9Y0 DA . -31.20 -32.83 32.63
C9 9Y0 DA . -31.16 -34.34 32.81
O1 9Y0 DA . -25.15 -26.28 38.73
O2 9Y0 DA . -23.98 -27.99 40.26
O3 9Y0 DA . -26.24 -28.69 39.25
O4 9Y0 DA . -31.64 -30.26 36.02
O5 9Y0 DA . -29.65 -30.71 36.92
O6 9Y0 DA . -25.95 -31.12 36.73
O7 9Y0 DA . -27.01 -29.18 36.47
P 9Y0 DA . -25.33 -27.47 39.87
C1 CDL EA . 3.06 -59.08 -1.58
O1 CDL EA . 2.34 -60.12 -2.18
CA2 CDL EA . 4.21 -58.67 -2.54
OA2 CDL EA . 4.93 -57.61 -1.95
PA1 CDL EA . 5.42 -56.35 -2.93
OA3 CDL EA . 4.21 -55.77 -3.63
OA4 CDL EA . 6.37 -56.88 -3.97
OA5 CDL EA . 6.16 -55.18 -2.01
CA3 CDL EA . 5.36 -54.35 -1.18
CA4 CDL EA . 6.30 -53.44 -0.38
OA6 CDL EA . 6.23 -52.12 -0.87
CA5 CDL EA . 5.57 -51.21 -0.02
OA7 CDL EA . 4.48 -50.84 -0.28
C11 CDL EA . 6.27 -50.68 1.26
C12 CDL EA . 6.03 -49.18 1.48
C13 CDL EA . 7.26 -48.34 1.15
C14 CDL EA . 6.92 -47.04 0.42
C15 CDL EA . 8.17 -46.25 0.07
C16 CDL EA . 8.03 -45.46 -1.24
C17 CDL EA . 8.75 -44.10 -1.15
C18 CDL EA . 8.54 -43.24 -2.41
C19 CDL EA . 9.57 -42.07 -2.49
C20 CDL EA . 9.70 -41.32 -1.14
C21 CDL EA . 11.05 -40.59 -0.99
C22 CDL EA . 10.96 -39.39 -0.04
C23 CDL EA . 10.90 -39.78 1.44
C24 CDL EA . 10.07 -38.81 2.30
C25 CDL EA . 9.46 -39.46 3.52
C26 CDL EA . 8.27 -38.70 4.09
C27 CDL EA . 7.54 -37.82 3.07
CA6 CDL EA . 7.74 -53.93 -0.55
OA8 CDL EA . 7.99 -54.88 0.48
CA7 CDL EA . 8.89 -54.40 1.47
OA9 CDL EA . 10.03 -54.25 1.20
C31 CDL EA . 8.36 -54.04 2.88
C32 CDL EA . 9.13 -52.83 3.47
C33 CDL EA . 8.60 -52.42 4.86
C34 CDL EA . 9.21 -51.07 5.33
C35 CDL EA . 9.48 -50.11 4.14
C36 CDL EA . 9.15 -48.65 4.51
C37 CDL EA . 9.90 -47.62 3.63
C38 CDL EA . 10.12 -46.30 4.39
C39 CDL EA . 10.98 -45.30 3.59
C40 CDL EA . 10.53 -43.86 3.81
C41 CDL EA . 10.28 -43.14 2.47
C42 CDL EA . 11.37 -43.44 1.44
CB2 CDL EA . 3.59 -59.61 -0.23
OB2 CDL EA . 3.28 -60.98 -0.14
PB2 CDL EA . 3.48 -61.73 1.33
OB3 CDL EA . 4.74 -61.20 2.00
OB4 CDL EA . 3.60 -63.22 1.14
OB5 CDL EA . 2.17 -61.40 2.30
CB3 CDL EA . 2.37 -61.31 3.69
CB4 CDL EA . 1.29 -62.16 4.38
OB6 CDL EA . 0.10 -61.43 4.49
CB5 CDL EA . -0.78 -61.52 3.38
OB7 CDL EA . -0.45 -62.11 2.41
C51 CDL EA . -2.17 -60.85 3.41
C52 CDL EA . -2.71 -60.70 4.83
C53 CDL EA . -4.26 -60.72 4.86
C54 CDL EA . -4.82 -60.29 6.24
C55 CDL EA . -3.87 -60.62 7.41
C56 CDL EA . -3.84 -59.49 8.47
C57 CDL EA . -4.09 -59.97 9.91
C58 CDL EA . -4.11 -58.79 10.90
C59 CDL EA . -4.52 -59.21 12.31
C60 CDL EA . -5.23 -58.07 13.07
CB6 CDL EA . 1.79 -62.60 5.74
OB8 CDL EA . 1.97 -61.49 6.57
CB7 CDL EA . 3.30 -61.22 6.93
OB9 CDL EA . 3.93 -60.40 6.33
C71 CDL EA . 3.98 -61.98 8.08
C72 CDL EA . 5.49 -62.02 7.88
C73 CDL EA . 6.29 -62.12 9.20
C74 CDL EA . 7.52 -61.22 9.21
C75 CDL EA . 8.73 -61.84 9.92
C76 CDL EA . 9.34 -63.03 9.15
C77 CDL EA . 10.87 -63.13 9.32
C78 CDL EA . 11.57 -63.80 8.13
C79 CDL EA . 10.96 -65.17 7.77
C80 CDL EA . 10.87 -65.41 6.25
C81 CDL EA . 9.95 -66.58 5.86
C82 CDL EA . 9.00 -67.00 6.98
C83 CDL EA . 8.21 -68.27 6.66
C84 CDL EA . 8.12 -68.56 5.15
C85 CDL EA . 6.77 -69.13 4.75
C86 CDL EA . 6.41 -68.74 3.31
C87 CDL EA . 7.08 -69.67 2.31
CU CU FA . 22.13 73.18 -1.04
CU CU GA . 21.98 73.16 -2.21
C1 CDL HA . 24.61 40.53 -42.95
O1 CDL HA . 24.34 40.88 -44.28
CA2 CDL HA . 23.27 40.18 -42.27
OA2 CDL HA . 22.64 41.38 -41.90
PA1 CDL HA . 21.55 41.30 -40.64
OA3 CDL HA . 21.09 42.68 -40.28
OA4 CDL HA . 20.38 40.46 -41.06
OA5 CDL HA . 22.29 40.61 -39.32
CA3 CDL HA . 23.00 41.46 -38.44
CA4 CDL HA . 24.11 40.62 -37.77
OA6 CDL HA . 24.22 41.01 -36.43
CA5 CDL HA . 24.93 40.08 -35.65
OA7 CDL HA . 24.94 38.93 -35.94
C11 CDL HA . 25.70 40.55 -34.38
C12 CDL HA . 24.98 40.16 -33.08
C13 CDL HA . 24.41 41.38 -32.34
C14 CDL HA . 23.70 40.99 -31.05
C15 CDL HA . 23.82 42.07 -29.96
C16 CDL HA . 24.38 41.50 -28.67
C17 CDL HA . 23.62 42.03 -27.43
CA6 CDL HA . 25.42 40.89 -38.49
OA8 CDL HA . 25.39 42.23 -38.97
CA7 CDL HA . 26.65 42.88 -38.93
OA9 CDL HA . 27.59 42.38 -39.44
C31 CDL HA . 26.81 44.24 -38.20
C32 CDL HA . 28.30 44.66 -38.09
C33 CDL HA . 28.64 45.34 -36.74
C34 CDL HA . 27.66 44.93 -35.61
C35 CDL HA . 28.35 44.05 -34.54
C36 CDL HA . 27.65 44.11 -33.17
C37 CDL HA . 28.44 43.34 -32.11
C38 CDL HA . 27.63 43.11 -30.81
C39 CDL HA . 27.63 44.36 -29.89
C40 CDL HA . 28.31 44.09 -28.56
C41 CDL HA . 27.91 45.13 -27.49
C42 CDL HA . 28.99 45.32 -26.40
CB2 CDL HA . 25.58 39.32 -42.96
OB2 CDL HA . 25.78 38.94 -41.61
PB2 CDL HA . 26.50 37.47 -41.32
OB3 CDL HA . 25.42 36.41 -41.21
OB4 CDL HA . 27.42 37.12 -42.46
OB5 CDL HA . 27.36 37.53 -39.90
CB3 CDL HA . 28.44 38.42 -39.79
CB4 CDL HA . 29.17 38.15 -38.48
OB6 CDL HA . 28.55 37.08 -37.81
CB5 CDL HA . 29.47 36.11 -37.30
OB7 CDL HA . 30.36 35.74 -37.98
C51 CDL HA . 29.29 35.55 -35.89
C52 CDL HA . 29.21 36.67 -34.83
C53 CDL HA . 29.05 36.10 -33.39
C54 CDL HA . 28.54 37.19 -32.40
C55 CDL HA . 29.06 36.92 -30.97
C56 CDL HA . 28.30 37.74 -29.90
C57 CDL HA . 28.43 37.12 -28.51
C58 CDL HA . 27.99 38.09 -27.40
C59 CDL HA . 27.80 37.36 -26.06
C60 CDL HA . 28.66 37.95 -24.94
C61 CDL HA . 28.80 36.98 -23.74
C62 CDL HA . 30.23 36.99 -23.15
C63 CDL HA . 30.45 38.17 -22.16
C64 CDL HA . 30.14 37.77 -20.70
CB6 CDL HA . 29.10 39.38 -37.60
OB8 CDL HA . 30.34 40.03 -37.67
CB7 CDL HA . 30.74 40.62 -36.47
OB9 CDL HA . 30.35 41.69 -36.18
C71 CDL HA . 31.72 39.89 -35.55
C72 CDL HA . 32.03 40.70 -34.29
C73 CDL HA . 32.57 39.84 -33.16
C74 CDL HA . 31.60 39.78 -31.97
C75 CDL HA . 32.24 40.24 -30.65
C76 CDL HA . 31.23 40.88 -29.70
C77 CDL HA . 31.50 40.54 -28.21
C78 CDL HA . 31.13 41.71 -27.28
C79 CDL HA . 32.03 41.78 -26.03
C80 CDL HA . 31.27 41.42 -24.76
C81 CDL HA . 31.33 42.54 -23.69
C1 CDL IA . -6.00 46.26 -38.82
O1 CDL IA . -7.30 46.68 -39.14
CA2 CDL IA . -6.04 45.69 -37.38
OA2 CDL IA . -4.81 45.07 -37.14
PA1 CDL IA . -4.83 43.77 -36.10
OA3 CDL IA . -6.15 43.08 -36.20
OA4 CDL IA . -3.73 42.82 -36.48
OA5 CDL IA . -4.58 44.31 -34.55
CA3 CDL IA . -3.98 45.58 -34.39
CA4 CDL IA . -4.00 45.96 -32.90
OA6 CDL IA . -4.88 47.03 -32.72
CA5 CDL IA . -5.63 46.96 -31.52
OA7 CDL IA . -5.15 46.45 -30.56
C11 CDL IA . -7.08 47.52 -31.46
C12 CDL IA . -7.21 48.89 -30.77
C13 CDL IA . -5.90 49.42 -30.17
C14 CDL IA . -5.85 49.27 -28.66
C15 CDL IA . -5.42 50.56 -27.95
C16 CDL IA . -6.05 50.71 -26.57
C17 CDL IA . -6.68 52.10 -26.35
C18 CDL IA . -6.89 52.42 -24.87
CA6 CDL IA . -2.60 46.39 -32.48
OA8 CDL IA . -2.39 45.95 -31.14
CA7 CDL IA . -1.39 46.69 -30.42
OA9 CDL IA . -0.68 47.42 -31.01
C31 CDL IA . -1.27 46.51 -28.88
C32 CDL IA . -0.29 47.54 -28.20
C33 CDL IA . -0.78 49.00 -28.28
C34 CDL IA . -1.40 49.52 -26.95
C35 CDL IA . -0.59 49.07 -25.70
C36 CDL IA . -0.90 49.95 -24.47
C37 CDL IA . -0.95 49.14 -23.16
CB2 CDL IA . -5.06 47.48 -38.92
OB2 CDL IA . -4.68 47.59 -40.26
PB2 CDL IA . -3.44 48.64 -40.64
OB3 CDL IA . -2.14 47.88 -40.73
OB4 CDL IA . -3.72 49.32 -41.96
OB5 CDL IA . -3.33 49.79 -39.45
CB3 CDL IA . -3.82 51.07 -39.77
CB4 CDL IA . -3.29 52.05 -38.73
OB6 CDL IA . -2.37 51.40 -37.88
CB5 CDL IA . -1.01 51.74 -38.09
OB7 CDL IA . -0.58 51.80 -39.19
C51 CDL IA . -0.09 52.02 -36.89
C52 CDL IA . 1.36 51.57 -37.14
C53 CDL IA . 2.09 51.15 -35.84
C54 CDL IA . 1.37 51.63 -34.55
C55 CDL IA . 1.65 50.70 -33.35
C56 CDL IA . 3.10 50.86 -32.81
C57 CDL IA . 3.32 50.05 -31.52
C58 CDL IA . 4.80 49.75 -31.28
C59 CDL IA . 5.03 48.47 -30.47
C60 CDL IA . 3.88 48.20 -29.48
C61 CDL IA . 4.27 47.13 -28.43
C62 CDL IA . 4.09 47.62 -26.98
C63 CDL IA . 4.41 46.52 -25.93
C64 CDL IA . 4.27 47.04 -24.49
C65 CDL IA . 2.83 47.00 -23.98
C66 CDL IA . 2.18 45.63 -24.13
C67 CDL IA . 0.86 45.70 -24.88
CB6 CDL IA . -4.46 52.57 -37.92
OB8 CDL IA . -4.23 53.88 -37.52
CB7 CDL IA . -5.35 54.42 -36.88
OB9 CDL IA . -6.39 54.46 -37.44
C71 CDL IA . -5.25 54.92 -35.44
C72 CDL IA . -4.23 56.06 -35.29
C73 CDL IA . -3.48 55.99 -33.97
C74 CDL IA . -3.55 57.32 -33.21
C75 CDL IA . -2.16 57.87 -32.88
C76 CDL IA . -2.23 59.23 -32.18
C77 CDL IA . -1.04 60.16 -32.54
C78 CDL IA . 0.19 59.38 -33.02
C79 CDL IA . 1.45 60.25 -32.96
C80 CDL IA . 1.72 60.95 -34.30
C81 CDL IA . 2.82 60.24 -35.10
C82 CDL IA . 2.58 60.32 -36.60
C83 CDL IA . 2.79 58.96 -37.27
C84 CDL IA . 3.97 58.98 -38.24
C85 CDL IA . 3.89 60.13 -39.23
C86 CDL IA . 4.59 59.81 -40.55
C87 CDL IA . 5.63 60.86 -40.92
C1 PLM JA . -0.73 63.33 -1.82
O2 PLM JA . -1.36 62.55 -1.06
C2 PLM JA . -1.00 63.21 -3.35
C3 PLM JA . 0.21 63.46 -4.27
C4 PLM JA . 0.26 62.56 -5.51
C5 PLM JA . 1.45 62.84 -6.44
C6 PLM JA . 1.63 61.80 -7.55
C7 PLM JA . 2.88 62.01 -8.42
C8 PLM JA . 3.86 60.82 -8.43
C9 PLM JA . 4.62 60.64 -9.74
CA PLM JA . 3.75 60.23 -10.92
CB PLM JA . 4.48 60.28 -12.28
CC PLM JA . 3.55 60.34 -13.49
CD PLM JA . 3.23 58.96 -14.10
CE PLM JA . 4.47 58.24 -14.64
CF PLM JA . 4.20 56.79 -15.06
CG PLM JA . 3.17 56.67 -16.19
CU CU KA . 25.89 73.55 -12.22
CU CU LA . 27.02 72.75 -24.11
FE HEA MA . 23.31 75.39 -24.73
CHA HEA MA . 23.55 74.83 -21.34
CHB HEA MA . 25.90 77.64 -24.68
CHC HEA MA . 23.25 75.80 -28.04
CHD HEA MA . 21.11 72.84 -24.96
NA HEA MA . 24.42 76.05 -23.33
C1A HEA MA . 24.46 75.75 -21.92
C2A HEA MA . 25.48 76.50 -21.25
C3A HEA MA . 26.06 77.25 -22.35
C4A HEA MA . 25.45 76.98 -23.54
CMA HEA MA . 27.16 78.21 -22.32
OMA HEA MA . 28.23 77.79 -21.97
CAA HEA MA . 25.89 76.54 -19.85
CBA HEA MA . 24.83 76.83 -18.91
CGA HEA MA . 25.36 76.70 -17.59
O1A HEA MA . 25.81 77.64 -17.15
O2A HEA MA . 25.06 75.87 -16.85
NB HEA MA . 24.39 76.53 -26.10
C1B HEA MA . 25.37 77.36 -25.93
C2B HEA MA . 25.91 78.00 -27.04
C3B HEA MA . 25.15 77.49 -28.11
C4B HEA MA . 24.27 76.61 -27.41
CMB HEA MA . 27.01 78.97 -27.06
NC HEA MA . 22.33 74.47 -26.27
C1C HEA MA . 22.43 74.76 -27.52
C2C HEA MA . 21.67 74.00 -28.37
C3C HEA MA . 21.03 73.13 -27.53
C4C HEA MA . 21.48 73.46 -26.23
CMC HEA MA . 21.56 74.08 -29.82
CAC HEA MA . 20.14 72.17 -28.12
CBC HEA MA . 19.37 71.35 -28.63
ND HEA MA . 22.47 74.07 -23.44
C1D HEA MA . 21.63 73.13 -23.67
C2D HEA MA . 21.25 72.41 -22.52
C3D HEA MA . 22.00 73.03 -21.46
C4D HEA MA . 22.69 74.02 -22.15
CMD HEA MA . 20.31 71.27 -22.42
CAD HEA MA . 22.17 72.88 -20.01
CBD HEA MA . 21.55 71.69 -19.52
CGD HEA MA . 21.96 71.37 -18.19
O1D HEA MA . 22.79 71.97 -17.69
O2D HEA MA . 21.27 70.74 -17.50
C11 HEA MA . 25.33 77.86 -29.52
O11 HEA MA . 25.24 76.65 -30.14
C12 HEA MA . 24.26 78.66 -30.17
C13 HEA MA . 24.70 79.71 -31.16
C14 HEA MA . 23.45 80.10 -31.87
C15 HEA MA . 22.99 81.13 -32.58
C16 HEA MA . 23.70 82.28 -33.04
C17 HEA MA . 22.81 82.88 -34.16
C18 HEA MA . 23.72 83.36 -35.21
C19 HEA MA . 23.60 84.45 -35.84
C20 HEA MA . 24.87 85.14 -35.98
C21 HEA MA . 24.87 85.94 -34.70
C22 HEA MA . 26.24 86.40 -34.27
C23 HEA MA . 26.58 87.03 -33.12
C24 HEA MA . 25.67 87.51 -32.03
C25 HEA MA . 27.98 86.86 -32.79
C26 HEA MA . 21.58 81.21 -32.99
C27 HEA MA . 22.30 85.12 -35.90
FE HEA NA . 11.23 70.86 -19.41
CHA HEA NA . 13.30 71.21 -16.70
CHB HEA NA . 8.82 72.87 -18.01
CHC HEA NA . 9.17 70.48 -21.99
CHD HEA NA . 13.74 69.41 -21.14
NA HEA NA . 11.13 71.81 -17.75
C1A HEA NA . 12.06 71.90 -16.66
C2A HEA NA . 11.54 72.74 -15.62
C3A HEA NA . 10.26 73.14 -16.15
C4A HEA NA . 10.02 72.59 -17.38
CMA HEA NA . 9.21 73.99 -15.57
OMA HEA NA . 9.44 75.12 -15.24
CAA HEA NA . 12.11 73.15 -14.33
CBA HEA NA . 12.60 72.06 -13.49
CGA HEA NA . 13.41 72.65 -12.48
O1A HEA NA . 12.85 73.14 -11.63
O2A HEA NA . 14.51 72.98 -12.63
NB HEA NA . 9.33 71.55 -19.90
C1B HEA NA . 8.51 72.31 -19.25
C2B HEA NA . 7.27 72.61 -19.83
C3B HEA NA . 7.30 71.91 -21.05
C4B HEA NA . 8.61 71.30 -20.97
CMB HEA NA . 6.21 73.46 -19.26
NC HEA NA . 11.43 70.08 -21.29
C1C HEA NA . 10.51 70.02 -22.18
C2C HEA NA . 10.88 69.44 -23.38
C3C HEA NA . 12.19 69.12 -23.18
C4C HEA NA . 12.49 69.53 -21.85
CMC HEA NA . 10.08 69.23 -24.57
CAC HEA NA . 12.87 68.50 -24.26
CBC HEA NA . 13.45 67.95 -25.21
ND HEA NA . 13.15 70.37 -19.03
C1D HEA NA . 14.01 69.81 -19.80
C2D HEA NA . 15.27 69.61 -19.19
C3D HEA NA . 15.10 70.16 -17.88
C4D HEA NA . 13.78 70.58 -17.90
CMD HEA NA . 16.48 69.00 -19.77
CAD HEA NA . 15.92 70.32 -16.67
CBD HEA NA . 16.35 69.02 -16.24
CGD HEA NA . 16.64 68.94 -14.85
O1D HEA NA . 16.78 69.91 -14.24
O2D HEA NA . 17.11 67.96 -14.40
C11 HEA NA . 6.24 71.89 -22.04
O11 HEA NA . 6.92 71.93 -23.21
C12 HEA NA . 5.50 70.60 -22.13
C13 HEA NA . 4.01 70.66 -22.35
C14 HEA NA . 3.57 69.23 -22.38
C15 HEA NA . 2.45 68.55 -22.14
C16 HEA NA . 2.16 67.19 -22.47
C17 HEA NA . 0.62 67.18 -22.63
C18 HEA NA . 0.07 66.25 -21.62
C19 HEA NA . -1.16 65.97 -21.48
C20 HEA NA . -1.41 65.13 -20.32
C21 HEA NA . -1.97 63.90 -20.99
C22 HEA NA . -1.59 62.62 -20.30
C23 HEA NA . -1.71 61.37 -20.75
C24 HEA NA . -2.42 60.88 -21.99
C25 HEA NA . -0.73 60.46 -20.17
C26 HEA NA . 1.49 69.02 -21.15
C27 HEA NA . -2.09 66.11 -22.61
N 9Y0 OA . 31.78 39.24 -1.37
C 9Y0 OA . 37.79 40.56 -5.15
O 9Y0 OA . 37.00 41.27 0.36
C1 9Y0 OA . 36.64 41.02 -4.26
C10 9Y0 OA . 35.40 41.84 -12.39
C11 9Y0 OA . 35.33 42.78 -13.60
C12 9Y0 OA . 33.98 43.48 -13.73
C13 9Y0 OA . 33.96 44.82 -13.01
C14 9Y0 OA . 32.84 45.50 -12.88
C15 9Y0 OA . 31.52 44.96 -13.43
C16 9Y0 OA . 30.33 45.83 -13.00
C2 9Y0 OA . 36.99 40.82 -2.80
C21 9Y0 OA . 34.48 40.98 -5.20
C22 9Y0 OA . 33.49 40.24 -6.09
C23 9Y0 OA . 33.56 40.68 -7.55
C24 9Y0 OA . 32.21 40.53 -8.25
C25 9Y0 OA . 32.34 39.82 -9.60
C26 9Y0 OA . 32.21 40.80 -10.76
C27 9Y0 OA . 30.76 41.03 -11.17
C28 9Y0 OA . 30.50 40.58 -12.61
C29 9Y0 OA . 29.07 40.85 -13.04
C3 9Y0 OA . 33.94 39.28 -0.20
C30 9Y0 OA . 28.96 41.20 -14.52
C31 9Y0 OA . 27.86 42.23 -14.78
C32 9Y0 OA . 26.98 41.84 -15.97
C33 9Y0 OA . 25.71 42.69 -16.06
C34 9Y0 OA . 25.29 42.94 -17.50
C35 9Y0 OA . 23.97 43.69 -17.58
C36 9Y0 OA . 24.00 44.84 -18.59
C4 9Y0 OA . 33.20 38.96 -1.50
C5 9Y0 OA . 38.18 40.67 -7.45
C6 9Y0 OA . 37.23 40.60 -8.63
C7 9Y0 OA . 37.96 40.43 -9.96
C8 9Y0 OA . 36.99 40.32 -11.14
C9 9Y0 OA . 36.82 41.63 -11.88
O1 9Y0 OA . 35.27 39.56 -0.51
O2 9Y0 OA . 34.66 41.98 0.07
O3 9Y0 OA . 36.11 41.60 -2.04
O4 9Y0 OA . 39.25 40.16 -7.52
O5 9Y0 OA . 37.82 41.35 -6.29
O6 9Y0 OA . 34.39 42.14 -5.05
O7 9Y0 OA . 35.50 40.26 -4.56
P 9Y0 OA . 35.76 41.13 -0.50
C1 CDL PA . -13.06 46.72 -34.23
O1 CDL PA . -11.78 46.26 -33.84
CA2 CDL PA . -13.79 45.54 -34.91
OA2 CDL PA . -13.65 44.39 -34.10
PA1 CDL PA . -14.91 44.01 -33.07
OA3 CDL PA . -16.08 43.49 -33.86
OA4 CDL PA . -15.31 45.26 -32.35
OA5 CDL PA . -14.42 42.88 -31.97
CA3 CDL PA . -14.98 42.93 -30.67
CA4 CDL PA . -13.86 43.18 -29.65
OA6 CDL PA . -14.15 42.52 -28.45
CA5 CDL PA . -13.12 41.63 -28.04
OA7 CDL PA . -12.91 40.64 -28.66
C11 CDL PA . -12.28 41.94 -26.78
C12 CDL PA . -12.11 40.71 -25.87
C13 CDL PA . -13.41 40.35 -25.14
C14 CDL PA . -13.18 39.32 -24.05
C15 CDL PA . -14.43 38.48 -23.78
C16 CDL PA . -14.09 37.03 -23.45
C17 CDL PA . -14.92 36.03 -24.26
C18 CDL PA . -14.84 34.61 -23.67
C19 CDL PA . -16.09 34.26 -22.80
C20 CDL PA . -15.76 33.28 -21.65
C21 CDL PA . -16.47 33.68 -20.35
C22 CDL PA . -15.49 34.13 -19.25
C23 CDL PA . -15.99 35.36 -18.49
C24 CDL PA . -14.84 36.21 -17.91
C25 CDL PA . -14.06 36.97 -18.96
C26 CDL PA . -14.19 38.50 -18.82
C27 CDL PA . -14.64 39.16 -20.11
CA6 CDL PA . -13.74 44.68 -29.39
OA8 CDL PA . -12.35 45.00 -29.38
CA7 CDL PA . -12.03 46.26 -29.96
OA9 CDL PA . -12.51 46.58 -30.99
C31 CDL PA . -11.03 47.21 -29.25
C32 CDL PA . -11.02 47.00 -27.70
C33 CDL PA . -10.10 45.81 -27.27
C34 CDL PA . -8.84 46.30 -26.51
C35 CDL PA . -8.47 45.39 -25.30
C36 CDL PA . -9.39 44.16 -25.16
C37 CDL PA . -10.44 44.33 -24.05
C38 CDL PA . -9.81 44.45 -22.65
C39 CDL PA . -10.56 45.49 -21.79
C40 CDL PA . -9.64 46.23 -20.81
C41 CDL PA . -8.47 46.98 -21.48
C42 CDL PA . -7.61 47.71 -20.44
CB2 CDL PA . -12.85 47.93 -35.17
OB2 CDL PA . -11.68 48.59 -34.77
PB2 CDL PA . -11.79 50.13 -34.13
OB3 CDL PA . -12.83 50.17 -33.05
OB4 CDL PA . -12.16 51.10 -35.23
OB5 CDL PA . -10.31 50.56 -33.49
CB3 CDL PA . -10.20 50.64 -32.10
CB4 CDL PA . -9.91 52.10 -31.73
OB6 CDL PA . -9.13 52.69 -32.76
CB5 CDL PA . -7.71 52.59 -32.66
OB7 CDL PA . -7.09 53.45 -32.15
C51 CDL PA . -6.97 51.38 -33.26
C52 CDL PA . -7.36 51.07 -34.72
C53 CDL PA . -6.60 49.83 -35.26
C54 CDL PA . -5.28 49.56 -34.47
C55 CDL PA . -4.02 50.14 -35.15
C56 CDL PA . -2.84 50.31 -34.15
C57 CDL PA . -3.19 51.25 -32.99
C58 CDL PA . -1.93 51.67 -32.21
C59 CDL PA . -2.24 52.17 -30.79
C60 CDL PA . -1.47 53.44 -30.42
CB6 CDL PA . -9.23 52.18 -30.37
OB8 CDL PA . -9.98 53.03 -29.55
CB7 CDL PA . -9.46 54.32 -29.46
OB9 CDL PA . -8.46 54.59 -30.03
C71 CDL PA . -10.16 55.38 -28.61
C72 CDL PA . -11.03 56.32 -29.47
C73 CDL PA . -10.91 57.79 -29.06
C74 CDL PA . -12.28 58.47 -28.93
C75 CDL PA . -12.85 58.94 -30.27
C76 CDL PA . -14.35 58.64 -30.40
C77 CDL PA . -15.00 59.40 -31.58
C78 CDL PA . -15.48 58.46 -32.69
C79 CDL PA . -14.89 58.84 -34.07
C80 CDL PA . -14.31 57.63 -34.81
C81 CDL PA . -15.13 57.24 -36.05
C82 CDL PA . -16.10 58.33 -36.47
C83 CDL PA . -17.45 57.78 -36.95
C84 CDL PA . -18.47 58.87 -37.23
C85 CDL PA . -19.47 59.03 -36.07
C86 CDL PA . -20.91 58.87 -36.52
C87 CDL PA . -21.85 59.80 -35.76
CHA HEM QA . -6.52 -23.25 -11.87
CHB HEM QA . -7.05 -19.86 -8.48
CHC HEM QA . -3.22 -21.62 -6.16
CHD HEM QA . -2.33 -24.59 -9.85
C1A HEM QA . -7.03 -22.23 -11.11
C2A HEM QA . -8.30 -21.57 -11.34
C3A HEM QA . -8.44 -20.63 -10.40
C4A HEM QA . -7.28 -20.67 -9.56
CMA HEM QA . -9.62 -19.65 -10.23
CAA HEM QA . -9.29 -21.91 -12.48
CBA HEM QA . -10.60 -22.44 -11.95
CGA HEM QA . -10.39 -23.79 -11.31
O1A HEM QA . -11.18 -24.15 -10.40
O2A HEM QA . -9.43 -24.49 -11.70
C1B HEM QA . -6.00 -19.98 -7.61
C2B HEM QA . -5.63 -19.01 -6.61
C3B HEM QA . -4.57 -19.49 -5.96
C4B HEM QA . -4.25 -20.78 -6.54
CMB HEM QA . -6.39 -17.68 -6.41
CAB HEM QA . -3.75 -18.87 -4.80
CBB HEM QA . -3.98 -17.67 -4.28
C1C HEM QA . -2.72 -22.65 -6.90
C2C HEM QA . -1.82 -23.68 -6.45
C3C HEM QA . -1.57 -24.50 -7.46
C4C HEM QA . -2.32 -24.03 -8.60
CMC HEM QA . -1.25 -23.80 -5.02
CAC HEM QA . -0.66 -25.74 -7.43
C1D HEM QA . -3.37 -24.46 -10.75
C2D HEM QA . -3.47 -25.08 -12.04
C3D HEM QA . -4.61 -24.71 -12.59
C4D HEM QA . -5.30 -23.84 -11.66
CMD HEM QA . -2.42 -26.01 -12.69
CAD HEM QA . -5.14 -25.14 -13.96
CBD HEM QA . -6.26 -26.14 -13.74
CGD HEM QA . -6.99 -26.36 -15.03
O1D HEM QA . -6.70 -25.63 -16.00
O2D HEM QA . -7.86 -27.25 -15.07
NA HEM QA . -6.43 -21.67 -10.01
NB HEM QA . -5.14 -21.05 -7.54
NC HEM QA . -3.01 -22.90 -8.22
ND HEM QA . -4.50 -23.71 -10.54
FE HEM QA . -4.81 -22.40 -9.01
CHA HEM RA . -3.93 -7.91 10.32
CHB HEM RA . -3.84 -11.73 7.37
CHC HEM RA . -4.08 -8.77 3.57
CHD HEM RA . -4.28 -4.94 6.53
C1A HEM RA . -4.00 -9.20 9.85
C2A HEM RA . -4.30 -10.38 10.63
C3A HEM RA . -4.27 -11.42 9.81
C4A HEM RA . -3.96 -10.96 8.49
CMA HEM RA . -4.53 -12.89 10.19
CAA HEM RA . -4.61 -10.43 12.14
CBA HEM RA . -5.85 -9.61 12.44
CGA HEM RA . -6.20 -9.71 13.89
O1A HEM RA . -5.78 -10.71 14.53
O2A HEM RA . -6.91 -8.82 14.41
C1B HEM RA . -3.85 -11.28 6.08
C2B HEM RA . -3.69 -12.07 4.89
C3B HEM RA . -3.75 -11.27 3.84
C4B HEM RA . -3.96 -9.91 4.32
CMB HEM RA . -3.47 -13.59 4.85
CAB HEM RA . -3.61 -11.77 2.38
CBB HEM RA . -3.67 -10.96 1.34
C1C HEM RA . -4.15 -7.49 4.04
C2C HEM RA . -4.24 -6.29 3.23
C3C HEM RA . -4.29 -5.24 4.06
C4C HEM RA . -4.25 -5.74 5.41
CMC HEM RA . -4.26 -6.31 1.70
CAC HEM RA . -4.39 -3.72 3.75
CBC HEM RA . -4.50 -3.21 2.52
C1D HEM RA . -4.12 -5.41 7.81
C2D HEM RA . -3.91 -4.60 8.99
C3D HEM RA . -3.81 -5.42 10.03
C4D HEM RA . -3.96 -6.78 9.55
CMD HEM RA . -3.82 -3.07 9.02
CAD HEM RA . -3.58 -5.02 11.50
CBD HEM RA . -4.89 -4.53 12.09
CGD HEM RA . -5.26 -5.42 13.24
O1D HEM RA . -4.45 -6.31 13.59
O2D HEM RA . -6.35 -5.24 13.83
NA HEM RA . -3.80 -9.58 8.55
NB HEM RA . -4.02 -9.96 5.70
NC HEM RA . -4.16 -7.11 5.37
ND HEM RA . -4.15 -6.74 8.19
FE HEM RA . -4.09 -8.37 6.96
C1 PLM SA . 26.74 -35.12 18.16
O2 PLM SA . 27.58 -34.26 18.53
C2 PLM SA . 26.14 -34.96 16.72
C3 PLM SA . 25.37 -36.16 16.17
C4 PLM SA . 25.13 -36.09 14.66
C5 PLM SA . 24.16 -37.14 14.11
C6 PLM SA . 24.01 -37.12 12.58
C7 PLM SA . 22.68 -37.67 12.07
C8 PLM SA . 22.37 -37.29 10.61
C9 PLM SA . 21.02 -37.79 10.11
CA PLM SA . 20.63 -37.27 8.72
C1 CDL TA . -6.52 -12.86 -28.90
O1 CDL TA . -7.60 -13.24 -29.71
CA2 CDL TA . -6.03 -14.11 -28.14
OA2 CDL TA . -6.00 -15.19 -29.06
PA1 CDL TA . -5.11 -16.54 -28.63
OA3 CDL TA . -6.05 -17.69 -28.39
OA4 CDL TA . -4.16 -16.88 -29.75
OA5 CDL TA . -4.26 -16.21 -27.23
CA3 CDL TA . -2.89 -15.85 -27.35
CA4 CDL TA . -2.37 -15.49 -25.96
OA6 CDL TA . -1.89 -14.18 -25.97
CA5 CDL TA . -2.84 -13.21 -25.59
OA7 CDL TA . -3.66 -12.86 -26.36
C11 CDL TA . -2.85 -12.62 -24.15
C12 CDL TA . -3.88 -11.49 -24.00
C13 CDL TA . -3.63 -10.62 -22.76
C14 CDL TA . -4.82 -9.72 -22.44
C15 CDL TA . -5.45 -10.04 -21.08
C16 CDL TA . -4.43 -10.13 -19.96
C17 CDL TA . -4.66 -9.08 -18.86
C18 CDL TA . -4.32 -9.60 -17.45
C19 CDL TA . -2.79 -9.56 -17.14
C20 CDL TA . -2.51 -9.41 -15.63
C21 CDL TA . -1.03 -9.06 -15.33
C22 CDL TA . -0.06 -9.97 -16.11
CA6 CDL TA . -1.25 -16.45 -25.58
OA8 CDL TA . -0.53 -15.88 -24.49
CA7 CDL TA . -0.98 -16.33 -23.21
OA9 CDL TA . -1.77 -17.20 -23.13
C31 CDL TA . -0.40 -15.68 -21.93
C32 CDL TA . -1.32 -14.54 -21.37
C33 CDL TA . -0.69 -13.86 -20.12
C34 CDL TA . -0.37 -12.36 -20.37
C35 CDL TA . 0.67 -11.81 -19.35
CB2 CDL TA . -7.01 -11.74 -27.96
OB2 CDL TA . -8.01 -12.28 -27.12
PB2 CDL TA . -9.59 -12.08 -27.56
OB3 CDL TA . -9.65 -11.31 -28.86
OB4 CDL TA . -10.24 -13.42 -27.75
OB5 CDL TA . -10.42 -11.22 -26.39
CB3 CDL TA . -9.74 -10.21 -25.70
CB4 CDL TA . -10.59 -9.77 -24.51
OB6 CDL TA . -10.77 -8.37 -24.58
CB5 CDL TA . -12.11 -7.92 -24.60
OB7 CDL TA . -12.50 -7.26 -25.49
C51 CDL TA . -13.08 -8.26 -23.44
C52 CDL TA . -14.42 -7.51 -23.60
C53 CDL TA . -14.52 -6.26 -22.68
C54 CDL TA . -14.39 -4.93 -23.47
C55 CDL TA . -15.68 -4.07 -23.38
C56 CDL TA . -15.47 -2.60 -23.84
C57 CDL TA . -16.72 -1.74 -23.62
C58 CDL TA . -16.49 -0.26 -23.98
C59 CDL TA . -15.54 0.45 -23.01
C60 CDL TA . -16.13 1.78 -22.51
C61 CDL TA . -15.02 2.77 -22.08
C62 CDL TA . -15.19 3.26 -20.62
CB6 CDL TA . -9.84 -10.10 -23.24
OB8 CDL TA . -10.70 -10.75 -22.34
CB7 CDL TA . -10.01 -11.38 -21.31
OB9 CDL TA . -8.95 -11.87 -21.51
C71 CDL TA . -10.60 -11.45 -19.90
C72 CDL TA . -9.65 -12.14 -18.92
C73 CDL TA . -10.37 -12.73 -17.72
C74 CDL TA . -9.49 -12.83 -16.46
C75 CDL TA . -8.31 -11.86 -16.47
C76 CDL TA . -7.72 -11.65 -15.07
C77 CDL TA . -8.00 -10.24 -14.50
C78 CDL TA . -8.44 -10.28 -13.03
C79 CDL TA . -7.23 -10.16 -12.06
C80 CDL TA . -7.03 -8.74 -11.51
C81 CDL TA . -6.16 -7.88 -12.44
C82 CDL TA . -4.85 -7.44 -11.78
C83 CDL TA . -3.71 -7.28 -12.79
C1 CDL UA . -13.96 -38.45 -9.71
O1 CDL UA . -14.28 -39.33 -10.76
CA2 CDL UA . -13.62 -39.30 -8.47
OA2 CDL UA . -12.61 -40.24 -8.81
PA1 CDL UA . -12.20 -41.38 -7.67
OA3 CDL UA . -13.45 -41.92 -7.03
OA4 CDL UA . -11.44 -42.50 -8.29
OA5 CDL UA . -11.27 -40.67 -6.49
CA3 CDL UA . -11.79 -40.60 -5.18
CA4 CDL UA . -10.68 -41.03 -4.22
OA6 CDL UA . -9.51 -40.36 -4.55
CA5 CDL UA . -9.07 -39.42 -3.60
OA7 CDL UA . -9.32 -38.28 -3.72
C11 CDL UA . -8.22 -39.89 -2.38
C12 CDL UA . -6.98 -39.03 -2.19
C13 CDL UA . -6.91 -38.42 -0.79
C14 CDL UA . -6.21 -39.32 0.20
C15 CDL UA . -6.14 -38.70 1.59
C16 CDL UA . -5.70 -39.69 2.66
C17 CDL UA . -4.82 -39.04 3.73
C18 CDL UA . -4.45 -40.02 4.85
C19 CDL UA . -4.23 -39.30 6.22
C20 CDL UA . -4.06 -40.30 7.39
C21 CDL UA . -3.63 -39.61 8.69
CA6 CDL UA . -10.45 -42.53 -4.38
OA8 CDL UA . -9.05 -42.74 -4.49
CA7 CDL UA . -8.56 -43.73 -3.61
OA9 CDL UA . -8.14 -44.74 -4.02
C31 CDL UA . -8.56 -43.47 -2.07
C32 CDL UA . -7.41 -44.22 -1.35
C33 CDL UA . -6.83 -43.34 -0.21
C34 CDL UA . -7.11 -43.94 1.20
C35 CDL UA . -5.84 -43.89 2.10
C36 CDL UA . -6.19 -43.65 3.59
C37 CDL UA . -5.18 -44.31 4.53
C38 CDL UA . -5.69 -44.35 5.98
C39 CDL UA . -4.76 -45.15 6.91
C40 CDL UA . -5.37 -45.35 8.30
C41 CDL UA . -6.55 -46.34 8.27
C42 CDL UA . -6.08 -47.80 8.22
CB2 CDL UA . -15.19 -37.55 -9.49
OB2 CDL UA . -16.18 -38.32 -8.87
PB2 CDL UA . -17.34 -37.54 -7.98
OB3 CDL UA . -18.71 -38.01 -8.43
OB4 CDL UA . -17.23 -36.06 -8.21
OB5 CDL UA . -17.13 -37.88 -6.37
CB3 CDL UA . -17.96 -37.26 -5.41
CB4 CDL UA . -17.12 -36.99 -4.16
OB6 CDL UA . -16.32 -38.12 -3.89
CB5 CDL UA . -14.98 -37.99 -4.28
OB7 CDL UA . -14.61 -38.45 -5.30
C51 CDL UA . -13.98 -37.22 -3.40
C52 CDL UA . -13.31 -38.15 -2.36
C53 CDL UA . -12.14 -37.46 -1.65
C54 CDL UA . -11.96 -37.95 -0.18
C55 CDL UA . -10.99 -37.06 0.62
C56 CDL UA . -11.11 -37.30 2.14
C57 CDL UA . -10.18 -36.39 2.95
C58 CDL UA . -8.94 -37.14 3.47
C59 CDL UA . -8.20 -36.36 4.56
C60 CDL UA . -8.51 -36.88 5.96
C61 CDL UA . -7.99 -35.93 7.07
C62 CDL UA . -7.20 -36.69 8.17
C63 CDL UA . -8.10 -37.07 9.38
CB6 CDL UA . -18.01 -36.74 -2.96
OB8 CDL UA . -17.82 -35.43 -2.51
CB7 CDL UA . -16.91 -35.30 -1.45
OB9 CDL UA . -17.06 -35.94 -0.46
C71 CDL UA . -15.74 -34.33 -1.56
C72 CDL UA . -14.95 -34.15 -0.25
C73 CDL UA . -14.14 -32.85 -0.25
C74 CDL UA . -12.65 -33.06 -0.52
C75 CDL UA . -12.23 -32.54 -1.90
C76 CDL UA . -10.70 -32.42 -2.08
C77 CDL UA . -10.08 -33.69 -2.70
C78 CDL UA . -9.85 -33.55 -4.22
C79 CDL UA . -9.96 -34.91 -4.96
C1 CDL VA . -18.92 -44.31 -8.32
O1 CDL VA . -19.24 -45.62 -8.70
CA2 CDL VA . -20.24 -43.58 -7.98
OA2 CDL VA . -20.94 -44.35 -7.02
PA1 CDL VA . -22.25 -43.66 -6.24
OA3 CDL VA . -22.65 -42.40 -6.97
OA4 CDL VA . -23.39 -44.63 -6.25
OA5 CDL VA . -21.84 -43.27 -4.68
CA3 CDL VA . -20.51 -42.88 -4.42
CA4 CDL VA . -20.51 -41.78 -3.34
OA6 CDL VA . -21.47 -40.82 -3.66
CA5 CDL VA . -21.62 -39.83 -2.65
OA7 CDL VA . -21.44 -38.70 -2.92
C11 CDL VA . -22.02 -40.24 -1.22
C12 CDL VA . -22.11 -39.03 -0.28
C13 CDL VA . -20.74 -38.49 0.12
C14 CDL VA . -20.79 -37.02 0.51
C15 CDL VA . -21.02 -36.85 2.01
C16 CDL VA . -20.11 -37.73 2.84
C17 CDL VA . -20.49 -37.72 4.34
C18 CDL VA . -19.28 -37.96 5.25
C19 CDL VA . -19.52 -37.47 6.70
C20 CDL VA . -20.46 -38.40 7.50
C21 CDL VA . -20.02 -38.58 8.97
C22 CDL VA . -18.50 -38.58 9.12
C23 CDL VA . -18.07 -39.14 10.48
C24 CDL VA . -16.55 -39.41 10.53
C25 CDL VA . -15.93 -38.93 11.83
C26 CDL VA . -15.03 -39.99 12.47
C27 CDL VA . -13.70 -39.41 12.96
CA6 CDL VA . -19.14 -41.12 -3.31
OA8 CDL VA . -18.35 -41.83 -2.37
CA7 CDL VA . -17.37 -41.05 -1.72
OA9 CDL VA . -16.41 -40.69 -2.31
C31 CDL VA . -17.54 -40.64 -0.23
C32 CDL VA . -16.18 -40.28 0.43
C33 CDL VA . -16.20 -40.55 1.96
C34 CDL VA . -15.50 -39.42 2.76
C35 CDL VA . -15.69 -39.60 4.28
C36 CDL VA . -14.45 -39.11 5.09
C37 CDL VA . -14.18 -39.98 6.31
CB2 CDL VA . -17.95 -44.39 -7.12
OB2 CDL VA . -18.38 -45.42 -6.26
PB2 CDL VA . -17.23 -46.36 -5.53
OB3 CDL VA . -16.05 -46.50 -6.45
OB4 CDL VA . -17.80 -47.73 -5.24
OB5 CDL VA . -16.74 -45.66 -4.10
CB3 CDL VA . -15.80 -44.62 -4.16
CB4 CDL VA . -15.26 -44.35 -2.76
OB6 CDL VA . -13.86 -44.34 -2.78
CB5 CDL VA . -13.29 -43.17 -2.23
OB7 CDL VA . -13.72 -42.11 -2.52
C51 CDL VA . -12.11 -43.27 -1.25
C52 CDL VA . -12.07 -42.10 -0.25
C53 CDL VA . -10.92 -42.26 0.76
C54 CDL VA . -11.40 -41.95 2.21
C55 CDL VA . -10.31 -41.20 3.03
C56 CDL VA . -10.07 -41.87 4.41
C57 CDL VA . -9.22 -40.98 5.33
C58 CDL VA . -9.56 -41.19 6.82
C59 CDL VA . -8.48 -42.00 7.54
C60 CDL VA . -8.07 -41.36 8.88
C61 CDL VA . -8.93 -41.86 10.06
CB6 CDL VA . -15.73 -45.42 -1.80
OB8 CDL VA . -14.81 -45.51 -0.76
CB7 CDL VA . -15.22 -44.89 0.41
OB9 CDL VA . -15.77 -43.84 0.36
C71 CDL VA . -14.97 -45.51 1.78
C72 CDL VA . -15.27 -44.51 2.90
C73 CDL VA . -15.17 -45.16 4.28
C74 CDL VA . -14.07 -44.51 5.13
C75 CDL VA . -13.19 -45.56 5.81
C76 CDL VA . -12.13 -44.94 6.73
C77 CDL VA . -11.91 -45.76 8.01
C78 CDL VA . -10.43 -46.14 8.20
C79 CDL VA . -10.14 -46.64 9.63
C80 CDL VA . -9.51 -45.55 10.52
C81 CDL VA . -9.69 -45.83 12.02
C82 CDL VA . -8.40 -45.58 12.81
C5 MQ9 WA . -11.77 -17.08 -14.47
C5M MQ9 WA . -10.93 -15.99 -15.09
C4 MQ9 WA . -11.67 -18.36 -14.97
O4 MQ9 WA . -10.79 -18.58 -16.03
C3 MQ9 WA . -12.44 -19.41 -14.44
C2 MQ9 WA . -13.27 -19.18 -13.40
C1 MQ9 WA . -13.39 -17.86 -12.89
O1 MQ9 WA . -14.24 -17.56 -11.83
C6 MQ9 WA . -12.64 -16.83 -13.41
C3A MQ9 WA . -12.31 -20.72 -14.98
C3B MQ9 WA . -13.06 -21.75 -14.44
C3C MQ9 WA . -13.93 -21.51 -13.38
C3D MQ9 WA . -14.05 -20.23 -12.86
C7 MQ9 WA . -12.78 -15.44 -12.84
C8 MQ9 WA . -13.63 -14.52 -13.72
C9 MQ9 WA . -13.89 -13.19 -13.03
C10 MQ9 WA . -14.14 -13.44 -11.55
C11 MQ9 WA . -12.69 -12.24 -13.26
C12 MQ9 WA . -12.05 -11.75 -11.96
C13 MQ9 WA . -12.78 -10.56 -11.30
C14 MQ9 WA . -12.51 -10.50 -9.80
C15 MQ9 WA . -11.53 -9.38 -9.54
C16 MQ9 WA . -13.81 -10.32 -9.01
C17 MQ9 WA . -14.32 -8.87 -8.94
C18 MQ9 WA . -15.23 -8.53 -7.73
C19 MQ9 WA . -15.18 -7.04 -7.32
C20 MQ9 WA . -13.78 -6.52 -7.04
C21 MQ9 WA . -16.27 -6.62 -6.28
C22 MQ9 WA . -15.82 -5.57 -5.22
C23 MQ9 WA . -16.67 -4.28 -5.24
C24 MQ9 WA . -16.53 -3.38 -3.99
C25 MQ9 WA . -17.87 -3.09 -3.32
C26 MQ9 WA . -15.75 -2.07 -4.25
C27 MQ9 WA . -15.57 -1.18 -2.99
C28 MQ9 WA . -14.11 -1.11 -2.47
C29 MQ9 WA . -13.91 0.01 -1.42
C30 MQ9 WA . -14.84 -0.11 -0.23
C31 MQ9 WA . -12.43 0.21 -1.03
C32 MQ9 WA . -11.87 1.60 -1.35
C33 MQ9 WA . -12.56 2.23 -2.58
C34 MQ9 WA . -12.89 3.74 -2.49
C35 MQ9 WA . -14.15 4.06 -1.66
C36 MQ9 WA . -12.99 4.36 -3.90
C37 MQ9 WA . -12.76 5.89 -3.89
C38 MQ9 WA . -11.86 6.34 -2.72
C39 MQ9 WA . -11.12 7.68 -2.97
C40 MQ9 WA . -10.23 8.04 -1.79
C41 MQ9 WA . -12.10 8.82 -3.27
C42 MQ9 WA . -11.60 9.81 -4.32
C43 MQ9 WA . -12.63 10.17 -5.39
C44 MQ9 WA . -11.99 10.57 -6.73
C45 MQ9 WA . -12.08 12.07 -6.93
C46 MQ9 WA . -12.67 9.85 -7.90
C47 MQ9 WA . -12.49 8.34 -7.84
C48 MQ9 WA . -12.35 7.74 -9.25
C49 MQ9 WA . -13.21 6.50 -9.46
C50 MQ9 WA . -12.66 5.29 -8.71
C51 MQ9 WA . -13.40 6.20 -10.94
C5 MQ9 XA . 1.75 2.46 -24.37
C5M MQ9 XA . 0.95 1.33 -23.73
C4 MQ9 XA . 1.15 3.15 -25.40
O4 MQ9 XA . -0.14 2.78 -25.79
C3 MQ9 XA . 1.80 4.21 -26.05
C2 MQ9 XA . 3.04 4.56 -25.67
C1 MQ9 XA . 3.67 3.86 -24.60
O1 MQ9 XA . 4.95 4.21 -24.19
C6 MQ9 XA . 3.04 2.82 -23.96
C3A MQ9 XA . 1.14 4.89 -27.11
C3B MQ9 XA . 1.78 5.93 -27.75
C3C MQ9 XA . 3.06 6.30 -27.36
C3D MQ9 XA . 3.70 5.63 -26.33
C7 MQ9 XA . 3.79 2.13 -22.82
C8 MQ9 XA . 3.72 0.61 -22.74
C9 MQ9 XA . 3.02 0.18 -21.46
C10 MQ9 XA . 2.49 -1.22 -21.61
C11 MQ9 XA . 3.98 0.32 -20.26
C12 MQ9 XA . 3.44 -0.34 -18.98
C13 MQ9 XA . 2.34 0.47 -18.26
C14 MQ9 XA . 2.22 0.10 -16.77
C15 MQ9 XA . 0.75 0.13 -16.39
C16 MQ9 XA . 3.06 1.03 -15.89
C17 MQ9 XA . 3.32 0.50 -14.47
C18 MQ9 XA . 4.36 -0.65 -14.38
C19 MQ9 XA . 4.96 -0.84 -12.97
C20 MQ9 XA . 4.27 -1.93 -12.15
C21 MQ9 XA . 6.52 -0.88 -12.93
C22 MQ9 XA . 7.17 -1.85 -11.92
C23 MQ9 XA . 7.96 -1.12 -10.81
C24 MQ9 XA . 7.82 -1.73 -9.39
C25 MQ9 XA . 6.91 -0.91 -8.49
C26 MQ9 XA . 9.18 -1.99 -8.71
C27 MQ9 XA . 9.14 -1.75 -7.18
C28 MQ9 XA . 8.51 -2.92 -6.38
C29 MQ9 XA . 9.45 -4.12 -6.23
C30 MQ9 XA . 10.82 -3.72 -5.68
C31 MQ9 XA . 8.81 -5.31 -5.47
C32 MQ9 XA . 8.87 -5.19 -3.94
C33 MQ9 XA . 9.68 -6.36 -3.32
C34 MQ9 XA . 9.47 -6.62 -1.80
C35 MQ9 XA . 8.23 -5.94 -1.23
C36 MQ9 XA . 9.49 -8.13 -1.51
C37 MQ9 XA . 10.40 -8.53 -0.34
C38 MQ9 XA . 10.10 -9.96 0.17
C39 MQ9 XA . 10.05 -10.11 1.71
C40 MQ9 XA . 11.30 -9.53 2.35
C41 MQ9 XA . 9.86 -11.58 2.12
C42 MQ9 XA . 8.85 -12.36 1.28
C43 MQ9 XA . 9.00 -13.89 1.42
C44 MQ9 XA . 10.45 -14.31 1.52
C45 MQ9 XA . 10.62 -15.41 2.57
C46 MQ9 XA . 10.98 -14.81 0.18
C47 MQ9 XA . 10.23 -16.03 -0.36
C48 MQ9 XA . 10.46 -16.20 -1.86
C49 MQ9 XA . 9.33 -15.65 -2.70
C50 MQ9 XA . 8.10 -16.54 -2.67
C51 MQ9 XA . 9.77 -15.37 -4.14
C10 HV0 YA . 7.24 -20.65 15.36
C11 HV0 YA . 6.76 -20.01 14.06
C15 HV0 YA . 8.07 -19.26 10.85
C17 HV0 YA . 9.31 -17.49 9.77
C18 HV0 YA . 10.38 -18.35 9.61
C19 HV0 YA . 10.29 -19.64 10.08
C20 HV0 YA . 9.15 -20.10 10.69
N21 HV0 YA . 11.65 -17.98 9.02
C22 HV0 YA . 11.90 -16.80 8.09
C01 HV0 YA . 9.19 -22.06 14.37
C02 HV0 YA . 8.30 -21.54 15.49
C05 HV0 YA . 7.14 -21.18 18.83
C06 HV0 YA . 6.09 -20.42 19.34
C07 HV0 YA . 5.34 -19.65 18.48
C08 HV0 YA . 5.63 -19.65 17.14
C09 HV0 YA . 6.71 -20.44 16.65
C14 HV0 YA . 6.82 -19.83 11.54
C16 HV0 YA . 8.14 -17.96 10.39
C23 HV0 YA . 13.28 -16.20 8.34
C24 HV0 YA . 14.36 -17.18 8.32
C25 HV0 YA . 13.92 -18.52 8.03
C26 HV0 YA . 12.81 -18.97 8.96
C27 HV0 YA . 15.43 -17.26 7.24
C28 HV0 YA . 16.44 -18.20 7.31
C29 HV0 YA . 17.41 -18.27 6.33
C30 HV0 YA . 17.37 -17.38 5.26
C31 HV0 YA . 16.37 -16.43 5.19
C32 HV0 YA . 15.41 -16.37 6.17
C34 HV0 YA . 18.03 -16.97 3.00
C39 HV0 YA . 3.73 -17.98 18.11
F35 HV0 YA . 16.74 -17.31 2.70
F36 HV0 YA . 18.14 -15.62 2.93
F37 HV0 YA . 18.86 -17.54 2.08
N03 HV0 YA . 8.41 -21.86 16.80
N04 HV0 YA . 7.40 -21.16 17.48
N13 HV0 YA . 7.25 -20.48 12.78
O12 HV0 YA . 6.00 -19.10 14.11
O33 HV0 YA . 18.37 -17.45 4.27
O38 HV0 YA . 4.29 -18.88 19.00
FE1 FES ZA . 12.95 -23.09 24.97
FE2 FES ZA . 12.91 -23.93 21.96
S1 FES ZA . 12.88 -22.00 23.03
S2 FES ZA . 12.72 -25.02 23.90
C1 CDL AB . -32.75 -31.80 -4.38
O1 CDL AB . -33.25 -31.21 -3.21
CA2 CDL AB . -32.57 -30.70 -5.45
OA2 CDL AB . -32.33 -29.47 -4.80
PA1 CDL AB . -33.60 -28.41 -4.62
OA3 CDL AB . -34.89 -29.18 -4.58
OA4 CDL AB . -33.63 -27.45 -5.77
OA5 CDL AB . -33.42 -27.57 -3.18
CA3 CDL AB . -34.19 -27.96 -2.07
CA4 CDL AB . -34.63 -26.69 -1.33
OA6 CDL AB . -35.66 -26.08 -2.08
CA5 CDL AB . -36.91 -26.03 -1.42
OA7 CDL AB . -36.97 -25.73 -0.27
C11 CDL AB . -38.20 -26.36 -2.22
C12 CDL AB . -39.30 -27.01 -1.35
C13 CDL AB . -38.84 -28.30 -0.68
C14 CDL AB . -39.12 -28.31 0.81
C15 CDL AB . -40.55 -28.79 1.11
C16 CDL AB . -40.71 -29.25 2.55
C17 CDL AB . -41.44 -28.22 3.42
C18 CDL AB . -40.95 -28.24 4.88
C19 CDL AB . -42.05 -27.76 5.87
C20 CDL AB . -43.28 -28.69 5.88
C21 CDL AB . -44.01 -28.69 7.24
C22 CDL AB . -45.04 -27.55 7.34
C23 CDL AB . -45.86 -27.38 6.06
C24 CDL AB . -45.73 -25.96 5.45
C25 CDL AB . -45.47 -26.00 3.96
C26 CDL AB . -46.66 -25.49 3.15
C27 CDL AB . -46.30 -24.24 2.35
CA6 CDL AB . -33.45 -25.72 -1.25
OA8 CDL AB . -33.65 -24.88 -0.12
CA7 CDL AB . -32.46 -24.67 0.63
OA9 CDL AB . -31.45 -24.41 0.07
C31 CDL AB . -32.49 -24.78 2.18
C32 CDL AB . -31.24 -24.14 2.86
C33 CDL AB . -31.07 -24.59 4.33
C34 CDL AB . -31.42 -23.47 5.36
C35 CDL AB . -30.17 -22.61 5.72
C36 CDL AB . -30.55 -21.20 6.22
C37 CDL AB . -29.49 -20.59 7.15
C38 CDL AB . -29.16 -21.49 8.36
C39 CDL AB . -27.87 -21.06 9.08
C40 CDL AB . -28.01 -21.04 10.60
C41 CDL AB . -27.03 -20.07 11.27
C42 CDL AB . -27.11 -20.12 12.80
CB2 CDL AB . -33.74 -32.90 -4.82
OB2 CDL AB . -33.93 -33.77 -3.73
PB2 CDL AB . -35.49 -34.25 -3.37
OB3 CDL AB . -36.48 -33.42 -4.15
OB4 CDL AB . -35.65 -35.70 -3.71
OB5 CDL AB . -35.74 -34.03 -1.74
CB3 CDL AB . -34.60 -33.74 -0.96
CB4 CDL AB . -34.79 -34.40 0.41
OB6 CDL AB . -36.14 -34.29 0.79
CB5 CDL AB . -36.54 -33.08 1.42
OB7 CDL AB . -36.46 -32.05 0.84
C51 CDL AB . -37.09 -33.10 2.85
C52 CDL AB . -38.50 -32.48 2.94
C53 CDL AB . -38.77 -31.84 4.33
C54 CDL AB . -38.28 -32.74 5.49
C55 CDL AB . -39.39 -33.01 6.53
C56 CDL AB . -39.82 -31.71 7.26
C57 CDL AB . -40.83 -31.98 8.38
C58 CDL AB . -40.80 -30.90 9.47
C59 CDL AB . -41.85 -31.15 10.55
C60 CDL AB . -42.75 -29.93 10.79
C61 CDL AB . -41.95 -28.61 10.82
C62 CDL AB . -42.05 -27.89 12.20
C63 CDL AB . -40.91 -26.84 12.39
C64 CDL AB . -41.23 -25.84 13.52
C65 CDL AB . -40.76 -24.42 13.18
C66 CDL AB . -41.25 -23.96 11.81
C67 CDL AB . -40.10 -23.55 10.89
CB6 CDL AB . -33.88 -33.75 1.42
OB8 CDL AB . -33.81 -34.60 2.52
CB7 CDL AB . -32.92 -34.17 3.51
OB9 CDL AB . -31.78 -34.01 3.24
C71 CDL AB . -33.42 -33.91 4.93
C72 CDL AB . -32.30 -34.01 5.96
C73 CDL AB . -32.85 -34.15 7.38
C74 CDL AB . -32.31 -33.05 8.32
C75 CDL AB . -31.58 -33.64 9.53
C76 CDL AB . -32.54 -34.14 10.62
C77 CDL AB . -32.19 -33.56 12.01
C78 CDL AB . -33.24 -32.56 12.49
C79 CDL AB . -34.23 -33.18 13.50
C80 CDL AB . -34.36 -32.33 14.77
C81 CDL AB . -35.79 -32.37 15.37
C82 CDL AB . -35.77 -32.73 16.86
C83 CDL AB . -35.99 -31.50 17.74
C84 CDL AB . -35.15 -31.57 19.01
C85 CDL AB . -35.72 -30.69 20.14
C86 CDL AB . -34.67 -29.77 20.75
C87 CDL AB . -34.85 -29.60 22.26
P 9YF BB . 33.99 -11.15 16.16
O1 9YF BB . 32.85 -10.98 15.19
O2 9YF BB . 33.52 -12.18 17.36
O3 9YF BB . 35.91 -13.65 17.02
O4 9YF BB . 35.27 -14.79 20.32
C 9YF BB . 34.53 -12.12 13.12
O 9YF BB . 35.27 -11.80 15.36
C1 9YF BB . 34.99 -12.81 14.42
C10 9YF BB . 32.93 -13.66 8.84
C11 9YF BB . 33.42 -14.79 7.93
C12 9YF BB . 33.82 -14.29 6.55
C13 9YF BB . 34.62 -15.33 5.77
C14 9YF BB . 36.13 -15.08 5.84
C15 9YF BB . 36.67 -14.42 4.58
C16 9YF BB . 37.06 -12.96 4.82
C17 9YF BB . 38.56 -12.81 5.12
C2 9YF BB . 34.37 -12.49 18.42
C24 9YF BB . 35.64 -11.31 12.46
C25 9YF BB . 36.18 -9.08 12.02
C26 9YF BB . 36.82 -9.52 10.70
C27 9YF BB . 36.83 -8.43 9.65
C28 9YF BB . 35.54 -8.41 8.82
C29 9YF BB . 35.61 -9.37 7.63
C3 9YF BB . 35.13 -13.79 18.17
C30 9YF BB . 34.34 -9.34 6.79
C31 9YF BB . 34.04 -7.95 6.24
C32 9YF BB . 33.92 -7.94 4.72
C33 9YF BB . 34.41 -6.62 4.12
C34 9YF BB . 35.90 -6.42 4.38
C35 9YF BB . 34.11 -6.56 2.62
C4 9YF BB . 36.04 -14.16 19.34
C5 9YF BB . 36.82 -12.98 19.95
C6 9YF BB . 36.13 -11.62 19.93
C7 9YF BB . 35.37 -11.36 18.64
C8 9YF BB . 33.58 -12.54 11.02
C9 9YF BB . 34.07 -13.07 9.67
O10 9YF BB . 32.78 -11.68 11.07
O11 9YF BB . 35.39 -9.96 12.75
O12 9YF BB . 36.34 -7.97 12.40
O5 9YF BB . 37.22 -13.29 21.27
O6 9YF BB . 37.10 -10.62 20.09
O7 9YF BB . 36.35 -11.39 17.62
O8 9YF BB . 34.35 -9.78 16.71
O9 9YF BB . 34.10 -13.09 12.20
P 9YF CB . 28.15 -0.21 9.63
O1 9YF CB . 28.66 1.02 10.32
O2 9YF CB . 27.05 0.21 8.48
O3 9YF CB . 26.32 0.92 6.05
O4 9YF CB . 26.38 4.15 7.56
C 9YF CB . 29.31 -1.70 6.61
O 9YF CB . 29.40 -1.00 8.89
C1 9YF CB . 29.75 -0.61 7.59
C10 9YF CB . 30.77 -5.73 4.44
C11 9YF CB . 29.54 -5.67 3.54
C12 9YF CB . 29.15 -7.04 3.00
C13 9YF CB . 28.01 -7.69 3.78
C14 9YF CB . 27.60 -9.04 3.20
C15 9YF CB . 26.63 -9.78 4.12
C16 9YF CB . 25.41 -10.33 3.37
C2 9YF CB . 26.64 1.54 8.36
C24 9YF CB . 29.45 -1.26 5.16
C25 9YF CB . 28.15 -1.34 3.22
C26 9YF CB . 27.70 -2.64 2.56
C27 9YF CB . 27.29 -2.43 1.11
C28 9YF CB . 27.31 -3.73 0.30
C29 9YF CB . 25.94 -4.06 -0.28
C3 9YF CB . 26.82 1.92 6.90
C30 9YF CB . 25.79 -5.54 -0.60
C31 9YF CB . 24.96 -5.77 -1.86
C32 9YF CB . 24.60 -7.24 -2.06
C4 9YF CB . 26.07 3.19 6.59
C5 9YF CB . 24.59 2.89 6.65
C6 9YF CB . 24.16 2.44 8.04
C7 9YF CB . 25.20 1.68 8.88
C8 9YF CB . 29.95 -3.80 5.88
C9 9YF CB . 31.11 -4.37 5.06
O10 9YF CB . 28.85 -4.23 5.73
O11 9YF CB . 28.16 -1.23 4.62
O12 9YF CB . 28.48 -0.41 2.55
O5 9YF CB . 24.30 1.88 5.72
O6 9YF CB . 22.94 1.76 7.97
O7 9YF CB . 24.68 0.56 9.54
O8 9YF CB . 27.50 -1.13 10.64
O9 9YF CB . 30.17 -2.78 6.81
C1 CDL DB . -28.02 -36.47 -5.64
O1 CDL DB . -29.02 -37.41 -5.34
CA2 CDL DB . -26.82 -36.76 -4.70
OA2 CDL DB . -27.05 -37.99 -4.04
PA1 CDL DB . -25.76 -38.84 -3.43
OA3 CDL DB . -24.51 -38.40 -4.12
OA4 CDL DB . -25.97 -40.32 -3.66
OA5 CDL DB . -25.62 -38.55 -1.80
CA3 CDL DB . -26.33 -37.45 -1.25
CA4 CDL DB . -25.40 -36.74 -0.25
OA6 CDL DB . -25.99 -36.79 1.02
CA5 CDL DB . -25.76 -37.99 1.72
OA7 CDL DB . -24.97 -38.77 1.32
C11 CDL DB . -26.53 -38.26 3.03
C12 CDL DB . -25.99 -37.41 4.19
C13 CDL DB . -27.11 -36.67 4.91
C14 CDL DB . -27.00 -35.16 4.72
C15 CDL DB . -28.12 -34.42 5.44
C16 CDL DB . -28.09 -34.59 6.95
C17 CDL DB . -27.99 -33.24 7.68
C18 CDL DB . -27.45 -33.39 9.11
C19 CDL DB . -27.83 -32.18 10.02
C20 CDL DB . -27.28 -32.34 11.46
CA6 CDL DB . -25.22 -35.29 -0.67
OA8 CDL DB . -25.18 -34.51 0.52
CA7 CDL DB . -23.87 -34.03 0.83
OA9 CDL DB . -22.94 -34.48 0.25
C31 CDL DB . -23.67 -32.94 1.91
C32 CDL DB . -22.34 -33.11 2.72
C33 CDL DB . -21.09 -32.59 1.96
C34 CDL DB . -20.07 -31.90 2.90
C35 CDL DB . -18.60 -32.16 2.47
C36 CDL DB . -18.10 -33.55 2.93
C37 CDL DB . -16.76 -33.50 3.67
C38 CDL DB . -16.41 -34.85 4.32
C39 CDL DB . -14.91 -35.19 4.18
CB2 CDL DB . -28.62 -35.07 -5.43
OB2 CDL DB . -27.61 -34.11 -5.62
PB2 CDL DB . -28.01 -32.51 -5.46
OB3 CDL DB . -27.01 -31.65 -6.20
OB4 CDL DB . -29.39 -32.28 -6.04
OB5 CDL DB . -28.02 -32.09 -3.85
CB3 CDL DB . -29.15 -32.45 -3.09
CB4 CDL DB . -29.04 -31.75 -1.74
OB6 CDL DB . -28.97 -32.71 -0.72
CB5 CDL DB . -28.17 -32.28 0.36
OB7 CDL DB . -27.06 -31.92 0.16
C51 CDL DB . -28.74 -32.25 1.80
C52 CDL DB . -27.63 -31.96 2.83
C53 CDL DB . -28.05 -30.84 3.83
C54 CDL DB . -29.48 -31.05 4.40
C55 CDL DB . -30.35 -29.77 4.27
C56 CDL DB . -29.88 -28.65 5.23
C57 CDL DB . -30.26 -28.96 6.70
C58 CDL DB . -29.22 -28.41 7.69
C59 CDL DB . -29.55 -28.78 9.14
C60 CDL DB . -31.06 -28.89 9.42
C61 CDL DB . -31.40 -28.74 10.92
CB6 CDL DB . -30.27 -30.88 -1.53
OB8 CDL DB . -29.86 -29.55 -1.51
CB7 CDL DB . -30.46 -28.77 -0.51
OB9 CDL DB . -31.43 -29.18 0.04
C71 CDL DB . -29.88 -27.41 -0.14
C72 CDL DB . -28.86 -27.51 1.00
C73 CDL DB . -27.42 -27.53 0.48
C74 CDL DB . -26.41 -26.94 1.47
C75 CDL DB . -25.56 -28.05 2.10
C76 CDL DB . -25.04 -27.66 3.50
C77 CDL DB . -23.59 -28.16 3.74
C78 CDL DB . -23.35 -28.66 5.17
C79 CDL DB . -24.47 -28.28 6.15
C80 CDL DB . -24.14 -26.99 6.93
C81 CDL DB . -23.66 -27.27 8.36
C82 CDL DB . -22.37 -26.52 8.69
C83 CDL DB . -21.29 -27.44 9.24
C84 CDL DB . -21.78 -28.32 10.39
C85 CDL DB . -20.62 -28.82 11.26
C86 CDL DB . -20.90 -30.19 11.89
C87 CDL DB . -20.24 -30.32 13.26
C5 MQ9 EB . -9.87 -27.87 21.82
C5M MQ9 EB . -8.61 -28.35 22.51
C4 MQ9 EB . -10.87 -27.32 22.59
O4 MQ9 EB . -10.68 -27.22 23.95
C3 MQ9 EB . -12.05 -26.87 21.99
C2 MQ9 EB . -12.21 -26.98 20.65
C1 MQ9 EB . -11.18 -27.55 19.86
O1 MQ9 EB . -11.34 -27.67 18.48
C6 MQ9 EB . -10.02 -27.99 20.44
C3A MQ9 EB . -13.07 -26.30 22.80
C3B MQ9 EB . -14.23 -25.87 22.20
C3C MQ9 EB . -14.41 -25.97 20.82
C3D MQ9 EB . -13.42 -26.53 20.04
C7 MQ9 EB . -8.90 -28.61 19.61
C8 MQ9 EB . -9.35 -29.77 18.72
C9 MQ9 EB . -8.17 -30.63 18.35
C10 MQ9 EB . -7.24 -30.73 19.54
C11 MQ9 EB . -8.68 -32.01 17.91
C12 MQ9 EB . -7.71 -33.15 18.19
C13 MQ9 EB . -8.27 -34.53 17.78
C14 MQ9 EB . -7.67 -35.66 18.61
C15 MQ9 EB . -6.22 -35.86 18.20
C16 MQ9 EB . -8.48 -36.95 18.46
C17 MQ9 EB . -9.96 -36.71 18.08
C18 MQ9 EB . -10.66 -37.93 17.46
C19 MQ9 EB . -10.80 -39.11 18.45
C20 MQ9 EB . -11.85 -38.85 19.52
C21 MQ9 EB . -10.90 -40.51 17.78
C22 MQ9 EB . -11.61 -41.62 18.60
C23 MQ9 EB . -12.42 -42.59 17.72
C24 MQ9 EB . -11.78 -43.99 17.52
C25 MQ9 EB . -10.97 -44.08 16.23
C26 MQ9 EB . -10.94 -44.46 18.73
C27 MQ9 EB . -9.91 -45.55 18.34
C28 MQ9 EB . -9.03 -46.05 19.51
C29 MQ9 EB . -8.21 -44.92 20.16
C30 MQ9 EB . -6.74 -45.31 20.33
C31 MQ9 EB . -8.85 -44.38 21.45
C32 MQ9 EB . -8.42 -42.94 21.82
C33 MQ9 EB . -7.99 -42.85 23.30
C34 MQ9 EB . -7.10 -41.65 23.68
C35 MQ9 EB . -6.90 -41.49 25.19
C36 MQ9 EB . -7.66 -40.35 23.07
C37 MQ9 EB . -7.14 -40.06 21.65
C38 MQ9 EB . -6.20 -38.82 21.64
C39 MQ9 EB . -4.87 -39.05 20.90
C40 MQ9 EB . -4.41 -40.49 21.03
C41 MQ9 EB . -4.99 -38.64 19.41
C5 MQ9 FB . -6.23 -30.27 8.96
C5M MQ9 FB . -5.91 -30.67 7.51
C4 MQ9 FB . -5.52 -29.25 9.53
O4 MQ9 FB . -4.54 -28.60 8.78
C3 MQ9 FB . -5.77 -28.86 10.86
C2 MQ9 FB . -6.72 -29.49 11.58
C1 MQ9 FB . -7.46 -30.55 10.99
O1 MQ9 FB . -8.43 -31.22 11.70
C6 MQ9 FB . -7.20 -30.93 9.69
C3A MQ9 FB . -5.03 -27.79 11.43
C3B MQ9 FB . -5.28 -27.41 12.74
C3C MQ9 FB . -6.25 -28.06 13.47
C3D MQ9 FB . -6.97 -29.10 12.92
C7 MQ9 FB . -8.01 -32.07 9.08
C8 MQ9 FB . -9.18 -31.62 8.22
C9 MQ9 FB . -10.41 -32.46 8.52
C10 MQ9 FB . -10.43 -32.79 10.00
C11 MQ9 FB . -11.67 -31.70 8.10
C12 MQ9 FB . -12.54 -32.47 7.10
C13 MQ9 FB . -12.60 -31.80 5.71
C14 MQ9 FB . -11.33 -32.08 4.91
C15 MQ9 FB . -10.70 -33.36 5.44
C16 MQ9 FB . -11.60 -32.17 3.41
C17 MQ9 FB . -10.34 -32.53 2.60
C18 MQ9 FB . -9.04 -31.83 3.09
C19 MQ9 FB . -7.75 -32.51 2.61
C20 MQ9 FB . -7.67 -32.69 1.10
C21 MQ9 FB . -6.45 -31.93 3.25
C22 MQ9 FB . -5.55 -31.07 2.34
C23 MQ9 FB . -4.26 -30.59 3.03
C24 MQ9 FB . -2.96 -30.89 2.25
C25 MQ9 FB . -3.12 -30.66 0.75
C26 MQ9 FB . -1.73 -30.15 2.81
C27 MQ9 FB . -0.87 -29.50 1.69
C28 MQ9 FB . -0.06 -28.27 2.16
C29 MQ9 FB . 1.45 -28.50 2.07
C30 MQ9 FB . 1.96 -28.59 0.65
C31 MQ9 FB . 2.27 -27.51 2.95
C32 MQ9 FB . 3.52 -28.12 3.60
C33 MQ9 FB . 3.74 -29.59 3.15
C34 MQ9 FB . 4.23 -30.56 4.24
C35 MQ9 FB . 5.59 -30.18 4.84
C36 MQ9 FB . 4.28 -32.00 3.67
C37 MQ9 FB . 4.66 -32.04 2.18
C38 MQ9 FB . 5.99 -32.78 1.95
C39 MQ9 FB . 6.85 -32.19 0.80
C40 MQ9 FB . 7.91 -33.18 0.34
C41 MQ9 FB . 5.97 -31.75 -0.38
C42 MQ9 FB . 6.59 -32.09 -1.74
C43 MQ9 FB . 5.57 -32.15 -2.88
C44 MQ9 FB . 4.81 -33.47 -2.89
C45 MQ9 FB . 5.65 -34.55 -3.56
C46 MQ9 FB . 3.48 -33.33 -3.65
C47 MQ9 FB . 2.44 -32.54 -2.87
C48 MQ9 FB . 1.20 -33.39 -2.59
C49 MQ9 FB . 0.08 -32.58 -1.95
C50 MQ9 FB . 0.43 -32.18 -0.52
C51 MQ9 FB . -1.25 -33.33 -2.01
FE HEC GB . -1.80 -36.89 52.69
CHA HEC GB . 0.48 -34.82 51.24
CHB HEC GB . -2.62 -34.42 54.92
CHC HEC GB . -4.35 -38.83 53.99
CHD HEC GB . -0.65 -39.56 50.94
NA HEC GB . -1.15 -34.99 53.04
C1A HEC GB . -0.25 -34.29 52.28
C2A HEC GB . -0.21 -32.93 52.74
C3A HEC GB . -1.07 -32.81 53.75
C4A HEC GB . -1.67 -34.11 53.96
CMA HEC GB . -1.35 -31.54 54.55
CAA HEC GB . 0.66 -31.79 52.17
CBA HEC GB . 2.12 -32.07 52.48
CGA HEC GB . 2.94 -30.85 52.22
O1A HEC GB . 4.17 -30.88 52.49
O2A HEC GB . 2.36 -29.83 51.75
NB HEC GB . -3.15 -36.73 54.28
C1B HEC GB . -3.44 -35.51 54.86
C2B HEC GB . -4.78 -35.57 55.39
C3B HEC GB . -5.27 -36.79 55.16
C4B HEC GB . -4.26 -37.54 54.44
CMB HEC GB . -5.49 -34.42 56.13
CAB HEC GB . -6.70 -37.23 55.55
CBB HEC GB . -6.84 -37.80 56.97
NC HEC GB . -2.40 -38.82 52.50
C1C HEC GB . -3.47 -39.43 53.12
C2C HEC GB . -3.52 -40.81 52.68
C3C HEC GB . -2.50 -41.02 51.86
C4C HEC GB . -1.77 -39.77 51.72
CMC HEC GB . -4.53 -41.87 53.12
CAC HEC GB . -2.16 -42.36 51.15
CBC HEC GB . -0.77 -42.86 51.59
ND HEC GB . -0.31 -37.14 51.30
C1D HEC GB . -0.03 -38.37 50.69
C2D HEC GB . 1.04 -38.17 49.74
C3D HEC GB . 1.40 -36.69 49.83
C4D HEC GB . 0.51 -36.14 50.83
CMD HEC GB . 1.68 -39.23 48.83
CAD HEC GB . 2.50 -35.98 49.01
CBD HEC GB . 1.90 -34.75 48.32
CGD HEC GB . 1.86 -35.01 46.85
O1D HEC GB . 2.85 -35.52 46.29
O2D HEC GB . 0.82 -34.67 46.23
FE HEC HB . -0.52 -23.25 40.57
CHA HEC HB . -2.51 -25.82 41.59
CHB HEC HB . -2.86 -21.00 41.69
CHC HEC HB . 1.61 -20.65 39.88
CHD HEC HB . 1.61 -25.40 38.99
NA HEC HB . -2.32 -23.38 41.50
C1A HEC HB . -3.00 -24.54 41.76
C2A HEC HB . -4.33 -24.20 42.22
C3A HEC HB . -4.42 -22.87 42.25
C4A HEC HB . -3.16 -22.33 41.80
CMA HEC HB . -5.64 -22.04 42.68
CAA HEC HB . -5.44 -25.19 42.61
CBA HEC HB . -6.40 -25.31 41.44
CGA HEC HB . -7.62 -26.08 41.85
O1A HEC HB . -7.62 -26.65 42.97
O2A HEC HB . -8.60 -26.11 41.07
NB HEC HB . -0.63 -21.22 40.73
C1B HEC HB . -1.67 -20.49 41.26
C2B HEC HB . -1.28 -19.10 41.28
C3B HEC HB . -0.06 -19.00 40.78
C4B HEC HB . 0.39 -20.34 40.43
CMB HEC HB . -2.19 -17.95 41.79
CAB HEC HB . 0.79 -17.74 40.58
CBB HEC HB . 1.22 -17.14 41.95
NC HEC HB . 1.25 -23.05 39.57
C1C HEC HB . 2.00 -21.90 39.49
C2C HEC HB . 3.29 -22.25 38.97
C3C HEC HB . 3.29 -23.55 38.68
C4C HEC HB . 2.01 -24.09 39.07
CMC HEC HB . 4.44 -21.26 38.67
CAC HEC HB . 4.47 -24.34 38.08
CBC HEC HB . 4.09 -24.88 36.69
ND HEC HB . -0.49 -25.29 40.28
C1D HEC HB . 0.57 -25.98 39.68
C2D HEC HB . 0.39 -27.39 39.89
C3D HEC HB . -0.90 -27.52 40.70
C4D HEC HB . -1.37 -26.17 40.90
CMD HEC HB . 1.30 -28.53 39.40
CAD HEC HB . -1.55 -28.81 41.20
CBD HEC HB . -1.18 -29.03 42.66
CGD HEC HB . -1.99 -30.17 43.20
O1D HEC HB . -2.90 -30.65 42.47
O2D HEC HB . -1.76 -30.59 44.36
CHA HEM IB . -2.67 10.43 -24.86
CHB HEM IB . -0.18 9.63 -20.80
CHC HEM IB . -3.02 12.77 -18.49
CHD HEM IB . -5.86 13.07 -22.38
C1A HEM IB . -1.71 9.99 -23.98
C2A HEM IB . -0.54 9.21 -24.32
C3A HEM IB . 0.13 9.00 -23.19
C4A HEM IB . -0.57 9.63 -22.11
CMA HEM IB . 1.45 8.20 -23.03
CAA HEM IB . -0.18 8.72 -25.73
CBA HEM IB . 1.11 9.34 -26.24
CGA HEM IB . 0.92 10.82 -26.45
O1A HEM IB . 1.91 11.56 -26.36
O2A HEM IB . -0.24 11.24 -26.70
C1B HEM IB . -0.80 10.34 -19.80
C2B HEM IB . -0.55 10.19 -18.40
C3B HEM IB . -1.33 11.06 -17.74
C4B HEM IB . -2.09 11.78 -18.74
CMB HEM IB . 0.47 9.16 -17.84
CAB HEM IB . -1.48 11.32 -16.23
CBB HEM IB . -0.83 10.63 -15.28
C1C HEM IB . -3.96 13.21 -19.39
C2C HEM IB . -4.79 14.39 -19.26
C3C HEM IB . -5.57 14.48 -20.32
C4C HEM IB . -5.28 13.35 -21.18
CMC HEM IB . -4.75 15.37 -18.08
CAC HEM IB . -6.62 15.57 -20.60
C1D HEM IB . -5.27 12.34 -23.39
C2D HEM IB . -5.83 12.07 -24.69
C3D HEM IB . -4.95 11.35 -25.36
C4D HEM IB . -3.79 11.13 -24.51
CMD HEM IB . -7.20 12.54 -25.21
CAD HEM IB . -5.11 10.82 -26.80
CBD HEM IB . -4.21 11.66 -27.69
CGD HEM IB . -4.11 11.01 -29.03
O1D HEM IB . -4.62 9.87 -29.18
O2D HEM IB . -3.52 11.63 -29.95
NA HEM IB . -1.70 10.24 -22.62
NB HEM IB . -1.75 11.33 -19.98
NC HEM IB . -4.28 12.60 -20.58
ND HEM IB . -4.03 11.75 -23.31
FE HEM IB . -2.89 11.57 -21.63
CHA HEM JB . 6.85 11.39 0.49
CHB HEM JB . 4.86 12.74 -3.70
CHC HEM JB . 4.11 8.09 -4.80
CHD HEM JB . 6.20 6.75 -0.64
C1A HEM JB . 6.48 12.15 -0.59
C2A HEM JB . 6.83 13.53 -0.85
C3A HEM JB . 6.28 13.88 -2.00
C4A HEM JB . 5.56 12.76 -2.52
CMA HEM JB . 6.38 15.26 -2.67
CAA HEM JB . 7.71 14.43 0.06
CBA HEM JB . 9.09 13.82 0.18
CGA HEM JB . 9.97 14.73 0.99
O1A HEM JB . 9.68 15.95 1.07
O2A HEM JB . 10.98 14.25 1.55
C1B HEM JB . 4.43 11.60 -4.35
C2B HEM JB . 3.66 11.56 -5.56
C3B HEM JB . 3.44 10.29 -5.87
C4B HEM JB . 4.08 9.47 -4.87
CMB HEM JB . 3.15 12.77 -6.36
CAB HEM JB . 2.65 9.86 -7.11
CBB HEM JB . 2.41 8.57 -7.41
C1C HEM JB . 4.61 7.33 -3.77
C2C HEM JB . 4.59 5.89 -3.69
C3C HEM JB . 5.17 5.52 -2.54
C4C HEM JB . 5.57 6.72 -1.87
CMC HEM JB . 3.98 5.00 -4.80
CAC HEM JB . 5.42 4.12 -1.96
CBC HEM JB . 5.13 2.97 -2.57
C1D HEM JB . 6.49 7.89 0.05
C2D HEM JB . 6.93 7.95 1.43
C3D HEM JB . 7.10 9.23 1.74
C4D HEM JB . 6.78 10.02 0.58
CMD HEM JB . 7.15 6.74 2.36
CAD HEM JB . 7.56 9.80 3.10
CBD HEM JB . 9.07 9.63 3.23
CGD HEM JB . 9.68 10.99 3.38
O1D HEM JB . 8.93 11.98 3.47
O2D HEM JB . 10.93 11.07 3.41
NA HEM JB . 5.71 11.71 -1.65
NB HEM JB . 4.68 10.31 -3.95
NC HEM JB . 5.22 7.81 -2.63
ND HEM JB . 6.41 9.17 -0.44
FE HEM JB . 5.55 9.77 -2.20
C1 CDL KB . 16.85 21.19 -37.48
O1 CDL KB . 17.94 20.65 -38.18
CA2 CDL KB . 17.12 22.70 -37.27
OA2 CDL KB . 16.00 23.45 -37.70
PA1 CDL KB . 15.26 24.50 -36.64
OA3 CDL KB . 14.07 23.82 -36.03
OA4 CDL KB . 14.80 25.72 -37.39
OA5 CDL KB . 16.32 24.98 -35.44
CA3 CDL KB . 16.29 24.26 -34.20
CA4 CDL KB . 16.57 25.22 -33.05
OA6 CDL KB . 17.31 26.32 -33.50
CA5 CDL KB . 17.74 27.18 -32.48
OA7 CDL KB . 16.96 27.67 -31.74
C11 CDL KB . 19.25 27.48 -32.28
C12 CDL KB . 19.59 27.69 -30.80
C13 CDL KB . 21.06 27.36 -30.50
C14 CDL KB . 21.22 26.62 -29.18
C15 CDL KB . 22.64 26.77 -28.62
C16 CDL KB . 22.64 27.35 -27.22
C17 CDL KB . 23.53 26.56 -26.24
C18 CDL KB . 23.24 26.93 -24.77
C19 CDL KB . 22.06 26.09 -24.18
C20 CDL KB . 21.66 26.56 -22.77
CA6 CDL KB . 17.37 24.49 -31.99
OA8 CDL KB . 16.66 23.32 -31.61
CA7 CDL KB . 15.93 23.47 -30.40
OA9 CDL KB . 14.75 23.38 -30.41
C31 CDL KB . 16.67 23.77 -29.06
C32 CDL KB . 15.70 24.23 -27.93
C33 CDL KB . 14.90 23.06 -27.30
C34 CDL KB . 14.16 23.46 -25.99
C35 CDL KB . 13.09 24.56 -26.22
C36 CDL KB . 11.93 24.48 -25.22
C37 CDL KB . 11.29 25.84 -24.93
C38 CDL KB . 12.33 26.94 -24.64
C39 CDL KB . 11.68 28.26 -24.17
CB2 CDL KB . 16.73 20.41 -36.15
OB2 CDL KB . 17.19 19.10 -36.39
PB2 CDL KB . 17.72 18.22 -35.08
OB3 CDL KB . 16.53 17.56 -34.41
OB4 CDL KB . 18.66 17.14 -35.57
OB5 CDL KB . 18.52 19.20 -34.01
CB3 CDL KB . 19.90 19.01 -33.82
CB4 CDL KB . 20.29 19.58 -32.45
OB6 CDL KB . 20.65 20.93 -32.58
CB5 CDL KB . 20.35 21.73 -31.44
OB7 CDL KB . 19.23 21.97 -31.17
C51 CDL KB . 21.49 22.28 -30.55
C52 CDL KB . 21.04 22.44 -29.08
C53 CDL KB . 22.21 22.85 -28.14
C54 CDL KB . 23.39 21.84 -28.21
C55 CDL KB . 23.50 20.98 -26.92
C56 CDL KB . 23.98 21.81 -25.70
C57 CDL KB . 23.36 21.33 -24.38
C58 CDL KB . 24.42 20.96 -23.33
C59 CDL KB . 23.94 21.20 -21.90
C60 CDL KB . 24.95 22.00 -21.08
C61 CDL KB . 25.00 21.55 -19.60
CB6 CDL KB . 21.47 18.82 -31.88
OB8 CDL KB . 20.97 17.75 -31.11
CB7 CDL KB . 21.17 17.88 -29.74
OB9 CDL KB . 22.15 17.46 -29.24
C71 CDL KB . 20.11 18.57 -28.87
C72 CDL KB . 20.14 18.13 -27.40
C73 CDL KB . 19.03 18.81 -26.59
C74 CDL KB . 19.42 19.06 -25.12
C75 CDL KB . 20.09 17.85 -24.46
C76 CDL KB . 19.96 17.88 -22.92
C77 CDL KB . 21.25 17.41 -22.20
C78 CDL KB . 20.96 17.04 -20.74
C79 CDL KB . 21.64 18.00 -19.74
C80 CDL KB . 20.67 18.55 -18.69
C81 CDL KB . 21.36 18.87 -17.35
C82 CDL KB . 20.43 18.75 -16.14
C83 CDL KB . 20.70 19.83 -15.11
C84 CDL KB . 20.61 19.34 -13.67
C85 CDL KB . 21.16 20.33 -12.64
C86 CDL KB . 22.23 21.28 -13.23
C87 CDL KB . 22.21 22.66 -12.58
C1 PLM LB . -21.10 42.45 3.55
O2 PLM LB . -21.56 42.07 4.66
C2 PLM LB . -21.14 41.42 2.38
C3 PLM LB . -20.90 41.96 0.98
C4 PLM LB . -21.28 40.98 -0.14
C5 PLM LB . -20.83 41.41 -1.55
C6 PLM LB . -21.32 40.47 -2.65
C7 PLM LB . -20.44 40.46 -3.91
C8 PLM LB . -20.70 39.26 -4.84
C9 PLM LB . -19.78 39.22 -6.07
CA PLM LB . -19.91 37.93 -6.89
C1 CDL MB . 13.53 -29.90 -18.52
O1 CDL MB . 13.36 -30.47 -17.25
CA2 CDL MB . 14.01 -28.44 -18.33
OA2 CDL MB . 13.33 -27.89 -17.23
PA1 CDL MB . 14.17 -27.63 -15.82
OA3 CDL MB . 15.31 -26.67 -16.06
OA4 CDL MB . 14.73 -28.94 -15.31
OA5 CDL MB . 13.14 -26.99 -14.67
CA3 CDL MB . 13.29 -27.40 -13.32
CA4 CDL MB . 12.69 -26.31 -12.43
OA6 CDL MB . 12.85 -25.06 -13.07
CA5 CDL MB . 11.72 -24.22 -12.98
OA7 CDL MB . 10.82 -24.50 -12.26
C11 CDL MB . 11.65 -22.92 -13.83
C12 CDL MB . 11.21 -21.71 -12.98
C13 CDL MB . 12.26 -20.60 -12.95
C14 CDL MB . 12.30 -19.89 -11.61
C15 CDL MB . 10.90 -19.63 -11.03
C16 CDL MB . 10.95 -19.15 -9.59
CA6 CDL MB . 13.42 -26.28 -11.08
OA8 CDL MB . 12.45 -26.06 -10.06
CA7 CDL MB . 12.70 -24.93 -9.24
OA9 CDL MB . 13.61 -24.95 -8.47
C31 CDL MB . 11.79 -23.68 -9.33
C32 CDL MB . 12.51 -22.40 -8.79
C33 CDL MB . 11.97 -21.97 -7.40
C34 CDL MB . 13.02 -22.26 -6.28
C35 CDL MB . 12.88 -21.28 -5.08
C36 CDL MB . 11.46 -21.28 -4.47
C37 CDL MB . 11.32 -20.26 -3.33
C38 CDL MB . 11.44 -18.82 -3.85
CB2 CDL MB . 12.18 -29.99 -19.27
OB2 CDL MB . 11.48 -28.79 -19.09
PB2 CDL MB . 10.97 -27.96 -20.44
OB3 CDL MB . 11.72 -28.50 -21.64
OB4 CDL MB . 9.49 -28.17 -20.63
OB5 CDL MB . 11.29 -26.33 -20.28
CB3 CDL MB . 11.66 -25.81 -19.01
CB4 CDL MB . 10.45 -25.07 -18.46
OB6 CDL MB . 9.87 -24.30 -19.50
CB5 CDL MB . 8.51 -24.57 -19.78
OB7 CDL MB . 8.11 -25.69 -19.68
C51 CDL MB . 7.58 -23.42 -20.24
C52 CDL MB . 8.39 -22.36 -21.02
C53 CDL MB . 8.58 -21.04 -20.20
C54 CDL MB . 7.38 -20.06 -20.29
C55 CDL MB . 7.83 -18.58 -20.22
C56 CDL MB . 8.42 -18.20 -18.84
C57 CDL MB . 9.16 -16.84 -18.88
C58 CDL MB . 10.62 -16.93 -18.43
C59 CDL MB . 10.78 -16.77 -16.93
C60 CDL MB . 11.13 -15.33 -16.53
CB6 CDL MB . 10.85 -24.17 -17.30
OB8 CDL MB . 10.08 -22.99 -17.33
CB7 CDL MB . 8.89 -23.06 -16.60
OB9 CDL MB . 8.08 -23.89 -16.85
C71 CDL MB . 8.58 -22.06 -15.49
C72 CDL MB . 7.96 -20.76 -16.03
C73 CDL MB . 7.38 -19.88 -14.91
C74 CDL MB . 8.16 -18.58 -14.71
C75 CDL MB . 8.20 -18.15 -13.24
C76 CDL MB . 7.00 -17.27 -12.86
C77 CDL MB . 7.39 -16.16 -11.85
C78 CDL MB . 7.16 -14.76 -12.41
C79 CDL MB . 8.15 -13.72 -11.82
C80 CDL MB . 8.46 -13.96 -10.34
C1 CDL NB . -8.94 -8.02 -29.81
O1 CDL NB . -9.01 -8.44 -31.15
CA2 CDL NB . -9.81 -6.74 -29.67
OA2 CDL NB . -9.70 -5.97 -30.85
PA1 CDL NB . -10.88 -4.83 -31.10
OA3 CDL NB . -10.25 -3.53 -31.53
OA4 CDL NB . -11.82 -5.31 -32.18
OA5 CDL NB . -11.72 -4.61 -29.67
CA3 CDL NB . -11.83 -3.31 -29.13
CA4 CDL NB . -11.45 -3.36 -27.64
OA6 CDL NB . -11.62 -4.65 -27.12
CA5 CDL NB . -10.58 -5.09 -26.27
OA7 CDL NB . -9.68 -5.73 -26.73
C11 CDL NB . -10.59 -4.77 -24.76
C12 CDL NB . -9.18 -4.78 -24.13
C13 CDL NB . -8.91 -6.03 -23.29
C14 CDL NB . -7.42 -6.27 -23.04
C15 CDL NB . -6.71 -5.03 -22.50
C16 CDL NB . -6.55 -5.05 -20.99
C17 CDL NB . -7.03 -3.72 -20.35
C18 CDL NB . -6.37 -3.45 -18.98
C19 CDL NB . -7.27 -2.56 -18.07
C20 CDL NB . -6.77 -2.54 -16.62
C21 CDL NB . -7.39 -1.39 -15.79
C22 CDL NB . -8.88 -1.62 -15.51
CA6 CDL NB . -12.34 -2.38 -26.87
OA8 CDL NB . -11.56 -1.23 -26.58
CA7 CDL NB . -11.61 -0.83 -25.21
OA9 CDL NB . -12.54 -0.21 -24.82
C31 CDL NB . -10.46 -1.21 -24.24
C32 CDL NB . -10.75 -0.72 -22.79
C33 CDL NB . -10.38 -1.78 -21.72
C34 CDL NB . -11.65 -2.31 -20.99
C35 CDL NB . -12.00 -1.48 -19.72
CB2 CDL NB . -7.46 -7.76 -29.48
OB2 CDL NB . -6.75 -8.91 -29.87
PB2 CDL NB . -5.11 -8.77 -30.10
OB3 CDL NB . -4.70 -9.69 -31.24
OB4 CDL NB . -4.79 -7.35 -30.45
OB5 CDL NB . -4.33 -9.19 -28.69
CB3 CDL NB . -4.44 -8.34 -27.58
CB4 CDL NB . -3.02 -8.08 -27.04
OB6 CDL NB . -2.51 -9.28 -26.51
CB5 CDL NB . -1.15 -9.52 -26.86
OB7 CDL NB . -0.47 -8.63 -27.22
C51 CDL NB . -0.57 -10.95 -26.79
C52 CDL NB . 0.71 -11.02 -25.95
C53 CDL NB . 1.60 -12.21 -26.37
C54 CDL NB . 2.11 -13.03 -25.14
C55 CDL NB . 3.51 -13.64 -25.37
C56 CDL NB . 3.96 -14.55 -24.20
C57 CDL NB . 3.22 -15.90 -24.19
C58 CDL NB . 3.91 -16.92 -23.26
C59 CDL NB . 3.74 -16.56 -21.79
C60 CDL NB . 4.44 -17.56 -20.86
C61 CDL NB . 3.89 -17.50 -19.41
C62 CDL NB . 4.95 -17.04 -18.39
CB6 CDL NB . -3.05 -7.02 -25.96
OB8 CDL NB . -1.76 -6.47 -25.87
CB7 CDL NB . -1.71 -5.20 -25.30
OB9 CDL NB . -2.71 -4.57 -25.14
C71 CDL NB . -0.37 -4.58 -24.90
C72 CDL NB . 0.76 -4.98 -25.85
C73 CDL NB . 2.12 -4.40 -25.44
C74 CDL NB . 3.29 -5.32 -25.79
C75 CDL NB . 4.09 -4.82 -26.99
C76 CDL NB . 5.02 -5.91 -27.58
C77 CDL NB . 6.38 -5.35 -28.03
C78 CDL NB . 7.56 -6.06 -27.35
C79 CDL NB . 8.14 -7.21 -28.20
C80 CDL NB . 7.60 -8.59 -27.78
C81 CDL NB . 8.67 -9.46 -27.09
C82 CDL NB . 8.92 -10.77 -27.83
C83 CDL NB . 10.34 -10.83 -28.40
C1 CDL OB . 2.01 22.51 -35.58
O1 CDL OB . 2.04 21.80 -36.79
CA2 CDL OB . 1.77 24.00 -35.93
OA2 CDL OB . 1.19 24.65 -34.82
PA1 CDL OB . 0.99 26.30 -34.90
OA3 CDL OB . 2.25 26.92 -35.44
OA4 CDL OB . -0.15 26.63 -35.82
OA5 CDL OB . 0.67 26.90 -33.39
CA3 CDL OB . 1.74 27.13 -32.50
CA4 CDL OB . 1.19 27.96 -31.33
OA6 CDL OB . 0.95 27.12 -30.23
CA5 CDL OB . 0.04 27.61 -29.25
OA7 CDL OB . -1.03 27.11 -29.15
C11 CDL OB . 0.41 28.77 -28.31
C12 CDL OB . -0.75 29.13 -27.37
C13 CDL OB . -0.27 29.23 -25.92
C14 CDL OB . -0.57 30.59 -25.31
C15 CDL OB . 0.25 30.83 -24.04
C16 CDL OB . 0.41 32.31 -23.72
C17 CDL OB . 0.09 32.62 -22.24
C18 CDL OB . 0.00 34.14 -21.98
C19 CDL OB . 0.48 34.51 -20.54
C20 CDL OB . 0.58 36.03 -20.33
C21 CDL OB . 0.91 36.40 -18.87
CA6 CDL OB . -0.11 28.60 -31.79
OA8 CDL OB . 0.23 29.67 -32.66
CA7 CDL OB . -0.64 30.78 -32.48
OA9 CDL OB . -1.69 30.78 -33.01
C31 CDL OB . -0.20 31.98 -31.61
C32 CDL OB . -1.20 32.21 -30.43
C33 CDL OB . -0.94 33.57 -29.73
C34 CDL OB . -0.06 33.40 -28.47
C35 CDL OB . 0.24 34.77 -27.81
C36 CDL OB . -0.52 34.93 -26.47
C37 CDL OB . -0.57 36.38 -25.99
C38 CDL OB . 0.77 36.84 -25.37
C39 CDL OB . 0.54 37.96 -24.33
C40 CDL OB . 0.97 39.34 -24.86
C41 CDL OB . 0.77 40.44 -23.79
C42 CDL OB . 1.41 40.05 -22.45
CB2 CDL OB . 3.36 22.28 -34.89
OB2 CDL OB . 4.33 22.10 -35.90
PB2 CDL OB . 5.93 22.11 -35.46
OB3 CDL OB . 6.78 22.26 -36.71
OB4 CDL OB . 6.26 20.80 -34.78
OB5 CDL OB . 6.24 23.37 -34.43
CB3 CDL OB . 7.45 23.38 -33.71
CB4 CDL OB . 7.19 24.06 -32.37
OB6 CDL OB . 6.36 25.17 -32.59
CB5 CDL OB . 5.23 25.20 -31.74
OB7 CDL OB . 4.48 24.30 -31.72
C51 CDL OB . 4.98 26.43 -30.84
C52 CDL OB . 4.54 26.00 -29.42
C53 CDL OB . 3.85 27.16 -28.66
C54 CDL OB . 4.78 27.79 -27.59
C55 CDL OB . 4.11 27.85 -26.19
C56 CDL OB . 4.44 29.17 -25.45
C57 CDL OB . 4.00 29.14 -23.98
C58 CDL OB . 4.76 30.18 -23.14
C59 CDL OB . 4.44 30.07 -21.65
C60 CDL OB . 3.91 31.39 -21.06
C61 CDL OB . 5.05 32.34 -20.60
C62 CDL OB . 4.81 32.87 -19.17
C63 CDL OB . 5.94 33.82 -18.69
CB6 CDL OB . 8.50 24.52 -31.75
OB8 CDL OB . 8.72 23.80 -30.57
CB7 CDL OB . 8.81 24.57 -29.40
OB9 CDL OB . 9.02 25.72 -29.48
C71 CDL OB . 8.65 23.91 -28.03
C72 CDL OB . 7.43 24.42 -27.26
C73 CDL OB . 7.08 23.55 -26.05
C74 CDL OB . 5.64 23.76 -25.55
C75 CDL OB . 4.67 22.70 -26.06
C76 CDL OB . 3.28 22.77 -25.42
C77 CDL OB . 2.24 23.45 -26.34
C78 CDL OB . 1.69 22.49 -27.41
C79 CDL OB . 1.06 23.24 -28.61
C1 CDL PB . 6.17 27.67 -40.62
O1 CDL PB . 5.71 26.35 -40.60
CA2 CDL PB . 7.69 27.64 -40.90
OA2 CDL PB . 8.35 27.23 -39.72
PA1 CDL PB . 10.01 27.15 -39.73
OA3 CDL PB . 10.44 25.72 -39.94
OA4 CDL PB . 10.55 28.01 -40.84
OA5 CDL PB . 10.59 27.69 -38.25
CA3 CDL PB . 9.66 27.92 -37.23
CA4 CDL PB . 10.35 27.77 -35.87
OA6 CDL PB . 11.37 26.82 -35.95
CA5 CDL PB . 11.95 26.48 -34.70
OA7 CDL PB . 11.67 25.46 -34.18
C11 CDL PB . 12.96 27.43 -34.03
C12 CDL PB . 12.69 27.60 -32.51
C13 CDL PB . 13.19 26.43 -31.67
C14 CDL PB . 12.80 26.58 -30.21
C15 CDL PB . 12.73 28.04 -29.78
C16 CDL PB . 13.94 28.45 -28.96
C17 CDL PB . 13.59 29.56 -27.95
C18 CDL PB . 14.83 30.32 -27.46
C19 CDL PB . 14.51 31.23 -26.24
C20 CDL PB . 15.69 32.14 -25.85
C21 CDL PB . 15.23 33.55 -25.43
C22 CDL PB . 14.65 33.58 -24.01
C23 CDL PB . 13.23 34.16 -23.97
C24 CDL PB . 13.17 35.49 -23.20
C25 CDL PB . 13.79 35.39 -21.82
C26 CDL PB . 13.08 36.26 -20.77
C27 CDL PB . 11.63 36.57 -21.12
CA6 CDL PB . 9.30 27.33 -34.84
OA8 CDL PB . 8.40 28.42 -34.64
CA7 CDL PB . 8.03 28.60 -33.29
OA9 CDL PB . 6.95 28.27 -32.93
C31 CDL PB . 9.02 29.24 -32.28
C32 CDL PB . 8.46 29.20 -30.82
C33 CDL PB . 9.22 30.16 -29.88
C34 CDL PB . 8.37 30.61 -28.66
C35 CDL PB . 8.92 31.91 -28.00
C36 CDL PB . 9.55 31.65 -26.62
C37 CDL PB . 8.99 32.60 -25.54
CB2 CDL PB . 5.85 28.29 -39.25
OB2 CDL PB . 6.49 29.54 -39.16
PB2 CDL PB . 5.59 30.85 -38.69
OB3 CDL PB . 4.14 30.58 -39.02
OB4 CDL PB . 6.06 32.07 -39.44
OB5 CDL PB . 5.78 31.10 -37.06
CB3 CDL PB . 5.30 30.12 -36.17
CB4 CDL PB . 5.29 30.72 -34.75
OB6 CDL PB . 4.05 30.48 -34.14
CB5 CDL PB . 3.86 31.10 -32.88
OB7 CDL PB . 3.29 32.13 -32.80
C51 CDL PB . 4.38 30.47 -31.58
C52 CDL PB . 3.60 31.03 -30.38
C53 CDL PB . 4.50 31.86 -29.43
C54 CDL PB . 3.72 33.04 -28.79
C55 CDL PB . 3.72 32.98 -27.24
C56 CDL PB . 5.13 33.26 -26.66
C57 CDL PB . 5.13 34.48 -25.72
C58 CDL PB . 3.92 34.49 -24.77
C59 CDL PB . 3.94 35.67 -23.79
C60 CDL PB . 5.31 36.32 -23.64
C61 CDL PB . 5.37 37.29 -22.42
CB6 CDL PB . 5.55 32.21 -34.87
OB8 CDL PB . 6.69 32.48 -34.12
CB7 CDL PB . 6.49 33.46 -33.14
OB9 CDL PB . 5.58 34.21 -33.24
C71 CDL PB . 7.43 33.56 -31.95
C72 CDL PB . 7.33 34.94 -31.31
C73 CDL PB . 8.46 35.18 -30.30
C74 CDL PB . 8.36 36.59 -29.69
C75 CDL PB . 7.16 36.70 -28.75
C76 CDL PB . 7.36 37.79 -27.69
C77 CDL PB . 6.02 38.28 -27.11
C78 CDL PB . 5.92 39.82 -27.11
C79 CDL PB . 6.50 40.44 -25.83
C80 CDL PB . 5.52 41.40 -25.13
C81 CDL PB . 6.22 42.31 -24.11
C82 CDL PB . 5.81 42.00 -22.67
C5 MQ9 QB . 11.80 -0.53 -22.45
C5M MQ9 QB . 12.89 -0.35 -21.41
C4 MQ9 QB . 10.66 0.24 -22.34
O4 MQ9 QB . 10.54 1.15 -21.31
C3 MQ9 QB . 9.61 0.11 -23.29
C2 MQ9 QB . 9.73 -0.78 -24.30
C1 MQ9 QB . 10.91 -1.58 -24.41
O1 MQ9 QB . 11.02 -2.49 -25.45
C6 MQ9 QB . 11.93 -1.44 -23.49
C3A MQ9 QB . 8.45 0.91 -23.16
C3B MQ9 QB . 7.42 0.77 -24.09
C3C MQ9 QB . 7.54 -0.14 -25.13
C3D MQ9 QB . 8.68 -0.92 -25.24
C7 MQ9 QB . 13.20 -2.29 -23.59
C8 MQ9 QB . 13.80 -2.43 -24.98
C9 MQ9 QB . 14.71 -1.27 -25.36
C10 MQ9 QB . 15.26 -1.50 -26.75
C11 MQ9 QB . 15.86 -1.15 -24.34
C12 MQ9 QB . 17.08 -0.44 -24.90
C13 MQ9 QB . 17.27 0.99 -24.33
C14 MQ9 QB . 18.37 1.05 -23.27
C15 MQ9 QB . 19.54 1.80 -23.86
C16 MQ9 QB . 17.88 1.70 -21.98
C17 MQ9 QB . 17.43 0.70 -20.88
C18 MQ9 QB . 17.93 1.03 -19.46
C19 MQ9 QB . 16.77 1.38 -18.49
C20 MQ9 QB . 15.55 1.95 -19.22
C21 MQ9 QB . 17.21 2.22 -17.25
C22 MQ9 QB . 16.33 2.11 -15.98
C23 MQ9 QB . 17.11 2.37 -14.68
C24 MQ9 QB . 16.27 2.19 -13.38
C25 MQ9 QB . 14.77 2.25 -13.64
C26 MQ9 QB . 16.67 3.16 -12.25
C27 MQ9 QB . 15.50 3.46 -11.30
C28 MQ9 QB . 15.70 4.68 -10.37
C29 MQ9 QB . 16.61 4.35 -9.18
C30 MQ9 QB . 16.82 2.85 -8.99
C31 MQ9 QB . 16.18 5.06 -7.88
C32 MQ9 QB . 17.12 4.80 -6.69
C33 MQ9 QB . 18.59 5.03 -7.10
C34 MQ9 QB . 19.63 4.17 -6.35
C35 MQ9 QB . 20.87 4.93 -5.92
C36 MQ9 QB . 18.95 3.47 -5.15
C5 MQ9 RB . 4.75 28.23 -14.70
C5M MQ9 RB . 3.78 27.73 -15.76
C4 MQ9 RB . 4.57 27.84 -13.40
O4 MQ9 RB . 3.51 27.00 -13.10
C3 MQ9 RB . 5.45 28.28 -12.38
C2 MQ9 RB . 6.47 29.10 -12.69
C1 MQ9 RB . 6.66 29.51 -14.04
O1 MQ9 RB . 7.70 30.35 -14.39
C6 MQ9 RB . 5.80 29.08 -15.03
C3A MQ9 RB . 5.24 27.85 -11.04
C3B MQ9 RB . 6.10 28.29 -10.05
C3C MQ9 RB . 7.16 29.13 -10.36
C3D MQ9 RB . 7.36 29.54 -11.68
C7 MQ9 RB . 6.02 29.53 -16.47
C8 MQ9 RB . 6.86 28.58 -17.30
C9 MQ9 RB . 8.29 29.06 -17.38
C10 MQ9 RB . 8.30 30.57 -17.33
C11 MQ9 RB . 8.93 28.55 -18.67
C12 MQ9 RB . 7.89 27.94 -19.62
C13 MQ9 RB . 8.53 26.93 -20.61
C14 MQ9 RB . 7.75 25.62 -20.63
C15 MQ9 RB . 8.68 24.49 -21.04
C16 MQ9 RB . 6.53 25.70 -21.56
C17 MQ9 RB . 5.18 25.56 -20.81
C18 MQ9 RB . 3.95 26.03 -21.61
C19 MQ9 RB . 2.64 25.35 -21.15
C20 MQ9 RB . 1.42 25.90 -21.87
C21 MQ9 RB . 2.50 25.23 -19.62
C22 MQ9 RB . 1.18 25.77 -19.01
C23 MQ9 RB . 0.01 24.77 -19.10
C24 MQ9 RB . -0.87 24.71 -17.84
C25 MQ9 RB . -0.71 25.97 -16.99
C26 MQ9 RB . -2.36 24.45 -18.13
C27 MQ9 RB . -3.26 24.69 -16.89
C28 MQ9 RB . -2.87 23.86 -15.65
C29 MQ9 RB . -4.08 23.23 -14.95
C30 MQ9 RB . -5.38 23.53 -15.67
C31 MQ9 RB . -4.14 23.53 -13.44
C32 MQ9 RB . -5.52 24.04 -12.96
C33 MQ9 RB . -5.57 25.58 -12.95
C34 MQ9 RB . -6.94 26.18 -13.31
C35 MQ9 RB . -7.72 25.30 -14.29
C36 MQ9 RB . -6.79 27.61 -13.88
C37 MQ9 RB . -7.63 27.83 -15.15
C38 MQ9 RB . -9.10 28.13 -14.82
C39 MQ9 RB . -10.12 27.75 -15.90
C40 MQ9 RB . -11.53 28.18 -15.52
C41 MQ9 RB . -10.10 26.24 -16.21
C42 MQ9 RB . -11.25 25.81 -17.13
C43 MQ9 RB . -10.89 24.59 -18.00
C44 MQ9 RB . -11.17 24.81 -19.49
C45 MQ9 RB . -11.24 26.31 -19.79
C46 MQ9 RB . -10.06 24.20 -20.34
C47 MQ9 RB . -8.84 25.10 -20.48
C48 MQ9 RB . -7.58 24.28 -20.64
C49 MQ9 RB . -6.31 25.13 -20.63
C50 MQ9 RB . -5.77 25.30 -19.21
C51 MQ9 RB . -5.25 24.57 -21.55
C10 HV0 SB . -2.34 26.59 1.62
C11 HV0 SB . -2.57 25.27 0.87
C15 HV0 SB . -5.21 23.37 -0.50
C17 HV0 SB . -6.57 21.51 0.14
C18 HV0 SB . -7.69 22.33 0.15
C19 HV0 SB . -7.56 23.68 -0.16
C20 HV0 SB . -6.31 24.20 -0.49
N21 HV0 SB . -8.99 21.78 0.49
C22 HV0 SB . -9.13 20.30 0.80
C01 HV0 SB . -4.62 27.72 1.08
C02 HV0 SB . -3.23 27.66 1.70
C05 HV0 SB . -0.41 28.79 3.58
C06 HV0 SB . 0.79 28.16 3.83
C07 HV0 SB . 1.02 26.89 3.33
C08 HV0 SB . 0.05 26.27 2.58
C09 HV0 SB . -1.17 26.94 2.33
C14 HV0 SB . -3.83 23.94 -0.86
C16 HV0 SB . -5.33 22.03 -0.19
C23 HV0 SB . -10.32 20.01 1.72
C24 HV0 SB . -11.43 20.91 1.48
C25 HV0 SB . -11.47 21.39 0.11
C26 HV0 SB . -10.25 22.22 -0.27
C27 HV0 SB . -12.90 20.50 1.37
C28 HV0 SB . -13.23 19.16 1.21
C29 HV0 SB . -14.57 18.79 1.11
C30 HV0 SB . -15.56 19.75 1.17
C31 HV0 SB . -15.23 21.08 1.32
C32 HV0 SB . -13.90 21.46 1.43
C34 HV0 SB . -17.12 18.22 0.31
C39 HV0 SB . 2.32 24.96 3.04
F35 HV0 SB . -16.49 18.33 -0.89
F36 HV0 SB . -16.65 17.13 0.97
F37 HV0 SB . -18.47 18.06 0.10
N03 HV0 SB . -2.65 28.61 2.44
N04 HV0 SB . -1.37 28.15 2.81
N13 HV0 SB . -3.60 25.19 -0.16
O12 HV0 SB . -1.92 24.33 1.12
O33 HV0 SB . -16.91 19.37 1.07
O38 HV0 SB . 2.23 26.24 3.59
FE1 FES TB . -5.41 33.75 6.39
FE2 FES TB . -3.94 34.84 8.92
S1 FES TB . -4.39 32.81 8.14
S2 FES TB . -4.59 35.73 6.99
C5 MQ9 UB . -20.47 -10.90 -9.90
C5M MQ9 UB . -20.81 -10.14 -8.62
C4 MQ9 UB . -19.26 -11.55 -9.97
O4 MQ9 UB . -18.39 -11.48 -8.90
C3 MQ9 UB . -18.91 -12.26 -11.14
C2 MQ9 UB . -19.76 -12.31 -12.18
C1 MQ9 UB . -21.02 -11.65 -12.10
O1 MQ9 UB . -21.87 -11.72 -13.20
C6 MQ9 UB . -21.38 -10.95 -10.96
C3A MQ9 UB . -17.65 -12.91 -11.20
C3B MQ9 UB . -17.30 -13.61 -12.34
C3C MQ9 UB . -18.17 -13.68 -13.42
C3D MQ9 UB . -19.40 -13.03 -13.35
C7 MQ9 UB . -22.71 -10.21 -10.80
C8 MQ9 UB . -23.84 -10.47 -11.79
C9 MQ9 UB . -24.54 -11.79 -11.53
C10 MQ9 UB . -25.84 -11.83 -12.31
C11 MQ9 UB . -24.79 -11.95 -10.02
C12 MQ9 UB . -26.27 -12.17 -9.67
C13 MQ9 UB . -26.72 -11.38 -8.42
C14 MQ9 UB . -26.66 -12.24 -7.16
C15 MQ9 UB . -27.96 -12.09 -6.40
C16 MQ9 UB . -25.45 -11.86 -6.28
C17 MQ9 UB . -24.93 -10.42 -6.47
C18 MQ9 UB . -24.63 -9.66 -5.17
C19 MQ9 UB . -23.26 -10.04 -4.55
C20 MQ9 UB . -22.18 -10.27 -5.60
C21 MQ9 UB . -22.82 -9.12 -3.37
C22 MQ9 UB . -21.34 -9.23 -2.93
C23 MQ9 UB . -21.07 -8.71 -1.50
C24 MQ9 UB . -19.89 -7.72 -1.37
C25 MQ9 UB . -19.75 -6.81 -2.59
C26 MQ9 UB . -19.92 -6.90 -0.06
C27 MQ9 UB . -18.91 -7.40 0.99
C28 MQ9 UB . -18.74 -6.47 2.21
C29 MQ9 UB . -17.34 -6.62 2.84
C30 MQ9 UB . -16.60 -7.83 2.29
C31 MQ9 UB . -17.36 -6.59 4.38
C32 MQ9 UB . -17.90 -5.29 5.00
C33 MQ9 UB . -18.45 -5.56 6.42
C34 MQ9 UB . -18.60 -4.32 7.33
C35 MQ9 UB . -19.77 -4.43 8.30
C36 MQ9 UB . -18.68 -3.04 6.48
P 9YF VB . -20.85 10.12 18.62
O1 9YF VB . -20.65 9.89 20.11
O2 9YF VB . -20.39 8.77 17.79
O3 9YF VB . -18.27 9.47 19.48
O4 9YF VB . -15.81 8.27 18.80
C 9YF VB . -23.71 10.23 16.30
O 9YF VB . -22.43 10.44 18.31
C1 9YF VB . -22.73 11.08 17.10
C10 9YF VB . -23.99 6.60 13.31
C11 9YF VB . -23.49 6.60 11.88
C12 9YF VB . -24.49 7.20 10.89
C13 9YF VB . -23.86 7.52 9.54
C14 9YF VB . -24.89 7.56 8.40
C15 9YF VB . -24.37 8.32 7.19
C16 9YF VB . -23.58 7.44 6.23
C2 9YF VB . -19.51 7.82 18.33
C24 9YF VB . -23.89 10.73 14.88
C25 9YF VB . -25.68 11.51 13.57
C26 9YF VB . -24.84 11.50 12.29
C27 9YF VB . -25.63 12.02 11.09
C28 9YF VB . -24.71 12.56 10.00
C29 9YF VB . -24.28 14.00 10.26
C3 9YF VB . -18.16 8.48 18.51
C30 9YF VB . -23.49 14.59 9.09
C31 9YF VB . -22.84 13.51 8.23
C32 9YF VB . -21.34 13.42 8.43
C33 9YF VB . -20.56 14.06 7.28
C34 9YF VB . -19.24 13.34 7.04
C35 9YF VB . -21.41 14.11 6.01
C36 9YF VB . -20.83 13.23 4.91
C37 9YF VB . -21.76 13.14 3.69
C38 9YF VB . -21.81 14.45 2.91
C39 9YF VB . -21.01 14.39 1.61
C4 9YF VB . -17.01 7.55 18.88
C40 9YF VB . -19.73 15.23 1.67
C41 9YF VB . -18.58 14.57 0.91
C42 9YF VB . -17.81 13.58 1.77
C43 9YF VB . -16.35 13.47 1.37
C5 9YF VB . -17.07 6.23 18.14
C6 9YF VB . -18.00 6.36 16.94
C7 9YF VB . -19.41 6.58 17.42
C8 9YF VB . -23.83 8.09 15.35
C9 9YF VB . -23.06 7.37 14.25
O10 9YF VB . -25.01 7.94 15.44
O11 9YF VB . -25.05 11.51 14.81
O12 9YF VB . -26.86 11.50 13.50
O5 9YF VB . -15.80 5.91 17.66
O6 9YF VB . -17.93 5.16 16.23
O7 9YF VB . -19.84 5.45 18.15
O8 9YF VB . -19.99 11.30 18.19
O9 9YF VB . -23.17 8.94 16.24
C1 CDL WB . 21.85 17.54 -37.01
O1 CDL WB . 20.45 17.49 -37.00
CA2 CDL WB . 22.36 16.91 -35.67
OA2 CDL WB . 23.02 15.69 -35.98
PA1 CDL WB . 22.98 14.49 -34.83
OA3 CDL WB . 23.06 13.15 -35.50
OA4 CDL WB . 21.68 14.59 -34.06
OA5 CDL WB . 24.26 14.71 -33.79
CA3 CDL WB . 24.03 15.46 -32.61
CA4 CDL WB . 25.37 15.77 -31.92
OA6 CDL WB . 26.15 16.57 -32.75
CA5 CDL WB . 26.54 17.79 -32.15
OA7 CDL WB . 25.90 18.77 -32.33
C11 CDL WB . 27.81 17.86 -31.26
C12 CDL WB . 29.11 17.50 -32.03
C13 CDL WB . 29.30 15.99 -32.25
C14 CDL WB . 30.19 15.69 -33.45
C15 CDL WB . 29.40 15.48 -34.74
C16 CDL WB . 29.31 14.01 -35.14
C17 CDL WB . 29.89 13.75 -36.55
C18 CDL WB . 30.66 12.42 -36.65
C19 CDL WB . 31.96 12.38 -35.78
C20 CDL WB . 32.91 13.56 -36.08
C21 CDL WB . 34.39 13.21 -35.78
C22 CDL WB . 34.99 14.15 -34.72
C23 CDL WB . 34.12 14.21 -33.45
C24 CDL WB . 34.86 13.68 -32.20
C25 CDL WB . 34.25 14.19 -30.91
C26 CDL WB . 35.31 14.84 -30.01
C27 CDL WB . 35.76 13.93 -28.87
CA6 CDL WB . 26.09 14.45 -31.61
OA8 CDL WB . 26.47 14.45 -30.24
CA7 CDL WB . 25.37 14.55 -29.33
OA9 CDL WB . 24.43 13.87 -29.48
C31 CDL WB . 25.41 15.57 -28.16
C32 CDL WB . 24.37 15.22 -27.05
C33 CDL WB . 24.34 16.28 -25.91
C34 CDL WB . 25.39 15.98 -24.80
C35 CDL WB . 25.17 16.84 -23.53
C36 CDL WB . 25.92 16.27 -22.29
C37 CDL WB . 25.21 16.59 -20.96
C38 CDL WB . 26.20 16.74 -19.79
C39 CDL WB . 25.62 17.62 -18.65
C40 CDL WB . 25.94 17.06 -17.25
C41 CDL WB . 26.69 18.06 -16.35
C42 CDL WB . 25.74 19.07 -15.71
CB2 CDL WB . 22.27 19.01 -37.14
OB2 CDL WB . 23.66 19.07 -36.93
PB2 CDL WB . 24.61 19.78 -38.10
OB3 CDL WB . 25.41 18.71 -38.81
OB4 CDL WB . 23.72 20.51 -39.08
OB5 CDL WB . 25.64 20.85 -37.38
CB3 CDL WB . 26.22 20.48 -36.16
CB4 CDL WB . 26.63 21.76 -35.42
OB6 CDL WB . 27.25 21.42 -34.20
CB5 CDL WB . 28.67 21.49 -34.23
OB7 CDL WB . 29.25 21.32 -35.25
C51 CDL WB . 29.46 21.79 -32.95
C52 CDL WB . 30.94 22.11 -33.24
C53 CDL WB . 31.51 23.16 -32.24
C54 CDL WB . 33.00 23.48 -32.52
C55 CDL WB . 33.72 23.98 -31.24
C56 CDL WB . 35.11 23.33 -31.03
C57 CDL WB . 36.19 24.36 -30.67
C58 CDL WB . 37.43 23.72 -30.02
C59 CDL WB . 37.20 23.37 -28.56
C60 CDL WB . 38.21 22.31 -28.05
C61 CDL WB . 38.02 20.94 -28.76
C62 CDL WB . 39.31 20.45 -29.45
C63 CDL WB . 39.04 19.31 -30.48
C64 CDL WB . 37.90 19.68 -31.47
C65 CDL WB . 37.67 18.61 -32.53
C66 CDL WB . 37.67 17.20 -31.95
C67 CDL WB . 38.41 16.20 -32.83
CB6 CDL WB . 25.39 22.57 -35.15
OB8 CDL WB . 25.68 23.47 -34.12
CB7 CDL WB . 24.95 23.23 -32.96
OB9 CDL WB . 24.36 22.21 -32.84
C71 CDL WB . 24.91 24.28 -31.84
C72 CDL WB . 26.24 25.02 -31.74
C73 CDL WB . 27.18 24.36 -30.74
C74 CDL WB . 27.40 25.19 -29.46
C75 CDL WB . 26.98 26.64 -29.62
C76 CDL WB . 26.70 27.31 -28.27
C77 CDL WB . 27.97 27.84 -27.59
C78 CDL WB . 28.20 27.21 -26.21
C79 CDL WB . 28.69 28.24 -25.17
C80 CDL WB . 29.79 29.13 -25.73
C81 CDL WB . 31.20 28.57 -25.42
C82 CDL WB . 32.21 29.67 -25.10
C83 CDL WB . 33.14 29.28 -23.95
C84 CDL WB . 34.16 30.38 -23.66
C85 CDL WB . 35.28 29.90 -22.74
C86 CDL WB . 35.64 30.93 -21.67
C87 CDL WB . 35.22 30.49 -20.28
P 9YF XB . -24.14 23.82 21.40
O1 9YF XB . -22.74 23.68 20.84
O2 9YF XB . -24.26 25.25 22.24
O3 9YF XB . -21.98 27.27 22.30
O4 9YF XB . -23.65 29.66 23.41
C 9YF XB . -26.32 22.96 18.26
O 9YF XB . -25.22 23.83 20.16
C1 9YF XB . -25.01 23.00 19.06
C10 9YF XB . -26.55 22.47 15.24
C11 9YF XB . -27.00 21.13 14.65
C12 9YF XB . -25.83 20.17 14.43
C13 9YF XB . -24.48 20.89 14.39
C14 9YF XB . -24.10 21.33 12.98
C15 9YF XB . -25.17 22.21 12.34
C16 9YF XB . -26.37 21.41 11.85
C17 9YF XB . -27.69 22.15 12.07
C2 9YF XB . -24.11 26.46 21.54
C24 9YF XB . -27.44 22.23 19.00
C25 9YF XB . -27.16 19.90 19.02
C26 9YF XB . -26.02 18.93 18.71
C27 9YF XB . -26.02 18.48 17.26
C28 9YF XB . -27.21 17.58 16.93
C29 9YF XB . -28.38 18.35 16.32
C3 9YF XB . -23.36 27.52 22.36
C30 9YF XB . -29.70 18.02 16.99
C31 9YF XB . -29.89 16.51 17.18
C32 9YF XB . -30.28 15.81 15.87
C33 9YF XB . -31.67 15.19 15.94
C4 9YF XB . -23.71 29.00 22.17
C5 9YF XB . -25.01 29.32 21.45
C6 9YF XB . -25.32 28.32 20.36
C7 9YF XB . -25.44 26.92 20.95
C8 9YF XB . -27.21 24.42 16.72
C9 9YF XB . -27.69 23.21 15.93
O10 9YF XB . -27.25 25.50 16.22
O11 9YF XB . -26.89 21.12 19.66
O12 9YF XB . -28.27 19.63 18.72
O5 9YF XB . -26.06 29.30 22.39
O6 9YF XB . -24.27 28.33 19.42
O7 9YF XB . -25.81 26.03 19.93
O8 9YF XB . -24.43 22.67 22.33
O9 9YF XB . -26.73 24.26 18.01
FE HEC YB . 19.16 59.78 12.79
CHA HEC YB . 16.84 57.64 14.07
CHB HEC YB . 21.26 59.03 15.38
CHC HEC YB . 21.67 61.70 11.37
CHD HEC YB . 16.94 61.04 10.54
NA HEC YB . 19.06 58.59 14.44
C1A HEC YB . 18.03 57.73 14.74
C2A HEC YB . 18.42 56.93 15.88
C3A HEC YB . 19.65 57.32 16.24
C4A HEC YB . 20.07 58.37 15.35
CMA HEC YB . 20.46 56.74 17.41
CAA HEC YB . 17.58 55.83 16.56
CBA HEC YB . 16.39 56.47 17.26
CGA HEC YB . 15.75 55.46 18.17
O1A HEC YB . 14.78 55.83 18.88
O2A HEC YB . 16.21 54.30 18.20
NB HEC YB . 21.08 60.40 13.35
C1B HEC YB . 21.79 59.73 14.33
C2B HEC YB . 23.20 59.88 14.05
C3B HEC YB . 23.34 60.64 12.97
C4B HEC YB . 22.00 60.95 12.48
CMB HEC YB . 24.33 59.31 14.91
CAB HEC YB . 24.69 60.99 12.31
CBB HEC YB . 25.35 62.26 12.88
NC HEC YB . 19.29 61.11 11.25
C1C HEC YB . 20.41 61.79 10.83
C2C HEC YB . 20.04 62.61 9.70
C3C HEC YB . 18.74 62.44 9.48
C4C HEC YB . 18.23 61.49 10.44
CMC HEC YB . 20.96 63.56 8.91
CAC HEC YB . 17.92 63.14 8.37
CBC HEC YB . 16.81 64.02 8.99
ND HEC YB . 17.19 59.40 12.38
C1D HEC YB . 16.47 60.04 11.36
C2D HEC YB . 15.15 59.49 11.32
C3D HEC YB . 15.10 58.43 12.42
C4D HEC YB . 16.42 58.44 13.03
CMD HEC YB . 14.00 59.89 10.38
CAD HEC YB . 13.88 57.55 12.78
CBD HEC YB . 14.29 56.08 12.77
CGD HEC YB . 13.65 55.39 11.62
O1D HEC YB . 12.43 55.63 11.38
O2D HEC YB . 14.34 54.60 10.93
FE HEC ZB . 14.84 42.02 13.29
CHA HEC ZB . 16.64 44.35 11.57
CHB HEC ZB . 17.77 40.53 14.33
CHC HEC ZB . 13.09 39.88 15.31
CHD HEC ZB . 11.92 43.11 11.90
NA HEC ZB . 16.83 42.40 13.05
C1A HEC ZB . 17.35 43.36 12.21
C2A HEC ZB . 18.78 43.15 12.14
C3A HEC ZB . 19.08 42.12 12.90
C4A HEC ZB . 17.87 41.62 13.48
CMA HEC ZB . 20.50 41.52 13.14
CAA HEC ZB . 19.77 44.00 11.32
CBA HEC ZB . 20.08 43.25 10.04
CGA HEC ZB . 21.22 43.91 9.31
O1A HEC ZB . 21.62 45.03 9.73
O2A HEC ZB . 21.73 43.33 8.33
NB HEC ZB . 15.34 40.49 14.55
C1B HEC ZB . 16.61 40.06 14.87
C2B HEC ZB . 16.51 39.04 15.88
C3B HEC ZB . 15.21 38.87 16.16
C4B HEC ZB . 14.45 39.77 15.32
CMB HEC ZB . 17.71 38.30 16.51
CAB HEC ZB . 14.58 37.87 17.15
CBB HEC ZB . 14.91 38.28 18.60
NC HEC ZB . 12.87 41.54 13.53
C1C HEC ZB . 12.36 40.71 14.49
C2C HEC ZB . 10.94 40.86 14.51
C3C HEC ZB . 10.60 41.72 13.55
C4C HEC ZB . 11.82 42.19 12.92
CMC HEC ZB . 9.96 40.08 15.41
CAC HEC ZB . 9.16 42.18 13.22
CBC HEC ZB . 8.80 41.72 11.79
ND HEC ZB . 14.36 43.47 11.91
C1D HEC ZB . 13.06 43.80 11.57
C2D HEC ZB . 13.08 45.02 10.79
C3D HEC ZB . 14.55 45.41 10.69
C4D HEC ZB . 15.27 44.39 11.41
CMD HEC ZB . 11.87 45.77 10.20
CAD HEC ZB . 15.14 46.63 9.97
CBD HEC ZB . 15.42 47.72 10.98
CGD HEC ZB . 16.20 48.81 10.31
O1D HEC ZB . 16.60 48.62 9.13
O2D HEC ZB . 16.44 49.87 10.95
C5 MQ9 AC . 13.94 31.90 -8.00
C5M MQ9 AC . 12.94 31.48 -9.04
C4 MQ9 AC . 15.21 31.37 -8.04
O4 MQ9 AC . 15.52 30.46 -9.03
C3 MQ9 AC . 16.17 31.73 -7.09
C2 MQ9 AC . 15.85 32.62 -6.12
C1 MQ9 AC . 14.54 33.18 -6.08
O1 MQ9 AC . 14.19 34.09 -5.10
C6 MQ9 AC . 13.61 32.81 -7.01
C3A MQ9 AC . 17.45 31.15 -7.17
C3B MQ9 AC . 18.40 31.52 -6.23
C3C MQ9 AC . 18.09 32.43 -5.24
C3D MQ9 AC . 16.82 32.98 -5.17
C7 MQ9 AC . 12.21 33.41 -6.95
C8 MQ9 AC . 11.82 34.22 -8.20
C9 MQ9 AC . 10.48 33.76 -8.74
C10 MQ9 AC . 9.40 34.54 -8.02
C11 MQ9 AC . 10.42 34.00 -10.26
C12 MQ9 AC . 10.60 35.47 -10.65
C13 MQ9 AC . 9.95 35.84 -12.00
C14 MQ9 AC . 10.22 37.31 -12.37
C15 MQ9 AC . 9.01 38.13 -11.98
C16 MQ9 AC . 10.55 37.47 -13.86
C17 MQ9 AC . 11.40 38.71 -14.20
C18 MQ9 AC . 10.66 39.82 -14.98
C19 MQ9 AC . 11.51 40.43 -16.12
C20 MQ9 AC . 12.93 40.70 -15.69
C21 MQ9 AC . 10.83 41.58 -16.92
C22 MQ9 AC . 11.76 42.45 -17.81
C23 MQ9 AC . 11.02 43.24 -18.91
C24 MQ9 AC . 10.28 44.52 -18.42
C25 MQ9 AC . 10.59 45.74 -19.28
C26 MQ9 AC . 10.51 44.84 -16.92
C27 MQ9 AC . 9.66 46.01 -16.37
C28 MQ9 AC . 8.71 45.64 -15.21
C29 MQ9 AC . 9.43 44.94 -14.03
C30 MQ9 AC . 10.51 45.81 -13.39
C31 MQ9 AC . 8.43 44.33 -13.00
C32 MQ9 AC . 9.01 43.23 -12.09
C33 MQ9 AC . 7.96 42.65 -11.12
C34 MQ9 AC . 6.48 42.74 -11.53
C35 MQ9 AC . 5.80 44.06 -11.14
C36 MQ9 AC . 5.67 41.54 -10.98
C37 MQ9 AC . 4.53 41.94 -10.03
C38 MQ9 AC . 3.21 41.18 -10.32
C39 MQ9 AC . 2.75 40.20 -9.23
C40 MQ9 AC . 1.40 39.58 -9.55
C41 MQ9 AC . 2.72 40.86 -7.85
#